data_6Y6X
#
_entry.id   6Y6X
#
_cell.length_a   1.00
_cell.length_b   1.00
_cell.length_c   1.00
_cell.angle_alpha   90.00
_cell.angle_beta   90.00
_cell.angle_gamma   90.00
#
_symmetry.space_group_name_H-M   'P 1'
#
loop_
_entity.id
_entity.type
_entity.pdbx_description
1 polymer '28S ribosomal RNA'
2 polymer '5S ribosomal RNA'
3 polymer '5.8S ribosomal RNA'
4 polymer '60S ribosomal protein L8'
5 polymer '60S ribosomal protein L3'
6 polymer '60S ribosomal protein L4'
7 polymer '60S ribosomal protein L5'
8 polymer '60S ribosomal protein L6'
9 polymer '60S ribosomal protein L7'
10 polymer '60S ribosomal protein L7a'
11 polymer '60S ribosomal protein L9'
12 polymer '60S ribosomal protein L10-like'
13 polymer '60S ribosomal protein L11'
14 polymer '60S ribosomal protein L13'
15 polymer '60S ribosomal protein L14'
16 polymer '60S ribosomal protein L15'
17 polymer '60S ribosomal protein L13a'
18 polymer '60S ribosomal protein L17'
19 polymer '60S ribosomal protein L18'
20 polymer '60S ribosomal protein L19'
21 polymer '60S ribosomal protein L18a'
22 polymer '60S ribosomal protein L21'
23 polymer '60S ribosomal protein L22'
24 polymer '60S ribosomal protein L23'
25 polymer '60S ribosomal protein L24'
26 polymer '60S ribosomal protein L23a'
27 polymer '60S ribosomal protein L26'
28 polymer '60S ribosomal protein L27'
29 polymer '60S ribosomal protein L27a'
30 polymer '60S ribosomal protein L29'
31 polymer '60S ribosomal protein L30'
32 polymer '60S ribosomal protein L31'
33 polymer '60S ribosomal protein L32'
34 polymer '60S ribosomal protein L35a'
35 polymer '60S ribosomal protein L34'
36 polymer '60S ribosomal protein L35'
37 polymer '60S ribosomal protein L36'
38 polymer '60S ribosomal protein L37'
39 polymer '60S ribosomal protein L38'
40 polymer '60S ribosomal protein L39'
41 polymer 'Ubiquitin-60S ribosomal protein L40'
42 polymer '60S ribosomal protein L41'
43 polymer '60S ribosomal protein L36a'
44 polymer '60S ribosomal protein L37a'
45 polymer '60S ribosomal protein L28'
46 polymer '60S ribosomal protein L10a'
47 non-polymer 'MAGNESIUM ION'
48 non-polymer 'Tetracenomycin X'
49 non-polymer 'ZINC ION'
#
loop_
_entity_poly.entity_id
_entity_poly.type
_entity_poly.pdbx_seq_one_letter_code
_entity_poly.pdbx_strand_id
1 'polyribonucleotide'
;CGCGACCUCAGAUCAGACGUGGCGACCCGCUGAAUUUAAGCAUAUUAGUCAGCGGAGGAGAAGAAACUAACCAGGAUUCC
CUCAGUAACGGCGAGUGAACAGGGAAGAGCCCAGCGCCGAAUCCCCGCCCCGCGGCGGGGCGCGGGACAUGUGGCGUACG
GAAGACCCGCUCCCCGGCGCCGCUCGUGGGGGGCCCAAGUCCUUCUGAUCGAGGCCCAGCCCGUGGACGGUGUGAGGCCG
GUAGCGGCCCCCGGCGCGCCGGGCCCGGGUCUUCCCGGAGUCGGGUUGCUUGGGAAUGCAGCCCAAAGCGGGUGGUAAAC
UCCAUCUAAGGCUAAAUACCGGCACGAGACCGAUAGUCAACAAGUACCGUAAGGGAAAGUUGAAAAGAACUUUGAAGAGA
GAGUUCAAGAGGGCGUGAAACCGUUAAGAGGUAAACGGGUGGGGUCCGCGCAGUCCGCCCGGAGGAUUCAACCCGGCGGC
GGGUCCGGCCGUGUCGGCGGCCCGGCGGAUCUUUCCCGCCCCCCGUUCCUCCCGACCCCUCCACCCGCCCUCCCUUCCCC
CGCCGCCCCUCCUCCUCCUCCCCGGAGGGGGCGGGCUCCGGCGGGUGCGGGGGUGGGCGGGCGGGGCCGGGGGUGGGGUC
GGCGGGGGACCGUCCCCCGACCGGCGACCGGCCGCCGCCGGGCGCAUUUCCACCGCGGCGGUGCGCCGCGACCGGCUCCG
GGACGGCUGGGAAGGCCCGGCGGGGAAGGUGGCUCGGGGGGCCCCGUCCGUCCGUCCGUCCGUCCUCCUCCUCCCCCGUC
UCCGCCCCCCGGCCCCGCGUCCUCCCUCGGGAGGGCGCGCGGGUCGGGGCGGCGGCGGCGGCGGCGGUGGCGGCGGCGGC
GGCGGCGGCGGGACCGAAACCCCCCCCGAGUGUUACAGCCCCCCCGGCAGCAGCACUCGCCGAAUCCCGGGGCCGAGGGA
GCGAGACCCGUCGCCGCGCUCUCCCCCCUCCCGGCGCCCACCCCCGCGGGGAAUCCCCCGCGAGGGGGGUCUCCCCCGCG
GGGGCGCGCCGGCGUCUCCUCGUGGGGGGGCCGGGCCACCCCUCCCACGGCGCGACCGCUCUCCCACCCCUCCUCCCCGC
GCCCCCGCCCCGGCGACGGGGGGGGUGCCGCGCGCGGGUCGGGGGGCGGGGCGGACUGUCCCCAGUGCGCCCCGGGCGGG
UCGCGCCGUCGGGCCCGGGGGAGGUUCUCUCGGGGCCACGCGCGCGUCCCCCGAAGAGGGGGACGGCGGAGCGAGCGCAC
GGGGUCGGCGGCGACGUCGGCUACCCACCCGACCCGUCUUGAAACACGGACCAAGGAGUCUAACACGUGCGCGAGUCGGG
GGCUCGCACGAAAGCCGCCGUGGCGCAAUGAAGGUGAAGGCCGGCGCGCUCGCCGGCCGAGGUGGGAUCCCGAGGCCUCU
CCAGUCCGCCGAGGGCGCACCACCGGCCCGUCUCGCCCGCCGCGCCGGGGAGGUGGAGCACGAGCGCACGUGUUAGGACC
CGAAAGAUGGUGAACUAUGCCUGGGCAGGGCGAAGCCAGAGGAAACUCUGGUGGAGGUCCGUAGCGGUCCUGACGUGCAA
AUCGGUCGUCCGACCUGGGUAUAGGGGCGAAAGACUAAUCGAACCAUCUAGUAGCUGGUUCCCUCCGAAGUUUCCCUCAG
GAUAGCUGGCGCUCUCGCAGACCCGACGCACCCCCGCCACGCAGUUUUAUCCGGUAAAGCGAAUGAUUAGAGGUCUUGGG
GCCGAAACGAUCUCAACCUAUUCUCAAACUUUAAAUGGGUAAGAAGCCCGGCUCGCUGGCGUGGAGCCGGGCGUGGAAUG
CGAGUGCCUAGUGGGCCACUUUUGGUAAGCAGAACUGGCGCUGCGGGAUGAACCGAACGCCGGGUUAAGGCGCCCGAUGC
CGACGCUCAUCAGACCCCAGAAAAGGUGUUGGUUGAUAUAGACAGCAGGACGGUGGCCAUGGAAGUCGGAAUCCGCUAAG
GAGUGUGUAACAACUCACCUGCCGAAUCAACUAGCCCUGAAAAUGGAUGGCGCUGGAGCGUCGGGCCCAUACCCGGCCGU
CGCCGGCAGUCGAGAGUGGACGGGAGCGGCGGCGGCGGCGCGCGCGCGCGCGCGUGUGGUGUGCGUCGGAGGGCGGCGGC
GGCGGCGGCGGCGGGGGUGUGGGGUCCUUCCCCCGCCCCCCCCCCCACGCCUCCUCCCCUCCUCCCGCCCACGCCCCGCU
CCCCGCCCCCGGAGCCCCGCGGACGCUACGCCGCGACGAGUAGGAGGGCCGCUGCGGUGAGCCUUGAAGCCUAGGGCGCG
GGCCCGGGUGGAGCCGCCGCAGGUGCAGAUCUUGGUGGUAGUAGCAAAUAUUCAAACGAGAACUUUGAAGGCCGAAGUGG
AGAAGGGUUCCAUGUGAACAGCAGUUGAACAUGGGUCAGUCGGUCCUGAGAGAUGGGCGAGCGCCGUUCCGAAGGGACGG
GCGAUGGCCUCCGUUGCCCUCGGCCGAUCGAAAGGGAGUCGGGUUCAGAUCCCCGAAUCCGGAGUGGCGGAGAUGGGCGC
CGCGAGGCGUCCAGUGCGGUAACGCGACCGAUCCCGGAGAAGCCGGCGGGAGCCCCGGGGAGAGUUCUCUUUUCUUUGUG
AAGGGCAGGGCGCCCUGGAAUGGGUUCGCCCCGAGAGAGGGGCCCGUGCCUUGGAAAGCGUCGCGGUUCCGGCGGCGUCC
GGUGAGCUCUCGCUGGCCCUUGAAAAUCCGGGGGAGAGGGUGUAAAUCUCGCGCCGGGCCGUACCCAUAUCCGCAGCAGG
UCUCCAAGGUGAACAGCCUCUGGCAUGUUGGAACAAUGUAGGUAAGGGAAGUCGGCAAGCCGGAUCCGUAACUUCGGGAU
AAGGAUUGGCUCUAAGGGCUGGGUCGGUCGGGCUGGGGCGCGAAGCGGGGCUGGGCGCGCGCCGCGGCUGGACGAGGCGC
CGCCGCCCCCCCCACGCCCGGGGCACCCCCCUCGCGGCCCUCCCCCGCCCCACCCCGCGCGCGCCGCUCGCUCCCUCCCC
GCCCCGCGCCCUCUCUCUCUCUCUCUCCCCCGCUCCCCGUCCUCCCCCCUCCCCGGGGGAGCGCCGCGUGGGGGCGGCGG
CGGGGGGAGAAGGGUCGGGGCGGCAGGGGCCGGCGGCGGCCCGCCGCGGGGCCCCGGCGGCGGGGGCACGGUCCCCCGCG
AGGGGGGCCCGGGCACCCGGGGGGCCGGCGGCGGCGGCGACUCUGGACGCGAGCCGGGCCCUUCCCGUGGAUCGCCCCAG
CUGCGGCGGGCGUCGCGGCCGCCCCCGGGGAGCCCGGCGGGCGCCGGCGCGCCCCCCCCCCCACCCCACGUCUCGUCGCG
CGCGCGUCCGCUGGGGGCGGGGAGCGGUCGGGCGGCGGCGGUCGGCGGGCGGCGGGGCGGGGCGGUUCGUCCCCCCGCCC
UACCCCCCCGGCCCCGUCCGCCCCCCGUUCCCCCCUCCUCCUCGGCGCGCGGCGGCGGCGGCGGCAGGCGGCGGAGGGGC
CGCGGGCCGGUCCCCCCCGCCGGGUCCGCCCCCGGGGCCGCGGUUCCGCGCGGCGCCUCGCCUCGGCCGGCGCCUAGCAG
CCGACUUAGAACUGGUGCGGACCAGGGGAAUCCGACUGUUUAAUUAAAACAAAGCAUCGCGAAGGCCCGCGGCGGGUGUU
GACGCGAUGUGAUUUCUGCCCAGUGCUCUGAAUGUCAAAGUGAAGAAAUUCAAUGAAGCGCGGGUAAACGGCGGGAGUAA
CUAUGACUCUCUUAAGGUAGCCAAAUGCCUCGUCAUCUAAUUAGUGACGCGCAUGAAUGGAUGAACGAGAUUCCCACUGU
CCCUACCUACUAUCCAGCGAAACCACAGCCAAGGGAACGGGCUUGGCGGAAUCAGCGGGGAAAGAAGACCCUGUUGAGCU
UGACUCUAGUCUGGCACGGUGAAGAGACAUGAGAGGUGUAGAAUAAGUGGGAGGCCCCCGGCGCCCCCCCGGUGUCCCCG
CGAGGGGCCCGGGGCGGGGUCCGCCGGCCCUGCGGGCCGCCGGUGAAAUACCACUACUCUGAUCGUUUUUUCACUGACCC
GGUGAGGCGGGGGGGCGAGCCCCGAGGGGCUCUCGCUUCUGGCGCCAAGCGCCCGGCCGCGCGCCGGCCGGGCGCGACCC
GCUCCGGGGACAGUGCCAGGUGGGGAGUUUGACUGGGGCGGUACACCUGUCAAACGGUAACGCAGGUGUCCUAAGGCGAG
CUCAGGGAGGACAGAAACCUCCCGUGGAGCAGAAGGGCAAAAGCUCGCUUGAUCUUGAUUUUCAGUACGAAUACAGACCG
UGAAAGCGGGGCCUCACGAUCCUUCUGACCUUUUGGGUUUUAAGCAGGAGGUGUCAGAAAAGUUACCACAGGGAUAACUG
GCUUGUGGCGGCCAAGCGUUCAUAGCGACGUCGCUUUUUGAUCCUUCGAUGUCGGCUCUUCCUAUCAUUGUGAAGCAGAA
UUCACCAAGCGUUGGAUUGUUCACCCACUAAUAGGGAACGUGAGCUGGGUUUAGACCGUCGUGAGACAGGUUAGUUUUAC
CCUACUGAUGAUGUGUUGUUGCCAUGGUAAUCCUGCUCAGUACGAGAGGAACCGCAGGUUCAGACAUUUGGUGUAUGUGC
UUGGCUGAGGAGCCAAUGGGGCGAAGCUACCAUCUGUGGGAUUAUGACUGAACGCCUCUAAGUCAGAAUCCCGCCCAGGC
GGAACGAUACGGCAGCGCCGCGGAGCCUCGGUUGGCCUCGGAUAGCCGGUCCCCCGCCUGUCCCCGCCGGCGGGCCGCCC
CCCCCCUCCACGCGCCCCGCGCGCGCGGGAGGGCGCGUGCCCCGCCGCGCGCCGGGACCGGGGUCCGGUGCGGAGUGCCC
UUCGUCCUGGGAAACGGGGCGCGGCCGGAGAGGCGGCCGCCCCCUCGCCCGUCACGCACCGCACGUUCGUGGGGAACCUG
GCGCUAAACCAUUCGUAGACGACCUGCUUCUGGGUCGGGGUUUCGUACGUAGCAGAGCAGCUCCCUCGCUGCGAUCUAUU
GAAAGUCAGCCCUCGACACAAGGGUUUGU
;
L5
2 'polyribonucleotide'
;GUCUACGGCCAUACCACCCUGAACGCGCCCGAUCUCGUCUGAUCUCGGAAGCUAAGCAGGGUCGGGCCUGGUUAGUACUU
GGAUGGGAGACCGCCUGGGAAUACCGGGUGCUGUAGGCUU
;
L7
3 'polyribonucleotide'
;CGACUCUUAGCGGUGGAUCACUCGGCUCGUGCGUCGAUGAAGAACGCAGCUAGCUGCGAGAAUUAAUGUGAAUUGCAGGA
CACAUUGAUCAUCGACACUUCGAACGCACUUGCGGCCCCGGGUUCCUCCCGGGGCUACGCCUGUCUGAGCGUCGCU
;
L8
4 'polypeptide(L)'
;GRVIRGQRKGAGSVFRAHVKHRKGAARLRAVDFAERHGYIKGIVKDIIHDPGRGAPLAKVVFRDPYRFKKRTELFIAAEG
IHTGQFVYCGKKAQLNIGNVLPVGTMPEGTIVCCLEEKPGDRGKLARASGNYATVISHNPETKKTRVKLPSGSKKVISSA
NRAVVGVVAGGGRIDKPILKAGRAYHKYKAKRNCWPRVRGVAMNPVEHPFGGGNHQHIGKPSTIRRDAPAGRKVGLIAAR
RTGRLRGT
;
LA
5 'polypeptide(L)'
;SHRKFSAPRHGSLGFLPRKRSSRHRGKVKSFPKDDPSKPVHLTAFLGYKAGMTHIVREVDRPGSKVNKKEVVEAVTIVET
PPMVVVGIVGYVETPRGLRTFKTVFAEHISDECKRRFYKNWHKSKKKAFTKYCKKWQDEDGKKQLEKDFSSMKKYCQVIR
VIAHTQMRLLPLRQKKAHLMEIQVNGGTVAEKLDWARERLEQQVPVNQVFGQDEMIDVIGVTKGKGYKGVTSRWHTKKLP
RKTHRGLRKVACIGAWHPARVAFSVARAGQKGYHHRTEINKKIYKIGQGYLIKDGKLIKNNASTDYDLSDKSINPLGGFV
HYGEVTNDFVMLKGCVVGTKKRVLTLRKSLLVQTKRRALEKIDLKFIDTTSKFGHGRFQTMEEKKAFMGPLKKDRIA
;
LB
6 'polypeptide(L)'
;MACARPLISVYSEKGESSGKNVTLPAVFKAPIRPDIVNFVHTNLRKNNRQPYAVSELAGHQTSAESWGTGRAVARIPRVR
GGGTHRSGQGAFGNMCRGGRMFAPTKTWRRWHRRVNTTQKRYAICSALAASALPALVMSKGHRIEEVPELPLVVEDKVEG
YKKTKEAVLLLKKLKAWNDIKKVYASQRMRAGKGKMRNRRRIQRRGPCIIYNEDNGIIKAFRNIPGITLLNVSKLNILKL
APGGHVGRFCIWTESAFRKLDELYGTWRKAASLKSNYNLPMHKMINTDLSRILKSPEIQRALRAPRKKIHRRVLKKNPLK
NLRIMLKLNPYAKTMRRNTILRQARNHKLRVDKAAAAAAALQAKSDEK
;
LC
7 'polypeptide(L)'
;GFVKVVKNKAYFKRYQVKFRRRREGKTDYYARKRLVIQDKNKYNTPKYRMIVRVTNRDIICQIAYARIEGDMIVCAAYAH
ELPKYGVKVGLTNYAAAYCTGLLLARRLLNRFGMDKIYEGQVEVTGDEYNVESIDGQPGAFTCYLDAGLARTTTGNKVFG
ALKGAVDGGLSIPHSTKRFPGYDSESKEFNAEVHRKHIMGQNVADYMRYLMEEDEDAYKKQFSQYIKNSVTPDMMEEMYK
KAHAAIRENPVYEKKPKKEVKKKRWNRPKMSLAQKKDRVAQKKASFLRAQERA
;
LD
8 'polypeptide(L)'
;PHCSRNPVLVRGIGRYSRSAMYSRKAMYKRKYSAAKSKVEKKKKEKVLATVTKPVGGDKNGGTRVVKLRKMPRYYPTEDV
PRKLLSHGKKPFSQHVRKLRASITPGTILIILTGRHRGKRVVFLKQLASGLLLVTGPLVLNRVPLRRTHQKFVIATSTKI
DISNVKIPKHLTDAYFKKKKLRKPRHQEGEIFDTEKEKYEITEQRKIDQKAVDSQILPKIKAIPQLQGYLRSVFALTNGI
YPHKLVF
;
LE
9 'polypeptide(L)'
;NFAELKIKRLRKKFAQKMLRKARRKLIYEKAKHYHKEYRQMYRTEIRMARMARKAGNFYVPAEPKLAFVIRIRGINGVSP
KVRKVLQLLRLRQIFNGTFVKLNKASINMLRIVEPYIAWGYPNLKSVNELIYKRGYGKINKKRIALTDNALIARSLGKYG
IICMEDLIHEIYTVGKRFKEANNFLWPFKLSSPRGGMKKKTTHFVEGGDAGNREDQINRLIRRMN
;
LF
10 'polypeptide(L)'
;KVVNPLFEKRPKNFGIGQDIQPKRDLTRFVKWPRYIRLQRQRAILYKRLKVPPAINQFTQALDRQTATQLLKLAHKYRPE
TKQEKKQRLLARAEKKAAGKGDVPTKRPPVLRAGVNTVTTLVENKKAQLVVIAHDVDPIELVVFLPALCRKMGVPYCIIK
GKARLGRLVHRKTCTTVAFTQVNSEDKGALAKLVEAIRTNYNDRYDEIRRHWGGNVLGPKSVARIAKLEKAKAKELATKL
G
;
LG
11 'polypeptide(L)'
;MKTILSNQTVDIPENVDITLKGRTVIVKGPRGTLRRDFNHINVELSLLGKKKKRLRVDKWWGNRKELATVRTICSHVQNM
IKGVTLGFRYKMRSVYAHFPINVVIQENGSLVEIRNFLGEKYIRRVRMRPGVACSVSQAQKDELILEGNDIELVSNSAAL
IQQATTVKNKDIRKFLDGIYVSEKGTVQQA
;
LH
12 'polypeptide(L)'
;GRRPARCYRYCKNKPYPKSRFCRGVPDAKIRIFDLGRKKAKVDEFPLGGHMVSDEYEQLSSEALEAARICANKYMVKSCG
RDGFHMRVRLHPFHVIRINKMLSCAGADRLQTGMRGAFGKPQGTVARVHIGQVIMSIRTKLQNEEHVIEALRRAKFKFPG
RQKIHISKKWGFTKFNADEFEDMVAKKCLIPDGCGVKYVPSHGPLDKWRVLHS
;
LI
13 'polypeptide(L)'
;QDQGEKENPMRELRIRKLCLNICVGESGDRLTRAAKVLEQLTGQTPVFSKARYTVRSFGIRRNEKIAVHCTVRGAKAEEI
LEKGLKVREYELRKNNFSDTGNFGFGIQEHIDLGIKYDPSIGIYGLDFYVVLGRPGFSIADKKRRTGCIGAKHRISKEEA
MRWFQQKYDGIILPGK
;
LJ
14 'polypeptide(L)'
;APSRNGMVLKPHFHKDWQRRVATWFNQPARKIRRRKARQAKARRIAPRPASGPIRPIVRCPTVRYHTKVRAGRGFSLEEL
RVAGIHKKVARTIGISVDPRRRNKSTESLQANVQRLKEYRSKLILFPRKPSAPKKGDSSAEELKLATQLTGPVMPVRNVY
KKEKARVITEEEKNFKAFASLRMARANARLFGIRAKRAKEAAEQDVEKKK
;
LL
15 'polypeptide(L)'
;VFRRFVEVGRVAYVSFGPHAGKLVAIVDVIDQNRALVDGPCTQVRRQAMPFKCMQLTDFILKFPHSAHQKYVRQAWQKAD
INTKWAATRWAKKIEARERKAKMTDFDRFKVMKAKKMRNRIIKNEVKKLQKAALLKASP
;
LM
16 'polypeptide(L)'
;GAYKYIQELWRKKQSDVMRFLLRVRCWQYRQLSALHRAPRPTRPDKARRLGYKAKQGYVIYRIRVRRGGRKRPVPKGATY
GKPVHHGVNQLKFARSLQSVAEERAGRHCGALRVLNSYWVGEDSTYKFFEVILIDPFHKAIRRNPDTQWITKPVHKHREM
RGLTSAGRKSRGLGKGHKFHHTIGGSRRAAWRRRNTLQLHRYR
;
LN
17 'polypeptide(L)'
;EVQVLVLDGRGHLLGRLAAIVAKQVLLGRKVVVVRCEGINISGNFYRNKLKYLAFLRKRMNTNPSRGPYHFRAPSRIFWR
TVRGMLPHKTKRGQAALDRLKVFDGIPPPYDKKKRMVVPAALKVVRLKPTRKFAYLGRLAHEVGWKYQAVTATLEEKRKE
KAKIHYRKKKQLMRLRKQAEKNVEKKIDKYTEVLKTHGLLV
;
LO
18 'polypeptide(L)'
;VRYSLDPENPTKSCKSRGSNLRVHFKNTRETAQAIKGMHIRKATKYLKDVTLQKQCVPFRRYNGGVGRCAQAKQWGWTQG
RWPKKSAEFLLHMLKNAESNAELKGLDVDSLVIEHIQVNKAPKMRRRTYRAHGRINPYMSSPCHIEMILTEKE
;
LP
19 'polypeptide(L)'
;GVDIRHNKDRKVRRKEPKSQDIYLRLLVKLYRFLARRTNSTFNQVVLKRLFMSRTNRPPLSLSRMIRKMKLPGRENKTAV
VVGTITDDVRVQEVPKLKVCALRVTSRARSRILRAGGKILTFDQLALDSPKGCGTVLLSGPRKGREVYRHFGKAPGTPHS
HTKPYVRSKGRKFERARGRRASRGYKN
;
LQ
20 'polypeptide(L)'
;SMLRLQKRLASSVLRCGKKKVWLDPNETNEIANANSRQQIRKLIKDGLIIRKPVTVHSRARCRKNTLARRKGRHMGIGKR
KGTANARMPEKVTWMRRMRILRRLLRRYRESKKIDRHMYHSLYLKVKGNVFKNKRILMEHIHKLKADKARKKLLADQAEA
RRSKTKEARKRREERLQAKKEEIIKTL
;
LR
21 'polypeptide(L)'
;KASGTLREYKVVGRCLPTPKCHTPPLYRMRIFAPNHVVAKSRFWYFVSQLKKMKKSSGEIVYCGQVFEKSPLRVKNFGIW
LRYDSRSGTHNMYREYRDLTTAGAVTQCYRDMGARHRARAHSIQIMKVEEIAASKCRRPAVKQFHDSKIKFPLPHRVLRR
QHKPRFTTKRPNTFF
;
LS
22 'polypeptide(L)'
;TNTKGKRRGTRYMFSRPFRKHGVVPLATYMRIYKKGDIVDIKGMGTVQKGMPHKCYHGKTGRVYNVTQHAVGIVVNKQVK
GKILAKRINVRIEHIKHSKSRDSFLKRVKENDQKKKEAKEKGTWVQLKRQPAPPREAHFVRTNGKEPELLEPIPYEFMA
;
LT
23 'polypeptide(L)'
;LKFTLDCTHPVEDGIMDAANFEQFLQERIKVNGKAGNLGGGVVTIERSKSKITVTSEVPFSKRYLKYLTKKYLKKNNLRD
WLRVVANSKESYELRYFQI
;
LU
24 'polypeptide(L)'
;SGAKFRISLGLPVGAVINCADNTGAKNLYIISVKGIKGRLNRLPAAGVGDMVMATVKKGKPELRKKVHPAVVIRQRKSYR
RKDGVFLYFEDNAGVIVNNKGEMKGSAITGPVAKECADLWPRIASNAGSIA
;
LV
25 'polypeptide(L)'
;MKVELCSFSGYKIYPGHGRRYARTDGKVFQFLNAKCESAFLSKRNPRQINWTVLYRRKHKKGQSEEIQKKRTRRAVKFQR
AITGASLADIMAKRNQKPEVRKAQREQAIRAAKEAKKAKQASKK
;
LW
26 'polypeptide(L)'
;KKKIRTSPTFRRPKTLRLRRQPKYPRKSAPRRNKLDHYAIIKFPLTTESAMKKIEDNNTLVFIVDVKANKHQIKQAVKKL
YDIDVAKVNTLIRPDGEKKAYVRLAPDYDALDVANKIGII
;
LX
27 'polypeptide(L)'
;MKFNPFVTSDRSKNRKRHFNAPSHIRRKIMSSPLSKELRQKYNVRSMPIRKDDEVQVVRGHYKGQQIGKVVQVYRKKYVI
YIERVQREKANGTTVHVGIHPSKVVITRLKLDKDRKKILERKAKSRQVGKEKGK
;
LY
28 'polypeptide(L)'
;GKFMKPGKVVLVLAGRYSGRKAVIVKNIDDGTSDRPYSHALVAGIDRYPRKVTAAMGKKKIAKRSKIKSFVKVYNYNHLM
PTRYSVDIPLDKTVVNKDVFRDPALKRKARREAKVKFEERYKTGKNKWFFQKLRF
;
LZ
29 'polypeptide(L)'
;PSRLRKTRKLRGHVSHGHGRIGKHRKHPGGRGNAGGLHHHRINFDKYHPGYFGKVGMKHYHLKRNQSFCPTVNLDKLWTL
VSEQTRVNAAKNKTGAAPIIDVVRSGYYKVLGKGKLPKQPVIVKAKFFSRRAEEKIKSVGGACVLVA
;
La
30 'polypeptide(L)'
;AKSKNHTTHNQSRKWHRNGIKKPRSQRYESLKGVDPKFLRNMRFAKKHNKKGLKKMQANNAKAMSARAEAIKALVKPKEV
KPKIPKGVSRKLDRLAYIAHPKLGKRARARIAKGLRLCRPK
;
Lb
31 'polypeptide(L)'
;KSLESINSRLQLVMKSGKYVLGYKQTLKMIRQGKAKLVILANNCPALRKSEIEYYAMLAKTGVHHYSGNNIELGTACGKY
YRVCTLAIIDPGDSDIIR
;
Lc
32 'polypeptide(L)'
;NEVVTREYTINIHKRIHGVGFKKRAPRALKEIRKFAMKEMGTPDVRIDTRLNKAVWAKGIRNVPYRIRVRLSRKRNEDED
SPNKLYTLVTYVPVTTFKNLQTVNVDE
;
Ld
33 'polypeptide(L)'
;AALRPLVKPKIVKKRTKKFIRHQSDRYVKIKRNWRKPRGIDNRVRRRFKGQILMPNIGYGSNKKTKHMLPSGFRKFLVHN
VKELEVLLMCNKSYCAEIAHNVSSKNRKAIVERAAQLAIRVTNPNARL
;
Le
34 'polypeptide(L)'
;SGRLWSKAIFAGYKRGLRNQREHTALLKIEGVYARDETEFYLGKRCAYVYKAKNNTVTPGGKPNKTRVIWGKVTRAHGNS
GMVRAKFRSNLPAKAIGHRIRVMLYPSRI
;
Lf
35 'polypeptide(L)'
;VQRLTYRRRLSYNTASNKTRLSRTPGNRIVYLYTKKVGKAPKSACGVCPGRLRGVRAVRPKVLMRLSKTKKHVSRAYGGS
MCAKCVRDRIKRAFLIEEQKIVVKVLKAQAQSQK
;
Lg
36 'polypeptide(L)'
;AKIKARDLRGKKKEELLKQLDDLKVELSQLRVAKVTGGAASKLSKIRVVRKSIARVLTVINQTQKENLRKFYKGKKYKPL
DLRPKKTRAMRRRLNKHEENLKTKKQQRKERLYPLRKYAVKA
;
Lh
37 'polypeptide(L)'
;ALRYPMAVGLNKGHKVTKNVSKPRHSRRRGRLTKHTKFVRDMIREVCGFAPYERRAMELLKVSKDKRALKFIKKRVGTHI
RAKRKREELSNVLAAMRKAAAK
;
Li
38 'polypeptide(L)'
;TKGTSSFGKRRNKTHTLCRRCGSKAYHLQKSTCGKCGYPAKRKRKYNWSAKAKRRNTTGTGRMRHLKIVYRRFRHGFREG
TTPKPK
;
Lj
39 'polypeptide(L)' PRKIEEIKDFLLTARRKDAKSVKIKKNKDNVKFKVRCSRYLYTLVITDKEKAEKLKQSLPPGLAVKELK Lk
40 'polypeptide(L)' SSHKTFRIKRFLAKKQKQNRPIPQWIRMKTGNKIRYNSKRRHWRRTKLGL Ll
41 'polypeptide(L)' IIEPSLRQLAQKYNCDKMICRKCYARLHPRAVNCRKKKCGHTNNLRPKKKVK Lm
42 'polypeptide(L)' MRAKWRKKRMRRLKRKRRKMRQRS Ln
43 'polypeptide(L)'
;VNVPKTRRTFCKKCGKHQPHKVTQYKKGKDSLYAQGKRRYDRKQSGYGGQTKPIFRKKAKTTKKIVLRLECVEPNCRSKR
MLAIKRCKHFELGGDKKRKGQVIQF
;
Lo
44 'polypeptide(L)'
;AKRTKKVGIVGKYGTRYGASLRKMVKKIEISQHAKYTCSFCGKTKMKRRAVGIWHCGSCMKTVAGGAWTYNTTSAVTVKS
AIRRLKELKDQ
;
Lp
45 'polypeptide(L)'
;SAHLQWMVVRNCSSFLIKRNKQTYSTEPNNLKARNSFRYNGLIHRKTVGVEPAADGKGVVVVIKRRSGQRKPATSYVRTT
INKNARATLSSIRHMIRKNKYRPDLRMAAIRRASAILRSQKPVMV
;
Lr
46 'polypeptide(L)'
;MSSKVSRDTLYEAVREVLHGNQRKRRKFLETVELQISLKNYDPQKDKRFSGTVRLKSTPRPKFSVCVLGDQQHCDEAKAV
DIPHMDIEALKKLNKNKKLVKKLAKKYDAFLASESLIKQIPRILGPGLNKAGKFPSLLTHNENMVAKVDEVKSTIKFQMK
KVLCLAVAVGHVKMTDDELVYNIHLAVNFLVSLLKKNWQNVRALYIKSTMGKPQRLY
;
Lz
#
# COMPACT_ATOMS: atom_id res chain seq x y z
N GLY D 1 -6.53 30.03 12.36
CA GLY D 1 -6.81 30.55 11.05
C GLY D 1 -8.23 31.01 10.71
N ARG D 2 -9.10 31.17 11.71
CA ARG D 2 -10.39 31.80 11.50
C ARG D 2 -10.37 33.22 12.05
N VAL D 3 -11.38 33.97 11.73
CA VAL D 3 -11.43 35.36 12.18
C VAL D 3 -11.97 35.39 13.61
N ILE D 4 -11.56 36.40 14.35
CA ILE D 4 -11.80 36.47 15.76
C ILE D 4 -13.02 37.36 16.01
N ARG D 5 -13.53 37.34 17.22
CA ARG D 5 -14.58 38.30 17.53
C ARG D 5 -13.97 39.68 17.71
N GLY D 6 -14.76 40.70 17.42
CA GLY D 6 -14.17 41.99 17.10
C GLY D 6 -14.14 42.16 15.60
N GLN D 7 -13.39 41.27 14.95
CA GLN D 7 -13.48 41.14 13.50
C GLN D 7 -14.89 40.77 13.07
N ARG D 8 -15.51 39.81 13.76
CA ARG D 8 -16.92 39.53 13.47
C ARG D 8 -17.84 40.66 13.88
N LYS D 9 -17.50 41.36 14.97
CA LYS D 9 -18.32 42.46 15.47
C LYS D 9 -18.47 43.60 14.47
N GLY D 10 -17.42 43.91 13.74
CA GLY D 10 -17.54 44.95 12.73
C GLY D 10 -18.36 44.58 11.52
N ALA D 11 -18.42 43.29 11.20
CA ALA D 11 -19.38 42.85 10.19
C ALA D 11 -20.79 42.93 10.75
N GLY D 12 -20.92 42.76 12.06
CA GLY D 12 -22.19 42.97 12.70
C GLY D 12 -23.12 41.78 12.53
N SER D 13 -24.40 42.07 12.27
CA SER D 13 -25.45 41.16 11.85
C SER D 13 -25.94 40.19 12.93
N VAL D 14 -25.18 40.03 14.00
CA VAL D 14 -25.61 39.30 15.18
C VAL D 14 -25.16 40.18 16.33
N PHE D 15 -24.34 41.17 15.99
CA PHE D 15 -23.72 42.09 16.94
C PHE D 15 -24.31 43.48 16.90
N ARG D 16 -25.29 43.74 16.05
CA ARG D 16 -25.82 45.10 15.93
C ARG D 16 -26.71 45.43 17.11
N ALA D 17 -27.12 46.69 17.18
CA ALA D 17 -27.73 47.24 18.39
C ALA D 17 -29.19 46.85 18.47
N HIS D 18 -29.65 46.60 19.69
CA HIS D 18 -31.04 46.21 19.95
C HIS D 18 -31.84 47.49 20.13
N VAL D 19 -32.48 47.95 19.04
CA VAL D 19 -33.07 49.28 19.04
C VAL D 19 -34.58 49.23 18.88
N LYS D 20 -35.20 48.09 19.16
CA LYS D 20 -36.63 47.92 18.86
C LYS D 20 -37.51 48.75 19.78
N HIS D 21 -37.20 48.78 21.06
CA HIS D 21 -38.00 49.49 22.03
C HIS D 21 -37.45 50.86 22.38
N ARG D 22 -36.37 51.28 21.73
CA ARG D 22 -35.79 52.58 21.97
C ARG D 22 -36.70 53.69 21.45
N LYS D 23 -36.65 54.84 22.13
CA LYS D 23 -37.68 55.86 22.03
C LYS D 23 -37.41 56.91 20.97
N GLY D 24 -36.33 56.79 20.22
CA GLY D 24 -35.89 57.81 19.30
C GLY D 24 -34.49 58.29 19.63
N ALA D 25 -33.94 59.05 18.68
CA ALA D 25 -32.63 59.67 18.89
C ALA D 25 -32.80 60.85 19.84
N ALA D 26 -31.97 60.89 20.86
CA ALA D 26 -32.02 61.97 21.84
C ALA D 26 -31.11 63.09 21.38
N ARG D 27 -31.70 64.25 21.07
CA ARG D 27 -30.93 65.36 20.53
C ARG D 27 -31.69 66.64 20.76
N LEU D 28 -31.01 67.75 20.49
CA LEU D 28 -31.57 69.10 20.62
C LEU D 28 -32.52 69.38 19.45
N ARG D 29 -32.90 70.63 19.28
CA ARG D 29 -33.64 70.99 18.08
C ARG D 29 -32.74 71.72 17.12
N ALA D 30 -33.16 71.79 15.86
CA ALA D 30 -32.38 72.45 14.83
C ALA D 30 -32.29 73.95 15.08
N VAL D 31 -31.13 74.51 14.74
CA VAL D 31 -30.96 75.96 14.85
C VAL D 31 -31.83 76.66 13.82
N ASP D 32 -32.40 77.79 14.20
CA ASP D 32 -33.30 78.56 13.35
C ASP D 32 -33.27 80.01 13.82
N PHE D 33 -34.21 80.81 13.31
CA PHE D 33 -34.22 82.24 13.57
C PHE D 33 -34.45 82.51 15.05
N ALA D 34 -35.44 81.85 15.65
CA ALA D 34 -35.76 82.09 17.06
C ALA D 34 -34.61 81.68 17.96
N GLU D 35 -33.98 80.54 17.68
CA GLU D 35 -32.87 80.07 18.49
C GLU D 35 -31.60 80.90 18.28
N ARG D 36 -31.44 81.54 17.14
CA ARG D 36 -30.25 82.34 16.94
C ARG D 36 -30.46 83.83 17.18
N HIS D 37 -31.70 84.28 17.40
CA HIS D 37 -31.95 85.68 17.65
C HIS D 37 -32.62 85.94 18.99
N GLY D 38 -33.64 85.18 19.34
CA GLY D 38 -34.35 85.37 20.59
C GLY D 38 -34.36 84.13 21.46
N TYR D 39 -35.57 83.65 21.78
CA TYR D 39 -35.74 82.38 22.45
C TYR D 39 -37.11 81.84 22.12
N ILE D 40 -37.28 80.54 22.31
CA ILE D 40 -38.55 79.86 22.09
C ILE D 40 -38.83 79.01 23.32
N LYS D 41 -40.08 79.01 23.76
CA LYS D 41 -40.52 78.35 24.96
C LYS D 41 -41.14 77.00 24.63
N GLY D 42 -40.60 75.95 25.23
CA GLY D 42 -41.20 74.64 25.16
C GLY D 42 -41.67 74.25 26.54
N ILE D 43 -42.55 73.26 26.60
CA ILE D 43 -43.05 72.72 27.85
C ILE D 43 -42.60 71.27 27.94
N VAL D 44 -42.05 70.88 29.08
CA VAL D 44 -41.69 69.47 29.25
C VAL D 44 -42.96 68.71 29.57
N LYS D 45 -43.37 67.84 28.66
CA LYS D 45 -44.55 67.01 28.90
C LYS D 45 -44.23 65.68 29.55
N ASP D 46 -43.05 65.11 29.31
CA ASP D 46 -42.83 63.78 29.86
C ASP D 46 -41.35 63.54 30.15
N ILE D 47 -41.10 62.66 31.12
CA ILE D 47 -39.77 62.14 31.41
C ILE D 47 -39.87 60.64 31.24
N ILE D 48 -39.18 60.11 30.24
CA ILE D 48 -39.35 58.69 29.90
C ILE D 48 -38.00 57.99 30.02
N HIS D 49 -38.07 56.66 30.05
CA HIS D 49 -36.89 55.81 30.16
C HIS D 49 -36.59 55.21 28.78
N ASP D 50 -35.43 55.52 28.25
CA ASP D 50 -35.05 54.91 26.98
C ASP D 50 -34.20 53.68 27.26
N PRO D 51 -34.54 52.53 26.66
CA PRO D 51 -33.85 51.29 27.02
C PRO D 51 -32.42 51.24 26.52
N GLY D 52 -31.58 50.53 27.27
CA GLY D 52 -30.18 50.40 26.92
C GLY D 52 -29.37 51.65 27.12
N ARG D 53 -29.82 52.56 27.97
CA ARG D 53 -29.28 53.90 28.04
C ARG D 53 -29.00 54.41 29.44
N GLY D 54 -29.65 53.87 30.47
CA GLY D 54 -30.37 54.70 31.43
C GLY D 54 -29.74 56.01 31.84
N ALA D 55 -30.35 57.03 31.28
CA ALA D 55 -30.32 58.47 31.48
C ALA D 55 -31.64 58.91 30.88
N PRO D 56 -32.56 59.46 31.65
CA PRO D 56 -33.93 59.65 31.15
C PRO D 56 -33.99 60.71 30.05
N LEU D 57 -34.99 60.58 29.20
CA LEU D 57 -35.20 61.53 28.13
C LEU D 57 -36.36 62.44 28.48
N ALA D 58 -36.27 63.70 28.08
CA ALA D 58 -37.34 64.65 28.30
C ALA D 58 -38.08 64.84 26.99
N LYS D 59 -39.37 64.53 27.00
CA LYS D 59 -40.26 64.81 25.89
C LYS D 59 -40.80 66.22 26.10
N VAL D 60 -40.38 67.13 25.23
CA VAL D 60 -40.64 68.57 25.34
C VAL D 60 -41.36 68.98 24.07
N VAL D 61 -42.36 69.84 24.22
CA VAL D 61 -43.20 70.27 23.10
C VAL D 61 -42.95 71.74 22.88
N PHE D 62 -42.61 72.10 21.64
CA PHE D 62 -42.39 73.46 21.23
C PHE D 62 -43.49 73.87 20.26
N ARG D 63 -43.65 75.17 20.09
CA ARG D 63 -44.62 75.74 19.16
C ARG D 63 -43.91 76.12 17.87
N ASP D 64 -44.38 75.57 16.75
CA ASP D 64 -43.73 75.83 15.48
C ASP D 64 -44.00 77.27 15.05
N PRO D 65 -42.99 77.98 14.54
CA PRO D 65 -43.15 79.41 14.29
C PRO D 65 -43.65 79.77 12.90
N TYR D 66 -43.74 78.82 11.97
CA TYR D 66 -44.15 79.11 10.61
C TYR D 66 -45.46 78.47 10.21
N ARG D 67 -45.93 77.47 10.95
CA ARG D 67 -47.24 76.91 10.65
C ARG D 67 -47.88 76.51 11.97
N PHE D 68 -49.20 76.39 11.94
CA PHE D 68 -49.97 76.10 13.14
C PHE D 68 -49.74 74.66 13.56
N LYS D 69 -48.73 74.39 14.36
CA LYS D 69 -48.39 73.02 14.72
C LYS D 69 -47.54 73.06 15.98
N LYS D 70 -47.50 71.94 16.67
CA LYS D 70 -46.65 71.78 17.82
C LYS D 70 -45.68 70.64 17.53
N ARG D 71 -44.42 70.88 17.87
CA ARG D 71 -43.34 69.95 17.56
C ARG D 71 -42.73 69.41 18.84
N THR D 72 -42.45 68.11 18.84
CA THR D 72 -41.95 67.44 20.03
C THR D 72 -40.48 67.13 19.82
N GLU D 73 -39.70 67.27 20.87
CA GLU D 73 -38.29 66.96 20.85
C GLU D 73 -38.02 65.87 21.87
N LEU D 74 -36.77 65.42 21.90
CA LEU D 74 -36.33 64.37 22.78
C LEU D 74 -35.04 64.76 23.48
N PHE D 75 -35.09 65.87 24.21
CA PHE D 75 -33.92 66.37 24.93
C PHE D 75 -33.45 65.32 25.93
N ILE D 76 -32.13 65.25 26.11
CA ILE D 76 -31.57 64.59 27.27
C ILE D 76 -31.97 65.37 28.52
N ALA D 77 -32.56 64.67 29.49
CA ALA D 77 -33.09 65.34 30.67
C ALA D 77 -31.95 65.68 31.60
N ALA D 78 -31.80 66.97 31.89
CA ALA D 78 -30.91 67.42 32.95
C ALA D 78 -31.57 67.21 34.29
N GLU D 79 -30.74 66.94 35.31
CA GLU D 79 -31.29 66.52 36.59
C GLU D 79 -31.92 67.73 37.28
N GLY D 80 -33.15 67.52 37.75
CA GLY D 80 -33.91 68.56 38.42
C GLY D 80 -35.10 69.03 37.64
N ILE D 81 -35.21 68.68 36.37
CA ILE D 81 -36.32 69.16 35.58
C ILE D 81 -37.52 68.26 35.78
N HIS D 82 -38.70 68.82 35.60
CA HIS D 82 -39.93 68.13 35.95
C HIS D 82 -40.96 68.46 34.90
N THR D 83 -41.96 67.59 34.79
CA THR D 83 -43.02 67.79 33.81
C THR D 83 -43.83 69.04 34.15
N GLY D 84 -44.28 69.71 33.10
CA GLY D 84 -45.03 70.91 33.27
C GLY D 84 -44.20 72.14 33.43
N GLN D 85 -42.89 72.01 33.43
CA GLN D 85 -42.06 73.20 33.49
C GLN D 85 -41.80 73.71 32.07
N PHE D 86 -41.37 74.94 31.99
CA PHE D 86 -40.99 75.54 30.72
C PHE D 86 -39.49 75.52 30.57
N VAL D 87 -39.05 75.25 29.36
CA VAL D 87 -37.65 75.34 28.98
C VAL D 87 -37.58 76.32 27.84
N TYR D 88 -36.43 76.95 27.68
CA TYR D 88 -36.29 78.02 26.72
C TYR D 88 -35.04 77.75 25.91
N CYS D 89 -35.10 78.02 24.61
CA CYS D 89 -33.99 77.74 23.72
C CYS D 89 -33.71 78.98 22.89
N GLY D 90 -32.50 79.46 22.94
CA GLY D 90 -32.11 80.57 22.10
C GLY D 90 -30.97 81.33 22.73
N LYS D 91 -30.54 82.36 22.02
CA LYS D 91 -29.42 83.17 22.50
C LYS D 91 -29.82 84.12 23.61
N LYS D 92 -31.11 84.36 23.80
CA LYS D 92 -31.61 85.25 24.83
C LYS D 92 -32.35 84.53 25.93
N ALA D 93 -32.23 83.21 26.00
CA ALA D 93 -32.78 82.46 27.12
C ALA D 93 -31.97 82.75 28.38
N GLN D 94 -32.60 82.60 29.53
CA GLN D 94 -31.93 82.92 30.78
C GLN D 94 -31.23 81.68 31.32
N LEU D 95 -30.16 81.91 32.07
CA LEU D 95 -29.27 80.84 32.51
C LEU D 95 -29.91 80.11 33.67
N ASN D 96 -30.88 79.26 33.34
CA ASN D 96 -31.48 78.35 34.29
C ASN D 96 -31.19 76.92 33.85
N ILE D 97 -31.38 75.97 34.78
CA ILE D 97 -31.11 74.57 34.48
C ILE D 97 -32.21 74.02 33.58
N GLY D 98 -31.81 73.42 32.47
CA GLY D 98 -32.69 72.88 31.48
C GLY D 98 -32.81 73.71 30.22
N ASN D 99 -32.36 74.97 30.27
CA ASN D 99 -32.45 75.83 29.11
C ASN D 99 -31.33 75.50 28.13
N VAL D 100 -31.51 75.95 26.89
CA VAL D 100 -30.53 75.71 25.83
C VAL D 100 -30.09 77.07 25.30
N LEU D 101 -28.80 77.35 25.39
CA LEU D 101 -28.30 78.65 24.98
C LEU D 101 -26.85 78.49 24.55
N PRO D 102 -26.33 79.41 23.74
CA PRO D 102 -24.95 79.29 23.29
C PRO D 102 -23.91 79.45 24.40
N VAL D 103 -22.84 78.66 24.27
CA VAL D 103 -21.73 78.68 25.19
C VAL D 103 -20.98 80.00 25.16
N GLY D 104 -21.10 80.78 24.08
CA GLY D 104 -20.55 82.12 24.07
C GLY D 104 -21.25 83.01 25.07
N THR D 105 -22.57 82.86 25.19
CA THR D 105 -23.35 83.68 26.09
C THR D 105 -23.35 83.14 27.51
N MET D 106 -22.90 81.90 27.70
CA MET D 106 -22.70 81.40 29.05
C MET D 106 -21.48 82.03 29.70
N PRO D 107 -21.48 82.21 31.02
CA PRO D 107 -20.32 82.80 31.71
C PRO D 107 -19.23 81.77 31.95
N GLU D 108 -18.08 82.25 32.40
CA GLU D 108 -16.86 81.43 32.42
C GLU D 108 -16.75 80.57 33.67
N GLY D 109 -17.82 79.85 34.03
CA GLY D 109 -17.71 78.83 35.06
C GLY D 109 -18.69 77.69 34.88
N THR D 110 -19.21 77.51 33.66
CA THR D 110 -20.56 76.95 33.54
C THR D 110 -20.57 75.43 33.35
N ILE D 111 -21.59 74.78 33.90
CA ILE D 111 -21.74 73.33 33.88
C ILE D 111 -22.86 72.98 32.89
N VAL D 112 -22.50 72.34 31.76
CA VAL D 112 -23.47 72.03 30.73
C VAL D 112 -23.53 70.51 30.56
N CYS D 113 -24.58 70.04 29.87
CA CYS D 113 -24.81 68.60 29.82
C CYS D 113 -25.21 68.02 28.46
N CYS D 114 -25.31 68.81 27.40
CA CYS D 114 -25.41 68.19 26.07
C CYS D 114 -24.79 69.18 25.11
N LEU D 115 -23.47 69.07 24.94
CA LEU D 115 -22.77 70.03 24.12
C LEU D 115 -22.83 69.59 22.66
N GLU D 116 -22.69 70.56 21.76
CA GLU D 116 -22.42 70.29 20.36
C GLU D 116 -20.92 70.32 20.11
N GLU D 117 -20.48 69.54 19.12
CA GLU D 117 -19.12 69.63 18.63
C GLU D 117 -18.97 70.69 17.54
N LYS D 118 -19.85 70.67 16.56
CA LYS D 118 -19.88 71.66 15.49
C LYS D 118 -21.01 72.66 15.71
N PRO D 119 -20.83 73.92 15.35
CA PRO D 119 -21.89 74.90 15.62
C PRO D 119 -23.04 74.75 14.64
N GLY D 120 -24.00 73.90 14.98
CA GLY D 120 -25.16 73.75 14.14
C GLY D 120 -25.74 72.36 14.06
N ASP D 121 -25.02 71.35 14.54
CA ASP D 121 -25.63 70.04 14.70
C ASP D 121 -26.39 70.00 16.02
N ARG D 122 -26.76 68.83 16.47
CA ARG D 122 -27.39 68.71 17.77
C ARG D 122 -26.36 68.14 18.75
N GLY D 123 -26.82 67.82 19.96
CA GLY D 123 -25.89 67.58 21.06
C GLY D 123 -25.12 66.28 20.90
N LYS D 124 -23.82 66.34 21.11
CA LYS D 124 -22.96 65.18 20.93
C LYS D 124 -22.13 64.82 22.15
N LEU D 125 -21.82 65.78 23.01
CA LEU D 125 -20.87 65.61 24.08
C LEU D 125 -21.57 65.59 25.43
N ALA D 126 -21.01 64.78 26.34
CA ALA D 126 -21.36 64.74 27.77
C ALA D 126 -22.82 64.38 28.01
N ARG D 127 -23.31 63.36 27.30
CA ARG D 127 -24.73 63.02 27.38
C ARG D 127 -24.99 61.63 27.93
N ALA D 128 -24.03 61.04 28.63
CA ALA D 128 -24.27 59.83 29.39
C ALA D 128 -24.52 60.26 30.83
N SER D 129 -25.22 59.41 31.58
CA SER D 129 -25.85 59.81 32.85
C SER D 129 -24.87 60.31 33.90
N GLY D 130 -25.18 61.46 34.47
CA GLY D 130 -24.33 62.03 35.50
C GLY D 130 -23.09 62.76 35.00
N ASN D 131 -23.00 63.06 33.72
CA ASN D 131 -21.81 63.67 33.16
C ASN D 131 -22.07 65.13 32.84
N TYR D 132 -20.99 65.86 32.56
CA TYR D 132 -21.10 67.27 32.24
C TYR D 132 -19.79 67.76 31.66
N ALA D 133 -19.89 68.83 30.89
CA ALA D 133 -18.73 69.59 30.48
C ALA D 133 -18.77 70.92 31.20
N THR D 134 -17.64 71.60 31.26
CA THR D 134 -17.60 72.89 31.92
C THR D 134 -16.95 73.93 31.02
N VAL D 135 -17.70 75.00 30.77
CA VAL D 135 -17.25 76.13 29.97
C VAL D 135 -16.28 76.94 30.82
N ILE D 136 -15.09 77.21 30.28
CA ILE D 136 -13.95 77.69 31.03
C ILE D 136 -13.59 79.11 30.62
N SER D 137 -13.42 79.35 29.33
CA SER D 137 -12.89 80.64 28.88
C SER D 137 -13.51 80.95 27.54
N HIS D 138 -13.65 82.24 27.24
CA HIS D 138 -14.11 82.70 25.95
C HIS D 138 -13.04 83.57 25.33
N ASN D 139 -12.80 83.35 24.05
CA ASN D 139 -12.10 84.34 23.26
C ASN D 139 -13.17 85.14 22.53
N PRO D 140 -13.43 86.39 22.94
CA PRO D 140 -14.50 87.16 22.29
C PRO D 140 -14.22 87.49 20.84
N GLU D 141 -13.00 87.90 20.51
CA GLU D 141 -12.54 87.84 19.14
C GLU D 141 -12.22 86.39 18.81
N THR D 142 -12.31 86.04 17.51
CA THR D 142 -12.15 84.70 16.91
C THR D 142 -13.27 83.72 17.32
N LYS D 143 -14.16 84.14 18.24
CA LYS D 143 -15.40 83.45 18.61
C LYS D 143 -15.17 82.02 19.10
N LYS D 144 -14.12 81.80 19.88
CA LYS D 144 -13.77 80.48 20.36
C LYS D 144 -13.95 80.37 21.87
N THR D 145 -14.23 79.16 22.33
CA THR D 145 -14.53 78.89 23.72
C THR D 145 -13.89 77.57 24.12
N ARG D 146 -13.19 77.57 25.23
CA ARG D 146 -12.64 76.34 25.77
C ARG D 146 -13.60 75.70 26.74
N VAL D 147 -13.81 74.39 26.58
CA VAL D 147 -14.62 73.61 27.48
C VAL D 147 -13.78 72.43 27.95
N LYS D 148 -14.15 71.90 29.10
CA LYS D 148 -13.51 70.72 29.67
C LYS D 148 -14.55 69.62 29.70
N LEU D 149 -14.21 68.49 29.10
CA LEU D 149 -14.91 67.28 28.75
C LEU D 149 -14.66 66.20 29.78
N PRO D 150 -15.71 65.38 30.05
CA PRO D 150 -15.71 64.52 31.24
C PRO D 150 -14.62 63.47 31.30
N SER D 151 -13.88 63.24 30.21
CA SER D 151 -12.62 62.51 30.29
C SER D 151 -11.50 63.36 30.89
N GLY D 152 -11.78 64.59 31.30
CA GLY D 152 -10.82 65.47 31.88
C GLY D 152 -10.10 66.34 30.88
N SER D 153 -10.53 66.32 29.62
CA SER D 153 -9.72 66.90 28.57
C SER D 153 -10.36 68.18 28.04
N LYS D 154 -9.52 69.12 27.65
CA LYS D 154 -9.99 70.41 27.18
C LYS D 154 -10.15 70.38 25.67
N LYS D 155 -11.09 71.20 25.18
CA LYS D 155 -11.43 71.24 23.77
C LYS D 155 -11.90 72.65 23.43
N VAL D 156 -11.36 73.20 22.35
CA VAL D 156 -11.74 74.52 21.87
C VAL D 156 -12.81 74.36 20.79
N ILE D 157 -13.97 74.98 20.99
CA ILE D 157 -15.09 74.87 20.08
C ILE D 157 -15.54 76.29 19.71
N SER D 158 -16.52 76.35 18.81
CA SER D 158 -17.11 77.63 18.47
C SER D 158 -18.04 78.10 19.57
N SER D 159 -18.30 79.41 19.61
CA SER D 159 -19.12 80.01 20.64
C SER D 159 -20.60 79.95 20.33
N ALA D 160 -20.98 79.35 19.20
CA ALA D 160 -22.37 79.17 18.85
C ALA D 160 -22.83 77.73 19.01
N ASN D 161 -21.97 76.87 19.54
CA ASN D 161 -22.40 75.55 19.97
C ASN D 161 -23.41 75.68 21.11
N ARG D 162 -24.55 75.02 20.96
CA ARG D 162 -25.52 75.04 22.03
C ARG D 162 -25.23 73.95 23.05
N ALA D 163 -25.86 74.10 24.22
CA ALA D 163 -25.75 73.11 25.28
C ALA D 163 -26.92 73.27 26.22
N VAL D 164 -27.12 72.27 27.06
CA VAL D 164 -28.18 72.28 28.06
C VAL D 164 -27.55 72.59 29.41
N VAL D 165 -28.04 73.63 30.08
CA VAL D 165 -27.50 74.01 31.38
C VAL D 165 -27.91 72.98 32.41
N GLY D 166 -26.93 72.45 33.13
CA GLY D 166 -27.21 71.46 34.15
C GLY D 166 -26.33 70.26 33.97
N VAL D 167 -26.69 69.18 34.66
CA VAL D 167 -25.98 67.92 34.55
C VAL D 167 -27.04 66.88 34.23
N VAL D 168 -26.70 65.96 33.32
CA VAL D 168 -27.68 64.97 32.84
C VAL D 168 -28.08 64.04 33.96
N ALA D 169 -29.39 63.84 34.11
CA ALA D 169 -29.99 63.03 35.15
C ALA D 169 -29.59 61.57 34.99
N GLY D 170 -29.83 60.79 36.04
CA GLY D 170 -29.48 59.39 36.01
C GLY D 170 -28.36 59.04 36.93
N GLY D 171 -27.73 60.04 37.54
CA GLY D 171 -26.88 60.08 38.72
C GLY D 171 -25.80 59.03 38.72
N GLY D 172 -25.43 58.59 39.93
CA GLY D 172 -24.33 57.67 40.13
C GLY D 172 -24.74 56.21 39.94
N ARG D 173 -25.18 55.89 38.72
CA ARG D 173 -25.60 54.54 38.38
C ARG D 173 -24.49 53.54 38.60
N ILE D 174 -23.27 53.88 38.17
CA ILE D 174 -22.12 52.99 38.31
C ILE D 174 -21.67 52.84 39.76
N ASP D 175 -22.31 53.54 40.69
CA ASP D 175 -22.01 53.27 42.09
C ASP D 175 -22.66 51.99 42.59
N LYS D 176 -23.62 51.44 41.83
CA LYS D 176 -24.19 50.23 42.41
C LYS D 176 -23.51 49.01 41.83
N PRO D 177 -23.13 48.05 42.66
CA PRO D 177 -22.61 46.78 42.13
C PRO D 177 -23.73 45.97 41.52
N ILE D 178 -23.42 45.37 40.37
CA ILE D 178 -24.42 44.67 39.57
C ILE D 178 -24.81 43.37 40.28
N LEU D 179 -23.83 42.75 40.94
CA LEU D 179 -23.95 41.65 41.91
C LEU D 179 -24.32 40.32 41.29
N LYS D 180 -24.71 40.30 40.04
CA LYS D 180 -25.34 39.12 39.49
C LYS D 180 -25.11 39.05 37.99
N ALA D 181 -24.70 37.85 37.56
CA ALA D 181 -24.59 37.56 36.15
C ALA D 181 -25.93 37.79 35.44
N GLY D 182 -27.04 37.51 36.12
CA GLY D 182 -28.34 37.79 35.52
C GLY D 182 -28.64 39.26 35.31
N ARG D 183 -28.18 40.11 36.23
CA ARG D 183 -28.42 41.53 36.08
C ARG D 183 -27.56 42.09 34.96
N ALA D 184 -26.33 41.59 34.85
CA ALA D 184 -25.50 41.98 33.71
C ALA D 184 -26.08 41.45 32.40
N TYR D 185 -26.67 40.25 32.43
CA TYR D 185 -27.36 39.68 31.29
C TYR D 185 -28.50 40.58 30.83
N HIS D 186 -29.29 41.11 31.76
CA HIS D 186 -30.44 41.93 31.39
C HIS D 186 -30.00 43.29 30.87
N LYS D 187 -28.95 43.87 31.46
CA LYS D 187 -28.46 45.17 30.99
C LYS D 187 -27.93 45.06 29.56
N TYR D 188 -27.18 44.00 29.26
CA TYR D 188 -26.69 43.91 27.91
C TYR D 188 -27.71 43.33 26.93
N LYS D 189 -28.74 42.62 27.42
CA LYS D 189 -29.83 42.26 26.52
C LYS D 189 -30.60 43.50 26.12
N ALA D 190 -30.66 44.51 26.98
CA ALA D 190 -31.19 45.79 26.57
C ALA D 190 -30.25 46.52 25.61
N LYS D 191 -28.94 46.31 25.74
CA LYS D 191 -28.00 47.10 24.91
C LYS D 191 -27.68 46.46 23.57
N ARG D 192 -26.97 45.32 23.56
CA ARG D 192 -26.46 44.67 22.35
C ARG D 192 -25.80 43.35 22.72
N ASN D 193 -25.60 42.50 21.72
CA ASN D 193 -25.05 41.16 21.96
C ASN D 193 -23.54 41.32 22.14
N CYS D 194 -23.10 41.53 23.37
CA CYS D 194 -21.67 41.65 23.62
C CYS D 194 -21.21 40.99 24.91
N TRP D 195 -22.12 40.45 25.71
CA TRP D 195 -21.78 40.40 27.13
C TRP D 195 -20.87 39.26 27.54
N PRO D 196 -21.26 37.93 27.45
CA PRO D 196 -20.43 36.93 28.12
C PRO D 196 -19.12 36.81 27.38
N ARG D 197 -18.08 37.37 27.97
CA ARG D 197 -16.80 37.58 27.31
C ARG D 197 -15.87 36.43 27.66
N VAL D 198 -15.50 35.68 26.67
CA VAL D 198 -14.58 34.56 26.82
C VAL D 198 -13.16 35.08 26.66
N ARG D 199 -12.25 34.52 27.44
CA ARG D 199 -10.87 34.97 27.42
C ARG D 199 -10.13 34.32 26.25
N GLY D 200 -9.29 35.14 25.61
CA GLY D 200 -8.43 34.66 24.55
C GLY D 200 -7.52 33.52 24.96
N VAL D 201 -7.04 33.54 26.21
CA VAL D 201 -6.25 32.43 26.68
C VAL D 201 -7.10 31.19 26.95
N ALA D 202 -8.41 31.35 27.10
CA ALA D 202 -9.31 30.20 27.19
C ALA D 202 -9.70 29.68 25.83
N MET D 203 -9.46 30.43 24.77
CA MET D 203 -9.71 29.92 23.42
C MET D 203 -8.60 28.98 22.98
N ASN D 204 -8.67 28.52 21.72
CA ASN D 204 -7.76 27.75 20.89
C ASN D 204 -7.08 28.68 19.89
N PRO D 205 -5.86 28.37 19.40
CA PRO D 205 -5.14 29.36 18.61
C PRO D 205 -5.70 29.62 17.22
N VAL D 206 -6.77 28.93 16.80
CA VAL D 206 -7.56 29.40 15.66
C VAL D 206 -8.25 30.71 15.97
N GLU D 207 -8.82 30.83 17.15
CA GLU D 207 -9.77 31.91 17.38
C GLU D 207 -9.14 33.14 18.01
N HIS D 208 -7.88 33.08 18.41
CA HIS D 208 -7.30 34.21 19.14
C HIS D 208 -5.80 34.13 19.03
N PRO D 209 -5.10 35.27 19.05
CA PRO D 209 -3.64 35.26 19.20
C PRO D 209 -3.16 34.74 20.54
N PHE D 210 -4.01 34.66 21.55
CA PHE D 210 -3.60 34.22 22.88
C PHE D 210 -3.99 32.79 23.18
N GLY D 211 -4.68 32.13 22.26
CA GLY D 211 -5.13 30.78 22.51
C GLY D 211 -4.02 29.76 22.49
N GLY D 212 -4.29 28.62 23.13
CA GLY D 212 -3.42 27.47 23.08
C GLY D 212 -2.42 27.42 24.19
N GLY D 213 -1.70 26.31 24.22
CA GLY D 213 -0.78 26.06 25.29
C GLY D 213 -1.30 25.02 26.26
N ASN D 214 -0.37 24.39 26.95
CA ASN D 214 -0.74 23.46 28.01
C ASN D 214 -1.02 24.17 29.32
N HIS D 215 -0.70 25.46 29.41
CA HIS D 215 -1.21 26.34 30.44
C HIS D 215 -1.89 27.54 29.81
N GLN D 216 -2.87 28.08 30.52
CA GLN D 216 -3.53 29.31 30.08
C GLN D 216 -2.57 30.45 30.38
N HIS D 217 -1.79 30.82 29.38
CA HIS D 217 -0.90 31.96 29.48
C HIS D 217 -0.96 32.70 28.16
N ILE D 218 -0.50 33.94 28.18
CA ILE D 218 -0.57 34.76 26.97
C ILE D 218 0.58 34.40 26.04
N GLY D 219 1.79 34.27 26.58
CA GLY D 219 2.90 33.77 25.80
C GLY D 219 3.60 34.76 24.92
N LYS D 220 3.16 36.01 24.91
CA LYS D 220 3.76 37.09 24.16
C LYS D 220 3.33 38.37 24.83
N PRO D 221 4.05 39.48 24.63
CA PRO D 221 3.64 40.73 25.29
C PRO D 221 2.25 41.17 24.86
N SER D 222 1.44 41.53 25.84
CA SER D 222 0.04 41.83 25.58
C SER D 222 -0.17 43.27 25.16
N THR D 223 0.90 44.04 25.07
CA THR D 223 0.82 45.40 24.56
C THR D 223 1.16 45.32 23.08
N ILE D 224 0.18 45.65 22.25
CA ILE D 224 0.29 45.50 20.81
C ILE D 224 0.40 46.89 20.21
N ARG D 225 1.16 47.00 19.12
CA ARG D 225 1.39 48.29 18.50
C ARG D 225 0.12 48.80 17.83
N ARG D 226 0.14 50.08 17.50
CA ARG D 226 -1.06 50.75 17.03
C ARG D 226 -1.46 50.26 15.64
N ASP D 227 -0.47 50.01 14.78
CA ASP D 227 -0.74 49.67 13.38
C ASP D 227 -0.67 48.18 13.11
N ALA D 228 -0.95 47.35 14.10
CA ALA D 228 -1.07 45.92 13.89
C ALA D 228 -2.27 45.60 13.01
N PRO D 229 -2.25 44.48 12.28
CA PRO D 229 -3.40 44.10 11.46
C PRO D 229 -4.59 43.71 12.32
N ALA D 230 -5.78 43.86 11.72
CA ALA D 230 -6.99 43.37 12.36
C ALA D 230 -6.95 41.85 12.46
N GLY D 231 -7.29 41.34 13.63
CA GLY D 231 -7.07 39.95 13.96
C GLY D 231 -5.82 39.71 14.76
N ARG D 232 -5.01 40.74 14.95
CA ARG D 232 -3.83 40.68 15.80
C ARG D 232 -3.84 41.65 16.96
N LYS D 233 -4.42 42.85 16.80
CA LYS D 233 -4.38 43.78 17.92
C LYS D 233 -5.47 43.37 18.92
N VAL D 234 -5.04 42.50 19.84
CA VAL D 234 -5.79 42.17 21.03
C VAL D 234 -4.92 42.57 22.20
N GLY D 235 -5.49 42.48 23.40
CA GLY D 235 -4.72 42.91 24.55
C GLY D 235 -4.72 44.42 24.67
N LEU D 236 -3.58 45.00 25.02
CA LEU D 236 -3.49 46.42 25.35
C LEU D 236 -2.99 47.18 24.13
N ILE D 237 -3.91 47.80 23.41
CA ILE D 237 -3.62 48.41 22.12
C ILE D 237 -2.89 49.72 22.36
N ALA D 238 -1.63 49.78 21.89
CA ALA D 238 -0.81 51.00 21.83
C ALA D 238 -0.67 51.65 23.20
N ALA D 239 -0.40 50.82 24.20
CA ALA D 239 -0.37 51.28 25.58
C ALA D 239 0.87 52.12 25.83
N ARG D 240 0.68 53.30 26.41
CA ARG D 240 1.80 54.14 26.79
C ARG D 240 2.46 53.69 28.07
N ARG D 241 1.72 52.99 28.92
CA ARG D 241 2.24 52.43 30.16
C ARG D 241 1.34 51.27 30.54
N THR D 242 1.77 50.48 31.52
CA THR D 242 0.94 49.43 32.11
C THR D 242 1.15 49.45 33.62
N GLY D 243 0.48 48.54 34.29
CA GLY D 243 0.65 48.37 35.71
C GLY D 243 -0.33 49.24 36.49
N ARG D 244 -0.10 49.27 37.81
CA ARG D 244 -1.09 49.67 38.81
C ARG D 244 -1.54 51.14 38.70
N LEU D 245 -0.81 51.99 37.95
CA LEU D 245 -1.17 53.40 37.70
C LEU D 245 -1.26 54.16 39.04
N ARG D 246 -0.10 54.26 39.67
CA ARG D 246 0.03 54.79 41.02
C ARG D 246 0.72 56.14 41.00
N GLY D 247 0.37 56.98 41.96
CA GLY D 247 1.05 58.25 42.15
C GLY D 247 0.25 59.40 41.58
N THR D 248 -0.32 59.22 40.40
CA THR D 248 -1.19 60.23 39.82
C THR D 248 -2.50 59.64 39.30
N SER E 1 1.50 -18.81 34.21
CA SER E 1 2.19 -18.62 35.46
C SER E 1 1.26 -18.79 36.65
N HIS E 2 1.49 -19.82 37.47
CA HIS E 2 1.57 -19.65 38.92
C HIS E 2 0.35 -19.02 39.56
N ARG E 3 -0.69 -19.80 39.81
CA ARG E 3 -1.98 -19.34 40.30
C ARG E 3 -2.00 -18.58 41.63
N LYS E 4 -0.83 -18.34 42.24
CA LYS E 4 -0.53 -17.25 43.17
C LYS E 4 -1.09 -17.45 44.58
N PHE E 5 -2.00 -18.41 44.74
CA PHE E 5 -2.57 -18.76 46.03
C PHE E 5 -3.09 -20.18 45.89
N SER E 6 -2.64 -21.05 46.78
CA SER E 6 -3.04 -22.45 46.74
C SER E 6 -4.49 -22.59 47.18
N ALA E 7 -5.25 -23.34 46.40
CA ALA E 7 -6.57 -23.78 46.77
C ALA E 7 -6.70 -25.22 46.27
N PRO E 8 -7.31 -26.09 47.04
CA PRO E 8 -7.46 -27.48 46.59
C PRO E 8 -8.47 -27.61 45.45
N ARG E 9 -8.49 -28.81 44.91
CA ARG E 9 -9.33 -29.19 43.79
C ARG E 9 -10.81 -29.17 44.16
N HIS E 10 -11.63 -28.46 43.37
CA HIS E 10 -13.08 -28.48 43.57
C HIS E 10 -13.65 -29.79 43.04
N GLY E 11 -14.24 -30.60 43.91
CA GLY E 11 -14.82 -31.85 43.47
C GLY E 11 -13.79 -32.93 43.25
N SER E 12 -14.29 -34.14 43.06
CA SER E 12 -13.45 -35.33 42.98
C SER E 12 -13.43 -35.87 41.57
N LEU E 13 -12.24 -36.27 41.12
CA LEU E 13 -12.12 -36.88 39.81
C LEU E 13 -12.24 -38.39 39.87
N GLY E 14 -12.53 -38.94 41.04
CA GLY E 14 -12.75 -40.36 41.18
C GLY E 14 -14.20 -40.73 41.00
N PHE E 15 -15.00 -39.80 40.53
CA PHE E 15 -16.45 -39.97 40.52
C PHE E 15 -17.05 -39.55 39.19
N LEU E 16 -16.27 -39.46 38.12
CA LEU E 16 -16.79 -38.78 36.94
C LEU E 16 -16.53 -39.51 35.62
N PRO E 17 -17.53 -40.14 35.08
CA PRO E 17 -18.39 -39.45 34.11
C PRO E 17 -19.56 -38.96 34.95
N ARG E 18 -19.78 -37.68 35.14
CA ARG E 18 -20.80 -37.28 36.11
C ARG E 18 -22.18 -37.23 35.46
N LYS E 19 -22.60 -38.42 35.01
CA LYS E 19 -23.73 -38.67 34.14
C LYS E 19 -24.82 -39.41 34.91
N ARG E 20 -25.98 -39.54 34.27
CA ARG E 20 -27.08 -40.32 34.86
C ARG E 20 -26.67 -41.78 34.96
N SER E 21 -27.11 -42.42 36.04
CA SER E 21 -26.83 -43.84 36.21
C SER E 21 -27.56 -44.65 35.15
N SER E 22 -26.87 -45.68 34.64
CA SER E 22 -27.48 -46.56 33.65
C SER E 22 -28.44 -47.56 34.25
N ARG E 23 -28.43 -47.70 35.56
CA ARG E 23 -29.33 -48.61 36.26
C ARG E 23 -30.09 -47.81 37.31
N HIS E 24 -31.21 -48.37 37.73
CA HIS E 24 -32.02 -47.82 38.80
C HIS E 24 -31.82 -48.52 40.14
N ARG E 25 -31.43 -49.80 40.10
CA ARG E 25 -31.29 -50.59 41.32
C ARG E 25 -30.04 -50.19 42.09
N GLY E 26 -28.88 -50.37 41.49
CA GLY E 26 -27.65 -50.30 42.25
C GLY E 26 -26.90 -51.61 42.25
N LYS E 27 -25.90 -51.72 41.38
CA LYS E 27 -25.12 -52.93 41.25
C LYS E 27 -24.14 -53.01 42.42
N VAL E 28 -23.91 -54.23 42.91
CA VAL E 28 -23.00 -54.44 44.03
C VAL E 28 -21.56 -54.10 43.63
N LYS E 29 -21.09 -54.68 42.52
CA LYS E 29 -19.79 -54.50 41.86
C LYS E 29 -18.62 -55.12 42.63
N SER E 30 -18.84 -55.54 43.87
CA SER E 30 -17.86 -56.25 44.67
C SER E 30 -18.57 -56.89 45.85
N PHE E 31 -18.58 -58.21 45.87
CA PHE E 31 -19.13 -58.96 46.99
C PHE E 31 -18.02 -59.24 47.99
N PRO E 32 -18.35 -59.65 49.20
CA PRO E 32 -17.30 -60.07 50.15
C PRO E 32 -16.52 -61.27 49.64
N LYS E 33 -15.26 -61.34 50.08
CA LYS E 33 -14.37 -62.44 49.74
C LYS E 33 -14.79 -63.74 50.39
N ASP E 34 -14.69 -64.82 49.64
CA ASP E 34 -15.15 -66.13 50.06
C ASP E 34 -14.07 -66.89 50.82
N ASP E 35 -14.46 -67.48 51.94
CA ASP E 35 -13.64 -68.43 52.68
C ASP E 35 -14.55 -69.60 53.03
N PRO E 36 -14.21 -70.82 52.61
CA PRO E 36 -15.13 -71.95 52.82
C PRO E 36 -15.28 -72.40 54.27
N SER E 37 -14.48 -71.85 55.20
CA SER E 37 -14.58 -72.21 56.61
C SER E 37 -15.86 -71.67 57.26
N LYS E 38 -16.46 -70.63 56.70
CA LYS E 38 -17.67 -70.05 57.27
C LYS E 38 -18.88 -70.90 56.91
N PRO E 39 -20.01 -70.72 57.59
CA PRO E 39 -21.25 -71.36 57.13
C PRO E 39 -21.73 -70.74 55.83
N VAL E 40 -22.75 -71.35 55.26
CA VAL E 40 -23.32 -70.86 54.00
C VAL E 40 -24.29 -69.73 54.31
N HIS E 41 -24.15 -68.60 53.64
CA HIS E 41 -25.02 -67.46 53.89
C HIS E 41 -25.07 -66.57 52.65
N LEU E 42 -26.01 -65.62 52.69
CA LEU E 42 -26.08 -64.59 51.67
C LEU E 42 -25.26 -63.38 52.11
N THR E 43 -25.05 -62.46 51.17
CA THR E 43 -24.15 -61.35 51.37
C THR E 43 -24.78 -60.00 51.07
N ALA E 44 -26.03 -59.96 50.61
CA ALA E 44 -26.67 -58.71 50.27
C ALA E 44 -28.17 -58.88 50.38
N PHE E 45 -28.88 -57.76 50.23
CA PHE E 45 -30.33 -57.73 50.32
C PHE E 45 -30.80 -56.48 49.61
N LEU E 46 -32.12 -56.37 49.49
CA LEU E 46 -32.75 -55.35 48.67
C LEU E 46 -33.89 -54.76 49.47
N GLY E 47 -33.77 -53.48 49.85
CA GLY E 47 -34.78 -52.80 50.63
C GLY E 47 -35.29 -51.57 49.91
N TYR E 48 -36.20 -50.86 50.57
CA TYR E 48 -36.78 -49.66 50.01
C TYR E 48 -36.72 -48.54 51.05
N LYS E 49 -36.35 -47.34 50.62
CA LYS E 49 -36.20 -46.23 51.55
C LYS E 49 -37.58 -45.69 51.91
N ALA E 50 -37.96 -45.83 53.19
CA ALA E 50 -39.23 -45.32 53.68
C ALA E 50 -39.12 -43.86 54.11
N GLY E 51 -38.23 -43.58 55.05
CA GLY E 51 -38.09 -42.22 55.51
C GLY E 51 -37.02 -42.12 56.56
N MET E 52 -37.02 -41.00 57.26
CA MET E 52 -36.07 -40.77 58.34
C MET E 52 -36.84 -40.41 59.60
N THR E 53 -36.21 -40.73 60.73
CA THR E 53 -36.63 -40.21 62.03
C THR E 53 -35.37 -40.09 62.87
N HIS E 54 -35.54 -39.95 64.17
CA HIS E 54 -34.39 -39.90 65.05
C HIS E 54 -34.70 -40.70 66.31
N ILE E 55 -33.64 -41.04 67.02
CA ILE E 55 -33.69 -41.97 68.14
C ILE E 55 -33.03 -41.31 69.33
N VAL E 56 -33.12 -41.97 70.47
CA VAL E 56 -32.35 -41.62 71.65
C VAL E 56 -31.76 -42.91 72.18
N ARG E 57 -30.45 -42.92 72.38
CA ARG E 57 -29.75 -44.07 72.92
C ARG E 57 -28.72 -43.57 73.92
N GLU E 58 -28.20 -44.49 74.71
CA GLU E 58 -27.16 -44.18 75.68
C GLU E 58 -25.83 -44.77 75.20
N VAL E 59 -24.81 -43.94 75.14
CA VAL E 59 -23.56 -44.29 74.50
C VAL E 59 -22.63 -44.92 75.53
N ASP E 60 -21.91 -45.96 75.12
CA ASP E 60 -20.89 -46.60 75.95
C ASP E 60 -19.60 -46.42 75.17
N ARG E 61 -18.98 -45.26 75.34
CA ARG E 61 -17.70 -44.95 74.72
C ARG E 61 -16.73 -44.45 75.79
N PRO E 62 -15.90 -45.34 76.34
CA PRO E 62 -14.98 -44.92 77.41
C PRO E 62 -13.96 -43.91 76.91
N GLY E 63 -13.72 -42.90 77.73
CA GLY E 63 -12.85 -41.81 77.36
C GLY E 63 -13.53 -40.68 76.61
N SER E 64 -14.65 -40.95 75.94
CA SER E 64 -15.41 -39.94 75.23
C SER E 64 -16.25 -39.09 76.18
N LYS E 65 -16.58 -37.89 75.70
CA LYS E 65 -17.34 -36.95 76.50
C LYS E 65 -18.80 -37.37 76.66
N VAL E 66 -19.32 -38.19 75.75
CA VAL E 66 -20.72 -38.59 75.80
C VAL E 66 -20.86 -40.00 76.39
N ASN E 67 -19.88 -40.41 77.17
CA ASN E 67 -19.89 -41.70 77.82
C ASN E 67 -21.00 -41.74 78.85
N LYS E 68 -21.84 -42.76 78.76
CA LYS E 68 -22.96 -43.00 79.70
C LYS E 68 -23.91 -41.81 79.75
N LYS E 69 -24.04 -41.10 78.63
CA LYS E 69 -25.02 -40.03 78.46
C LYS E 69 -25.86 -40.33 77.23
N GLU E 70 -27.00 -39.65 77.12
CA GLU E 70 -27.96 -39.93 76.07
C GLU E 70 -27.80 -38.94 74.93
N VAL E 71 -27.74 -39.47 73.71
CA VAL E 71 -27.61 -38.67 72.50
C VAL E 71 -28.82 -38.90 71.61
N VAL E 72 -28.94 -38.02 70.63
CA VAL E 72 -29.98 -38.09 69.62
C VAL E 72 -29.30 -38.21 68.27
N GLU E 73 -29.70 -39.21 67.48
CA GLU E 73 -29.09 -39.52 66.21
C GLU E 73 -30.17 -39.76 65.17
N ALA E 74 -29.90 -39.25 63.97
CA ALA E 74 -30.80 -39.46 62.87
C ALA E 74 -30.61 -40.89 62.34
N VAL E 75 -31.73 -41.47 61.90
CA VAL E 75 -31.75 -42.83 61.38
C VAL E 75 -32.55 -42.83 60.09
N THR E 76 -32.32 -43.84 59.27
CA THR E 76 -33.07 -44.04 58.04
C THR E 76 -33.77 -45.38 58.14
N ILE E 77 -35.00 -45.43 57.67
CA ILE E 77 -35.82 -46.63 57.76
C ILE E 77 -35.88 -47.24 56.37
N VAL E 78 -35.52 -48.52 56.28
CA VAL E 78 -35.53 -49.25 55.02
C VAL E 78 -36.47 -50.43 55.18
N GLU E 79 -37.55 -50.43 54.43
CA GLU E 79 -38.50 -51.53 54.47
C GLU E 79 -37.93 -52.68 53.66
N THR E 80 -37.86 -53.84 54.30
CA THR E 80 -37.25 -55.03 53.70
C THR E 80 -38.16 -56.21 53.97
N PRO E 81 -39.18 -56.43 53.13
CA PRO E 81 -39.91 -57.70 53.17
C PRO E 81 -39.01 -58.82 52.67
N PRO E 82 -39.31 -60.08 53.01
CA PRO E 82 -38.40 -61.17 52.63
C PRO E 82 -38.33 -61.34 51.11
N MET E 83 -37.14 -61.73 50.65
CA MET E 83 -36.92 -61.89 49.22
C MET E 83 -37.11 -63.34 48.84
N VAL E 84 -37.70 -63.56 47.67
CA VAL E 84 -37.97 -64.90 47.19
C VAL E 84 -36.84 -65.31 46.27
N VAL E 85 -36.11 -66.36 46.66
CA VAL E 85 -35.13 -66.98 45.80
C VAL E 85 -35.90 -67.82 44.79
N VAL E 86 -35.69 -67.53 43.50
CA VAL E 86 -36.38 -68.20 42.41
C VAL E 86 -35.40 -68.73 41.37
N GLY E 87 -34.13 -68.41 41.50
CA GLY E 87 -33.18 -68.91 40.52
C GLY E 87 -31.80 -68.98 41.10
N ILE E 88 -30.88 -69.58 40.34
CA ILE E 88 -29.50 -69.75 40.78
C ILE E 88 -28.58 -69.75 39.58
N VAL E 89 -27.53 -68.93 39.63
CA VAL E 89 -26.59 -68.77 38.53
C VAL E 89 -25.21 -69.16 39.04
N GLY E 90 -24.42 -69.82 38.21
CA GLY E 90 -23.06 -70.18 38.54
C GLY E 90 -22.05 -69.56 37.60
N TYR E 91 -20.88 -69.24 38.14
CA TYR E 91 -19.82 -68.52 37.46
C TYR E 91 -18.53 -69.32 37.56
N VAL E 92 -17.77 -69.30 36.47
CA VAL E 92 -16.45 -69.89 36.39
C VAL E 92 -15.45 -68.78 36.10
N GLU E 93 -14.30 -68.82 36.75
CA GLU E 93 -13.31 -67.76 36.54
C GLU E 93 -12.33 -68.17 35.47
N THR E 94 -12.17 -67.31 34.48
CA THR E 94 -11.42 -67.53 33.26
C THR E 94 -10.28 -66.53 33.25
N PRO E 95 -9.25 -66.69 32.39
CA PRO E 95 -8.27 -65.61 32.24
C PRO E 95 -8.80 -64.34 31.58
N ARG E 96 -10.06 -64.31 31.13
CA ARG E 96 -10.69 -63.09 30.70
C ARG E 96 -11.62 -62.52 31.76
N GLY E 97 -11.58 -63.06 32.97
CA GLY E 97 -12.45 -62.57 34.01
C GLY E 97 -13.26 -63.65 34.67
N LEU E 98 -14.58 -63.54 34.61
CA LEU E 98 -15.44 -64.43 35.41
C LEU E 98 -16.76 -64.51 34.66
N ARG E 99 -17.01 -65.61 33.98
CA ARG E 99 -18.19 -65.67 33.13
C ARG E 99 -19.23 -66.62 33.71
N THR E 100 -20.49 -66.30 33.40
CA THR E 100 -21.61 -67.13 33.82
C THR E 100 -21.66 -68.41 33.01
N PHE E 101 -21.61 -69.51 33.73
CA PHE E 101 -21.62 -70.87 33.21
C PHE E 101 -23.04 -71.35 32.94
N LYS E 102 -23.91 -71.32 33.94
CA LYS E 102 -25.24 -71.90 33.79
C LYS E 102 -26.19 -71.31 34.83
N THR E 103 -27.38 -70.92 34.38
CA THR E 103 -28.47 -70.52 35.26
C THR E 103 -29.51 -71.63 35.30
N VAL E 104 -30.10 -71.83 36.47
CA VAL E 104 -31.24 -72.72 36.65
C VAL E 104 -32.33 -71.95 37.39
N PHE E 105 -33.52 -71.91 36.82
CA PHE E 105 -34.67 -71.29 37.48
C PHE E 105 -35.57 -72.34 38.07
N ALA E 106 -36.60 -71.91 38.78
CA ALA E 106 -37.47 -72.79 39.52
C ALA E 106 -38.82 -72.93 38.83
N GLU E 107 -39.55 -73.96 39.22
CA GLU E 107 -40.93 -74.04 38.78
C GLU E 107 -41.75 -73.01 39.57
N HIS E 108 -42.86 -72.57 38.97
CA HIS E 108 -43.82 -71.65 39.56
C HIS E 108 -43.14 -70.34 39.99
N ILE E 109 -42.74 -69.58 39.00
CA ILE E 109 -42.25 -68.24 39.25
C ILE E 109 -43.42 -67.28 39.30
N SER E 110 -43.33 -66.30 40.18
CA SER E 110 -44.46 -65.45 40.50
C SER E 110 -44.65 -64.36 39.43
N ASP E 111 -45.83 -63.74 39.48
CA ASP E 111 -46.22 -62.82 38.44
C ASP E 111 -45.47 -61.50 38.52
N GLU E 112 -45.05 -61.07 39.71
CA GLU E 112 -44.24 -59.86 39.78
C GLU E 112 -42.84 -60.08 39.22
N CYS E 113 -42.29 -61.29 39.39
CA CYS E 113 -41.06 -61.66 38.72
C CYS E 113 -41.22 -61.66 37.20
N LYS E 114 -42.32 -62.24 36.71
CA LYS E 114 -42.54 -62.18 35.26
C LYS E 114 -42.81 -60.77 34.79
N ARG E 115 -43.41 -59.93 35.64
CA ARG E 115 -43.56 -58.51 35.38
C ARG E 115 -42.21 -57.85 35.17
N ARG E 116 -41.20 -58.22 35.96
CA ARG E 116 -39.83 -57.77 35.68
C ARG E 116 -39.37 -58.23 34.31
N PHE E 117 -39.74 -59.45 33.92
CA PHE E 117 -39.29 -59.92 32.60
C PHE E 117 -39.98 -59.22 31.43
N TYR E 118 -41.13 -58.57 31.65
CA TYR E 118 -41.84 -57.90 30.56
C TYR E 118 -41.72 -56.38 30.64
N LYS E 119 -41.69 -55.72 29.47
CA LYS E 119 -41.75 -54.26 29.40
C LYS E 119 -43.16 -53.71 29.27
N ASN E 120 -44.13 -54.52 28.88
CA ASN E 120 -45.55 -54.11 28.85
C ASN E 120 -46.36 -55.35 29.25
N TRP E 121 -46.62 -55.48 30.55
CA TRP E 121 -47.37 -56.61 31.08
C TRP E 121 -48.83 -56.56 30.64
N HIS E 122 -49.36 -55.37 30.33
CA HIS E 122 -50.77 -55.25 29.98
C HIS E 122 -51.07 -55.90 28.63
N LYS E 123 -50.24 -55.64 27.63
CA LYS E 123 -50.49 -56.16 26.29
C LYS E 123 -49.86 -57.52 26.05
N SER E 124 -49.19 -58.10 27.04
CA SER E 124 -48.50 -59.35 26.82
C SER E 124 -49.45 -60.53 27.01
N LYS E 125 -48.99 -61.69 26.58
CA LYS E 125 -49.70 -62.94 26.81
C LYS E 125 -49.17 -63.68 28.03
N LYS E 126 -48.15 -63.12 28.68
CA LYS E 126 -47.57 -63.63 29.94
C LYS E 126 -47.01 -65.04 29.76
N LYS E 127 -46.25 -65.24 28.69
CA LYS E 127 -45.84 -66.58 28.30
C LYS E 127 -44.48 -66.97 28.83
N ALA E 128 -43.83 -66.12 29.63
CA ALA E 128 -42.46 -66.35 30.04
C ALA E 128 -42.36 -67.56 30.97
N PHE E 129 -41.33 -68.38 30.73
CA PHE E 129 -40.93 -69.56 31.51
C PHE E 129 -41.96 -70.67 31.51
N THR E 130 -42.94 -70.63 30.60
CA THR E 130 -43.93 -71.70 30.52
C THR E 130 -43.32 -73.00 30.00
N LYS E 131 -42.58 -72.92 28.89
CA LYS E 131 -41.87 -74.09 28.40
C LYS E 131 -40.78 -74.56 29.35
N TYR E 132 -40.29 -73.68 30.24
CA TYR E 132 -39.30 -74.05 31.23
C TYR E 132 -39.93 -74.85 32.38
N CYS E 133 -41.06 -74.38 32.92
CA CYS E 133 -41.68 -75.16 33.98
C CYS E 133 -42.27 -76.46 33.45
N LYS E 134 -42.59 -76.50 32.14
CA LYS E 134 -42.85 -77.77 31.46
C LYS E 134 -41.71 -78.78 31.66
N LYS E 135 -40.46 -78.34 31.43
CA LYS E 135 -39.33 -79.27 31.58
C LYS E 135 -39.01 -79.55 33.04
N TRP E 136 -39.43 -78.66 33.95
CA TRP E 136 -39.36 -79.01 35.38
C TRP E 136 -40.33 -80.13 35.75
N GLN E 137 -41.60 -80.04 35.29
CA GLN E 137 -42.58 -81.08 35.62
C GLN E 137 -42.39 -82.38 34.81
N ASP E 138 -41.64 -82.32 33.72
CA ASP E 138 -41.37 -83.52 32.94
C ASP E 138 -40.38 -84.42 33.67
N GLU E 139 -40.05 -85.55 33.04
CA GLU E 139 -39.05 -86.47 33.55
C GLU E 139 -37.80 -86.54 32.69
N ASP E 140 -37.93 -86.34 31.38
CA ASP E 140 -36.75 -86.19 30.54
C ASP E 140 -36.06 -84.85 30.78
N GLY E 141 -36.85 -83.79 30.92
CA GLY E 141 -36.32 -82.51 31.39
C GLY E 141 -35.76 -82.53 32.79
N LYS E 142 -36.29 -83.41 33.65
CA LYS E 142 -35.82 -83.47 35.04
C LYS E 142 -34.39 -84.03 35.13
N LYS E 143 -34.08 -85.07 34.36
CA LYS E 143 -32.72 -85.60 34.38
C LYS E 143 -31.75 -84.65 33.70
N GLN E 144 -32.21 -83.89 32.71
CA GLN E 144 -31.41 -82.81 32.14
C GLN E 144 -31.06 -81.76 33.19
N LEU E 145 -32.02 -81.40 34.04
CA LEU E 145 -31.81 -80.35 35.04
C LEU E 145 -30.83 -80.77 36.11
N GLU E 146 -30.93 -82.01 36.58
CA GLU E 146 -29.98 -82.47 37.60
C GLU E 146 -28.61 -82.67 36.99
N LYS E 147 -28.55 -82.97 35.69
CA LYS E 147 -27.27 -83.02 35.00
C LYS E 147 -26.63 -81.64 34.96
N ASP E 148 -27.43 -80.60 34.76
CA ASP E 148 -26.94 -79.22 34.81
C ASP E 148 -26.47 -78.85 36.22
N PHE E 149 -27.17 -79.33 37.25
CA PHE E 149 -26.77 -79.10 38.62
C PHE E 149 -25.43 -79.77 38.93
N SER E 150 -25.27 -81.01 38.46
CA SER E 150 -24.03 -81.75 38.69
C SER E 150 -22.87 -81.14 37.94
N SER E 151 -23.12 -80.64 36.72
CA SER E 151 -22.07 -79.99 35.95
C SER E 151 -21.65 -78.68 36.60
N MET E 152 -22.63 -77.93 37.11
CA MET E 152 -22.35 -76.72 37.88
C MET E 152 -21.56 -77.01 39.13
N LYS E 153 -21.84 -78.13 39.80
CA LYS E 153 -21.12 -78.51 41.00
C LYS E 153 -19.66 -78.82 40.71
N LYS E 154 -19.39 -79.50 39.61
CA LYS E 154 -18.04 -79.93 39.30
C LYS E 154 -17.22 -78.89 38.55
N TYR E 155 -17.84 -77.81 38.03
CA TYR E 155 -17.05 -76.83 37.29
C TYR E 155 -17.08 -75.42 37.86
N CYS E 156 -18.18 -74.96 38.45
CA CYS E 156 -18.30 -73.56 38.86
C CYS E 156 -17.51 -73.28 40.13
N GLN E 157 -17.06 -72.03 40.23
CA GLN E 157 -16.38 -71.55 41.43
C GLN E 157 -17.18 -70.55 42.24
N VAL E 158 -18.10 -69.80 41.62
CA VAL E 158 -18.85 -68.77 42.32
C VAL E 158 -20.34 -69.01 42.04
N ILE E 159 -21.13 -69.23 43.07
CA ILE E 159 -22.56 -69.36 42.81
C ILE E 159 -23.28 -68.18 43.43
N ARG E 160 -24.36 -67.78 42.78
CA ARG E 160 -25.17 -66.67 43.22
C ARG E 160 -26.62 -67.08 43.12
N VAL E 161 -27.46 -66.44 43.92
CA VAL E 161 -28.87 -66.76 44.00
C VAL E 161 -29.63 -65.59 43.42
N ILE E 162 -30.56 -65.88 42.53
CA ILE E 162 -31.40 -64.86 41.94
C ILE E 162 -32.66 -64.79 42.79
N ALA E 163 -32.87 -63.63 43.40
CA ALA E 163 -33.98 -63.40 44.30
C ALA E 163 -34.66 -62.09 43.92
N HIS E 164 -35.96 -62.08 44.09
CA HIS E 164 -36.76 -60.90 43.81
C HIS E 164 -37.46 -60.43 45.06
N THR E 165 -37.74 -59.14 45.09
CA THR E 165 -38.58 -58.60 46.15
C THR E 165 -40.03 -58.84 45.79
N GLN E 166 -40.88 -58.86 46.81
CA GLN E 166 -42.29 -59.11 46.59
C GLN E 166 -43.04 -57.80 46.87
N MET E 167 -43.42 -57.13 45.79
CA MET E 167 -43.93 -55.76 45.86
C MET E 167 -45.39 -55.68 46.28
N ARG E 168 -46.08 -56.82 46.43
CA ARG E 168 -47.46 -56.78 46.87
C ARG E 168 -47.59 -56.43 48.34
N LEU E 169 -46.49 -56.49 49.10
CA LEU E 169 -46.47 -56.15 50.50
C LEU E 169 -46.00 -54.72 50.75
N LEU E 170 -45.84 -53.94 49.71
CA LEU E 170 -45.33 -52.61 49.85
C LEU E 170 -46.40 -51.58 49.50
N PRO E 171 -46.32 -50.36 50.06
CA PRO E 171 -47.36 -49.36 49.78
C PRO E 171 -47.18 -48.64 48.44
N LEU E 172 -46.38 -49.20 47.54
CA LEU E 172 -45.95 -48.48 46.36
C LEU E 172 -46.86 -48.77 45.18
N ARG E 173 -46.82 -47.87 44.20
CA ARG E 173 -47.57 -48.05 42.97
C ARG E 173 -46.99 -49.17 42.12
N GLN E 174 -45.71 -49.46 42.27
CA GLN E 174 -45.03 -50.43 41.42
C GLN E 174 -45.39 -51.85 41.83
N LYS E 175 -45.91 -52.61 40.85
CA LYS E 175 -46.18 -54.03 41.02
C LYS E 175 -45.08 -54.90 40.42
N LYS E 176 -44.20 -54.32 39.62
CA LYS E 176 -43.12 -55.07 38.99
C LYS E 176 -42.00 -55.27 39.98
N ALA E 177 -41.53 -56.51 40.09
CA ALA E 177 -40.58 -56.84 41.14
C ALA E 177 -39.17 -56.46 40.74
N HIS E 178 -38.28 -56.48 41.73
CA HIS E 178 -36.86 -56.24 41.52
C HIS E 178 -36.12 -57.55 41.72
N LEU E 179 -35.36 -57.95 40.72
CA LEU E 179 -34.51 -59.13 40.79
C LEU E 179 -33.08 -58.73 41.09
N MET E 180 -32.34 -59.68 41.64
CA MET E 180 -30.99 -59.38 42.07
C MET E 180 -30.22 -60.68 42.21
N GLU E 181 -28.95 -60.62 41.86
CA GLU E 181 -28.01 -61.70 42.14
C GLU E 181 -27.32 -61.40 43.45
N ILE E 182 -27.38 -62.34 44.37
CA ILE E 182 -26.77 -62.20 45.69
C ILE E 182 -25.79 -63.34 45.83
N GLN E 183 -24.53 -63.01 46.07
CA GLN E 183 -23.52 -64.05 46.12
C GLN E 183 -23.70 -64.87 47.38
N VAL E 184 -23.47 -66.17 47.25
CA VAL E 184 -23.52 -67.10 48.35
C VAL E 184 -22.10 -67.36 48.80
N ASN E 185 -21.84 -67.18 50.09
CA ASN E 185 -20.49 -67.30 50.60
C ASN E 185 -20.40 -68.39 51.66
N GLY E 186 -19.18 -68.87 51.87
CA GLY E 186 -18.89 -69.74 52.99
C GLY E 186 -19.15 -71.22 52.83
N GLY E 187 -18.45 -71.89 51.93
CA GLY E 187 -18.51 -73.33 51.89
C GLY E 187 -17.87 -73.85 50.61
N THR E 188 -17.97 -75.16 50.44
CA THR E 188 -17.63 -75.73 49.16
C THR E 188 -18.76 -75.46 48.18
N VAL E 189 -18.47 -75.61 46.89
CA VAL E 189 -19.46 -75.32 45.86
C VAL E 189 -20.61 -76.32 45.93
N ALA E 190 -20.32 -77.58 46.23
CA ALA E 190 -21.38 -78.58 46.39
C ALA E 190 -22.27 -78.23 47.57
N GLU E 191 -21.66 -77.80 48.69
CA GLU E 191 -22.41 -77.46 49.89
C GLU E 191 -23.34 -76.27 49.66
N LYS E 192 -22.79 -75.19 49.08
CA LYS E 192 -23.62 -74.02 48.83
C LYS E 192 -24.63 -74.27 47.71
N LEU E 193 -24.36 -75.24 46.82
CA LEU E 193 -25.33 -75.53 45.78
C LEU E 193 -26.52 -76.30 46.33
N ASP E 194 -26.28 -77.31 47.18
CA ASP E 194 -27.42 -78.00 47.78
C ASP E 194 -28.17 -77.09 48.75
N TRP E 195 -27.46 -76.19 49.42
CA TRP E 195 -28.09 -75.21 50.29
C TRP E 195 -29.01 -74.28 49.50
N ALA E 196 -28.53 -73.77 48.36
CA ALA E 196 -29.34 -72.87 47.55
C ALA E 196 -30.51 -73.59 46.90
N ARG E 197 -30.31 -74.83 46.42
CA ARG E 197 -31.46 -75.54 45.87
C ARG E 197 -32.42 -76.01 46.95
N GLU E 198 -31.99 -76.09 48.20
CA GLU E 198 -32.94 -76.21 49.30
C GLU E 198 -33.74 -74.92 49.44
N ARG E 199 -33.07 -73.77 49.34
CA ARG E 199 -33.76 -72.49 49.50
C ARG E 199 -34.49 -72.05 48.25
N LEU E 200 -34.49 -72.86 47.20
CA LEU E 200 -35.13 -72.51 45.93
C LEU E 200 -36.65 -72.41 46.13
N GLU E 201 -37.28 -71.54 45.33
CA GLU E 201 -38.71 -71.22 45.39
C GLU E 201 -39.13 -70.69 46.75
N GLN E 202 -38.24 -70.03 47.48
CA GLN E 202 -38.56 -69.83 48.89
C GLN E 202 -38.21 -68.44 49.39
N GLN E 203 -38.71 -68.14 50.58
CA GLN E 203 -38.57 -66.82 51.18
C GLN E 203 -37.34 -66.79 52.07
N VAL E 204 -36.64 -65.66 52.06
CA VAL E 204 -35.46 -65.45 52.87
C VAL E 204 -35.67 -64.11 53.58
N PRO E 205 -35.67 -64.07 54.90
CA PRO E 205 -35.79 -62.81 55.61
C PRO E 205 -34.47 -62.11 55.91
N VAL E 206 -34.58 -60.79 56.04
CA VAL E 206 -33.46 -59.95 56.42
C VAL E 206 -32.92 -60.31 57.80
N ASN E 207 -33.74 -60.94 58.65
CA ASN E 207 -33.25 -61.47 59.92
C ASN E 207 -32.20 -62.54 59.69
N GLN E 208 -32.39 -63.34 58.63
CA GLN E 208 -31.44 -64.39 58.31
C GLN E 208 -30.25 -63.86 57.52
N VAL E 209 -30.44 -62.77 56.76
CA VAL E 209 -29.30 -62.25 56.02
C VAL E 209 -28.40 -61.40 56.90
N PHE E 210 -28.97 -60.44 57.62
CA PHE E 210 -28.19 -59.51 58.42
C PHE E 210 -28.44 -59.77 59.89
N GLY E 211 -27.80 -58.95 60.73
CA GLY E 211 -27.90 -59.11 62.16
C GLY E 211 -28.01 -57.77 62.85
N GLN E 212 -28.19 -57.83 64.16
CA GLN E 212 -28.23 -56.64 65.00
C GLN E 212 -26.84 -56.02 65.08
N ASP E 213 -26.82 -54.68 65.10
CA ASP E 213 -25.67 -53.77 65.29
C ASP E 213 -24.38 -54.22 64.61
N GLU E 214 -24.50 -54.56 63.33
CA GLU E 214 -23.34 -54.69 62.48
C GLU E 214 -23.31 -53.55 61.47
N MET E 215 -22.15 -53.36 60.85
CA MET E 215 -21.95 -52.26 59.93
C MET E 215 -21.95 -52.81 58.52
N ILE E 216 -22.83 -52.27 57.69
CA ILE E 216 -23.04 -52.76 56.34
C ILE E 216 -22.75 -51.64 55.36
N ASP E 217 -22.95 -51.90 54.08
CA ASP E 217 -22.77 -50.89 53.05
C ASP E 217 -24.08 -50.72 52.32
N VAL E 218 -24.36 -49.49 51.91
CA VAL E 218 -25.58 -49.16 51.19
C VAL E 218 -25.17 -48.72 49.80
N ILE E 219 -25.77 -49.33 48.78
CA ILE E 219 -25.51 -49.04 47.39
C ILE E 219 -26.83 -48.55 46.78
N GLY E 220 -26.77 -47.45 46.08
CA GLY E 220 -28.00 -46.93 45.52
C GLY E 220 -27.75 -45.88 44.48
N VAL E 221 -28.82 -45.19 44.12
CA VAL E 221 -28.80 -44.14 43.13
C VAL E 221 -29.21 -42.86 43.84
N THR E 222 -28.25 -41.95 44.00
CA THR E 222 -28.41 -40.57 44.43
C THR E 222 -29.61 -39.86 43.80
N LYS E 223 -30.41 -39.24 44.66
CA LYS E 223 -31.48 -38.31 44.32
C LYS E 223 -31.18 -37.42 43.12
N GLY E 224 -32.14 -37.25 42.21
CA GLY E 224 -31.89 -36.62 40.92
C GLY E 224 -32.19 -35.13 40.91
N LYS E 225 -31.27 -34.35 40.34
CA LYS E 225 -31.38 -32.90 40.34
C LYS E 225 -31.50 -32.28 38.95
N GLY E 226 -31.18 -33.00 37.89
CA GLY E 226 -31.31 -32.49 36.54
C GLY E 226 -30.07 -31.77 36.07
N TYR E 227 -30.25 -30.93 35.04
CA TYR E 227 -29.15 -30.20 34.43
C TYR E 227 -28.80 -29.04 35.35
N LYS E 228 -27.61 -29.07 35.94
CA LYS E 228 -27.17 -27.98 36.80
C LYS E 228 -25.91 -27.30 36.27
N GLY E 229 -25.69 -26.08 36.77
CA GLY E 229 -24.52 -25.32 36.40
C GLY E 229 -23.33 -25.68 37.25
N VAL E 230 -22.22 -24.97 37.03
CA VAL E 230 -21.00 -25.33 37.73
C VAL E 230 -21.06 -24.98 39.22
N THR E 231 -21.88 -23.99 39.62
CA THR E 231 -21.93 -23.61 41.03
C THR E 231 -22.66 -24.66 41.86
N SER E 232 -23.72 -25.26 41.32
CA SER E 232 -24.37 -26.34 42.05
C SER E 232 -23.66 -27.65 41.82
N ARG E 233 -23.12 -27.88 40.62
CA ARG E 233 -22.57 -29.17 40.26
C ARG E 233 -21.18 -29.40 40.84
N TRP E 234 -20.36 -28.35 40.94
CA TRP E 234 -19.00 -28.52 41.40
C TRP E 234 -18.63 -27.65 42.58
N HIS E 235 -19.53 -26.75 43.01
CA HIS E 235 -19.33 -25.86 44.16
C HIS E 235 -18.13 -24.94 43.96
N THR E 236 -18.00 -24.40 42.76
CA THR E 236 -17.01 -23.38 42.47
C THR E 236 -17.47 -22.05 43.05
N LYS E 237 -16.52 -21.13 43.20
CA LYS E 237 -16.82 -19.84 43.79
C LYS E 237 -17.62 -18.99 42.83
N LYS E 238 -18.66 -18.34 43.35
CA LYS E 238 -19.45 -17.43 42.53
C LYS E 238 -18.64 -16.17 42.23
N LEU E 239 -18.78 -15.69 41.00
CA LEU E 239 -18.09 -14.52 40.54
C LEU E 239 -18.76 -13.24 41.07
N PRO E 240 -18.04 -12.11 41.13
CA PRO E 240 -18.60 -10.90 41.76
C PRO E 240 -19.83 -10.37 41.04
N ARG E 241 -20.55 -9.50 41.76
CA ARG E 241 -21.87 -9.01 41.34
C ARG E 241 -21.84 -8.29 40.00
N LYS E 242 -20.75 -7.62 39.69
CA LYS E 242 -20.66 -6.87 38.43
C LYS E 242 -19.92 -7.68 37.37
N THR E 243 -20.44 -8.85 37.03
CA THR E 243 -19.85 -9.69 35.99
C THR E 243 -20.80 -9.75 34.82
N HIS E 244 -20.27 -9.49 33.62
CA HIS E 244 -21.12 -9.09 32.50
C HIS E 244 -21.97 -10.24 31.97
N ARG E 245 -21.35 -11.38 31.67
CA ARG E 245 -22.09 -12.45 31.01
C ARG E 245 -22.43 -13.58 31.97
N GLY E 246 -22.75 -13.25 33.20
CA GLY E 246 -23.16 -14.27 34.13
C GLY E 246 -22.21 -14.45 35.29
N LEU E 247 -22.78 -14.77 36.45
CA LEU E 247 -22.01 -14.93 37.68
C LEU E 247 -21.68 -16.39 37.96
N ARG E 248 -22.61 -17.28 37.68
CA ARG E 248 -22.51 -18.68 38.10
C ARG E 248 -21.78 -19.49 37.04
N LYS E 249 -20.53 -19.10 36.78
CA LYS E 249 -19.68 -19.74 35.80
C LYS E 249 -18.34 -20.03 36.43
N VAL E 250 -17.50 -20.76 35.69
CA VAL E 250 -16.09 -20.85 35.97
C VAL E 250 -15.40 -19.90 35.01
N ALA E 251 -14.62 -18.97 35.57
CA ALA E 251 -14.16 -17.85 34.77
C ALA E 251 -13.10 -18.26 33.76
N CYS E 252 -12.28 -19.26 34.07
CA CYS E 252 -11.26 -19.68 33.13
C CYS E 252 -11.26 -21.21 33.04
N ILE E 253 -11.32 -21.71 31.81
CA ILE E 253 -11.26 -23.14 31.57
C ILE E 253 -9.94 -23.46 30.88
N GLY E 254 -8.92 -23.78 31.68
CA GLY E 254 -7.63 -24.11 31.14
C GLY E 254 -6.85 -22.95 30.55
N ALA E 255 -5.55 -23.18 30.32
CA ALA E 255 -4.65 -22.17 29.78
C ALA E 255 -4.88 -22.04 28.27
N TRP E 256 -4.03 -21.24 27.61
CA TRP E 256 -3.99 -21.23 26.15
C TRP E 256 -3.48 -22.56 25.63
N HIS E 257 -2.36 -23.03 26.14
CA HIS E 257 -1.58 -23.98 25.37
C HIS E 257 -1.39 -25.31 26.04
N PRO E 258 -2.45 -25.94 26.52
CA PRO E 258 -2.78 -27.28 26.02
C PRO E 258 -3.82 -27.28 24.92
N ALA E 259 -4.32 -26.10 24.53
CA ALA E 259 -5.13 -25.81 23.34
C ALA E 259 -6.45 -26.54 23.32
N ARG E 260 -6.86 -27.12 24.44
CA ARG E 260 -8.06 -27.89 24.56
C ARG E 260 -8.60 -27.66 25.97
N VAL E 261 -9.91 -27.75 26.12
CA VAL E 261 -10.48 -27.81 27.46
C VAL E 261 -10.17 -29.17 28.05
N ALA E 262 -9.58 -29.19 29.24
CA ALA E 262 -9.25 -30.49 29.83
C ALA E 262 -10.51 -31.14 30.39
N PHE E 263 -10.37 -32.41 30.75
CA PHE E 263 -11.47 -33.16 31.34
C PHE E 263 -11.64 -32.85 32.82
N SER E 264 -10.78 -32.01 33.38
CA SER E 264 -10.74 -31.81 34.81
C SER E 264 -11.16 -30.41 35.22
N VAL E 265 -11.76 -29.62 34.33
CA VAL E 265 -12.29 -28.34 34.72
C VAL E 265 -13.79 -28.52 34.92
N ALA E 266 -14.40 -27.58 35.62
CA ALA E 266 -15.80 -27.71 36.00
C ALA E 266 -16.69 -27.26 34.86
N ARG E 267 -17.66 -28.08 34.52
CA ARG E 267 -18.61 -27.80 33.46
C ARG E 267 -20.01 -28.06 33.98
N ALA E 268 -20.97 -27.49 33.28
CA ALA E 268 -22.38 -27.68 33.60
C ALA E 268 -22.91 -28.95 32.97
N GLY E 269 -23.87 -29.57 33.64
CA GLY E 269 -24.44 -30.81 33.14
C GLY E 269 -25.32 -31.46 34.19
N GLN E 270 -25.35 -32.79 34.15
CA GLN E 270 -26.25 -33.53 35.01
C GLN E 270 -25.71 -33.58 36.44
N LYS E 271 -26.56 -33.26 37.40
CA LYS E 271 -26.26 -33.43 38.82
C LYS E 271 -27.27 -34.40 39.39
N GLY E 272 -26.77 -35.37 40.14
CA GLY E 272 -27.62 -36.34 40.76
C GLY E 272 -27.96 -37.45 39.79
N TYR E 273 -28.77 -38.37 40.28
CA TYR E 273 -29.08 -39.65 39.65
C TYR E 273 -27.78 -40.40 39.38
N HIS E 274 -27.00 -40.56 40.44
CA HIS E 274 -25.66 -41.09 40.35
C HIS E 274 -25.60 -42.37 41.16
N HIS E 275 -24.86 -43.34 40.68
CA HIS E 275 -24.68 -44.59 41.40
C HIS E 275 -23.61 -44.39 42.47
N ARG E 276 -23.99 -44.53 43.73
CA ARG E 276 -23.03 -44.38 44.82
C ARG E 276 -23.05 -45.62 45.71
N THR E 277 -21.92 -45.81 46.39
CA THR E 277 -21.67 -46.94 47.29
C THR E 277 -21.10 -46.35 48.58
N GLU E 278 -21.92 -46.22 49.60
CA GLU E 278 -21.49 -45.67 50.86
C GLU E 278 -21.29 -46.81 51.84
N ILE E 279 -20.29 -46.70 52.70
CA ILE E 279 -19.89 -47.81 53.55
C ILE E 279 -20.03 -47.38 54.98
N ASN E 280 -19.90 -48.37 55.89
CA ASN E 280 -19.93 -48.17 57.35
C ASN E 280 -21.23 -47.52 57.81
N LYS E 281 -22.34 -48.14 57.45
CA LYS E 281 -23.65 -47.73 57.91
C LYS E 281 -24.11 -48.73 58.96
N LYS E 282 -24.26 -48.26 60.18
CA LYS E 282 -24.50 -49.16 61.30
C LYS E 282 -25.98 -49.48 61.39
N ILE E 283 -26.30 -50.75 61.56
CA ILE E 283 -27.68 -51.16 61.73
C ILE E 283 -28.07 -50.89 63.16
N TYR E 284 -29.17 -50.17 63.37
CA TYR E 284 -29.60 -49.91 64.73
C TYR E 284 -30.68 -50.85 65.22
N LYS E 285 -31.51 -51.36 64.32
CA LYS E 285 -32.63 -52.19 64.73
C LYS E 285 -33.17 -52.89 63.50
N ILE E 286 -33.58 -54.14 63.68
CA ILE E 286 -34.28 -54.90 62.67
C ILE E 286 -35.70 -55.12 63.16
N GLY E 287 -36.66 -54.59 62.41
CA GLY E 287 -38.06 -54.69 62.79
C GLY E 287 -38.62 -56.07 62.58
N GLN E 288 -39.94 -56.17 62.84
CA GLN E 288 -40.58 -57.47 62.88
C GLN E 288 -41.89 -57.54 62.12
N GLY E 289 -42.46 -56.42 61.69
CA GLY E 289 -43.64 -56.46 60.87
C GLY E 289 -44.90 -56.66 61.68
N TYR E 290 -46.00 -56.79 60.95
CA TYR E 290 -47.34 -56.78 61.54
C TYR E 290 -47.86 -58.22 61.61
N LEU E 291 -47.48 -58.95 62.65
CA LEU E 291 -47.97 -60.31 62.79
C LEU E 291 -49.33 -60.33 63.48
N ILE E 292 -50.08 -61.40 63.19
CA ILE E 292 -51.42 -61.60 63.74
C ILE E 292 -51.39 -62.90 64.52
N LYS E 293 -51.43 -62.79 65.85
CA LYS E 293 -51.65 -63.92 66.74
C LYS E 293 -53.10 -64.06 67.16
N ASP E 294 -53.74 -62.92 67.41
CA ASP E 294 -55.11 -62.76 67.88
C ASP E 294 -55.57 -61.44 67.29
N GLY E 295 -56.45 -60.71 67.98
CA GLY E 295 -56.42 -59.26 67.82
C GLY E 295 -54.98 -58.81 67.86
N LYS E 296 -54.50 -58.31 66.72
CA LYS E 296 -53.07 -58.31 66.41
C LYS E 296 -52.29 -57.25 67.20
N LEU E 297 -51.01 -57.12 66.88
CA LEU E 297 -50.02 -56.44 67.71
C LEU E 297 -48.91 -55.81 66.87
N ILE E 298 -48.59 -54.55 67.17
CA ILE E 298 -47.59 -53.78 66.41
C ILE E 298 -46.53 -53.18 67.34
N LYS E 299 -46.57 -53.52 68.63
CA LYS E 299 -45.54 -53.05 69.57
C LYS E 299 -44.15 -53.60 69.28
N ASN E 300 -44.07 -54.75 68.55
CA ASN E 300 -42.81 -55.39 68.17
C ASN E 300 -41.95 -54.52 67.27
N ASN E 301 -42.54 -53.48 66.68
CA ASN E 301 -41.91 -52.29 66.11
C ASN E 301 -41.46 -51.43 67.28
N ALA E 302 -41.52 -50.11 67.15
CA ALA E 302 -40.84 -49.25 68.12
C ALA E 302 -41.45 -49.29 69.53
N SER E 303 -41.39 -50.44 70.21
CA SER E 303 -41.46 -50.51 71.66
C SER E 303 -40.06 -50.88 72.14
N THR E 304 -39.45 -50.01 72.95
CA THR E 304 -38.01 -50.04 73.17
C THR E 304 -37.59 -50.48 74.57
N ASP E 305 -38.45 -51.20 75.31
CA ASP E 305 -38.20 -51.70 76.67
C ASP E 305 -37.95 -50.61 77.73
N TYR E 306 -38.09 -49.34 77.35
CA TYR E 306 -38.05 -48.23 78.29
C TYR E 306 -39.24 -47.29 78.12
N ASP E 307 -40.16 -47.61 77.23
CA ASP E 307 -41.42 -46.87 77.08
C ASP E 307 -42.62 -47.79 77.16
N LEU E 308 -42.50 -48.98 76.59
CA LEU E 308 -43.54 -50.01 76.71
C LEU E 308 -44.89 -49.62 76.18
N SER E 309 -44.89 -48.72 75.23
CA SER E 309 -46.11 -48.27 74.57
C SER E 309 -46.51 -49.26 73.47
N ASP E 310 -47.51 -48.87 72.68
CA ASP E 310 -48.01 -49.75 71.64
C ASP E 310 -47.94 -49.04 70.30
N LYS E 311 -46.80 -48.43 69.98
CA LYS E 311 -46.65 -47.70 68.74
C LYS E 311 -45.78 -48.48 67.76
N SER E 312 -46.07 -48.28 66.48
CA SER E 312 -45.27 -48.86 65.41
C SER E 312 -44.11 -47.93 65.09
N ILE E 313 -43.34 -48.27 64.05
CA ILE E 313 -42.29 -47.39 63.56
C ILE E 313 -42.86 -46.21 62.79
N ASN E 314 -44.12 -46.29 62.38
CA ASN E 314 -44.72 -45.28 61.53
C ASN E 314 -45.07 -44.02 62.30
N PRO E 315 -44.80 -42.84 61.74
CA PRO E 315 -45.16 -41.60 62.40
C PRO E 315 -46.66 -41.33 62.26
N LEU E 316 -47.11 -40.23 62.84
CA LEU E 316 -48.49 -39.78 62.61
C LEU E 316 -48.64 -39.30 61.18
N GLY E 317 -49.71 -39.75 60.52
CA GLY E 317 -49.88 -39.44 59.12
C GLY E 317 -48.98 -40.23 58.20
N GLY E 318 -48.32 -41.26 58.70
CA GLY E 318 -47.48 -42.11 57.90
C GLY E 318 -46.20 -41.43 57.44
N PHE E 319 -45.41 -42.19 56.70
CA PHE E 319 -44.16 -41.68 56.16
C PHE E 319 -44.48 -40.82 54.95
N VAL E 320 -43.95 -39.59 54.94
CA VAL E 320 -44.27 -38.64 53.89
C VAL E 320 -43.69 -39.14 52.57
N HIS E 321 -44.53 -39.16 51.54
CA HIS E 321 -44.25 -39.57 50.17
C HIS E 321 -43.89 -41.05 50.06
N TYR E 322 -44.14 -41.85 51.10
CA TYR E 322 -43.90 -43.29 51.00
C TYR E 322 -45.15 -44.12 51.26
N GLY E 323 -45.79 -43.97 52.40
CA GLY E 323 -46.79 -44.92 52.82
C GLY E 323 -46.54 -45.39 54.24
N GLU E 324 -46.82 -46.65 54.52
CA GLU E 324 -46.57 -47.15 55.85
C GLU E 324 -45.85 -48.49 55.79
N VAL E 325 -45.10 -48.79 56.84
CA VAL E 325 -44.27 -49.98 56.92
C VAL E 325 -45.07 -51.06 57.64
N THR E 326 -45.40 -52.12 56.91
CA THR E 326 -46.10 -53.26 57.49
C THR E 326 -45.26 -54.52 57.41
N ASN E 327 -44.01 -54.40 57.05
CA ASN E 327 -43.10 -55.52 56.82
C ASN E 327 -41.90 -55.37 57.75
N ASP E 328 -40.92 -56.27 57.58
CA ASP E 328 -39.69 -56.18 58.33
C ASP E 328 -38.89 -54.97 57.87
N PHE E 329 -38.43 -54.15 58.81
CA PHE E 329 -37.61 -53.01 58.41
C PHE E 329 -36.23 -53.11 59.02
N VAL E 330 -35.36 -52.24 58.53
CA VAL E 330 -33.99 -52.09 59.00
C VAL E 330 -33.79 -50.61 59.28
N MET E 331 -33.37 -50.30 60.50
CA MET E 331 -33.05 -48.94 60.89
C MET E 331 -31.55 -48.76 60.82
N LEU E 332 -31.09 -47.88 59.93
CA LEU E 332 -29.67 -47.61 59.80
C LEU E 332 -29.35 -46.27 60.45
N LYS E 333 -28.10 -46.12 60.82
CA LYS E 333 -27.64 -44.86 61.39
C LYS E 333 -27.26 -43.92 60.27
N GLY E 334 -27.92 -42.77 60.22
CA GLY E 334 -27.49 -41.70 59.35
C GLY E 334 -28.32 -41.63 58.09
N CYS E 335 -27.85 -40.83 57.17
CA CYS E 335 -28.54 -40.60 55.92
C CYS E 335 -28.05 -41.57 54.84
N VAL E 336 -28.86 -41.73 53.81
CA VAL E 336 -28.72 -42.78 52.82
C VAL E 336 -29.20 -42.19 51.49
N VAL E 337 -28.50 -42.53 50.39
CA VAL E 337 -28.77 -41.94 49.09
C VAL E 337 -30.19 -42.24 48.59
N GLY E 338 -30.66 -41.44 47.65
CA GLY E 338 -31.91 -41.71 46.97
C GLY E 338 -33.09 -40.95 47.53
N THR E 339 -34.19 -41.04 46.79
CA THR E 339 -35.45 -40.46 47.23
C THR E 339 -36.11 -41.40 48.22
N LYS E 340 -37.28 -41.02 48.67
CA LYS E 340 -38.19 -41.99 49.26
C LYS E 340 -38.69 -42.89 48.15
N LYS E 341 -39.03 -44.13 48.51
CA LYS E 341 -39.44 -45.26 47.66
C LYS E 341 -38.30 -45.80 46.79
N ARG E 342 -37.09 -45.24 46.90
CA ARG E 342 -35.95 -45.71 46.12
C ARG E 342 -35.44 -47.05 46.65
N VAL E 343 -35.16 -47.97 45.73
CA VAL E 343 -34.68 -49.29 46.10
C VAL E 343 -33.19 -49.19 46.42
N LEU E 344 -32.80 -49.80 47.54
CA LEU E 344 -31.45 -49.76 48.06
C LEU E 344 -30.89 -51.17 48.12
N THR E 345 -29.76 -51.37 47.47
CA THR E 345 -28.98 -52.58 47.70
C THR E 345 -28.27 -52.37 49.03
N LEU E 346 -28.34 -53.38 49.88
CA LEU E 346 -27.69 -53.37 51.18
C LEU E 346 -26.79 -54.57 51.13
N ARG E 347 -25.53 -54.43 51.49
CA ARG E 347 -24.69 -55.63 51.46
C ARG E 347 -23.77 -55.65 52.65
N LYS E 348 -23.25 -56.84 52.93
CA LYS E 348 -22.30 -57.02 54.02
C LYS E 348 -21.02 -56.28 53.72
N SER E 349 -20.30 -55.90 54.77
CA SER E 349 -19.07 -55.17 54.57
C SER E 349 -18.00 -56.10 54.05
N LEU E 350 -17.00 -55.52 53.39
CA LEU E 350 -15.88 -56.29 52.88
C LEU E 350 -14.57 -55.85 53.52
N LEU E 351 -14.63 -55.03 54.55
CA LEU E 351 -13.54 -54.82 55.47
C LEU E 351 -13.76 -55.76 56.67
N VAL E 352 -12.94 -55.61 57.70
CA VAL E 352 -13.16 -56.31 58.96
C VAL E 352 -13.36 -55.27 60.04
N GLN E 353 -14.40 -55.44 60.84
CA GLN E 353 -14.76 -54.45 61.84
C GLN E 353 -14.09 -54.87 63.13
N THR E 354 -12.98 -54.22 63.43
CA THR E 354 -12.27 -54.35 64.70
C THR E 354 -12.32 -53.09 65.52
N LYS E 355 -13.11 -52.09 65.11
CA LYS E 355 -13.07 -50.78 65.73
C LYS E 355 -14.09 -50.61 66.85
N ARG E 356 -13.64 -49.95 67.93
CA ARG E 356 -14.48 -49.61 69.07
C ARG E 356 -15.61 -48.68 68.68
N ARG E 357 -15.43 -47.86 67.64
CA ARG E 357 -16.56 -47.22 67.00
C ARG E 357 -17.51 -48.25 66.40
N ALA E 358 -16.95 -49.23 65.68
CA ALA E 358 -17.64 -50.46 65.35
C ALA E 358 -17.56 -51.41 66.56
N LEU E 359 -17.88 -52.69 66.31
CA LEU E 359 -18.10 -53.77 67.29
C LEU E 359 -18.81 -53.33 68.57
N GLU E 360 -19.78 -52.42 68.48
CA GLU E 360 -20.43 -51.85 69.65
C GLU E 360 -21.88 -52.24 69.69
N LYS E 361 -22.31 -52.80 70.82
CA LYS E 361 -23.69 -53.20 70.97
C LYS E 361 -24.48 -51.99 71.43
N ILE E 362 -25.54 -51.66 70.69
CA ILE E 362 -26.33 -50.50 71.02
C ILE E 362 -27.56 -50.93 71.79
N ASP E 363 -28.24 -49.96 72.40
CA ASP E 363 -29.50 -50.20 73.09
C ASP E 363 -30.32 -48.92 73.04
N LEU E 364 -31.45 -48.96 72.35
CA LEU E 364 -32.28 -47.79 72.15
C LEU E 364 -33.09 -47.47 73.40
N LYS E 365 -33.21 -46.18 73.70
CA LYS E 365 -34.13 -45.72 74.72
C LYS E 365 -35.44 -45.21 74.17
N PHE E 366 -35.43 -44.57 73.00
CA PHE E 366 -36.62 -43.91 72.51
C PHE E 366 -36.53 -43.81 71.00
N ILE E 367 -37.67 -43.93 70.33
CA ILE E 367 -37.76 -43.81 68.88
C ILE E 367 -38.85 -42.81 68.56
N ASP E 368 -38.50 -41.74 67.85
CA ASP E 368 -39.41 -40.62 67.65
C ASP E 368 -40.39 -40.92 66.52
N THR E 369 -41.67 -40.88 66.83
CA THR E 369 -42.73 -41.14 65.85
C THR E 369 -43.68 -39.95 65.72
N THR E 370 -43.17 -38.73 65.92
CA THR E 370 -43.99 -37.56 65.64
C THR E 370 -44.15 -37.41 64.14
N SER E 371 -45.14 -36.61 63.75
CA SER E 371 -45.44 -36.47 62.33
C SER E 371 -44.35 -35.68 61.61
N LYS E 372 -43.95 -36.19 60.46
CA LYS E 372 -42.97 -35.52 59.64
C LYS E 372 -43.60 -34.64 58.58
N PHE E 373 -44.93 -34.57 58.54
CA PHE E 373 -45.67 -33.72 57.62
C PHE E 373 -45.83 -32.30 58.16
N GLY E 374 -45.05 -31.95 59.17
CA GLY E 374 -45.07 -30.62 59.74
C GLY E 374 -44.22 -30.64 60.98
N HIS E 375 -44.53 -29.75 61.90
CA HIS E 375 -43.88 -29.78 63.20
C HIS E 375 -44.78 -30.54 64.17
N GLY E 376 -44.83 -31.85 63.94
CA GLY E 376 -45.68 -32.72 64.74
C GLY E 376 -45.18 -32.82 66.17
N ARG E 377 -46.11 -32.79 67.11
CA ARG E 377 -45.73 -32.71 68.52
C ARG E 377 -46.30 -33.84 69.35
N PHE E 378 -46.90 -34.85 68.74
CA PHE E 378 -47.45 -35.99 69.46
C PHE E 378 -46.87 -37.28 68.88
N GLN E 379 -46.68 -38.26 69.76
CA GLN E 379 -46.15 -39.55 69.33
C GLN E 379 -47.27 -40.46 68.83
N THR E 380 -48.34 -40.61 69.60
CA THR E 380 -49.43 -41.49 69.24
C THR E 380 -50.76 -40.73 69.23
N MET E 381 -51.74 -41.33 68.55
CA MET E 381 -53.09 -40.75 68.50
C MET E 381 -53.74 -40.72 69.87
N GLU E 382 -53.47 -41.75 70.70
CA GLU E 382 -54.03 -41.78 72.05
C GLU E 382 -53.44 -40.66 72.88
N GLU E 383 -52.13 -40.43 72.78
CA GLU E 383 -51.50 -39.33 73.48
C GLU E 383 -52.04 -37.98 73.03
N LYS E 384 -52.23 -37.81 71.72
CA LYS E 384 -52.75 -36.56 71.18
C LYS E 384 -54.17 -36.29 71.68
N LYS E 385 -55.06 -37.27 71.53
CA LYS E 385 -56.44 -37.04 71.92
C LYS E 385 -56.63 -37.04 73.42
N ALA E 386 -55.72 -37.64 74.19
CA ALA E 386 -55.79 -37.51 75.65
C ALA E 386 -55.29 -36.16 76.10
N PHE E 387 -54.32 -35.58 75.39
CA PHE E 387 -53.88 -34.24 75.72
C PHE E 387 -54.95 -33.22 75.36
N MET E 388 -55.66 -33.42 74.25
CA MET E 388 -56.59 -32.41 73.80
C MET E 388 -58.01 -32.59 74.33
N GLY E 389 -58.38 -33.78 74.77
CA GLY E 389 -59.74 -34.02 75.19
C GLY E 389 -60.66 -34.11 74.00
N PRO E 390 -61.98 -34.05 74.23
CA PRO E 390 -62.92 -34.21 73.13
C PRO E 390 -62.98 -32.96 72.25
N LEU E 391 -63.19 -33.20 70.97
CA LEU E 391 -63.23 -32.17 69.95
C LEU E 391 -64.68 -31.98 69.52
N LYS E 392 -64.90 -31.04 68.60
CA LYS E 392 -66.26 -30.75 68.15
C LYS E 392 -66.85 -31.91 67.34
N LYS E 393 -66.05 -32.50 66.45
CA LYS E 393 -66.51 -33.64 65.67
C LYS E 393 -66.72 -34.87 66.55
N ASP E 394 -65.86 -35.08 67.55
CA ASP E 394 -66.08 -36.17 68.51
C ASP E 394 -67.35 -35.95 69.31
N ARG E 395 -67.64 -34.70 69.69
CA ARG E 395 -68.83 -34.42 70.48
C ARG E 395 -70.10 -34.67 69.69
N ILE E 396 -70.14 -34.18 68.45
CA ILE E 396 -71.32 -34.43 67.62
C ILE E 396 -71.42 -35.91 67.25
N ALA E 397 -70.29 -36.62 67.16
CA ALA E 397 -70.33 -38.06 66.92
C ALA E 397 -70.97 -38.81 68.09
N MET F 1 14.86 -5.37 -73.57
CA MET F 1 15.12 -6.02 -74.85
C MET F 1 14.17 -7.23 -75.03
N ALA F 2 14.29 -7.89 -76.15
CA ALA F 2 13.42 -9.02 -76.51
C ALA F 2 14.15 -10.32 -76.20
N CYS F 3 13.48 -11.27 -75.51
CA CYS F 3 12.05 -11.40 -75.00
C CYS F 3 10.94 -11.21 -76.02
N ALA F 4 10.83 -12.10 -76.99
CA ALA F 4 9.99 -11.88 -78.16
C ALA F 4 8.53 -11.80 -77.78
N ARG F 5 7.79 -10.97 -78.53
CA ARG F 5 6.40 -10.71 -78.25
C ARG F 5 5.56 -11.27 -79.38
N PRO F 6 4.72 -12.27 -79.11
CA PRO F 6 3.91 -12.86 -80.18
C PRO F 6 2.81 -11.95 -80.73
N LEU F 7 2.02 -12.49 -81.64
CA LEU F 7 1.03 -11.72 -82.39
C LEU F 7 -0.33 -12.35 -82.10
N ILE F 8 -1.01 -11.83 -81.11
CA ILE F 8 -2.24 -12.44 -80.65
C ILE F 8 -3.38 -11.90 -81.52
N SER F 9 -4.52 -12.59 -81.47
CA SER F 9 -5.63 -12.33 -82.36
C SER F 9 -6.76 -11.60 -81.64
N VAL F 10 -7.47 -10.76 -82.41
CA VAL F 10 -8.60 -10.00 -81.91
C VAL F 10 -9.88 -10.64 -82.43
N TYR F 11 -10.80 -10.93 -81.52
CA TYR F 11 -11.96 -11.74 -81.84
C TYR F 11 -13.18 -10.85 -82.14
N SER F 12 -14.02 -11.33 -83.05
CA SER F 12 -15.23 -10.62 -83.46
C SER F 12 -16.33 -10.80 -82.43
N GLU F 13 -17.44 -10.06 -82.63
CA GLU F 13 -18.58 -10.21 -81.73
C GLU F 13 -19.28 -11.55 -81.93
N LYS F 14 -19.05 -12.22 -83.05
CA LYS F 14 -19.57 -13.57 -83.30
C LYS F 14 -18.77 -14.64 -82.57
N GLY F 15 -17.57 -14.31 -82.07
CA GLY F 15 -16.70 -15.25 -81.41
C GLY F 15 -15.47 -15.63 -82.20
N GLU F 16 -15.55 -15.62 -83.53
CA GLU F 16 -14.40 -15.98 -84.34
C GLU F 16 -13.42 -14.81 -84.43
N SER F 17 -12.20 -15.13 -84.85
CA SER F 17 -11.17 -14.12 -85.07
C SER F 17 -11.57 -13.17 -86.19
N SER F 18 -11.15 -11.92 -86.08
CA SER F 18 -11.52 -10.90 -87.04
C SER F 18 -10.46 -10.70 -88.10
N GLY F 19 -9.43 -11.54 -88.11
CA GLY F 19 -8.37 -11.46 -89.09
C GLY F 19 -7.29 -10.44 -88.81
N LYS F 20 -7.45 -9.61 -87.81
CA LYS F 20 -6.42 -8.65 -87.44
C LYS F 20 -5.68 -9.14 -86.20
N ASN F 21 -4.45 -8.67 -86.04
CA ASN F 21 -3.59 -9.11 -84.96
C ASN F 21 -2.92 -7.93 -84.29
N VAL F 22 -2.67 -8.10 -82.99
CA VAL F 22 -1.92 -7.14 -82.20
C VAL F 22 -0.77 -7.86 -81.51
N THR F 23 0.43 -7.29 -81.57
CA THR F 23 1.56 -7.85 -80.85
C THR F 23 1.46 -7.63 -79.33
N LEU F 24 2.01 -8.58 -78.59
CA LEU F 24 1.86 -8.61 -77.14
C LEU F 24 2.64 -7.47 -76.48
N PRO F 25 2.12 -6.90 -75.40
CA PRO F 25 2.89 -5.88 -74.68
C PRO F 25 3.94 -6.38 -73.70
N ALA F 26 5.00 -5.58 -73.61
CA ALA F 26 6.08 -5.86 -72.68
C ALA F 26 5.64 -5.78 -71.23
N VAL F 27 4.55 -5.06 -70.93
CA VAL F 27 3.98 -5.10 -69.59
C VAL F 27 3.39 -6.47 -69.29
N PHE F 28 2.99 -7.23 -70.31
CA PHE F 28 2.61 -8.60 -70.10
C PHE F 28 3.82 -9.49 -69.98
N LYS F 29 4.95 -9.04 -70.48
CA LYS F 29 6.19 -9.77 -70.23
C LYS F 29 6.94 -9.28 -68.98
N ALA F 30 6.36 -8.35 -68.21
CA ALA F 30 6.96 -7.79 -66.98
C ALA F 30 7.18 -8.86 -65.89
N PRO F 31 8.00 -8.58 -64.88
CA PRO F 31 8.16 -9.54 -63.78
C PRO F 31 6.89 -9.67 -62.95
N ILE F 32 6.79 -10.77 -62.21
CA ILE F 32 5.68 -11.06 -61.32
C ILE F 32 6.22 -11.16 -59.90
N ARG F 33 5.75 -10.28 -59.02
CA ARG F 33 6.19 -10.26 -57.63
C ARG F 33 4.95 -10.28 -56.74
N PRO F 34 4.51 -11.47 -56.34
CA PRO F 34 3.34 -11.55 -55.46
C PRO F 34 3.55 -10.96 -54.07
N ASP F 35 4.80 -10.86 -53.60
CA ASP F 35 5.05 -10.19 -52.33
C ASP F 35 4.81 -8.68 -52.42
N ILE F 36 5.28 -8.06 -53.51
CA ILE F 36 5.03 -6.65 -53.78
C ILE F 36 3.55 -6.41 -53.99
N VAL F 37 2.87 -7.32 -54.71
CA VAL F 37 1.42 -7.17 -54.94
C VAL F 37 0.67 -7.26 -53.61
N ASN F 38 1.04 -8.20 -52.74
CA ASN F 38 0.41 -8.33 -51.44
C ASN F 38 0.64 -7.10 -50.57
N PHE F 39 1.87 -6.58 -50.55
CA PHE F 39 2.20 -5.38 -49.78
C PHE F 39 1.38 -4.18 -50.26
N VAL F 40 1.40 -3.93 -51.58
CA VAL F 40 0.74 -2.76 -52.13
C VAL F 40 -0.77 -2.88 -51.95
N HIS F 41 -1.31 -4.10 -52.09
CA HIS F 41 -2.73 -4.34 -51.91
C HIS F 41 -3.13 -4.13 -50.45
N THR F 42 -2.28 -4.55 -49.52
CA THR F 42 -2.56 -4.41 -48.10
C THR F 42 -2.69 -2.95 -47.70
N ASN F 43 -1.71 -2.13 -48.11
CA ASN F 43 -1.78 -0.72 -47.75
C ASN F 43 -2.88 0.03 -48.52
N LEU F 44 -3.03 -0.24 -49.83
CA LEU F 44 -4.05 0.44 -50.60
C LEU F 44 -5.46 0.03 -50.20
N ARG F 45 -5.63 -1.18 -49.64
CA ARG F 45 -6.93 -1.56 -49.11
C ARG F 45 -7.16 -1.01 -47.72
N LYS F 46 -6.09 -0.68 -46.98
CA LYS F 46 -6.28 0.12 -45.80
C LYS F 46 -6.76 1.53 -46.15
N ASN F 47 -6.46 1.99 -47.36
CA ASN F 47 -6.65 3.41 -47.71
C ASN F 47 -8.10 3.83 -47.92
N ASN F 48 -9.10 2.98 -47.79
CA ASN F 48 -10.47 3.42 -48.03
C ASN F 48 -11.39 3.18 -46.84
N ARG F 49 -10.84 3.21 -45.62
CA ARG F 49 -11.66 2.91 -44.47
C ARG F 49 -12.27 4.17 -43.88
N GLN F 50 -13.43 4.02 -43.29
CA GLN F 50 -14.03 5.06 -42.47
C GLN F 50 -13.61 4.87 -41.04
N PRO F 51 -13.41 5.94 -40.28
CA PRO F 51 -12.96 5.77 -38.90
C PRO F 51 -14.08 5.31 -37.98
N TYR F 52 -13.67 4.60 -36.94
CA TYR F 52 -14.56 4.31 -35.84
C TYR F 52 -13.86 4.65 -34.55
N ALA F 53 -14.67 4.97 -33.54
CA ALA F 53 -14.20 5.33 -32.21
C ALA F 53 -15.39 5.27 -31.28
N VAL F 54 -15.13 5.02 -30.00
CA VAL F 54 -16.22 5.12 -29.05
C VAL F 54 -16.36 6.59 -28.71
N SER F 55 -17.45 6.95 -28.05
CA SER F 55 -17.64 8.33 -27.62
C SER F 55 -16.64 8.68 -26.52
N GLU F 56 -16.13 9.91 -26.59
CA GLU F 56 -15.12 10.39 -25.65
C GLU F 56 -15.66 10.62 -24.25
N LEU F 57 -16.98 10.62 -24.06
CA LEU F 57 -17.58 10.74 -22.75
C LEU F 57 -18.07 9.40 -22.21
N ALA F 58 -17.87 8.31 -22.94
CA ALA F 58 -18.49 7.03 -22.59
C ALA F 58 -17.85 6.48 -21.33
N GLY F 59 -18.66 6.30 -20.30
CA GLY F 59 -18.19 5.82 -19.03
C GLY F 59 -17.65 6.87 -18.09
N HIS F 60 -17.75 8.14 -18.44
CA HIS F 60 -17.15 9.18 -17.64
C HIS F 60 -18.12 10.27 -17.24
N GLN F 61 -19.40 10.14 -17.55
CA GLN F 61 -20.40 11.12 -17.12
C GLN F 61 -21.13 10.62 -15.88
N THR F 62 -20.35 10.43 -14.82
CA THR F 62 -20.82 9.73 -13.65
C THR F 62 -20.70 10.55 -12.38
N SER F 63 -19.53 11.12 -12.07
CA SER F 63 -19.17 11.60 -10.73
C SER F 63 -19.21 10.46 -9.71
N ALA F 64 -18.25 9.58 -9.83
CA ALA F 64 -18.04 8.53 -8.85
C ALA F 64 -16.81 8.85 -8.03
N GLU F 65 -16.82 8.40 -6.79
CA GLU F 65 -15.73 8.62 -5.86
C GLU F 65 -15.25 7.26 -5.37
N SER F 66 -14.04 7.21 -4.81
CA SER F 66 -13.40 5.95 -4.54
C SER F 66 -13.56 5.47 -3.11
N TRP F 67 -14.55 6.00 -2.38
CA TRP F 67 -15.20 5.33 -1.24
C TRP F 67 -14.26 5.00 -0.08
N GLY F 68 -13.02 5.49 -0.09
CA GLY F 68 -12.08 5.29 0.98
C GLY F 68 -11.58 3.85 0.99
N THR F 69 -11.05 3.46 2.14
CA THR F 69 -10.46 2.14 2.32
C THR F 69 -10.87 1.51 3.64
N GLY F 70 -11.52 2.23 4.55
CA GLY F 70 -12.01 1.62 5.76
C GLY F 70 -13.19 0.70 5.55
N ARG F 71 -14.06 1.02 4.61
CA ARG F 71 -15.10 0.08 4.23
C ARG F 71 -14.51 -1.13 3.53
N ALA F 72 -15.11 -2.29 3.79
CA ALA F 72 -14.57 -3.57 3.31
C ALA F 72 -15.01 -3.87 1.88
N VAL F 73 -14.57 -3.02 0.95
CA VAL F 73 -14.88 -3.14 -0.46
C VAL F 73 -13.63 -2.69 -1.22
N ALA F 74 -13.54 -3.09 -2.48
CA ALA F 74 -12.41 -2.68 -3.30
C ALA F 74 -12.44 -1.18 -3.55
N ARG F 75 -11.26 -0.61 -3.75
CA ARG F 75 -11.09 0.83 -3.77
C ARG F 75 -11.43 1.47 -5.09
N ILE F 76 -12.18 0.78 -5.95
CA ILE F 76 -12.66 1.26 -7.24
C ILE F 76 -13.57 2.47 -7.01
N PRO F 77 -13.65 3.44 -7.91
CA PRO F 77 -14.63 4.53 -7.74
C PRO F 77 -16.06 4.05 -7.87
N ARG F 78 -16.87 4.41 -6.89
CA ARG F 78 -18.25 3.95 -6.78
C ARG F 78 -19.21 5.11 -7.00
N VAL F 79 -20.31 4.81 -7.69
CA VAL F 79 -21.34 5.80 -8.00
C VAL F 79 -21.94 6.39 -6.74
N ARG F 80 -21.95 7.71 -6.69
CA ARG F 80 -22.39 8.47 -5.53
C ARG F 80 -23.88 8.75 -5.64
N GLY F 81 -24.60 8.59 -4.54
CA GLY F 81 -26.04 8.68 -4.59
C GLY F 81 -26.71 8.01 -3.41
N GLY F 82 -27.62 7.08 -3.68
CA GLY F 82 -28.32 6.46 -2.58
C GLY F 82 -29.80 6.16 -2.79
N GLY F 83 -30.28 6.19 -4.03
CA GLY F 83 -31.67 5.86 -4.21
C GLY F 83 -32.04 4.86 -5.29
N THR F 84 -31.05 4.29 -5.96
CA THR F 84 -31.30 3.48 -7.14
C THR F 84 -30.37 2.28 -7.12
N HIS F 85 -30.46 1.43 -8.16
CA HIS F 85 -29.57 0.29 -8.27
C HIS F 85 -28.14 0.72 -8.50
N ARG F 86 -27.96 1.80 -9.26
CA ARG F 86 -26.65 2.30 -9.64
C ARG F 86 -25.83 2.78 -8.45
N SER F 87 -26.47 3.13 -7.34
CA SER F 87 -25.80 3.75 -6.20
C SER F 87 -24.80 2.81 -5.54
N GLY F 88 -23.56 3.25 -5.45
CA GLY F 88 -22.51 2.48 -4.84
C GLY F 88 -21.90 1.43 -5.74
N GLN F 89 -22.35 1.34 -6.99
CA GLN F 89 -21.75 0.41 -7.93
C GLN F 89 -20.43 0.99 -8.45
N GLY F 90 -19.52 0.10 -8.84
CA GLY F 90 -18.23 0.55 -9.34
C GLY F 90 -18.34 1.22 -10.68
N ALA F 91 -17.55 2.29 -10.87
CA ALA F 91 -17.57 3.08 -12.07
C ALA F 91 -16.14 3.39 -12.53
N PHE F 92 -16.07 3.94 -13.75
CA PHE F 92 -14.91 4.52 -14.45
C PHE F 92 -13.92 3.48 -14.94
N GLY F 93 -13.99 2.26 -14.45
CA GLY F 93 -12.93 1.31 -14.69
C GLY F 93 -13.20 0.46 -15.91
N ASN F 94 -12.12 -0.03 -16.52
CA ASN F 94 -12.25 -0.96 -17.64
C ASN F 94 -12.83 -2.29 -17.22
N MET F 95 -12.75 -2.65 -15.94
CA MET F 95 -13.31 -3.87 -15.42
C MET F 95 -14.71 -3.68 -14.83
N CYS F 96 -15.20 -2.45 -14.75
CA CYS F 96 -16.51 -2.19 -14.18
C CYS F 96 -17.60 -2.24 -15.23
N ARG F 97 -18.77 -2.76 -14.85
CA ARG F 97 -19.93 -2.72 -15.73
C ARG F 97 -20.41 -1.28 -15.86
N GLY F 98 -20.38 -0.76 -17.08
CA GLY F 98 -20.79 0.60 -17.31
C GLY F 98 -19.67 1.62 -17.37
N GLY F 99 -18.43 1.22 -17.13
CA GLY F 99 -17.32 2.13 -17.19
C GLY F 99 -16.88 2.40 -18.62
N ARG F 100 -15.65 2.86 -18.75
CA ARG F 100 -15.06 3.07 -20.06
C ARG F 100 -14.12 1.92 -20.37
N MET F 101 -13.94 1.65 -21.64
CA MET F 101 -13.04 0.59 -22.05
C MET F 101 -11.59 0.99 -21.80
N PHE F 102 -10.72 0.00 -21.75
CA PHE F 102 -9.29 0.27 -21.74
C PHE F 102 -8.87 0.86 -23.05
N ALA F 103 -8.12 1.97 -22.99
CA ALA F 103 -7.54 2.71 -24.10
C ALA F 103 -8.59 2.96 -25.16
N PRO F 104 -9.53 3.88 -24.93
CA PRO F 104 -10.64 4.07 -25.87
C PRO F 104 -10.12 4.48 -27.24
N THR F 105 -10.69 3.87 -28.26
CA THR F 105 -10.21 4.06 -29.61
C THR F 105 -10.50 5.47 -30.08
N LYS F 106 -9.53 6.08 -30.74
CA LYS F 106 -9.66 7.44 -31.23
C LYS F 106 -9.84 7.44 -32.73
N THR F 107 -10.32 8.57 -33.25
CA THR F 107 -10.44 8.69 -34.69
C THR F 107 -9.10 8.95 -35.36
N TRP F 108 -8.14 9.54 -34.63
CA TRP F 108 -6.84 9.87 -35.20
C TRP F 108 -5.91 8.67 -35.08
N ARG F 109 -6.36 7.56 -35.64
CA ARG F 109 -5.74 6.25 -35.52
C ARG F 109 -4.77 5.95 -36.66
N ARG F 110 -4.57 6.87 -37.61
CA ARG F 110 -3.74 6.65 -38.80
C ARG F 110 -4.27 5.45 -39.60
N TRP F 111 -5.44 5.69 -40.18
CA TRP F 111 -6.13 4.67 -40.96
C TRP F 111 -5.48 4.44 -42.31
N HIS F 112 -4.84 5.47 -42.86
CA HIS F 112 -4.41 5.44 -44.24
C HIS F 112 -2.91 5.19 -44.35
N ARG F 113 -2.51 4.66 -45.50
CA ARG F 113 -1.13 4.28 -45.75
C ARG F 113 -0.74 4.77 -47.14
N ARG F 114 0.40 5.41 -47.25
CA ARG F 114 0.86 5.87 -48.55
C ARG F 114 1.91 4.92 -49.08
N VAL F 115 1.83 4.64 -50.38
CA VAL F 115 2.70 3.71 -51.07
C VAL F 115 3.41 4.50 -52.15
N ASN F 116 4.67 4.18 -52.39
CA ASN F 116 5.43 4.81 -53.46
C ASN F 116 4.78 4.54 -54.82
N THR F 117 4.76 5.57 -55.67
CA THR F 117 4.14 5.46 -56.98
C THR F 117 4.82 4.39 -57.83
N THR F 118 6.15 4.29 -57.71
CA THR F 118 6.91 3.29 -58.44
C THR F 118 6.51 1.88 -58.03
N GLN F 119 6.26 1.67 -56.73
CA GLN F 119 5.84 0.36 -56.28
C GLN F 119 4.40 0.05 -56.66
N LYS F 120 3.54 1.07 -56.72
CA LYS F 120 2.16 0.82 -57.16
C LYS F 120 2.13 0.46 -58.63
N ARG F 121 2.96 1.15 -59.44
CA ARG F 121 3.11 0.79 -60.84
C ARG F 121 3.72 -0.60 -60.99
N TYR F 122 4.68 -0.92 -60.13
CA TYR F 122 5.28 -2.25 -60.10
C TYR F 122 4.23 -3.33 -59.87
N ALA F 123 3.36 -3.10 -58.89
CA ALA F 123 2.30 -4.05 -58.57
C ALA F 123 1.33 -4.21 -59.72
N ILE F 124 1.03 -3.11 -60.41
CA ILE F 124 0.16 -3.16 -61.58
C ILE F 124 0.76 -3.99 -62.70
N CYS F 125 2.04 -3.75 -63.01
CA CYS F 125 2.71 -4.50 -64.07
C CYS F 125 2.77 -5.99 -63.74
N SER F 126 3.07 -6.31 -62.48
CA SER F 126 3.11 -7.70 -62.03
C SER F 126 1.75 -8.37 -62.18
N ALA F 127 0.68 -7.68 -61.80
CA ALA F 127 -0.65 -8.29 -61.90
C ALA F 127 -1.07 -8.45 -63.36
N LEU F 128 -0.62 -7.55 -64.24
CA LEU F 128 -0.92 -7.67 -65.66
C LEU F 128 -0.23 -8.89 -66.26
N ALA F 129 1.07 -9.06 -65.96
CA ALA F 129 1.81 -10.23 -66.43
C ALA F 129 1.18 -11.53 -65.93
N ALA F 130 0.81 -11.55 -64.64
CA ALA F 130 0.19 -12.75 -64.10
C ALA F 130 -1.19 -13.01 -64.70
N SER F 131 -1.92 -11.95 -65.08
CA SER F 131 -3.15 -12.13 -65.84
C SER F 131 -2.88 -12.71 -67.21
N ALA F 132 -1.74 -12.39 -67.81
CA ALA F 132 -1.37 -13.02 -69.07
C ALA F 132 -1.03 -14.49 -68.90
N LEU F 133 -0.51 -14.89 -67.74
CA LEU F 133 -0.10 -16.29 -67.65
C LEU F 133 -1.33 -17.19 -67.42
N PRO F 134 -1.42 -18.32 -68.14
CA PRO F 134 -2.64 -19.13 -68.03
C PRO F 134 -2.78 -19.94 -66.76
N ALA F 135 -1.68 -20.49 -66.24
CA ALA F 135 -1.77 -21.31 -65.03
C ALA F 135 -2.18 -20.50 -63.82
N LEU F 136 -1.82 -19.22 -63.79
CA LEU F 136 -2.13 -18.37 -62.65
C LEU F 136 -3.58 -17.92 -62.64
N VAL F 137 -4.16 -17.66 -63.82
CA VAL F 137 -5.59 -17.33 -63.90
C VAL F 137 -6.45 -18.52 -63.53
N MET F 138 -6.03 -19.69 -63.97
CA MET F 138 -6.73 -20.91 -63.64
C MET F 138 -6.67 -21.13 -62.13
N SER F 139 -5.52 -20.81 -61.55
CA SER F 139 -5.28 -21.04 -60.14
C SER F 139 -6.10 -20.11 -59.25
N LYS F 140 -6.43 -18.92 -59.73
CA LYS F 140 -7.49 -18.13 -59.10
C LYS F 140 -8.85 -18.78 -59.24
N GLY F 141 -9.05 -19.63 -60.24
CA GLY F 141 -10.23 -20.47 -60.27
C GLY F 141 -11.29 -19.85 -61.13
N HIS F 142 -10.92 -19.45 -62.34
CA HIS F 142 -11.75 -18.59 -63.16
C HIS F 142 -12.47 -19.32 -64.28
N ARG F 143 -12.36 -20.65 -64.38
CA ARG F 143 -13.07 -21.49 -65.36
C ARG F 143 -12.78 -21.03 -66.79
N ILE F 144 -11.50 -21.04 -67.16
CA ILE F 144 -11.16 -20.70 -68.51
C ILE F 144 -10.69 -21.97 -69.18
N GLU F 145 -11.57 -22.60 -69.94
CA GLU F 145 -11.19 -23.82 -70.65
C GLU F 145 -11.59 -23.79 -72.12
N GLU F 146 -12.69 -23.12 -72.47
CA GLU F 146 -13.03 -22.95 -73.88
C GLU F 146 -12.66 -21.57 -74.40
N VAL F 147 -11.98 -20.76 -73.59
CA VAL F 147 -11.52 -19.46 -74.11
C VAL F 147 -10.37 -19.69 -75.08
N PRO F 148 -10.42 -19.13 -76.29
CA PRO F 148 -9.21 -19.14 -77.12
C PRO F 148 -8.43 -17.86 -76.88
N GLU F 149 -7.09 -18.00 -76.82
CA GLU F 149 -6.15 -16.89 -76.78
C GLU F 149 -6.40 -16.03 -75.54
N LEU F 150 -5.97 -16.54 -74.37
CA LEU F 150 -6.31 -16.00 -73.06
C LEU F 150 -6.15 -14.49 -72.88
N PRO F 151 -5.09 -13.81 -73.40
CA PRO F 151 -5.23 -12.36 -73.48
C PRO F 151 -6.28 -12.07 -74.55
N LEU F 152 -7.48 -11.77 -74.09
CA LEU F 152 -8.69 -11.83 -74.91
C LEU F 152 -9.03 -10.43 -75.35
N VAL F 153 -8.90 -10.18 -76.65
CA VAL F 153 -9.08 -8.85 -77.22
C VAL F 153 -10.22 -8.90 -78.22
N VAL F 154 -11.09 -7.89 -78.17
CA VAL F 154 -12.23 -7.82 -79.08
C VAL F 154 -12.28 -6.47 -79.80
N GLU F 155 -13.34 -6.25 -80.58
CA GLU F 155 -13.49 -5.07 -81.41
C GLU F 155 -13.96 -3.88 -80.57
N ASP F 156 -14.43 -2.83 -81.23
CA ASP F 156 -14.93 -1.65 -80.55
C ASP F 156 -16.44 -1.47 -80.69
N LYS F 157 -17.10 -2.28 -81.53
CA LYS F 157 -18.55 -2.35 -81.47
C LYS F 157 -19.03 -2.73 -80.07
N VAL F 158 -18.28 -3.60 -79.38
CA VAL F 158 -18.64 -3.91 -78.00
C VAL F 158 -18.42 -2.73 -77.05
N GLU F 159 -17.52 -1.79 -77.39
CA GLU F 159 -17.46 -0.53 -76.67
C GLU F 159 -18.63 0.36 -77.02
N GLY F 160 -19.19 0.16 -78.20
CA GLY F 160 -20.41 0.81 -78.63
C GLY F 160 -21.69 0.09 -78.24
N TYR F 161 -21.59 -1.03 -77.51
CA TYR F 161 -22.76 -1.78 -77.08
C TYR F 161 -23.65 -0.95 -76.16
N LYS F 162 -24.92 -1.36 -76.09
CA LYS F 162 -25.92 -0.62 -75.33
C LYS F 162 -26.77 -1.49 -74.42
N LYS F 163 -26.85 -2.80 -74.65
CA LYS F 163 -27.80 -3.62 -73.94
C LYS F 163 -27.17 -4.84 -73.30
N THR F 164 -27.78 -5.24 -72.19
CA THR F 164 -27.31 -6.39 -71.42
C THR F 164 -27.51 -7.68 -72.20
N LYS F 165 -28.52 -7.74 -73.07
CA LYS F 165 -28.76 -8.94 -73.88
C LYS F 165 -27.56 -9.18 -74.80
N GLU F 166 -27.12 -8.15 -75.51
CA GLU F 166 -26.02 -8.36 -76.44
C GLU F 166 -24.69 -8.49 -75.70
N ALA F 167 -24.55 -7.88 -74.51
CA ALA F 167 -23.35 -8.15 -73.70
C ALA F 167 -23.28 -9.60 -73.22
N VAL F 168 -24.40 -10.14 -72.73
CA VAL F 168 -24.45 -11.55 -72.29
C VAL F 168 -24.24 -12.47 -73.48
N LEU F 169 -24.79 -12.09 -74.64
CA LEU F 169 -24.59 -12.88 -75.85
C LEU F 169 -23.13 -12.90 -76.27
N LEU F 170 -22.46 -11.74 -76.16
CA LEU F 170 -21.03 -11.68 -76.44
C LEU F 170 -20.23 -12.56 -75.51
N LEU F 171 -20.55 -12.55 -74.22
CA LEU F 171 -19.83 -13.42 -73.28
C LEU F 171 -20.12 -14.90 -73.53
N LYS F 172 -21.34 -15.24 -73.94
CA LYS F 172 -21.63 -16.64 -74.28
C LYS F 172 -20.85 -17.05 -75.52
N LYS F 173 -20.74 -16.17 -76.51
CA LYS F 173 -20.00 -16.49 -77.73
C LYS F 173 -18.50 -16.53 -77.48
N LEU F 174 -18.03 -15.80 -76.47
CA LEU F 174 -16.63 -15.75 -76.09
C LEU F 174 -16.27 -16.75 -75.01
N LYS F 175 -17.25 -17.50 -74.50
CA LYS F 175 -17.07 -18.61 -73.55
C LYS F 175 -16.57 -18.17 -72.16
N ALA F 176 -16.99 -16.99 -71.69
CA ALA F 176 -16.81 -16.58 -70.30
C ALA F 176 -18.04 -16.82 -69.45
N TRP F 177 -19.10 -17.36 -70.04
CA TRP F 177 -20.34 -17.57 -69.31
C TRP F 177 -20.21 -18.62 -68.23
N ASN F 178 -19.23 -19.53 -68.35
CA ASN F 178 -19.03 -20.48 -67.26
C ASN F 178 -18.44 -19.80 -66.03
N ASP F 179 -17.62 -18.77 -66.23
CA ASP F 179 -17.15 -17.96 -65.11
C ASP F 179 -18.30 -17.17 -64.50
N ILE F 180 -19.19 -16.64 -65.34
CA ILE F 180 -20.34 -15.91 -64.80
C ILE F 180 -21.27 -16.85 -64.03
N LYS F 181 -21.51 -18.05 -64.56
CA LYS F 181 -22.33 -19.04 -63.87
C LYS F 181 -21.68 -19.49 -62.57
N LYS F 182 -20.35 -19.50 -62.52
CA LYS F 182 -19.68 -19.81 -61.25
C LYS F 182 -19.92 -18.72 -60.23
N VAL F 183 -19.95 -17.45 -60.67
CA VAL F 183 -20.31 -16.35 -59.79
C VAL F 183 -21.73 -16.51 -59.25
N TYR F 184 -22.67 -16.79 -60.16
CA TYR F 184 -24.07 -17.06 -59.79
C TYR F 184 -24.20 -18.17 -58.77
N ALA F 185 -23.45 -19.26 -58.97
CA ALA F 185 -23.44 -20.36 -58.00
C ALA F 185 -22.76 -19.96 -56.71
N SER F 186 -21.85 -18.99 -56.76
CA SER F 186 -21.11 -18.55 -55.59
C SER F 186 -21.88 -17.58 -54.72
N GLN F 187 -22.99 -17.04 -55.21
CA GLN F 187 -23.77 -16.10 -54.41
C GLN F 187 -24.38 -16.80 -53.19
N ARG F 188 -24.10 -16.27 -51.99
CA ARG F 188 -24.69 -16.77 -50.76
C ARG F 188 -24.55 -15.71 -49.69
N MET F 189 -25.02 -16.03 -48.48
CA MET F 189 -25.00 -15.07 -47.38
C MET F 189 -23.63 -15.05 -46.70
N ARG F 190 -23.34 -13.93 -46.07
CA ARG F 190 -22.15 -13.87 -45.23
C ARG F 190 -22.39 -14.60 -43.91
N ALA F 191 -21.31 -14.77 -43.16
CA ALA F 191 -21.36 -15.35 -41.82
C ALA F 191 -20.88 -14.32 -40.83
N GLY F 192 -21.76 -13.92 -39.90
CA GLY F 192 -21.37 -13.02 -38.84
C GLY F 192 -22.12 -11.70 -38.86
N LYS F 193 -21.46 -10.67 -38.33
CA LYS F 193 -22.03 -9.35 -38.11
C LYS F 193 -22.11 -8.48 -39.34
N GLY F 194 -21.50 -8.89 -40.46
CA GLY F 194 -21.58 -8.10 -41.67
C GLY F 194 -23.00 -7.97 -42.20
N LYS F 195 -23.83 -8.97 -41.95
CA LYS F 195 -25.24 -8.90 -42.31
C LYS F 195 -25.95 -7.80 -41.55
N MET F 196 -25.69 -7.66 -40.26
CA MET F 196 -26.24 -6.52 -39.54
C MET F 196 -25.58 -5.22 -39.97
N ARG F 197 -24.36 -5.30 -40.49
CA ARG F 197 -23.59 -4.13 -40.86
C ARG F 197 -23.56 -3.90 -42.37
N ASN F 198 -24.64 -4.29 -43.06
CA ASN F 198 -25.02 -4.01 -44.46
C ASN F 198 -24.35 -4.88 -45.50
N ARG F 199 -23.50 -5.84 -45.12
CA ARG F 199 -22.89 -6.77 -46.06
C ARG F 199 -23.54 -8.16 -45.95
N ARG F 200 -24.80 -8.26 -46.38
CA ARG F 200 -25.51 -9.54 -46.30
C ARG F 200 -24.92 -10.54 -47.28
N ARG F 201 -24.90 -10.18 -48.56
CA ARG F 201 -24.72 -11.13 -49.64
C ARG F 201 -23.31 -11.03 -50.18
N ILE F 202 -22.67 -12.18 -50.36
CA ILE F 202 -21.31 -12.25 -50.86
C ILE F 202 -21.32 -13.12 -52.10
N GLN F 203 -20.31 -12.93 -52.94
CA GLN F 203 -20.21 -13.67 -54.19
C GLN F 203 -18.79 -13.57 -54.71
N ARG F 204 -18.50 -14.40 -55.70
CA ARG F 204 -17.16 -14.49 -56.27
C ARG F 204 -16.87 -13.27 -57.14
N ARG F 205 -15.64 -13.21 -57.63
CA ARG F 205 -15.24 -12.22 -58.61
C ARG F 205 -15.26 -12.87 -59.99
N GLY F 206 -15.71 -12.11 -60.98
CA GLY F 206 -15.70 -12.56 -62.34
C GLY F 206 -14.63 -11.83 -63.12
N PRO F 207 -14.74 -11.83 -64.45
CA PRO F 207 -13.74 -11.14 -65.27
C PRO F 207 -13.86 -9.62 -65.22
N CYS F 208 -12.76 -8.99 -65.61
CA CYS F 208 -12.71 -7.57 -65.90
C CYS F 208 -12.85 -7.33 -67.40
N ILE F 209 -13.53 -6.24 -67.74
CA ILE F 209 -13.55 -5.71 -69.09
C ILE F 209 -12.76 -4.41 -69.06
N ILE F 210 -11.69 -4.35 -69.82
CA ILE F 210 -10.80 -3.20 -69.81
C ILE F 210 -10.96 -2.49 -71.15
N TYR F 211 -11.69 -1.38 -71.11
CA TYR F 211 -12.06 -0.57 -72.26
C TYR F 211 -11.19 0.69 -72.37
N ASN F 212 -11.32 1.36 -73.51
CA ASN F 212 -10.70 2.68 -73.74
C ASN F 212 -11.71 3.81 -73.78
N GLU F 213 -12.83 3.61 -74.47
CA GLU F 213 -13.91 4.58 -74.50
C GLU F 213 -15.18 3.94 -73.99
N ASP F 214 -16.02 4.75 -73.38
CA ASP F 214 -17.32 4.30 -72.92
C ASP F 214 -18.33 4.95 -73.85
N ASN F 215 -18.91 4.13 -74.71
CA ASN F 215 -20.04 4.55 -75.54
C ASN F 215 -21.25 3.70 -75.19
N GLY F 216 -21.39 3.38 -73.91
CA GLY F 216 -22.49 2.56 -73.44
C GLY F 216 -22.05 1.20 -72.95
N ILE F 217 -20.75 0.93 -72.92
CA ILE F 217 -20.28 -0.41 -72.55
C ILE F 217 -20.49 -0.67 -71.06
N ILE F 218 -20.36 0.34 -70.20
CA ILE F 218 -20.54 0.18 -68.76
C ILE F 218 -21.97 -0.21 -68.45
N LYS F 219 -22.92 0.50 -69.08
CA LYS F 219 -24.34 0.23 -68.92
C LYS F 219 -24.74 -1.06 -69.60
N ALA F 220 -24.09 -1.42 -70.71
CA ALA F 220 -24.36 -2.71 -71.35
C ALA F 220 -23.98 -3.84 -70.42
N PHE F 221 -22.83 -3.71 -69.79
CA PHE F 221 -22.42 -4.46 -68.60
C PHE F 221 -23.08 -3.79 -67.40
N ARG F 222 -22.41 -3.85 -66.24
CA ARG F 222 -22.80 -3.25 -64.95
C ARG F 222 -23.96 -4.01 -64.27
N ASN F 223 -24.66 -4.87 -64.99
CA ASN F 223 -25.73 -5.64 -64.39
C ASN F 223 -25.39 -7.12 -64.29
N ILE F 224 -24.45 -7.60 -65.08
CA ILE F 224 -24.01 -8.98 -64.98
C ILE F 224 -23.12 -9.11 -63.76
N PRO F 225 -23.39 -10.04 -62.85
CA PRO F 225 -22.66 -10.08 -61.58
C PRO F 225 -21.24 -10.56 -61.76
N GLY F 226 -20.31 -9.91 -61.05
CA GLY F 226 -18.93 -10.29 -61.11
C GLY F 226 -18.10 -9.50 -62.10
N ILE F 227 -18.73 -8.77 -63.02
CA ILE F 227 -18.03 -8.12 -64.11
C ILE F 227 -17.55 -6.76 -63.64
N THR F 228 -16.25 -6.50 -63.80
CA THR F 228 -15.68 -5.23 -63.38
C THR F 228 -15.16 -4.47 -64.59
N LEU F 229 -15.54 -3.21 -64.73
CA LEU F 229 -15.13 -2.39 -65.84
C LEU F 229 -13.94 -1.56 -65.38
N LEU F 230 -12.96 -1.35 -66.25
CA LEU F 230 -11.73 -0.82 -65.70
C LEU F 230 -11.14 0.46 -66.28
N ASN F 231 -11.31 0.74 -67.57
CA ASN F 231 -10.76 1.94 -68.22
C ASN F 231 -9.24 2.02 -68.10
N VAL F 232 -8.53 1.36 -69.03
CA VAL F 232 -7.09 1.12 -69.06
C VAL F 232 -6.20 2.30 -68.64
N SER F 233 -6.67 3.54 -68.88
CA SER F 233 -5.88 4.72 -68.53
C SER F 233 -5.78 4.90 -67.02
N LYS F 234 -6.79 4.44 -66.27
CA LYS F 234 -6.82 4.56 -64.82
C LYS F 234 -7.01 3.14 -64.28
N LEU F 235 -5.91 2.46 -63.96
CA LEU F 235 -5.93 1.03 -63.66
C LEU F 235 -5.73 0.82 -62.16
N ASN F 236 -6.51 -0.10 -61.59
CA ASN F 236 -6.65 -0.23 -60.14
C ASN F 236 -6.15 -1.60 -59.70
N ILE F 237 -5.18 -1.61 -58.79
CA ILE F 237 -4.63 -2.87 -58.30
C ILE F 237 -5.63 -3.58 -57.40
N LEU F 238 -6.54 -2.83 -56.76
CA LEU F 238 -7.55 -3.45 -55.90
C LEU F 238 -8.57 -4.26 -56.69
N LYS F 239 -8.69 -4.00 -57.98
CA LYS F 239 -9.55 -4.75 -58.87
C LYS F 239 -8.79 -5.67 -59.81
N LEU F 240 -7.48 -5.47 -59.98
CA LEU F 240 -6.69 -6.40 -60.77
C LEU F 240 -6.15 -7.56 -59.96
N ALA F 241 -6.01 -7.40 -58.65
CA ALA F 241 -5.57 -8.47 -57.77
C ALA F 241 -6.47 -8.42 -56.55
N PRO F 242 -7.66 -9.05 -56.63
CA PRO F 242 -8.72 -8.75 -55.66
C PRO F 242 -8.44 -9.13 -54.21
N GLY F 243 -7.86 -10.29 -53.94
CA GLY F 243 -7.53 -10.66 -52.59
C GLY F 243 -6.11 -10.40 -52.18
N GLY F 244 -5.36 -9.64 -52.98
CA GLY F 244 -3.92 -9.65 -52.92
C GLY F 244 -3.29 -10.76 -53.72
N HIS F 245 -4.09 -11.61 -54.34
CA HIS F 245 -3.62 -12.67 -55.21
C HIS F 245 -3.72 -12.24 -56.66
N VAL F 246 -2.68 -12.54 -57.41
CA VAL F 246 -2.67 -12.21 -58.82
C VAL F 246 -3.39 -13.28 -59.63
N GLY F 247 -3.86 -12.89 -60.81
CA GLY F 247 -4.41 -13.87 -61.72
C GLY F 247 -5.89 -13.71 -62.07
N ARG F 248 -6.39 -12.49 -62.14
CA ARG F 248 -7.79 -12.32 -62.49
C ARG F 248 -7.99 -12.32 -64.00
N PHE F 249 -9.07 -12.97 -64.44
CA PHE F 249 -9.42 -13.06 -65.84
C PHE F 249 -9.81 -11.69 -66.40
N CYS F 250 -9.21 -11.30 -67.52
CA CYS F 250 -9.44 -10.01 -68.13
C CYS F 250 -9.76 -10.17 -69.61
N ILE F 251 -10.64 -9.31 -70.10
CA ILE F 251 -11.01 -9.21 -71.50
C ILE F 251 -10.76 -7.77 -71.92
N TRP F 252 -9.99 -7.59 -72.98
CA TRP F 252 -9.54 -6.30 -73.44
C TRP F 252 -10.30 -5.90 -74.69
N THR F 253 -10.38 -4.60 -74.92
CA THR F 253 -10.74 -4.08 -76.22
C THR F 253 -9.48 -3.79 -77.02
N GLU F 254 -9.65 -3.64 -78.34
CA GLU F 254 -8.49 -3.44 -79.20
C GLU F 254 -7.85 -2.07 -78.96
N SER F 255 -8.66 -1.08 -78.62
CA SER F 255 -8.13 0.25 -78.39
C SER F 255 -7.34 0.31 -77.08
N ALA F 256 -7.89 -0.29 -76.01
CA ALA F 256 -7.18 -0.39 -74.75
C ALA F 256 -5.93 -1.25 -74.87
N PHE F 257 -6.01 -2.34 -75.63
CA PHE F 257 -4.88 -3.23 -75.76
C PHE F 257 -3.75 -2.58 -76.56
N ARG F 258 -4.09 -1.69 -77.50
CA ARG F 258 -3.05 -0.90 -78.15
C ARG F 258 -2.54 0.22 -77.25
N LYS F 259 -3.39 0.78 -76.40
CA LYS F 259 -2.95 1.87 -75.54
C LYS F 259 -2.01 1.41 -74.44
N LEU F 260 -2.06 0.12 -74.08
CA LEU F 260 -1.20 -0.41 -73.02
C LEU F 260 0.28 -0.14 -73.27
N ASP F 261 0.70 -0.27 -74.52
CA ASP F 261 2.12 -0.18 -74.86
C ASP F 261 2.62 1.25 -74.81
N GLU F 262 1.71 2.22 -74.82
CA GLU F 262 2.04 3.62 -74.58
C GLU F 262 1.81 4.04 -73.15
N LEU F 263 0.93 3.34 -72.43
CA LEU F 263 0.74 3.60 -71.01
C LEU F 263 1.92 3.14 -70.17
N TYR F 264 2.53 1.99 -70.49
CA TYR F 264 3.62 1.49 -69.66
C TYR F 264 4.94 1.36 -70.40
N GLY F 265 4.95 1.49 -71.73
CA GLY F 265 6.16 1.40 -72.51
C GLY F 265 6.71 0.00 -72.66
N THR F 266 7.55 -0.21 -73.67
CA THR F 266 8.35 -1.42 -73.80
C THR F 266 9.60 -1.27 -72.94
N TRP F 267 10.63 -2.09 -73.17
CA TRP F 267 11.93 -1.73 -72.63
C TRP F 267 12.75 -0.83 -73.55
N ARG F 268 12.53 -0.91 -74.87
CA ARG F 268 13.32 -0.09 -75.79
C ARG F 268 12.92 1.38 -75.75
N LYS F 269 11.72 1.71 -75.27
CA LYS F 269 11.32 3.09 -75.10
C LYS F 269 10.53 3.21 -73.81
N ALA F 270 10.46 4.41 -73.29
CA ALA F 270 9.77 4.68 -72.05
C ALA F 270 8.29 4.89 -72.32
N ALA F 271 7.51 5.09 -71.27
CA ALA F 271 6.09 5.35 -71.44
C ALA F 271 5.88 6.76 -71.94
N SER F 272 4.88 6.92 -72.80
CA SER F 272 4.55 8.22 -73.38
C SER F 272 3.40 8.91 -72.68
N LEU F 273 2.78 8.25 -71.71
CA LEU F 273 1.68 8.85 -70.95
C LEU F 273 1.96 8.87 -69.47
N LYS F 274 3.14 8.45 -69.05
CA LYS F 274 3.53 8.58 -67.65
C LYS F 274 4.77 9.45 -67.45
N SER F 275 5.31 9.97 -68.53
CA SER F 275 6.45 10.88 -68.51
C SER F 275 7.80 10.33 -68.11
N ASN F 276 7.94 9.84 -66.89
CA ASN F 276 9.21 9.34 -66.40
C ASN F 276 9.26 7.86 -66.10
N TYR F 277 8.31 7.10 -66.61
CA TYR F 277 8.26 5.69 -66.26
C TYR F 277 8.60 4.65 -67.30
N ASN F 278 9.45 3.71 -66.90
CA ASN F 278 9.83 2.58 -67.72
C ASN F 278 9.68 1.30 -66.91
N LEU F 279 9.57 0.18 -67.61
CA LEU F 279 9.26 -1.09 -66.97
C LEU F 279 10.42 -1.55 -66.09
N PRO F 280 10.12 -2.23 -65.00
CA PRO F 280 11.20 -2.72 -64.13
C PRO F 280 11.95 -3.86 -64.78
N MET F 281 13.19 -4.01 -64.37
CA MET F 281 14.06 -5.00 -64.99
C MET F 281 13.96 -6.34 -64.27
N HIS F 282 14.27 -7.40 -64.99
CA HIS F 282 14.30 -8.71 -64.38
C HIS F 282 15.64 -8.91 -63.68
N LYS F 283 15.58 -9.64 -62.57
CA LYS F 283 16.75 -10.12 -61.88
C LYS F 283 17.21 -11.47 -62.41
N MET F 284 16.40 -12.10 -63.24
CA MET F 284 16.68 -13.42 -63.75
C MET F 284 16.02 -13.49 -65.12
N ILE F 285 16.81 -13.51 -66.20
CA ILE F 285 16.16 -13.34 -67.50
C ILE F 285 15.57 -14.66 -67.98
N ASN F 286 16.08 -15.79 -67.54
CA ASN F 286 15.55 -17.10 -67.92
C ASN F 286 15.23 -17.78 -66.60
N THR F 287 13.94 -17.83 -66.29
CA THR F 287 13.44 -18.42 -65.05
C THR F 287 13.04 -19.87 -65.26
N ASP F 288 13.94 -20.63 -65.88
CA ASP F 288 13.70 -22.03 -66.24
C ASP F 288 14.86 -22.82 -65.66
N LEU F 289 14.67 -23.22 -64.39
CA LEU F 289 15.71 -23.91 -63.63
C LEU F 289 16.02 -25.25 -64.27
N SER F 290 14.99 -25.96 -64.74
CA SER F 290 15.19 -27.26 -65.35
C SER F 290 16.06 -27.15 -66.61
N ARG F 291 15.77 -26.16 -67.46
CA ARG F 291 16.60 -25.95 -68.64
C ARG F 291 18.02 -25.56 -68.28
N ILE F 292 18.22 -24.65 -67.30
CA ILE F 292 19.58 -24.24 -66.96
C ILE F 292 20.36 -25.40 -66.33
N LEU F 293 19.70 -26.24 -65.52
CA LEU F 293 20.46 -27.32 -64.86
C LEU F 293 20.70 -28.53 -65.77
N LYS F 294 19.84 -28.80 -66.75
CA LYS F 294 20.15 -29.84 -67.72
C LYS F 294 20.86 -29.30 -68.95
N SER F 295 21.23 -28.01 -68.94
CA SER F 295 22.10 -27.49 -69.96
C SER F 295 23.49 -28.14 -69.82
N PRO F 296 24.21 -28.35 -70.92
CA PRO F 296 25.43 -29.16 -70.86
C PRO F 296 26.61 -28.48 -70.17
N GLU F 297 26.63 -27.16 -70.10
CA GLU F 297 27.73 -26.45 -69.45
C GLU F 297 27.74 -26.68 -67.93
N ILE F 298 26.57 -26.51 -67.29
CA ILE F 298 26.42 -26.80 -65.87
C ILE F 298 26.72 -28.27 -65.57
N GLN F 299 26.20 -29.16 -66.43
CA GLN F 299 26.41 -30.61 -66.28
C GLN F 299 27.87 -30.98 -66.41
N ARG F 300 28.59 -30.28 -67.27
CA ARG F 300 30.01 -30.51 -67.42
C ARG F 300 30.77 -30.02 -66.20
N ALA F 301 30.31 -28.93 -65.59
CA ALA F 301 31.00 -28.39 -64.44
C ALA F 301 30.69 -29.09 -63.12
N LEU F 302 29.64 -29.91 -63.05
CA LEU F 302 29.28 -30.55 -61.79
C LEU F 302 30.25 -31.68 -61.43
N ARG F 303 30.02 -32.28 -60.27
CA ARG F 303 30.66 -33.52 -59.85
C ARG F 303 29.62 -34.63 -59.84
N ALA F 304 30.05 -35.83 -59.50
CA ALA F 304 29.11 -36.94 -59.53
C ALA F 304 28.27 -36.98 -58.25
N PRO F 305 26.99 -37.32 -58.37
CA PRO F 305 26.12 -37.41 -57.20
C PRO F 305 26.44 -38.58 -56.29
N ARG F 306 26.07 -38.42 -55.02
CA ARG F 306 26.28 -39.42 -53.98
C ARG F 306 24.90 -39.94 -53.58
N LYS F 307 24.48 -41.03 -54.23
CA LYS F 307 23.12 -41.54 -54.07
C LYS F 307 23.07 -42.75 -53.16
N LYS F 308 24.19 -43.12 -52.54
CA LYS F 308 24.24 -44.25 -51.64
C LYS F 308 24.04 -43.76 -50.22
N ILE F 309 22.98 -44.22 -49.58
CA ILE F 309 22.66 -43.81 -48.22
C ILE F 309 23.45 -44.69 -47.27
N HIS F 310 24.18 -44.07 -46.35
CA HIS F 310 25.04 -44.81 -45.42
C HIS F 310 24.44 -44.73 -44.03
N ARG F 311 23.57 -45.70 -43.73
CA ARG F 311 22.89 -45.72 -42.45
C ARG F 311 23.83 -46.14 -41.32
N ARG F 312 23.34 -46.00 -40.10
CA ARG F 312 24.14 -46.31 -38.92
C ARG F 312 24.38 -47.80 -38.80
N VAL F 313 25.65 -48.18 -38.66
CA VAL F 313 26.00 -49.58 -38.46
C VAL F 313 25.78 -49.94 -37.00
N LEU F 314 25.41 -51.19 -36.75
CA LEU F 314 25.24 -51.68 -35.39
C LEU F 314 26.58 -52.20 -34.91
N LYS F 315 27.10 -51.61 -33.84
CA LYS F 315 28.40 -51.97 -33.30
C LYS F 315 28.32 -53.34 -32.64
N LYS F 316 28.71 -54.36 -33.38
CA LYS F 316 28.92 -55.65 -32.75
C LYS F 316 30.21 -55.60 -31.96
N ASN F 317 30.30 -56.47 -30.95
CA ASN F 317 31.45 -56.47 -30.06
C ASN F 317 32.49 -57.45 -30.59
N PRO F 318 33.67 -57.01 -31.01
CA PRO F 318 34.80 -57.94 -31.04
C PRO F 318 35.14 -58.35 -29.62
N LEU F 319 35.87 -59.46 -29.51
CA LEU F 319 36.22 -60.26 -28.33
C LEU F 319 35.04 -61.18 -28.00
N LYS F 320 33.90 -61.04 -28.67
CA LYS F 320 32.78 -61.97 -28.57
C LYS F 320 32.29 -62.38 -29.94
N ASN F 321 32.48 -61.53 -30.95
CA ASN F 321 32.11 -61.83 -32.33
C ASN F 321 33.39 -62.08 -33.11
N LEU F 322 33.59 -63.34 -33.52
CA LEU F 322 34.85 -63.75 -34.15
C LEU F 322 35.07 -63.05 -35.49
N ARG F 323 34.06 -63.04 -36.35
CA ARG F 323 34.30 -62.49 -37.67
C ARG F 323 34.29 -60.97 -37.69
N ILE F 324 33.68 -60.33 -36.70
CA ILE F 324 33.88 -58.90 -36.51
C ILE F 324 35.31 -58.63 -36.05
N MET F 325 35.82 -59.45 -35.13
CA MET F 325 37.21 -59.37 -34.69
C MET F 325 38.17 -59.56 -35.85
N LEU F 326 37.84 -60.45 -36.78
CA LEU F 326 38.71 -60.69 -37.92
C LEU F 326 38.59 -59.60 -38.98
N LYS F 327 37.41 -59.01 -39.11
CA LYS F 327 37.24 -57.82 -39.95
C LYS F 327 38.10 -56.68 -39.47
N LEU F 328 38.27 -56.56 -38.14
CA LEU F 328 39.14 -55.51 -37.63
C LEU F 328 40.61 -55.93 -37.68
N ASN F 329 40.94 -57.08 -37.10
CA ASN F 329 42.29 -57.57 -36.92
C ASN F 329 42.34 -59.02 -37.39
N PRO F 330 42.85 -59.28 -38.61
CA PRO F 330 42.79 -60.64 -39.16
C PRO F 330 43.77 -61.61 -38.53
N TYR F 331 44.76 -61.13 -37.80
CA TYR F 331 45.75 -61.99 -37.15
C TYR F 331 45.17 -62.73 -35.95
N ALA F 332 44.04 -62.26 -35.41
CA ALA F 332 43.45 -62.94 -34.26
C ALA F 332 42.96 -64.35 -34.56
N LYS F 333 42.69 -64.70 -35.82
CA LYS F 333 42.33 -66.09 -36.13
C LYS F 333 43.48 -67.04 -35.87
N THR F 334 44.68 -66.69 -36.35
CA THR F 334 45.81 -67.57 -36.11
C THR F 334 46.26 -67.51 -34.66
N MET F 335 46.12 -66.34 -34.01
CA MET F 335 46.37 -66.29 -32.57
C MET F 335 45.45 -67.23 -31.80
N ARG F 336 44.15 -67.15 -32.06
CA ARG F 336 43.16 -68.01 -31.42
C ARG F 336 43.43 -69.47 -31.74
N ARG F 337 43.77 -69.77 -32.99
CA ARG F 337 44.04 -71.15 -33.41
C ARG F 337 45.27 -71.70 -32.70
N ASN F 338 46.33 -70.90 -32.61
CA ASN F 338 47.54 -71.35 -31.93
C ASN F 338 47.30 -71.54 -30.45
N THR F 339 46.50 -70.65 -29.84
CA THR F 339 46.17 -70.82 -28.43
C THR F 339 45.34 -72.08 -28.19
N ILE F 340 44.38 -72.38 -29.08
CA ILE F 340 43.55 -73.57 -28.90
C ILE F 340 44.39 -74.83 -29.07
N LEU F 341 45.24 -74.87 -30.12
CA LEU F 341 46.09 -76.03 -30.35
C LEU F 341 47.08 -76.23 -29.22
N ARG F 342 47.68 -75.14 -28.73
CA ARG F 342 48.68 -75.25 -27.68
C ARG F 342 48.04 -75.68 -26.37
N GLN F 343 46.85 -75.17 -26.06
CA GLN F 343 46.19 -75.57 -24.82
C GLN F 343 45.72 -77.02 -24.89
N ALA F 344 45.23 -77.46 -26.06
CA ALA F 344 44.86 -78.86 -26.25
C ALA F 344 46.08 -79.75 -26.13
N ARG F 345 47.20 -79.33 -26.71
CA ARG F 345 48.43 -80.10 -26.65
C ARG F 345 48.95 -80.21 -25.22
N ASN F 346 48.93 -79.11 -24.47
CA ASN F 346 49.38 -79.15 -23.08
C ASN F 346 48.44 -79.99 -22.23
N HIS F 347 47.14 -79.93 -22.52
CA HIS F 347 46.17 -80.75 -21.79
C HIS F 347 46.38 -82.23 -22.06
N LYS F 348 46.61 -82.59 -23.32
CA LYS F 348 46.91 -83.97 -23.69
C LYS F 348 48.20 -84.44 -23.04
N LEU F 349 49.23 -83.59 -23.05
CA LEU F 349 50.50 -83.91 -22.43
C LEU F 349 50.34 -84.13 -20.92
N ARG F 350 49.50 -83.33 -20.28
CA ARG F 350 49.30 -83.47 -18.84
C ARG F 350 48.49 -84.72 -18.51
N VAL F 351 47.46 -85.05 -19.31
CA VAL F 351 46.73 -86.27 -18.96
C VAL F 351 47.52 -87.53 -19.31
N ASP F 352 48.37 -87.51 -20.34
CA ASP F 352 49.24 -88.67 -20.54
C ASP F 352 50.31 -88.74 -19.46
N LYS F 353 50.77 -87.59 -18.96
CA LYS F 353 51.71 -87.59 -17.84
C LYS F 353 51.07 -88.16 -16.59
N ALA F 354 49.81 -87.81 -16.33
CA ALA F 354 49.11 -88.34 -15.16
C ALA F 354 48.82 -89.83 -15.33
N ALA F 355 48.47 -90.26 -16.55
CA ALA F 355 48.26 -91.68 -16.81
C ALA F 355 49.56 -92.47 -16.66
N ALA F 356 50.68 -91.88 -17.11
CA ALA F 356 51.99 -92.50 -16.93
C ALA F 356 52.39 -92.55 -15.46
N ALA F 357 52.02 -91.53 -14.69
CA ALA F 357 52.29 -91.54 -13.26
C ALA F 357 51.48 -92.61 -12.55
N ALA F 358 50.22 -92.79 -12.94
CA ALA F 358 49.39 -93.83 -12.34
C ALA F 358 49.89 -95.21 -12.72
N ALA F 359 50.32 -95.38 -13.97
CA ALA F 359 50.88 -96.66 -14.42
C ALA F 359 52.19 -96.95 -13.72
N ALA F 360 53.00 -95.91 -13.46
CA ALA F 360 54.23 -96.10 -12.71
C ALA F 360 53.91 -96.50 -11.27
N LEU F 361 52.86 -95.92 -10.69
CA LEU F 361 52.40 -96.32 -9.35
C LEU F 361 51.99 -97.78 -9.32
N GLN F 362 51.20 -98.21 -10.31
CA GLN F 362 50.80 -99.62 -10.41
C GLN F 362 51.99 -100.53 -10.62
N ALA F 363 52.95 -100.11 -11.46
CA ALA F 363 54.11 -100.94 -11.79
C ALA F 363 55.11 -101.04 -10.65
N LYS F 364 55.15 -100.04 -9.75
CA LYS F 364 56.06 -100.11 -8.62
C LYS F 364 55.38 -100.54 -7.33
N SER F 365 54.04 -100.68 -7.33
CA SER F 365 53.37 -101.20 -6.15
C SER F 365 52.90 -102.63 -6.29
N ASP F 366 52.53 -103.07 -7.50
CA ASP F 366 51.84 -104.35 -7.66
C ASP F 366 52.59 -105.29 -8.61
N GLU F 367 53.91 -105.15 -8.71
CA GLU F 367 54.63 -105.98 -9.65
C GLU F 367 54.97 -107.34 -9.03
N LYS F 368 55.32 -107.36 -7.75
CA LYS F 368 55.71 -108.57 -7.00
C LYS F 368 56.78 -109.41 -7.68
N GLY G 1 84.09 0.97 32.13
CA GLY G 1 83.15 0.12 32.84
C GLY G 1 81.97 0.87 33.42
N PHE G 2 81.75 2.07 32.93
CA PHE G 2 80.63 2.92 33.34
C PHE G 2 79.76 3.35 32.17
N VAL G 3 80.33 3.64 31.04
CA VAL G 3 79.63 4.22 29.90
C VAL G 3 79.15 3.08 29.00
N LYS G 4 77.97 3.22 28.42
CA LYS G 4 77.49 2.25 27.44
C LYS G 4 78.32 2.35 26.18
N VAL G 5 78.83 1.22 25.71
CA VAL G 5 79.65 1.24 24.51
C VAL G 5 78.74 1.52 23.32
N VAL G 6 79.27 2.15 22.29
CA VAL G 6 78.48 2.53 21.14
C VAL G 6 78.69 1.56 20.00
N LYS G 7 79.94 1.20 19.73
CA LYS G 7 80.21 0.25 18.66
C LYS G 7 80.17 -1.15 19.27
N ASN G 8 78.94 -1.63 19.49
CA ASN G 8 78.72 -2.97 20.02
C ASN G 8 78.22 -3.90 18.92
N LYS G 9 77.77 -5.09 19.37
CA LYS G 9 77.39 -6.17 18.46
C LYS G 9 76.22 -5.76 17.58
N ALA G 10 75.19 -5.14 18.16
CA ALA G 10 74.05 -4.69 17.35
C ALA G 10 74.41 -3.53 16.43
N TYR G 11 75.36 -2.68 16.86
CA TYR G 11 75.87 -1.61 16.02
C TYR G 11 76.47 -2.16 14.73
N PHE G 12 77.38 -3.13 14.86
CA PHE G 12 77.93 -3.75 13.66
C PHE G 12 76.93 -4.65 12.96
N LYS G 13 75.90 -5.14 13.66
CA LYS G 13 74.90 -5.97 13.01
C LYS G 13 74.08 -5.18 12.02
N ARG G 14 73.73 -3.94 12.37
CA ARG G 14 72.94 -3.14 11.44
C ARG G 14 73.68 -1.93 10.92
N TYR G 15 75.00 -1.95 10.94
CA TYR G 15 75.77 -0.94 10.24
C TYR G 15 75.73 -1.21 8.74
N GLN G 16 75.51 -0.16 7.97
CA GLN G 16 75.57 -0.27 6.51
C GLN G 16 76.71 0.60 6.04
N VAL G 17 77.69 -0.01 5.39
CA VAL G 17 78.86 0.73 4.96
C VAL G 17 78.50 1.58 3.75
N LYS G 18 79.31 2.59 3.50
CA LYS G 18 79.12 3.41 2.32
C LYS G 18 79.81 2.72 1.16
N PHE G 19 79.74 3.33 -0.01
CA PHE G 19 80.46 2.84 -1.18
C PHE G 19 81.96 2.89 -0.91
N ARG G 20 82.71 2.05 -1.62
CA ARG G 20 84.13 1.89 -1.31
C ARG G 20 84.91 3.17 -1.55
N ARG G 21 84.69 3.80 -2.69
CA ARG G 21 85.40 5.02 -2.99
C ARG G 21 84.87 6.21 -2.21
N ARG G 22 83.63 6.12 -1.71
CA ARG G 22 83.15 7.15 -0.79
C ARG G 22 83.86 7.05 0.56
N ARG G 23 83.88 5.85 1.15
CA ARG G 23 84.54 5.70 2.44
C ARG G 23 86.07 5.68 2.32
N GLU G 24 86.60 5.68 1.11
CA GLU G 24 87.98 6.04 0.88
C GLU G 24 88.15 7.52 0.60
N GLY G 25 87.07 8.23 0.32
CA GLY G 25 87.15 9.66 0.22
C GLY G 25 87.64 10.16 -1.12
N LYS G 26 87.36 9.42 -2.20
CA LYS G 26 87.86 9.80 -3.51
C LYS G 26 86.78 10.13 -4.51
N THR G 27 85.55 9.70 -4.29
CA THR G 27 84.47 9.90 -5.26
C THR G 27 83.30 10.56 -4.57
N ASP G 28 82.80 11.65 -5.17
CA ASP G 28 81.54 12.28 -4.78
C ASP G 28 80.46 11.74 -5.70
N TYR G 29 79.62 10.84 -5.19
CA TYR G 29 78.65 10.16 -6.04
C TYR G 29 77.48 11.05 -6.43
N TYR G 30 77.20 12.10 -5.66
CA TYR G 30 76.27 13.15 -6.06
C TYR G 30 76.67 13.75 -7.40
N ALA G 31 77.86 14.35 -7.43
CA ALA G 31 78.37 14.95 -8.66
C ALA G 31 78.62 13.91 -9.72
N ARG G 32 78.99 12.68 -9.32
CA ARG G 32 79.24 11.62 -10.30
C ARG G 32 77.97 11.25 -11.02
N LYS G 33 76.87 11.05 -10.27
CA LYS G 33 75.57 10.78 -10.85
C LYS G 33 75.12 11.90 -11.76
N ARG G 34 75.35 13.15 -11.36
CA ARG G 34 74.92 14.22 -12.24
C ARG G 34 75.82 14.38 -13.47
N LEU G 35 77.07 13.90 -13.41
CA LEU G 35 78.05 14.20 -14.44
C LEU G 35 78.28 13.08 -15.46
N VAL G 36 78.15 11.82 -15.06
CA VAL G 36 78.52 10.72 -15.97
C VAL G 36 77.35 10.27 -16.84
N ILE G 37 76.13 10.29 -16.32
CA ILE G 37 75.02 9.54 -16.91
C ILE G 37 74.49 10.29 -18.13
N GLN G 38 74.29 9.55 -19.22
CA GLN G 38 73.77 10.06 -20.46
C GLN G 38 72.25 10.00 -20.45
N ASP G 39 71.63 10.90 -21.23
CA ASP G 39 70.20 10.84 -21.47
C ASP G 39 69.83 9.50 -22.11
N LYS G 40 68.68 8.96 -21.73
CA LYS G 40 68.31 7.64 -22.21
C LYS G 40 67.91 7.64 -23.68
N ASN G 41 67.50 8.77 -24.23
CA ASN G 41 67.27 8.84 -25.67
C ASN G 41 68.49 9.33 -26.41
N LYS G 42 69.64 8.73 -26.08
CA LYS G 42 70.87 8.84 -26.84
C LYS G 42 71.36 7.42 -27.09
N TYR G 43 71.07 6.56 -26.12
CA TYR G 43 71.11 5.10 -26.09
C TYR G 43 72.51 4.49 -26.11
N ASN G 44 73.46 5.14 -26.74
CA ASN G 44 74.82 4.59 -26.73
C ASN G 44 75.88 5.65 -26.91
N THR G 45 75.52 6.92 -27.02
CA THR G 45 76.48 7.99 -27.19
C THR G 45 77.34 8.09 -25.94
N PRO G 46 78.65 7.94 -26.05
CA PRO G 46 79.50 8.06 -24.87
C PRO G 46 79.52 9.50 -24.41
N LYS G 47 79.51 9.68 -23.11
CA LYS G 47 79.52 11.01 -22.52
C LYS G 47 80.89 11.24 -21.92
N TYR G 48 81.65 12.14 -22.52
CA TYR G 48 83.06 12.30 -22.22
C TYR G 48 83.25 13.38 -21.17
N ARG G 49 84.03 13.05 -20.16
CA ARG G 49 84.40 14.01 -19.14
C ARG G 49 85.91 14.01 -18.99
N MET G 50 86.46 15.19 -18.73
CA MET G 50 87.88 15.40 -18.60
C MET G 50 88.17 15.43 -17.11
N ILE G 51 88.70 14.34 -16.60
CA ILE G 51 89.04 14.27 -15.18
C ILE G 51 90.34 15.01 -14.98
N VAL G 52 90.37 15.92 -14.02
CA VAL G 52 91.61 16.59 -13.68
C VAL G 52 91.86 16.40 -12.18
N ARG G 53 93.02 15.85 -11.84
CA ARG G 53 93.42 15.59 -10.46
C ARG G 53 94.83 16.11 -10.24
N VAL G 54 94.99 17.03 -9.30
CA VAL G 54 96.30 17.57 -8.96
C VAL G 54 96.75 16.94 -7.64
N THR G 55 97.80 16.14 -7.70
CA THR G 55 98.35 15.50 -6.51
C THR G 55 99.41 16.41 -5.91
N ASN G 56 100.19 15.88 -4.97
CA ASN G 56 101.23 16.68 -4.34
C ASN G 56 102.39 16.98 -5.28
N ARG G 57 102.64 16.13 -6.27
CA ARG G 57 103.79 16.31 -7.15
C ARG G 57 103.46 16.12 -8.61
N ASP G 58 102.19 15.94 -8.97
CA ASP G 58 101.83 15.58 -10.32
C ASP G 58 100.45 16.12 -10.63
N ILE G 59 100.18 16.28 -11.91
CA ILE G 59 98.86 16.65 -12.42
C ILE G 59 98.45 15.57 -13.41
N ILE G 60 97.26 15.03 -13.23
CA ILE G 60 96.75 13.98 -14.09
C ILE G 60 95.53 14.53 -14.80
N CYS G 61 95.54 14.42 -16.12
CA CYS G 61 94.41 14.80 -16.95
C CYS G 61 94.02 13.60 -17.78
N GLN G 62 92.80 13.13 -17.60
CA GLN G 62 92.30 11.97 -18.30
C GLN G 62 91.02 12.36 -19.01
N ILE G 63 90.61 11.54 -19.97
CA ILE G 63 89.35 11.73 -20.66
C ILE G 63 88.65 10.39 -20.66
N ALA G 64 87.44 10.35 -20.10
CA ALA G 64 86.80 9.08 -19.84
C ALA G 64 85.34 9.18 -20.22
N TYR G 65 84.73 8.00 -20.37
CA TYR G 65 83.29 7.84 -20.42
C TYR G 65 82.95 6.55 -19.71
N ALA G 66 81.71 6.47 -19.23
CA ALA G 66 81.38 5.41 -18.30
C ALA G 66 80.73 4.25 -19.04
N ARG G 67 81.13 3.06 -18.68
CA ARG G 67 80.50 1.82 -19.08
C ARG G 67 79.99 1.14 -17.81
N ILE G 68 79.30 0.02 -17.98
CA ILE G 68 78.78 -0.67 -16.80
C ILE G 68 79.90 -1.39 -16.05
N GLU G 69 80.93 -1.84 -16.73
CA GLU G 69 82.02 -2.50 -16.03
C GLU G 69 83.04 -1.54 -15.46
N GLY G 70 82.92 -0.24 -15.72
CA GLY G 70 83.89 0.73 -15.24
C GLY G 70 84.18 1.76 -16.30
N ASP G 71 84.87 2.85 -15.96
CA ASP G 71 85.10 3.88 -16.95
C ASP G 71 86.13 3.42 -17.98
N MET G 72 86.18 4.16 -19.08
CA MET G 72 87.08 3.86 -20.20
C MET G 72 87.93 5.08 -20.48
N ILE G 73 89.22 5.02 -20.15
CA ILE G 73 90.10 6.14 -20.45
C ILE G 73 90.36 6.14 -21.95
N VAL G 74 90.26 7.31 -22.56
CA VAL G 74 90.57 7.51 -23.97
C VAL G 74 91.96 8.08 -24.15
N CYS G 75 92.26 9.18 -23.45
CA CYS G 75 93.59 9.74 -23.50
C CYS G 75 93.98 10.21 -22.10
N ALA G 76 95.29 10.26 -21.84
CA ALA G 76 95.81 10.63 -20.55
C ALA G 76 97.11 11.42 -20.71
N ALA G 77 97.22 12.54 -20.01
CA ALA G 77 98.45 13.32 -19.98
C ALA G 77 99.00 13.34 -18.57
N TYR G 78 100.28 13.69 -18.45
CA TYR G 78 100.95 13.65 -17.16
C TYR G 78 102.02 14.75 -17.06
N ALA G 79 102.06 15.39 -15.90
CA ALA G 79 103.16 16.31 -15.62
C ALA G 79 104.50 15.57 -15.49
N HIS G 80 104.50 14.29 -15.14
CA HIS G 80 105.76 13.57 -15.09
C HIS G 80 106.25 13.17 -16.49
N GLU G 81 105.37 13.16 -17.48
CA GLU G 81 105.81 12.98 -18.86
C GLU G 81 106.07 14.29 -19.57
N LEU G 82 105.66 15.41 -18.98
CA LEU G 82 106.05 16.72 -19.51
C LEU G 82 107.55 16.97 -19.71
N PRO G 83 108.51 16.57 -18.81
CA PRO G 83 109.88 17.03 -19.01
C PRO G 83 110.67 16.37 -20.13
N LYS G 84 110.06 15.56 -21.00
CA LYS G 84 110.82 15.03 -22.11
C LYS G 84 110.88 15.98 -23.30
N TYR G 85 110.47 17.24 -23.10
CA TYR G 85 110.77 18.38 -23.95
C TYR G 85 110.49 19.64 -23.17
N GLY G 86 111.21 20.70 -23.51
CA GLY G 86 110.97 22.01 -22.91
C GLY G 86 111.38 22.03 -21.45
N VAL G 87 110.37 22.02 -20.59
CA VAL G 87 110.55 22.17 -19.15
C VAL G 87 111.30 20.98 -18.58
N LYS G 88 111.91 21.18 -17.42
CA LYS G 88 112.53 20.08 -16.70
C LYS G 88 112.14 20.12 -15.24
N VAL G 89 111.89 21.32 -14.72
CA VAL G 89 111.51 21.53 -13.33
C VAL G 89 110.36 22.53 -13.32
N GLY G 90 109.62 22.56 -12.21
CA GLY G 90 108.49 23.45 -12.08
C GLY G 90 107.19 22.84 -12.53
N LEU G 91 107.02 21.56 -12.22
CA LEU G 91 105.76 20.86 -12.41
C LEU G 91 104.78 21.23 -11.29
N THR G 92 103.61 20.59 -11.32
CA THR G 92 102.41 20.76 -10.49
C THR G 92 102.09 22.22 -10.11
N ASN G 93 102.26 23.13 -11.06
CA ASN G 93 101.84 24.52 -10.93
C ASN G 93 100.95 24.86 -12.11
N TYR G 94 100.50 26.13 -12.17
CA TYR G 94 99.43 26.51 -13.10
C TYR G 94 99.90 26.42 -14.55
N ALA G 95 101.15 26.79 -14.81
CA ALA G 95 101.69 26.66 -16.15
C ALA G 95 101.83 25.21 -16.55
N ALA G 96 102.19 24.35 -15.59
CA ALA G 96 102.28 22.93 -15.86
C ALA G 96 100.91 22.34 -16.14
N ALA G 97 99.88 22.84 -15.46
CA ALA G 97 98.51 22.41 -15.72
C ALA G 97 98.07 22.82 -17.11
N TYR G 98 98.44 24.03 -17.54
CA TYR G 98 98.13 24.46 -18.90
C TYR G 98 98.78 23.58 -19.96
N CYS G 99 100.09 23.32 -19.82
CA CYS G 99 100.73 22.48 -20.84
C CYS G 99 100.21 21.04 -20.77
N THR G 100 99.81 20.56 -19.59
CA THR G 100 99.25 19.21 -19.48
C THR G 100 97.91 19.13 -20.19
N GLY G 101 97.04 20.12 -19.99
CA GLY G 101 95.76 20.15 -20.71
C GLY G 101 95.96 20.28 -22.21
N LEU G 102 96.93 21.11 -22.62
CA LEU G 102 97.25 21.26 -24.04
C LEU G 102 97.75 19.96 -24.64
N LEU G 103 98.61 19.25 -23.90
CA LEU G 103 99.15 17.98 -24.37
C LEU G 103 98.06 16.93 -24.48
N LEU G 104 97.12 16.92 -23.51
CA LEU G 104 96.02 15.96 -23.56
C LEU G 104 95.11 16.21 -24.75
N ALA G 105 94.80 17.49 -25.01
CA ALA G 105 93.95 17.84 -26.14
C ALA G 105 94.61 17.48 -27.47
N ARG G 106 95.89 17.85 -27.65
CA ARG G 106 96.57 17.59 -28.91
C ARG G 106 96.79 16.10 -29.14
N ARG G 107 97.06 15.35 -28.06
CA ARG G 107 97.21 13.91 -28.15
C ARG G 107 95.90 13.25 -28.56
N LEU G 108 94.78 13.70 -27.98
CA LEU G 108 93.49 13.13 -28.31
C LEU G 108 93.11 13.41 -29.76
N LEU G 109 93.25 14.65 -30.22
CA LEU G 109 92.77 14.88 -31.56
C LEU G 109 93.78 14.52 -32.65
N ASN G 110 95.07 14.31 -32.33
CA ASN G 110 95.87 13.67 -33.36
C ASN G 110 95.74 12.15 -33.32
N ARG G 111 95.27 11.59 -32.21
CA ARG G 111 94.83 10.20 -32.24
C ARG G 111 93.61 10.05 -33.13
N PHE G 112 92.68 11.00 -33.03
CA PHE G 112 91.48 10.98 -33.85
C PHE G 112 91.70 11.47 -35.27
N GLY G 113 92.85 12.07 -35.57
CA GLY G 113 93.15 12.47 -36.91
C GLY G 113 92.72 13.87 -37.27
N MET G 114 92.17 14.61 -36.32
CA MET G 114 91.70 15.96 -36.54
C MET G 114 92.74 17.01 -36.14
N ASP G 115 94.04 16.71 -36.30
CA ASP G 115 95.06 17.67 -35.91
C ASP G 115 95.28 18.74 -36.99
N LYS G 116 95.05 18.41 -38.27
CA LYS G 116 95.31 19.35 -39.36
C LYS G 116 94.26 20.46 -39.42
N ILE G 117 93.13 20.25 -38.78
CA ILE G 117 92.15 21.29 -38.49
C ILE G 117 92.15 21.38 -36.98
N TYR G 118 91.30 22.27 -36.41
CA TYR G 118 91.17 22.45 -34.96
C TYR G 118 92.51 22.78 -34.31
N GLU G 119 93.16 23.83 -34.81
CA GLU G 119 94.43 24.24 -34.24
C GLU G 119 94.28 25.01 -32.94
N GLY G 120 93.05 25.34 -32.53
CA GLY G 120 92.83 26.03 -31.27
C GLY G 120 93.36 27.44 -31.32
N GLN G 121 94.43 27.68 -30.56
CA GLN G 121 95.12 28.97 -30.55
C GLN G 121 96.61 28.69 -30.49
N VAL G 122 97.29 28.73 -31.65
CA VAL G 122 98.71 28.38 -31.69
C VAL G 122 99.56 29.42 -30.97
N GLU G 123 99.10 30.64 -30.84
CA GLU G 123 99.71 31.64 -29.99
C GLU G 123 98.85 31.76 -28.74
N VAL G 124 99.48 32.03 -27.60
CA VAL G 124 98.79 32.01 -26.32
C VAL G 124 98.48 33.45 -25.93
N THR G 125 97.18 33.77 -25.84
CA THR G 125 96.70 34.92 -25.11
C THR G 125 95.57 34.45 -24.20
N GLY G 126 95.58 34.92 -22.96
CA GLY G 126 94.70 34.32 -21.98
C GLY G 126 93.25 34.76 -22.01
N ASP G 127 92.66 34.87 -23.19
CA ASP G 127 91.33 35.43 -23.37
C ASP G 127 90.34 34.30 -23.65
N GLU G 128 89.07 34.68 -23.77
CA GLU G 128 88.02 33.71 -24.02
C GLU G 128 88.12 33.18 -25.45
N TYR G 129 88.28 31.88 -25.59
CA TYR G 129 88.28 31.23 -26.89
C TYR G 129 87.41 30.00 -26.82
N ASN G 130 86.66 29.74 -27.87
CA ASN G 130 85.88 28.51 -28.03
C ASN G 130 85.98 28.07 -29.47
N VAL G 131 86.26 26.78 -29.68
CA VAL G 131 86.36 26.25 -31.04
C VAL G 131 84.97 26.13 -31.65
N GLU G 132 84.93 26.12 -32.98
CA GLU G 132 83.70 25.95 -33.73
C GLU G 132 83.93 24.90 -34.80
N SER G 133 82.84 24.25 -35.20
CA SER G 133 82.93 23.12 -36.10
C SER G 133 82.84 23.61 -37.54
N ILE G 134 83.86 23.34 -38.33
CA ILE G 134 83.87 23.73 -39.73
C ILE G 134 82.96 22.78 -40.49
N ASP G 135 82.09 23.33 -41.33
CA ASP G 135 81.17 22.50 -42.10
C ASP G 135 81.93 21.67 -43.12
N GLY G 136 81.42 20.46 -43.36
CA GLY G 136 82.09 19.50 -44.22
C GLY G 136 83.21 18.72 -43.56
N GLN G 137 83.74 19.20 -42.46
CA GLN G 137 84.72 18.54 -41.63
C GLN G 137 84.04 17.91 -40.43
N PRO G 138 84.64 16.89 -39.80
CA PRO G 138 84.02 16.29 -38.61
C PRO G 138 83.91 17.26 -37.45
N GLY G 139 82.89 17.03 -36.61
CA GLY G 139 82.60 17.94 -35.53
C GLY G 139 83.66 17.95 -34.46
N ALA G 140 83.73 19.07 -33.74
CA ALA G 140 84.68 19.23 -32.66
C ALA G 140 84.35 18.31 -31.49
N PHE G 141 85.39 17.81 -30.84
CA PHE G 141 85.23 16.90 -29.71
C PHE G 141 84.61 17.64 -28.53
N THR G 142 83.57 17.07 -27.94
CA THR G 142 82.86 17.72 -26.84
C THR G 142 83.12 16.96 -25.54
N CYS G 143 83.57 17.68 -24.54
CA CYS G 143 83.93 17.10 -23.26
C CYS G 143 83.38 17.98 -22.15
N TYR G 144 83.15 17.40 -21.00
CA TYR G 144 82.80 18.19 -19.83
C TYR G 144 83.98 18.13 -18.87
N LEU G 145 83.85 18.75 -17.69
CA LEU G 145 84.98 18.83 -16.78
C LEU G 145 84.63 18.13 -15.47
N ASP G 146 85.45 17.16 -15.07
CA ASP G 146 85.33 16.48 -13.79
C ASP G 146 86.43 17.02 -12.88
N ALA G 147 86.02 17.87 -11.93
CA ALA G 147 86.92 18.49 -10.98
C ALA G 147 87.01 17.70 -9.68
N GLY G 148 86.10 16.77 -9.46
CA GLY G 148 86.20 15.89 -8.29
C GLY G 148 85.86 16.64 -7.02
N LEU G 149 86.68 16.43 -5.99
CA LEU G 149 86.50 17.10 -4.71
C LEU G 149 87.29 18.40 -4.60
N ALA G 150 87.89 18.85 -5.68
CA ALA G 150 88.66 20.09 -5.67
C ALA G 150 87.72 21.28 -5.54
N ARG G 151 87.96 22.12 -4.54
CA ARG G 151 87.12 23.30 -4.35
C ARG G 151 87.37 24.27 -5.48
N THR G 152 86.34 24.49 -6.31
CA THR G 152 86.47 25.39 -7.45
C THR G 152 86.41 26.83 -6.95
N THR G 153 87.53 27.54 -7.05
CA THR G 153 87.57 28.98 -6.82
C THR G 153 88.29 29.61 -8.00
N THR G 154 88.48 30.93 -7.95
CA THR G 154 89.22 31.61 -8.99
C THR G 154 90.71 31.32 -8.84
N GLY G 155 91.30 30.73 -9.87
CA GLY G 155 92.71 30.44 -9.86
C GLY G 155 93.00 29.02 -9.43
N ASN G 156 92.23 28.07 -9.93
CA ASN G 156 92.46 26.66 -9.65
C ASN G 156 93.12 26.00 -10.85
N LYS G 157 94.05 25.08 -10.56
CA LYS G 157 94.79 24.43 -11.63
C LYS G 157 93.92 23.48 -12.44
N VAL G 158 92.75 23.10 -11.94
CA VAL G 158 91.77 22.41 -12.77
C VAL G 158 91.27 23.32 -13.88
N PHE G 159 91.19 24.63 -13.63
CA PHE G 159 90.80 25.56 -14.67
C PHE G 159 91.98 25.91 -15.55
N GLY G 160 93.20 25.79 -14.99
CA GLY G 160 94.39 25.81 -15.83
C GLY G 160 94.39 24.70 -16.87
N ALA G 161 94.05 23.48 -16.43
CA ALA G 161 93.98 22.35 -17.33
C ALA G 161 92.83 22.51 -18.32
N LEU G 162 91.73 23.12 -17.88
CA LEU G 162 90.61 23.41 -18.79
C LEU G 162 91.03 24.37 -19.88
N LYS G 163 91.73 25.45 -19.51
CA LYS G 163 92.19 26.42 -20.50
C LYS G 163 93.21 25.79 -21.44
N GLY G 164 94.05 24.90 -20.91
CA GLY G 164 94.99 24.17 -21.75
C GLY G 164 94.29 23.30 -22.78
N ALA G 165 93.25 22.57 -22.37
CA ALA G 165 92.53 21.72 -23.29
C ALA G 165 91.74 22.53 -24.32
N VAL G 166 91.18 23.66 -23.89
CA VAL G 166 90.40 24.49 -24.82
C VAL G 166 91.31 25.13 -25.86
N ASP G 167 92.51 25.58 -25.44
CA ASP G 167 93.47 26.07 -26.43
C ASP G 167 94.03 24.94 -27.29
N GLY G 168 94.08 23.72 -26.75
CA GLY G 168 94.46 22.58 -27.57
C GLY G 168 93.45 22.29 -28.66
N GLY G 169 92.18 22.52 -28.38
CA GLY G 169 91.20 22.47 -29.44
C GLY G 169 89.91 21.78 -29.05
N LEU G 170 89.81 21.34 -27.80
CA LEU G 170 88.59 20.70 -27.36
C LEU G 170 87.51 21.76 -27.13
N SER G 171 86.27 21.30 -27.09
CA SER G 171 85.10 22.13 -26.82
C SER G 171 84.58 21.71 -25.46
N ILE G 172 84.96 22.46 -24.43
CA ILE G 172 84.50 22.23 -23.06
C ILE G 172 83.74 23.47 -22.63
N PRO G 173 82.46 23.34 -22.25
CA PRO G 173 81.68 24.54 -21.87
C PRO G 173 82.17 25.12 -20.56
N HIS G 174 82.37 26.42 -20.56
CA HIS G 174 82.96 27.11 -19.42
C HIS G 174 82.67 28.59 -19.51
N SER G 175 82.99 29.29 -18.43
CA SER G 175 83.01 30.73 -18.42
C SER G 175 84.33 31.18 -17.81
N THR G 176 84.71 32.41 -18.10
CA THR G 176 85.97 32.97 -17.62
C THR G 176 85.91 33.49 -16.20
N LYS G 177 84.87 33.11 -15.44
CA LYS G 177 84.76 33.58 -14.06
C LYS G 177 85.79 32.91 -13.16
N ARG G 178 86.04 31.63 -13.34
CA ARG G 178 87.01 30.94 -12.51
C ARG G 178 88.38 30.86 -13.18
N PHE G 179 88.85 31.98 -13.72
CA PHE G 179 90.19 32.09 -14.27
C PHE G 179 90.98 33.13 -13.48
N PRO G 180 92.29 32.95 -13.31
CA PRO G 180 93.06 33.87 -12.45
C PRO G 180 93.09 35.31 -12.90
N GLY G 181 92.69 35.62 -14.14
CA GLY G 181 92.57 37.00 -14.53
C GLY G 181 91.30 37.67 -14.10
N TYR G 182 90.34 36.91 -13.59
CA TYR G 182 89.02 37.43 -13.29
C TYR G 182 89.08 38.24 -12.00
N ASP G 183 88.48 39.41 -12.02
CA ASP G 183 88.37 40.24 -10.83
C ASP G 183 86.95 40.12 -10.31
N SER G 184 86.82 39.89 -9.00
CA SER G 184 85.51 39.65 -8.42
C SER G 184 84.73 40.95 -8.26
N GLU G 185 85.38 41.99 -7.71
CA GLU G 185 84.66 43.19 -7.29
C GLU G 185 84.19 44.03 -8.48
N SER G 186 84.86 43.94 -9.62
CA SER G 186 84.41 44.61 -10.83
C SER G 186 83.72 43.70 -11.83
N LYS G 187 83.65 42.40 -11.54
CA LYS G 187 83.09 41.36 -12.43
C LYS G 187 83.77 41.39 -13.81
N GLU G 188 85.07 41.67 -13.82
CA GLU G 188 85.82 41.94 -15.03
C GLU G 188 86.94 40.92 -15.18
N PHE G 189 87.22 40.56 -16.43
CA PHE G 189 88.26 39.60 -16.75
C PHE G 189 89.40 40.35 -17.43
N ASN G 190 90.59 40.28 -16.83
CA ASN G 190 91.71 41.08 -17.30
C ASN G 190 92.45 40.43 -18.46
N ALA G 191 92.71 39.13 -18.33
CA ALA G 191 93.28 38.20 -19.31
C ALA G 191 94.76 38.41 -19.59
N GLU G 192 95.32 39.56 -19.20
CA GLU G 192 96.77 39.73 -19.33
C GLU G 192 97.49 39.11 -18.14
N VAL G 193 96.94 39.26 -16.93
CA VAL G 193 97.47 38.51 -15.81
C VAL G 193 97.13 37.03 -15.92
N HIS G 194 96.08 36.68 -16.66
CA HIS G 194 95.82 35.29 -16.98
C HIS G 194 96.91 34.72 -17.88
N ARG G 195 97.27 35.47 -18.93
CA ARG G 195 98.41 35.10 -19.76
C ARG G 195 99.70 35.01 -18.95
N LYS G 196 99.87 35.90 -17.96
CA LYS G 196 101.02 35.82 -17.06
C LYS G 196 101.01 34.52 -16.27
N HIS G 197 99.85 34.14 -15.73
CA HIS G 197 99.74 32.89 -14.99
C HIS G 197 99.97 31.67 -15.89
N ILE G 198 99.56 31.76 -17.17
CA ILE G 198 99.82 30.68 -18.11
C ILE G 198 101.31 30.58 -18.40
N MET G 199 102.00 31.71 -18.59
CA MET G 199 103.43 31.71 -18.81
C MET G 199 104.24 31.52 -17.54
N GLY G 200 103.61 31.46 -16.38
CA GLY G 200 104.34 31.28 -15.14
C GLY G 200 105.09 32.50 -14.69
N GLN G 201 104.64 33.69 -15.08
CA GLN G 201 105.33 34.92 -14.72
C GLN G 201 105.20 35.26 -13.25
N ASN G 202 104.18 34.75 -12.56
CA ASN G 202 104.07 35.02 -11.13
C ASN G 202 105.15 34.29 -10.34
N VAL G 203 105.47 33.05 -10.76
CA VAL G 203 106.56 32.32 -10.11
C VAL G 203 107.89 32.97 -10.45
N ALA G 204 108.03 33.51 -11.67
CA ALA G 204 109.25 34.22 -12.05
C ALA G 204 109.41 35.50 -11.23
N ASP G 205 108.30 36.20 -10.97
CA ASP G 205 108.35 37.40 -10.14
C ASP G 205 108.68 37.06 -8.70
N TYR G 206 108.15 35.94 -8.20
CA TYR G 206 108.51 35.45 -6.87
C TYR G 206 110.00 35.12 -6.80
N MET G 207 110.54 34.52 -7.86
CA MET G 207 111.96 34.18 -7.90
C MET G 207 112.83 35.43 -7.90
N ARG G 208 112.46 36.43 -8.71
CA ARG G 208 113.22 37.67 -8.77
C ARG G 208 113.16 38.42 -7.45
N TYR G 209 111.98 38.44 -6.83
CA TYR G 209 111.79 39.09 -5.54
C TYR G 209 112.62 38.42 -4.45
N LEU G 210 112.59 37.08 -4.41
CA LEU G 210 113.42 36.35 -3.46
C LEU G 210 114.91 36.52 -3.73
N MET G 211 115.33 36.64 -5.00
CA MET G 211 116.75 36.88 -5.28
C MET G 211 117.20 38.24 -4.79
N GLU G 212 116.42 39.30 -5.10
CA GLU G 212 116.83 40.62 -4.63
C GLU G 212 116.65 40.80 -3.13
N GLU G 213 115.88 39.94 -2.48
CA GLU G 213 115.71 40.04 -1.03
C GLU G 213 116.66 39.17 -0.25
N ASP G 214 117.15 38.07 -0.84
CA ASP G 214 117.75 36.99 -0.08
C ASP G 214 118.54 36.10 -1.03
N GLU G 215 119.43 35.26 -0.46
CA GLU G 215 120.08 34.21 -1.23
C GLU G 215 119.75 32.82 -0.70
N ASP G 216 119.88 32.62 0.62
CA ASP G 216 119.73 31.27 1.18
C ASP G 216 118.28 30.80 1.27
N ALA G 217 117.35 31.68 1.65
CA ALA G 217 115.94 31.29 1.60
C ALA G 217 115.46 31.13 0.17
N TYR G 218 116.00 31.92 -0.76
CA TYR G 218 115.65 31.77 -2.17
C TYR G 218 116.07 30.41 -2.71
N LYS G 219 117.29 29.98 -2.41
CA LYS G 219 117.69 28.66 -2.89
C LYS G 219 117.06 27.54 -2.10
N LYS G 220 116.70 27.78 -0.83
CA LYS G 220 115.95 26.79 -0.07
C LYS G 220 114.54 26.59 -0.63
N GLN G 221 113.92 27.65 -1.12
CA GLN G 221 112.62 27.52 -1.75
C GLN G 221 112.76 26.89 -3.14
N PHE G 222 113.49 27.54 -4.03
CA PHE G 222 113.70 27.06 -5.39
C PHE G 222 115.07 26.40 -5.55
N SER G 223 115.27 25.31 -4.81
CA SER G 223 116.53 24.58 -4.89
C SER G 223 116.70 23.90 -6.24
N GLN G 224 115.67 23.21 -6.72
CA GLN G 224 115.74 22.47 -7.98
C GLN G 224 115.60 23.36 -9.21
N TYR G 225 115.61 24.68 -9.04
CA TYR G 225 115.74 25.61 -10.16
C TYR G 225 117.19 25.97 -10.42
N ILE G 226 117.98 26.02 -9.34
CA ILE G 226 119.43 26.20 -9.46
C ILE G 226 120.05 25.04 -10.24
N LYS G 227 119.71 23.80 -9.87
CA LYS G 227 119.88 22.71 -10.81
C LYS G 227 119.01 22.95 -12.03
N ASN G 228 119.60 22.74 -13.22
CA ASN G 228 119.10 23.09 -14.56
C ASN G 228 119.12 24.59 -14.82
N SER G 229 119.44 25.40 -13.78
CA SER G 229 119.75 26.82 -13.92
C SER G 229 118.64 27.58 -14.63
N VAL G 230 117.43 27.44 -14.10
CA VAL G 230 116.28 28.18 -14.61
C VAL G 230 116.25 29.53 -13.91
N THR G 231 116.75 30.55 -14.59
CA THR G 231 116.70 31.92 -14.12
C THR G 231 115.26 32.40 -14.20
N PRO G 232 114.90 33.49 -13.50
CA PRO G 232 113.59 34.13 -13.75
C PRO G 232 113.39 34.63 -15.17
N ASP G 233 114.46 34.89 -15.92
CA ASP G 233 114.35 35.15 -17.34
C ASP G 233 114.13 33.82 -18.06
N MET G 234 113.82 33.89 -19.34
CA MET G 234 113.70 32.67 -20.12
C MET G 234 112.75 31.68 -19.49
N MET G 235 111.69 32.15 -18.84
CA MET G 235 110.75 31.21 -18.28
C MET G 235 109.60 31.10 -19.26
N GLU G 236 109.13 32.26 -19.71
CA GLU G 236 108.05 32.31 -20.67
C GLU G 236 108.45 31.72 -22.01
N GLU G 237 109.65 32.04 -22.47
CA GLU G 237 110.10 31.53 -23.77
C GLU G 237 110.18 30.04 -23.68
N MET G 238 110.70 29.57 -22.56
CA MET G 238 110.80 28.14 -22.26
C MET G 238 109.43 27.47 -22.38
N TYR G 239 108.42 28.11 -21.81
CA TYR G 239 107.05 27.59 -21.95
C TYR G 239 106.57 27.71 -23.38
N LYS G 240 107.04 28.73 -24.11
CA LYS G 240 106.68 28.86 -25.52
C LYS G 240 107.26 27.72 -26.33
N LYS G 241 108.52 27.36 -26.03
CA LYS G 241 109.13 26.21 -26.68
C LYS G 241 108.45 24.90 -26.27
N ALA G 242 107.98 24.82 -25.02
CA ALA G 242 107.22 23.64 -24.59
C ALA G 242 105.93 23.52 -25.38
N HIS G 243 105.21 24.64 -25.56
CA HIS G 243 103.98 24.64 -26.34
C HIS G 243 104.26 24.28 -27.78
N ALA G 244 105.35 24.82 -28.34
CA ALA G 244 105.71 24.53 -29.72
C ALA G 244 106.08 23.07 -29.90
N ALA G 245 106.77 22.47 -28.92
CA ALA G 245 107.10 21.07 -29.01
C ALA G 245 105.88 20.18 -28.88
N ILE G 246 104.91 20.59 -28.05
CA ILE G 246 103.66 19.83 -27.94
C ILE G 246 102.88 19.88 -29.25
N ARG G 247 102.78 21.07 -29.85
CA ARG G 247 102.16 21.20 -31.17
C ARG G 247 102.92 20.46 -32.25
N GLU G 248 104.25 20.35 -32.10
CA GLU G 248 105.06 19.68 -33.10
C GLU G 248 104.82 18.17 -33.07
N ASN G 249 104.99 17.54 -31.90
CA ASN G 249 104.88 16.08 -31.81
C ASN G 249 104.20 15.73 -30.49
N PRO G 250 102.87 15.59 -30.49
CA PRO G 250 102.15 15.22 -29.27
C PRO G 250 101.90 13.74 -29.08
N VAL G 251 102.41 12.86 -29.95
CA VAL G 251 102.12 11.44 -29.84
C VAL G 251 102.91 10.86 -28.67
N TYR G 252 102.24 10.05 -27.86
CA TYR G 252 102.91 9.36 -26.77
C TYR G 252 103.42 7.99 -27.22
N GLU G 253 104.63 7.66 -26.78
CA GLU G 253 105.19 6.33 -26.99
C GLU G 253 105.92 5.92 -25.72
N LYS G 254 105.75 4.66 -25.34
CA LYS G 254 106.34 4.11 -24.12
C LYS G 254 107.52 3.22 -24.47
N LYS G 255 108.22 2.79 -23.43
CA LYS G 255 109.45 2.02 -23.53
C LYS G 255 109.23 0.59 -23.00
N PRO G 256 109.92 -0.40 -23.58
CA PRO G 256 109.79 -1.77 -23.06
C PRO G 256 110.80 -2.10 -21.97
N LYS G 257 110.33 -2.75 -20.91
CA LYS G 257 111.17 -3.26 -19.83
C LYS G 257 110.50 -4.54 -19.34
N LYS G 258 110.92 -5.68 -19.90
CA LYS G 258 110.26 -6.97 -19.62
C LYS G 258 111.21 -8.01 -19.04
N GLU G 259 112.46 -7.65 -18.77
CA GLU G 259 113.47 -8.60 -18.24
C GLU G 259 113.47 -8.63 -16.71
N VAL G 260 112.29 -8.83 -16.11
CA VAL G 260 112.14 -8.73 -14.67
C VAL G 260 111.85 -10.10 -14.09
N LYS G 261 112.24 -10.29 -12.82
CA LYS G 261 112.06 -11.54 -12.09
C LYS G 261 110.68 -11.55 -11.42
N LYS G 262 110.41 -12.60 -10.66
CA LYS G 262 109.08 -12.75 -10.07
C LYS G 262 109.18 -12.78 -8.54
N LYS G 263 109.91 -11.81 -7.96
CA LYS G 263 110.09 -11.79 -6.52
C LYS G 263 108.81 -11.35 -5.81
N ARG G 264 108.47 -12.06 -4.73
CA ARG G 264 107.41 -11.67 -3.80
C ARG G 264 107.86 -10.50 -2.92
N TRP G 265 107.13 -9.39 -2.97
CA TRP G 265 107.39 -8.25 -2.11
C TRP G 265 106.41 -8.10 -0.96
N ASN G 266 105.46 -9.02 -0.81
CA ASN G 266 104.48 -8.97 0.26
C ASN G 266 104.54 -10.28 1.07
N ARG G 267 103.61 -10.43 1.99
CA ARG G 267 103.53 -11.73 2.63
C ARG G 267 102.34 -12.51 2.11
N PRO G 268 102.51 -13.81 1.88
CA PRO G 268 101.36 -14.64 1.51
C PRO G 268 100.39 -14.80 2.67
N LYS G 269 99.13 -14.99 2.31
CA LYS G 269 98.08 -15.18 3.30
C LYS G 269 98.25 -16.53 3.98
N MET G 270 98.14 -16.54 5.30
CA MET G 270 98.38 -17.76 6.07
C MET G 270 97.26 -18.76 5.81
N SER G 271 97.55 -20.04 6.03
CA SER G 271 96.61 -21.10 5.71
C SER G 271 95.91 -21.59 6.97
N LEU G 272 94.85 -22.38 6.74
CA LEU G 272 94.00 -22.86 7.82
C LEU G 272 94.76 -23.79 8.75
N ALA G 273 95.53 -24.72 8.18
CA ALA G 273 96.32 -25.65 8.98
C ALA G 273 97.39 -24.91 9.76
N GLN G 274 97.97 -23.87 9.17
CA GLN G 274 98.95 -23.04 9.87
C GLN G 274 98.32 -22.33 11.06
N LYS G 275 97.11 -21.78 10.88
CA LYS G 275 96.45 -21.07 11.96
C LYS G 275 96.03 -22.02 13.08
N LYS G 276 95.55 -23.21 12.72
CA LYS G 276 95.18 -24.21 13.72
C LYS G 276 96.39 -24.69 14.51
N ASP G 277 97.50 -24.98 13.81
CA ASP G 277 98.71 -25.39 14.50
C ASP G 277 99.27 -24.26 15.35
N ARG G 278 99.12 -23.01 14.89
CA ARG G 278 99.58 -21.85 15.65
C ARG G 278 98.85 -21.73 16.98
N VAL G 279 97.51 -21.83 16.95
CA VAL G 279 96.79 -21.73 18.20
C VAL G 279 97.00 -22.98 19.06
N ALA G 280 97.28 -24.13 18.43
CA ALA G 280 97.55 -25.35 19.18
C ALA G 280 98.86 -25.25 19.95
N GLN G 281 99.95 -24.86 19.28
CA GLN G 281 101.21 -24.72 19.98
C GLN G 281 101.23 -23.50 20.90
N LYS G 282 100.37 -22.49 20.66
CA LYS G 282 100.27 -21.42 21.64
C LYS G 282 99.65 -21.92 22.94
N LYS G 283 98.58 -22.73 22.85
CA LYS G 283 98.02 -23.36 24.04
C LYS G 283 99.01 -24.29 24.72
N ALA G 284 99.76 -25.06 23.92
CA ALA G 284 100.75 -25.99 24.45
C ALA G 284 101.87 -25.24 25.16
N SER G 285 102.36 -24.15 24.58
CA SER G 285 103.41 -23.36 25.21
C SER G 285 102.91 -22.68 26.47
N PHE G 286 101.63 -22.27 26.49
CA PHE G 286 101.07 -21.68 27.70
C PHE G 286 101.01 -22.70 28.83
N LEU G 287 100.51 -23.90 28.53
CA LEU G 287 100.44 -24.95 29.55
C LEU G 287 101.82 -25.40 30.00
N ARG G 288 102.78 -25.45 29.07
CA ARG G 288 104.16 -25.78 29.41
C ARG G 288 104.76 -24.72 30.33
N ALA G 289 104.47 -23.44 30.04
CA ALA G 289 104.95 -22.35 30.87
C ALA G 289 104.35 -22.42 32.27
N GLN G 290 103.06 -22.73 32.35
CA GLN G 290 102.44 -22.78 33.67
C GLN G 290 102.78 -24.06 34.43
N GLU G 291 103.35 -25.08 33.77
CA GLU G 291 103.91 -26.19 34.53
C GLU G 291 105.38 -25.96 34.90
N ARG G 292 106.12 -25.14 34.16
CA ARG G 292 107.40 -24.64 34.66
C ARG G 292 107.16 -23.76 35.88
N ALA G 293 106.08 -22.98 35.86
CA ALA G 293 105.56 -22.18 36.98
C ALA G 293 106.57 -21.18 37.54
N PRO H 1 33.97 -84.07 -56.52
CA PRO H 1 33.27 -83.73 -55.28
C PRO H 1 33.88 -84.40 -54.05
N HIS H 2 34.90 -83.75 -53.49
CA HIS H 2 35.64 -84.30 -52.35
C HIS H 2 34.99 -83.88 -51.03
N CYS H 3 35.48 -84.49 -49.95
CA CYS H 3 35.14 -84.07 -48.59
C CYS H 3 35.89 -82.78 -48.25
N SER H 4 35.78 -82.35 -46.99
CA SER H 4 36.11 -80.98 -46.62
C SER H 4 37.60 -80.70 -46.52
N ARG H 5 38.45 -81.69 -46.26
CA ARG H 5 39.91 -81.62 -46.22
C ARG H 5 40.47 -80.62 -45.18
N ASN H 6 39.61 -80.06 -44.32
CA ASN H 6 40.04 -79.13 -43.28
C ASN H 6 39.13 -79.28 -42.09
N PRO H 7 39.45 -80.19 -41.17
CA PRO H 7 38.52 -80.46 -40.06
C PRO H 7 38.48 -79.28 -39.09
N VAL H 8 37.27 -78.96 -38.64
CA VAL H 8 37.07 -77.88 -37.69
C VAL H 8 37.51 -78.33 -36.30
N LEU H 9 37.92 -77.37 -35.47
CA LEU H 9 38.18 -77.65 -34.06
C LEU H 9 37.35 -76.76 -33.14
N VAL H 10 37.14 -75.51 -33.51
CA VAL H 10 36.15 -74.61 -32.91
C VAL H 10 35.47 -73.93 -34.09
N ARG H 11 34.14 -73.77 -34.01
CA ARG H 11 33.36 -73.32 -35.16
C ARG H 11 33.78 -71.94 -35.64
N GLY H 12 33.89 -71.80 -36.96
CA GLY H 12 34.47 -70.61 -37.54
C GLY H 12 35.97 -70.64 -37.72
N ILE H 13 36.65 -71.63 -37.12
CA ILE H 13 38.10 -71.73 -37.17
C ILE H 13 38.48 -73.12 -37.62
N GLY H 14 39.13 -73.22 -38.77
CA GLY H 14 39.67 -74.50 -39.18
C GLY H 14 40.99 -74.79 -38.50
N ARG H 15 41.35 -76.06 -38.49
CA ARG H 15 42.55 -76.50 -37.78
C ARG H 15 43.82 -76.13 -38.54
N TYR H 16 43.78 -76.24 -39.86
CA TYR H 16 44.94 -76.03 -40.71
C TYR H 16 44.97 -74.61 -41.24
N SER H 17 46.18 -74.04 -41.29
CA SER H 17 46.34 -72.65 -41.70
C SER H 17 46.16 -72.50 -43.21
N ARG H 18 46.40 -71.26 -43.68
CA ARG H 18 46.07 -70.90 -45.05
C ARG H 18 47.04 -71.54 -46.03
N SER H 19 48.34 -71.53 -45.70
CA SER H 19 49.34 -72.12 -46.57
C SER H 19 49.27 -73.65 -46.54
N ALA H 20 48.98 -74.21 -45.35
CA ALA H 20 48.80 -75.65 -45.24
C ALA H 20 47.60 -76.12 -46.03
N MET H 21 46.54 -75.30 -46.08
CA MET H 21 45.39 -75.67 -46.90
C MET H 21 45.68 -75.50 -48.39
N TYR H 22 46.49 -74.51 -48.77
CA TYR H 22 47.01 -74.40 -50.14
C TYR H 22 47.73 -75.69 -50.55
N SER H 23 48.61 -76.19 -49.67
CA SER H 23 49.38 -77.39 -49.98
C SER H 23 48.47 -78.62 -50.05
N ARG H 24 47.52 -78.73 -49.13
CA ARG H 24 46.63 -79.89 -49.08
C ARG H 24 45.68 -79.91 -50.28
N LYS H 25 45.24 -78.74 -50.76
CA LYS H 25 44.42 -78.71 -51.95
C LYS H 25 45.23 -78.78 -53.23
N ALA H 26 46.57 -78.64 -53.13
CA ALA H 26 47.50 -78.76 -54.25
C ALA H 26 47.22 -77.72 -55.34
N MET H 27 47.03 -76.48 -54.90
CA MET H 27 46.82 -75.37 -55.81
C MET H 27 48.09 -74.94 -56.54
N TYR H 28 49.25 -75.55 -56.25
CA TYR H 28 50.48 -75.23 -56.96
C TYR H 28 50.48 -75.77 -58.39
N LYS H 29 49.57 -76.67 -58.74
CA LYS H 29 49.51 -77.22 -60.08
C LYS H 29 48.20 -76.95 -60.83
N ARG H 30 47.07 -76.86 -60.14
CA ARG H 30 45.80 -76.62 -60.84
C ARG H 30 45.41 -75.15 -60.82
N LYS H 31 46.25 -74.34 -61.46
CA LYS H 31 45.93 -72.94 -61.70
C LYS H 31 45.35 -72.81 -63.10
N TYR H 32 44.21 -72.12 -63.22
CA TYR H 32 43.46 -72.06 -64.47
C TYR H 32 43.42 -70.63 -65.01
N SER H 33 43.96 -70.44 -66.21
CA SER H 33 44.18 -69.09 -66.73
C SER H 33 42.91 -68.48 -67.30
N ALA H 34 42.35 -69.10 -68.34
CA ALA H 34 41.21 -68.52 -69.05
C ALA H 34 40.31 -69.63 -69.55
N ALA H 35 39.38 -69.28 -70.44
CA ALA H 35 38.42 -70.23 -70.99
C ALA H 35 38.83 -70.69 -72.38
N VAL H 47 13.82 -68.52 -70.05
CA VAL H 47 14.19 -69.09 -71.35
C VAL H 47 13.39 -70.38 -71.64
N LEU H 48 12.49 -70.32 -72.63
CA LEU H 48 12.24 -69.13 -73.43
C LEU H 48 11.04 -68.36 -72.90
N ALA H 49 11.05 -67.05 -73.14
CA ALA H 49 9.95 -66.23 -72.66
C ALA H 49 8.75 -66.35 -73.57
N THR H 50 8.98 -66.42 -74.88
CA THR H 50 7.91 -66.48 -75.87
C THR H 50 7.93 -67.80 -76.62
N VAL H 51 6.73 -68.28 -77.03
CA VAL H 51 6.64 -69.44 -77.92
C VAL H 51 5.91 -68.99 -79.18
N THR H 52 5.75 -69.89 -80.15
CA THR H 52 5.08 -69.64 -81.43
C THR H 52 4.03 -70.72 -81.63
N LYS H 53 2.74 -70.41 -81.38
CA LYS H 53 1.67 -71.38 -81.61
C LYS H 53 1.18 -71.30 -83.06
N PRO H 54 0.62 -72.41 -83.61
CA PRO H 54 0.25 -72.40 -85.04
C PRO H 54 -0.90 -71.48 -85.44
N VAL H 55 -1.21 -71.50 -86.74
CA VAL H 55 -2.04 -70.47 -87.36
C VAL H 55 -3.50 -70.63 -86.95
N GLY H 56 -4.11 -71.74 -87.39
CA GLY H 56 -5.56 -71.82 -87.36
C GLY H 56 -6.20 -70.95 -88.43
N GLY H 57 -5.87 -71.20 -89.70
CA GLY H 57 -6.39 -70.40 -90.80
C GLY H 57 -7.70 -70.91 -91.36
N ASP H 58 -7.92 -70.70 -92.67
CA ASP H 58 -6.99 -70.01 -93.57
C ASP H 58 -7.37 -68.53 -93.55
N LYS H 59 -6.64 -67.70 -94.32
CA LYS H 59 -6.70 -66.23 -94.36
C LYS H 59 -6.34 -65.58 -93.02
N ASN H 60 -5.87 -66.37 -92.06
CA ASN H 60 -5.43 -65.91 -90.75
C ASN H 60 -3.94 -66.17 -90.59
N GLY H 61 -3.22 -66.16 -91.72
CA GLY H 61 -1.90 -66.75 -91.80
C GLY H 61 -0.86 -66.08 -90.90
N GLY H 62 0.23 -66.80 -90.69
CA GLY H 62 1.21 -66.36 -89.72
C GLY H 62 1.01 -67.01 -88.37
N THR H 63 2.00 -67.79 -87.93
CA THR H 63 1.97 -68.40 -86.61
C THR H 63 2.00 -67.32 -85.54
N ARG H 64 1.15 -67.48 -84.52
CA ARG H 64 1.00 -66.44 -83.51
C ARG H 64 2.12 -66.57 -82.49
N VAL H 65 2.87 -65.49 -82.33
CA VAL H 65 3.92 -65.41 -81.32
C VAL H 65 3.25 -65.02 -80.00
N VAL H 66 3.24 -65.94 -79.03
CA VAL H 66 2.55 -65.71 -77.75
C VAL H 66 3.56 -65.69 -76.60
N LYS H 67 3.51 -64.63 -75.79
CA LYS H 67 4.37 -64.51 -74.61
C LYS H 67 3.72 -65.16 -73.39
N LEU H 68 4.56 -65.57 -72.43
CA LEU H 68 4.10 -66.11 -71.17
C LEU H 68 4.30 -65.06 -70.09
N ARG H 69 3.55 -65.22 -69.01
CA ARG H 69 3.54 -64.32 -67.85
C ARG H 69 3.28 -62.87 -68.27
N LYS H 70 2.05 -62.65 -68.74
CA LYS H 70 1.65 -61.35 -69.23
C LYS H 70 1.67 -60.30 -68.09
N MET H 71 1.56 -59.03 -68.49
CA MET H 71 1.53 -57.85 -67.60
C MET H 71 0.28 -57.92 -66.71
N PRO H 72 0.35 -57.34 -65.51
CA PRO H 72 -0.82 -57.29 -64.63
C PRO H 72 -1.85 -56.38 -65.22
N ARG H 73 -3.10 -56.82 -65.13
CA ARG H 73 -4.22 -56.03 -65.59
C ARG H 73 -4.69 -55.04 -64.53
N TYR H 74 -3.94 -54.91 -63.43
CA TYR H 74 -4.27 -54.03 -62.33
C TYR H 74 -3.02 -53.81 -61.51
N TYR H 75 -2.84 -52.58 -61.06
CA TYR H 75 -1.74 -52.20 -60.17
C TYR H 75 -2.40 -51.51 -58.98
N PRO H 76 -2.05 -51.89 -57.76
CA PRO H 76 -2.59 -51.20 -56.59
C PRO H 76 -2.12 -49.76 -56.50
N THR H 77 -2.93 -48.94 -55.86
CA THR H 77 -2.73 -47.49 -55.91
C THR H 77 -1.53 -47.03 -55.10
N GLU H 78 -1.06 -47.84 -54.16
CA GLU H 78 0.20 -47.58 -53.48
C GLU H 78 0.83 -48.92 -53.19
N ASP H 79 2.15 -49.00 -53.29
CA ASP H 79 2.85 -50.24 -53.06
C ASP H 79 3.72 -50.11 -51.81
N VAL H 80 4.35 -51.22 -51.42
CA VAL H 80 5.21 -51.28 -50.25
C VAL H 80 6.65 -51.42 -50.75
N PRO H 81 7.62 -50.74 -50.14
CA PRO H 81 9.01 -50.96 -50.52
C PRO H 81 9.57 -52.25 -49.95
N ARG H 82 10.50 -52.85 -50.68
CA ARG H 82 11.01 -54.14 -50.28
C ARG H 82 11.98 -53.99 -49.11
N LYS H 83 12.28 -55.11 -48.47
CA LYS H 83 13.07 -55.10 -47.25
C LYS H 83 14.54 -54.93 -47.59
N LEU H 84 15.38 -54.91 -46.57
CA LEU H 84 16.81 -55.04 -46.71
C LEU H 84 17.20 -56.49 -46.52
N LEU H 85 18.48 -56.78 -46.69
CA LEU H 85 18.98 -58.14 -46.59
C LEU H 85 19.67 -58.33 -45.25
N SER H 86 19.46 -59.50 -44.64
CA SER H 86 19.72 -59.69 -43.23
C SER H 86 20.73 -60.78 -42.89
N HIS H 87 20.96 -61.73 -43.78
CA HIS H 87 21.98 -62.78 -43.81
C HIS H 87 21.90 -63.86 -42.74
N GLY H 88 21.11 -63.69 -41.69
CA GLY H 88 20.99 -64.79 -40.74
C GLY H 88 19.76 -65.60 -41.10
N LYS H 89 18.94 -65.92 -40.11
CA LYS H 89 17.48 -66.00 -40.24
C LYS H 89 17.04 -67.07 -41.23
N LYS H 90 17.42 -68.27 -40.93
CA LYS H 90 17.00 -69.40 -41.73
C LYS H 90 15.60 -69.82 -41.30
N PRO H 91 14.81 -70.41 -42.19
CA PRO H 91 13.48 -70.86 -41.79
C PRO H 91 13.55 -72.03 -40.83
N PHE H 92 12.41 -72.32 -40.20
CA PHE H 92 12.37 -73.26 -39.09
C PHE H 92 12.72 -74.67 -39.53
N SER H 93 12.48 -75.00 -40.80
CA SER H 93 12.85 -76.33 -41.30
C SER H 93 14.35 -76.51 -41.42
N GLN H 94 15.12 -75.43 -41.49
CA GLN H 94 16.56 -75.53 -41.63
C GLN H 94 17.30 -75.19 -40.34
N HIS H 95 16.60 -74.97 -39.24
CA HIS H 95 17.26 -74.69 -37.97
C HIS H 95 17.95 -75.94 -37.44
N VAL H 96 18.98 -75.72 -36.64
CA VAL H 96 19.69 -76.83 -36.01
C VAL H 96 18.88 -77.25 -34.79
N ARG H 97 18.49 -78.52 -34.75
CA ARG H 97 17.67 -79.03 -33.66
C ARG H 97 18.59 -79.50 -32.55
N LYS H 98 18.44 -78.91 -31.36
CA LYS H 98 19.24 -79.29 -30.21
C LYS H 98 18.41 -80.07 -29.20
N LEU H 99 19.09 -80.92 -28.45
CA LEU H 99 18.47 -81.75 -27.43
C LEU H 99 19.30 -81.72 -26.16
N ARG H 100 18.61 -81.59 -25.03
CA ARG H 100 19.25 -81.63 -23.74
C ARG H 100 19.90 -82.99 -23.51
N ALA H 101 21.05 -82.98 -22.84
CA ALA H 101 21.85 -84.18 -22.66
C ALA H 101 21.20 -85.24 -21.78
N SER H 102 20.28 -84.86 -20.90
CA SER H 102 19.68 -85.88 -20.04
C SER H 102 18.59 -86.69 -20.71
N ILE H 103 18.25 -86.41 -21.97
CA ILE H 103 17.21 -87.15 -22.69
C ILE H 103 17.90 -87.96 -23.77
N THR H 104 18.18 -89.22 -23.46
CA THR H 104 18.71 -90.21 -24.37
C THR H 104 17.61 -91.22 -24.64
N PRO H 105 17.64 -91.95 -25.81
CA PRO H 105 16.57 -92.91 -26.11
C PRO H 105 16.38 -94.01 -25.08
N GLY H 106 15.22 -93.96 -24.42
CA GLY H 106 14.90 -94.87 -23.34
C GLY H 106 14.71 -94.20 -21.99
N THR H 107 15.09 -92.93 -21.86
CA THR H 107 14.84 -92.17 -20.64
C THR H 107 13.34 -92.05 -20.38
N ILE H 108 12.97 -92.01 -19.10
CA ILE H 108 11.60 -91.81 -18.69
C ILE H 108 11.36 -90.33 -18.41
N LEU H 109 10.45 -89.74 -19.18
CA LEU H 109 10.11 -88.33 -19.03
C LEU H 109 8.79 -88.17 -18.28
N ILE H 110 8.56 -86.96 -17.79
CA ILE H 110 7.31 -86.58 -17.12
C ILE H 110 6.64 -85.47 -17.91
N ILE H 111 5.51 -85.78 -18.57
CA ILE H 111 4.73 -84.75 -19.24
C ILE H 111 4.07 -83.88 -18.19
N LEU H 112 4.20 -82.57 -18.36
CA LEU H 112 3.90 -81.53 -17.40
C LEU H 112 2.71 -80.69 -17.75
N THR H 113 2.35 -80.56 -19.04
CA THR H 113 1.47 -79.47 -19.46
C THR H 113 0.19 -79.89 -20.18
N GLY H 114 0.14 -81.05 -20.82
CA GLY H 114 -0.99 -81.37 -21.67
C GLY H 114 -2.24 -81.84 -20.96
N ARG H 115 -3.03 -82.65 -21.67
CA ARG H 115 -4.05 -83.45 -21.02
C ARG H 115 -3.43 -84.58 -20.21
N HIS H 116 -2.19 -84.94 -20.52
CA HIS H 116 -1.44 -85.99 -19.84
C HIS H 116 -0.46 -85.40 -18.85
N ARG H 117 -0.91 -84.34 -18.15
CA ARG H 117 -0.14 -83.68 -17.10
C ARG H 117 0.36 -84.67 -16.05
N GLY H 118 1.62 -84.53 -15.68
CA GLY H 118 2.21 -85.33 -14.64
C GLY H 118 2.35 -86.79 -14.97
N LYS H 119 2.43 -87.14 -16.26
CA LYS H 119 2.51 -88.56 -16.61
C LYS H 119 3.94 -88.99 -16.86
N ARG H 120 4.20 -90.29 -16.67
CA ARG H 120 5.53 -90.86 -16.82
C ARG H 120 5.62 -91.79 -18.01
N VAL H 121 6.35 -91.37 -19.05
CA VAL H 121 6.46 -92.10 -20.30
C VAL H 121 7.92 -92.40 -20.61
N VAL H 122 8.17 -93.12 -21.71
CA VAL H 122 9.52 -93.43 -22.13
C VAL H 122 9.76 -92.65 -23.42
N PHE H 123 11.04 -92.49 -23.75
CA PHE H 123 11.49 -91.62 -24.83
C PHE H 123 12.01 -92.48 -25.97
N LEU H 124 11.36 -92.38 -27.12
CA LEU H 124 11.80 -93.01 -28.35
C LEU H 124 12.69 -92.00 -29.09
N LYS H 125 12.88 -92.17 -30.40
CA LYS H 125 13.59 -91.21 -31.23
C LYS H 125 13.04 -89.79 -31.08
N GLN H 126 13.94 -88.81 -31.20
CA GLN H 126 13.54 -87.42 -31.34
C GLN H 126 13.32 -87.11 -32.82
N LEU H 127 12.18 -86.49 -33.13
CA LEU H 127 11.76 -86.27 -34.51
C LEU H 127 12.59 -85.17 -35.18
N ALA H 128 12.34 -84.98 -36.47
CA ALA H 128 13.13 -84.08 -37.30
C ALA H 128 12.70 -82.61 -37.18
N SER H 129 11.81 -82.29 -36.24
CA SER H 129 11.48 -80.89 -35.95
C SER H 129 11.76 -80.55 -34.50
N GLY H 130 12.63 -81.31 -33.82
CA GLY H 130 12.97 -81.06 -32.45
C GLY H 130 12.03 -81.66 -31.42
N LEU H 131 10.80 -81.95 -31.81
CA LEU H 131 9.83 -82.52 -30.89
C LEU H 131 10.16 -83.96 -30.58
N LEU H 132 9.95 -84.36 -29.33
CA LEU H 132 10.30 -85.70 -28.89
C LEU H 132 9.14 -86.63 -29.17
N LEU H 133 9.44 -87.79 -29.74
CA LEU H 133 8.43 -88.85 -29.89
C LEU H 133 8.47 -89.75 -28.67
N VAL H 134 7.43 -89.69 -27.85
CA VAL H 134 7.33 -90.53 -26.67
C VAL H 134 6.15 -91.47 -26.85
N THR H 135 6.17 -92.55 -26.07
CA THR H 135 5.00 -93.37 -25.87
C THR H 135 4.94 -93.76 -24.41
N GLY H 136 3.77 -93.64 -23.82
CA GLY H 136 3.47 -94.49 -22.71
C GLY H 136 3.13 -95.83 -23.34
N PRO H 137 3.42 -96.89 -22.67
CA PRO H 137 2.89 -98.17 -23.13
C PRO H 137 1.40 -98.21 -22.82
N LEU H 138 0.59 -97.72 -23.77
CA LEU H 138 -0.83 -97.35 -23.66
C LEU H 138 -1.72 -98.24 -22.81
N VAL H 139 -1.38 -99.53 -22.71
CA VAL H 139 -2.02 -100.45 -21.78
C VAL H 139 -1.59 -100.19 -20.33
N LEU H 140 -0.69 -99.24 -20.10
CA LEU H 140 -0.29 -98.90 -18.74
C LEU H 140 -0.85 -97.55 -18.29
N ASN H 141 -0.70 -96.49 -19.09
CA ASN H 141 -1.09 -95.16 -18.64
C ASN H 141 -1.86 -94.34 -19.67
N ARG H 142 -2.38 -94.97 -20.72
CA ARG H 142 -3.26 -94.36 -21.73
C ARG H 142 -2.59 -93.19 -22.45
N VAL H 143 -1.31 -93.35 -22.73
CA VAL H 143 -0.58 -92.33 -23.48
C VAL H 143 -0.11 -92.97 -24.79
N PRO H 144 -0.61 -92.53 -25.93
CA PRO H 144 -0.20 -93.13 -27.21
C PRO H 144 1.15 -92.64 -27.68
N LEU H 145 1.45 -92.87 -28.95
CA LEU H 145 2.68 -92.33 -29.47
C LEU H 145 2.30 -90.89 -29.68
N ARG H 146 3.02 -89.99 -29.05
CA ARG H 146 2.76 -88.57 -29.19
C ARG H 146 4.08 -87.84 -29.33
N ARG H 147 3.98 -86.60 -29.79
CA ARG H 147 5.07 -85.66 -29.70
C ARG H 147 4.93 -84.89 -28.40
N THR H 148 6.05 -84.41 -27.89
CA THR H 148 6.02 -83.63 -26.66
C THR H 148 7.25 -82.74 -26.69
N HIS H 149 7.14 -81.60 -26.05
CA HIS H 149 8.21 -80.62 -26.11
C HIS H 149 9.24 -80.85 -25.01
N GLN H 150 10.51 -80.67 -25.41
CA GLN H 150 11.64 -80.87 -24.52
C GLN H 150 11.62 -79.89 -23.37
N LYS H 151 11.18 -78.64 -23.61
CA LYS H 151 11.06 -77.67 -22.54
C LYS H 151 9.94 -77.97 -21.57
N PHE H 152 9.01 -78.85 -21.92
CA PHE H 152 7.85 -79.12 -21.10
C PHE H 152 7.82 -80.56 -20.62
N VAL H 153 8.92 -81.28 -20.76
CA VAL H 153 9.12 -82.54 -20.03
C VAL H 153 10.21 -82.32 -18.98
N ILE H 154 10.12 -83.12 -17.91
CA ILE H 154 11.21 -83.28 -16.95
C ILE H 154 11.84 -84.64 -17.17
N ALA H 155 13.17 -84.68 -17.33
CA ALA H 155 13.86 -85.92 -17.60
C ALA H 155 14.33 -86.56 -16.29
N THR H 156 13.89 -87.79 -16.04
CA THR H 156 14.26 -88.58 -14.87
C THR H 156 15.56 -89.30 -15.23
N SER H 157 16.00 -90.26 -14.41
CA SER H 157 17.29 -90.92 -14.58
C SER H 157 17.15 -92.44 -14.76
N THR H 158 15.96 -92.92 -15.11
CA THR H 158 15.73 -94.35 -15.29
C THR H 158 15.68 -94.68 -16.78
N LYS H 159 16.29 -95.79 -17.15
CA LYS H 159 16.52 -96.11 -18.55
C LYS H 159 15.88 -97.44 -18.95
N ILE H 160 15.43 -97.49 -20.20
CA ILE H 160 15.11 -98.70 -20.92
C ILE H 160 15.96 -98.78 -22.18
N ASP H 161 16.82 -99.79 -22.27
CA ASP H 161 17.69 -99.94 -23.42
C ASP H 161 16.85 -100.33 -24.64
N ILE H 162 16.62 -99.39 -25.54
CA ILE H 162 15.73 -99.64 -26.67
C ILE H 162 16.48 -99.80 -27.98
N SER H 163 17.71 -100.30 -27.91
CA SER H 163 18.35 -100.77 -29.13
C SER H 163 17.62 -102.01 -29.67
N ASN H 164 17.66 -102.17 -30.99
CA ASN H 164 16.94 -103.24 -31.71
C ASN H 164 15.43 -103.20 -31.46
N VAL H 165 14.83 -102.02 -31.56
CA VAL H 165 13.39 -101.87 -31.58
C VAL H 165 13.02 -101.24 -32.93
N LYS H 166 12.22 -101.96 -33.70
CA LYS H 166 11.89 -101.53 -35.05
C LYS H 166 10.91 -100.37 -34.97
N ILE H 167 11.33 -99.22 -35.48
CA ILE H 167 10.48 -98.06 -35.65
C ILE H 167 10.05 -98.00 -37.11
N PRO H 168 8.76 -97.97 -37.41
CA PRO H 168 8.31 -97.83 -38.80
C PRO H 168 8.76 -96.49 -39.36
N LYS H 169 9.12 -96.50 -40.65
CA LYS H 169 9.63 -95.28 -41.27
C LYS H 169 8.54 -94.24 -41.46
N HIS H 170 7.29 -94.67 -41.47
CA HIS H 170 6.15 -93.77 -41.64
C HIS H 170 5.66 -93.22 -40.31
N LEU H 171 6.60 -92.70 -39.51
CA LEU H 171 6.33 -92.20 -38.18
C LEU H 171 6.89 -90.79 -38.04
N THR H 172 6.51 -89.90 -38.96
CA THR H 172 7.09 -88.57 -39.06
C THR H 172 6.14 -87.49 -38.55
N ASP H 173 6.62 -86.24 -38.65
CA ASP H 173 5.82 -85.09 -38.25
C ASP H 173 4.61 -84.93 -39.16
N ALA H 174 4.73 -85.34 -40.43
CA ALA H 174 3.57 -85.34 -41.31
C ALA H 174 2.56 -86.39 -40.88
N TYR H 175 3.05 -87.51 -40.34
CA TYR H 175 2.17 -88.54 -39.78
C TYR H 175 1.45 -88.02 -38.54
N PHE H 176 2.10 -87.14 -37.77
CA PHE H 176 1.52 -86.68 -36.51
C PHE H 176 0.80 -85.35 -36.63
N LYS H 177 0.90 -84.68 -37.77
CA LYS H 177 0.30 -83.36 -37.97
C LYS H 177 -1.22 -83.47 -38.01
N LYS H 178 -1.88 -82.48 -37.42
CA LYS H 178 -3.34 -82.50 -37.26
C LYS H 178 -4.01 -82.46 -38.64
N LYS H 179 -5.29 -82.88 -38.66
CA LYS H 179 -6.05 -83.02 -39.90
C LYS H 179 -7.20 -82.01 -39.92
N LYS H 180 -7.52 -81.48 -41.09
CA LYS H 180 -8.61 -80.52 -41.20
C LYS H 180 -9.60 -80.95 -42.28
N LEU H 181 -10.90 -80.71 -42.04
CA LEU H 181 -11.95 -80.87 -43.05
C LEU H 181 -12.77 -79.63 -43.35
N ARG H 182 -13.03 -78.77 -42.37
CA ARG H 182 -13.77 -77.53 -42.62
C ARG H 182 -12.94 -76.53 -43.42
N LYS H 183 -13.54 -75.90 -44.43
CA LYS H 183 -14.94 -76.10 -44.88
C LYS H 183 -14.98 -76.22 -46.40
N PRO H 184 -15.64 -77.28 -46.91
CA PRO H 184 -15.75 -77.42 -48.36
C PRO H 184 -16.93 -76.67 -48.97
N ARG H 185 -16.60 -75.70 -49.84
CA ARG H 185 -17.47 -75.08 -50.86
C ARG H 185 -18.53 -74.14 -50.27
N HIS H 186 -18.64 -74.09 -48.95
CA HIS H 186 -19.64 -73.28 -48.26
C HIS H 186 -19.07 -71.99 -47.67
N GLN H 187 -19.78 -70.88 -47.87
CA GLN H 187 -19.33 -69.60 -47.35
C GLN H 187 -20.16 -69.08 -46.19
N GLU H 188 -21.46 -69.34 -46.20
CA GLU H 188 -22.37 -68.90 -45.15
C GLU H 188 -22.61 -70.05 -44.18
N GLY H 189 -22.61 -69.74 -42.88
CA GLY H 189 -22.91 -70.75 -41.88
C GLY H 189 -24.08 -70.46 -40.96
N GLU H 190 -25.15 -71.21 -41.15
CA GLU H 190 -26.25 -71.35 -40.20
C GLU H 190 -26.53 -72.81 -39.86
N ILE H 191 -26.51 -73.71 -40.85
CA ILE H 191 -26.46 -75.13 -40.53
C ILE H 191 -25.06 -75.48 -40.00
N PHE H 192 -24.99 -76.55 -39.21
CA PHE H 192 -23.75 -76.94 -38.56
C PHE H 192 -23.31 -78.30 -39.10
N ASP H 193 -22.00 -78.53 -39.02
CA ASP H 193 -21.36 -79.80 -39.39
C ASP H 193 -21.10 -80.56 -38.09
N THR H 194 -22.03 -81.44 -37.72
CA THR H 194 -21.93 -82.20 -36.47
C THR H 194 -20.99 -83.40 -36.54
N GLU H 195 -20.37 -83.67 -37.69
CA GLU H 195 -19.37 -84.72 -37.81
C GLU H 195 -17.98 -84.10 -37.80
N LYS H 196 -16.96 -84.98 -37.75
CA LYS H 196 -15.51 -84.70 -37.73
C LYS H 196 -15.02 -84.15 -36.39
N GLU H 197 -15.92 -83.80 -35.47
CA GLU H 197 -15.47 -83.52 -34.11
C GLU H 197 -15.01 -84.78 -33.41
N LYS H 198 -15.55 -85.93 -33.80
CA LYS H 198 -15.08 -87.22 -33.32
C LYS H 198 -13.81 -87.51 -34.09
N TYR H 199 -12.66 -87.24 -33.46
CA TYR H 199 -11.37 -87.63 -34.02
C TYR H 199 -11.25 -89.14 -34.04
N GLU H 200 -11.17 -89.72 -35.23
CA GLU H 200 -11.10 -91.15 -35.38
C GLU H 200 -9.67 -91.66 -35.24
N ILE H 201 -9.46 -92.62 -34.33
CA ILE H 201 -8.19 -93.34 -34.27
C ILE H 201 -8.14 -94.28 -35.46
N THR H 202 -7.22 -94.04 -36.38
CA THR H 202 -7.21 -94.85 -37.59
C THR H 202 -6.57 -96.20 -37.34
N GLU H 203 -6.85 -97.12 -38.27
CA GLU H 203 -6.41 -98.51 -38.12
C GLU H 203 -4.91 -98.62 -38.26
N GLN H 204 -4.29 -97.79 -39.10
CA GLN H 204 -2.84 -97.80 -39.19
C GLN H 204 -2.21 -97.28 -37.90
N ARG H 205 -2.84 -96.30 -37.25
CA ARG H 205 -2.36 -95.85 -35.95
C ARG H 205 -2.49 -96.93 -34.90
N LYS H 206 -3.62 -97.67 -34.93
CA LYS H 206 -3.82 -98.76 -33.98
C LYS H 206 -2.83 -99.88 -34.18
N ILE H 207 -2.52 -100.22 -35.44
CA ILE H 207 -1.62 -101.34 -35.66
C ILE H 207 -0.17 -100.94 -35.41
N ASP H 208 0.17 -99.65 -35.63
CA ASP H 208 1.49 -99.15 -35.27
C ASP H 208 1.67 -99.17 -33.75
N GLN H 209 0.63 -98.74 -33.03
CA GLN H 209 0.61 -98.81 -31.57
C GLN H 209 0.79 -100.24 -31.08
N LYS H 210 0.07 -101.18 -31.71
CA LYS H 210 0.15 -102.60 -31.34
C LYS H 210 1.55 -103.14 -31.55
N ALA H 211 2.17 -102.81 -32.69
CA ALA H 211 3.51 -103.30 -33.00
C ALA H 211 4.54 -102.75 -32.01
N VAL H 212 4.57 -101.42 -31.83
CA VAL H 212 5.60 -100.83 -30.98
C VAL H 212 5.37 -101.20 -29.51
N ASP H 213 4.11 -101.38 -29.08
CA ASP H 213 3.89 -101.82 -27.71
C ASP H 213 4.25 -103.28 -27.53
N SER H 214 3.99 -104.12 -28.54
CA SER H 214 4.36 -105.52 -28.49
C SER H 214 5.87 -105.71 -28.47
N GLN H 215 6.64 -104.78 -29.04
CA GLN H 215 8.08 -104.92 -28.92
C GLN H 215 8.69 -104.06 -27.79
N ILE H 216 7.94 -103.21 -27.10
CA ILE H 216 8.52 -102.51 -25.94
C ILE H 216 8.15 -103.21 -24.63
N LEU H 217 6.89 -103.63 -24.46
CA LEU H 217 6.36 -104.06 -23.16
C LEU H 217 7.03 -105.25 -22.48
N PRO H 218 7.45 -106.34 -23.17
CA PRO H 218 8.20 -107.38 -22.45
C PRO H 218 9.50 -106.90 -21.83
N LYS H 219 10.12 -105.89 -22.42
CA LYS H 219 11.29 -105.28 -21.81
C LYS H 219 10.92 -104.43 -20.59
N ILE H 220 9.68 -103.95 -20.51
CA ILE H 220 9.24 -103.19 -19.34
C ILE H 220 8.89 -104.12 -18.19
N LYS H 221 8.28 -105.28 -18.50
CA LYS H 221 7.98 -106.29 -17.49
C LYS H 221 9.23 -106.93 -16.87
N ALA H 222 10.41 -106.70 -17.47
CA ALA H 222 11.67 -107.27 -17.00
C ALA H 222 12.10 -106.70 -15.66
N ILE H 223 12.40 -105.40 -15.64
CA ILE H 223 12.82 -104.70 -14.40
C ILE H 223 11.66 -104.61 -13.41
N PRO H 224 11.95 -104.69 -12.10
CA PRO H 224 10.83 -104.71 -11.16
C PRO H 224 10.24 -103.34 -10.90
N GLN H 225 8.94 -103.35 -10.58
CA GLN H 225 8.12 -102.23 -10.09
C GLN H 225 7.98 -101.09 -11.11
N LEU H 226 8.59 -101.23 -12.28
CA LEU H 226 8.57 -100.18 -13.28
C LEU H 226 7.18 -99.98 -13.88
N GLN H 227 6.41 -101.06 -14.03
CA GLN H 227 5.08 -100.89 -14.60
C GLN H 227 4.14 -100.21 -13.63
N GLY H 228 4.28 -100.48 -12.32
CA GLY H 228 3.53 -99.71 -11.35
C GLY H 228 3.97 -98.26 -11.28
N TYR H 229 5.29 -98.03 -11.43
CA TYR H 229 5.83 -96.68 -11.47
C TYR H 229 5.31 -95.89 -12.66
N LEU H 230 5.20 -96.54 -13.82
CA LEU H 230 4.66 -95.89 -15.01
C LEU H 230 3.14 -95.78 -14.98
N ARG H 231 2.46 -96.64 -14.21
CA ARG H 231 1.03 -96.46 -14.02
C ARG H 231 0.76 -95.23 -13.15
N SER H 232 1.61 -95.01 -12.16
CA SER H 232 1.42 -93.89 -11.24
C SER H 232 1.69 -92.56 -11.96
N VAL H 233 1.36 -91.47 -11.28
CA VAL H 233 1.59 -90.13 -11.80
C VAL H 233 2.48 -89.38 -10.82
N PHE H 234 3.03 -88.28 -11.30
CA PHE H 234 3.94 -87.45 -10.53
C PHE H 234 3.18 -86.30 -9.88
N ALA H 235 3.57 -85.95 -8.66
CA ALA H 235 2.86 -84.92 -7.93
C ALA H 235 3.75 -84.31 -6.85
N LEU H 236 3.35 -83.13 -6.40
CA LEU H 236 4.02 -82.45 -5.29
C LEU H 236 3.08 -82.40 -4.09
N THR H 237 3.63 -82.65 -2.91
CA THR H 237 2.88 -82.66 -1.66
C THR H 237 3.47 -81.62 -0.72
N ASN H 238 3.00 -81.65 0.54
CA ASN H 238 3.31 -80.63 1.55
C ASN H 238 4.80 -80.56 1.93
N GLY H 239 5.59 -81.51 1.50
CA GLY H 239 6.99 -81.59 1.86
C GLY H 239 7.82 -81.13 0.70
N ILE H 240 8.17 -82.06 -0.19
CA ILE H 240 9.15 -81.94 -1.26
C ILE H 240 9.05 -80.65 -2.06
N TYR H 241 10.20 -80.07 -2.36
CA TYR H 241 10.40 -78.88 -3.16
C TYR H 241 11.19 -79.26 -4.40
N PRO H 242 10.83 -78.72 -5.57
CA PRO H 242 11.42 -79.22 -6.83
C PRO H 242 12.88 -78.88 -6.99
N HIS H 243 13.38 -77.84 -6.33
CA HIS H 243 14.80 -77.55 -6.40
C HIS H 243 15.63 -78.53 -5.60
N LYS H 244 15.05 -79.21 -4.62
CA LYS H 244 15.77 -80.26 -3.90
C LYS H 244 15.59 -81.66 -4.48
N LEU H 245 14.54 -81.89 -5.27
CA LEU H 245 14.33 -83.21 -5.84
C LEU H 245 15.38 -83.59 -6.87
N VAL H 246 15.88 -84.81 -6.75
CA VAL H 246 16.76 -85.40 -7.76
C VAL H 246 15.89 -86.16 -8.74
N PHE H 247 16.01 -85.87 -10.02
CA PHE H 247 15.26 -86.64 -11.00
C PHE H 247 16.18 -87.54 -11.80
N ASN I 1 30.59 -49.82 -78.27
CA ASN I 1 31.22 -49.31 -77.05
C ASN I 1 30.99 -50.24 -75.86
N PHE I 2 29.93 -51.06 -75.96
CA PHE I 2 29.44 -51.89 -74.88
C PHE I 2 30.28 -53.15 -74.65
N ALA I 3 31.43 -53.30 -75.28
CA ALA I 3 32.39 -54.35 -74.94
C ALA I 3 33.70 -53.84 -74.35
N GLU I 4 34.30 -52.83 -74.99
CA GLU I 4 35.48 -52.18 -74.43
C GLU I 4 35.17 -51.48 -73.11
N LEU I 5 33.98 -50.92 -72.97
CA LEU I 5 33.60 -50.27 -71.73
C LEU I 5 33.49 -51.28 -70.59
N LYS I 6 32.85 -52.41 -70.86
CA LYS I 6 32.66 -53.43 -69.83
C LYS I 6 33.96 -54.15 -69.46
N ILE I 7 34.87 -54.33 -70.43
CA ILE I 7 36.14 -54.94 -70.08
C ILE I 7 37.03 -53.96 -69.31
N LYS I 8 36.86 -52.65 -69.56
CA LYS I 8 37.59 -51.63 -68.82
C LYS I 8 37.15 -51.59 -67.36
N ARG I 9 35.83 -51.60 -67.12
CA ARG I 9 35.35 -51.55 -65.74
C ARG I 9 35.63 -52.85 -65.00
N LEU I 10 35.68 -53.98 -65.73
CA LEU I 10 36.11 -55.24 -65.10
C LEU I 10 37.57 -55.21 -64.68
N ARG I 11 38.44 -54.62 -65.52
CA ARG I 11 39.85 -54.46 -65.16
C ARG I 11 40.04 -53.54 -63.95
N LYS I 12 39.23 -52.49 -63.88
CA LYS I 12 39.28 -51.56 -62.74
C LYS I 12 38.86 -52.25 -61.44
N LYS I 13 37.76 -53.03 -61.50
CA LYS I 13 37.31 -53.81 -60.34
C LYS I 13 38.36 -54.83 -59.88
N PHE I 14 39.06 -55.45 -60.84
CA PHE I 14 40.12 -56.39 -60.50
C PHE I 14 41.28 -55.72 -59.77
N ALA I 15 41.70 -54.55 -60.26
CA ALA I 15 42.81 -53.84 -59.64
C ALA I 15 42.48 -53.39 -58.22
N GLN I 16 41.23 -52.95 -58.02
CA GLN I 16 40.81 -52.56 -56.68
C GLN I 16 40.77 -53.75 -55.72
N LYS I 17 40.36 -54.92 -56.22
CA LYS I 17 40.37 -56.13 -55.41
C LYS I 17 41.78 -56.54 -55.01
N MET I 18 42.73 -56.40 -55.93
CA MET I 18 44.12 -56.73 -55.63
C MET I 18 44.73 -55.76 -54.61
N LEU I 19 44.38 -54.47 -54.69
CA LEU I 19 44.85 -53.51 -53.69
C LEU I 19 44.31 -53.82 -52.30
N ARG I 20 43.04 -54.24 -52.23
CA ARG I 20 42.45 -54.67 -50.97
C ARG I 20 43.20 -55.86 -50.38
N LYS I 21 43.53 -56.85 -51.22
CA LYS I 21 44.26 -58.02 -50.74
C LYS I 21 45.64 -57.65 -50.21
N ALA I 22 46.31 -56.71 -50.88
CA ALA I 22 47.62 -56.24 -50.44
C ALA I 22 47.57 -55.59 -49.07
N ARG I 23 46.58 -54.70 -48.87
CA ARG I 23 46.46 -54.01 -47.59
C ARG I 23 46.08 -54.97 -46.46
N ARG I 24 45.27 -56.00 -46.76
CA ARG I 24 44.93 -57.00 -45.74
C ARG I 24 46.17 -57.76 -45.30
N LYS I 25 46.99 -58.19 -46.26
CA LYS I 25 48.22 -58.91 -45.92
C LYS I 25 49.17 -58.04 -45.10
N LEU I 26 49.22 -56.75 -45.41
CA LEU I 26 50.05 -55.81 -44.68
C LEU I 26 49.61 -55.69 -43.22
N ILE I 27 48.30 -55.54 -42.98
CA ILE I 27 47.84 -55.35 -41.62
C ILE I 27 47.96 -56.64 -40.82
N TYR I 28 47.84 -57.80 -41.48
CA TYR I 28 48.10 -59.08 -40.83
C TYR I 28 49.54 -59.17 -40.33
N GLU I 29 50.50 -58.87 -41.20
CA GLU I 29 51.90 -58.93 -40.80
C GLU I 29 52.22 -57.93 -39.71
N LYS I 30 51.70 -56.72 -39.83
CA LYS I 30 51.91 -55.71 -38.79
C LYS I 30 51.47 -56.21 -37.43
N ALA I 31 50.30 -56.86 -37.37
CA ALA I 31 49.81 -57.37 -36.09
C ALA I 31 50.71 -58.48 -35.56
N LYS I 32 51.22 -59.33 -36.47
CA LYS I 32 52.17 -60.38 -36.06
C LYS I 32 53.45 -59.77 -35.49
N HIS I 33 53.95 -58.71 -36.13
CA HIS I 33 55.12 -58.01 -35.62
C HIS I 33 54.89 -57.43 -34.24
N TYR I 34 53.71 -56.85 -34.02
CA TYR I 34 53.43 -56.28 -32.70
C TYR I 34 53.31 -57.36 -31.64
N HIS I 35 52.78 -58.53 -32.00
CA HIS I 35 52.75 -59.65 -31.07
C HIS I 35 54.15 -60.07 -30.64
N LYS I 36 55.07 -60.13 -31.62
CA LYS I 36 56.48 -60.40 -31.34
C LYS I 36 57.08 -59.34 -30.43
N GLU I 37 56.79 -58.07 -30.72
CA GLU I 37 57.34 -56.96 -29.94
C GLU I 37 56.84 -56.99 -28.50
N TYR I 38 55.54 -57.25 -28.31
CA TYR I 38 54.96 -57.27 -26.97
C TYR I 38 55.56 -58.41 -26.14
N ARG I 39 55.65 -59.61 -26.71
CA ARG I 39 56.21 -60.72 -25.96
C ARG I 39 57.69 -60.51 -25.68
N GLN I 40 58.39 -59.85 -26.60
CA GLN I 40 59.80 -59.53 -26.42
C GLN I 40 59.99 -58.55 -25.27
N MET I 41 59.14 -57.52 -25.21
CA MET I 41 59.19 -56.53 -24.14
C MET I 41 58.90 -57.15 -22.77
N TYR I 42 57.87 -58.02 -22.71
CA TYR I 42 57.49 -58.68 -21.47
C TYR I 42 58.62 -59.56 -20.93
N ARG I 43 59.16 -60.44 -21.79
CA ARG I 43 60.27 -61.29 -21.37
C ARG I 43 61.51 -60.50 -21.06
N THR I 44 61.70 -59.35 -21.74
CA THR I 44 62.88 -58.53 -21.50
C THR I 44 62.86 -57.93 -20.11
N GLU I 45 61.71 -57.40 -19.68
CA GLU I 45 61.58 -56.86 -18.33
C GLU I 45 61.78 -57.93 -17.27
N ILE I 46 61.18 -59.12 -17.49
CA ILE I 46 61.34 -60.21 -16.53
C ILE I 46 62.80 -60.66 -16.43
N ARG I 47 63.49 -60.72 -17.58
CA ARG I 47 64.89 -61.12 -17.62
C ARG I 47 65.78 -60.11 -16.93
N MET I 48 65.49 -58.81 -17.11
CA MET I 48 66.29 -57.76 -16.48
C MET I 48 66.21 -57.86 -14.96
N ALA I 49 64.98 -57.98 -14.43
CA ALA I 49 64.82 -58.08 -12.98
C ALA I 49 65.45 -59.36 -12.45
N ARG I 50 65.33 -60.44 -13.20
CA ARG I 50 65.85 -61.73 -12.79
C ARG I 50 67.38 -61.74 -12.80
N MET I 51 67.96 -61.02 -13.75
CA MET I 51 69.41 -60.85 -13.82
C MET I 51 69.94 -60.02 -12.66
N ALA I 52 69.21 -58.97 -12.29
CA ALA I 52 69.63 -58.16 -11.14
C ALA I 52 69.55 -58.97 -9.85
N ARG I 53 68.52 -59.80 -9.72
CA ARG I 53 68.42 -60.67 -8.54
C ARG I 53 69.56 -61.68 -8.49
N LYS I 54 69.93 -62.24 -9.65
CA LYS I 54 71.04 -63.18 -9.72
C LYS I 54 72.34 -62.49 -9.35
N ALA I 55 72.52 -61.24 -9.78
CA ALA I 55 73.73 -60.50 -9.44
C ALA I 55 73.74 -60.02 -8.00
N GLY I 56 72.57 -59.93 -7.36
CA GLY I 56 72.47 -59.42 -6.00
C GLY I 56 72.03 -57.99 -5.88
N ASN I 57 71.81 -57.30 -6.99
CA ASN I 57 71.42 -55.91 -7.02
C ASN I 57 69.90 -55.78 -7.14
N PHE I 58 69.44 -54.57 -7.40
CA PHE I 58 68.03 -54.27 -7.60
C PHE I 58 67.83 -53.73 -9.01
N TYR I 59 66.74 -54.13 -9.64
CA TYR I 59 66.33 -53.61 -10.93
C TYR I 59 65.13 -52.70 -10.74
N VAL I 60 65.33 -51.42 -10.96
CA VAL I 60 64.25 -50.44 -10.91
C VAL I 60 63.70 -50.31 -12.33
N PRO I 61 62.49 -50.76 -12.61
CA PRO I 61 61.97 -50.66 -13.97
C PRO I 61 61.59 -49.22 -14.27
N ALA I 62 61.27 -48.99 -15.54
CA ALA I 62 60.97 -47.64 -15.96
C ALA I 62 59.60 -47.25 -15.44
N GLU I 63 59.51 -46.08 -14.85
CA GLU I 63 58.20 -45.62 -14.41
C GLU I 63 57.35 -45.32 -15.64
N PRO I 64 56.10 -45.73 -15.63
CA PRO I 64 55.34 -45.87 -16.89
C PRO I 64 55.03 -44.56 -17.57
N LYS I 65 54.83 -44.67 -18.88
CA LYS I 65 54.60 -43.51 -19.72
C LYS I 65 53.13 -43.35 -20.05
N LEU I 66 52.30 -44.33 -19.70
CA LEU I 66 50.89 -44.34 -20.02
C LEU I 66 50.08 -44.49 -18.75
N ALA I 67 49.02 -43.69 -18.63
CA ALA I 67 48.10 -43.82 -17.54
C ALA I 67 46.68 -43.82 -18.09
N PHE I 68 45.82 -44.53 -17.39
CA PHE I 68 44.39 -44.47 -17.65
C PHE I 68 43.78 -43.73 -16.48
N VAL I 69 43.03 -42.69 -16.78
CA VAL I 69 42.39 -41.84 -15.79
C VAL I 69 40.89 -41.99 -15.97
N ILE I 70 40.15 -41.93 -14.87
CA ILE I 70 38.70 -42.06 -14.87
C ILE I 70 38.16 -40.96 -13.99
N ARG I 71 37.31 -40.10 -14.54
CA ARG I 71 36.57 -39.20 -13.67
C ARG I 71 35.50 -40.02 -12.98
N ILE I 72 35.52 -39.94 -11.65
CA ILE I 72 34.70 -40.77 -10.76
C ILE I 72 33.80 -39.95 -9.85
N ARG I 73 33.90 -38.63 -9.84
CA ARG I 73 32.94 -37.78 -9.15
C ARG I 73 32.14 -36.99 -10.16
N GLY I 74 30.98 -36.52 -9.73
CA GLY I 74 30.06 -35.82 -10.60
C GLY I 74 30.48 -34.39 -10.88
N ILE I 75 29.51 -33.61 -11.34
CA ILE I 75 29.77 -32.27 -11.85
C ILE I 75 29.16 -31.19 -10.97
N ASN I 76 28.69 -31.55 -9.77
CA ASN I 76 28.05 -30.59 -8.88
C ASN I 76 29.07 -30.14 -7.84
N GLY I 77 29.28 -28.83 -7.77
CA GLY I 77 30.09 -28.23 -6.74
C GLY I 77 31.57 -28.48 -6.96
N VAL I 78 32.07 -28.08 -8.12
CA VAL I 78 33.45 -28.32 -8.52
C VAL I 78 34.18 -26.98 -8.58
N SER I 79 35.41 -26.96 -8.08
CA SER I 79 36.26 -25.79 -8.15
C SER I 79 36.56 -25.43 -9.61
N PRO I 80 36.80 -24.14 -9.92
CA PRO I 80 37.07 -23.77 -11.32
C PRO I 80 38.37 -24.30 -11.86
N LYS I 81 39.41 -24.38 -11.03
CA LYS I 81 40.69 -24.91 -11.49
C LYS I 81 40.58 -26.41 -11.75
N VAL I 82 39.90 -27.13 -10.83
CA VAL I 82 39.62 -28.55 -11.02
C VAL I 82 38.78 -28.76 -12.27
N ARG I 83 37.78 -27.89 -12.49
CA ARG I 83 36.91 -27.95 -13.66
C ARG I 83 37.71 -27.80 -14.95
N LYS I 84 38.59 -26.79 -14.99
CA LYS I 84 39.41 -26.55 -16.17
C LYS I 84 40.37 -27.69 -16.44
N VAL I 85 41.00 -28.24 -15.38
CA VAL I 85 41.93 -29.34 -15.58
C VAL I 85 41.20 -30.58 -16.06
N LEU I 86 40.00 -30.85 -15.52
CA LEU I 86 39.24 -32.03 -15.94
C LEU I 86 38.77 -31.91 -17.38
N GLN I 87 38.38 -30.70 -17.81
CA GLN I 87 38.01 -30.58 -19.21
C GLN I 87 39.21 -30.46 -20.13
N LEU I 88 40.40 -30.16 -19.60
CA LEU I 88 41.61 -30.32 -20.43
C LEU I 88 42.01 -31.78 -20.52
N LEU I 89 41.63 -32.57 -19.53
CA LEU I 89 41.79 -34.02 -19.57
C LEU I 89 40.67 -34.70 -20.34
N ARG I 90 39.65 -33.94 -20.74
CA ARG I 90 38.47 -34.41 -21.48
C ARG I 90 37.58 -35.32 -20.64
N LEU I 91 37.56 -35.07 -19.33
CA LEU I 91 36.68 -35.81 -18.43
C LEU I 91 35.55 -34.87 -18.04
N ARG I 92 34.50 -34.88 -18.86
CA ARG I 92 33.37 -33.99 -18.66
C ARG I 92 32.16 -34.66 -18.02
N GLN I 93 32.19 -35.98 -17.82
CA GLN I 93 31.08 -36.73 -17.27
C GLN I 93 31.63 -37.64 -16.17
N ILE I 94 30.76 -38.30 -15.44
CA ILE I 94 31.26 -39.20 -14.41
C ILE I 94 31.49 -40.54 -15.08
N PHE I 95 32.50 -41.28 -14.58
CA PHE I 95 32.98 -42.55 -15.14
C PHE I 95 33.41 -42.38 -16.59
N ASN I 96 34.36 -41.47 -16.79
CA ASN I 96 34.54 -40.95 -18.15
C ASN I 96 35.98 -41.05 -18.63
N GLY I 97 36.57 -42.23 -18.57
CA GLY I 97 38.02 -42.36 -18.60
C GLY I 97 38.68 -42.03 -19.93
N THR I 98 39.99 -41.81 -19.87
CA THR I 98 40.82 -41.57 -21.05
C THR I 98 42.26 -41.95 -20.73
N PHE I 99 43.09 -41.92 -21.77
CA PHE I 99 44.52 -42.20 -21.65
C PHE I 99 45.28 -40.90 -21.59
N VAL I 100 46.25 -40.82 -20.69
CA VAL I 100 47.16 -39.69 -20.65
C VAL I 100 48.58 -40.22 -20.75
N LYS I 101 49.46 -39.38 -21.26
CA LYS I 101 50.87 -39.65 -21.35
C LYS I 101 51.55 -38.97 -20.17
N LEU I 102 52.37 -39.72 -19.45
CA LEU I 102 52.85 -39.29 -18.15
C LEU I 102 54.17 -38.57 -18.31
N ASN I 103 54.18 -37.31 -17.89
CA ASN I 103 55.40 -36.54 -17.72
C ASN I 103 55.15 -35.60 -16.55
N LYS I 104 56.01 -34.60 -16.39
CA LYS I 104 55.89 -33.73 -15.22
C LYS I 104 54.64 -32.86 -15.28
N ALA I 105 54.35 -32.28 -16.45
CA ALA I 105 53.20 -31.41 -16.61
C ALA I 105 51.88 -32.16 -16.39
N SER I 106 51.75 -33.32 -17.03
CA SER I 106 50.57 -34.15 -16.88
C SER I 106 50.43 -34.67 -15.45
N ILE I 107 51.53 -35.07 -14.82
CA ILE I 107 51.46 -35.59 -13.46
C ILE I 107 51.04 -34.49 -12.48
N ASN I 108 51.50 -33.26 -12.71
CA ASN I 108 51.11 -32.18 -11.82
C ASN I 108 49.65 -31.79 -12.01
N MET I 109 49.12 -31.84 -13.24
CA MET I 109 47.70 -31.55 -13.33
C MET I 109 46.82 -32.71 -12.85
N LEU I 110 47.30 -33.96 -12.89
CA LEU I 110 46.60 -35.04 -12.20
C LEU I 110 46.61 -34.82 -10.69
N ARG I 111 47.75 -34.37 -10.15
CA ARG I 111 47.85 -34.05 -8.74
C ARG I 111 46.89 -32.93 -8.35
N ILE I 112 46.66 -31.99 -9.28
CA ILE I 112 45.61 -30.99 -9.08
C ILE I 112 44.25 -31.69 -8.97
N VAL I 113 43.87 -32.45 -10.00
CA VAL I 113 42.58 -33.11 -9.85
C VAL I 113 42.79 -34.50 -9.28
N GLU I 114 43.31 -34.58 -8.09
CA GLU I 114 43.41 -35.87 -7.43
C GLU I 114 42.07 -36.38 -6.86
N PRO I 115 41.29 -35.66 -6.05
CA PRO I 115 40.12 -36.29 -5.42
C PRO I 115 38.92 -36.48 -6.33
N TYR I 116 39.06 -36.29 -7.64
CA TYR I 116 37.98 -36.43 -8.60
C TYR I 116 38.17 -37.60 -9.56
N ILE I 117 39.40 -38.10 -9.67
CA ILE I 117 39.72 -39.14 -10.62
C ILE I 117 40.28 -40.34 -9.86
N ALA I 118 40.16 -41.49 -10.49
CA ALA I 118 40.95 -42.66 -10.15
C ALA I 118 41.82 -42.92 -11.37
N TRP I 119 43.11 -43.07 -11.15
CA TRP I 119 43.98 -43.30 -12.29
C TRP I 119 45.02 -44.33 -11.95
N GLY I 120 45.64 -44.83 -13.00
CA GLY I 120 46.67 -45.83 -12.82
C GLY I 120 47.35 -46.17 -14.11
N TYR I 121 48.03 -47.30 -14.09
CA TYR I 121 48.81 -47.70 -15.25
C TYR I 121 48.14 -48.89 -15.90
N PRO I 122 47.60 -48.76 -17.10
CA PRO I 122 46.92 -49.88 -17.74
C PRO I 122 47.90 -50.87 -18.33
N ASN I 123 47.47 -52.13 -18.39
CA ASN I 123 48.26 -53.14 -19.06
C ASN I 123 47.70 -53.36 -20.47
N LEU I 124 48.36 -54.27 -21.19
CA LEU I 124 48.04 -54.52 -22.59
C LEU I 124 46.64 -55.10 -22.76
N LYS I 125 46.20 -55.92 -21.81
CA LYS I 125 44.85 -56.44 -21.86
C LYS I 125 43.83 -55.32 -21.68
N SER I 126 44.12 -54.36 -20.80
CA SER I 126 43.19 -53.27 -20.58
C SER I 126 43.10 -52.36 -21.81
N VAL I 127 44.24 -52.14 -22.48
CA VAL I 127 44.18 -51.34 -23.70
C VAL I 127 43.46 -52.10 -24.80
N ASN I 128 43.55 -53.44 -24.82
CA ASN I 128 42.80 -54.21 -25.81
C ASN I 128 41.30 -54.11 -25.57
N GLU I 129 40.86 -54.39 -24.35
CA GLU I 129 39.43 -54.31 -24.00
C GLU I 129 38.86 -52.93 -24.24
N LEU I 130 39.62 -51.88 -23.86
CA LEU I 130 39.12 -50.52 -24.00
C LEU I 130 38.99 -50.13 -25.47
N ILE I 131 39.99 -50.40 -26.30
CA ILE I 131 39.87 -49.94 -27.69
C ILE I 131 38.89 -50.82 -28.46
N TYR I 132 38.78 -52.12 -28.14
CA TYR I 132 37.88 -52.95 -28.92
C TYR I 132 36.43 -52.80 -28.49
N LYS I 133 36.16 -52.76 -27.18
CA LYS I 133 34.76 -52.70 -26.77
C LYS I 133 34.22 -51.29 -26.83
N ARG I 134 34.97 -50.34 -26.30
CA ARG I 134 34.45 -48.99 -26.13
C ARG I 134 35.24 -47.99 -26.97
N GLY I 135 35.58 -48.40 -28.19
CA GLY I 135 36.42 -47.61 -29.06
C GLY I 135 35.64 -46.75 -30.01
N TYR I 136 35.66 -45.44 -29.80
CA TYR I 136 34.99 -44.51 -30.68
C TYR I 136 35.98 -43.46 -31.13
N GLY I 137 35.91 -43.10 -32.40
CA GLY I 137 36.85 -42.13 -32.93
C GLY I 137 36.17 -40.82 -33.22
N LYS I 138 36.95 -39.76 -33.32
CA LYS I 138 36.41 -38.44 -33.61
C LYS I 138 36.69 -38.11 -35.08
N ILE I 139 35.65 -38.16 -35.90
CA ILE I 139 35.74 -38.02 -37.35
C ILE I 139 34.85 -36.85 -37.77
N ASN I 140 35.50 -35.74 -38.15
CA ASN I 140 34.93 -34.39 -38.31
C ASN I 140 33.86 -34.07 -37.27
N LYS I 141 34.32 -34.08 -36.02
CA LYS I 141 33.59 -33.64 -34.82
C LYS I 141 32.41 -34.55 -34.48
N LYS I 142 32.38 -35.76 -35.04
CA LYS I 142 31.36 -36.75 -34.70
C LYS I 142 32.00 -37.92 -33.98
N ARG I 143 31.17 -38.67 -33.25
CA ARG I 143 31.63 -39.79 -32.44
C ARG I 143 31.20 -41.07 -33.15
N ILE I 144 32.15 -41.74 -33.80
CA ILE I 144 31.86 -42.83 -34.71
C ILE I 144 32.45 -44.09 -34.12
N ALA I 145 31.66 -45.17 -34.11
CA ALA I 145 32.12 -46.45 -33.62
C ALA I 145 33.22 -47.01 -34.52
N LEU I 146 34.29 -47.49 -33.90
CA LEU I 146 35.42 -48.03 -34.63
C LEU I 146 35.04 -49.43 -35.08
N THR I 147 34.44 -49.52 -36.27
CA THR I 147 34.12 -50.79 -36.88
C THR I 147 34.95 -51.05 -38.13
N ASP I 148 35.83 -50.14 -38.51
CA ASP I 148 36.44 -50.20 -39.82
C ASP I 148 37.87 -49.69 -39.79
N ASN I 149 38.79 -50.54 -40.22
CA ASN I 149 40.15 -50.09 -40.45
C ASN I 149 40.22 -49.03 -41.55
N ALA I 150 39.23 -49.01 -42.46
CA ALA I 150 39.14 -47.92 -43.43
C ALA I 150 38.89 -46.59 -42.73
N LEU I 151 38.05 -46.60 -41.68
CA LEU I 151 37.79 -45.40 -40.90
C LEU I 151 39.04 -44.93 -40.19
N ILE I 152 39.74 -45.87 -39.55
CA ILE I 152 40.98 -45.55 -38.83
C ILE I 152 42.04 -45.05 -39.81
N ALA I 153 42.17 -45.67 -40.98
CA ALA I 153 43.18 -45.28 -41.95
C ALA I 153 42.85 -43.92 -42.58
N ARG I 154 41.57 -43.64 -42.82
CA ARG I 154 41.20 -42.36 -43.41
C ARG I 154 41.36 -41.22 -42.42
N SER I 155 41.37 -41.50 -41.13
CA SER I 155 41.67 -40.41 -40.22
C SER I 155 43.16 -40.32 -39.83
N LEU I 156 43.85 -41.45 -39.71
CA LEU I 156 45.20 -41.50 -39.13
C LEU I 156 46.24 -42.18 -40.02
N GLY I 157 45.95 -42.41 -41.30
CA GLY I 157 46.93 -43.06 -42.16
C GLY I 157 48.15 -42.22 -42.49
N LYS I 158 48.07 -40.90 -42.30
CA LYS I 158 49.24 -40.04 -42.53
C LYS I 158 50.32 -40.19 -41.47
N TYR I 159 50.04 -40.91 -40.37
CA TYR I 159 51.04 -41.22 -39.36
C TYR I 159 51.42 -42.69 -39.37
N GLY I 160 50.97 -43.44 -40.36
CA GLY I 160 51.24 -44.85 -40.43
C GLY I 160 50.32 -45.69 -39.58
N ILE I 161 49.27 -45.09 -39.02
CA ILE I 161 48.30 -45.78 -38.17
C ILE I 161 47.14 -46.14 -39.08
N ILE I 162 47.06 -47.39 -39.51
CA ILE I 162 46.06 -47.81 -40.48
C ILE I 162 45.16 -48.91 -39.97
N CYS I 163 45.33 -49.36 -38.73
CA CYS I 163 44.48 -50.40 -38.19
C CYS I 163 44.32 -50.21 -36.69
N MET I 164 43.37 -50.95 -36.13
CA MET I 164 43.13 -50.90 -34.69
C MET I 164 44.32 -51.44 -33.92
N GLU I 165 45.07 -52.36 -34.54
CA GLU I 165 46.29 -52.85 -33.91
C GLU I 165 47.36 -51.78 -33.91
N ASP I 166 47.41 -50.95 -34.95
CA ASP I 166 48.36 -49.83 -34.98
C ASP I 166 47.99 -48.81 -33.92
N LEU I 167 46.69 -48.56 -33.73
CA LEU I 167 46.22 -47.67 -32.68
C LEU I 167 46.59 -48.18 -31.30
N ILE I 168 46.31 -49.46 -31.04
CA ILE I 168 46.62 -50.06 -29.74
C ILE I 168 48.12 -50.05 -29.49
N HIS I 169 48.91 -50.25 -30.56
CA HIS I 169 50.36 -50.21 -30.40
C HIS I 169 50.86 -48.83 -30.06
N GLU I 170 50.34 -47.79 -30.71
CA GLU I 170 50.72 -46.42 -30.39
C GLU I 170 50.39 -46.08 -28.94
N ILE I 171 49.15 -46.36 -28.54
CA ILE I 171 48.69 -46.01 -27.18
C ILE I 171 49.50 -46.77 -26.13
N TYR I 172 49.75 -48.06 -26.36
CA TYR I 172 50.48 -48.83 -25.36
C TYR I 172 51.96 -48.47 -25.37
N THR I 173 52.63 -48.68 -26.50
CA THR I 173 53.94 -48.09 -26.72
C THR I 173 53.70 -46.69 -27.25
N VAL I 174 53.76 -45.72 -26.35
CA VAL I 174 53.52 -44.31 -26.60
C VAL I 174 54.53 -43.80 -27.62
N GLY I 175 54.07 -43.64 -28.86
CA GLY I 175 54.93 -43.31 -29.97
C GLY I 175 55.10 -41.82 -30.12
N LYS I 176 55.55 -41.43 -31.31
CA LYS I 176 55.68 -40.00 -31.59
C LYS I 176 54.35 -39.38 -31.99
N ARG I 177 53.35 -40.19 -32.33
CA ARG I 177 52.05 -39.69 -32.75
C ARG I 177 50.97 -40.00 -31.73
N PHE I 178 51.39 -40.18 -30.47
CA PHE I 178 50.46 -40.55 -29.40
C PHE I 178 49.41 -39.48 -29.17
N LYS I 179 49.80 -38.21 -29.32
CA LYS I 179 48.85 -37.10 -29.15
C LYS I 179 47.73 -37.19 -30.17
N GLU I 180 48.09 -37.47 -31.42
CA GLU I 180 47.12 -37.55 -32.50
C GLU I 180 46.23 -38.78 -32.34
N ALA I 181 46.82 -39.92 -31.93
CA ALA I 181 46.02 -41.13 -31.72
C ALA I 181 45.06 -40.98 -30.55
N ASN I 182 45.55 -40.44 -29.43
CA ASN I 182 44.72 -40.25 -28.25
C ASN I 182 43.66 -39.18 -28.47
N ASN I 183 43.93 -38.17 -29.30
CA ASN I 183 42.93 -37.18 -29.60
C ASN I 183 41.92 -37.70 -30.60
N PHE I 184 42.32 -38.63 -31.47
CA PHE I 184 41.37 -39.31 -32.33
C PHE I 184 40.40 -40.12 -31.50
N LEU I 185 40.89 -40.73 -30.42
CA LEU I 185 40.03 -41.53 -29.57
C LEU I 185 39.08 -40.62 -28.79
N TRP I 186 37.79 -40.85 -28.95
CA TRP I 186 36.79 -40.22 -28.10
C TRP I 186 36.98 -40.73 -26.68
N PRO I 187 36.74 -39.87 -25.68
CA PRO I 187 36.85 -40.32 -24.28
C PRO I 187 35.88 -41.45 -23.96
N PHE I 188 36.40 -42.46 -23.28
CA PHE I 188 35.66 -43.68 -23.03
C PHE I 188 34.59 -43.44 -21.98
N LYS I 189 33.38 -43.85 -22.29
CA LYS I 189 32.25 -43.73 -21.40
C LYS I 189 32.10 -45.09 -20.74
N LEU I 190 32.57 -45.22 -19.50
CA LEU I 190 32.52 -46.55 -18.92
C LEU I 190 31.17 -46.71 -18.22
N SER I 191 30.83 -47.94 -17.90
CA SER I 191 29.64 -48.18 -17.09
C SER I 191 29.94 -47.90 -15.62
N SER I 192 28.94 -48.10 -14.77
CA SER I 192 29.20 -48.05 -13.34
C SER I 192 30.06 -49.25 -12.93
N PRO I 193 30.87 -49.11 -11.90
CA PRO I 193 31.65 -50.24 -11.39
C PRO I 193 30.80 -51.38 -10.83
N ARG I 194 30.82 -52.52 -11.50
CA ARG I 194 30.08 -53.68 -11.02
C ARG I 194 30.76 -54.23 -9.78
N GLY I 195 30.05 -54.16 -8.66
CA GLY I 195 30.58 -54.55 -7.38
C GLY I 195 30.73 -53.40 -6.41
N GLY I 196 30.83 -52.17 -6.89
CA GLY I 196 30.94 -51.03 -6.02
C GLY I 196 32.36 -50.49 -5.93
N MET I 197 32.53 -49.58 -4.97
CA MET I 197 33.72 -48.74 -4.91
C MET I 197 34.35 -48.66 -3.52
N LYS I 198 33.60 -48.98 -2.46
CA LYS I 198 33.95 -49.05 -1.04
C LYS I 198 34.16 -47.72 -0.32
N LYS I 199 34.48 -46.63 -1.06
CA LYS I 199 34.24 -45.23 -0.70
C LYS I 199 34.67 -44.31 -1.84
N LYS I 200 33.77 -43.49 -2.35
CA LYS I 200 34.10 -42.67 -3.52
C LYS I 200 34.96 -41.47 -3.16
N THR I 201 34.79 -40.95 -1.95
CA THR I 201 35.24 -39.61 -1.60
C THR I 201 36.52 -39.59 -0.79
N THR I 202 37.36 -40.61 -0.90
CA THR I 202 38.63 -40.53 -0.19
C THR I 202 39.67 -41.26 -1.05
N HIS I 203 40.93 -41.10 -0.68
CA HIS I 203 42.03 -41.60 -1.47
C HIS I 203 42.14 -43.12 -1.36
N PHE I 204 42.69 -43.73 -2.42
CA PHE I 204 42.78 -45.19 -2.50
C PHE I 204 43.64 -45.79 -1.40
N VAL I 205 44.71 -45.10 -0.98
CA VAL I 205 45.59 -45.65 0.04
C VAL I 205 45.01 -45.57 1.44
N GLU I 206 43.90 -44.84 1.62
CA GLU I 206 43.20 -44.82 2.90
C GLU I 206 41.82 -45.43 2.77
N GLY I 207 41.64 -46.33 1.82
CA GLY I 207 40.41 -47.10 1.71
C GLY I 207 39.40 -46.60 0.71
N GLY I 208 39.78 -45.68 -0.17
CA GLY I 208 38.83 -45.12 -1.12
C GLY I 208 39.16 -45.45 -2.56
N ASP I 209 38.92 -44.52 -3.47
CA ASP I 209 39.14 -44.78 -4.89
C ASP I 209 40.01 -43.72 -5.54
N ALA I 210 39.96 -42.51 -5.01
CA ALA I 210 40.62 -41.40 -5.66
C ALA I 210 42.14 -41.55 -5.60
N GLY I 211 42.80 -40.96 -6.58
CA GLY I 211 44.23 -40.96 -6.62
C GLY I 211 44.80 -42.06 -7.49
N ASN I 212 46.06 -42.38 -7.22
CA ASN I 212 46.83 -43.29 -8.05
C ASN I 212 46.89 -44.66 -7.35
N ARG I 213 45.91 -45.50 -7.63
CA ARG I 213 46.13 -46.95 -7.56
C ARG I 213 47.01 -47.35 -8.72
N GLU I 214 48.07 -48.09 -8.46
CA GLU I 214 49.10 -48.20 -9.50
C GLU I 214 48.67 -49.16 -10.60
N ASP I 215 48.51 -50.44 -10.28
CA ASP I 215 48.03 -51.39 -11.26
C ASP I 215 46.70 -52.01 -10.84
N GLN I 216 46.07 -51.49 -9.79
CA GLN I 216 44.70 -51.88 -9.47
C GLN I 216 43.67 -51.19 -10.35
N ILE I 217 44.14 -50.24 -11.19
CA ILE I 217 43.30 -49.65 -12.20
C ILE I 217 42.85 -50.70 -13.21
N ASN I 218 43.60 -51.80 -13.36
CA ASN I 218 43.19 -52.85 -14.27
C ASN I 218 42.01 -53.63 -13.72
N ARG I 219 42.03 -53.88 -12.40
CA ARG I 219 40.87 -54.47 -11.73
C ARG I 219 39.65 -53.59 -11.91
N LEU I 220 39.84 -52.28 -11.71
CA LEU I 220 38.74 -51.33 -11.90
C LEU I 220 38.26 -51.32 -13.34
N ILE I 221 39.17 -51.44 -14.30
CA ILE I 221 38.81 -51.40 -15.72
C ILE I 221 38.04 -52.66 -16.12
N ARG I 222 38.44 -53.83 -15.59
CA ARG I 222 37.68 -55.06 -15.82
C ARG I 222 36.26 -54.94 -15.30
N ARG I 223 36.13 -54.42 -14.08
CA ARG I 223 34.81 -54.28 -13.48
C ARG I 223 33.98 -53.20 -14.17
N MET I 224 34.62 -52.23 -14.79
CA MET I 224 33.95 -51.01 -15.24
C MET I 224 33.64 -50.96 -16.73
N ASN I 225 34.46 -51.54 -17.60
CA ASN I 225 34.10 -51.52 -19.01
C ASN I 225 33.05 -52.58 -19.33
N LYS J 1 -68.29 108.96 9.44
CA LYS J 1 -69.38 109.82 9.93
C LYS J 1 -70.54 108.97 10.43
N VAL J 2 -70.74 107.80 9.83
CA VAL J 2 -71.80 106.86 10.22
C VAL J 2 -71.20 105.48 10.48
N VAL J 3 -69.90 105.46 10.80
CA VAL J 3 -69.12 104.22 10.80
C VAL J 3 -69.59 103.30 11.93
N ASN J 4 -69.42 101.99 11.73
CA ASN J 4 -69.91 101.00 12.66
C ASN J 4 -68.95 100.86 13.85
N PRO J 5 -69.46 100.87 15.08
CA PRO J 5 -68.59 100.70 16.24
C PRO J 5 -68.10 99.27 16.44
N LEU J 6 -68.60 98.29 15.69
CA LEU J 6 -68.17 96.92 15.91
C LEU J 6 -66.87 96.61 15.17
N PHE J 7 -66.51 97.41 14.17
CA PHE J 7 -65.26 97.18 13.48
C PHE J 7 -64.11 97.64 14.36
N GLU J 8 -62.97 96.96 14.26
CA GLU J 8 -61.90 97.19 15.22
C GLU J 8 -60.60 96.80 14.54
N LYS J 9 -59.59 97.66 14.69
CA LYS J 9 -58.23 97.32 14.31
C LYS J 9 -57.67 96.29 15.29
N ARG J 10 -57.52 95.04 14.83
CA ARG J 10 -56.88 94.01 15.63
C ARG J 10 -55.54 93.61 15.00
N PRO J 11 -54.46 94.31 15.30
CA PRO J 11 -53.17 93.98 14.68
C PRO J 11 -52.56 92.72 15.30
N LYS J 12 -51.62 92.14 14.57
CA LYS J 12 -50.83 91.04 15.10
C LYS J 12 -49.35 91.34 14.90
N ASN J 13 -48.57 91.06 15.93
CA ASN J 13 -47.14 91.30 15.92
C ASN J 13 -46.41 89.99 15.65
N PHE J 14 -45.35 90.07 14.86
CA PHE J 14 -44.62 88.89 14.41
C PHE J 14 -43.24 88.84 15.04
N GLY J 15 -43.17 89.17 16.32
CA GLY J 15 -41.96 88.96 17.07
C GLY J 15 -41.72 87.48 17.32
N ILE J 16 -40.56 87.20 17.89
CA ILE J 16 -40.15 85.83 18.18
C ILE J 16 -40.99 85.28 19.32
N GLY J 17 -41.62 84.12 19.09
CA GLY J 17 -42.46 83.51 20.09
C GLY J 17 -43.86 84.05 20.14
N GLN J 18 -44.14 85.08 19.37
CA GLN J 18 -45.45 85.68 19.28
C GLN J 18 -46.17 85.02 18.11
N ASP J 19 -47.19 85.69 17.60
CA ASP J 19 -48.04 85.18 16.51
C ASP J 19 -47.21 84.68 15.32
N ILE J 20 -47.72 83.63 14.65
CA ILE J 20 -46.84 82.87 13.77
C ILE J 20 -46.54 83.69 12.50
N GLN J 21 -45.49 83.28 11.80
CA GLN J 21 -44.89 84.14 10.77
C GLN J 21 -45.80 84.22 9.54
N PRO J 22 -45.89 85.37 8.89
CA PRO J 22 -46.65 85.46 7.65
C PRO J 22 -45.91 84.76 6.52
N LYS J 23 -46.67 84.37 5.51
CA LYS J 23 -46.09 83.74 4.32
C LYS J 23 -45.38 84.84 3.53
N ARG J 24 -44.16 85.16 3.95
CA ARG J 24 -43.35 86.16 3.27
C ARG J 24 -42.59 85.49 2.13
N ASP J 25 -41.81 86.29 1.41
CA ASP J 25 -41.13 85.77 0.23
C ASP J 25 -39.92 84.95 0.64
N LEU J 26 -39.85 83.72 0.15
CA LEU J 26 -38.82 82.76 0.51
C LEU J 26 -37.88 82.44 -0.65
N THR J 27 -37.87 83.26 -1.70
CA THR J 27 -37.26 82.86 -2.97
C THR J 27 -35.73 82.77 -2.90
N ARG J 28 -35.11 83.31 -1.86
CA ARG J 28 -33.67 83.19 -1.74
C ARG J 28 -33.26 81.86 -1.11
N PHE J 29 -34.16 81.22 -0.37
CA PHE J 29 -33.84 80.05 0.41
C PHE J 29 -34.57 78.81 -0.08
N VAL J 30 -34.66 78.65 -1.39
CA VAL J 30 -35.39 77.52 -1.97
C VAL J 30 -34.41 76.40 -2.25
N LYS J 31 -34.86 75.17 -2.03
CA LYS J 31 -34.14 73.96 -2.43
C LYS J 31 -34.37 73.80 -3.93
N TRP J 32 -33.46 74.35 -4.72
CA TRP J 32 -33.63 74.33 -6.16
C TRP J 32 -33.18 72.99 -6.74
N PRO J 33 -33.74 72.59 -7.88
CA PRO J 33 -33.24 71.40 -8.56
C PRO J 33 -31.81 71.58 -9.07
N ARG J 34 -31.15 70.44 -9.26
CA ARG J 34 -29.71 70.43 -9.50
C ARG J 34 -29.32 71.10 -10.81
N TYR J 35 -30.18 71.09 -11.83
CA TYR J 35 -29.81 71.80 -13.04
C TYR J 35 -29.84 73.30 -12.84
N ILE J 36 -30.76 73.81 -12.03
CA ILE J 36 -30.81 75.22 -11.70
C ILE J 36 -29.60 75.60 -10.86
N ARG J 37 -29.27 74.77 -9.87
CA ARG J 37 -28.07 74.99 -9.07
C ARG J 37 -26.81 74.96 -9.94
N LEU J 38 -26.80 74.09 -10.96
CA LEU J 38 -25.65 73.96 -11.83
C LEU J 38 -25.47 75.19 -12.69
N GLN J 39 -26.54 75.70 -13.30
CA GLN J 39 -26.37 76.87 -14.14
C GLN J 39 -26.08 78.14 -13.33
N ARG J 40 -26.66 78.25 -12.13
CA ARG J 40 -26.37 79.41 -11.29
C ARG J 40 -24.94 79.37 -10.77
N GLN J 41 -24.47 78.20 -10.35
CA GLN J 41 -23.10 78.10 -9.89
C GLN J 41 -22.12 78.23 -11.04
N ARG J 42 -22.51 77.86 -12.26
CA ARG J 42 -21.65 78.07 -13.42
C ARG J 42 -21.47 79.56 -13.71
N ALA J 43 -22.56 80.33 -13.64
CA ALA J 43 -22.46 81.78 -13.80
C ALA J 43 -21.62 82.40 -12.70
N ILE J 44 -21.80 81.91 -11.46
CA ILE J 44 -21.03 82.42 -10.33
C ILE J 44 -19.55 82.11 -10.49
N LEU J 45 -19.26 80.91 -10.97
CA LEU J 45 -17.89 80.47 -11.17
C LEU J 45 -17.18 81.33 -12.21
N TYR J 46 -17.87 81.67 -13.29
CA TYR J 46 -17.25 82.49 -14.32
C TYR J 46 -16.87 83.84 -13.76
N LYS J 47 -17.78 84.43 -13.00
CA LYS J 47 -17.49 85.70 -12.38
C LYS J 47 -16.39 85.59 -11.33
N ARG J 48 -16.36 84.49 -10.59
CA ARG J 48 -15.34 84.42 -9.54
C ARG J 48 -13.94 84.18 -10.09
N LEU J 49 -13.80 83.31 -11.08
CA LEU J 49 -12.47 82.87 -11.49
C LEU J 49 -11.82 83.92 -12.38
N LYS J 50 -10.52 83.74 -12.63
CA LYS J 50 -9.80 84.58 -13.57
C LYS J 50 -10.11 84.09 -14.98
N VAL J 51 -10.86 84.89 -15.72
CA VAL J 51 -11.29 84.52 -17.06
C VAL J 51 -10.29 85.13 -18.04
N PRO J 52 -9.72 84.33 -18.95
CA PRO J 52 -8.74 84.85 -19.92
C PRO J 52 -9.34 85.85 -20.89
N PRO J 53 -8.48 86.68 -21.52
CA PRO J 53 -8.98 87.79 -22.33
C PRO J 53 -9.72 87.35 -23.58
N ALA J 54 -9.49 86.12 -24.05
CA ALA J 54 -10.15 85.61 -25.23
C ALA J 54 -11.61 85.31 -24.98
N ILE J 55 -12.06 85.36 -23.72
CA ILE J 55 -13.45 85.24 -23.36
C ILE J 55 -13.98 86.57 -22.82
N ASN J 56 -13.10 87.37 -22.21
CA ASN J 56 -13.49 88.72 -21.78
C ASN J 56 -13.90 89.59 -22.96
N GLN J 57 -13.27 89.37 -24.12
CA GLN J 57 -13.67 90.11 -25.31
C GLN J 57 -15.09 89.79 -25.72
N PHE J 58 -15.54 88.55 -25.48
CA PHE J 58 -16.93 88.23 -25.77
C PHE J 58 -17.87 88.79 -24.72
N THR J 59 -17.38 88.96 -23.49
CA THR J 59 -18.16 89.73 -22.52
C THR J 59 -18.36 91.18 -22.94
N GLN J 60 -17.35 91.79 -23.57
CA GLN J 60 -17.50 93.18 -24.02
C GLN J 60 -18.33 93.27 -25.30
N ALA J 61 -19.64 93.45 -25.13
CA ALA J 61 -20.60 93.48 -26.24
C ALA J 61 -20.84 94.92 -26.71
N LEU J 62 -21.91 95.13 -27.47
CA LEU J 62 -22.19 96.41 -28.13
C LEU J 62 -23.24 97.25 -27.41
N ASP J 63 -23.16 98.55 -27.67
CA ASP J 63 -24.15 99.52 -27.19
C ASP J 63 -25.50 99.18 -27.82
N ARG J 64 -26.57 99.54 -27.11
CA ARG J 64 -27.91 99.16 -27.54
C ARG J 64 -28.39 99.92 -28.76
N GLN J 65 -28.17 101.24 -28.83
CA GLN J 65 -28.68 102.00 -29.97
C GLN J 65 -27.96 101.64 -31.27
N THR J 66 -26.63 101.54 -31.25
CA THR J 66 -25.92 101.05 -32.43
C THR J 66 -26.28 99.60 -32.76
N ALA J 67 -26.57 98.76 -31.75
CA ALA J 67 -27.01 97.38 -32.01
C ALA J 67 -28.33 97.37 -32.77
N THR J 68 -29.29 98.19 -32.35
CA THR J 68 -30.56 98.26 -33.07
C THR J 68 -30.38 98.82 -34.47
N GLN J 69 -29.47 99.79 -34.64
CA GLN J 69 -29.21 100.35 -35.96
C GLN J 69 -28.62 99.29 -36.89
N LEU J 70 -27.65 98.52 -36.38
CA LEU J 70 -27.09 97.39 -37.13
C LEU J 70 -28.16 96.35 -37.48
N LEU J 71 -29.06 96.06 -36.54
CA LEU J 71 -30.11 95.09 -36.86
C LEU J 71 -31.03 95.63 -37.96
N LYS J 72 -31.42 96.90 -37.89
CA LYS J 72 -32.21 97.46 -38.98
C LYS J 72 -31.49 97.24 -40.32
N LEU J 73 -30.19 97.54 -40.34
CA LEU J 73 -29.38 97.36 -41.55
C LEU J 73 -29.37 95.90 -42.00
N ALA J 74 -29.31 94.98 -41.04
CA ALA J 74 -29.28 93.55 -41.37
C ALA J 74 -30.65 93.04 -41.81
N HIS J 75 -31.72 93.57 -41.20
CA HIS J 75 -33.07 93.25 -41.66
C HIS J 75 -33.30 93.72 -43.10
N LYS J 76 -32.64 94.81 -43.51
CA LYS J 76 -32.68 95.23 -44.92
C LYS J 76 -32.11 94.16 -45.86
N TYR J 77 -31.18 93.33 -45.40
CA TYR J 77 -30.44 92.38 -46.24
C TYR J 77 -30.52 90.94 -45.74
N ARG J 78 -31.56 90.62 -44.97
CA ARG J 78 -31.76 89.26 -44.48
C ARG J 78 -31.96 88.28 -45.64
N PRO J 79 -31.59 87.02 -45.47
CA PRO J 79 -31.82 86.03 -46.55
C PRO J 79 -33.31 85.75 -46.72
N GLU J 80 -33.60 85.02 -47.79
CA GLU J 80 -34.99 84.75 -48.13
C GLU J 80 -35.41 83.37 -47.62
N THR J 81 -36.71 83.23 -47.36
CA THR J 81 -37.23 81.99 -46.86
C THR J 81 -37.63 81.08 -48.01
N LYS J 82 -38.14 79.90 -47.66
CA LYS J 82 -38.41 78.87 -48.65
C LYS J 82 -39.58 79.23 -49.56
N GLN J 83 -40.64 79.82 -48.99
CA GLN J 83 -41.82 80.12 -49.81
C GLN J 83 -41.55 81.25 -50.79
N GLU J 84 -40.91 82.34 -50.33
CA GLU J 84 -40.57 83.42 -51.25
C GLU J 84 -39.49 82.99 -52.22
N LYS J 85 -38.64 82.05 -51.81
CA LYS J 85 -37.62 81.51 -52.71
C LYS J 85 -38.26 80.73 -53.85
N LYS J 86 -39.24 79.88 -53.52
CA LYS J 86 -39.91 79.12 -54.56
C LYS J 86 -40.79 80.00 -55.44
N GLN J 87 -41.31 81.11 -54.88
CA GLN J 87 -41.99 82.10 -55.70
C GLN J 87 -41.02 82.73 -56.70
N ARG J 88 -39.82 83.06 -56.24
CA ARG J 88 -38.76 83.57 -57.12
C ARG J 88 -38.40 82.57 -58.21
N LEU J 89 -38.34 81.28 -57.86
CA LEU J 89 -37.98 80.26 -58.85
C LEU J 89 -39.08 80.09 -59.89
N LEU J 90 -40.34 80.09 -59.46
CA LEU J 90 -41.43 79.97 -60.44
C LEU J 90 -41.56 81.21 -61.31
N ALA J 91 -41.29 82.40 -60.74
CA ALA J 91 -41.28 83.63 -61.53
C ALA J 91 -40.15 83.61 -62.56
N ARG J 92 -38.98 83.11 -62.16
CA ARG J 92 -37.85 82.97 -63.07
C ARG J 92 -38.16 81.98 -64.18
N ALA J 93 -38.86 80.89 -63.84
CA ALA J 93 -39.21 79.87 -64.83
C ALA J 93 -40.22 80.40 -65.83
N GLU J 94 -41.23 81.14 -65.37
CA GLU J 94 -42.20 81.69 -66.32
C GLU J 94 -41.62 82.80 -67.18
N LYS J 95 -40.72 83.65 -66.65
CA LYS J 95 -40.12 84.67 -67.50
C LYS J 95 -39.14 84.06 -68.50
N LYS J 96 -38.47 82.95 -68.11
CA LYS J 96 -37.61 82.22 -69.03
C LYS J 96 -38.42 81.54 -70.12
N ALA J 97 -39.60 81.02 -69.76
CA ALA J 97 -40.51 80.46 -70.75
C ALA J 97 -41.00 81.53 -71.70
N ALA J 98 -41.26 82.74 -71.19
CA ALA J 98 -41.63 83.88 -72.03
C ALA J 98 -41.19 85.16 -71.34
N GLY J 99 -40.26 85.91 -71.94
CA GLY J 99 -39.55 85.50 -73.15
C GLY J 99 -38.16 86.07 -73.36
N LYS J 100 -37.64 86.80 -72.37
CA LYS J 100 -36.42 87.59 -72.57
C LYS J 100 -35.16 86.74 -72.42
N GLY J 101 -35.27 85.54 -71.84
CA GLY J 101 -34.19 84.58 -71.86
C GLY J 101 -33.48 84.35 -70.53
N ASP J 102 -32.14 84.31 -70.55
CA ASP J 102 -31.39 83.88 -69.37
C ASP J 102 -31.50 84.87 -68.22
N VAL J 103 -31.01 86.10 -68.44
CA VAL J 103 -31.24 87.27 -67.58
C VAL J 103 -30.84 87.04 -66.12
N PRO J 104 -29.55 87.05 -65.77
CA PRO J 104 -29.17 86.91 -64.35
C PRO J 104 -29.70 88.04 -63.48
N THR J 105 -29.86 89.23 -64.06
CA THR J 105 -30.52 90.44 -63.49
C THR J 105 -30.01 90.80 -62.09
N LYS J 106 -28.69 90.73 -61.92
CA LYS J 106 -27.96 91.31 -60.79
C LYS J 106 -28.42 90.72 -59.45
N ARG J 107 -28.04 89.45 -59.25
CA ARG J 107 -28.22 88.64 -58.05
C ARG J 107 -27.91 89.41 -56.78
N PRO J 108 -28.91 89.59 -55.90
CA PRO J 108 -28.85 90.65 -54.88
C PRO J 108 -27.80 90.37 -53.81
N PRO J 109 -27.32 91.40 -53.12
CA PRO J 109 -26.46 91.16 -51.96
C PRO J 109 -27.26 90.62 -50.79
N VAL J 110 -26.64 89.71 -50.04
CA VAL J 110 -27.32 88.99 -48.97
C VAL J 110 -26.32 88.75 -47.85
N LEU J 111 -26.85 88.53 -46.64
CA LEU J 111 -26.02 88.14 -45.51
C LEU J 111 -25.49 86.74 -45.69
N ARG J 112 -24.36 86.45 -45.03
CA ARG J 112 -23.74 85.13 -45.10
C ARG J 112 -23.48 84.61 -43.70
N ALA J 113 -24.06 83.45 -43.39
CA ALA J 113 -24.09 82.92 -42.03
C ALA J 113 -23.22 81.68 -41.93
N GLY J 114 -22.87 81.34 -40.70
CA GLY J 114 -22.12 80.12 -40.43
C GLY J 114 -20.65 80.37 -40.27
N VAL J 115 -20.03 79.71 -39.28
CA VAL J 115 -18.67 80.02 -38.88
C VAL J 115 -17.65 79.57 -39.93
N ASN J 116 -17.90 78.47 -40.63
CA ASN J 116 -17.01 78.02 -41.70
C ASN J 116 -17.04 78.98 -42.88
N THR J 117 -18.25 79.41 -43.25
CA THR J 117 -18.44 80.37 -44.34
C THR J 117 -17.74 81.69 -44.02
N VAL J 118 -17.96 82.25 -42.83
CA VAL J 118 -17.32 83.52 -42.56
C VAL J 118 -15.84 83.36 -42.28
N THR J 119 -15.35 82.18 -41.90
CA THR J 119 -13.92 82.00 -41.75
C THR J 119 -13.24 82.04 -43.11
N THR J 120 -13.85 81.41 -44.11
CA THR J 120 -13.36 81.55 -45.47
C THR J 120 -13.42 83.00 -45.95
N LEU J 121 -14.52 83.70 -45.64
CA LEU J 121 -14.68 85.08 -46.09
C LEU J 121 -13.64 86.01 -45.46
N VAL J 122 -13.40 85.88 -44.16
CA VAL J 122 -12.39 86.71 -43.49
C VAL J 122 -11.00 86.34 -44.01
N GLU J 123 -10.75 85.06 -44.25
CA GLU J 123 -9.42 84.62 -44.70
C GLU J 123 -9.11 85.13 -46.10
N ASN J 124 -10.12 85.25 -46.97
CA ASN J 124 -9.88 85.80 -48.30
C ASN J 124 -10.37 87.23 -48.45
N LYS J 125 -10.62 87.93 -47.33
CA LYS J 125 -10.87 89.38 -47.30
C LYS J 125 -12.10 89.76 -48.12
N LYS J 126 -13.15 88.96 -48.03
CA LYS J 126 -14.37 89.24 -48.76
C LYS J 126 -15.40 90.02 -47.95
N ALA J 127 -15.32 89.98 -46.63
CA ALA J 127 -16.38 90.54 -45.81
C ALA J 127 -16.14 92.01 -45.54
N GLN J 128 -17.21 92.78 -45.50
CA GLN J 128 -17.12 94.17 -45.09
C GLN J 128 -17.18 94.27 -43.58
N LEU J 129 -17.95 93.39 -42.95
CA LEU J 129 -18.14 93.45 -41.51
C LEU J 129 -18.50 92.07 -41.01
N VAL J 130 -18.05 91.75 -39.79
CA VAL J 130 -18.35 90.46 -39.18
C VAL J 130 -19.06 90.72 -37.85
N VAL J 131 -20.14 90.00 -37.58
CA VAL J 131 -20.87 90.13 -36.32
C VAL J 131 -20.93 88.76 -35.66
N ILE J 132 -20.45 88.68 -34.42
CA ILE J 132 -20.27 87.44 -33.68
C ILE J 132 -21.11 87.50 -32.41
N ALA J 133 -21.90 86.46 -32.16
CA ALA J 133 -22.70 86.39 -30.94
C ALA J 133 -21.83 86.26 -29.70
N HIS J 134 -22.30 86.85 -28.60
CA HIS J 134 -21.49 86.86 -27.39
C HIS J 134 -21.64 85.62 -26.53
N ASP J 135 -22.65 84.77 -26.78
CA ASP J 135 -22.95 83.68 -25.86
C ASP J 135 -22.99 82.35 -26.58
N VAL J 136 -21.95 82.08 -27.36
CA VAL J 136 -21.79 80.75 -27.94
C VAL J 136 -21.40 79.82 -26.80
N ASP J 137 -22.24 78.83 -26.53
CA ASP J 137 -22.16 78.17 -25.24
C ASP J 137 -21.00 77.17 -25.18
N PRO J 138 -20.65 76.43 -26.27
CA PRO J 138 -19.25 75.95 -26.37
C PRO J 138 -18.32 77.05 -26.84
N ILE J 139 -17.79 77.89 -25.93
CA ILE J 139 -17.08 79.09 -26.37
C ILE J 139 -15.64 78.68 -26.72
N GLU J 140 -15.51 78.02 -27.85
CA GLU J 140 -14.23 77.82 -28.51
C GLU J 140 -14.39 77.68 -30.01
N LEU J 141 -15.61 77.84 -30.54
CA LEU J 141 -15.81 77.91 -31.97
C LEU J 141 -15.54 79.29 -32.52
N VAL J 142 -15.35 80.30 -31.67
CA VAL J 142 -15.19 81.67 -32.12
C VAL J 142 -14.03 82.40 -31.49
N VAL J 143 -13.33 81.80 -30.52
CA VAL J 143 -12.30 82.52 -29.76
C VAL J 143 -11.07 82.88 -30.59
N PHE J 144 -10.93 82.28 -31.77
CA PHE J 144 -9.88 82.65 -32.71
C PHE J 144 -10.32 83.76 -33.66
N LEU J 145 -11.63 83.97 -33.81
CA LEU J 145 -12.18 84.89 -34.80
C LEU J 145 -11.82 86.37 -34.57
N PRO J 146 -11.83 86.93 -33.34
CA PRO J 146 -11.35 88.31 -33.20
C PRO J 146 -9.91 88.55 -33.62
N ALA J 147 -8.99 87.64 -33.31
CA ALA J 147 -7.60 87.81 -33.74
C ALA J 147 -7.49 87.72 -35.26
N LEU J 148 -8.30 86.85 -35.85
CA LEU J 148 -8.29 86.66 -37.29
C LEU J 148 -8.83 87.90 -38.02
N CYS J 149 -9.97 88.43 -37.55
CA CYS J 149 -10.52 89.65 -38.15
C CYS J 149 -9.62 90.85 -37.89
N ARG J 150 -8.92 90.87 -36.76
CA ARG J 150 -7.97 91.95 -36.48
C ARG J 150 -6.82 91.91 -37.48
N LYS J 151 -6.23 90.72 -37.66
CA LYS J 151 -5.08 90.61 -38.55
C LYS J 151 -5.47 90.86 -40.00
N MET J 152 -6.65 90.42 -40.41
CA MET J 152 -7.06 90.74 -41.77
C MET J 152 -7.60 92.16 -41.90
N GLY J 153 -7.82 92.87 -40.79
CA GLY J 153 -8.30 94.23 -40.86
C GLY J 153 -9.74 94.43 -41.24
N VAL J 154 -10.59 93.44 -41.02
CA VAL J 154 -12.02 93.56 -41.28
C VAL J 154 -12.69 93.93 -39.97
N PRO J 155 -13.58 94.92 -39.96
CA PRO J 155 -14.23 95.30 -38.71
C PRO J 155 -15.22 94.25 -38.27
N TYR J 156 -15.16 93.90 -37.00
CA TYR J 156 -15.97 92.87 -36.39
C TYR J 156 -16.55 93.45 -35.12
N CYS J 157 -17.73 92.96 -34.76
CA CYS J 157 -18.37 93.36 -33.53
C CYS J 157 -18.94 92.15 -32.82
N ILE J 158 -19.01 92.24 -31.50
CA ILE J 158 -19.61 91.21 -30.67
C ILE J 158 -21.00 91.70 -30.29
N ILE J 159 -22.01 91.09 -30.90
CA ILE J 159 -23.40 91.41 -30.63
C ILE J 159 -23.87 90.60 -29.42
N LYS J 160 -24.89 91.11 -28.76
CA LYS J 160 -25.48 90.43 -27.62
C LYS J 160 -26.73 89.73 -28.13
N GLY J 161 -26.55 88.53 -28.64
CA GLY J 161 -27.62 87.59 -28.87
C GLY J 161 -27.53 86.71 -30.10
N LYS J 162 -27.38 85.43 -29.78
CA LYS J 162 -27.23 84.36 -30.74
C LYS J 162 -28.58 83.99 -31.33
N ALA J 163 -29.61 83.93 -30.49
CA ALA J 163 -30.98 83.79 -30.95
C ALA J 163 -31.41 84.98 -31.80
N ARG J 164 -30.89 86.18 -31.53
CA ARG J 164 -31.26 87.33 -32.34
C ARG J 164 -30.65 87.21 -33.74
N LEU J 165 -29.38 86.78 -33.82
CA LEU J 165 -28.80 86.42 -35.10
C LEU J 165 -29.59 85.31 -35.81
N GLY J 166 -29.90 84.23 -35.07
CA GLY J 166 -30.66 83.13 -35.65
C GLY J 166 -32.02 83.54 -36.15
N ARG J 167 -32.66 84.48 -35.47
CA ARG J 167 -33.97 84.95 -35.90
C ARG J 167 -33.87 85.84 -37.12
N LEU J 168 -32.78 86.60 -37.26
CA LEU J 168 -32.63 87.35 -38.50
C LEU J 168 -32.23 86.46 -39.67
N VAL J 169 -31.59 85.32 -39.41
CA VAL J 169 -31.27 84.37 -40.48
C VAL J 169 -32.27 83.21 -40.54
N HIS J 170 -33.45 83.38 -39.90
CA HIS J 170 -34.60 82.46 -40.02
C HIS J 170 -34.28 81.05 -39.51
N ARG J 171 -33.47 80.95 -38.46
CA ARG J 171 -33.26 79.67 -37.79
C ARG J 171 -33.38 79.85 -36.28
N LYS J 172 -33.03 78.81 -35.51
CA LYS J 172 -33.09 78.94 -34.06
C LYS J 172 -31.93 79.75 -33.54
N THR J 173 -30.70 79.28 -33.75
CA THR J 173 -29.51 80.02 -33.40
C THR J 173 -28.60 80.14 -34.62
N CYS J 174 -27.72 81.13 -34.56
CA CYS J 174 -26.63 81.21 -35.52
C CYS J 174 -25.43 81.84 -34.84
N THR J 175 -24.25 81.36 -35.18
CA THR J 175 -23.05 81.78 -34.47
C THR J 175 -22.59 83.16 -34.92
N THR J 176 -22.23 83.30 -36.20
CA THR J 176 -21.77 84.56 -36.77
C THR J 176 -22.52 84.89 -38.05
N VAL J 177 -22.46 86.16 -38.46
CA VAL J 177 -23.04 86.65 -39.71
C VAL J 177 -22.06 87.62 -40.38
N ALA J 178 -21.85 87.47 -41.68
CA ALA J 178 -20.94 88.37 -42.38
C ALA J 178 -21.72 89.31 -43.30
N PHE J 179 -21.29 90.57 -43.34
CA PHE J 179 -21.72 91.57 -44.32
C PHE J 179 -20.68 91.65 -45.43
N THR J 180 -21.10 91.29 -46.63
CA THR J 180 -20.38 91.58 -47.88
C THR J 180 -20.88 92.91 -48.44
N GLN J 181 -20.62 93.17 -49.73
CA GLN J 181 -20.96 94.43 -50.40
C GLN J 181 -22.46 94.73 -50.35
N VAL J 182 -22.79 96.03 -50.35
CA VAL J 182 -24.14 96.52 -50.12
C VAL J 182 -24.50 97.53 -51.20
N ASN J 183 -25.80 97.69 -51.43
CA ASN J 183 -26.32 98.64 -52.42
C ASN J 183 -26.00 100.09 -52.00
N SER J 184 -26.20 100.99 -52.97
CA SER J 184 -25.76 102.37 -52.86
C SER J 184 -26.46 103.19 -51.77
N GLU J 185 -27.76 102.97 -51.55
CA GLU J 185 -28.46 103.81 -50.59
C GLU J 185 -28.17 103.51 -49.12
N ASP J 186 -27.49 102.41 -48.79
CA ASP J 186 -27.09 102.12 -47.42
C ASP J 186 -25.58 102.15 -47.22
N LYS J 187 -24.83 102.44 -48.29
CA LYS J 187 -23.39 102.72 -48.18
C LYS J 187 -23.08 103.81 -47.16
N GLY J 188 -23.95 104.83 -47.03
CA GLY J 188 -23.70 105.87 -46.04
C GLY J 188 -23.93 105.39 -44.62
N ALA J 189 -24.95 104.56 -44.42
CA ALA J 189 -25.20 103.93 -43.13
C ALA J 189 -24.02 103.08 -42.71
N LEU J 190 -23.45 102.34 -43.67
CA LEU J 190 -22.19 101.65 -43.43
C LEU J 190 -21.08 102.66 -43.11
N ALA J 191 -20.93 103.69 -43.94
CA ALA J 191 -19.87 104.66 -43.78
C ALA J 191 -19.97 105.52 -42.52
N LYS J 192 -20.99 105.32 -41.69
CA LYS J 192 -20.91 105.72 -40.28
C LYS J 192 -20.66 104.54 -39.34
N LEU J 193 -21.41 103.44 -39.54
CA LEU J 193 -21.36 102.29 -38.62
C LEU J 193 -20.00 101.60 -38.61
N VAL J 194 -19.31 101.54 -39.74
CA VAL J 194 -18.06 100.79 -39.86
C VAL J 194 -16.95 101.43 -39.04
N GLU J 195 -16.86 102.76 -39.06
CA GLU J 195 -15.82 103.39 -38.26
C GLU J 195 -16.25 103.49 -36.80
N ALA J 196 -17.56 103.52 -36.52
CA ALA J 196 -18.00 103.35 -35.13
C ALA J 196 -17.53 102.02 -34.56
N ILE J 197 -17.80 100.93 -35.28
CA ILE J 197 -17.42 99.58 -34.85
C ILE J 197 -15.91 99.42 -34.79
N ARG J 198 -15.20 100.01 -35.77
CA ARG J 198 -13.75 99.89 -35.84
C ARG J 198 -13.07 100.66 -34.72
N THR J 199 -13.60 101.83 -34.36
CA THR J 199 -13.11 102.57 -33.22
C THR J 199 -13.47 101.90 -31.90
N ASN J 200 -14.51 101.06 -31.89
CA ASN J 200 -14.85 100.39 -30.63
C ASN J 200 -14.06 99.12 -30.43
N TYR J 201 -13.66 98.47 -31.51
CA TYR J 201 -13.05 97.14 -31.42
C TYR J 201 -11.63 97.05 -31.97
N ASN J 202 -11.40 97.39 -33.24
CA ASN J 202 -10.08 97.14 -33.82
C ASN J 202 -9.00 98.09 -33.32
N ASP J 203 -9.35 99.34 -33.03
CA ASP J 203 -8.32 100.32 -32.71
C ASP J 203 -7.76 100.14 -31.30
N ARG J 204 -8.48 99.45 -30.43
CA ARG J 204 -8.11 99.25 -29.04
C ARG J 204 -7.97 97.76 -28.74
N TYR J 205 -7.50 97.02 -29.75
CA TYR J 205 -7.41 95.56 -29.65
C TYR J 205 -6.34 95.11 -28.67
N ASP J 206 -5.22 95.84 -28.58
CA ASP J 206 -4.16 95.47 -27.66
C ASP J 206 -4.58 95.61 -26.21
N GLU J 207 -5.30 96.69 -25.89
CA GLU J 207 -5.90 96.84 -24.58
C GLU J 207 -6.87 95.70 -24.30
N ILE J 208 -7.70 95.36 -25.29
CA ILE J 208 -8.61 94.22 -25.20
C ILE J 208 -7.83 92.92 -25.00
N ARG J 209 -6.74 92.74 -25.76
CA ARG J 209 -5.99 91.49 -25.74
C ARG J 209 -5.27 91.27 -24.42
N ARG J 210 -4.88 92.35 -23.74
CA ARG J 210 -4.21 92.20 -22.46
C ARG J 210 -5.13 92.39 -21.26
N HIS J 211 -6.37 92.85 -21.46
CA HIS J 211 -7.27 93.09 -20.34
C HIS J 211 -7.88 91.79 -19.86
N TRP J 212 -7.54 91.39 -18.62
CA TRP J 212 -8.10 90.17 -18.05
C TRP J 212 -9.49 90.43 -17.48
N GLY J 213 -10.13 89.35 -17.03
CA GLY J 213 -11.49 89.42 -16.56
C GLY J 213 -11.73 88.59 -15.32
N GLY J 214 -12.96 88.69 -14.82
CA GLY J 214 -13.39 87.96 -13.65
C GLY J 214 -12.74 88.50 -12.40
N ASN J 215 -12.48 87.57 -11.47
CA ASN J 215 -11.65 87.80 -10.28
C ASN J 215 -12.26 88.88 -9.39
N VAL J 216 -13.57 88.82 -9.20
CA VAL J 216 -14.25 89.64 -8.20
C VAL J 216 -14.86 88.72 -7.16
N LEU J 217 -14.79 89.15 -5.91
CA LEU J 217 -15.25 88.33 -4.80
C LEU J 217 -16.75 88.53 -4.60
N GLY J 218 -17.30 87.75 -3.69
CA GLY J 218 -18.71 87.78 -3.40
C GLY J 218 -19.09 89.01 -2.59
N PRO J 219 -20.39 89.31 -2.54
CA PRO J 219 -20.85 90.51 -1.82
C PRO J 219 -20.55 90.45 -0.33
N LYS J 220 -20.70 89.27 0.27
CA LYS J 220 -20.40 89.09 1.68
C LYS J 220 -18.91 89.33 1.96
N SER J 221 -18.05 88.83 1.07
CA SER J 221 -16.61 88.98 1.26
C SER J 221 -16.17 90.44 1.07
N VAL J 222 -16.73 91.13 0.07
CA VAL J 222 -16.35 92.52 -0.11
C VAL J 222 -16.92 93.40 1.00
N ALA J 223 -18.08 93.03 1.58
CA ALA J 223 -18.59 93.77 2.72
C ALA J 223 -17.72 93.57 3.94
N ARG J 224 -17.20 92.36 4.13
CA ARG J 224 -16.33 92.09 5.27
C ARG J 224 -15.00 92.83 5.15
N ILE J 225 -14.40 92.81 3.96
CA ILE J 225 -13.12 93.51 3.82
C ILE J 225 -13.31 95.03 3.85
N ALA J 226 -14.45 95.54 3.36
CA ALA J 226 -14.71 96.98 3.46
C ALA J 226 -14.95 97.42 4.90
N LYS J 227 -15.58 96.55 5.70
CA LYS J 227 -15.72 96.82 7.12
C LYS J 227 -14.37 96.92 7.80
N LEU J 228 -13.46 95.99 7.48
CA LEU J 228 -12.12 96.03 8.07
C LEU J 228 -11.33 97.26 7.64
N GLU J 229 -11.42 97.67 6.36
CA GLU J 229 -10.68 98.85 5.92
C GLU J 229 -11.21 100.13 6.56
N LYS J 230 -12.54 100.27 6.68
CA LYS J 230 -13.04 101.47 7.36
C LYS J 230 -12.78 101.42 8.86
N ALA J 231 -12.74 100.22 9.45
CA ALA J 231 -12.46 100.10 10.88
C ALA J 231 -10.99 100.30 11.21
N LYS J 232 -10.11 100.32 10.20
CA LYS J 232 -8.75 100.80 10.46
C LYS J 232 -8.60 102.28 10.17
N ALA J 233 -9.21 102.75 9.07
CA ALA J 233 -9.10 104.15 8.67
C ALA J 233 -9.75 105.11 9.66
N LYS J 234 -10.84 104.70 10.32
CA LYS J 234 -11.57 105.60 11.23
C LYS J 234 -10.76 106.07 12.43
N GLU J 235 -9.71 105.35 12.82
CA GLU J 235 -8.78 105.84 13.83
C GLU J 235 -7.41 106.20 13.27
N LEU J 236 -7.02 105.67 12.10
CA LEU J 236 -5.75 106.11 11.53
C LEU J 236 -5.81 107.55 11.03
N ALA J 237 -6.98 107.98 10.54
CA ALA J 237 -7.17 109.39 10.16
C ALA J 237 -7.11 110.33 11.36
N THR J 238 -7.35 109.82 12.57
CA THR J 238 -7.21 110.61 13.79
C THR J 238 -5.80 110.54 14.38
N LYS J 239 -5.10 109.42 14.16
CA LYS J 239 -3.69 109.37 14.55
C LYS J 239 -2.84 110.31 13.67
N LEU J 240 -3.14 110.35 12.37
CA LEU J 240 -2.45 111.28 11.49
C LEU J 240 -3.00 112.68 11.71
N GLY J 241 -2.13 113.58 12.16
CA GLY J 241 -2.53 114.94 12.47
C GLY J 241 -3.15 115.11 13.86
N MET K 1 40.11 -60.87 29.34
CA MET K 1 40.99 -61.97 29.72
C MET K 1 40.20 -63.07 30.39
N LYS K 2 40.16 -64.24 29.77
CA LYS K 2 39.37 -65.37 30.23
C LYS K 2 40.33 -66.48 30.62
N THR K 3 40.38 -66.79 31.91
CA THR K 3 41.18 -67.90 32.39
C THR K 3 40.61 -69.19 31.84
N ILE K 4 41.49 -70.11 31.40
CA ILE K 4 41.04 -71.38 30.83
C ILE K 4 40.30 -72.19 31.87
N LEU K 5 40.89 -72.36 33.03
CA LEU K 5 40.26 -73.14 34.08
C LEU K 5 40.54 -72.51 35.43
N SER K 6 39.48 -72.27 36.18
CA SER K 6 39.58 -71.91 37.58
C SER K 6 38.78 -72.94 38.35
N ASN K 7 39.40 -73.54 39.35
CA ASN K 7 38.75 -74.61 40.07
C ASN K 7 39.21 -74.67 41.51
N GLN K 8 38.35 -75.21 42.37
CA GLN K 8 38.81 -75.59 43.70
C GLN K 8 37.89 -76.63 44.33
N THR K 9 38.32 -77.14 45.47
CA THR K 9 37.87 -78.43 45.98
C THR K 9 37.48 -78.31 47.45
N VAL K 10 36.41 -79.00 47.84
CA VAL K 10 35.96 -79.11 49.22
C VAL K 10 36.09 -80.55 49.64
N ASP K 11 36.74 -80.79 50.78
CA ASP K 11 36.77 -82.12 51.37
C ASP K 11 35.47 -82.41 52.11
N ILE K 12 35.07 -83.68 52.10
CA ILE K 12 33.81 -84.11 52.70
C ILE K 12 34.15 -85.11 53.80
N PRO K 13 33.68 -84.92 55.03
CA PRO K 13 33.90 -85.92 56.09
C PRO K 13 33.16 -87.23 55.86
N GLU K 14 33.36 -88.19 56.77
CA GLU K 14 32.83 -89.53 56.56
C GLU K 14 31.37 -89.65 56.96
N ASN K 15 30.93 -88.88 57.95
CA ASN K 15 29.59 -89.03 58.48
C ASN K 15 28.55 -88.28 57.65
N VAL K 16 28.97 -87.40 56.78
CA VAL K 16 28.09 -86.69 55.86
C VAL K 16 27.97 -87.46 54.56
N ASP K 17 26.80 -87.42 53.94
CA ASP K 17 26.58 -88.01 52.62
C ASP K 17 25.97 -86.92 51.74
N ILE K 18 26.66 -86.57 50.66
CA ILE K 18 26.15 -85.54 49.78
C ILE K 18 25.78 -86.16 48.44
N THR K 19 24.75 -85.60 47.81
CA THR K 19 24.33 -86.02 46.47
C THR K 19 24.21 -84.79 45.60
N LEU K 20 24.60 -84.93 44.34
CA LEU K 20 24.55 -83.84 43.37
C LEU K 20 23.55 -84.21 42.28
N LYS K 21 22.37 -83.61 42.30
CA LYS K 21 21.43 -83.78 41.17
C LYS K 21 21.62 -82.57 40.25
N GLY K 22 22.72 -82.59 39.51
CA GLY K 22 23.08 -81.44 38.69
C GLY K 22 23.74 -80.37 39.52
N ARG K 23 23.23 -79.15 39.42
CA ARG K 23 23.68 -78.03 40.26
C ARG K 23 22.83 -77.88 41.51
N THR K 24 22.60 -78.98 42.19
CA THR K 24 21.71 -79.01 43.33
C THR K 24 22.38 -79.92 44.35
N VAL K 25 22.71 -79.35 45.49
CA VAL K 25 23.51 -80.05 46.48
C VAL K 25 22.57 -80.47 47.59
N ILE K 26 22.59 -81.75 47.92
CA ILE K 26 21.86 -82.25 49.06
C ILE K 26 22.91 -82.76 50.02
N VAL K 27 22.91 -82.21 51.23
CA VAL K 27 23.88 -82.56 52.24
C VAL K 27 23.14 -83.34 53.32
N LYS K 28 23.73 -84.45 53.76
CA LYS K 28 23.09 -85.46 54.57
C LYS K 28 23.99 -85.89 55.72
N GLY K 29 24.30 -84.95 56.62
CA GLY K 29 25.01 -85.31 57.81
C GLY K 29 24.10 -85.78 58.93
N PRO K 30 24.59 -85.72 60.17
CA PRO K 30 23.86 -86.30 61.30
C PRO K 30 22.75 -85.42 61.88
N ARG K 31 22.90 -84.10 61.83
CA ARG K 31 21.89 -83.22 62.42
C ARG K 31 20.72 -82.93 61.47
N GLY K 32 20.48 -83.78 60.47
CA GLY K 32 19.40 -83.57 59.53
C GLY K 32 19.92 -83.56 58.10
N THR K 33 19.35 -82.66 57.30
CA THR K 33 19.75 -82.55 55.90
C THR K 33 19.49 -81.14 55.42
N LEU K 34 20.22 -80.77 54.37
CA LEU K 34 20.10 -79.45 53.77
C LEU K 34 20.14 -79.61 52.27
N ARG K 35 19.71 -78.56 51.57
CA ARG K 35 19.60 -78.65 50.11
C ARG K 35 19.67 -77.24 49.56
N ARG K 36 20.51 -77.06 48.54
CA ARG K 36 20.69 -75.75 47.94
C ARG K 36 20.81 -75.88 46.43
N ASP K 37 20.14 -74.97 45.73
CA ASP K 37 20.08 -74.97 44.28
C ASP K 37 20.97 -73.85 43.76
N PHE K 38 22.00 -74.22 42.99
CA PHE K 38 22.97 -73.26 42.46
C PHE K 38 22.81 -73.07 40.96
N ASN K 39 21.58 -73.15 40.45
CA ASN K 39 21.40 -73.11 39.01
C ASN K 39 21.36 -71.70 38.43
N HIS K 40 21.83 -70.70 39.17
CA HIS K 40 22.01 -69.37 38.66
C HIS K 40 23.47 -69.11 38.32
N ILE K 41 24.35 -70.09 38.54
CA ILE K 41 25.78 -69.99 38.27
C ILE K 41 26.18 -71.11 37.33
N ASN K 42 26.94 -70.78 36.29
CA ASN K 42 27.41 -71.77 35.32
C ASN K 42 28.75 -72.34 35.76
N VAL K 43 28.71 -73.37 36.59
CA VAL K 43 29.89 -74.12 37.00
C VAL K 43 29.60 -75.59 36.80
N GLU K 44 30.61 -76.42 36.97
CA GLU K 44 30.37 -77.85 37.04
C GLU K 44 30.91 -78.40 38.36
N LEU K 45 30.14 -79.30 38.96
CA LEU K 45 30.43 -79.86 40.27
C LEU K 45 30.62 -81.36 40.12
N SER K 46 31.59 -81.91 40.84
CA SER K 46 31.90 -83.33 40.68
C SER K 46 32.35 -83.93 42.01
N LEU K 47 31.88 -85.14 42.28
CA LEU K 47 32.35 -85.91 43.42
C LEU K 47 33.47 -86.84 42.94
N LEU K 48 34.57 -86.89 43.70
CA LEU K 48 35.76 -87.60 43.26
C LEU K 48 35.99 -88.93 43.97
N GLY K 49 36.07 -88.91 45.29
CA GLY K 49 36.52 -90.08 46.02
C GLY K 49 35.50 -91.20 46.11
N LYS K 50 36.00 -92.35 46.57
CA LYS K 50 35.16 -93.43 47.02
C LYS K 50 35.34 -93.74 48.50
N LYS K 51 36.43 -93.29 49.11
CA LYS K 51 36.57 -93.30 50.56
C LYS K 51 37.19 -92.02 51.10
N LYS K 52 37.45 -91.02 50.27
CA LYS K 52 37.93 -89.71 50.71
C LYS K 52 36.97 -88.56 50.41
N LYS K 53 36.19 -88.64 49.33
CA LYS K 53 35.04 -87.78 49.03
C LYS K 53 35.42 -86.30 48.93
N ARG K 54 36.17 -85.99 47.89
CA ARG K 54 36.39 -84.62 47.49
C ARG K 54 35.29 -84.16 46.55
N LEU K 55 35.09 -82.84 46.50
CA LEU K 55 34.10 -82.22 45.63
C LEU K 55 34.77 -81.07 44.89
N ARG K 56 34.88 -81.18 43.58
CA ARG K 56 35.51 -80.14 42.78
C ARG K 56 34.44 -79.28 42.16
N VAL K 57 34.70 -77.98 42.10
CA VAL K 57 33.90 -77.06 41.30
C VAL K 57 34.85 -76.43 40.28
N ASP K 58 34.36 -76.30 39.05
CA ASP K 58 35.16 -75.88 37.90
C ASP K 58 34.41 -74.78 37.18
N LYS K 59 35.17 -73.84 36.60
CA LYS K 59 34.58 -72.66 35.98
C LYS K 59 34.75 -72.58 34.47
N TRP K 60 35.87 -73.00 33.87
CA TRP K 60 35.96 -73.23 32.42
C TRP K 60 35.64 -72.06 31.50
N TRP K 61 36.59 -71.13 31.32
CA TRP K 61 36.50 -69.92 30.50
C TRP K 61 35.61 -68.87 31.14
N GLY K 62 35.92 -68.49 32.38
CA GLY K 62 35.21 -67.37 32.97
C GLY K 62 36.11 -66.15 33.04
N ASN K 63 35.49 -64.98 33.18
CA ASN K 63 36.22 -63.76 33.53
C ASN K 63 36.19 -63.60 35.03
N ARG K 64 36.61 -62.42 35.50
CA ARG K 64 36.83 -62.15 36.91
C ARG K 64 35.53 -62.21 37.71
N LYS K 65 34.48 -61.60 37.17
CA LYS K 65 33.19 -61.48 37.83
C LYS K 65 32.56 -62.84 38.10
N GLU K 66 32.86 -63.83 37.26
CA GLU K 66 32.34 -65.18 37.46
C GLU K 66 33.37 -66.12 38.07
N LEU K 67 34.64 -65.72 38.11
CA LEU K 67 35.61 -66.47 38.88
C LEU K 67 35.44 -66.24 40.37
N ALA K 68 34.78 -65.15 40.77
CA ALA K 68 34.47 -64.98 42.19
C ALA K 68 33.51 -66.05 42.71
N THR K 69 32.58 -66.48 41.84
CA THR K 69 31.51 -67.38 42.23
C THR K 69 32.01 -68.76 42.60
N VAL K 70 33.20 -69.16 42.14
CA VAL K 70 33.78 -70.46 42.48
C VAL K 70 34.01 -70.56 43.99
N ARG K 71 34.75 -69.60 44.54
CA ARG K 71 35.01 -69.57 45.97
C ARG K 71 33.73 -69.31 46.75
N THR K 72 32.80 -68.53 46.18
CA THR K 72 31.52 -68.32 46.86
C THR K 72 30.71 -69.61 47.00
N ILE K 73 30.64 -70.42 45.93
CA ILE K 73 29.91 -71.69 45.98
C ILE K 73 30.55 -72.64 46.97
N CYS K 74 31.89 -72.71 46.96
CA CYS K 74 32.59 -73.61 47.87
C CYS K 74 32.39 -73.20 49.32
N SER K 75 32.37 -71.90 49.60
CA SER K 75 32.12 -71.45 50.96
C SER K 75 30.68 -71.72 51.38
N HIS K 76 29.72 -71.63 50.44
CA HIS K 76 28.33 -71.96 50.76
C HIS K 76 28.18 -73.45 51.10
N VAL K 77 28.87 -74.30 50.34
CA VAL K 77 28.81 -75.75 50.60
C VAL K 77 29.51 -76.09 51.91
N GLN K 78 30.61 -75.39 52.23
CA GLN K 78 31.26 -75.61 53.52
C GLN K 78 30.38 -75.17 54.68
N ASN K 79 29.61 -74.09 54.49
CA ASN K 79 28.67 -73.69 55.53
C ASN K 79 27.54 -74.70 55.70
N MET K 80 27.10 -75.32 54.59
CA MET K 80 26.12 -76.39 54.68
C MET K 80 26.68 -77.60 55.43
N ILE K 81 27.93 -77.97 55.13
CA ILE K 81 28.59 -79.09 55.80
C ILE K 81 28.73 -78.82 57.30
N LYS K 82 29.13 -77.60 57.65
CA LYS K 82 29.22 -77.21 59.06
C LYS K 82 27.85 -77.21 59.72
N GLY K 83 26.81 -76.83 58.98
CA GLY K 83 25.47 -76.78 59.53
C GLY K 83 24.89 -78.14 59.82
N VAL K 84 25.24 -79.13 59.02
CA VAL K 84 24.70 -80.46 59.29
C VAL K 84 25.60 -81.26 60.24
N THR K 85 26.89 -80.99 60.29
CA THR K 85 27.73 -81.62 61.30
C THR K 85 27.50 -81.02 62.68
N LEU K 86 27.79 -79.74 62.80
CA LEU K 86 27.78 -79.10 64.11
C LEU K 86 26.56 -78.22 64.32
N GLY K 87 26.04 -77.60 63.27
CA GLY K 87 24.88 -76.74 63.40
C GLY K 87 25.22 -75.38 63.95
N PHE K 88 24.56 -74.36 63.43
CA PHE K 88 24.88 -72.98 63.78
C PHE K 88 24.08 -72.52 64.98
N ARG K 89 24.73 -71.77 65.86
CA ARG K 89 24.10 -71.13 66.98
C ARG K 89 24.59 -69.69 67.01
N TYR K 90 23.66 -68.77 67.18
CA TYR K 90 23.99 -67.36 67.30
C TYR K 90 23.58 -66.95 68.70
N LYS K 91 24.54 -66.43 69.44
CA LYS K 91 24.28 -65.94 70.78
C LYS K 91 24.19 -64.42 70.68
N MET K 92 23.05 -63.87 71.07
CA MET K 92 22.86 -62.44 70.99
C MET K 92 22.42 -61.91 72.33
N ARG K 93 23.05 -60.84 72.76
CA ARG K 93 22.88 -60.29 74.09
C ARG K 93 21.98 -59.08 74.02
N SER K 94 21.16 -58.88 75.06
CA SER K 94 20.29 -57.71 75.10
C SER K 94 20.98 -56.63 75.93
N VAL K 95 21.01 -55.42 75.38
CA VAL K 95 21.79 -54.31 75.90
C VAL K 95 20.81 -53.18 76.20
N TYR K 96 20.79 -52.72 77.44
CA TYR K 96 19.89 -51.65 77.81
C TYR K 96 20.53 -50.78 78.88
N ALA K 97 20.10 -49.52 78.92
CA ALA K 97 20.58 -48.56 79.91
C ALA K 97 19.63 -48.45 81.12
N HIS K 98 18.36 -48.15 80.86
CA HIS K 98 17.38 -47.99 81.94
C HIS K 98 16.29 -49.07 81.90
N PHE K 99 15.54 -49.15 80.82
CA PHE K 99 14.40 -50.04 80.75
C PHE K 99 14.86 -51.45 80.41
N PRO K 100 14.59 -52.44 81.24
CA PRO K 100 15.00 -53.80 80.92
C PRO K 100 14.16 -54.36 79.79
N ILE K 101 14.83 -55.02 78.85
CA ILE K 101 14.19 -55.56 77.66
C ILE K 101 13.65 -56.93 78.00
N ASN K 102 12.33 -57.09 77.93
CA ASN K 102 11.69 -58.35 78.30
C ASN K 102 11.37 -59.12 77.04
N VAL K 103 12.02 -60.27 76.89
CA VAL K 103 11.86 -61.14 75.73
C VAL K 103 11.11 -62.39 76.14
N VAL K 104 10.02 -62.71 75.44
CA VAL K 104 9.27 -63.93 75.68
C VAL K 104 9.20 -64.73 74.39
N ILE K 105 9.44 -66.04 74.50
CA ILE K 105 9.55 -66.92 73.35
C ILE K 105 8.23 -67.65 73.19
N GLN K 106 7.45 -67.27 72.19
CA GLN K 106 6.25 -68.01 71.87
C GLN K 106 6.57 -69.10 70.85
N GLU K 107 5.51 -69.83 70.46
CA GLU K 107 5.47 -71.29 70.27
C GLU K 107 6.76 -71.94 69.78
N ASN K 108 7.18 -73.00 70.51
CA ASN K 108 8.28 -73.95 70.29
C ASN K 108 9.52 -73.30 69.69
N GLY K 109 9.87 -72.12 70.20
CA GLY K 109 11.02 -71.39 69.73
C GLY K 109 10.89 -70.73 68.38
N SER K 110 9.67 -70.51 67.90
CA SER K 110 9.48 -69.94 66.58
C SER K 110 8.98 -68.49 66.58
N LEU K 111 8.61 -67.92 67.72
CA LEU K 111 8.22 -66.52 67.77
C LEU K 111 8.92 -65.86 68.94
N VAL K 112 9.32 -64.61 68.77
CA VAL K 112 9.91 -63.85 69.86
C VAL K 112 9.10 -62.57 70.01
N GLU K 113 8.87 -62.16 71.25
CA GLU K 113 8.16 -60.92 71.51
C GLU K 113 8.97 -60.07 72.47
N ILE K 114 9.28 -58.84 72.06
CA ILE K 114 10.02 -57.89 72.86
C ILE K 114 9.03 -56.88 73.38
N ARG K 115 9.00 -56.70 74.71
CA ARG K 115 7.95 -55.89 75.30
C ARG K 115 8.42 -54.49 75.66
N ASN K 116 9.35 -54.39 76.60
CA ASN K 116 9.69 -53.10 77.19
C ASN K 116 10.94 -52.51 76.58
N PHE K 117 11.00 -52.40 75.26
CA PHE K 117 12.16 -51.82 74.58
C PHE K 117 12.05 -50.31 74.68
N LEU K 118 12.99 -49.67 75.38
CA LEU K 118 13.02 -48.20 75.58
C LEU K 118 11.76 -47.67 76.25
N GLY K 119 11.11 -48.48 77.08
CA GLY K 119 9.96 -48.02 77.84
C GLY K 119 8.73 -47.77 76.99
N GLU K 120 8.67 -48.34 75.81
CA GLU K 120 7.55 -48.13 74.92
C GLU K 120 6.50 -49.19 75.17
N LYS K 121 5.27 -48.88 74.80
CA LYS K 121 4.15 -49.76 75.08
C LYS K 121 3.87 -50.70 73.91
N TYR K 122 4.47 -50.44 72.76
CA TYR K 122 4.28 -51.28 71.58
C TYR K 122 5.07 -52.57 71.73
N ILE K 123 4.41 -53.70 71.50
CA ILE K 123 5.03 -55.00 71.66
C ILE K 123 5.42 -55.46 70.27
N ARG K 124 6.70 -55.70 70.05
CA ARG K 124 7.13 -56.10 68.72
C ARG K 124 7.30 -57.62 68.68
N ARG K 125 6.77 -58.23 67.63
CA ARG K 125 6.79 -59.69 67.48
C ARG K 125 7.53 -60.04 66.20
N VAL K 126 8.57 -60.86 66.33
CA VAL K 126 9.35 -61.30 65.19
C VAL K 126 9.16 -62.80 65.03
N ARG K 127 8.79 -63.21 63.82
CA ARG K 127 8.64 -64.62 63.48
C ARG K 127 9.99 -65.14 63.03
N MET K 128 10.42 -66.25 63.61
CA MET K 128 11.68 -66.86 63.19
C MET K 128 11.51 -67.53 61.84
N ARG K 129 12.61 -67.59 61.09
CA ARG K 129 12.62 -68.32 59.84
C ARG K 129 12.41 -69.82 60.11
N PRO K 130 11.79 -70.55 59.18
CA PRO K 130 11.45 -71.96 59.45
C PRO K 130 12.70 -72.82 59.57
N GLY K 131 12.81 -73.53 60.69
CA GLY K 131 13.98 -74.32 60.99
C GLY K 131 14.97 -73.63 61.88
N VAL K 132 14.60 -72.51 62.48
CA VAL K 132 15.45 -71.78 63.42
C VAL K 132 14.69 -71.70 64.74
N ALA K 133 15.33 -72.12 65.82
CA ALA K 133 14.69 -72.18 67.13
C ALA K 133 15.37 -71.19 68.05
N CYS K 134 14.58 -70.33 68.68
CA CYS K 134 15.09 -69.34 69.62
C CYS K 134 14.75 -69.76 71.04
N SER K 135 15.64 -69.43 71.96
CA SER K 135 15.43 -69.74 73.37
C SER K 135 16.17 -68.72 74.22
N VAL K 136 15.82 -68.67 75.49
CA VAL K 136 16.50 -67.81 76.45
C VAL K 136 17.61 -68.64 77.08
N SER K 137 18.82 -68.08 77.18
CA SER K 137 19.90 -68.84 77.77
C SER K 137 19.70 -69.03 79.27
N GLN K 138 20.30 -70.10 79.79
CA GLN K 138 20.34 -70.35 81.22
C GLN K 138 21.69 -70.04 81.85
N ALA K 139 22.76 -70.05 81.05
CA ALA K 139 24.07 -69.78 81.61
C ALA K 139 24.24 -68.30 81.93
N GLN K 140 23.85 -67.43 81.01
CA GLN K 140 23.95 -66.00 81.24
C GLN K 140 22.54 -65.42 81.27
N LYS K 141 22.42 -64.21 81.79
CA LYS K 141 21.12 -63.68 82.20
C LYS K 141 20.24 -63.24 81.03
N ASP K 142 20.68 -62.25 80.25
CA ASP K 142 19.84 -61.58 79.25
C ASP K 142 20.44 -61.83 77.86
N GLU K 143 20.11 -62.99 77.29
CA GLU K 143 20.81 -63.50 76.11
C GLU K 143 19.90 -64.51 75.44
N LEU K 144 19.73 -64.35 74.13
CA LEU K 144 18.98 -65.27 73.29
C LEU K 144 19.98 -66.20 72.64
N ILE K 145 19.56 -67.45 72.49
CA ILE K 145 20.30 -68.46 71.78
C ILE K 145 19.41 -68.90 70.63
N LEU K 146 19.81 -68.63 69.41
CA LEU K 146 18.99 -69.08 68.28
C LEU K 146 19.83 -69.99 67.39
N GLU K 147 19.30 -71.19 67.15
CA GLU K 147 20.06 -72.28 66.58
C GLU K 147 19.34 -72.80 65.35
N GLY K 148 20.12 -73.44 64.48
CA GLY K 148 19.54 -74.05 63.30
C GLY K 148 20.61 -74.75 62.51
N ASN K 149 20.25 -75.13 61.29
CA ASN K 149 21.20 -75.75 60.38
C ASN K 149 21.60 -74.82 59.26
N ASP K 150 20.71 -73.93 58.82
CA ASP K 150 21.02 -73.03 57.72
C ASP K 150 21.57 -71.74 58.32
N ILE K 151 22.80 -71.40 57.92
CA ILE K 151 23.46 -70.19 58.39
C ILE K 151 22.72 -68.96 57.90
N GLU K 152 22.18 -69.02 56.68
CA GLU K 152 21.44 -67.90 56.09
C GLU K 152 20.16 -67.63 56.86
N LEU K 153 19.44 -68.69 57.23
CA LEU K 153 18.19 -68.54 57.98
C LEU K 153 18.45 -68.05 59.41
N VAL K 154 19.45 -68.62 60.08
CA VAL K 154 19.76 -68.23 61.46
C VAL K 154 20.24 -66.79 61.52
N SER K 155 21.17 -66.42 60.64
CA SER K 155 21.70 -65.06 60.64
C SER K 155 20.66 -64.04 60.19
N ASN K 156 19.76 -64.43 59.29
CA ASN K 156 18.71 -63.51 58.86
C ASN K 156 17.70 -63.31 59.97
N SER K 157 17.43 -64.35 60.76
CA SER K 157 16.55 -64.20 61.91
C SER K 157 17.17 -63.29 62.97
N ALA K 158 18.47 -63.47 63.23
CA ALA K 158 19.17 -62.60 64.17
C ALA K 158 19.16 -61.15 63.71
N ALA K 159 19.40 -60.93 62.42
CA ALA K 159 19.36 -59.58 61.87
C ALA K 159 17.95 -59.01 61.92
N LEU K 160 16.93 -59.86 61.76
CA LEU K 160 15.55 -59.45 61.87
C LEU K 160 15.23 -58.88 63.24
N ILE K 161 15.62 -59.63 64.27
CA ILE K 161 15.43 -59.24 65.66
C ILE K 161 16.21 -58.00 66.02
N GLN K 162 17.42 -57.91 65.48
CA GLN K 162 18.31 -56.78 65.76
C GLN K 162 17.77 -55.50 65.13
N GLN K 163 17.29 -55.57 63.90
CA GLN K 163 16.67 -54.40 63.29
C GLN K 163 15.26 -54.15 63.78
N ALA K 164 14.66 -55.12 64.47
CA ALA K 164 13.39 -54.86 65.15
C ALA K 164 13.62 -53.94 66.34
N THR K 165 14.63 -54.24 67.15
CA THR K 165 14.93 -53.37 68.29
C THR K 165 15.85 -52.27 67.80
N THR K 166 15.27 -51.20 67.25
CA THR K 166 16.04 -50.08 66.74
C THR K 166 15.48 -48.79 67.32
N VAL K 167 16.33 -47.78 67.44
CA VAL K 167 16.01 -46.53 68.13
C VAL K 167 15.79 -45.47 67.07
N LYS K 168 14.75 -44.67 67.24
CA LYS K 168 14.34 -43.70 66.24
C LYS K 168 14.29 -42.29 66.82
N ASN K 169 14.71 -41.31 66.02
CA ASN K 169 14.67 -39.87 66.36
C ASN K 169 15.49 -39.53 67.60
N LYS K 170 16.54 -40.31 67.85
CA LYS K 170 17.37 -40.17 69.03
C LYS K 170 18.82 -40.35 68.59
N ASP K 171 19.73 -40.19 69.54
CA ASP K 171 21.16 -40.35 69.28
C ASP K 171 21.56 -41.82 69.47
N ILE K 172 21.98 -42.44 68.35
CA ILE K 172 22.38 -43.83 68.32
C ILE K 172 23.86 -43.97 68.67
N ARG K 173 24.48 -42.90 69.14
CA ARG K 173 25.77 -42.96 69.82
C ARG K 173 25.63 -42.93 71.33
N LYS K 174 24.69 -42.14 71.85
CA LYS K 174 23.91 -42.50 73.02
C LYS K 174 22.80 -43.44 72.57
N PHE K 175 21.81 -43.66 73.43
CA PHE K 175 20.68 -44.58 73.26
C PHE K 175 21.06 -45.91 72.59
N LEU K 176 21.98 -46.62 73.24
CA LEU K 176 22.55 -47.82 72.64
C LEU K 176 21.76 -49.08 72.93
N ASP K 177 20.47 -48.95 73.21
CA ASP K 177 19.68 -50.11 73.59
C ASP K 177 19.39 -50.95 72.36
N GLY K 178 19.26 -52.23 72.56
CA GLY K 178 18.93 -53.14 71.49
C GLY K 178 19.27 -54.56 71.87
N ILE K 179 19.29 -55.41 70.85
CA ILE K 179 19.70 -56.79 71.00
C ILE K 179 20.68 -57.07 69.87
N TYR K 180 21.92 -57.38 70.23
CA TYR K 180 23.00 -57.45 69.25
C TYR K 180 23.62 -58.84 69.28
N VAL K 181 24.03 -59.31 68.10
CA VAL K 181 24.66 -60.62 67.94
C VAL K 181 26.04 -60.61 68.60
N SER K 182 26.21 -61.40 69.67
CA SER K 182 27.48 -61.36 70.37
C SER K 182 28.49 -62.33 69.78
N GLU K 183 28.07 -63.54 69.42
CA GLU K 183 28.99 -64.46 68.75
C GLU K 183 28.22 -65.46 67.89
N LYS K 184 28.90 -65.94 66.86
CA LYS K 184 28.38 -66.89 65.89
C LYS K 184 29.17 -68.18 66.03
N GLY K 185 28.65 -69.11 66.84
CA GLY K 185 29.29 -70.37 67.08
C GLY K 185 28.53 -71.54 66.52
N THR K 186 28.89 -72.73 66.98
CA THR K 186 28.21 -73.95 66.59
C THR K 186 27.68 -74.68 67.82
N VAL K 187 27.02 -75.80 67.57
CA VAL K 187 26.64 -76.75 68.62
C VAL K 187 27.59 -77.94 68.51
N GLN K 188 27.90 -78.56 69.66
CA GLN K 188 28.78 -79.72 69.89
C GLN K 188 30.27 -79.40 69.75
N GLN K 189 30.61 -78.21 69.21
CA GLN K 189 31.93 -77.55 69.30
C GLN K 189 33.12 -78.44 68.90
N ALA K 190 32.89 -79.37 67.99
CA ALA K 190 33.93 -80.33 67.59
C ALA K 190 33.76 -80.79 66.15
N GLY L 1 31.53 -8.02 38.93
CA GLY L 1 32.92 -7.61 38.91
C GLY L 1 33.68 -8.12 37.71
N ARG L 2 34.38 -9.23 37.89
CA ARG L 2 35.04 -9.91 36.80
C ARG L 2 34.14 -10.99 36.24
N ARG L 3 34.05 -11.06 34.90
CA ARG L 3 33.31 -12.10 34.23
C ARG L 3 33.88 -13.49 34.54
N PRO L 4 33.07 -14.54 34.40
CA PRO L 4 33.61 -15.90 34.43
C PRO L 4 34.61 -16.14 33.30
N ALA L 5 35.68 -16.88 33.62
CA ALA L 5 36.81 -17.04 32.71
C ALA L 5 36.44 -17.78 31.43
N ARG L 6 35.31 -18.48 31.41
CA ARG L 6 34.85 -19.16 30.21
C ARG L 6 34.46 -18.19 29.09
N CYS L 7 34.26 -16.92 29.42
CA CYS L 7 34.03 -15.88 28.41
C CYS L 7 35.30 -15.47 27.71
N TYR L 8 36.46 -15.78 28.28
CA TYR L 8 37.73 -15.38 27.71
C TYR L 8 38.69 -16.53 27.69
N ARG L 9 38.19 -17.76 27.65
CA ARG L 9 39.08 -18.91 27.69
C ARG L 9 39.86 -19.08 26.39
N TYR L 10 39.23 -18.80 25.26
CA TYR L 10 39.82 -19.17 23.98
C TYR L 10 40.54 -18.01 23.31
N CYS L 11 41.64 -18.32 22.63
CA CYS L 11 42.35 -17.33 21.83
C CYS L 11 41.62 -17.12 20.53
N LYS L 12 40.99 -15.95 20.38
CA LYS L 12 40.29 -15.62 19.15
C LYS L 12 40.45 -14.16 18.73
N ASN L 13 41.31 -13.39 19.38
CA ASN L 13 41.39 -11.98 19.10
C ASN L 13 42.82 -11.47 19.04
N LYS L 14 43.67 -12.05 18.14
CA LYS L 14 44.69 -11.34 17.35
C LYS L 14 45.55 -10.45 18.24
N PRO L 15 46.64 -11.00 18.89
CA PRO L 15 47.21 -10.46 20.15
C PRO L 15 47.21 -8.96 20.38
N TYR L 16 46.75 -8.57 21.57
CA TYR L 16 46.41 -7.20 21.90
C TYR L 16 47.20 -6.76 23.13
N PRO L 17 48.42 -6.26 22.94
CA PRO L 17 49.21 -5.79 24.08
C PRO L 17 48.94 -4.33 24.37
N LYS L 18 49.37 -3.90 25.55
CA LYS L 18 49.24 -2.50 25.90
C LYS L 18 50.40 -1.75 25.27
N SER L 19 50.07 -0.68 24.56
CA SER L 19 51.05 0.07 23.80
C SER L 19 50.57 1.51 23.71
N ARG L 20 51.09 2.25 22.73
CA ARG L 20 50.52 3.53 22.31
C ARG L 20 49.02 3.41 22.09
N PHE L 21 48.61 2.38 21.35
CA PHE L 21 47.26 2.31 20.82
C PHE L 21 46.26 1.78 21.83
N CYS L 22 46.72 1.05 22.84
CA CYS L 22 45.87 0.50 23.88
C CYS L 22 46.32 1.12 25.20
N ARG L 23 45.65 2.18 25.61
CA ARG L 23 45.98 2.90 26.82
C ARG L 23 44.89 2.72 27.85
N GLY L 24 45.28 2.81 29.12
CA GLY L 24 44.33 2.75 30.21
C GLY L 24 44.04 1.32 30.62
N VAL L 25 45.09 0.51 30.69
CA VAL L 25 44.97 -0.92 31.02
C VAL L 25 45.30 -1.09 32.50
N PRO L 26 44.46 -1.76 33.28
CA PRO L 26 44.81 -2.02 34.69
C PRO L 26 45.96 -3.00 34.80
N ASP L 27 46.55 -3.02 35.99
CA ASP L 27 47.70 -3.87 36.24
C ASP L 27 47.26 -5.33 36.40
N ALA L 28 48.09 -6.24 35.89
CA ALA L 28 47.83 -7.66 36.03
C ALA L 28 47.99 -8.09 37.48
N LYS L 29 47.29 -9.16 37.84
CA LYS L 29 47.31 -9.61 39.23
C LYS L 29 48.59 -10.29 39.63
N ILE L 30 49.34 -10.84 38.68
CA ILE L 30 50.60 -11.48 38.98
C ILE L 30 51.74 -10.47 38.77
N ARG L 31 52.43 -10.15 39.86
CA ARG L 31 53.55 -9.23 39.83
C ARG L 31 54.86 -9.91 40.12
N ILE L 32 54.83 -11.04 40.81
CA ILE L 32 56.02 -11.77 41.21
C ILE L 32 56.01 -13.05 40.40
N PHE L 33 57.02 -13.23 39.56
CA PHE L 33 57.09 -14.41 38.72
C PHE L 33 58.10 -15.43 39.22
N ASP L 34 58.99 -15.04 40.12
CA ASP L 34 59.98 -15.92 40.70
C ASP L 34 59.77 -15.97 42.21
N LEU L 35 60.07 -17.12 42.80
CA LEU L 35 59.70 -17.30 44.20
C LEU L 35 60.57 -18.40 44.79
N GLY L 36 60.74 -18.37 46.11
CA GLY L 36 61.59 -19.33 46.78
C GLY L 36 62.99 -18.78 46.87
N ARG L 37 63.97 -19.68 46.98
CA ARG L 37 65.36 -19.24 47.08
C ARG L 37 65.90 -19.08 45.67
N LYS L 38 65.85 -17.85 45.17
CA LYS L 38 66.25 -17.56 43.80
C LYS L 38 67.75 -17.40 43.64
N LYS L 39 68.55 -17.59 44.70
CA LYS L 39 69.98 -17.37 44.61
C LYS L 39 70.78 -18.67 44.71
N ALA L 40 70.13 -19.83 44.77
CA ALA L 40 70.84 -21.09 44.71
C ALA L 40 71.46 -21.23 43.33
N LYS L 41 72.63 -21.87 43.26
CA LYS L 41 73.44 -21.56 42.09
C LYS L 41 73.04 -22.34 40.85
N VAL L 42 73.53 -23.56 40.65
CA VAL L 42 73.04 -24.34 39.51
C VAL L 42 72.81 -25.74 39.98
N ASP L 43 73.57 -26.14 40.99
CA ASP L 43 73.65 -27.53 41.38
C ASP L 43 73.07 -27.76 42.75
N GLU L 44 72.66 -26.69 43.44
CA GLU L 44 71.84 -26.87 44.65
C GLU L 44 70.50 -27.48 44.30
N PHE L 45 69.92 -27.10 43.16
CA PHE L 45 68.60 -27.56 42.74
C PHE L 45 68.79 -28.20 41.38
N PRO L 46 69.09 -29.50 41.33
CA PRO L 46 69.33 -30.13 40.03
C PRO L 46 68.06 -30.59 39.33
N LEU L 47 67.01 -30.88 40.10
CA LEU L 47 65.80 -31.46 39.55
C LEU L 47 64.85 -30.35 39.11
N GLY L 48 64.37 -30.44 37.88
CA GLY L 48 63.37 -29.49 37.41
C GLY L 48 62.09 -30.18 37.06
N GLY L 49 60.96 -29.65 37.51
CA GLY L 49 59.67 -30.17 37.14
C GLY L 49 58.78 -29.08 36.59
N HIS L 50 58.26 -29.29 35.40
CA HIS L 50 57.42 -28.33 34.72
C HIS L 50 55.97 -28.77 34.78
N MET L 51 55.09 -27.78 34.76
CA MET L 51 53.68 -27.97 34.46
C MET L 51 53.41 -27.29 33.14
N VAL L 52 53.01 -28.09 32.15
CA VAL L 52 52.98 -27.70 30.74
C VAL L 52 51.56 -27.94 30.22
N SER L 53 51.05 -26.98 29.46
CA SER L 53 49.68 -27.08 29.00
C SER L 53 49.59 -28.19 27.94
N ASP L 54 48.37 -28.71 27.73
CA ASP L 54 48.06 -29.38 26.48
C ASP L 54 46.67 -28.90 26.04
N GLU L 55 46.65 -27.65 25.55
CA GLU L 55 45.52 -26.99 24.93
C GLU L 55 45.96 -25.61 24.48
N TYR L 56 45.36 -25.12 23.41
CA TYR L 56 45.59 -23.77 22.93
C TYR L 56 44.49 -22.88 23.48
N GLU L 57 44.84 -22.06 24.46
CA GLU L 57 43.88 -21.25 25.19
C GLU L 57 44.64 -20.16 25.90
N GLN L 58 43.92 -19.29 26.58
CA GLN L 58 44.54 -18.22 27.34
C GLN L 58 44.14 -18.32 28.80
N LEU L 59 45.12 -18.15 29.67
CA LEU L 59 44.92 -18.18 31.12
C LEU L 59 44.99 -16.78 31.68
N SER L 60 44.15 -16.51 32.66
CA SER L 60 44.08 -15.18 33.24
C SER L 60 45.19 -15.01 34.28
N SER L 61 45.55 -13.74 34.50
CA SER L 61 46.55 -13.39 35.50
C SER L 61 46.08 -13.75 36.90
N GLU L 62 44.77 -13.69 37.13
CA GLU L 62 44.18 -14.12 38.40
C GLU L 62 44.42 -15.61 38.64
N ALA L 63 44.26 -16.42 37.61
CA ALA L 63 44.49 -17.85 37.74
C ALA L 63 45.98 -18.14 37.92
N LEU L 64 46.83 -17.37 37.23
CA LEU L 64 48.27 -17.53 37.38
C LEU L 64 48.72 -17.21 38.80
N GLU L 65 48.18 -16.14 39.38
CA GLU L 65 48.53 -15.76 40.75
C GLU L 65 48.01 -16.79 41.75
N ALA L 66 46.80 -17.31 41.53
CA ALA L 66 46.24 -18.32 42.42
C ALA L 66 47.08 -19.59 42.42
N ALA L 67 47.51 -20.04 41.23
CA ALA L 67 48.30 -21.25 41.14
C ALA L 67 49.68 -21.06 41.74
N ARG L 68 50.30 -19.89 41.48
CA ARG L 68 51.58 -19.56 42.08
C ARG L 68 51.50 -19.57 43.60
N ILE L 69 50.42 -19.01 44.17
CA ILE L 69 50.28 -18.94 45.62
C ILE L 69 50.13 -20.33 46.21
N CYS L 70 49.24 -21.16 45.64
CA CYS L 70 49.00 -22.46 46.27
C CYS L 70 50.18 -23.42 46.09
N ALA L 71 50.86 -23.36 44.93
CA ALA L 71 52.06 -24.15 44.75
C ALA L 71 53.16 -23.72 45.69
N ASN L 72 53.31 -22.40 45.89
CA ASN L 72 54.30 -21.88 46.82
C ASN L 72 54.02 -22.33 48.24
N LYS L 73 52.75 -22.32 48.66
CA LYS L 73 52.41 -22.70 50.03
C LYS L 73 52.68 -24.17 50.26
N TYR L 74 52.33 -25.03 49.30
CA TYR L 74 52.61 -26.46 49.48
C TYR L 74 54.10 -26.72 49.50
N MET L 75 54.86 -26.04 48.63
CA MET L 75 56.31 -26.23 48.61
C MET L 75 56.95 -25.71 49.90
N VAL L 76 56.43 -24.61 50.46
CA VAL L 76 56.97 -24.07 51.70
C VAL L 76 56.70 -25.03 52.86
N LYS L 77 55.47 -25.50 53.01
CA LYS L 77 55.22 -26.38 54.14
C LYS L 77 55.61 -27.83 53.87
N SER L 78 56.17 -28.14 52.72
CA SER L 78 56.68 -29.49 52.47
C SER L 78 58.20 -29.56 52.41
N CYS L 79 58.83 -28.75 51.56
CA CYS L 79 60.27 -28.80 51.33
C CYS L 79 61.03 -27.74 52.13
N GLY L 80 60.37 -27.02 53.01
CA GLY L 80 61.01 -25.92 53.71
C GLY L 80 60.96 -24.63 52.92
N ARG L 81 61.32 -23.54 53.61
CA ARG L 81 61.22 -22.20 53.02
C ARG L 81 62.25 -21.98 51.91
N ASP L 82 63.48 -22.45 52.11
CA ASP L 82 64.57 -22.19 51.19
C ASP L 82 64.98 -23.45 50.42
N GLY L 83 64.04 -24.37 50.24
CA GLY L 83 64.36 -25.63 49.61
C GLY L 83 63.96 -25.75 48.16
N PHE L 84 63.59 -24.66 47.49
CA PHE L 84 63.04 -24.74 46.16
C PHE L 84 63.13 -23.37 45.51
N HIS L 85 62.97 -23.35 44.20
CA HIS L 85 62.83 -22.10 43.47
C HIS L 85 61.80 -22.35 42.37
N MET L 86 60.82 -21.48 42.25
CA MET L 86 59.81 -21.63 41.21
C MET L 86 59.75 -20.38 40.36
N ARG L 87 59.56 -20.60 39.07
CA ARG L 87 59.34 -19.52 38.11
C ARG L 87 58.09 -19.86 37.32
N VAL L 88 57.17 -18.92 37.24
CA VAL L 88 56.12 -19.08 36.26
C VAL L 88 56.65 -18.54 34.94
N ARG L 89 56.30 -19.22 33.84
CA ARG L 89 56.94 -18.99 32.56
C ARG L 89 55.96 -18.42 31.56
N LEU L 90 55.14 -17.48 32.01
CA LEU L 90 53.96 -17.10 31.26
C LEU L 90 53.54 -15.72 31.75
N HIS L 91 53.68 -14.73 30.89
CA HIS L 91 53.34 -13.40 31.37
C HIS L 91 52.05 -12.94 30.69
N PRO L 92 51.17 -12.24 31.40
CA PRO L 92 49.88 -11.88 30.81
C PRO L 92 49.95 -10.61 29.97
N PHE L 93 50.30 -10.76 28.71
CA PHE L 93 50.53 -9.64 27.81
C PHE L 93 49.33 -9.31 26.94
N HIS L 94 48.32 -10.16 26.90
CA HIS L 94 47.19 -9.97 26.00
C HIS L 94 46.05 -9.31 26.76
N VAL L 95 45.57 -8.19 26.27
CA VAL L 95 44.55 -7.42 26.96
C VAL L 95 43.19 -7.87 26.47
N ILE L 96 42.27 -8.14 27.39
CA ILE L 96 40.91 -8.53 27.05
C ILE L 96 39.98 -7.36 27.31
N ARG L 97 38.98 -7.23 26.44
CA ARG L 97 38.05 -6.11 26.47
C ARG L 97 36.70 -6.51 27.04
N ILE L 98 35.95 -5.51 27.46
CA ILE L 98 34.58 -5.70 27.92
C ILE L 98 33.71 -4.62 27.28
N ASN L 99 32.51 -5.00 26.87
CA ASN L 99 31.54 -4.02 26.43
C ASN L 99 30.63 -3.63 27.58
N LYS L 100 30.01 -2.46 27.46
CA LYS L 100 29.54 -1.77 28.66
C LYS L 100 28.21 -2.36 29.11
N MET L 101 28.03 -2.38 30.43
CA MET L 101 26.81 -2.84 31.08
C MET L 101 25.61 -1.98 30.74
N GLY L 113 22.86 -1.03 23.09
CA GLY L 113 22.92 -2.03 22.04
C GLY L 113 24.32 -2.30 21.53
N MET L 114 24.39 -2.73 20.27
CA MET L 114 25.64 -3.04 19.59
C MET L 114 26.22 -1.87 18.80
N ARG L 115 25.62 -0.69 18.87
CA ARG L 115 26.21 0.48 18.23
C ARG L 115 27.46 0.89 18.99
N GLY L 116 28.56 1.09 18.25
CA GLY L 116 29.84 1.52 18.79
C GLY L 116 30.39 0.59 19.85
N ALA L 117 30.44 -0.69 19.52
CA ALA L 117 30.50 -1.73 20.54
C ALA L 117 31.91 -2.15 20.92
N PHE L 118 32.94 -1.46 20.43
CA PHE L 118 34.32 -1.87 20.70
C PHE L 118 34.63 -1.65 22.17
N GLY L 119 35.03 -2.71 22.84
CA GLY L 119 35.10 -2.69 24.28
C GLY L 119 36.27 -1.91 24.86
N LYS L 120 36.35 -1.95 26.18
CA LYS L 120 37.35 -1.25 26.94
C LYS L 120 38.17 -2.24 27.75
N PRO L 121 39.45 -1.98 27.99
CA PRO L 121 40.33 -2.96 28.67
C PRO L 121 39.93 -3.22 30.11
N GLN L 122 39.68 -4.49 30.43
CA GLN L 122 39.38 -4.86 31.81
C GLN L 122 40.38 -5.81 32.43
N GLY L 123 41.27 -6.43 31.65
CA GLY L 123 42.19 -7.37 32.25
C GLY L 123 43.23 -7.80 31.24
N THR L 124 44.15 -8.63 31.71
CA THR L 124 45.16 -9.22 30.85
C THR L 124 45.22 -10.72 31.10
N VAL L 125 45.43 -11.46 30.02
CA VAL L 125 45.56 -12.91 30.03
C VAL L 125 46.85 -13.24 29.30
N ALA L 126 47.34 -14.46 29.54
CA ALA L 126 48.48 -15.03 28.83
C ALA L 126 48.00 -16.13 27.93
N ARG L 127 48.34 -16.06 26.66
CA ARG L 127 47.95 -17.08 25.70
C ARG L 127 49.01 -18.17 25.68
N VAL L 128 48.58 -19.41 25.89
CA VAL L 128 49.50 -20.53 25.97
C VAL L 128 49.21 -21.46 24.80
N HIS L 129 50.25 -22.13 24.31
CA HIS L 129 50.14 -23.03 23.19
C HIS L 129 50.13 -24.47 23.68
N ILE L 130 50.09 -25.40 22.72
CA ILE L 130 50.00 -26.83 23.04
C ILE L 130 51.26 -27.26 23.77
N GLY L 131 52.41 -27.17 23.13
CA GLY L 131 53.60 -27.51 23.88
C GLY L 131 54.18 -26.24 24.46
N GLN L 132 53.89 -25.97 25.73
CA GLN L 132 54.38 -24.74 26.36
C GLN L 132 54.37 -24.90 27.87
N VAL L 133 55.50 -24.55 28.50
CA VAL L 133 55.62 -24.64 29.94
C VAL L 133 54.84 -23.49 30.59
N ILE L 134 54.00 -23.83 31.56
CA ILE L 134 53.30 -22.81 32.34
C ILE L 134 54.08 -22.47 33.60
N MET L 135 54.54 -23.50 34.31
CA MET L 135 55.26 -23.25 35.56
C MET L 135 56.44 -24.21 35.67
N SER L 136 57.46 -23.80 36.42
CA SER L 136 58.62 -24.64 36.63
C SER L 136 59.08 -24.51 38.07
N ILE L 137 59.50 -25.63 38.65
CA ILE L 137 60.07 -25.66 40.00
C ILE L 137 61.38 -26.44 39.94
N ARG L 138 62.45 -25.87 40.47
CA ARG L 138 63.70 -26.58 40.64
C ARG L 138 63.93 -26.82 42.13
N THR L 139 64.41 -28.02 42.43
CA THR L 139 64.52 -28.51 43.80
C THR L 139 65.61 -29.58 43.75
N LYS L 140 66.04 -30.08 44.91
CA LYS L 140 66.91 -31.23 45.00
C LYS L 140 66.23 -32.48 44.45
N LEU L 141 67.03 -33.54 44.29
CA LEU L 141 66.55 -34.76 43.61
C LEU L 141 65.65 -35.62 44.48
N GLN L 142 65.50 -35.31 45.76
CA GLN L 142 64.76 -36.17 46.67
C GLN L 142 63.39 -35.62 47.01
N ASN L 143 63.02 -34.47 46.47
CA ASN L 143 61.72 -33.86 46.70
C ASN L 143 60.83 -33.95 45.46
N GLU L 144 61.08 -34.94 44.60
CA GLU L 144 60.43 -35.04 43.30
C GLU L 144 58.92 -35.22 43.45
N GLU L 145 58.50 -36.07 44.38
CA GLU L 145 57.08 -36.29 44.61
C GLU L 145 56.43 -35.03 45.18
N HIS L 146 57.17 -34.23 45.95
CA HIS L 146 56.65 -32.98 46.47
C HIS L 146 56.44 -31.97 45.36
N VAL L 147 57.39 -31.92 44.40
CA VAL L 147 57.23 -31.05 43.23
C VAL L 147 56.02 -31.47 42.41
N ILE L 148 55.83 -32.78 42.24
CA ILE L 148 54.71 -33.28 41.44
C ILE L 148 53.39 -32.96 42.12
N GLU L 149 53.32 -33.11 43.44
CA GLU L 149 52.10 -32.82 44.19
C GLU L 149 51.79 -31.33 44.18
N ALA L 150 52.82 -30.48 44.31
CA ALA L 150 52.62 -29.04 44.25
C ALA L 150 52.10 -28.61 42.89
N LEU L 151 52.64 -29.21 41.82
CA LEU L 151 52.21 -28.83 40.48
C LEU L 151 50.81 -29.33 40.18
N ARG L 152 50.41 -30.48 40.74
CA ARG L 152 49.05 -30.96 40.57
C ARG L 152 48.04 -30.06 41.29
N ARG L 153 48.35 -29.74 42.55
CA ARG L 153 47.47 -28.84 43.31
C ARG L 153 47.44 -27.44 42.71
N ALA L 154 48.48 -27.01 41.99
CA ALA L 154 48.39 -25.77 41.24
C ALA L 154 47.68 -25.95 39.91
N LYS L 155 47.70 -27.16 39.35
CA LYS L 155 46.98 -27.47 38.13
C LYS L 155 45.48 -27.33 38.34
N PHE L 156 45.02 -27.52 39.58
CA PHE L 156 43.59 -27.34 39.87
C PHE L 156 43.07 -25.89 39.71
N LYS L 157 43.89 -24.91 39.33
CA LYS L 157 43.47 -23.52 39.31
C LYS L 157 43.30 -22.98 37.89
N PHE L 158 43.38 -23.84 36.88
CA PHE L 158 43.35 -23.44 35.49
C PHE L 158 42.21 -24.10 34.74
N PRO L 159 41.74 -23.51 33.63
CA PRO L 159 40.61 -24.10 32.92
C PRO L 159 40.95 -25.36 32.14
N GLY L 160 42.11 -25.41 31.51
CA GLY L 160 42.30 -26.40 30.47
C GLY L 160 42.69 -27.78 30.95
N ARG L 161 43.66 -28.39 30.26
CA ARG L 161 44.27 -29.62 30.71
C ARG L 161 45.79 -29.45 30.74
N GLN L 162 46.41 -29.81 31.85
CA GLN L 162 47.83 -29.62 32.01
C GLN L 162 48.48 -30.93 32.42
N LYS L 163 49.76 -31.06 32.13
CA LYS L 163 50.50 -32.27 32.43
C LYS L 163 51.73 -31.87 33.23
N ILE L 164 52.12 -32.77 34.12
CA ILE L 164 53.26 -32.57 35.00
C ILE L 164 54.39 -33.42 34.46
N HIS L 165 55.55 -32.81 34.24
CA HIS L 165 56.62 -33.54 33.58
C HIS L 165 57.95 -33.13 34.18
N ILE L 166 58.76 -34.10 34.56
CA ILE L 166 60.09 -33.84 35.08
C ILE L 166 61.03 -33.74 33.89
N SER L 167 61.84 -32.69 33.86
CA SER L 167 62.68 -32.44 32.71
C SER L 167 63.92 -33.31 32.75
N LYS L 168 64.48 -33.56 31.57
CA LYS L 168 65.75 -34.26 31.43
C LYS L 168 66.94 -33.33 31.59
N LYS L 169 66.71 -32.08 31.99
CA LYS L 169 67.76 -31.07 31.99
C LYS L 169 68.02 -30.64 33.42
N TRP L 170 69.17 -30.00 33.61
CA TRP L 170 69.66 -29.67 34.94
C TRP L 170 69.04 -28.35 35.37
N GLY L 171 68.02 -28.42 36.21
CA GLY L 171 67.46 -27.21 36.80
C GLY L 171 66.76 -26.37 35.75
N PHE L 172 67.05 -25.07 35.76
CA PHE L 172 66.43 -24.13 34.83
C PHE L 172 67.34 -23.82 33.65
N THR L 173 68.17 -24.78 33.24
CA THR L 173 69.13 -24.58 32.17
C THR L 173 68.60 -25.25 30.91
N LYS L 174 69.42 -25.25 29.85
CA LYS L 174 69.07 -25.96 28.63
C LYS L 174 70.03 -27.10 28.33
N PHE L 175 70.70 -27.61 29.35
CA PHE L 175 71.67 -28.69 29.20
C PHE L 175 71.26 -29.88 30.05
N ASN L 176 71.48 -31.07 29.53
CA ASN L 176 71.00 -32.28 30.19
C ASN L 176 71.84 -32.65 31.41
N ALA L 177 71.17 -33.30 32.35
CA ALA L 177 71.76 -33.66 33.63
C ALA L 177 72.89 -34.68 33.49
N ASP L 178 72.90 -35.48 32.43
CA ASP L 178 74.00 -36.44 32.29
C ASP L 178 75.28 -35.81 31.76
N GLU L 179 75.15 -34.88 30.82
CA GLU L 179 76.31 -34.22 30.25
C GLU L 179 76.64 -32.91 30.96
N PHE L 180 75.93 -32.63 32.05
CA PHE L 180 76.11 -31.35 32.74
C PHE L 180 77.44 -31.30 33.51
N GLU L 181 77.70 -32.30 34.37
CA GLU L 181 78.90 -32.25 35.20
C GLU L 181 80.16 -32.46 34.36
N ASP L 182 80.05 -33.22 33.27
CA ASP L 182 81.19 -33.37 32.37
C ASP L 182 81.52 -32.06 31.68
N MET L 183 80.51 -31.30 31.26
CA MET L 183 80.77 -29.99 30.67
C MET L 183 81.35 -29.03 31.69
N VAL L 184 80.89 -29.10 32.94
CA VAL L 184 81.42 -28.28 34.01
C VAL L 184 82.89 -28.63 34.26
N ALA L 185 83.22 -29.92 34.28
CA ALA L 185 84.59 -30.35 34.56
C ALA L 185 85.53 -30.00 33.42
N LYS L 186 85.09 -30.15 32.17
CA LYS L 186 85.93 -29.76 31.03
C LYS L 186 85.80 -28.28 30.71
N LYS L 187 85.11 -27.51 31.57
CA LYS L 187 85.09 -26.05 31.57
C LYS L 187 84.46 -25.48 30.32
N CYS L 188 83.59 -26.26 29.66
CA CYS L 188 82.80 -25.72 28.56
C CYS L 188 81.54 -25.03 29.07
N LEU L 189 81.31 -25.04 30.38
CA LEU L 189 80.05 -24.56 30.95
C LEU L 189 80.38 -23.99 32.33
N ILE L 190 80.34 -22.68 32.46
CA ILE L 190 80.86 -21.99 33.65
C ILE L 190 79.68 -21.47 34.45
N PRO L 191 79.55 -21.82 35.73
CA PRO L 191 78.36 -21.38 36.48
C PRO L 191 78.43 -19.92 36.86
N ASP L 192 77.28 -19.25 36.75
CA ASP L 192 77.12 -17.88 37.21
C ASP L 192 75.66 -17.67 37.58
N GLY L 193 75.39 -17.37 38.85
CA GLY L 193 74.04 -17.04 39.29
C GLY L 193 73.12 -18.23 39.27
N CYS L 194 71.86 -17.99 38.89
CA CYS L 194 70.88 -19.08 38.76
C CYS L 194 71.20 -20.01 37.60
N GLY L 195 71.90 -19.51 36.58
CA GLY L 195 72.14 -20.31 35.40
C GLY L 195 73.60 -20.58 35.14
N VAL L 196 73.96 -20.69 33.87
CA VAL L 196 75.30 -21.10 33.44
C VAL L 196 75.57 -20.39 32.12
N LYS L 197 76.85 -20.20 31.83
CA LYS L 197 77.26 -19.67 30.55
C LYS L 197 77.96 -20.77 29.78
N TYR L 198 77.72 -20.78 28.49
CA TYR L 198 78.35 -21.71 27.58
C TYR L 198 79.61 -21.06 27.02
N VAL L 199 80.70 -21.79 27.02
CA VAL L 199 81.97 -21.28 26.53
C VAL L 199 82.26 -22.03 25.24
N PRO L 200 82.09 -21.38 24.09
CA PRO L 200 82.47 -22.01 22.83
C PRO L 200 83.95 -21.82 22.54
N SER L 201 84.53 -22.80 21.88
CA SER L 201 85.96 -22.75 21.61
C SER L 201 86.27 -21.96 20.35
N HIS L 202 85.72 -20.74 20.24
CA HIS L 202 86.08 -19.87 19.14
C HIS L 202 86.11 -18.40 19.55
N GLY L 203 86.48 -18.10 20.79
CA GLY L 203 86.64 -16.72 21.19
C GLY L 203 88.05 -16.22 20.96
N PRO L 204 88.51 -15.30 21.81
CA PRO L 204 89.95 -15.05 21.90
C PRO L 204 90.70 -16.07 22.77
N LEU L 205 91.91 -16.42 22.31
CA LEU L 205 92.77 -17.29 23.10
C LEU L 205 93.18 -16.65 24.42
N ASP L 206 93.19 -15.32 24.48
CA ASP L 206 93.45 -14.66 25.75
C ASP L 206 92.27 -14.84 26.71
N LYS L 207 91.06 -14.97 26.19
CA LYS L 207 89.93 -15.36 27.03
C LYS L 207 90.07 -16.80 27.50
N TRP L 208 90.54 -17.69 26.62
CA TRP L 208 90.82 -19.08 27.04
C TRP L 208 91.90 -19.13 28.12
N ARG L 209 92.86 -18.19 28.05
CA ARG L 209 94.00 -18.09 28.95
C ARG L 209 93.63 -17.49 30.29
N VAL L 210 92.70 -16.54 30.31
CA VAL L 210 92.20 -16.11 31.62
C VAL L 210 91.25 -17.16 32.17
N LEU L 211 90.60 -17.94 31.29
CA LEU L 211 90.02 -19.21 31.68
C LEU L 211 91.09 -20.28 31.50
N HIS L 212 90.72 -21.57 31.47
CA HIS L 212 91.56 -22.77 31.41
C HIS L 212 92.84 -22.72 32.22
N SER L 213 92.80 -22.13 33.40
CA SER L 213 94.01 -21.82 34.15
C SER L 213 93.66 -21.61 35.62
N GLN M 1 120.36 4.81 21.87
CA GLN M 1 120.98 5.65 20.85
C GLN M 1 120.47 5.22 19.48
N ASP M 2 120.92 4.03 19.05
CA ASP M 2 120.61 3.52 17.72
C ASP M 2 119.12 3.24 17.54
N GLN M 3 118.48 2.73 18.58
CA GLN M 3 117.05 2.47 18.53
C GLN M 3 116.23 3.69 18.89
N GLY M 4 116.84 4.71 19.50
CA GLY M 4 116.06 5.88 19.87
C GLY M 4 116.08 6.96 18.81
N GLU M 5 117.09 6.94 17.95
CA GLU M 5 117.25 7.99 16.95
C GLU M 5 116.68 7.54 15.60
N LYS M 6 115.38 7.29 15.57
CA LYS M 6 114.77 6.97 14.28
C LYS M 6 113.51 7.80 14.03
N GLU M 7 112.68 8.02 15.06
CA GLU M 7 111.39 8.68 14.94
C GLU M 7 111.51 10.19 14.96
N ASN M 8 112.67 10.72 15.34
CA ASN M 8 112.96 12.14 15.54
C ASN M 8 112.68 13.06 14.34
N PRO M 9 112.63 12.58 13.07
CA PRO M 9 112.10 13.46 12.02
C PRO M 9 110.60 13.79 12.10
N MET M 10 109.70 12.84 12.36
CA MET M 10 108.28 13.05 12.07
C MET M 10 107.33 12.62 13.18
N ARG M 11 107.77 12.58 14.44
CA ARG M 11 106.91 12.10 15.54
C ARG M 11 107.06 13.00 16.77
N GLU M 12 106.98 14.30 16.56
CA GLU M 12 107.33 15.27 17.59
C GLU M 12 106.11 16.06 18.00
N LEU M 13 105.83 16.06 19.31
CA LEU M 13 104.77 16.88 19.85
C LEU M 13 105.06 18.35 19.58
N ARG M 14 104.15 19.01 18.87
CA ARG M 14 104.23 20.43 18.66
C ARG M 14 102.88 21.03 19.00
N ILE M 15 102.84 22.35 19.08
CA ILE M 15 101.68 23.04 19.60
C ILE M 15 100.78 23.40 18.43
N ARG M 16 99.62 22.74 18.36
CA ARG M 16 98.46 23.21 17.61
C ARG M 16 97.76 24.28 18.45
N LYS M 17 96.43 24.36 18.36
CA LYS M 17 95.73 25.61 18.71
C LYS M 17 95.83 25.96 20.19
N LEU M 18 95.69 27.26 20.48
CA LEU M 18 95.78 27.81 21.82
C LEU M 18 94.44 28.06 22.49
N CYS M 19 93.37 28.11 21.69
CA CYS M 19 91.94 28.13 22.05
C CYS M 19 91.63 29.09 23.20
N LEU M 20 91.69 30.39 22.89
CA LEU M 20 91.45 31.40 23.89
C LEU M 20 89.97 31.74 23.93
N ASN M 21 89.41 31.84 25.13
CA ASN M 21 87.97 32.08 25.25
C ASN M 21 87.63 33.00 26.41
N ILE M 22 86.66 33.89 26.20
CA ILE M 22 86.03 34.68 27.26
C ILE M 22 84.53 34.50 27.13
N CYS M 23 83.87 34.00 28.18
CA CYS M 23 82.42 33.85 28.16
C CYS M 23 81.83 34.74 29.24
N VAL M 24 80.99 35.69 28.86
CA VAL M 24 80.30 36.53 29.84
C VAL M 24 78.81 36.57 29.51
N GLY M 25 77.97 36.46 30.53
CA GLY M 25 76.55 36.20 30.32
C GLY M 25 75.75 37.32 29.71
N GLU M 26 76.35 38.47 29.40
CA GLU M 26 75.64 39.64 28.92
C GLU M 26 76.27 40.07 27.59
N SER M 27 75.51 40.86 26.85
CA SER M 27 75.94 41.38 25.55
C SER M 27 76.28 42.87 25.68
N GLY M 28 76.70 43.47 24.58
CA GLY M 28 76.89 44.90 24.54
C GLY M 28 78.33 45.38 24.63
N ASP M 29 78.52 46.53 25.28
CA ASP M 29 79.84 47.14 25.42
C ASP M 29 80.80 46.26 26.21
N ARG M 30 80.27 45.43 27.12
CA ARG M 30 81.11 44.48 27.84
C ARG M 30 81.72 43.46 26.88
N LEU M 31 80.94 42.99 25.91
CA LEU M 31 81.50 42.12 24.88
C LEU M 31 82.43 42.86 23.93
N THR M 32 82.15 44.13 23.64
CA THR M 32 83.07 44.86 22.77
C THR M 32 84.42 45.03 23.43
N ARG M 33 84.44 45.32 24.73
CA ARG M 33 85.70 45.43 25.45
C ARG M 33 86.35 44.06 25.64
N ALA M 34 85.54 43.01 25.79
CA ALA M 34 86.06 41.66 25.85
C ALA M 34 86.66 41.22 24.52
N ALA M 35 86.21 41.81 23.42
CA ALA M 35 86.86 41.58 22.13
C ALA M 35 88.10 42.45 21.99
N LYS M 36 88.07 43.66 22.55
CA LYS M 36 89.20 44.57 22.45
C LYS M 36 90.41 44.07 23.21
N VAL M 37 90.20 43.40 24.34
CA VAL M 37 91.33 42.81 25.07
C VAL M 37 91.93 41.65 24.26
N LEU M 38 91.05 40.87 23.60
CA LEU M 38 91.51 39.78 22.75
C LEU M 38 92.33 40.31 21.58
N GLU M 39 91.85 41.39 20.93
CA GLU M 39 92.62 42.02 19.85
C GLU M 39 93.97 42.53 20.35
N GLN M 40 94.01 43.10 21.56
CA GLN M 40 95.27 43.70 21.95
C GLN M 40 96.27 42.71 22.50
N LEU M 41 95.74 41.59 23.00
CA LEU M 41 96.47 40.40 23.44
C LEU M 41 97.07 39.48 22.35
N THR M 42 96.32 39.26 21.27
CA THR M 42 96.66 38.35 20.18
C THR M 42 97.09 39.03 18.89
N GLY M 43 96.49 40.17 18.56
CA GLY M 43 96.70 40.79 17.28
C GLY M 43 95.71 40.34 16.23
N GLN M 44 94.72 39.55 16.61
CA GLN M 44 93.70 39.04 15.71
C GLN M 44 92.34 39.59 16.11
N THR M 45 91.47 39.73 15.12
CA THR M 45 90.08 40.09 15.37
C THR M 45 89.29 38.86 15.82
N PRO M 46 88.77 38.82 17.04
CA PRO M 46 88.17 37.60 17.58
C PRO M 46 86.77 37.39 17.02
N VAL M 47 86.09 36.37 17.52
CA VAL M 47 84.83 35.95 16.94
C VAL M 47 83.81 35.73 18.06
N PHE M 48 82.59 36.19 17.82
CA PHE M 48 81.52 36.13 18.79
C PHE M 48 80.84 34.77 18.75
N SER M 49 80.33 34.36 19.90
CA SER M 49 79.72 33.06 20.06
C SER M 49 78.39 33.23 20.76
N LYS M 50 77.37 32.61 20.19
CA LYS M 50 75.97 32.83 20.51
C LYS M 50 75.46 31.79 21.50
N ALA M 51 74.38 32.15 22.19
CA ALA M 51 73.70 31.16 23.00
C ALA M 51 72.99 30.15 22.10
N ARG M 52 72.78 28.95 22.64
CA ARG M 52 72.13 27.90 21.88
C ARG M 52 70.69 27.65 22.29
N TYR M 53 70.34 27.94 23.54
CA TYR M 53 68.98 27.78 24.03
C TYR M 53 68.78 28.63 25.28
N THR M 54 67.57 29.16 25.43
CA THR M 54 67.21 29.94 26.60
C THR M 54 67.22 29.05 27.85
N VAL M 55 67.77 29.56 28.95
CA VAL M 55 67.81 28.78 30.17
C VAL M 55 67.12 29.52 31.32
N ARG M 56 67.10 30.86 31.28
CA ARG M 56 66.38 31.75 32.20
C ARG M 56 66.83 31.69 33.67
N SER M 57 67.79 30.83 34.03
CA SER M 57 68.16 30.68 35.42
C SER M 57 69.09 31.80 35.88
N PHE M 58 70.27 31.88 35.29
CA PHE M 58 71.09 33.09 35.38
C PHE M 58 70.74 34.09 34.30
N GLY M 59 70.12 33.63 33.22
CA GLY M 59 69.43 34.48 32.28
C GLY M 59 70.18 34.79 31.01
N ILE M 60 69.95 33.94 30.00
CA ILE M 60 70.37 34.19 28.63
C ILE M 60 69.29 33.60 27.74
N ARG M 61 69.08 34.24 26.59
CA ARG M 61 68.19 33.69 25.59
C ARG M 61 68.98 33.37 24.33
N ARG M 62 68.42 32.51 23.48
CA ARG M 62 69.20 32.01 22.36
C ARG M 62 69.38 33.08 21.29
N ASN M 63 70.39 32.87 20.44
CA ASN M 63 70.85 33.77 19.39
C ASN M 63 71.40 35.10 19.92
N GLU M 64 71.72 35.19 21.20
CA GLU M 64 72.40 36.37 21.72
C GLU M 64 73.88 36.36 21.35
N LYS M 65 74.67 37.18 22.02
CA LYS M 65 76.11 37.06 21.96
C LYS M 65 76.59 36.91 23.40
N ILE M 66 77.33 35.83 23.66
CA ILE M 66 77.77 35.47 25.00
C ILE M 66 79.28 35.43 25.10
N ALA M 67 79.95 34.90 24.11
CA ALA M 67 81.38 34.67 24.24
C ALA M 67 82.15 35.36 23.13
N VAL M 68 83.42 35.60 23.39
CA VAL M 68 84.37 35.98 22.37
C VAL M 68 85.55 35.01 22.45
N HIS M 69 85.85 34.37 21.35
CA HIS M 69 86.94 33.41 21.36
C HIS M 69 87.85 33.67 20.17
N CYS M 70 89.01 33.02 20.22
CA CYS M 70 90.03 33.24 19.20
C CYS M 70 90.90 32.00 19.12
N THR M 71 91.37 31.71 17.92
CA THR M 71 92.26 30.60 17.68
C THR M 71 93.61 31.13 17.22
N VAL M 72 94.66 30.71 17.90
CA VAL M 72 96.02 31.17 17.65
C VAL M 72 96.94 29.96 17.57
N ARG M 73 97.74 29.90 16.51
CA ARG M 73 98.67 28.80 16.30
C ARG M 73 100.01 29.32 15.79
N GLY M 74 101.08 28.59 16.15
CA GLY M 74 102.44 28.89 15.76
C GLY M 74 103.34 29.56 16.78
N ALA M 75 104.28 30.39 16.29
CA ALA M 75 105.23 31.07 17.17
C ALA M 75 104.53 32.04 18.12
N LYS M 76 103.53 32.76 17.61
CA LYS M 76 102.68 33.58 18.45
C LYS M 76 101.99 32.76 19.53
N ALA M 77 101.53 31.56 19.16
CA ALA M 77 100.86 30.68 20.13
C ALA M 77 101.81 30.23 21.23
N GLU M 78 103.02 29.80 20.86
CA GLU M 78 103.95 29.33 21.88
C GLU M 78 104.40 30.48 22.78
N GLU M 79 104.57 31.70 22.24
CA GLU M 79 104.99 32.79 23.12
C GLU M 79 103.84 33.24 24.03
N ILE M 80 102.59 33.21 23.55
CA ILE M 80 101.47 33.59 24.42
C ILE M 80 101.25 32.50 25.48
N LEU M 81 101.46 31.24 25.10
CA LEU M 81 101.42 30.12 26.04
C LEU M 81 102.55 30.25 27.06
N GLU M 82 103.72 30.75 26.63
CA GLU M 82 104.83 31.02 27.52
C GLU M 82 104.42 32.07 28.55
N LYS M 83 103.71 33.11 28.12
CA LYS M 83 103.24 34.13 29.04
C LYS M 83 102.21 33.59 30.02
N GLY M 84 101.28 32.76 29.54
CA GLY M 84 100.31 32.15 30.45
C GLY M 84 100.93 31.23 31.49
N LEU M 85 101.93 30.45 31.09
CA LEU M 85 102.62 29.62 32.09
C LEU M 85 103.53 30.45 33.00
N LYS M 86 104.02 31.60 32.53
CA LYS M 86 104.72 32.53 33.42
C LYS M 86 103.76 33.04 34.49
N VAL M 87 102.50 33.29 34.12
CA VAL M 87 101.51 33.68 35.11
C VAL M 87 101.19 32.53 36.07
N ARG M 88 101.05 31.31 35.53
CA ARG M 88 100.85 30.09 36.31
C ARG M 88 102.11 29.56 36.99
N GLU M 89 103.24 30.30 36.90
CA GLU M 89 104.60 29.93 37.31
C GLU M 89 104.95 28.50 36.93
N TYR M 90 104.54 28.10 35.72
CA TYR M 90 104.78 26.77 35.13
C TYR M 90 104.23 25.66 36.02
N GLU M 91 103.11 25.92 36.69
CA GLU M 91 102.45 24.94 37.56
C GLU M 91 100.98 24.85 37.21
N LEU M 92 100.57 23.72 36.62
CA LEU M 92 99.17 23.35 36.50
C LEU M 92 99.06 21.92 36.99
N ARG M 93 98.11 21.67 37.90
CA ARG M 93 98.41 20.77 39.01
C ARG M 93 98.27 19.27 38.66
N LYS M 94 97.06 18.79 38.39
CA LYS M 94 96.87 17.34 38.32
C LYS M 94 96.19 16.87 37.05
N ASN M 95 95.03 17.47 36.75
CA ASN M 95 93.99 16.84 35.95
C ASN M 95 93.47 17.76 34.86
N ASN M 96 94.21 18.84 34.56
CA ASN M 96 93.85 19.70 33.45
C ASN M 96 94.10 19.02 32.11
N PHE M 97 94.87 17.94 32.09
CA PHE M 97 95.17 17.18 30.88
C PHE M 97 94.01 16.25 30.57
N SER M 98 93.35 16.49 29.44
CA SER M 98 92.31 15.61 28.96
C SER M 98 92.92 14.32 28.41
N ASP M 99 92.07 13.28 28.31
CA ASP M 99 92.53 11.96 27.90
C ASP M 99 92.93 11.89 26.43
N THR M 100 92.66 12.93 25.64
CA THR M 100 93.09 12.99 24.26
C THR M 100 94.39 13.77 24.09
N GLY M 101 95.09 14.06 25.19
CA GLY M 101 96.35 14.75 25.10
C GLY M 101 96.22 16.23 24.84
N ASN M 102 95.16 16.86 25.33
CA ASN M 102 95.00 18.30 25.31
C ASN M 102 94.92 18.78 26.75
N PHE M 103 95.13 20.08 26.95
CA PHE M 103 94.96 20.63 28.30
C PHE M 103 94.64 22.11 28.20
N GLY M 104 94.61 22.76 29.36
CA GLY M 104 94.24 24.16 29.43
C GLY M 104 94.05 24.55 30.87
N PHE M 105 93.82 25.84 31.05
CA PHE M 105 93.66 26.40 32.39
C PHE M 105 92.89 27.71 32.26
N GLY M 106 92.77 28.43 33.36
CA GLY M 106 92.09 29.70 33.35
C GLY M 106 92.97 30.76 33.99
N ILE M 107 92.78 32.00 33.53
CA ILE M 107 93.45 33.16 34.09
C ILE M 107 92.36 34.11 34.58
N GLN M 108 92.48 34.54 35.84
CA GLN M 108 91.42 35.34 36.44
C GLN M 108 91.54 36.81 36.11
N GLU M 109 92.73 37.28 35.75
CA GLU M 109 92.98 38.68 35.46
C GLU M 109 94.12 38.78 34.46
N HIS M 110 93.91 39.56 33.40
CA HIS M 110 94.78 39.49 32.23
C HIS M 110 95.94 40.47 32.26
N ILE M 111 95.80 41.59 32.99
CA ILE M 111 96.77 42.69 32.98
C ILE M 111 98.14 42.30 33.52
N ASP M 112 98.20 41.26 34.38
CA ASP M 112 99.45 40.78 34.98
C ASP M 112 100.52 40.43 33.93
N LEU M 113 100.11 39.74 32.87
CA LEU M 113 100.92 39.52 31.68
C LEU M 113 99.96 39.11 30.57
N GLY M 114 99.85 39.91 29.51
CA GLY M 114 100.74 41.00 29.18
C GLY M 114 100.26 42.42 29.41
N ILE M 115 99.68 42.98 28.34
CA ILE M 115 99.44 44.40 28.05
C ILE M 115 98.95 45.24 29.23
N LYS M 116 99.47 46.47 29.32
CA LYS M 116 99.10 47.47 30.30
C LYS M 116 97.59 47.68 30.36
N TYR M 117 97.07 47.91 31.57
CA TYR M 117 95.65 48.15 31.78
C TYR M 117 95.21 49.46 31.14
N ASP M 118 94.01 49.45 30.58
CA ASP M 118 93.34 50.61 30.03
C ASP M 118 92.10 50.88 30.88
N PRO M 119 91.89 52.12 31.33
CA PRO M 119 90.73 52.43 32.20
C PRO M 119 89.37 52.14 31.58
N SER M 120 89.24 52.24 30.25
CA SER M 120 87.98 51.90 29.60
C SER M 120 87.77 50.40 29.59
N ILE M 121 88.82 49.64 29.26
CA ILE M 121 88.76 48.18 29.23
C ILE M 121 88.57 47.66 30.65
N GLY M 122 87.79 46.59 30.79
CA GLY M 122 87.52 46.02 32.09
C GLY M 122 88.64 45.20 32.71
N ILE M 123 88.27 44.14 33.43
CA ILE M 123 89.19 43.46 34.33
C ILE M 123 89.11 41.96 34.01
N TYR M 124 88.67 41.67 32.77
CA TYR M 124 88.18 40.35 32.39
C TYR M 124 89.20 39.23 32.57
N GLY M 125 88.70 38.07 33.00
CA GLY M 125 89.48 36.85 32.95
C GLY M 125 89.18 36.11 31.66
N LEU M 126 89.85 34.98 31.48
CA LEU M 126 89.77 34.22 30.25
C LEU M 126 90.23 32.79 30.55
N ASP M 127 90.16 31.94 29.53
CA ASP M 127 90.75 30.62 29.67
C ASP M 127 91.44 30.17 28.40
N PHE M 128 92.50 29.40 28.61
CA PHE M 128 93.38 28.86 27.60
C PHE M 128 93.07 27.39 27.43
N TYR M 129 92.84 26.96 26.19
CA TYR M 129 92.84 25.55 25.89
C TYR M 129 93.81 25.30 24.75
N VAL M 130 94.88 24.58 25.07
CA VAL M 130 95.85 24.11 24.10
C VAL M 130 95.47 22.70 23.68
N VAL M 131 95.15 22.57 22.41
CA VAL M 131 94.99 21.27 21.79
C VAL M 131 96.26 21.01 21.00
N LEU M 132 96.86 19.84 21.26
CA LEU M 132 98.23 19.49 20.93
C LEU M 132 98.24 18.38 19.91
N GLY M 133 99.26 18.38 19.07
CA GLY M 133 99.24 17.47 17.95
C GLY M 133 100.59 16.92 17.61
N ARG M 134 100.75 16.55 16.36
CA ARG M 134 101.88 15.76 15.88
C ARG M 134 101.81 15.86 14.37
N PRO M 135 102.94 15.92 13.66
CA PRO M 135 102.88 16.09 12.19
C PRO M 135 102.21 14.89 11.53
N GLY M 136 101.12 15.18 10.83
CA GLY M 136 100.31 14.18 10.18
C GLY M 136 98.90 14.16 10.73
N PHE M 137 98.59 15.09 11.62
CA PHE M 137 97.25 15.15 12.19
C PHE M 137 96.26 15.83 11.26
N SER M 138 96.73 16.42 10.16
CA SER M 138 95.88 17.16 9.24
C SER M 138 95.07 16.25 8.33
N ILE M 139 95.33 14.94 8.36
CA ILE M 139 94.56 13.99 7.58
C ILE M 139 93.14 13.81 8.12
N ALA M 140 92.88 14.25 9.35
CA ALA M 140 91.56 14.17 9.93
C ALA M 140 90.64 15.24 9.40
N ASP M 141 91.20 16.33 8.87
CA ASP M 141 90.41 17.44 8.35
C ASP M 141 90.80 17.78 6.92
N LYS M 142 91.62 16.96 6.29
CA LYS M 142 91.78 17.01 4.84
C LYS M 142 90.45 16.67 4.16
N LYS M 143 90.16 17.38 3.07
CA LYS M 143 88.89 17.18 2.38
C LYS M 143 88.94 15.92 1.50
N ARG M 144 89.99 15.78 0.71
CA ARG M 144 90.13 14.68 -0.23
C ARG M 144 90.92 13.55 0.40
N ARG M 145 90.33 12.35 0.39
CA ARG M 145 90.89 11.12 0.99
C ARG M 145 91.17 11.35 2.48
N THR M 146 90.11 11.70 3.21
CA THR M 146 90.16 11.84 4.65
C THR M 146 90.39 10.47 5.30
N GLY M 147 91.06 10.48 6.45
CA GLY M 147 91.26 9.29 7.24
C GLY M 147 91.30 9.64 8.72
N CYS M 148 91.36 8.61 9.54
CA CYS M 148 91.62 8.74 10.97
C CYS M 148 93.09 8.51 11.23
N ILE M 149 93.61 9.08 12.32
CA ILE M 149 95.06 9.27 12.43
C ILE M 149 95.83 8.04 12.84
N GLY M 150 95.18 6.96 13.26
CA GLY M 150 95.98 5.82 13.64
C GLY M 150 96.25 5.76 15.13
N ALA M 151 96.40 4.54 15.63
CA ALA M 151 96.28 4.29 17.06
C ALA M 151 97.53 4.75 17.82
N LYS M 152 98.71 4.35 17.35
CA LYS M 152 99.92 4.71 18.09
C LYS M 152 100.44 6.08 17.73
N HIS M 153 99.76 6.81 16.85
CA HIS M 153 100.09 8.20 16.56
C HIS M 153 99.30 9.17 17.42
N ARG M 154 98.61 8.68 18.44
CA ARG M 154 97.74 9.55 19.21
C ARG M 154 98.55 10.19 20.32
N ILE M 155 97.90 11.08 21.07
CA ILE M 155 98.52 11.73 22.21
C ILE M 155 97.80 11.26 23.45
N SER M 156 98.52 10.63 24.35
CA SER M 156 97.97 10.21 25.63
C SER M 156 98.28 11.25 26.69
N LYS M 157 97.60 11.09 27.84
CA LYS M 157 97.83 11.96 29.00
C LYS M 157 99.27 11.89 29.48
N GLU M 158 99.87 10.69 29.45
CA GLU M 158 101.23 10.51 29.95
C GLU M 158 102.24 11.23 29.09
N GLU M 159 102.16 11.05 27.76
CA GLU M 159 103.10 11.74 26.88
C GLU M 159 102.82 13.23 26.77
N ALA M 160 101.57 13.65 27.01
CA ALA M 160 101.29 15.08 27.07
C ALA M 160 101.97 15.72 28.28
N MET M 161 101.85 15.08 29.45
CA MET M 161 102.55 15.57 30.65
C MET M 161 104.07 15.54 30.48
N ARG M 162 104.59 14.45 29.89
CA ARG M 162 106.03 14.33 29.63
C ARG M 162 106.53 15.43 28.71
N TRP M 163 105.79 15.74 27.65
CA TRP M 163 106.18 16.84 26.77
C TRP M 163 106.11 18.18 27.47
N PHE M 164 105.09 18.38 28.31
CA PHE M 164 104.96 19.67 28.98
C PHE M 164 106.14 19.91 29.91
N GLN M 165 106.44 18.94 30.78
CA GLN M 165 107.56 19.15 31.70
C GLN M 165 108.92 19.11 31.02
N GLN M 166 109.05 18.44 29.86
CA GLN M 166 110.32 18.51 29.13
C GLN M 166 110.50 19.82 28.39
N LYS M 167 109.42 20.44 27.91
CA LYS M 167 109.60 21.65 27.12
C LYS M 167 109.48 22.91 27.96
N TYR M 168 108.93 22.83 29.17
CA TYR M 168 108.79 24.01 30.00
C TYR M 168 109.31 23.80 31.41
N ASP M 169 110.03 22.70 31.67
CA ASP M 169 110.53 22.17 32.94
C ASP M 169 109.59 22.44 34.12
N GLY M 170 108.30 22.19 33.90
CA GLY M 170 107.27 22.52 34.85
C GLY M 170 107.06 21.38 35.83
N ILE M 171 106.03 21.53 36.64
CA ILE M 171 105.79 20.59 37.74
C ILE M 171 104.34 20.12 37.68
N ILE M 172 104.15 18.82 37.58
CA ILE M 172 102.85 18.20 37.70
C ILE M 172 102.81 17.55 39.08
N LEU M 173 101.62 17.13 39.53
CA LEU M 173 101.36 16.32 40.73
C LEU M 173 101.86 17.07 41.97
N PRO M 174 101.16 18.12 42.42
CA PRO M 174 101.58 18.79 43.66
C PRO M 174 101.31 17.98 44.92
N GLY M 175 101.50 18.61 46.08
CA GLY M 175 101.48 17.96 47.39
C GLY M 175 100.21 17.21 47.74
N LYS M 176 99.10 17.47 47.05
CA LYS M 176 97.88 16.71 47.26
C LYS M 176 97.74 15.59 46.22
N ALA N 1 13.15 7.89 -18.12
CA ALA N 1 14.59 7.77 -17.97
C ALA N 1 15.24 7.40 -19.29
N PRO N 2 16.41 7.99 -19.59
CA PRO N 2 17.12 7.65 -20.82
C PRO N 2 17.68 6.24 -20.76
N SER N 3 17.56 5.50 -21.86
CA SER N 3 17.84 4.08 -21.77
C SER N 3 19.33 3.77 -21.89
N ARG N 4 19.91 3.94 -23.08
CA ARG N 4 21.36 4.03 -23.12
C ARG N 4 21.78 5.27 -23.89
N ASN N 5 21.54 5.22 -25.20
CA ASN N 5 22.06 6.18 -26.17
C ASN N 5 20.91 6.57 -27.07
N GLY N 6 20.75 7.87 -27.28
CA GLY N 6 19.61 8.33 -28.04
C GLY N 6 19.65 9.84 -28.13
N MET N 7 18.67 10.38 -28.82
CA MET N 7 18.52 11.82 -28.88
C MET N 7 17.89 12.29 -27.59
N VAL N 8 18.24 13.50 -27.18
CA VAL N 8 17.45 14.21 -26.19
C VAL N 8 16.28 14.84 -26.94
N LEU N 9 15.10 14.32 -26.71
CA LEU N 9 13.92 14.80 -27.38
C LEU N 9 13.09 15.67 -26.45
N LYS N 10 12.29 16.54 -27.05
CA LYS N 10 11.39 17.41 -26.29
C LYS N 10 10.07 17.40 -27.04
N PRO N 11 9.20 16.44 -26.71
CA PRO N 11 7.86 16.40 -27.31
C PRO N 11 6.98 17.48 -26.71
N HIS N 12 6.30 18.23 -27.56
CA HIS N 12 5.44 19.32 -27.12
C HIS N 12 4.03 18.77 -26.89
N PHE N 13 3.92 17.91 -25.89
CA PHE N 13 2.66 17.22 -25.60
C PHE N 13 2.25 17.42 -24.15
N HIS N 14 2.56 18.59 -23.58
CA HIS N 14 2.28 18.86 -22.18
C HIS N 14 1.05 19.73 -21.99
N LYS N 15 0.22 19.89 -23.02
CA LYS N 15 -0.66 21.07 -23.05
C LYS N 15 -2.08 20.73 -23.49
N ASP N 16 -2.56 19.53 -23.18
CA ASP N 16 -3.95 19.07 -23.48
C ASP N 16 -4.23 19.16 -24.99
N TRP N 17 -3.40 18.44 -25.75
CA TRP N 17 -3.42 18.54 -27.20
C TRP N 17 -4.65 17.87 -27.82
N GLN N 18 -5.18 16.84 -27.18
CA GLN N 18 -6.19 16.03 -27.83
C GLN N 18 -7.61 16.56 -27.62
N ARG N 19 -7.76 17.83 -27.24
CA ARG N 19 -8.97 18.54 -27.63
C ARG N 19 -8.76 19.31 -28.91
N ARG N 20 -7.59 19.90 -29.09
CA ARG N 20 -7.27 20.55 -30.36
C ARG N 20 -6.49 19.62 -31.28
N VAL N 21 -6.91 18.38 -31.39
CA VAL N 21 -6.47 17.54 -32.50
C VAL N 21 -7.38 17.84 -33.69
N ALA N 22 -6.76 18.09 -34.85
CA ALA N 22 -7.50 18.38 -36.06
C ALA N 22 -7.23 17.28 -37.06
N THR N 23 -8.29 16.64 -37.54
CA THR N 23 -8.19 15.53 -38.47
C THR N 23 -8.53 16.01 -39.88
N TRP N 24 -8.19 15.18 -40.85
CA TRP N 24 -8.34 15.52 -42.24
C TRP N 24 -9.21 14.55 -42.99
N PHE N 25 -10.27 14.05 -42.35
CA PHE N 25 -11.15 13.10 -43.00
C PHE N 25 -12.03 13.78 -44.03
N ASN N 26 -12.24 15.08 -43.91
CA ASN N 26 -12.99 15.86 -44.88
C ASN N 26 -12.13 16.41 -46.02
N GLN N 27 -10.90 15.90 -46.19
CA GLN N 27 -10.04 16.39 -47.26
C GLN N 27 -10.56 16.03 -48.66
N PRO N 28 -10.99 14.77 -48.97
CA PRO N 28 -11.59 14.54 -50.29
C PRO N 28 -12.87 15.31 -50.53
N ALA N 29 -13.68 15.47 -49.49
CA ALA N 29 -14.92 16.22 -49.61
C ALA N 29 -14.64 17.69 -49.90
N ARG N 30 -13.63 18.27 -49.27
CA ARG N 30 -13.36 19.67 -49.56
C ARG N 30 -12.65 19.84 -50.89
N LYS N 31 -11.93 18.82 -51.38
CA LYS N 31 -11.39 18.88 -52.74
C LYS N 31 -12.52 18.86 -53.76
N ILE N 32 -13.54 18.01 -53.55
CA ILE N 32 -14.71 17.99 -54.41
C ILE N 32 -15.44 19.33 -54.36
N ARG N 33 -15.57 19.90 -53.17
CA ARG N 33 -16.26 21.18 -52.99
C ARG N 33 -15.55 22.32 -53.72
N ARG N 34 -14.23 22.39 -53.61
CA ARG N 34 -13.47 23.43 -54.30
C ARG N 34 -13.52 23.23 -55.82
N ARG N 35 -13.50 21.98 -56.26
CA ARG N 35 -13.58 21.69 -57.69
C ARG N 35 -14.90 22.16 -58.28
N LYS N 36 -16.02 21.81 -57.62
CA LYS N 36 -17.30 22.26 -58.15
C LYS N 36 -17.52 23.75 -57.97
N ALA N 37 -16.88 24.37 -56.99
CA ALA N 37 -16.93 25.82 -56.90
C ALA N 37 -16.21 26.48 -58.07
N ARG N 38 -15.05 25.92 -58.47
CA ARG N 38 -14.35 26.43 -59.64
C ARG N 38 -15.16 26.25 -60.91
N GLN N 39 -15.83 25.10 -61.04
CA GLN N 39 -16.67 24.85 -62.21
C GLN N 39 -17.85 25.81 -62.28
N ALA N 40 -18.50 26.04 -61.13
CA ALA N 40 -19.62 26.98 -61.06
C ALA N 40 -19.17 28.39 -61.38
N LYS N 41 -18.00 28.80 -60.85
CA LYS N 41 -17.49 30.14 -61.12
C LYS N 41 -17.15 30.32 -62.58
N ALA N 42 -16.57 29.29 -63.22
CA ALA N 42 -16.18 29.38 -64.62
C ALA N 42 -17.41 29.49 -65.51
N ARG N 43 -18.39 28.62 -65.30
CA ARG N 43 -19.59 28.73 -66.13
C ARG N 43 -20.45 29.94 -65.75
N ARG N 44 -20.22 30.57 -64.59
CA ARG N 44 -20.85 31.86 -64.34
C ARG N 44 -20.19 32.94 -65.17
N ILE N 45 -18.88 33.09 -65.07
CA ILE N 45 -18.14 33.95 -66.02
C ILE N 45 -17.68 33.02 -67.16
N ALA N 46 -18.65 32.66 -67.99
CA ALA N 46 -18.43 31.67 -69.04
C ALA N 46 -17.46 32.12 -70.13
N PRO N 47 -17.52 33.36 -70.70
CA PRO N 47 -16.51 33.68 -71.71
C PRO N 47 -15.25 34.29 -71.12
N ARG N 48 -15.35 34.83 -69.90
CA ARG N 48 -14.20 35.39 -69.23
C ARG N 48 -13.22 34.27 -68.85
N PRO N 49 -11.91 34.56 -68.74
CA PRO N 49 -10.93 33.45 -68.79
C PRO N 49 -10.73 32.62 -67.54
N ALA N 50 -11.81 32.25 -66.84
CA ALA N 50 -11.90 31.05 -66.00
C ALA N 50 -10.96 30.94 -64.80
N SER N 51 -10.02 31.87 -64.66
CA SER N 51 -9.03 31.77 -63.60
C SER N 51 -8.74 33.08 -62.91
N GLY N 52 -9.12 34.21 -63.48
CA GLY N 52 -8.86 35.50 -62.90
C GLY N 52 -8.20 36.40 -63.91
N PRO N 53 -7.79 37.57 -63.47
CA PRO N 53 -7.11 38.51 -64.36
C PRO N 53 -5.71 38.02 -64.72
N ILE N 54 -5.08 38.75 -65.63
CA ILE N 54 -3.68 38.52 -65.92
C ILE N 54 -2.85 39.14 -64.80
N ARG N 55 -1.81 38.43 -64.39
CA ARG N 55 -0.93 38.88 -63.34
C ARG N 55 0.39 39.33 -63.96
N PRO N 56 1.15 40.18 -63.29
CA PRO N 56 2.43 40.61 -63.88
C PRO N 56 3.58 39.68 -63.54
N ILE N 57 4.74 39.98 -64.10
CA ILE N 57 5.95 39.24 -63.81
C ILE N 57 6.63 39.96 -62.66
N VAL N 58 7.12 39.19 -61.71
CA VAL N 58 7.52 39.70 -60.41
C VAL N 58 8.74 38.92 -59.95
N ARG N 59 9.77 39.66 -59.59
CA ARG N 59 11.01 39.08 -59.11
C ARG N 59 10.90 38.81 -57.63
N CYS N 60 11.26 37.61 -57.21
CA CYS N 60 11.09 37.22 -55.82
C CYS N 60 12.11 37.96 -54.94
N PRO N 61 11.68 38.44 -53.77
CA PRO N 61 12.40 39.50 -53.09
C PRO N 61 13.38 39.08 -52.00
N THR N 62 14.34 38.22 -52.38
CA THR N 62 15.37 37.77 -51.47
C THR N 62 16.50 37.17 -52.30
N VAL N 63 17.74 37.31 -51.83
CA VAL N 63 18.93 36.74 -52.46
C VAL N 63 18.90 35.21 -52.61
N ARG N 64 17.97 34.53 -51.95
CA ARG N 64 17.70 33.12 -52.20
C ARG N 64 16.88 32.90 -53.46
N TYR N 65 15.94 33.78 -53.76
CA TYR N 65 14.99 33.55 -54.84
C TYR N 65 14.98 34.65 -55.89
N HIS N 66 15.93 35.58 -55.84
CA HIS N 66 15.91 36.70 -56.76
C HIS N 66 16.47 36.36 -58.14
N THR N 67 16.71 35.08 -58.43
CA THR N 67 16.92 34.67 -59.82
C THR N 67 15.62 34.26 -60.49
N LYS N 68 14.66 33.77 -59.72
CA LYS N 68 13.38 33.32 -60.22
C LYS N 68 12.40 34.48 -60.38
N VAL N 69 11.27 34.18 -61.02
CA VAL N 69 10.21 35.16 -61.28
C VAL N 69 8.89 34.41 -61.16
N ARG N 70 7.86 35.15 -60.77
CA ARG N 70 6.58 34.53 -60.46
C ARG N 70 5.49 35.52 -60.78
N ALA N 71 4.24 35.07 -60.65
CA ALA N 71 3.11 35.95 -60.82
C ALA N 71 2.97 36.84 -59.59
N GLY N 72 2.68 38.11 -59.81
CA GLY N 72 2.54 39.06 -58.74
C GLY N 72 1.08 39.32 -58.44
N ARG N 73 0.85 40.25 -57.52
CA ARG N 73 -0.53 40.59 -57.19
C ARG N 73 -1.16 41.39 -58.31
N GLY N 74 -0.49 42.44 -58.77
CA GLY N 74 -1.07 43.20 -59.85
C GLY N 74 -0.10 44.16 -60.51
N PHE N 75 -0.55 44.70 -61.64
CA PHE N 75 0.22 45.66 -62.42
C PHE N 75 0.19 47.01 -61.74
N SER N 76 1.23 47.81 -61.96
CA SER N 76 1.31 49.09 -61.29
C SER N 76 0.85 50.23 -62.20
N LEU N 77 0.69 51.40 -61.57
CA LEU N 77 0.07 52.53 -62.25
C LEU N 77 0.98 53.15 -63.30
N GLU N 78 2.29 53.09 -63.07
CA GLU N 78 3.24 53.62 -64.06
C GLU N 78 3.20 52.81 -65.34
N GLU N 79 3.24 51.49 -65.22
CA GLU N 79 3.24 50.66 -66.42
C GLU N 79 1.86 50.62 -67.05
N LEU N 80 0.80 50.83 -66.27
CA LEU N 80 -0.52 51.07 -66.86
C LEU N 80 -0.53 52.36 -67.66
N ARG N 81 0.16 53.40 -67.17
CA ARG N 81 0.24 54.68 -67.88
C ARG N 81 1.00 54.53 -69.19
N VAL N 82 2.13 53.82 -69.16
CA VAL N 82 2.91 53.61 -70.38
C VAL N 82 2.15 52.70 -71.36
N ALA N 83 1.34 51.78 -70.85
CA ALA N 83 0.47 51.02 -71.74
C ALA N 83 -0.67 51.87 -72.28
N GLY N 84 -1.01 52.96 -71.60
CA GLY N 84 -1.93 53.94 -72.15
C GLY N 84 -3.39 53.70 -71.88
N ILE N 85 -3.72 53.09 -70.74
CA ILE N 85 -5.10 52.79 -70.40
C ILE N 85 -5.37 53.31 -68.98
N HIS N 86 -6.65 53.45 -68.67
CA HIS N 86 -7.07 54.09 -67.44
C HIS N 86 -7.22 53.02 -66.36
N LYS N 87 -6.93 53.41 -65.12
CA LYS N 87 -6.83 52.44 -64.03
C LYS N 87 -8.19 51.94 -63.55
N LYS N 88 -9.29 52.43 -64.10
CA LYS N 88 -10.60 51.84 -63.81
C LYS N 88 -11.10 50.96 -64.94
N VAL N 89 -10.94 51.41 -66.19
CA VAL N 89 -11.26 50.57 -67.33
C VAL N 89 -10.37 49.36 -67.40
N ALA N 90 -9.15 49.43 -66.83
CA ALA N 90 -8.28 48.27 -66.76
C ALA N 90 -8.90 47.17 -65.92
N ARG N 91 -9.45 47.52 -64.76
CA ARG N 91 -10.05 46.49 -63.92
C ARG N 91 -11.40 46.03 -64.44
N THR N 92 -12.12 46.88 -65.19
CA THR N 92 -13.32 46.37 -65.86
C THR N 92 -12.96 45.42 -67.00
N ILE N 93 -11.86 45.68 -67.71
CA ILE N 93 -11.43 44.73 -68.74
C ILE N 93 -10.83 43.43 -68.19
N GLY N 94 -10.12 43.51 -67.05
CA GLY N 94 -9.50 42.31 -66.54
C GLY N 94 -7.99 42.32 -66.35
N ILE N 95 -7.44 43.39 -65.77
CA ILE N 95 -6.01 43.64 -65.76
C ILE N 95 -5.39 43.55 -64.37
N SER N 96 -6.19 43.70 -63.31
CA SER N 96 -5.75 43.57 -61.91
C SER N 96 -4.67 44.60 -61.59
N VAL N 97 -5.10 45.85 -61.45
CA VAL N 97 -4.23 46.87 -60.90
C VAL N 97 -3.82 46.50 -59.47
N ASP N 98 -2.59 46.87 -59.11
CA ASP N 98 -2.17 46.95 -57.71
C ASP N 98 -1.50 48.30 -57.55
N PRO N 99 -2.08 49.23 -56.79
CA PRO N 99 -1.54 50.59 -56.76
C PRO N 99 -0.29 50.74 -55.91
N ARG N 100 -0.03 49.84 -54.98
CA ARG N 100 1.04 50.05 -54.01
C ARG N 100 2.37 49.46 -54.45
N ARG N 101 2.45 48.84 -55.63
CA ARG N 101 3.74 48.38 -56.13
C ARG N 101 4.43 49.51 -56.86
N ARG N 102 5.73 49.67 -56.62
CA ARG N 102 6.53 50.65 -57.33
C ARG N 102 7.32 49.96 -58.45
N ASN N 103 7.99 50.79 -59.26
CA ASN N 103 8.90 50.32 -60.29
C ASN N 103 10.22 51.05 -60.14
N LYS N 104 11.28 50.31 -59.83
CA LYS N 104 12.61 50.87 -59.66
C LYS N 104 13.55 50.46 -60.78
N SER N 105 13.00 50.02 -61.91
CA SER N 105 13.84 49.50 -62.99
C SER N 105 13.06 49.58 -64.29
N THR N 106 13.64 50.27 -65.28
CA THR N 106 12.99 50.42 -66.58
C THR N 106 12.90 49.11 -67.32
N GLU N 107 13.75 48.13 -67.00
CA GLU N 107 13.68 46.83 -67.66
C GLU N 107 12.42 46.07 -67.26
N SER N 108 12.13 46.03 -65.96
CA SER N 108 10.88 45.40 -65.52
C SER N 108 9.68 46.20 -65.97
N LEU N 109 9.81 47.53 -65.96
CA LEU N 109 8.74 48.39 -66.49
C LEU N 109 8.42 48.07 -67.94
N GLN N 110 9.45 47.97 -68.81
CA GLN N 110 9.20 47.70 -70.22
C GLN N 110 8.70 46.29 -70.44
N ALA N 111 9.19 45.33 -69.65
CA ALA N 111 8.71 43.96 -69.76
C ALA N 111 7.22 43.86 -69.46
N ASN N 112 6.78 44.53 -68.39
CA ASN N 112 5.36 44.46 -68.08
C ASN N 112 4.51 45.27 -69.04
N VAL N 113 5.02 46.39 -69.60
CA VAL N 113 4.22 47.12 -70.59
C VAL N 113 4.07 46.29 -71.86
N GLN N 114 5.13 45.60 -72.29
CA GLN N 114 5.04 44.73 -73.46
C GLN N 114 4.05 43.59 -73.20
N ARG N 115 4.08 43.03 -72.00
CA ARG N 115 3.13 41.98 -71.62
C ARG N 115 1.70 42.51 -71.66
N LEU N 116 1.51 43.74 -71.18
CA LEU N 116 0.21 44.38 -71.15
C LEU N 116 -0.31 44.67 -72.56
N LYS N 117 0.57 45.18 -73.44
CA LYS N 117 0.19 45.45 -74.81
C LYS N 117 -0.14 44.16 -75.56
N GLU N 118 0.57 43.09 -75.23
CA GLU N 118 0.30 41.79 -75.86
C GLU N 118 -1.07 41.27 -75.45
N TYR N 119 -1.40 41.37 -74.15
CA TYR N 119 -2.74 40.99 -73.69
C TYR N 119 -3.81 41.86 -74.37
N ARG N 120 -3.56 43.17 -74.49
CA ARG N 120 -4.54 44.06 -75.09
C ARG N 120 -4.76 43.77 -76.56
N SER N 121 -3.72 43.35 -77.27
CA SER N 121 -3.89 42.91 -78.65
C SER N 121 -4.63 41.58 -78.69
N LYS N 122 -4.43 40.75 -77.67
CA LYS N 122 -5.05 39.44 -77.64
C LYS N 122 -6.50 39.45 -77.17
N LEU N 123 -6.98 40.57 -76.64
CA LEU N 123 -8.29 40.64 -76.01
C LEU N 123 -9.42 40.83 -77.02
N ILE N 124 -10.48 40.04 -76.87
CA ILE N 124 -11.72 40.16 -77.63
C ILE N 124 -12.75 40.85 -76.76
N LEU N 125 -13.31 41.96 -77.23
CA LEU N 125 -14.18 42.78 -76.41
C LEU N 125 -15.58 42.79 -77.00
N PHE N 126 -16.52 42.23 -76.25
CA PHE N 126 -17.91 42.19 -76.63
C PHE N 126 -18.54 43.58 -76.53
N PRO N 127 -19.48 43.91 -77.41
CA PRO N 127 -20.18 45.19 -77.29
C PRO N 127 -21.23 45.16 -76.18
N ARG N 128 -21.65 46.35 -75.77
CA ARG N 128 -22.64 46.46 -74.71
C ARG N 128 -24.02 46.06 -75.21
N LYS N 129 -24.54 46.75 -76.21
CA LYS N 129 -25.76 46.34 -76.90
C LYS N 129 -25.38 45.42 -78.04
N PRO N 130 -25.75 44.13 -78.01
CA PRO N 130 -25.26 43.20 -79.04
C PRO N 130 -25.81 43.48 -80.43
N SER N 131 -26.96 44.14 -80.52
CA SER N 131 -27.45 44.59 -81.81
C SER N 131 -26.75 45.84 -82.30
N ALA N 132 -26.10 46.58 -81.41
CA ALA N 132 -25.48 47.86 -81.74
C ALA N 132 -24.02 47.82 -81.30
N PRO N 133 -23.12 47.30 -82.15
CA PRO N 133 -21.70 47.37 -81.79
C PRO N 133 -21.18 48.79 -81.91
N LYS N 134 -20.92 49.39 -80.74
CA LYS N 134 -20.47 50.78 -80.71
C LYS N 134 -18.98 50.85 -81.08
N LYS N 135 -18.12 50.32 -80.21
CA LYS N 135 -16.69 50.36 -80.52
C LYS N 135 -15.99 49.05 -80.11
N GLY N 136 -16.73 47.98 -79.85
CA GLY N 136 -16.13 46.76 -79.32
C GLY N 136 -15.28 45.95 -80.27
N ASP N 137 -15.92 45.26 -81.23
CA ASP N 137 -15.25 44.37 -82.17
C ASP N 137 -16.17 44.14 -83.36
N SER N 138 -15.70 43.31 -84.30
CA SER N 138 -16.49 42.89 -85.45
C SER N 138 -17.11 41.52 -85.18
N SER N 139 -18.30 41.30 -85.76
CA SER N 139 -19.08 40.10 -85.51
C SER N 139 -18.38 38.83 -85.99
N ALA N 140 -17.44 38.97 -86.93
CA ALA N 140 -16.62 37.84 -87.38
C ALA N 140 -15.84 37.23 -86.22
N GLU N 141 -14.98 38.03 -85.56
CA GLU N 141 -14.24 37.52 -84.41
C GLU N 141 -15.17 37.21 -83.24
N GLU N 142 -16.22 38.03 -83.07
CA GLU N 142 -17.21 37.81 -82.02
C GLU N 142 -17.90 36.45 -82.15
N LEU N 143 -18.06 35.95 -83.37
CA LEU N 143 -18.67 34.65 -83.55
C LEU N 143 -17.63 33.54 -83.44
N LYS N 144 -16.57 33.60 -84.27
CA LYS N 144 -15.70 32.42 -84.37
C LYS N 144 -14.78 32.24 -83.16
N LEU N 145 -14.41 33.32 -82.45
CA LEU N 145 -13.31 33.23 -81.49
C LEU N 145 -13.76 33.58 -80.07
N ALA N 146 -15.00 33.27 -79.73
CA ALA N 146 -15.52 33.49 -78.37
C ALA N 146 -15.36 32.21 -77.55
N THR N 147 -14.12 31.89 -77.21
CA THR N 147 -13.79 30.70 -76.43
C THR N 147 -13.12 31.04 -75.10
N GLN N 148 -13.49 30.30 -74.06
CA GLN N 148 -12.94 30.50 -72.72
C GLN N 148 -11.55 29.90 -72.59
N LEU N 149 -10.64 30.67 -71.99
CA LEU N 149 -9.27 30.23 -71.78
C LEU N 149 -9.18 29.60 -70.40
N THR N 150 -8.70 28.37 -70.34
CA THR N 150 -8.51 27.68 -69.07
C THR N 150 -7.05 27.82 -68.64
N GLY N 151 -6.84 27.76 -67.33
CA GLY N 151 -5.51 28.01 -66.81
C GLY N 151 -5.28 29.50 -66.68
N PRO N 152 -4.08 29.89 -66.23
CA PRO N 152 -3.77 31.32 -66.08
C PRO N 152 -3.65 32.03 -67.42
N VAL N 153 -4.18 33.25 -67.47
CA VAL N 153 -3.92 34.15 -68.58
C VAL N 153 -2.42 34.41 -68.59
N MET N 154 -1.84 34.62 -69.81
CA MET N 154 -0.56 34.11 -70.31
C MET N 154 0.49 33.94 -69.22
N PRO N 155 0.93 32.71 -68.98
CA PRO N 155 1.64 32.38 -67.74
C PRO N 155 3.06 32.92 -67.71
N VAL N 156 3.61 32.93 -66.51
CA VAL N 156 4.90 33.53 -66.22
C VAL N 156 5.92 32.41 -66.22
N ARG N 157 6.92 32.53 -67.09
CA ARG N 157 7.96 31.54 -67.22
C ARG N 157 9.31 32.15 -66.89
N ASN N 158 10.26 31.28 -66.55
CA ASN N 158 11.65 31.69 -66.35
C ASN N 158 12.41 31.35 -67.61
N VAL N 159 12.89 32.38 -68.31
CA VAL N 159 13.57 32.21 -69.57
C VAL N 159 15.07 32.38 -69.37
N TYR N 160 15.85 31.44 -69.89
CA TYR N 160 17.30 31.52 -69.81
C TYR N 160 17.82 31.78 -71.21
N LYS N 161 18.49 32.91 -71.39
CA LYS N 161 19.10 33.22 -72.68
C LYS N 161 20.27 32.26 -72.89
N LYS N 162 20.30 31.59 -74.03
CA LYS N 162 21.42 30.71 -74.32
C LYS N 162 22.59 31.52 -74.87
N GLU N 163 23.75 31.37 -74.26
CA GLU N 163 24.97 32.02 -74.70
C GLU N 163 25.82 31.00 -75.43
N LYS N 164 26.31 31.39 -76.62
CA LYS N 164 27.09 30.46 -77.43
C LYS N 164 28.47 30.32 -76.79
N ALA N 165 29.08 29.16 -77.00
CA ALA N 165 30.45 28.93 -76.55
C ALA N 165 31.41 29.85 -77.29
N ARG N 166 32.48 30.23 -76.62
CA ARG N 166 33.43 31.14 -77.24
C ARG N 166 34.83 30.86 -76.76
N VAL N 167 35.78 31.54 -77.38
CA VAL N 167 37.17 31.47 -76.99
C VAL N 167 37.36 32.34 -75.76
N ILE N 168 38.39 32.04 -74.97
CA ILE N 168 38.69 32.74 -73.73
C ILE N 168 39.81 33.72 -74.02
N THR N 169 39.54 35.00 -73.77
CA THR N 169 40.52 36.04 -74.05
C THR N 169 41.57 36.12 -72.96
N GLU N 170 42.54 37.01 -73.17
CA GLU N 170 43.75 37.01 -72.35
C GLU N 170 43.47 37.51 -70.93
N GLU N 171 42.59 38.51 -70.78
CA GLU N 171 42.28 39.03 -69.45
C GLU N 171 41.40 38.05 -68.67
N GLU N 172 40.47 37.39 -69.35
CA GLU N 172 39.67 36.35 -68.71
C GLU N 172 40.52 35.14 -68.33
N LYS N 173 41.56 34.86 -69.11
CA LYS N 173 42.54 33.87 -68.70
C LYS N 173 43.42 34.38 -67.55
N ASN N 174 43.56 35.70 -67.43
CA ASN N 174 44.30 36.32 -66.34
C ASN N 174 43.39 37.30 -65.62
N PHE N 175 42.54 36.77 -64.76
CA PHE N 175 41.75 37.57 -63.82
C PHE N 175 41.63 36.76 -62.53
N LYS N 176 41.84 37.44 -61.39
CA LYS N 176 41.99 36.77 -60.09
C LYS N 176 40.67 36.86 -59.32
N ALA N 177 39.86 35.81 -59.42
CA ALA N 177 38.49 35.86 -58.90
C ALA N 177 38.48 35.81 -57.37
N PHE N 178 39.15 34.82 -56.78
CA PHE N 178 39.16 34.67 -55.33
C PHE N 178 39.84 35.86 -54.65
N ALA N 179 40.93 36.35 -55.26
CA ALA N 179 41.64 37.51 -54.75
C ALA N 179 40.75 38.75 -54.80
N SER N 180 40.04 38.95 -55.92
CA SER N 180 39.17 40.11 -56.05
C SER N 180 38.01 40.04 -55.09
N LEU N 181 37.50 38.83 -54.83
CA LEU N 181 36.43 38.66 -53.85
C LEU N 181 36.90 39.04 -52.44
N ARG N 182 38.08 38.54 -52.06
CA ARG N 182 38.63 38.83 -50.73
C ARG N 182 38.91 40.32 -50.57
N MET N 183 39.45 40.95 -51.62
CA MET N 183 39.78 42.38 -51.54
C MET N 183 38.53 43.24 -51.53
N ALA N 184 37.49 42.83 -52.27
CA ALA N 184 36.24 43.58 -52.24
C ALA N 184 35.57 43.48 -50.88
N ARG N 185 35.61 42.30 -50.27
CA ARG N 185 35.06 42.13 -48.92
C ARG N 185 35.81 43.00 -47.92
N ALA N 186 37.15 43.02 -48.00
CA ALA N 186 37.94 43.85 -47.09
C ALA N 186 37.71 45.34 -47.33
N ASN N 187 37.55 45.76 -48.59
CA ASN N 187 37.32 47.17 -48.88
C ASN N 187 35.97 47.63 -48.37
N ALA N 188 34.92 46.80 -48.56
CA ALA N 188 33.61 47.11 -48.00
C ALA N 188 33.65 47.14 -46.48
N ARG N 189 34.45 46.27 -45.88
CA ARG N 189 34.57 46.24 -44.42
C ARG N 189 35.31 47.47 -43.89
N LEU N 190 36.31 47.96 -44.63
CA LEU N 190 37.19 49.01 -44.14
C LEU N 190 36.93 50.38 -44.74
N PHE N 191 35.81 50.58 -45.45
CA PHE N 191 35.60 51.83 -46.19
C PHE N 191 35.48 53.03 -45.24
N GLY N 192 34.66 52.90 -44.19
CA GLY N 192 34.35 54.05 -43.35
C GLY N 192 35.50 54.53 -42.49
N ILE N 193 36.24 53.60 -41.87
CA ILE N 193 37.32 54.00 -40.98
C ILE N 193 38.51 54.56 -41.76
N ARG N 194 38.70 54.10 -43.00
CA ARG N 194 39.72 54.68 -43.88
C ARG N 194 39.38 56.13 -44.20
N ALA N 195 38.11 56.40 -44.47
CA ALA N 195 37.66 57.76 -44.76
C ALA N 195 37.81 58.66 -43.54
N LYS N 196 37.53 58.14 -42.36
CA LYS N 196 37.64 58.94 -41.13
C LYS N 196 39.09 59.31 -40.85
N ARG N 197 39.99 58.33 -40.91
CA ARG N 197 41.39 58.64 -40.61
C ARG N 197 42.04 59.44 -41.73
N ALA N 198 41.54 59.33 -42.96
CA ALA N 198 42.01 60.21 -44.03
C ALA N 198 41.52 61.64 -43.84
N LYS N 199 40.33 61.82 -43.26
CA LYS N 199 39.84 63.18 -43.02
C LYS N 199 40.63 63.86 -41.91
N GLU N 200 40.93 63.13 -40.83
CA GLU N 200 41.80 63.75 -39.82
C GLU N 200 43.24 63.92 -40.31
N ALA N 201 43.70 63.07 -41.22
CA ALA N 201 44.99 63.34 -41.87
C ALA N 201 44.95 64.58 -42.75
N ALA N 202 43.81 64.86 -43.39
CA ALA N 202 43.66 66.12 -44.13
C ALA N 202 43.64 67.33 -43.21
N GLU N 203 43.10 67.15 -42.00
CA GLU N 203 43.25 68.17 -40.97
C GLU N 203 44.72 68.37 -40.59
N GLN N 204 45.49 67.28 -40.50
CA GLN N 204 46.94 67.40 -40.35
C GLN N 204 47.59 68.14 -41.54
N ASP N 205 47.11 67.89 -42.76
CA ASP N 205 47.66 68.59 -43.93
C ASP N 205 47.33 70.09 -43.93
N VAL N 206 46.18 70.49 -43.41
CA VAL N 206 45.96 71.94 -43.28
C VAL N 206 46.70 72.50 -42.06
N GLU N 207 47.08 71.65 -41.10
CA GLU N 207 48.04 72.00 -40.06
C GLU N 207 49.43 71.47 -40.39
N LYS N 208 49.83 71.53 -41.67
CA LYS N 208 51.14 71.07 -42.13
C LYS N 208 52.32 71.76 -41.44
N LYS N 209 52.15 73.00 -40.99
CA LYS N 209 53.30 73.75 -40.48
C LYS N 209 52.83 74.71 -39.40
N LYS N 210 53.65 74.84 -38.36
CA LYS N 210 53.43 75.81 -37.31
C LYS N 210 54.76 76.21 -36.68
N VAL O 1 29.25 -85.01 32.90
CA VAL O 1 29.30 -83.66 32.37
C VAL O 1 30.70 -83.37 31.79
N PHE O 2 30.70 -82.87 30.56
CA PHE O 2 31.90 -82.60 29.75
C PHE O 2 32.72 -83.89 29.55
N ARG O 3 32.16 -84.73 28.69
CA ARG O 3 32.83 -85.96 28.29
C ARG O 3 33.81 -85.75 27.15
N ARG O 4 33.75 -84.61 26.46
CA ARG O 4 34.60 -84.34 25.31
C ARG O 4 35.36 -83.05 25.56
N PHE O 5 36.67 -83.07 25.31
CA PHE O 5 37.54 -81.95 25.59
C PHE O 5 38.37 -81.59 24.37
N VAL O 6 38.69 -80.31 24.24
CA VAL O 6 39.63 -79.88 23.21
C VAL O 6 41.01 -80.14 23.76
N GLU O 7 41.75 -81.02 23.10
CA GLU O 7 43.08 -81.39 23.55
C GLU O 7 43.87 -81.85 22.34
N VAL O 8 45.16 -82.08 22.54
CA VAL O 8 46.00 -82.54 21.45
C VAL O 8 45.69 -83.99 21.16
N GLY O 9 45.42 -84.30 19.90
CA GLY O 9 45.06 -85.64 19.52
C GLY O 9 43.58 -85.89 19.44
N ARG O 10 42.76 -84.96 19.93
CA ARG O 10 41.32 -85.10 19.82
C ARG O 10 40.88 -85.00 18.36
N VAL O 11 40.02 -85.92 17.97
CA VAL O 11 39.51 -85.98 16.62
C VAL O 11 38.19 -85.24 16.58
N ALA O 12 38.10 -84.25 15.72
CA ALA O 12 36.90 -83.45 15.56
C ALA O 12 36.32 -83.68 14.18
N TYR O 13 35.07 -83.28 14.03
CA TYR O 13 34.34 -83.44 12.79
C TYR O 13 34.02 -82.06 12.25
N VAL O 14 34.63 -81.73 11.11
CA VAL O 14 34.40 -80.44 10.49
C VAL O 14 33.06 -80.51 9.78
N SER O 15 32.14 -79.63 10.17
CA SER O 15 30.72 -79.66 9.81
C SER O 15 30.36 -78.66 8.73
N PHE O 16 30.93 -77.46 8.79
CA PHE O 16 30.85 -76.49 7.71
C PHE O 16 32.21 -75.86 7.48
N GLY O 17 32.32 -75.15 6.37
CA GLY O 17 33.57 -74.58 5.94
C GLY O 17 33.98 -75.17 4.61
N PRO O 18 35.21 -74.91 4.17
CA PRO O 18 35.68 -75.54 2.93
C PRO O 18 35.98 -77.01 3.10
N HIS O 19 36.20 -77.47 4.32
CA HIS O 19 36.50 -78.86 4.61
C HIS O 19 35.34 -79.53 5.34
N ALA O 20 34.11 -79.19 4.95
CA ALA O 20 32.92 -79.68 5.64
C ALA O 20 32.78 -81.19 5.50
N GLY O 21 32.19 -81.80 6.52
CA GLY O 21 31.99 -83.23 6.50
C GLY O 21 33.25 -84.03 6.64
N LYS O 22 34.28 -83.47 7.26
CA LYS O 22 35.58 -84.14 7.30
C LYS O 22 35.95 -84.54 8.72
N LEU O 23 36.98 -85.36 8.83
CA LEU O 23 37.56 -85.73 10.11
C LEU O 23 38.93 -85.08 10.25
N VAL O 24 39.25 -84.69 11.46
CA VAL O 24 40.37 -83.79 11.69
C VAL O 24 40.98 -84.12 13.05
N ALA O 25 42.30 -84.05 13.15
CA ALA O 25 42.98 -84.22 14.42
C ALA O 25 43.48 -82.87 14.91
N ILE O 26 43.31 -82.61 16.20
CA ILE O 26 43.75 -81.35 16.78
C ILE O 26 45.23 -81.49 17.10
N VAL O 27 46.05 -80.67 16.47
CA VAL O 27 47.49 -80.73 16.64
C VAL O 27 47.94 -79.83 17.78
N ASP O 28 47.44 -78.60 17.78
CA ASP O 28 47.80 -77.60 18.78
C ASP O 28 46.62 -76.63 18.88
N VAL O 29 46.74 -75.69 19.81
CA VAL O 29 45.68 -74.72 20.08
C VAL O 29 46.26 -73.35 19.86
N ILE O 30 45.62 -72.57 19.00
CA ILE O 30 46.00 -71.18 18.81
C ILE O 30 44.93 -70.30 19.40
N ASP O 31 45.11 -69.93 20.67
CA ASP O 31 44.50 -68.76 21.32
C ASP O 31 42.98 -68.74 21.21
N GLN O 32 42.36 -69.71 21.90
CA GLN O 32 41.00 -69.65 22.44
C GLN O 32 39.89 -69.71 21.39
N ASN O 33 40.23 -69.58 20.13
CA ASN O 33 39.25 -69.61 19.06
C ASN O 33 39.66 -70.49 17.90
N ARG O 34 40.94 -70.79 17.74
CA ARG O 34 41.42 -71.57 16.62
C ARG O 34 42.27 -72.70 17.16
N ALA O 35 42.41 -73.73 16.34
CA ALA O 35 43.28 -74.87 16.61
C ALA O 35 44.09 -75.16 15.35
N LEU O 36 45.37 -75.46 15.54
CA LEU O 36 46.16 -76.02 14.47
C LEU O 36 45.72 -77.45 14.24
N VAL O 37 45.51 -77.79 12.97
CA VAL O 37 44.60 -78.84 12.55
C VAL O 37 45.22 -79.54 11.34
N ASP O 38 45.09 -80.86 11.30
CA ASP O 38 45.71 -81.67 10.25
C ASP O 38 44.97 -82.99 10.14
N GLY O 39 44.34 -83.24 9.00
CA GLY O 39 43.89 -84.58 8.69
C GLY O 39 44.67 -85.20 7.56
N PRO O 40 45.63 -86.05 7.87
CA PRO O 40 46.50 -86.56 6.80
C PRO O 40 45.89 -87.76 6.08
N CYS O 41 45.06 -88.53 6.79
CA CYS O 41 44.38 -89.68 6.21
C CYS O 41 42.98 -89.33 5.74
N THR O 42 42.53 -88.09 5.95
CA THR O 42 41.21 -87.67 5.48
C THR O 42 41.36 -86.51 4.50
N GLN O 43 42.59 -86.30 4.02
CA GLN O 43 42.94 -85.39 2.94
C GLN O 43 42.59 -83.96 3.31
N VAL O 44 43.01 -83.53 4.50
CA VAL O 44 42.95 -82.13 4.95
C VAL O 44 44.34 -81.73 5.42
N ARG O 45 44.99 -80.87 4.64
CA ARG O 45 46.32 -80.45 5.04
C ARG O 45 46.25 -79.47 6.20
N ARG O 46 47.40 -79.25 6.82
CA ARG O 46 47.48 -78.58 8.11
C ARG O 46 47.20 -77.08 7.98
N GLN O 47 46.31 -76.59 8.82
CA GLN O 47 45.88 -75.20 8.79
C GLN O 47 45.26 -74.84 10.14
N ALA O 48 44.81 -73.60 10.25
CA ALA O 48 44.10 -73.14 11.44
C ALA O 48 42.61 -73.34 11.24
N MET O 49 41.90 -73.71 12.31
CA MET O 49 40.49 -73.99 12.17
C MET O 49 39.71 -73.49 13.38
N PRO O 50 38.54 -72.92 13.18
CA PRO O 50 37.73 -72.46 14.30
C PRO O 50 36.99 -73.58 15.03
N PHE O 51 36.97 -73.44 16.36
CA PHE O 51 36.16 -74.31 17.20
C PHE O 51 34.67 -74.21 16.88
N LYS O 52 34.23 -73.06 16.34
CA LYS O 52 32.87 -72.95 15.85
C LYS O 52 32.61 -73.87 14.66
N CYS O 53 33.65 -74.18 13.88
CA CYS O 53 33.48 -75.06 12.74
C CYS O 53 33.69 -76.52 13.09
N MET O 54 34.39 -76.82 14.18
CA MET O 54 34.61 -78.23 14.50
C MET O 54 33.66 -78.72 15.59
N GLN O 55 33.35 -80.02 15.55
CA GLN O 55 32.56 -80.71 16.56
C GLN O 55 33.33 -81.91 17.06
N LEU O 56 33.43 -82.07 18.38
CA LEU O 56 34.33 -83.07 18.94
C LEU O 56 33.69 -84.45 18.91
N THR O 57 34.48 -85.43 18.53
CA THR O 57 34.10 -86.83 18.58
C THR O 57 34.66 -87.49 19.83
N ASP O 58 34.58 -88.81 19.88
CA ASP O 58 35.04 -89.59 21.02
C ASP O 58 36.42 -90.18 20.81
N PHE O 59 37.03 -89.96 19.66
CA PHE O 59 38.34 -90.54 19.38
C PHE O 59 39.44 -89.56 19.78
N ILE O 60 40.47 -90.09 20.41
CA ILE O 60 41.65 -89.31 20.79
C ILE O 60 42.88 -90.06 20.28
N LEU O 61 43.69 -89.39 19.48
CA LEU O 61 44.92 -89.99 19.03
C LEU O 61 46.03 -89.69 20.03
N LYS O 62 47.19 -90.30 19.80
CA LYS O 62 48.28 -90.20 20.76
C LYS O 62 49.52 -89.73 20.01
N PHE O 63 49.85 -88.45 20.17
CA PHE O 63 51.10 -87.89 19.68
C PHE O 63 51.38 -86.62 20.46
N PRO O 64 52.64 -86.23 20.60
CA PRO O 64 52.95 -84.94 21.24
C PRO O 64 52.50 -83.78 20.37
N HIS O 65 52.31 -82.63 21.01
CA HIS O 65 51.79 -81.49 20.30
C HIS O 65 52.81 -80.93 19.31
N SER O 66 52.29 -80.31 18.24
CA SER O 66 53.05 -79.74 17.13
C SER O 66 53.99 -80.75 16.49
N ALA O 67 53.58 -82.02 16.44
CA ALA O 67 54.35 -83.04 15.75
C ALA O 67 54.14 -82.93 14.25
N HIS O 68 54.86 -83.74 13.49
CA HIS O 68 54.80 -83.63 12.05
C HIS O 68 53.70 -84.53 11.47
N GLN O 69 53.47 -84.35 10.17
CA GLN O 69 52.38 -85.01 9.50
C GLN O 69 52.58 -86.51 9.43
N LYS O 70 53.83 -86.97 9.32
CA LYS O 70 54.09 -88.40 9.29
C LYS O 70 53.77 -89.03 10.65
N TYR O 71 53.97 -88.29 11.73
CA TYR O 71 53.68 -88.82 13.06
C TYR O 71 52.19 -88.87 13.29
N VAL O 72 51.47 -87.81 12.89
CA VAL O 72 50.01 -87.83 13.04
C VAL O 72 49.39 -88.84 12.08
N ARG O 73 50.06 -89.11 10.96
CA ARG O 73 49.52 -90.03 9.97
C ARG O 73 49.68 -91.47 10.43
N GLN O 74 50.85 -91.82 10.97
CA GLN O 74 50.99 -93.17 11.49
C GLN O 74 50.24 -93.37 12.80
N ALA O 75 50.01 -92.30 13.58
CA ALA O 75 49.13 -92.44 14.75
C ALA O 75 47.68 -92.63 14.35
N TRP O 76 47.27 -92.03 13.23
CA TRP O 76 45.96 -92.31 12.67
C TRP O 76 45.86 -93.76 12.19
N GLN O 77 46.89 -94.23 11.48
CA GLN O 77 46.84 -95.56 10.89
C GLN O 77 46.85 -96.66 11.93
N LYS O 78 47.81 -96.64 12.87
CA LYS O 78 47.72 -97.57 14.00
C LYS O 78 46.48 -97.22 14.83
N ALA O 79 45.54 -98.15 14.87
CA ALA O 79 44.13 -97.91 15.24
C ALA O 79 43.56 -96.78 14.40
N ASP O 80 43.53 -97.06 13.09
CA ASP O 80 42.90 -96.24 12.06
C ASP O 80 41.49 -95.80 12.46
N ILE O 81 41.17 -94.57 12.11
CA ILE O 81 39.90 -93.97 12.49
C ILE O 81 38.86 -94.18 11.39
N ASN O 82 39.28 -94.40 10.14
CA ASN O 82 38.33 -94.58 9.05
C ASN O 82 37.53 -95.89 9.15
N THR O 83 37.91 -96.81 10.05
CA THR O 83 37.09 -97.97 10.33
C THR O 83 36.38 -97.92 11.68
N LYS O 84 36.90 -97.16 12.65
CA LYS O 84 36.14 -96.92 13.87
C LYS O 84 34.97 -96.00 13.61
N TRP O 85 35.26 -94.79 13.14
CA TRP O 85 34.31 -94.01 12.38
C TRP O 85 33.91 -94.82 11.16
N ALA O 86 32.66 -94.61 10.70
CA ALA O 86 32.04 -95.44 9.66
C ALA O 86 31.98 -96.88 10.14
N ALA O 87 30.91 -97.21 10.88
CA ALA O 87 30.66 -98.17 11.98
C ALA O 87 30.72 -97.54 13.37
N THR O 88 30.92 -96.23 13.46
CA THR O 88 30.18 -95.49 14.47
C THR O 88 28.81 -95.14 13.89
N ARG O 89 27.81 -94.96 14.76
CA ARG O 89 26.48 -94.69 14.21
C ARG O 89 26.20 -93.23 13.97
N TRP O 90 27.11 -92.33 14.35
CA TRP O 90 27.10 -90.97 13.84
C TRP O 90 27.39 -90.98 12.34
N ALA O 91 28.41 -91.74 11.94
CA ALA O 91 28.84 -91.70 10.54
C ALA O 91 27.82 -92.36 9.63
N LYS O 92 27.25 -93.50 10.04
CA LYS O 92 26.24 -94.11 9.18
C LYS O 92 24.94 -93.33 9.24
N LYS O 93 24.73 -92.54 10.29
CA LYS O 93 23.61 -91.61 10.28
C LYS O 93 23.80 -90.54 9.20
N ILE O 94 25.02 -90.01 9.10
CA ILE O 94 25.37 -89.10 8.01
C ILE O 94 25.22 -89.78 6.65
N GLU O 95 25.65 -91.04 6.56
CA GLU O 95 25.60 -91.78 5.30
C GLU O 95 24.18 -92.00 4.84
N ALA O 96 23.29 -92.33 5.78
CA ALA O 96 21.88 -92.47 5.47
C ALA O 96 21.28 -91.14 5.05
N ARG O 97 21.70 -90.05 5.70
CA ARG O 97 21.24 -88.72 5.33
C ARG O 97 21.60 -88.39 3.89
N GLU O 98 22.83 -88.70 3.47
CA GLU O 98 23.22 -88.33 2.12
C GLU O 98 22.62 -89.24 1.06
N ARG O 99 22.43 -90.54 1.34
CA ARG O 99 21.76 -91.35 0.33
C ARG O 99 20.27 -91.03 0.23
N LYS O 100 19.64 -90.65 1.35
CA LYS O 100 18.28 -90.12 1.28
C LYS O 100 18.23 -88.81 0.49
N ALA O 101 19.30 -88.00 0.55
CA ALA O 101 19.34 -86.83 -0.33
C ALA O 101 19.50 -87.22 -1.79
N LYS O 102 20.23 -88.30 -2.07
CA LYS O 102 20.48 -88.69 -3.46
C LYS O 102 19.37 -89.54 -4.03
N MET O 103 18.35 -89.86 -3.23
CA MET O 103 17.27 -90.73 -3.67
C MET O 103 16.48 -90.14 -4.81
N THR O 104 16.32 -90.93 -5.89
CA THR O 104 15.72 -90.46 -7.13
C THR O 104 14.20 -90.64 -7.07
N ASP O 105 13.54 -90.49 -8.22
CA ASP O 105 12.08 -90.53 -8.29
C ASP O 105 11.54 -91.95 -8.27
N PHE O 106 12.11 -92.84 -9.08
CA PHE O 106 11.72 -94.24 -9.07
C PHE O 106 12.05 -94.88 -7.73
N ASP O 107 13.19 -94.48 -7.15
CA ASP O 107 13.55 -94.91 -5.80
C ASP O 107 12.53 -94.42 -4.79
N ARG O 108 12.06 -93.18 -4.95
CA ARG O 108 11.06 -92.62 -4.04
C ARG O 108 9.75 -93.38 -4.12
N PHE O 109 9.38 -93.81 -5.34
CA PHE O 109 8.18 -94.62 -5.53
C PHE O 109 8.32 -95.96 -4.81
N LYS O 110 9.47 -96.61 -4.98
CA LYS O 110 9.68 -97.92 -4.34
C LYS O 110 9.70 -97.80 -2.83
N VAL O 111 10.29 -96.71 -2.31
CA VAL O 111 10.28 -96.45 -0.87
C VAL O 111 8.86 -96.24 -0.38
N MET O 112 8.04 -95.51 -1.15
CA MET O 112 6.64 -95.29 -0.77
C MET O 112 5.87 -96.61 -0.68
N LYS O 113 6.02 -97.48 -1.68
CA LYS O 113 5.30 -98.76 -1.67
C LYS O 113 5.76 -99.66 -0.52
N ALA O 114 7.08 -99.75 -0.33
CA ALA O 114 7.63 -100.59 0.74
C ALA O 114 7.21 -100.08 2.11
N LYS O 115 7.27 -98.77 2.31
CA LYS O 115 6.91 -98.18 3.59
C LYS O 115 5.43 -98.30 3.86
N LYS O 116 4.61 -98.21 2.80
CA LYS O 116 3.16 -98.38 2.95
C LYS O 116 2.83 -99.80 3.40
N MET O 117 3.44 -100.81 2.78
CA MET O 117 3.17 -102.18 3.18
C MET O 117 3.71 -102.47 4.58
N ARG O 118 4.90 -101.97 4.89
CA ARG O 118 5.51 -102.16 6.20
C ARG O 118 4.66 -101.55 7.29
N ASN O 119 4.11 -100.35 7.03
CA ASN O 119 3.24 -99.70 8.01
C ASN O 119 1.94 -100.46 8.18
N ARG O 120 1.40 -101.03 7.09
CA ARG O 120 0.22 -101.88 7.17
C ARG O 120 0.44 -103.07 8.10
N ILE O 121 1.57 -103.77 7.90
CA ILE O 121 1.86 -104.96 8.71
C ILE O 121 2.07 -104.59 10.18
N ILE O 122 2.85 -103.53 10.42
CA ILE O 122 3.13 -103.09 11.80
C ILE O 122 1.84 -102.64 12.48
N LYS O 123 0.96 -101.94 11.75
CA LYS O 123 -0.28 -101.44 12.32
C LYS O 123 -1.22 -102.59 12.67
N ASN O 124 -1.30 -103.60 11.80
CA ASN O 124 -2.15 -104.76 12.09
C ASN O 124 -1.61 -105.53 13.29
N GLU O 125 -0.29 -105.65 13.41
CA GLU O 125 0.29 -106.32 14.56
C GLU O 125 0.06 -105.53 15.84
N VAL O 126 0.09 -104.20 15.75
CA VAL O 126 -0.17 -103.36 16.91
C VAL O 126 -1.61 -103.53 17.36
N LYS O 127 -2.56 -103.56 16.41
CA LYS O 127 -3.96 -103.77 16.75
C LYS O 127 -4.18 -105.13 17.42
N LYS O 128 -3.56 -106.19 16.86
CA LYS O 128 -3.64 -107.51 17.47
C LYS O 128 -3.00 -107.51 18.87
N LEU O 129 -1.89 -106.80 19.02
CA LEU O 129 -1.18 -106.75 20.30
C LEU O 129 -2.02 -106.09 21.38
N GLN O 130 -2.65 -104.96 21.08
CA GLN O 130 -3.42 -104.30 22.11
C GLN O 130 -4.75 -105.00 22.36
N LYS O 131 -5.38 -105.59 21.33
CA LYS O 131 -6.58 -106.39 21.55
C LYS O 131 -6.29 -107.70 22.26
N ALA O 132 -5.05 -108.18 22.25
CA ALA O 132 -4.69 -109.30 23.10
C ALA O 132 -4.30 -108.87 24.50
N ALA O 133 -3.70 -107.68 24.64
CA ALA O 133 -3.31 -107.19 25.95
C ALA O 133 -4.51 -106.69 26.75
N LEU O 134 -5.63 -106.43 26.10
CA LEU O 134 -6.84 -106.11 26.85
C LEU O 134 -7.49 -107.33 27.52
N LEU O 135 -6.94 -108.54 27.35
CA LEU O 135 -7.50 -109.73 27.99
C LEU O 135 -7.11 -109.76 29.47
N LYS O 136 -7.77 -108.90 30.25
CA LYS O 136 -7.48 -108.75 31.67
C LYS O 136 -8.80 -108.81 32.44
N ALA O 137 -8.93 -109.82 33.29
CA ALA O 137 -10.13 -110.06 34.06
C ALA O 137 -9.76 -110.52 35.47
N SER O 138 -8.79 -109.81 36.08
CA SER O 138 -8.36 -110.22 37.41
C SER O 138 -8.91 -109.28 38.46
N PRO O 139 -9.32 -109.79 39.64
CA PRO O 139 -9.79 -108.96 40.75
C PRO O 139 -8.70 -108.06 41.33
N GLY P 1 -12.37 76.66 -42.79
CA GLY P 1 -11.14 76.70 -42.02
C GLY P 1 -11.40 76.59 -40.53
N ALA P 2 -12.67 76.84 -40.18
CA ALA P 2 -13.10 76.89 -38.78
C ALA P 2 -12.74 75.64 -38.00
N TYR P 3 -13.03 74.46 -38.56
CA TYR P 3 -12.71 73.21 -37.88
C TYR P 3 -11.21 73.02 -37.72
N LYS P 4 -10.40 73.53 -38.65
CA LYS P 4 -8.96 73.47 -38.49
C LYS P 4 -8.51 74.35 -37.33
N TYR P 5 -9.13 75.52 -37.16
CA TYR P 5 -8.80 76.35 -35.99
C TYR P 5 -9.19 75.66 -34.68
N ILE P 6 -10.37 75.02 -34.65
CA ILE P 6 -10.78 74.31 -33.42
C ILE P 6 -9.82 73.15 -33.15
N GLN P 7 -9.35 72.48 -34.21
CA GLN P 7 -8.46 71.33 -34.05
C GLN P 7 -7.11 71.76 -33.47
N GLU P 8 -6.57 72.87 -33.97
CA GLU P 8 -5.30 73.37 -33.43
C GLU P 8 -5.48 73.87 -31.99
N LEU P 9 -6.61 74.52 -31.73
CA LEU P 9 -6.91 74.99 -30.38
C LEU P 9 -7.03 73.84 -29.39
N TRP P 10 -7.67 72.74 -29.80
CA TRP P 10 -7.77 71.60 -28.91
C TRP P 10 -6.48 70.81 -28.80
N ARG P 11 -5.55 71.01 -29.73
CA ARG P 11 -4.22 70.46 -29.47
C ARG P 11 -3.44 71.30 -28.47
N LYS P 12 -3.72 72.61 -28.39
CA LYS P 12 -3.07 73.47 -27.40
C LYS P 12 -3.79 73.39 -26.05
N LYS P 13 -3.66 72.22 -25.40
CA LYS P 13 -4.43 71.95 -24.19
C LYS P 13 -3.88 72.63 -22.95
N GLN P 14 -2.60 72.99 -22.93
CA GLN P 14 -2.01 73.62 -21.76
C GLN P 14 -1.97 75.14 -21.85
N SER P 15 -2.62 75.72 -22.84
CA SER P 15 -2.82 77.16 -22.89
C SER P 15 -3.80 77.59 -21.79
N ASP P 16 -3.80 78.89 -21.48
CA ASP P 16 -4.61 79.36 -20.36
C ASP P 16 -6.10 79.31 -20.67
N VAL P 17 -6.48 79.64 -21.92
CA VAL P 17 -7.86 79.52 -22.38
C VAL P 17 -8.37 78.08 -22.27
N MET P 18 -7.61 77.13 -22.80
CA MET P 18 -8.06 75.76 -22.84
C MET P 18 -8.04 75.13 -21.46
N ARG P 19 -7.07 75.50 -20.62
CA ARG P 19 -7.07 74.92 -19.28
C ARG P 19 -8.20 75.48 -18.44
N PHE P 20 -8.60 76.74 -18.67
CA PHE P 20 -9.81 77.29 -18.04
C PHE P 20 -11.05 76.53 -18.47
N LEU P 21 -11.23 76.37 -19.80
CA LEU P 21 -12.42 75.70 -20.33
C LEU P 21 -12.49 74.27 -19.85
N LEU P 22 -11.34 73.58 -19.83
CA LEU P 22 -11.33 72.19 -19.41
C LEU P 22 -11.67 72.07 -17.94
N ARG P 23 -11.19 73.01 -17.11
CA ARG P 23 -11.49 72.93 -15.68
C ARG P 23 -12.96 73.21 -15.40
N VAL P 24 -13.56 74.20 -16.08
CA VAL P 24 -14.96 74.52 -15.79
C VAL P 24 -15.88 73.43 -16.32
N ARG P 25 -15.56 72.85 -17.49
CA ARG P 25 -16.41 71.80 -18.01
C ARG P 25 -16.25 70.52 -17.21
N CYS P 26 -15.04 70.25 -16.70
CA CYS P 26 -14.83 69.13 -15.81
C CYS P 26 -15.63 69.28 -14.51
N TRP P 27 -15.68 70.51 -13.98
CA TRP P 27 -16.51 70.80 -12.80
C TRP P 27 -17.97 70.47 -13.06
N GLN P 28 -18.50 70.90 -14.21
CA GLN P 28 -19.94 70.71 -14.38
C GLN P 28 -20.28 69.26 -14.78
N TYR P 29 -19.40 68.58 -15.51
CA TYR P 29 -19.60 67.15 -15.73
C TYR P 29 -19.51 66.37 -14.43
N ARG P 30 -18.68 66.82 -13.49
CA ARG P 30 -18.62 66.21 -12.17
C ARG P 30 -19.93 66.42 -11.40
N GLN P 31 -20.54 67.59 -11.56
CA GLN P 31 -21.81 67.84 -10.88
C GLN P 31 -22.98 67.10 -11.52
N LEU P 32 -22.87 66.74 -12.78
CA LEU P 32 -23.93 65.96 -13.44
C LEU P 32 -23.89 64.50 -12.96
N SER P 33 -24.79 63.68 -13.51
CA SER P 33 -24.78 62.27 -13.15
C SER P 33 -23.87 61.46 -14.08
N ALA P 34 -23.70 60.19 -13.73
CA ALA P 34 -22.60 59.37 -14.27
C ALA P 34 -22.82 59.07 -15.74
N LEU P 35 -24.02 58.63 -16.10
CA LEU P 35 -24.38 58.43 -17.49
C LEU P 35 -25.36 59.52 -17.85
N HIS P 36 -25.12 60.20 -18.95
CA HIS P 36 -25.87 61.41 -19.24
C HIS P 36 -25.95 61.59 -20.75
N ARG P 37 -27.06 62.17 -21.20
CA ARG P 37 -27.24 62.44 -22.62
C ARG P 37 -26.88 63.89 -22.88
N ALA P 38 -26.00 64.10 -23.76
CA ALA P 38 -25.71 65.47 -24.13
C ALA P 38 -26.69 65.91 -25.20
N PRO P 39 -27.01 67.21 -25.28
CA PRO P 39 -27.93 67.65 -26.33
C PRO P 39 -27.25 67.87 -27.65
N ARG P 40 -25.93 67.95 -27.67
CA ARG P 40 -25.14 68.21 -28.85
C ARG P 40 -23.71 67.85 -28.53
N PRO P 41 -22.87 67.57 -29.54
CA PRO P 41 -21.47 67.26 -29.24
C PRO P 41 -20.73 68.48 -28.71
N THR P 42 -19.96 68.27 -27.64
CA THR P 42 -19.13 69.34 -27.12
C THR P 42 -17.97 69.64 -28.05
N ARG P 43 -17.38 68.61 -28.64
CA ARG P 43 -16.33 68.75 -29.63
C ARG P 43 -16.87 68.33 -30.99
N PRO P 44 -17.41 69.27 -31.79
CA PRO P 44 -18.02 68.88 -33.07
C PRO P 44 -17.02 68.47 -34.13
N ASP P 45 -15.84 69.08 -34.17
CA ASP P 45 -14.83 68.67 -35.15
C ASP P 45 -14.31 67.27 -34.86
N LYS P 46 -14.04 66.98 -33.58
CA LYS P 46 -13.63 65.64 -33.19
C LYS P 46 -14.72 64.62 -33.45
N ALA P 47 -15.97 64.98 -33.15
CA ALA P 47 -17.09 64.06 -33.37
C ALA P 47 -17.29 63.77 -34.86
N ARG P 48 -17.16 64.79 -35.71
CA ARG P 48 -17.37 64.53 -37.13
C ARG P 48 -16.20 63.80 -37.75
N ARG P 49 -14.97 64.03 -37.29
CA ARG P 49 -13.89 63.21 -37.82
C ARG P 49 -13.89 61.81 -37.23
N LEU P 50 -14.63 61.57 -36.16
CA LEU P 50 -14.88 60.22 -35.68
C LEU P 50 -16.15 59.61 -36.23
N GLY P 51 -16.95 60.36 -36.97
CA GLY P 51 -18.03 59.76 -37.72
C GLY P 51 -19.39 60.42 -37.55
N TYR P 52 -19.53 61.33 -36.59
CA TYR P 52 -20.83 61.92 -36.29
C TYR P 52 -21.26 62.87 -37.40
N LYS P 53 -22.55 62.86 -37.71
CA LYS P 53 -23.15 63.82 -38.62
C LYS P 53 -24.36 64.44 -37.95
N ALA P 54 -24.60 65.71 -38.20
CA ALA P 54 -25.73 66.43 -37.59
C ALA P 54 -27.02 66.04 -38.31
N LYS P 55 -27.48 64.83 -38.03
CA LYS P 55 -28.72 64.30 -38.56
C LYS P 55 -29.58 63.81 -37.40
N GLN P 56 -30.85 63.57 -37.69
CA GLN P 56 -31.70 62.91 -36.71
C GLN P 56 -31.31 61.44 -36.66
N GLY P 57 -31.05 60.94 -35.47
CA GLY P 57 -30.62 59.57 -35.27
C GLY P 57 -29.19 59.40 -34.80
N TYR P 58 -28.41 60.48 -34.72
CA TYR P 58 -27.11 60.48 -34.06
C TYR P 58 -27.29 61.13 -32.70
N VAL P 59 -26.94 60.41 -31.64
CA VAL P 59 -27.05 60.96 -30.29
C VAL P 59 -25.68 60.86 -29.64
N ILE P 60 -25.52 61.63 -28.57
CA ILE P 60 -24.25 61.78 -27.89
C ILE P 60 -24.49 61.52 -26.42
N TYR P 61 -23.71 60.61 -25.83
CA TYR P 61 -23.85 60.32 -24.42
C TYR P 61 -22.54 60.61 -23.72
N ARG P 62 -22.61 61.33 -22.61
CA ARG P 62 -21.43 61.62 -21.80
C ARG P 62 -21.32 60.57 -20.71
N ILE P 63 -20.18 59.90 -20.63
CA ILE P 63 -19.96 58.83 -19.67
C ILE P 63 -18.80 59.21 -18.77
N ARG P 64 -18.98 58.96 -17.48
CA ARG P 64 -17.97 59.22 -16.47
C ARG P 64 -17.44 57.90 -15.94
N VAL P 65 -16.13 57.74 -15.92
CA VAL P 65 -15.48 56.50 -15.50
C VAL P 65 -14.60 56.84 -14.30
N ARG P 66 -14.69 56.04 -13.26
CA ARG P 66 -13.80 56.22 -12.12
C ARG P 66 -12.44 55.64 -12.48
N ARG P 67 -11.44 56.51 -12.55
CA ARG P 67 -10.16 56.16 -13.14
C ARG P 67 -9.17 55.63 -12.09
N GLY P 68 -8.13 54.98 -12.58
CA GLY P 68 -7.16 54.27 -11.78
C GLY P 68 -7.04 52.84 -12.26
N GLY P 69 -6.28 52.05 -11.52
CA GLY P 69 -6.01 50.68 -11.90
C GLY P 69 -7.16 49.77 -11.56
N ARG P 70 -6.90 48.48 -11.71
CA ARG P 70 -7.86 47.43 -11.37
C ARG P 70 -7.33 46.65 -10.18
N LYS P 71 -8.15 46.54 -9.13
CA LYS P 71 -7.79 45.81 -7.94
C LYS P 71 -8.41 44.43 -8.02
N ARG P 72 -7.69 43.41 -7.56
CA ARG P 72 -8.19 42.06 -7.71
C ARG P 72 -9.33 41.81 -6.71
N PRO P 73 -10.47 41.36 -7.17
CA PRO P 73 -11.66 41.28 -6.30
C PRO P 73 -11.68 40.02 -5.44
N VAL P 74 -10.67 39.85 -4.61
CA VAL P 74 -10.57 38.67 -3.77
C VAL P 74 -10.73 39.10 -2.33
N PRO P 75 -11.32 38.26 -1.46
CA PRO P 75 -11.59 38.69 -0.08
C PRO P 75 -10.32 38.78 0.75
N LYS P 76 -10.18 39.91 1.46
CA LYS P 76 -9.07 40.21 2.37
C LYS P 76 -7.71 40.17 1.69
N GLY P 77 -7.67 40.42 0.38
CA GLY P 77 -6.44 40.38 -0.38
C GLY P 77 -5.80 39.01 -0.48
N ALA P 78 -6.56 37.95 -0.22
CA ALA P 78 -6.03 36.60 -0.19
C ALA P 78 -6.40 35.90 -1.48
N THR P 79 -5.48 35.92 -2.44
CA THR P 79 -5.42 34.89 -3.45
C THR P 79 -4.75 33.66 -2.84
N TYR P 80 -4.96 32.51 -3.45
CA TYR P 80 -4.50 31.28 -2.83
C TYR P 80 -3.52 30.59 -3.77
N GLY P 81 -2.29 30.46 -3.32
CA GLY P 81 -1.35 29.66 -4.08
C GLY P 81 -0.62 30.48 -5.11
N LYS P 82 0.66 30.10 -5.33
CA LYS P 82 1.58 30.72 -6.28
C LYS P 82 1.80 32.21 -6.05
N PRO P 83 2.82 32.58 -5.24
CA PRO P 83 3.26 33.98 -5.12
C PRO P 83 3.30 34.81 -6.41
N VAL P 84 3.52 34.17 -7.56
CA VAL P 84 3.41 34.84 -8.86
C VAL P 84 1.97 35.29 -9.12
N HIS P 85 0.99 34.67 -8.47
CA HIS P 85 -0.40 35.07 -8.60
C HIS P 85 -0.90 35.75 -7.34
N HIS P 86 -0.02 35.97 -6.36
CA HIS P 86 -0.38 36.71 -5.15
C HIS P 86 -0.69 38.19 -5.37
N GLY P 87 -0.61 38.76 -6.56
CA GLY P 87 -0.77 40.19 -6.70
C GLY P 87 -2.22 40.62 -6.55
N VAL P 88 -2.41 41.76 -5.89
CA VAL P 88 -3.72 42.33 -5.65
C VAL P 88 -3.81 43.77 -6.16
N ASN P 89 -2.79 44.58 -5.88
CA ASN P 89 -2.97 46.02 -5.95
C ASN P 89 -2.55 46.61 -7.29
N GLN P 90 -1.31 46.37 -7.74
CA GLN P 90 -0.77 47.13 -8.87
C GLN P 90 -1.11 46.49 -10.21
N LEU P 91 -2.25 45.79 -10.28
CA LEU P 91 -2.74 45.15 -11.48
C LEU P 91 -3.45 46.17 -12.36
N LYS P 92 -3.55 45.83 -13.63
CA LYS P 92 -4.06 46.77 -14.62
C LYS P 92 -5.03 46.04 -15.53
N PHE P 93 -6.11 46.71 -15.86
CA PHE P 93 -7.11 46.14 -16.74
C PHE P 93 -6.59 46.11 -18.17
N ALA P 94 -7.04 45.12 -18.94
CA ALA P 94 -6.51 44.94 -20.27
C ALA P 94 -7.13 45.90 -21.27
N ARG P 95 -8.30 46.45 -20.96
CA ARG P 95 -8.96 47.41 -21.81
C ARG P 95 -8.84 48.80 -21.22
N SER P 96 -9.07 49.80 -22.05
CA SER P 96 -8.97 51.19 -21.63
C SER P 96 -10.26 51.69 -21.00
N LEU P 97 -10.11 52.78 -20.24
CA LEU P 97 -11.27 53.45 -19.64
C LEU P 97 -12.22 53.98 -20.71
N GLN P 98 -11.68 54.39 -21.86
CA GLN P 98 -12.51 54.80 -22.98
C GLN P 98 -13.36 53.65 -23.49
N SER P 99 -12.78 52.45 -23.54
CA SER P 99 -13.52 51.27 -23.98
C SER P 99 -14.60 50.90 -22.97
N VAL P 100 -14.31 51.03 -21.67
CA VAL P 100 -15.35 50.69 -20.70
C VAL P 100 -16.44 51.77 -20.67
N ALA P 101 -16.10 53.02 -21.03
CA ALA P 101 -17.11 54.07 -21.19
C ALA P 101 -18.06 53.74 -22.33
N GLU P 102 -17.51 53.33 -23.48
CA GLU P 102 -18.34 52.91 -24.60
C GLU P 102 -19.19 51.70 -24.22
N GLU P 103 -18.63 50.80 -23.41
CA GLU P 103 -19.36 49.60 -23.03
C GLU P 103 -20.51 49.93 -22.10
N ARG P 104 -20.32 50.87 -21.18
CA ARG P 104 -21.42 51.29 -20.32
C ARG P 104 -22.50 52.05 -21.09
N ALA P 105 -22.09 52.87 -22.06
CA ALA P 105 -23.07 53.56 -22.90
C ALA P 105 -23.88 52.58 -23.74
N GLY P 106 -23.22 51.56 -24.30
CA GLY P 106 -23.94 50.57 -25.08
C GLY P 106 -24.87 49.72 -24.25
N ARG P 107 -24.42 49.34 -23.05
CA ARG P 107 -25.26 48.52 -22.19
C ARG P 107 -26.45 49.28 -21.64
N HIS P 108 -26.35 50.60 -21.49
CA HIS P 108 -27.57 51.31 -21.09
C HIS P 108 -28.50 51.54 -22.27
N CYS P 109 -28.02 52.19 -23.33
CA CYS P 109 -28.86 52.38 -24.51
C CYS P 109 -28.60 51.25 -25.52
N GLY P 110 -28.87 50.04 -25.05
CA GLY P 110 -28.77 48.79 -25.80
C GLY P 110 -29.57 48.63 -27.09
N ALA P 111 -30.36 49.63 -27.46
CA ALA P 111 -31.05 49.63 -28.73
C ALA P 111 -30.36 50.51 -29.76
N LEU P 112 -29.24 51.12 -29.39
CA LEU P 112 -28.45 51.93 -30.30
C LEU P 112 -27.11 51.23 -30.54
N ARG P 113 -26.40 51.69 -31.57
CA ARG P 113 -25.08 51.19 -31.89
C ARG P 113 -24.02 52.21 -31.51
N VAL P 114 -22.96 51.74 -30.86
CA VAL P 114 -21.82 52.57 -30.51
C VAL P 114 -21.02 52.78 -31.79
N LEU P 115 -20.95 54.02 -32.27
CA LEU P 115 -20.07 54.29 -33.40
C LEU P 115 -18.64 54.52 -32.91
N ASN P 116 -18.43 55.53 -32.07
CA ASN P 116 -17.09 55.89 -31.62
C ASN P 116 -17.23 56.70 -30.34
N SER P 117 -16.12 57.29 -29.88
CA SER P 117 -16.07 58.03 -28.63
C SER P 117 -14.82 58.90 -28.63
N TYR P 118 -14.82 59.92 -27.78
CA TYR P 118 -13.64 60.76 -27.59
C TYR P 118 -13.61 61.30 -26.16
N TRP P 119 -12.57 62.07 -25.87
CA TRP P 119 -12.26 62.51 -24.52
C TRP P 119 -12.71 63.96 -24.38
N VAL P 120 -13.33 64.29 -23.23
CA VAL P 120 -13.80 65.66 -23.02
C VAL P 120 -13.35 66.22 -21.67
N GLY P 121 -12.25 65.72 -21.14
CA GLY P 121 -11.70 66.25 -19.90
C GLY P 121 -11.63 65.16 -18.87
N GLU P 122 -10.55 65.02 -18.10
CA GLU P 122 -10.68 63.99 -17.08
C GLU P 122 -10.98 64.53 -15.69
N ASP P 123 -9.96 64.56 -14.81
CA ASP P 123 -10.05 64.82 -13.37
C ASP P 123 -8.75 64.23 -12.80
N SER P 124 -8.67 64.11 -11.48
CA SER P 124 -7.87 63.06 -10.89
C SER P 124 -8.67 61.81 -10.57
N THR P 125 -9.97 61.95 -10.32
CA THR P 125 -10.81 60.85 -9.87
C THR P 125 -11.65 60.26 -10.99
N TYR P 126 -12.05 61.08 -11.94
CA TYR P 126 -12.91 60.60 -13.01
C TYR P 126 -12.26 60.85 -14.36
N LYS P 127 -12.91 60.31 -15.38
CA LYS P 127 -12.53 60.54 -16.76
C LYS P 127 -13.82 60.64 -17.55
N PHE P 128 -13.92 61.65 -18.39
CA PHE P 128 -15.16 61.95 -19.07
C PHE P 128 -14.98 61.74 -20.56
N PHE P 129 -15.85 60.91 -21.12
CA PHE P 129 -15.81 60.63 -22.53
C PHE P 129 -17.18 60.91 -23.11
N GLU P 130 -17.21 61.13 -24.40
CA GLU P 130 -18.47 61.27 -25.10
C GLU P 130 -18.53 60.21 -26.16
N VAL P 131 -19.64 59.50 -26.23
CA VAL P 131 -19.82 58.34 -27.08
C VAL P 131 -20.88 58.73 -28.10
N ILE P 132 -20.52 58.59 -29.37
CA ILE P 132 -21.44 58.77 -30.47
C ILE P 132 -22.23 57.48 -30.64
N LEU P 133 -23.54 57.58 -30.52
CA LEU P 133 -24.43 56.45 -30.71
C LEU P 133 -25.30 56.74 -31.92
N ILE P 134 -25.81 55.68 -32.52
CA ILE P 134 -26.64 55.78 -33.72
C ILE P 134 -27.88 54.93 -33.48
N ASP P 135 -29.04 55.52 -33.72
CA ASP P 135 -30.27 54.76 -33.75
C ASP P 135 -30.36 54.05 -35.08
N PRO P 136 -30.34 52.71 -35.12
CA PRO P 136 -30.29 52.00 -36.40
C PRO P 136 -31.66 51.76 -37.01
N PHE P 137 -32.70 52.41 -36.51
CA PHE P 137 -34.03 52.26 -37.04
C PHE P 137 -34.65 53.59 -37.43
N HIS P 138 -33.91 54.69 -37.32
CA HIS P 138 -34.38 55.95 -37.89
C HIS P 138 -34.34 55.87 -39.40
N LYS P 139 -35.37 56.37 -40.06
CA LYS P 139 -35.38 56.33 -41.51
C LYS P 139 -34.25 57.14 -42.08
N ALA P 140 -34.01 58.31 -41.51
CA ALA P 140 -32.92 59.16 -42.01
C ALA P 140 -31.57 58.46 -41.98
N ILE P 141 -31.47 57.29 -41.36
CA ILE P 141 -30.23 56.54 -41.30
C ILE P 141 -30.30 55.26 -42.10
N ARG P 142 -31.43 54.54 -42.07
CA ARG P 142 -31.49 53.36 -42.91
C ARG P 142 -32.16 53.63 -44.25
N ARG P 143 -32.38 54.89 -44.62
CA ARG P 143 -32.88 55.24 -45.94
C ARG P 143 -31.82 56.04 -46.69
N ASN P 144 -30.59 55.85 -46.31
CA ASN P 144 -29.43 56.54 -46.84
C ASN P 144 -28.30 55.55 -46.92
N PRO P 145 -27.70 55.34 -48.09
CA PRO P 145 -26.50 54.50 -48.17
C PRO P 145 -25.32 55.19 -47.50
N ASP P 146 -24.22 54.44 -47.39
CA ASP P 146 -22.99 54.75 -46.65
C ASP P 146 -23.17 54.79 -45.14
N THR P 147 -24.36 54.46 -44.60
CA THR P 147 -24.49 54.31 -43.16
C THR P 147 -25.43 53.20 -42.70
N GLN P 148 -25.99 52.40 -43.60
CA GLN P 148 -26.86 51.31 -43.19
C GLN P 148 -26.10 50.03 -42.84
N TRP P 149 -24.78 50.03 -43.05
CA TRP P 149 -23.92 48.97 -42.53
C TRP P 149 -24.05 48.82 -41.02
N ILE P 150 -24.23 49.93 -40.30
CA ILE P 150 -24.39 49.81 -38.85
C ILE P 150 -25.78 49.37 -38.47
N THR P 151 -26.74 49.45 -39.39
CA THR P 151 -28.06 48.90 -39.15
C THR P 151 -28.12 47.42 -39.45
N LYS P 152 -27.17 46.92 -40.24
CA LYS P 152 -27.05 45.49 -40.50
C LYS P 152 -26.82 44.74 -39.17
N PRO P 153 -27.37 43.53 -39.02
CA PRO P 153 -27.38 42.88 -37.70
C PRO P 153 -26.05 42.35 -37.19
N VAL P 154 -24.96 42.39 -37.95
CA VAL P 154 -23.69 41.87 -37.43
C VAL P 154 -22.96 42.88 -36.58
N HIS P 155 -23.53 44.07 -36.40
CA HIS P 155 -22.87 45.15 -35.68
C HIS P 155 -23.54 45.46 -34.35
N LYS P 156 -24.31 44.52 -33.82
CA LYS P 156 -24.87 44.68 -32.49
C LYS P 156 -23.75 44.51 -31.47
N HIS P 157 -23.63 45.51 -30.59
CA HIS P 157 -22.68 45.56 -29.47
C HIS P 157 -21.23 45.40 -29.94
N ARG P 158 -20.83 46.33 -30.83
CA ARG P 158 -19.46 46.41 -31.30
C ARG P 158 -18.51 46.68 -30.14
N GLU P 159 -18.95 47.53 -29.22
CA GLU P 159 -18.18 47.88 -28.04
C GLU P 159 -18.09 46.73 -27.03
N MET P 160 -18.98 45.74 -27.12
CA MET P 160 -18.86 44.58 -26.26
C MET P 160 -18.08 43.46 -26.88
N ARG P 161 -18.06 43.37 -28.22
CA ARG P 161 -17.18 42.42 -28.88
C ARG P 161 -15.81 43.02 -29.15
N GLY P 162 -15.56 44.26 -28.77
CA GLY P 162 -14.23 44.79 -28.79
C GLY P 162 -13.78 45.41 -30.08
N LEU P 163 -14.69 45.88 -30.93
CA LEU P 163 -14.32 46.27 -32.29
C LEU P 163 -14.83 47.66 -32.60
N THR P 164 -14.73 48.55 -31.62
CA THR P 164 -14.67 49.98 -31.87
C THR P 164 -13.21 50.38 -31.93
N SER P 165 -12.92 51.67 -32.04
CA SER P 165 -11.54 52.13 -32.15
C SER P 165 -10.76 51.87 -30.87
N ALA P 166 -11.36 52.20 -29.72
CA ALA P 166 -10.71 52.00 -28.43
C ALA P 166 -10.55 50.51 -28.11
N GLY P 167 -11.59 49.71 -28.37
CA GLY P 167 -11.48 48.28 -28.17
C GLY P 167 -10.47 47.60 -29.07
N ARG P 168 -10.35 48.08 -30.31
CA ARG P 168 -9.33 47.57 -31.22
C ARG P 168 -7.92 47.90 -30.73
N LYS P 169 -7.74 49.14 -30.24
CA LYS P 169 -6.47 49.52 -29.63
C LYS P 169 -6.13 48.65 -28.42
N SER P 170 -7.15 48.26 -27.65
CA SER P 170 -6.93 47.31 -26.58
C SER P 170 -6.57 45.91 -27.08
N ARG P 171 -7.19 45.47 -28.18
CA ARG P 171 -6.89 44.13 -28.70
C ARG P 171 -5.47 44.01 -29.23
N GLY P 172 -4.91 45.12 -29.72
CA GLY P 172 -3.52 45.11 -30.12
C GLY P 172 -3.25 44.24 -31.31
N LEU P 173 -3.75 44.65 -32.46
CA LEU P 173 -3.57 43.96 -33.71
C LEU P 173 -3.16 44.97 -34.76
N GLY P 174 -2.26 44.55 -35.63
CA GLY P 174 -1.75 45.42 -36.65
C GLY P 174 -1.04 44.60 -37.68
N LYS P 175 -0.15 45.26 -38.41
CA LYS P 175 0.62 44.61 -39.46
C LYS P 175 2.08 44.66 -39.07
N GLY P 176 2.74 43.52 -39.10
CA GLY P 176 4.17 43.50 -39.01
C GLY P 176 4.68 42.73 -37.81
N HIS P 177 5.96 42.95 -37.53
CA HIS P 177 6.64 42.18 -36.50
C HIS P 177 6.28 42.59 -35.10
N LYS P 178 5.64 43.75 -34.92
CA LYS P 178 5.17 44.14 -33.60
C LYS P 178 3.97 43.32 -33.16
N PHE P 179 3.29 42.65 -34.08
CA PHE P 179 1.95 42.11 -33.86
C PHE P 179 1.84 40.66 -34.31
N HIS P 180 2.79 39.82 -33.90
CA HIS P 180 2.71 38.42 -34.26
C HIS P 180 1.74 37.65 -33.39
N HIS P 181 1.36 38.20 -32.24
CA HIS P 181 0.47 37.51 -31.32
C HIS P 181 -0.93 37.32 -31.87
N THR P 182 -1.34 38.12 -32.85
CA THR P 182 -2.70 38.17 -33.33
C THR P 182 -2.74 38.01 -34.83
N ILE P 183 -1.95 37.08 -35.36
CA ILE P 183 -1.67 37.04 -36.78
C ILE P 183 -2.60 36.03 -37.47
N GLY P 184 -3.72 35.70 -36.85
CA GLY P 184 -4.74 34.90 -37.50
C GLY P 184 -6.11 35.55 -37.39
N GLY P 185 -6.12 36.84 -37.10
CA GLY P 185 -7.37 37.55 -36.87
C GLY P 185 -7.50 38.06 -35.46
N SER P 186 -7.11 37.24 -34.48
CA SER P 186 -7.14 37.64 -33.09
C SER P 186 -6.13 36.80 -32.31
N ARG P 187 -6.04 37.10 -31.01
CA ARG P 187 -5.04 36.48 -30.14
C ARG P 187 -5.34 34.99 -29.95
N ARG P 188 -6.59 34.65 -29.64
CA ARG P 188 -6.87 33.24 -29.43
C ARG P 188 -7.11 32.49 -30.72
N ALA P 189 -7.37 33.19 -31.82
CA ALA P 189 -7.30 32.55 -33.13
C ALA P 189 -5.88 32.11 -33.44
N ALA P 190 -4.91 33.00 -33.18
CA ALA P 190 -3.51 32.64 -33.35
C ALA P 190 -3.09 31.52 -32.42
N TRP P 191 -3.52 31.60 -31.15
CA TRP P 191 -3.19 30.57 -30.16
C TRP P 191 -3.75 29.22 -30.59
N ARG P 192 -5.00 29.22 -31.06
CA ARG P 192 -5.64 28.00 -31.54
C ARG P 192 -4.89 27.41 -32.73
N ARG P 193 -4.57 28.24 -33.72
CA ARG P 193 -3.91 27.74 -34.92
C ARG P 193 -2.50 27.21 -34.63
N ARG P 194 -1.77 27.81 -33.70
CA ARG P 194 -0.43 27.31 -33.42
C ARG P 194 -0.40 26.38 -32.22
N ASN P 195 -1.55 26.00 -31.67
CA ASN P 195 -1.58 24.95 -30.68
C ASN P 195 -2.47 23.79 -31.06
N THR P 196 -3.10 23.81 -32.23
CA THR P 196 -3.73 22.60 -32.70
C THR P 196 -2.70 21.66 -33.30
N LEU P 197 -3.09 20.41 -33.47
CA LEU P 197 -2.24 19.39 -34.06
C LEU P 197 -2.91 18.90 -35.32
N GLN P 198 -2.24 19.10 -36.45
CA GLN P 198 -2.79 18.67 -37.74
C GLN P 198 -2.37 17.23 -37.96
N LEU P 199 -3.30 16.32 -37.77
CA LEU P 199 -3.07 14.90 -37.98
C LEU P 199 -3.70 14.55 -39.33
N HIS P 200 -2.86 14.46 -40.36
CA HIS P 200 -3.33 14.26 -41.71
C HIS P 200 -3.77 12.81 -41.89
N ARG P 201 -4.43 12.56 -43.01
CA ARG P 201 -4.85 11.20 -43.33
C ARG P 201 -3.63 10.35 -43.66
N TYR P 202 -2.87 10.76 -44.67
CA TYR P 202 -1.56 10.22 -44.98
C TYR P 202 -0.56 11.12 -44.26
N ARG P 203 -0.03 10.65 -43.15
CA ARG P 203 0.97 11.41 -42.41
C ARG P 203 2.37 11.23 -42.99
N GLU Q 1 1.94 -73.57 2.43
CA GLU Q 1 1.45 -73.84 3.78
C GLU Q 1 0.27 -72.97 4.14
N VAL Q 2 -0.90 -73.61 4.27
CA VAL Q 2 -2.17 -72.90 4.37
C VAL Q 2 -2.75 -73.04 5.77
N GLN Q 3 -2.07 -73.77 6.63
CA GLN Q 3 -2.51 -73.95 8.00
C GLN Q 3 -2.00 -72.82 8.89
N VAL Q 4 -2.56 -72.77 10.10
CA VAL Q 4 -2.17 -71.79 11.12
C VAL Q 4 -0.85 -72.20 11.75
N LEU Q 5 0.00 -71.22 12.02
CA LEU Q 5 1.27 -71.46 12.69
C LEU Q 5 1.13 -71.11 14.17
N VAL Q 6 1.30 -72.11 15.04
CA VAL Q 6 1.05 -71.96 16.47
C VAL Q 6 2.39 -71.96 17.20
N LEU Q 7 2.73 -70.85 17.81
CA LEU Q 7 3.99 -70.69 18.52
C LEU Q 7 3.75 -70.67 20.02
N ASP Q 8 4.73 -71.19 20.75
CA ASP Q 8 4.73 -71.17 22.20
C ASP Q 8 5.60 -70.00 22.64
N GLY Q 9 5.01 -69.08 23.38
CA GLY Q 9 5.75 -67.90 23.78
C GLY Q 9 6.74 -68.09 24.89
N ARG Q 10 6.70 -69.22 25.59
CA ARG Q 10 7.53 -69.42 26.77
C ARG Q 10 8.99 -69.60 26.37
N GLY Q 11 9.85 -68.76 26.92
CA GLY Q 11 11.28 -68.83 26.67
C GLY Q 11 11.75 -67.94 25.55
N HIS Q 12 10.88 -67.13 24.98
CA HIS Q 12 11.22 -66.29 23.84
C HIS Q 12 11.40 -64.84 24.28
N LEU Q 13 12.22 -64.12 23.53
CA LEU Q 13 12.44 -62.70 23.76
C LEU Q 13 11.42 -61.90 22.97
N LEU Q 14 10.90 -60.84 23.62
CA LEU Q 14 9.71 -60.14 23.19
C LEU Q 14 9.86 -59.53 21.79
N GLY Q 15 10.84 -58.64 21.62
CA GLY Q 15 10.96 -57.93 20.36
C GLY Q 15 11.42 -58.79 19.21
N ARG Q 16 12.24 -59.80 19.49
CA ARG Q 16 12.71 -60.68 18.43
C ARG Q 16 11.57 -61.56 17.93
N LEU Q 17 10.81 -62.13 18.86
CA LEU Q 17 9.60 -62.87 18.50
C LEU Q 17 8.58 -61.98 17.79
N ALA Q 18 8.48 -60.72 18.22
CA ALA Q 18 7.55 -59.80 17.58
C ALA Q 18 7.96 -59.50 16.15
N ALA Q 19 9.26 -59.36 15.89
CA ALA Q 19 9.74 -59.07 14.54
C ALA Q 19 9.49 -60.25 13.61
N ILE Q 20 9.76 -61.47 14.09
CA ILE Q 20 9.51 -62.67 13.30
C ILE Q 20 8.02 -62.81 12.99
N VAL Q 21 7.17 -62.60 14.01
CA VAL Q 21 5.73 -62.71 13.87
C VAL Q 21 5.20 -61.66 12.90
N ALA Q 22 5.75 -60.44 12.96
CA ALA Q 22 5.27 -59.36 12.12
C ALA Q 22 5.58 -59.61 10.65
N LYS Q 23 6.81 -60.10 10.35
CA LYS Q 23 7.11 -60.39 8.95
C LYS Q 23 6.29 -61.57 8.43
N GLN Q 24 6.06 -62.59 9.27
CA GLN Q 24 5.22 -63.72 8.83
C GLN Q 24 3.80 -63.27 8.55
N VAL Q 25 3.25 -62.43 9.43
CA VAL Q 25 1.85 -62.08 9.33
C VAL Q 25 1.63 -61.06 8.24
N LEU Q 26 2.68 -60.32 7.83
CA LEU Q 26 2.59 -59.53 6.61
C LEU Q 26 2.68 -60.39 5.37
N LEU Q 27 3.45 -61.47 5.41
CA LEU Q 27 3.53 -62.35 4.26
C LEU Q 27 2.35 -63.29 4.11
N GLY Q 28 1.42 -63.28 5.06
CA GLY Q 28 0.28 -64.18 5.00
C GLY Q 28 0.24 -64.86 6.33
N ARG Q 29 0.03 -66.18 6.39
CA ARG Q 29 0.42 -67.02 7.53
C ARG Q 29 -0.24 -66.57 8.85
N LYS Q 30 -1.53 -66.89 8.97
CA LYS Q 30 -2.20 -66.80 10.27
C LYS Q 30 -1.34 -67.42 11.37
N VAL Q 31 -1.04 -66.63 12.39
CA VAL Q 31 -0.13 -67.01 13.46
C VAL Q 31 -0.87 -66.88 14.78
N VAL Q 32 -0.82 -67.93 15.58
CA VAL Q 32 -1.29 -67.90 16.94
C VAL Q 32 -0.04 -67.96 17.82
N VAL Q 33 0.01 -67.10 18.83
CA VAL Q 33 1.08 -67.12 19.83
C VAL Q 33 0.43 -67.36 21.17
N VAL Q 34 0.68 -68.53 21.75
CA VAL Q 34 0.11 -68.87 23.03
C VAL Q 34 1.18 -68.69 24.10
N ARG Q 35 0.72 -68.66 25.37
CA ARG Q 35 1.57 -68.54 26.55
C ARG Q 35 2.41 -67.27 26.52
N CYS Q 36 1.77 -66.14 26.26
CA CYS Q 36 2.47 -64.87 26.25
C CYS Q 36 2.93 -64.41 27.63
N GLU Q 37 2.54 -65.10 28.69
CA GLU Q 37 3.03 -64.78 30.02
C GLU Q 37 4.42 -65.38 30.26
N GLY Q 38 4.87 -66.26 29.38
CA GLY Q 38 6.17 -66.87 29.50
C GLY Q 38 7.23 -66.18 28.66
N ILE Q 39 6.88 -65.06 28.02
CA ILE Q 39 7.82 -64.34 27.18
C ILE Q 39 8.83 -63.64 28.07
N ASN Q 40 10.10 -63.66 27.67
CA ASN Q 40 11.15 -63.01 28.43
C ASN Q 40 11.54 -61.69 27.78
N ILE Q 41 12.05 -60.77 28.59
CA ILE Q 41 12.63 -59.53 28.13
C ILE Q 41 14.03 -59.43 28.73
N SER Q 42 15.00 -59.01 27.93
CA SER Q 42 16.37 -58.88 28.41
C SER Q 42 16.53 -57.59 29.20
N GLY Q 43 17.52 -57.56 30.07
CA GLY Q 43 17.59 -56.53 31.08
C GLY Q 43 16.83 -56.93 32.34
N ASN Q 44 17.23 -56.34 33.45
CA ASN Q 44 16.68 -56.79 34.71
C ASN Q 44 15.23 -56.32 34.89
N PHE Q 45 14.59 -56.96 35.87
CA PHE Q 45 13.16 -56.80 36.08
C PHE Q 45 12.81 -55.37 36.44
N TYR Q 46 13.67 -54.73 37.24
CA TYR Q 46 13.40 -53.38 37.71
C TYR Q 46 13.41 -52.40 36.55
N ARG Q 47 14.42 -52.46 35.68
CA ARG Q 47 14.47 -51.48 34.60
C ARG Q 47 13.40 -51.76 33.55
N ASN Q 48 12.98 -53.03 33.40
CA ASN Q 48 11.86 -53.31 32.52
C ASN Q 48 10.56 -52.76 33.12
N LYS Q 49 10.39 -52.90 34.43
CA LYS Q 49 9.25 -52.34 35.12
C LYS Q 49 9.23 -50.82 35.01
N LEU Q 50 10.39 -50.18 35.11
CA LEU Q 50 10.47 -48.73 34.97
C LEU Q 50 10.12 -48.28 33.57
N LYS Q 51 10.56 -49.04 32.56
CA LYS Q 51 10.18 -48.74 31.18
C LYS Q 51 8.65 -48.81 31.01
N TYR Q 52 8.03 -49.83 31.60
CA TYR Q 52 6.57 -49.91 31.52
C TYR Q 52 5.89 -48.78 32.31
N LEU Q 53 6.47 -48.37 33.44
CA LEU Q 53 5.82 -47.32 34.22
C LEU Q 53 5.99 -45.96 33.56
N ALA Q 54 7.08 -45.75 32.83
CA ALA Q 54 7.19 -44.54 32.01
C ALA Q 54 6.17 -44.56 30.89
N PHE Q 55 5.91 -45.75 30.32
CA PHE Q 55 4.85 -45.88 29.33
C PHE Q 55 3.48 -45.59 29.94
N LEU Q 56 3.25 -46.05 31.17
CA LEU Q 56 2.02 -45.74 31.90
C LEU Q 56 1.88 -44.26 32.17
N ARG Q 57 3.01 -43.58 32.41
CA ARG Q 57 3.00 -42.13 32.60
C ARG Q 57 2.57 -41.40 31.36
N LYS Q 58 2.94 -41.90 30.17
CA LYS Q 58 2.52 -41.25 28.92
C LYS Q 58 1.01 -41.23 28.78
N ARG Q 59 0.40 -40.05 28.91
CA ARG Q 59 -1.05 -39.94 28.96
C ARG Q 59 -1.51 -38.61 28.39
N MET Q 60 -2.54 -38.67 27.53
CA MET Q 60 -3.14 -37.44 27.02
C MET Q 60 -3.83 -36.70 28.14
N ASN Q 61 -3.26 -35.57 28.55
CA ASN Q 61 -3.68 -34.96 29.80
C ASN Q 61 -4.96 -34.13 29.64
N THR Q 62 -5.43 -33.95 28.43
CA THR Q 62 -6.75 -33.37 28.24
C THR Q 62 -7.85 -34.41 28.34
N ASN Q 63 -7.58 -35.63 27.89
CA ASN Q 63 -8.59 -36.70 27.89
C ASN Q 63 -7.86 -38.02 27.91
N PRO Q 64 -7.58 -38.55 29.11
CA PRO Q 64 -6.89 -39.84 29.20
C PRO Q 64 -7.72 -40.98 28.64
N SER Q 65 -9.04 -40.83 28.58
CA SER Q 65 -9.89 -41.83 27.94
C SER Q 65 -9.64 -41.86 26.44
N ARG Q 66 -9.28 -40.71 25.85
CA ARG Q 66 -8.90 -40.69 24.45
C ARG Q 66 -7.46 -41.12 24.25
N GLY Q 67 -6.64 -41.01 25.30
CA GLY Q 67 -5.20 -41.14 25.19
C GLY Q 67 -4.70 -42.53 24.86
N PRO Q 68 -3.40 -42.75 25.03
CA PRO Q 68 -2.84 -44.06 24.72
C PRO Q 68 -3.30 -45.10 25.73
N TYR Q 69 -3.72 -46.25 25.22
CA TYR Q 69 -4.29 -47.28 26.06
C TYR Q 69 -3.19 -48.22 26.49
N HIS Q 70 -2.98 -48.31 27.80
CA HIS Q 70 -1.94 -49.15 28.36
C HIS Q 70 -2.58 -50.46 28.70
N PHE Q 71 -2.43 -51.43 27.83
CA PHE Q 71 -2.97 -52.74 28.09
C PHE Q 71 -2.09 -53.46 29.08
N ARG Q 72 -2.70 -54.31 29.91
CA ARG Q 72 -1.99 -54.92 31.01
C ARG Q 72 -1.71 -56.39 30.83
N ALA Q 73 -2.55 -57.10 30.08
CA ALA Q 73 -2.33 -58.52 29.89
C ALA Q 73 -1.06 -58.75 29.05
N PRO Q 74 -0.29 -59.81 29.35
CA PRO Q 74 0.92 -60.09 28.57
C PRO Q 74 0.65 -60.36 27.11
N SER Q 75 -0.50 -60.97 26.82
CA SER Q 75 -0.91 -61.20 25.43
C SER Q 75 -1.09 -59.87 24.70
N ARG Q 76 -1.72 -58.91 25.35
CA ARG Q 76 -1.95 -57.62 24.71
C ARG Q 76 -0.68 -56.78 24.65
N ILE Q 77 0.25 -56.97 25.60
CA ILE Q 77 1.55 -56.32 25.52
C ILE Q 77 2.34 -56.83 24.32
N PHE Q 78 2.36 -58.15 24.12
CA PHE Q 78 3.01 -58.72 22.94
C PHE Q 78 2.33 -58.25 21.66
N TRP Q 79 1.00 -58.22 21.67
CA TRP Q 79 0.23 -57.78 20.50
C TRP Q 79 0.54 -56.33 20.17
N ARG Q 80 0.76 -55.50 21.18
CA ARG Q 80 1.08 -54.11 20.91
C ARG Q 80 2.50 -53.93 20.41
N THR Q 81 3.42 -54.81 20.83
CA THR Q 81 4.75 -54.78 20.23
C THR Q 81 4.71 -55.17 18.75
N VAL Q 82 3.94 -56.20 18.40
CA VAL Q 82 3.81 -56.56 16.99
C VAL Q 82 3.11 -55.45 16.20
N ARG Q 83 2.11 -54.81 16.84
CA ARG Q 83 1.46 -53.64 16.28
C ARG Q 83 2.44 -52.52 16.01
N GLY Q 84 3.42 -52.33 16.90
CA GLY Q 84 4.44 -51.32 16.70
C GLY Q 84 5.37 -51.68 15.55
N MET Q 85 5.56 -52.97 15.30
CA MET Q 85 6.41 -53.39 14.19
C MET Q 85 5.66 -53.52 12.87
N LEU Q 86 4.34 -53.40 12.87
CA LEU Q 86 3.51 -53.47 11.68
C LEU Q 86 3.20 -52.08 11.13
N PRO Q 87 2.78 -51.97 9.85
CA PRO Q 87 2.24 -50.69 9.31
C PRO Q 87 0.74 -50.56 9.51
N HIS Q 88 0.33 -50.32 10.76
CA HIS Q 88 -1.06 -50.55 11.15
C HIS Q 88 -2.02 -49.44 10.76
N LYS Q 89 -1.53 -48.33 10.22
CA LYS Q 89 -2.39 -47.26 9.72
C LYS Q 89 -2.83 -47.49 8.28
N THR Q 90 -2.53 -48.66 7.71
CA THR Q 90 -2.91 -49.01 6.35
C THR Q 90 -3.82 -50.23 6.40
N LYS Q 91 -4.50 -50.49 5.27
CA LYS Q 91 -5.36 -51.66 5.18
C LYS Q 91 -4.56 -52.94 5.20
N ARG Q 92 -3.36 -52.94 4.63
CA ARG Q 92 -2.50 -54.11 4.62
C ARG Q 92 -2.03 -54.44 6.03
N GLY Q 93 -1.56 -53.43 6.77
CA GLY Q 93 -1.15 -53.65 8.14
C GLY Q 93 -2.30 -54.02 9.04
N GLN Q 94 -3.50 -53.49 8.77
CA GLN Q 94 -4.66 -53.88 9.57
C GLN Q 94 -5.08 -55.30 9.27
N ALA Q 95 -4.96 -55.74 8.02
CA ALA Q 95 -5.26 -57.12 7.68
C ALA Q 95 -4.26 -58.08 8.32
N ALA Q 96 -2.99 -57.67 8.39
CA ALA Q 96 -1.99 -58.50 9.07
C ALA Q 96 -2.24 -58.55 10.58
N LEU Q 97 -2.58 -57.41 11.17
CA LEU Q 97 -2.91 -57.35 12.60
C LEU Q 97 -4.13 -58.18 12.94
N ASP Q 98 -5.06 -58.32 11.99
CA ASP Q 98 -6.18 -59.23 12.18
C ASP Q 98 -5.77 -60.68 11.97
N ARG Q 99 -4.80 -60.92 11.09
CA ARG Q 99 -4.29 -62.26 10.86
C ARG Q 99 -3.52 -62.80 12.07
N LEU Q 100 -3.07 -61.93 12.97
CA LEU Q 100 -2.41 -62.36 14.20
C LEU Q 100 -3.40 -62.54 15.35
N LYS Q 101 -3.18 -63.56 16.18
CA LYS Q 101 -3.97 -63.80 17.38
C LYS Q 101 -3.08 -64.25 18.53
N VAL Q 102 -3.29 -63.68 19.72
CA VAL Q 102 -2.43 -63.92 20.88
C VAL Q 102 -3.28 -64.34 22.06
N PHE Q 103 -2.68 -65.10 22.98
CA PHE Q 103 -3.39 -65.65 24.13
C PHE Q 103 -2.47 -65.71 25.35
N ASP Q 104 -3.07 -65.59 26.52
CA ASP Q 104 -2.41 -65.91 27.77
C ASP Q 104 -2.72 -67.35 28.12
N GLY Q 105 -1.69 -68.12 28.45
CA GLY Q 105 -1.93 -69.54 28.62
C GLY Q 105 -2.20 -70.19 27.27
N ILE Q 106 -2.78 -71.39 27.31
CA ILE Q 106 -3.13 -72.07 26.06
C ILE Q 106 -4.60 -72.44 26.08
N PRO Q 107 -5.46 -71.69 25.39
CA PRO Q 107 -6.89 -71.99 25.38
C PRO Q 107 -7.18 -73.25 24.58
N PRO Q 108 -8.36 -73.86 24.74
CA PRO Q 108 -8.60 -75.18 24.18
C PRO Q 108 -9.20 -75.19 22.78
N PRO Q 109 -8.69 -74.42 21.81
CA PRO Q 109 -8.53 -75.02 20.49
C PRO Q 109 -7.08 -75.39 20.22
N TYR Q 110 -6.18 -74.91 21.07
CA TYR Q 110 -4.75 -75.02 20.82
C TYR Q 110 -4.00 -75.86 21.85
N ASP Q 111 -4.64 -76.24 22.96
CA ASP Q 111 -3.97 -77.09 23.93
C ASP Q 111 -3.77 -78.51 23.44
N LYS Q 112 -4.45 -78.92 22.37
CA LYS Q 112 -4.32 -80.25 21.79
C LYS Q 112 -3.72 -80.15 20.39
N LYS Q 113 -2.70 -79.31 20.24
CA LYS Q 113 -1.97 -79.15 19.00
C LYS Q 113 -0.49 -79.07 19.34
N LYS Q 114 0.33 -79.19 18.30
CA LYS Q 114 1.77 -79.07 18.45
C LYS Q 114 2.16 -77.61 18.32
N ARG Q 115 2.91 -77.11 19.29
CA ARG Q 115 3.37 -75.73 19.29
C ARG Q 115 4.79 -75.67 18.74
N MET Q 116 5.05 -74.65 17.94
CA MET Q 116 6.37 -74.50 17.35
C MET Q 116 7.22 -73.56 18.20
N VAL Q 117 8.49 -73.45 17.81
CA VAL Q 117 9.48 -72.67 18.55
C VAL Q 117 10.34 -71.93 17.53
N VAL Q 118 10.59 -70.65 17.81
CA VAL Q 118 11.45 -69.81 16.99
C VAL Q 118 12.82 -69.65 17.62
N PRO Q 119 13.83 -70.43 17.19
CA PRO Q 119 15.14 -70.39 17.89
C PRO Q 119 15.88 -69.07 17.77
N ALA Q 120 15.55 -68.25 16.77
CA ALA Q 120 16.18 -66.95 16.64
C ALA Q 120 15.66 -65.95 17.67
N ALA Q 121 14.63 -66.29 18.43
CA ALA Q 121 14.12 -65.43 19.48
C ALA Q 121 14.19 -66.08 20.85
N LEU Q 122 14.77 -67.26 20.97
CA LEU Q 122 14.87 -67.97 22.23
C LEU Q 122 15.91 -67.34 23.14
N LYS Q 123 15.59 -67.33 24.44
CA LYS Q 123 16.45 -66.65 25.42
C LYS Q 123 17.77 -67.37 25.56
N VAL Q 124 17.75 -68.71 25.55
CA VAL Q 124 18.96 -69.51 25.66
C VAL Q 124 19.87 -69.34 24.45
N VAL Q 125 19.32 -68.92 23.31
CA VAL Q 125 20.14 -68.73 22.13
C VAL Q 125 20.62 -67.28 22.00
N ARG Q 126 19.79 -66.32 22.40
CA ARG Q 126 20.10 -64.93 22.13
C ARG Q 126 20.67 -64.17 23.32
N LEU Q 127 20.69 -64.73 24.52
CA LEU Q 127 21.28 -64.03 25.65
C LEU Q 127 22.44 -64.85 26.19
N LYS Q 128 23.46 -64.14 26.65
CA LYS Q 128 24.49 -64.79 27.44
C LYS Q 128 23.85 -65.28 28.75
N PRO Q 129 24.27 -66.44 29.26
CA PRO Q 129 23.58 -67.01 30.43
C PRO Q 129 23.86 -66.27 31.71
N THR Q 130 24.90 -65.44 31.75
CA THR Q 130 25.18 -64.57 32.89
C THR Q 130 24.62 -63.16 32.68
N ARG Q 131 23.34 -63.10 32.30
CA ARG Q 131 22.66 -61.83 32.10
C ARG Q 131 21.28 -61.90 32.74
N LYS Q 132 20.83 -60.76 33.25
CA LYS Q 132 19.53 -60.68 33.89
C LYS Q 132 18.45 -60.60 32.83
N PHE Q 133 17.28 -61.15 33.16
CA PHE Q 133 16.12 -61.01 32.29
C PHE Q 133 14.87 -60.89 33.15
N ALA Q 134 13.77 -60.55 32.52
CA ALA Q 134 12.49 -60.40 33.20
C ALA Q 134 11.46 -61.33 32.58
N TYR Q 135 10.37 -61.53 33.32
CA TYR Q 135 9.23 -62.31 32.87
C TYR Q 135 8.06 -61.40 32.59
N LEU Q 136 7.43 -61.60 31.42
CA LEU Q 136 6.32 -60.74 31.02
C LEU Q 136 5.13 -60.94 31.94
N GLY Q 137 4.94 -62.15 32.47
CA GLY Q 137 3.84 -62.40 33.38
C GLY Q 137 4.01 -61.64 34.69
N ARG Q 138 5.21 -61.71 35.27
CA ARG Q 138 5.47 -60.99 36.51
C ARG Q 138 5.41 -59.49 36.30
N LEU Q 139 5.95 -59.00 35.18
CA LEU Q 139 5.89 -57.58 34.87
C LEU Q 139 4.45 -57.11 34.68
N ALA Q 140 3.64 -57.88 33.97
CA ALA Q 140 2.24 -57.55 33.77
C ALA Q 140 1.48 -57.55 35.08
N HIS Q 141 1.75 -58.54 35.94
CA HIS Q 141 1.05 -58.65 37.20
C HIS Q 141 1.37 -57.49 38.12
N GLU Q 142 2.60 -56.97 38.05
CA GLU Q 142 2.95 -55.85 38.91
C GLU Q 142 2.64 -54.49 38.29
N VAL Q 143 2.35 -54.42 37.00
CA VAL Q 143 1.80 -53.20 36.45
C VAL Q 143 0.28 -53.22 36.36
N GLY Q 144 -0.35 -54.29 36.80
CA GLY Q 144 -1.79 -54.25 36.98
C GLY Q 144 -2.63 -55.31 36.31
N TRP Q 145 -2.02 -56.39 35.86
CA TRP Q 145 -2.78 -57.52 35.32
C TRP Q 145 -3.37 -58.33 36.46
N LYS Q 146 -4.64 -58.70 36.29
CA LYS Q 146 -5.42 -59.31 37.36
C LYS Q 146 -5.36 -60.82 37.38
N TYR Q 147 -4.96 -61.45 36.28
CA TYR Q 147 -5.29 -62.86 36.09
C TYR Q 147 -4.08 -63.76 35.97
N GLN Q 148 -3.10 -63.63 36.86
CA GLN Q 148 -1.98 -64.56 36.78
C GLN Q 148 -2.18 -65.78 37.66
N ALA Q 149 -3.08 -65.72 38.65
CA ALA Q 149 -3.30 -66.91 39.47
C ALA Q 149 -4.23 -67.90 38.79
N VAL Q 150 -5.32 -67.41 38.18
CA VAL Q 150 -6.23 -68.28 37.44
C VAL Q 150 -5.54 -68.90 36.22
N THR Q 151 -4.68 -68.14 35.55
CA THR Q 151 -3.91 -68.66 34.43
C THR Q 151 -2.95 -69.75 34.90
N ALA Q 152 -2.36 -69.57 36.08
CA ALA Q 152 -1.44 -70.57 36.63
C ALA Q 152 -2.16 -71.87 36.96
N THR Q 153 -3.35 -71.78 37.56
CA THR Q 153 -4.08 -73.01 37.90
C THR Q 153 -4.59 -73.73 36.65
N LEU Q 154 -5.07 -72.97 35.66
CA LEU Q 154 -5.52 -73.57 34.42
C LEU Q 154 -4.37 -74.21 33.66
N GLU Q 155 -3.18 -73.60 33.71
CA GLU Q 155 -2.00 -74.19 33.10
C GLU Q 155 -1.58 -75.45 33.82
N GLU Q 156 -1.74 -75.50 35.16
CA GLU Q 156 -1.43 -76.71 35.90
C GLU Q 156 -2.36 -77.85 35.50
N LYS Q 157 -3.66 -77.56 35.33
CA LYS Q 157 -4.61 -78.55 34.82
C LYS Q 157 -4.20 -79.04 33.44
N ARG Q 158 -3.84 -78.11 32.55
CA ARG Q 158 -3.45 -78.46 31.20
C ARG Q 158 -2.20 -79.33 31.19
N LYS Q 159 -1.26 -79.05 32.10
CA LYS Q 159 -0.04 -79.84 32.19
C LYS Q 159 -0.31 -81.25 32.71
N GLU Q 160 -1.28 -81.40 33.63
CA GLU Q 160 -1.67 -82.74 34.07
C GLU Q 160 -2.29 -83.55 32.94
N LYS Q 161 -3.18 -82.93 32.17
CA LYS Q 161 -3.79 -83.63 31.04
C LYS Q 161 -2.76 -83.99 29.99
N ALA Q 162 -1.79 -83.11 29.76
CA ALA Q 162 -0.74 -83.38 28.79
C ALA Q 162 0.16 -84.51 29.25
N LYS Q 163 0.41 -84.61 30.57
CA LYS Q 163 1.18 -85.74 31.10
C LYS Q 163 0.46 -87.06 30.88
N ILE Q 164 -0.87 -87.07 31.07
CA ILE Q 164 -1.64 -88.29 30.84
C ILE Q 164 -1.57 -88.71 29.37
N HIS Q 165 -1.76 -87.73 28.47
CA HIS Q 165 -1.72 -88.03 27.03
C HIS Q 165 -0.34 -88.50 26.60
N TYR Q 166 0.71 -87.92 27.20
CA TYR Q 166 2.08 -88.30 26.87
C TYR Q 166 2.38 -89.72 27.35
N ARG Q 167 1.83 -90.13 28.50
CA ARG Q 167 2.05 -91.49 28.95
C ARG Q 167 1.32 -92.50 28.04
N LYS Q 168 0.12 -92.14 27.57
CA LYS Q 168 -0.55 -92.94 26.53
C LYS Q 168 0.31 -93.10 25.29
N LYS Q 169 0.89 -91.98 24.82
CA LYS Q 169 1.70 -92.01 23.61
C LYS Q 169 2.95 -92.88 23.79
N LYS Q 170 3.56 -92.82 24.98
CA LYS Q 170 4.71 -93.68 25.28
C LYS Q 170 4.33 -95.16 25.29
N GLN Q 171 3.16 -95.50 25.86
CA GLN Q 171 2.74 -96.90 25.82
C GLN Q 171 2.48 -97.37 24.39
N LEU Q 172 1.91 -96.50 23.55
CA LEU Q 172 1.70 -96.84 22.14
C LEU Q 172 3.04 -97.04 21.41
N MET Q 173 4.05 -96.23 21.72
CA MET Q 173 5.34 -96.37 21.07
C MET Q 173 6.04 -97.66 21.49
N ARG Q 174 5.93 -98.01 22.77
CA ARG Q 174 6.45 -99.29 23.23
C ARG Q 174 5.76 -100.47 22.55
N LEU Q 175 4.43 -100.37 22.37
CA LEU Q 175 3.71 -101.42 21.66
C LEU Q 175 4.16 -101.54 20.21
N ARG Q 176 4.43 -100.41 19.56
CA ARG Q 176 4.86 -100.43 18.16
C ARG Q 176 6.25 -101.07 18.01
N LYS Q 177 7.16 -100.75 18.95
CA LYS Q 177 8.47 -101.41 18.96
C LYS Q 177 8.35 -102.91 19.18
N GLN Q 178 7.45 -103.32 20.10
CA GLN Q 178 7.19 -104.74 20.34
C GLN Q 178 6.65 -105.41 19.08
N ALA Q 179 5.80 -104.71 18.34
CA ALA Q 179 5.22 -105.28 17.13
C ALA Q 179 6.26 -105.44 16.02
N GLU Q 180 7.22 -104.51 15.93
CA GLU Q 180 8.34 -104.70 15.00
C GLU Q 180 9.15 -105.93 15.36
N LYS Q 181 9.49 -106.09 16.65
CA LYS Q 181 10.22 -107.27 17.09
C LYS Q 181 9.41 -108.55 16.87
N ASN Q 182 8.08 -108.46 16.87
CA ASN Q 182 7.27 -109.64 16.61
C ASN Q 182 7.30 -109.97 15.12
N VAL Q 183 6.71 -109.12 14.29
CA VAL Q 183 6.76 -109.37 12.85
C VAL Q 183 7.89 -108.58 12.19
N GLU Q 184 9.14 -108.96 12.47
CA GLU Q 184 10.23 -108.58 11.60
C GLU Q 184 10.47 -109.58 10.46
N LYS Q 185 10.06 -110.84 10.61
CA LYS Q 185 10.38 -111.84 9.59
C LYS Q 185 9.54 -111.68 8.33
N LYS Q 186 8.43 -110.96 8.39
CA LYS Q 186 7.64 -110.72 7.19
C LYS Q 186 7.79 -109.30 6.64
N ILE Q 187 8.51 -108.43 7.35
CA ILE Q 187 8.85 -107.11 6.84
C ILE Q 187 10.33 -106.96 6.57
N ASP Q 188 11.12 -108.02 6.73
CA ASP Q 188 12.54 -107.98 6.38
C ASP Q 188 12.73 -107.68 4.90
N LYS Q 189 11.81 -108.14 4.04
CA LYS Q 189 11.89 -107.83 2.61
C LYS Q 189 11.68 -106.34 2.36
N TYR Q 190 10.82 -105.69 3.16
CA TYR Q 190 10.51 -104.28 2.97
C TYR Q 190 11.45 -103.38 3.76
N THR Q 191 12.00 -103.88 4.87
CA THR Q 191 12.87 -103.07 5.71
C THR Q 191 14.17 -102.74 4.98
N GLU Q 192 14.73 -103.72 4.26
CA GLU Q 192 16.00 -103.51 3.58
C GLU Q 192 15.88 -102.54 2.41
N VAL Q 193 14.68 -102.38 1.83
CA VAL Q 193 14.45 -101.35 0.82
C VAL Q 193 14.62 -99.97 1.42
N LEU Q 194 14.03 -99.75 2.60
CA LEU Q 194 14.10 -98.46 3.27
C LEU Q 194 15.52 -98.14 3.74
N LYS Q 195 16.25 -99.13 4.27
CA LYS Q 195 17.63 -98.93 4.68
C LYS Q 195 18.54 -98.59 3.51
N THR Q 196 18.21 -99.11 2.32
CA THR Q 196 19.02 -98.86 1.15
C THR Q 196 18.93 -97.40 0.71
N HIS Q 197 17.77 -96.77 0.93
CA HIS Q 197 17.56 -95.40 0.48
C HIS Q 197 17.56 -94.39 1.63
N GLY Q 198 18.20 -94.71 2.75
CA GLY Q 198 18.53 -93.76 3.77
C GLY Q 198 17.52 -93.57 4.88
N LEU Q 199 16.29 -94.01 4.72
CA LEU Q 199 15.40 -94.12 5.87
C LEU Q 199 15.87 -95.28 6.73
N LEU Q 200 15.53 -95.22 8.03
CA LEU Q 200 15.74 -96.30 9.01
C LEU Q 200 17.21 -96.70 9.14
N VAL Q 201 17.99 -95.82 9.76
CA VAL Q 201 19.32 -96.19 10.27
C VAL Q 201 19.22 -97.45 11.15
N VAL R 1 -47.62 -31.53 -17.31
CA VAL R 1 -46.75 -30.93 -18.32
C VAL R 1 -45.64 -31.90 -18.67
N ARG R 2 -44.54 -31.88 -17.90
CA ARG R 2 -43.36 -32.69 -18.20
C ARG R 2 -42.79 -33.19 -16.88
N TYR R 3 -43.27 -34.35 -16.45
CA TYR R 3 -42.83 -34.95 -15.20
C TYR R 3 -41.45 -35.59 -15.35
N SER R 4 -40.67 -35.51 -14.29
CA SER R 4 -39.55 -36.42 -14.18
C SER R 4 -40.10 -37.79 -13.82
N LEU R 5 -39.42 -38.85 -14.32
CA LEU R 5 -39.75 -40.25 -14.07
C LEU R 5 -41.18 -40.58 -14.53
N ASP R 6 -41.37 -40.61 -15.84
CA ASP R 6 -42.61 -41.13 -16.41
C ASP R 6 -42.85 -42.57 -15.98
N PRO R 7 -44.10 -42.99 -15.77
CA PRO R 7 -44.36 -44.30 -15.17
C PRO R 7 -44.21 -45.43 -16.17
N GLU R 8 -44.33 -46.66 -15.64
CA GLU R 8 -44.20 -47.84 -16.47
C GLU R 8 -45.44 -48.06 -17.35
N ASN R 9 -46.63 -47.73 -16.84
CA ASN R 9 -47.86 -47.92 -17.59
C ASN R 9 -48.72 -46.68 -17.39
N PRO R 10 -48.81 -45.82 -18.41
CA PRO R 10 -49.70 -44.65 -18.31
C PRO R 10 -51.15 -44.96 -18.64
N THR R 11 -51.62 -46.13 -18.18
CA THR R 11 -53.04 -46.44 -18.07
C THR R 11 -53.41 -46.96 -16.69
N LYS R 12 -52.46 -47.44 -15.90
CA LYS R 12 -52.70 -47.85 -14.53
C LYS R 12 -52.06 -46.89 -13.53
N SER R 13 -51.49 -45.80 -14.00
CA SER R 13 -50.89 -44.79 -13.16
C SER R 13 -51.74 -43.54 -13.21
N CYS R 14 -51.67 -42.75 -12.14
CA CYS R 14 -52.23 -41.40 -12.14
C CYS R 14 -51.24 -40.44 -11.54
N LYS R 15 -51.26 -39.21 -12.01
CA LYS R 15 -50.23 -38.26 -11.61
C LYS R 15 -50.88 -36.96 -11.15
N SER R 16 -50.12 -36.20 -10.36
CA SER R 16 -50.60 -34.91 -9.90
C SER R 16 -49.39 -34.06 -9.52
N ARG R 17 -49.49 -32.77 -9.79
CA ARG R 17 -48.42 -31.83 -9.48
C ARG R 17 -49.01 -30.56 -8.91
N GLY R 18 -48.11 -29.66 -8.51
CA GLY R 18 -48.48 -28.38 -7.97
C GLY R 18 -47.26 -27.49 -7.92
N SER R 19 -47.42 -26.22 -8.25
CA SER R 19 -46.27 -25.34 -8.40
C SER R 19 -46.49 -24.06 -7.60
N ASN R 20 -45.38 -23.48 -7.16
CA ASN R 20 -45.33 -22.21 -6.42
C ASN R 20 -46.19 -22.27 -5.17
N LEU R 21 -46.03 -23.36 -4.41
CA LEU R 21 -46.80 -23.59 -3.20
C LEU R 21 -46.06 -23.01 -2.00
N ARG R 22 -46.73 -22.14 -1.24
CA ARG R 22 -46.10 -21.49 -0.08
C ARG R 22 -46.13 -22.42 1.13
N VAL R 23 -45.37 -23.49 1.02
CA VAL R 23 -45.00 -24.30 2.17
C VAL R 23 -43.47 -24.36 2.20
N HIS R 24 -42.89 -24.66 3.35
CA HIS R 24 -41.45 -24.81 3.47
C HIS R 24 -40.96 -26.02 2.70
N PHE R 25 -39.96 -25.79 1.83
CA PHE R 25 -39.44 -26.84 0.96
C PHE R 25 -38.80 -27.96 1.77
N LYS R 26 -38.06 -27.60 2.83
CA LYS R 26 -37.35 -28.61 3.60
C LYS R 26 -38.30 -29.51 4.37
N ASN R 27 -39.31 -28.91 5.03
CA ASN R 27 -40.33 -29.69 5.74
C ASN R 27 -41.15 -30.57 4.81
N THR R 28 -41.54 -30.03 3.65
CA THR R 28 -42.34 -30.82 2.72
C THR R 28 -41.51 -31.95 2.11
N ARG R 29 -40.21 -31.73 1.87
CA ARG R 29 -39.36 -32.79 1.34
C ARG R 29 -39.21 -33.92 2.35
N GLU R 30 -39.07 -33.58 3.64
CA GLU R 30 -38.99 -34.63 4.66
C GLU R 30 -40.31 -35.40 4.74
N THR R 31 -41.44 -34.69 4.63
CA THR R 31 -42.74 -35.33 4.68
C THR R 31 -42.95 -36.21 3.43
N ALA R 32 -42.49 -35.75 2.28
CA ALA R 32 -42.61 -36.50 1.04
C ALA R 32 -41.79 -37.78 1.11
N GLN R 33 -40.57 -37.69 1.65
CA GLN R 33 -39.74 -38.90 1.81
C GLN R 33 -40.37 -39.86 2.80
N ALA R 34 -41.06 -39.36 3.81
CA ALA R 34 -41.78 -40.25 4.72
C ALA R 34 -42.97 -40.90 4.03
N ILE R 35 -43.62 -40.17 3.10
CA ILE R 35 -44.82 -40.66 2.47
C ILE R 35 -44.53 -41.62 1.31
N LYS R 36 -43.33 -41.56 0.73
CA LYS R 36 -42.99 -42.34 -0.46
C LYS R 36 -43.09 -43.84 -0.23
N GLY R 37 -43.77 -44.53 -1.14
CA GLY R 37 -43.89 -45.97 -1.09
C GLY R 37 -45.15 -46.48 -0.45
N MET R 38 -45.89 -45.64 0.26
CA MET R 38 -47.06 -46.08 1.01
C MET R 38 -48.25 -46.34 0.10
N HIS R 39 -49.19 -47.10 0.63
CA HIS R 39 -50.53 -47.20 0.06
C HIS R 39 -51.28 -45.90 0.35
N ILE R 40 -52.31 -45.63 -0.46
CA ILE R 40 -52.94 -44.31 -0.43
C ILE R 40 -53.76 -44.11 0.84
N ARG R 41 -54.45 -45.15 1.32
CA ARG R 41 -55.22 -45.04 2.55
C ARG R 41 -54.32 -44.88 3.75
N LYS R 42 -53.22 -45.65 3.77
CA LYS R 42 -52.24 -45.55 4.84
C LYS R 42 -51.56 -44.18 4.82
N ALA R 43 -51.30 -43.63 3.63
CA ALA R 43 -50.69 -42.32 3.54
C ALA R 43 -51.62 -41.21 4.02
N THR R 44 -52.92 -41.31 3.72
CA THR R 44 -53.86 -40.29 4.21
C THR R 44 -54.01 -40.36 5.72
N LYS R 45 -54.22 -41.57 6.26
CA LYS R 45 -54.33 -41.72 7.72
C LYS R 45 -53.04 -41.29 8.43
N TYR R 46 -51.87 -41.56 7.82
CA TYR R 46 -50.61 -41.15 8.41
C TYR R 46 -50.48 -39.63 8.42
N LEU R 47 -50.84 -38.96 7.32
CA LEU R 47 -50.71 -37.51 7.28
C LEU R 47 -51.71 -36.83 8.22
N LYS R 48 -52.88 -37.43 8.42
CA LYS R 48 -53.78 -36.90 9.44
C LYS R 48 -53.27 -37.18 10.84
N ASP R 49 -52.56 -38.30 11.04
CA ASP R 49 -51.88 -38.53 12.30
C ASP R 49 -50.78 -37.51 12.55
N VAL R 50 -50.12 -37.09 11.48
CA VAL R 50 -49.10 -36.05 11.57
C VAL R 50 -49.73 -34.74 12.00
N THR R 51 -50.84 -34.37 11.36
CA THR R 51 -51.50 -33.11 11.69
C THR R 51 -52.17 -33.14 13.07
N LEU R 52 -52.42 -34.32 13.62
CA LEU R 52 -52.88 -34.43 15.01
C LEU R 52 -51.75 -34.75 15.98
N GLN R 53 -50.51 -34.85 15.48
CA GLN R 53 -49.30 -35.09 16.27
C GLN R 53 -49.35 -36.43 16.99
N LYS R 54 -49.88 -37.43 16.32
CA LYS R 54 -49.79 -38.80 16.81
C LYS R 54 -48.68 -39.58 16.15
N GLN R 55 -48.19 -39.13 15.00
CA GLN R 55 -47.07 -39.75 14.31
C GLN R 55 -46.20 -38.64 13.78
N CYS R 56 -44.88 -38.86 13.75
CA CYS R 56 -43.97 -37.80 13.40
C CYS R 56 -43.46 -37.96 11.98
N VAL R 57 -42.85 -36.90 11.48
CA VAL R 57 -42.05 -36.93 10.26
C VAL R 57 -40.59 -36.91 10.67
N PRO R 58 -39.81 -37.94 10.38
CA PRO R 58 -38.39 -37.95 10.75
C PRO R 58 -37.59 -37.01 9.86
N PHE R 59 -36.82 -36.13 10.49
CA PHE R 59 -36.02 -35.16 9.75
C PHE R 59 -34.62 -35.75 9.64
N ARG R 60 -34.25 -36.16 8.43
CA ARG R 60 -33.03 -36.91 8.19
C ARG R 60 -31.93 -36.09 7.56
N ARG R 61 -32.24 -35.27 6.56
CA ARG R 61 -31.26 -34.45 5.90
C ARG R 61 -31.26 -33.01 6.41
N TYR R 62 -32.43 -32.40 6.48
CA TYR R 62 -32.57 -31.02 6.92
C TYR R 62 -32.94 -31.03 8.40
N ASN R 63 -31.95 -31.45 9.20
CA ASN R 63 -32.17 -31.79 10.59
C ASN R 63 -31.38 -30.94 11.57
N GLY R 64 -30.76 -29.85 11.13
CA GLY R 64 -29.92 -29.06 12.03
C GLY R 64 -30.75 -28.26 13.00
N GLY R 65 -30.58 -28.53 14.29
CA GLY R 65 -31.37 -27.84 15.29
C GLY R 65 -32.75 -28.39 15.52
N VAL R 66 -33.08 -29.55 14.99
CA VAL R 66 -34.41 -30.10 15.14
C VAL R 66 -34.44 -30.97 16.39
N GLY R 67 -35.43 -30.77 17.24
CA GLY R 67 -35.51 -31.48 18.48
C GLY R 67 -35.81 -32.96 18.34
N ARG R 68 -35.86 -33.62 19.48
CA ARG R 68 -35.97 -35.06 19.51
C ARG R 68 -37.33 -35.47 20.04
N CYS R 69 -37.80 -36.60 19.54
CA CYS R 69 -39.19 -36.99 19.66
C CYS R 69 -39.22 -38.49 19.87
N ALA R 70 -40.17 -38.96 20.65
CA ALA R 70 -40.29 -40.40 20.87
C ALA R 70 -40.91 -41.11 19.69
N GLN R 71 -41.57 -40.38 18.80
CA GLN R 71 -42.25 -40.99 17.65
C GLN R 71 -41.32 -41.26 16.47
N ALA R 72 -40.03 -40.91 16.56
CA ALA R 72 -39.10 -41.20 15.48
C ALA R 72 -38.54 -42.62 15.56
N LYS R 73 -38.67 -43.26 16.71
CA LYS R 73 -38.27 -44.64 16.86
C LYS R 73 -39.06 -45.62 15.99
N GLN R 74 -40.23 -45.22 15.49
CA GLN R 74 -40.85 -46.01 14.43
C GLN R 74 -40.02 -45.96 13.16
N TRP R 75 -39.87 -44.77 12.58
CA TRP R 75 -38.84 -44.53 11.57
C TRP R 75 -37.56 -44.29 12.35
N GLY R 76 -36.90 -45.37 12.76
CA GLY R 76 -35.77 -45.39 13.69
C GLY R 76 -34.66 -44.41 13.41
N TRP R 77 -34.68 -43.37 14.24
CA TRP R 77 -34.05 -42.08 14.05
C TRP R 77 -34.37 -41.35 15.35
N THR R 78 -33.82 -40.18 15.51
CA THR R 78 -33.99 -39.47 16.77
C THR R 78 -34.66 -38.14 16.60
N GLN R 79 -34.57 -37.52 15.44
CA GLN R 79 -35.14 -36.21 15.21
C GLN R 79 -36.41 -36.31 14.39
N GLY R 80 -37.45 -35.64 14.85
CA GLY R 80 -38.71 -35.63 14.15
C GLY R 80 -39.50 -34.41 14.49
N ARG R 81 -40.44 -34.07 13.61
CA ARG R 81 -41.31 -32.94 13.82
C ARG R 81 -42.68 -33.27 13.26
N TRP R 82 -43.55 -32.28 13.20
CA TRP R 82 -44.93 -32.49 12.78
C TRP R 82 -45.35 -31.39 11.84
N PRO R 83 -44.88 -31.42 10.58
CA PRO R 83 -45.15 -30.30 9.67
C PRO R 83 -46.60 -30.27 9.22
N LYS R 84 -47.33 -29.32 9.79
CA LYS R 84 -48.77 -29.23 9.58
C LYS R 84 -49.08 -28.75 8.18
N LYS R 85 -48.42 -27.68 7.73
CA LYS R 85 -48.68 -27.11 6.42
C LYS R 85 -48.26 -28.08 5.32
N SER R 86 -47.12 -28.76 5.51
CA SER R 86 -46.68 -29.78 4.57
C SER R 86 -47.66 -30.93 4.51
N ALA R 87 -48.16 -31.38 5.66
CA ALA R 87 -49.13 -32.47 5.70
C ALA R 87 -50.42 -32.09 4.97
N GLU R 88 -50.92 -30.87 5.18
CA GLU R 88 -52.17 -30.49 4.52
C GLU R 88 -52.00 -30.27 3.02
N PHE R 89 -50.85 -29.74 2.60
CA PHE R 89 -50.59 -29.59 1.17
C PHE R 89 -50.47 -30.95 0.48
N LEU R 90 -49.77 -31.89 1.14
CA LEU R 90 -49.67 -33.24 0.58
C LEU R 90 -51.00 -33.96 0.57
N LEU R 91 -51.86 -33.71 1.56
CA LEU R 91 -53.19 -34.31 1.56
C LEU R 91 -54.05 -33.77 0.44
N HIS R 92 -53.95 -32.46 0.18
CA HIS R 92 -54.66 -31.87 -0.95
C HIS R 92 -54.20 -32.46 -2.27
N MET R 93 -52.88 -32.63 -2.43
CA MET R 93 -52.36 -33.23 -3.65
C MET R 93 -52.71 -34.71 -3.77
N LEU R 94 -52.79 -35.42 -2.64
CA LEU R 94 -53.16 -36.83 -2.67
C LEU R 94 -54.63 -36.99 -3.06
N LYS R 95 -55.50 -36.11 -2.57
CA LYS R 95 -56.90 -36.22 -2.95
C LYS R 95 -57.13 -35.77 -4.39
N ASN R 96 -56.31 -34.84 -4.89
CA ASN R 96 -56.37 -34.53 -6.32
C ASN R 96 -55.93 -35.73 -7.15
N ALA R 97 -54.94 -36.48 -6.65
CA ALA R 97 -54.47 -37.66 -7.36
C ALA R 97 -55.53 -38.75 -7.38
N GLU R 98 -56.22 -38.98 -6.27
CA GLU R 98 -57.27 -39.99 -6.29
C GLU R 98 -58.47 -39.52 -7.12
N SER R 99 -58.68 -38.21 -7.23
CA SER R 99 -59.72 -37.71 -8.12
C SER R 99 -59.36 -37.95 -9.57
N ASN R 100 -58.09 -37.77 -9.94
CA ASN R 100 -57.65 -38.09 -11.29
C ASN R 100 -57.77 -39.59 -11.57
N ALA R 101 -57.48 -40.40 -10.56
CA ALA R 101 -57.60 -41.86 -10.72
C ALA R 101 -59.04 -42.31 -10.93
N GLU R 102 -59.97 -41.75 -10.16
CA GLU R 102 -61.38 -42.11 -10.39
C GLU R 102 -61.92 -41.52 -11.68
N LEU R 103 -61.36 -40.40 -12.13
CA LEU R 103 -61.76 -39.82 -13.40
C LEU R 103 -61.35 -40.74 -14.55
N LYS R 104 -60.09 -41.19 -14.56
CA LYS R 104 -59.66 -42.13 -15.59
C LYS R 104 -60.03 -43.58 -15.27
N GLY R 105 -60.73 -43.83 -14.16
CA GLY R 105 -61.36 -45.11 -13.92
C GLY R 105 -60.43 -46.21 -13.45
N LEU R 106 -59.80 -46.04 -12.30
CA LEU R 106 -58.99 -47.07 -11.68
C LEU R 106 -59.48 -47.37 -10.27
N ASP R 107 -59.07 -48.54 -9.76
CA ASP R 107 -59.42 -48.93 -8.40
C ASP R 107 -58.63 -48.04 -7.45
N VAL R 108 -59.34 -47.15 -6.76
CA VAL R 108 -58.68 -46.19 -5.89
C VAL R 108 -58.20 -46.81 -4.59
N ASP R 109 -58.76 -47.95 -4.19
CA ASP R 109 -58.37 -48.63 -2.97
C ASP R 109 -57.13 -49.50 -3.15
N SER R 110 -56.40 -49.35 -4.25
CA SER R 110 -55.19 -50.11 -4.48
C SER R 110 -54.10 -49.28 -5.16
N LEU R 111 -54.07 -47.99 -4.89
CA LEU R 111 -53.02 -47.12 -5.40
C LEU R 111 -51.88 -47.01 -4.40
N VAL R 112 -50.67 -46.92 -4.94
CA VAL R 112 -49.45 -46.81 -4.14
C VAL R 112 -48.63 -45.67 -4.72
N ILE R 113 -48.08 -44.83 -3.83
CA ILE R 113 -47.23 -43.71 -4.25
C ILE R 113 -45.95 -44.30 -4.80
N GLU R 114 -45.80 -44.31 -6.13
CA GLU R 114 -44.59 -44.85 -6.71
C GLU R 114 -43.50 -43.81 -6.86
N HIS R 115 -43.86 -42.56 -7.08
CA HIS R 115 -42.89 -41.49 -7.27
C HIS R 115 -43.38 -40.21 -6.63
N ILE R 116 -42.51 -39.50 -5.94
CA ILE R 116 -42.85 -38.20 -5.38
C ILE R 116 -41.57 -37.41 -5.26
N GLN R 117 -41.57 -36.18 -5.77
CA GLN R 117 -40.41 -35.34 -5.56
C GLN R 117 -40.85 -33.92 -5.30
N VAL R 118 -39.97 -33.21 -4.60
CA VAL R 118 -40.13 -31.81 -4.25
C VAL R 118 -38.95 -31.04 -4.81
N ASN R 119 -39.24 -30.06 -5.65
CA ASN R 119 -38.24 -29.13 -6.18
C ASN R 119 -38.43 -27.78 -5.55
N LYS R 120 -37.38 -26.97 -5.54
CA LYS R 120 -37.51 -25.60 -5.11
C LYS R 120 -38.17 -24.75 -6.19
N ALA R 121 -39.02 -23.83 -5.77
CA ALA R 121 -39.68 -22.87 -6.63
C ALA R 121 -38.89 -21.56 -6.61
N PRO R 122 -39.21 -20.58 -7.47
CA PRO R 122 -38.59 -19.26 -7.32
C PRO R 122 -38.95 -18.59 -6.01
N LYS R 123 -37.97 -17.93 -5.39
CA LYS R 123 -38.18 -17.32 -4.09
C LYS R 123 -38.92 -16.01 -4.22
N MET R 124 -39.72 -15.71 -3.21
CA MET R 124 -40.45 -14.46 -3.11
C MET R 124 -39.82 -13.65 -1.99
N ARG R 125 -39.72 -12.35 -2.20
CA ARG R 125 -38.78 -11.50 -1.49
C ARG R 125 -39.53 -10.55 -0.59
N ARG R 126 -39.23 -10.59 0.70
CA ARG R 126 -39.68 -9.60 1.67
C ARG R 126 -38.47 -9.04 2.40
N ARG R 127 -38.73 -8.12 3.32
CA ARG R 127 -37.69 -7.42 4.04
C ARG R 127 -37.76 -7.70 5.54
N THR R 128 -36.65 -7.45 6.21
CA THR R 128 -36.60 -7.35 7.65
C THR R 128 -35.68 -6.18 7.98
N TYR R 129 -35.87 -5.59 9.16
CA TYR R 129 -35.13 -4.40 9.54
C TYR R 129 -34.14 -4.74 10.64
N ARG R 130 -32.90 -4.30 10.48
CA ARG R 130 -31.80 -4.69 11.34
C ARG R 130 -31.24 -3.46 12.03
N ALA R 131 -30.16 -3.67 12.80
CA ALA R 131 -29.80 -2.81 13.92
C ALA R 131 -29.33 -1.44 13.46
N HIS R 132 -28.28 -1.37 12.65
CA HIS R 132 -27.71 -0.09 12.30
C HIS R 132 -28.17 0.36 10.91
N GLY R 133 -29.49 0.52 10.79
CA GLY R 133 -30.09 0.97 9.55
C GLY R 133 -29.89 0.03 8.38
N ARG R 134 -29.82 -1.27 8.64
CA ARG R 134 -29.69 -2.25 7.58
C ARG R 134 -31.01 -2.94 7.29
N ILE R 135 -31.14 -3.43 6.06
CA ILE R 135 -32.30 -4.19 5.64
C ILE R 135 -31.80 -5.50 5.07
N ASN R 136 -32.31 -6.59 5.58
CA ASN R 136 -31.85 -7.90 5.22
C ASN R 136 -32.97 -8.64 4.49
N PRO R 137 -32.68 -9.72 3.77
CA PRO R 137 -33.76 -10.41 3.07
C PRO R 137 -34.59 -11.26 4.02
N TYR R 138 -35.82 -11.50 3.62
CA TYR R 138 -36.79 -12.25 4.40
C TYR R 138 -37.52 -13.19 3.45
N MET R 139 -36.75 -13.95 2.69
CA MET R 139 -37.26 -14.75 1.59
C MET R 139 -38.09 -15.92 2.09
N SER R 140 -38.96 -16.39 1.21
CA SER R 140 -39.71 -17.62 1.39
C SER R 140 -39.14 -18.68 0.48
N SER R 141 -39.39 -19.94 0.84
CA SER R 141 -38.83 -21.08 0.13
C SER R 141 -39.97 -21.97 -0.37
N PRO R 142 -40.67 -21.56 -1.42
CA PRO R 142 -41.77 -22.37 -1.94
C PRO R 142 -41.25 -23.54 -2.75
N CYS R 143 -42.17 -24.41 -3.14
CA CYS R 143 -41.75 -25.64 -3.78
C CYS R 143 -42.74 -26.06 -4.86
N HIS R 144 -42.20 -26.72 -5.87
CA HIS R 144 -43.02 -27.54 -6.75
C HIS R 144 -43.06 -28.92 -6.15
N ILE R 145 -44.20 -29.57 -6.24
CA ILE R 145 -44.31 -30.97 -5.84
C ILE R 145 -44.89 -31.73 -7.02
N GLU R 146 -44.43 -32.96 -7.23
CA GLU R 146 -45.08 -33.84 -8.17
C GLU R 146 -45.10 -35.25 -7.60
N MET R 147 -46.11 -36.01 -7.98
CA MET R 147 -46.25 -37.38 -7.53
C MET R 147 -46.97 -38.20 -8.60
N ILE R 148 -46.64 -39.48 -8.63
CA ILE R 148 -47.26 -40.46 -9.51
C ILE R 148 -47.66 -41.64 -8.65
N LEU R 149 -48.95 -41.95 -8.63
CA LEU R 149 -49.50 -43.13 -7.98
C LEU R 149 -49.68 -44.22 -9.01
N THR R 150 -49.78 -45.45 -8.54
CA THR R 150 -49.79 -46.61 -9.41
C THR R 150 -50.70 -47.69 -8.84
N GLU R 151 -51.63 -48.16 -9.65
CA GLU R 151 -52.51 -49.27 -9.30
C GLU R 151 -51.68 -50.53 -9.16
N LYS R 152 -51.61 -51.08 -7.94
CA LYS R 152 -51.01 -52.39 -7.70
C LYS R 152 -51.49 -52.92 -6.36
N GLU R 153 -51.91 -54.17 -6.33
CA GLU R 153 -52.27 -54.81 -5.06
C GLU R 153 -51.72 -56.22 -4.97
N GLY S 1 25.12 -36.33 -16.03
CA GLY S 1 25.30 -34.93 -16.36
C GLY S 1 26.67 -34.63 -16.92
N VAL S 2 26.71 -33.72 -17.89
CA VAL S 2 27.96 -33.30 -18.53
C VAL S 2 28.11 -31.81 -18.27
N ASP S 3 29.35 -31.35 -18.17
CA ASP S 3 29.59 -29.92 -17.94
C ASP S 3 29.94 -29.28 -19.29
N ILE S 4 28.91 -28.82 -19.98
CA ILE S 4 29.06 -28.01 -21.17
C ILE S 4 28.11 -26.83 -21.06
N ARG S 5 28.51 -25.71 -21.63
CA ARG S 5 27.62 -24.57 -21.76
C ARG S 5 26.89 -24.67 -23.08
N HIS S 6 25.60 -24.34 -23.07
CA HIS S 6 24.76 -24.45 -24.24
C HIS S 6 24.45 -23.11 -24.87
N ASN S 7 25.05 -22.03 -24.37
CA ASN S 7 24.68 -20.69 -24.80
C ASN S 7 25.29 -20.33 -26.14
N LYS S 8 26.21 -21.14 -26.68
CA LYS S 8 26.83 -20.87 -27.97
C LYS S 8 26.61 -22.01 -28.95
N ASP S 9 25.64 -22.90 -28.68
CA ASP S 9 25.46 -24.06 -29.54
C ASP S 9 24.80 -23.68 -30.86
N ARG S 10 23.74 -22.90 -30.79
CA ARG S 10 23.10 -22.38 -31.99
C ARG S 10 23.93 -21.27 -32.59
N LYS S 11 24.45 -21.48 -33.80
CA LYS S 11 25.18 -20.43 -34.49
C LYS S 11 24.20 -19.51 -35.20
N VAL S 12 24.29 -18.21 -34.92
CA VAL S 12 23.40 -17.21 -35.50
C VAL S 12 23.92 -16.88 -36.89
N ARG S 13 23.30 -17.43 -37.93
CA ARG S 13 23.68 -17.14 -39.30
C ARG S 13 22.48 -17.32 -40.20
N ARG S 14 22.48 -16.63 -41.34
CA ARG S 14 21.42 -16.76 -42.32
C ARG S 14 21.57 -18.09 -43.04
N LYS S 15 20.47 -18.83 -43.17
CA LYS S 15 20.44 -20.07 -43.95
C LYS S 15 19.58 -19.96 -45.19
N GLU S 16 18.80 -18.90 -45.31
CA GLU S 16 18.00 -18.61 -46.48
C GLU S 16 17.74 -17.11 -46.48
N PRO S 17 17.33 -16.53 -47.60
CA PRO S 17 16.94 -15.12 -47.55
C PRO S 17 15.64 -14.95 -46.80
N LYS S 18 15.57 -13.87 -46.01
CA LYS S 18 14.34 -13.49 -45.33
C LYS S 18 13.27 -13.02 -46.31
N SER S 19 13.66 -12.66 -47.52
CA SER S 19 12.76 -12.14 -48.53
C SER S 19 11.75 -13.19 -48.98
N GLN S 20 10.63 -12.72 -49.51
CA GLN S 20 9.69 -13.57 -50.22
C GLN S 20 9.75 -13.29 -51.73
N ASP S 21 10.90 -12.83 -52.19
CA ASP S 21 11.09 -12.55 -53.61
C ASP S 21 11.35 -13.85 -54.34
N ILE S 22 10.46 -14.18 -55.28
CA ILE S 22 10.49 -15.52 -55.85
C ILE S 22 11.64 -15.67 -56.84
N TYR S 23 12.05 -14.58 -57.50
CA TYR S 23 13.20 -14.65 -58.40
C TYR S 23 14.49 -14.87 -57.62
N LEU S 24 14.61 -14.19 -56.47
CA LEU S 24 15.72 -14.40 -55.57
C LEU S 24 15.71 -15.81 -55.00
N ARG S 25 14.52 -16.34 -54.67
CA ARG S 25 14.43 -17.72 -54.21
C ARG S 25 14.87 -18.70 -55.27
N LEU S 26 14.54 -18.42 -56.54
CA LEU S 26 14.92 -19.29 -57.63
C LEU S 26 16.43 -19.30 -57.82
N LEU S 27 17.05 -18.12 -57.84
CA LEU S 27 18.50 -18.16 -58.02
C LEU S 27 19.25 -18.56 -56.75
N VAL S 28 18.59 -18.51 -55.58
CA VAL S 28 19.16 -19.15 -54.39
C VAL S 28 19.10 -20.67 -54.52
N LYS S 29 18.03 -21.21 -55.11
CA LYS S 29 17.97 -22.64 -55.42
C LYS S 29 19.10 -23.06 -56.36
N LEU S 30 19.30 -22.26 -57.41
CA LEU S 30 20.34 -22.55 -58.40
C LEU S 30 21.72 -22.51 -57.78
N TYR S 31 22.02 -21.46 -57.01
CA TYR S 31 23.35 -21.34 -56.44
C TYR S 31 23.56 -22.25 -55.24
N ARG S 32 22.48 -22.67 -54.58
CA ARG S 32 22.56 -23.69 -53.54
C ARG S 32 22.93 -25.04 -54.14
N PHE S 33 22.34 -25.36 -55.29
CA PHE S 33 22.73 -26.55 -56.03
C PHE S 33 24.18 -26.48 -56.47
N LEU S 34 24.60 -25.33 -56.98
CA LEU S 34 25.96 -25.16 -57.47
C LEU S 34 26.97 -25.29 -56.33
N ALA S 35 26.71 -24.64 -55.20
CA ALA S 35 27.60 -24.73 -54.05
C ALA S 35 27.64 -26.13 -53.47
N ARG S 36 26.54 -26.89 -53.55
CA ARG S 36 26.57 -28.25 -53.04
C ARG S 36 27.35 -29.17 -53.98
N ARG S 37 26.95 -29.20 -55.26
CA ARG S 37 27.47 -30.17 -56.22
C ARG S 37 28.71 -29.70 -56.94
N THR S 38 29.29 -28.58 -56.52
CA THR S 38 30.49 -28.05 -57.11
C THR S 38 31.51 -27.80 -56.00
N ASN S 39 32.80 -27.84 -56.35
CA ASN S 39 33.86 -27.50 -55.41
C ASN S 39 34.24 -26.02 -55.48
N SER S 40 33.30 -25.15 -55.78
CA SER S 40 33.60 -23.73 -55.96
C SER S 40 33.30 -22.94 -54.68
N THR S 41 34.37 -22.51 -54.04
CA THR S 41 34.26 -21.57 -52.93
C THR S 41 33.63 -20.26 -53.36
N PHE S 42 33.81 -19.90 -54.65
CA PHE S 42 33.09 -18.76 -55.22
C PHE S 42 31.58 -18.94 -55.09
N ASN S 43 31.09 -20.12 -55.49
CA ASN S 43 29.65 -20.40 -55.41
C ASN S 43 29.17 -20.37 -53.96
N GLN S 44 30.02 -20.83 -53.02
CA GLN S 44 29.63 -20.80 -51.61
C GLN S 44 29.53 -19.35 -51.10
N VAL S 45 30.49 -18.51 -51.47
CA VAL S 45 30.47 -17.10 -51.05
C VAL S 45 29.27 -16.38 -51.66
N VAL S 46 28.98 -16.67 -52.93
CA VAL S 46 27.84 -16.05 -53.62
C VAL S 46 26.53 -16.49 -52.97
N LEU S 47 26.44 -17.75 -52.55
CA LEU S 47 25.24 -18.26 -51.88
C LEU S 47 25.00 -17.54 -50.56
N LYS S 48 26.02 -17.45 -49.70
CA LYS S 48 25.80 -16.81 -48.40
C LYS S 48 25.56 -15.31 -48.54
N ARG S 49 26.19 -14.66 -49.52
CA ARG S 49 25.90 -13.26 -49.78
C ARG S 49 24.49 -13.08 -50.34
N LEU S 50 23.97 -14.08 -51.05
CA LEU S 50 22.58 -14.05 -51.47
C LEU S 50 21.65 -14.15 -50.26
N PHE S 51 22.05 -14.91 -49.24
CA PHE S 51 21.27 -14.98 -48.02
C PHE S 51 21.22 -13.63 -47.30
N MET S 52 22.33 -12.88 -47.37
CA MET S 52 22.55 -11.67 -46.57
C MET S 52 21.46 -10.60 -46.77
N SER S 53 21.41 -9.69 -45.82
CA SER S 53 20.44 -8.60 -45.77
C SER S 53 20.94 -7.40 -46.57
N ARG S 54 20.07 -6.40 -46.73
CA ARG S 54 20.35 -5.31 -47.66
C ARG S 54 21.46 -4.40 -47.14
N THR S 55 21.50 -4.19 -45.82
CA THR S 55 22.60 -3.43 -45.24
C THR S 55 23.91 -4.18 -45.35
N ASN S 56 23.86 -5.50 -45.40
CA ASN S 56 25.05 -6.32 -45.61
C ASN S 56 25.39 -6.43 -47.09
N ARG S 57 24.56 -5.91 -47.97
CA ARG S 57 24.82 -5.84 -49.41
C ARG S 57 24.74 -4.37 -49.84
N PRO S 58 25.76 -3.57 -49.56
CA PRO S 58 25.71 -2.15 -49.93
C PRO S 58 25.85 -1.97 -51.43
N PRO S 59 25.41 -0.84 -51.99
CA PRO S 59 25.55 -0.64 -53.43
C PRO S 59 27.00 -0.37 -53.83
N LEU S 60 27.42 -1.00 -54.91
CA LEU S 60 28.77 -0.79 -55.42
C LEU S 60 28.71 0.31 -56.48
N SER S 61 29.59 1.28 -56.38
CA SER S 61 29.59 2.38 -57.31
C SER S 61 30.36 2.01 -58.58
N LEU S 62 29.93 2.63 -59.69
CA LEU S 62 30.55 2.39 -60.98
C LEU S 62 32.01 2.79 -61.00
N SER S 63 32.36 3.88 -60.32
CA SER S 63 33.74 4.34 -60.31
C SER S 63 34.63 3.40 -59.49
N ARG S 64 34.10 2.89 -58.38
CA ARG S 64 34.84 1.94 -57.56
C ARG S 64 35.09 0.66 -58.34
N MET S 65 34.09 0.20 -59.10
CA MET S 65 34.30 -0.99 -59.90
C MET S 65 35.22 -0.73 -61.08
N ILE S 66 35.24 0.51 -61.61
CA ILE S 66 36.19 0.88 -62.65
C ILE S 66 37.61 0.78 -62.12
N ARG S 67 37.83 1.24 -60.88
CA ARG S 67 39.17 1.17 -60.28
C ARG S 67 39.59 -0.28 -60.04
N LYS S 68 38.67 -1.09 -59.49
CA LYS S 68 39.04 -2.47 -59.19
C LYS S 68 39.23 -3.30 -60.46
N MET S 69 38.58 -2.94 -61.57
CA MET S 69 38.90 -3.59 -62.84
C MET S 69 40.18 -3.06 -63.46
N LYS S 70 40.48 -1.78 -63.23
CA LYS S 70 41.66 -1.15 -63.79
C LYS S 70 42.93 -1.68 -63.16
N LEU S 71 42.83 -2.23 -61.93
CA LEU S 71 43.89 -2.97 -61.23
C LEU S 71 44.55 -4.00 -62.15
N PRO S 72 45.85 -4.29 -61.98
CA PRO S 72 46.57 -5.13 -62.96
C PRO S 72 46.16 -6.60 -62.95
N GLY S 73 46.29 -7.21 -64.13
CA GLY S 73 46.02 -8.62 -64.28
C GLY S 73 44.57 -8.98 -64.50
N ARG S 74 43.66 -8.00 -64.49
CA ARG S 74 42.23 -8.26 -64.57
C ARG S 74 41.66 -7.86 -65.92
N GLU S 75 42.41 -8.12 -66.99
CA GLU S 75 41.87 -7.86 -68.32
C GLU S 75 40.85 -8.92 -68.68
N ASN S 76 39.78 -8.46 -69.34
CA ASN S 76 38.59 -9.21 -69.78
C ASN S 76 38.14 -10.27 -68.78
N LYS S 77 38.05 -9.89 -67.51
CA LYS S 77 37.42 -10.70 -66.48
C LYS S 77 36.01 -10.18 -66.22
N THR S 78 35.19 -11.01 -65.58
CA THR S 78 33.82 -10.63 -65.28
C THR S 78 33.76 -10.09 -63.86
N ALA S 79 33.33 -8.85 -63.73
CA ALA S 79 33.18 -8.24 -62.41
C ALA S 79 31.86 -8.70 -61.84
N VAL S 80 31.86 -9.28 -60.66
CA VAL S 80 30.65 -9.87 -60.08
C VAL S 80 30.41 -9.21 -58.73
N VAL S 81 29.26 -8.56 -58.61
CA VAL S 81 28.77 -8.09 -57.32
C VAL S 81 27.38 -8.64 -57.09
N VAL S 82 27.13 -9.05 -55.86
CA VAL S 82 25.80 -9.45 -55.44
C VAL S 82 25.24 -8.31 -54.59
N GLY S 83 24.43 -7.47 -55.23
CA GLY S 83 24.12 -6.14 -54.75
C GLY S 83 23.73 -5.27 -55.93
N THR S 84 23.99 -3.97 -55.81
CA THR S 84 23.48 -3.01 -56.75
C THR S 84 24.63 -2.22 -57.34
N ILE S 85 24.65 -2.09 -58.66
CA ILE S 85 25.56 -1.18 -59.34
C ILE S 85 24.85 0.16 -59.46
N THR S 86 25.39 1.19 -58.85
CA THR S 86 24.89 2.54 -59.03
C THR S 86 25.81 3.32 -59.95
N ASP S 87 25.30 4.43 -60.46
CA ASP S 87 26.09 5.29 -61.32
C ASP S 87 26.94 6.21 -60.47
N ASP S 88 28.07 6.62 -61.02
CA ASP S 88 28.88 7.67 -60.44
C ASP S 88 29.01 8.78 -61.46
N VAL S 89 28.45 9.95 -61.15
CA VAL S 89 28.53 11.11 -62.04
C VAL S 89 29.87 11.81 -61.98
N ARG S 90 30.78 11.38 -61.10
CA ARG S 90 32.09 11.98 -60.99
C ARG S 90 33.10 11.44 -61.99
N VAL S 91 32.78 10.38 -62.72
CA VAL S 91 33.67 9.82 -63.73
C VAL S 91 33.08 10.12 -65.11
N GLN S 92 33.92 10.58 -66.02
CA GLN S 92 33.46 11.11 -67.30
C GLN S 92 33.50 10.06 -68.39
N GLU S 93 34.50 9.19 -68.38
CA GLU S 93 34.63 8.18 -69.40
C GLU S 93 34.54 6.81 -68.75
N VAL S 94 33.95 5.87 -69.48
CA VAL S 94 33.71 4.51 -68.99
C VAL S 94 34.38 3.56 -69.96
N PRO S 95 35.24 2.67 -69.50
CA PRO S 95 35.74 1.62 -70.38
C PRO S 95 34.70 0.55 -70.63
N LYS S 96 34.99 -0.42 -71.49
CA LYS S 96 34.07 -1.52 -71.68
C LYS S 96 34.29 -2.55 -70.58
N LEU S 97 33.20 -3.15 -70.14
CA LEU S 97 33.20 -3.97 -68.95
C LEU S 97 32.27 -5.15 -69.16
N LYS S 98 32.54 -6.24 -68.46
CA LYS S 98 31.67 -7.40 -68.44
C LYS S 98 31.29 -7.59 -66.98
N VAL S 99 30.09 -7.15 -66.62
CA VAL S 99 29.68 -7.06 -65.23
C VAL S 99 28.58 -8.08 -65.01
N CYS S 100 28.37 -8.44 -63.76
CA CYS S 100 27.29 -9.33 -63.33
C CYS S 100 26.79 -8.80 -62.01
N ALA S 101 25.52 -8.45 -61.96
CA ALA S 101 24.98 -7.89 -60.72
C ALA S 101 23.57 -8.38 -60.48
N LEU S 102 23.14 -8.27 -59.23
CA LEU S 102 21.75 -8.53 -58.91
C LEU S 102 20.85 -7.44 -59.50
N ARG S 103 21.38 -6.23 -59.62
CA ARG S 103 20.56 -5.08 -59.94
C ARG S 103 21.47 -3.96 -60.38
N VAL S 104 21.12 -3.33 -61.48
CA VAL S 104 21.89 -2.22 -62.04
C VAL S 104 20.93 -1.08 -62.21
N THR S 105 21.30 0.12 -61.77
CA THR S 105 20.39 1.26 -61.94
C THR S 105 20.36 1.67 -63.41
N SER S 106 19.40 2.52 -63.74
CA SER S 106 19.10 2.82 -65.14
C SER S 106 20.26 3.55 -65.82
N ARG S 107 20.77 4.60 -65.18
CA ARG S 107 21.82 5.38 -65.83
C ARG S 107 23.14 4.63 -65.84
N ALA S 108 23.42 3.83 -64.80
CA ALA S 108 24.61 2.99 -64.82
C ALA S 108 24.53 1.95 -65.92
N ARG S 109 23.35 1.35 -66.12
CA ARG S 109 23.17 0.37 -67.18
C ARG S 109 23.33 1.01 -68.54
N SER S 110 22.74 2.19 -68.74
CA SER S 110 22.88 2.90 -70.00
C SER S 110 24.31 3.29 -70.28
N ARG S 111 25.05 3.72 -69.25
CA ARG S 111 26.44 4.11 -69.44
C ARG S 111 27.31 2.92 -69.80
N ILE S 112 27.07 1.77 -69.16
CA ILE S 112 27.83 0.57 -69.49
C ILE S 112 27.51 0.10 -70.91
N LEU S 113 26.22 0.06 -71.27
CA LEU S 113 25.82 -0.44 -72.59
C LEU S 113 26.32 0.46 -73.71
N ARG S 114 26.17 1.79 -73.56
CA ARG S 114 26.65 2.65 -74.62
C ARG S 114 28.16 2.87 -74.57
N ALA S 115 28.83 2.50 -73.47
CA ALA S 115 30.28 2.34 -73.52
C ALA S 115 30.68 1.06 -74.21
N GLY S 116 29.77 0.10 -74.31
CA GLY S 116 29.98 -1.06 -75.15
C GLY S 116 30.31 -2.33 -74.39
N GLY S 117 29.81 -2.43 -73.16
CA GLY S 117 30.04 -3.60 -72.33
C GLY S 117 28.82 -4.48 -72.23
N LYS S 118 28.95 -5.51 -71.41
CA LYS S 118 27.89 -6.48 -71.21
C LYS S 118 27.52 -6.51 -69.74
N ILE S 119 26.22 -6.72 -69.48
CA ILE S 119 25.68 -6.85 -68.13
C ILE S 119 25.00 -8.20 -68.02
N LEU S 120 25.38 -8.98 -67.02
CA LEU S 120 24.77 -10.27 -66.78
C LEU S 120 24.05 -10.29 -65.43
N THR S 121 23.06 -11.16 -65.37
CA THR S 121 22.40 -11.57 -64.15
C THR S 121 23.01 -12.89 -63.70
N PHE S 122 22.51 -13.43 -62.61
CA PHE S 122 23.18 -14.60 -62.05
C PHE S 122 22.85 -15.89 -62.78
N ASP S 123 21.68 -15.97 -63.42
CA ASP S 123 21.36 -17.15 -64.22
C ASP S 123 22.25 -17.23 -65.46
N GLN S 124 22.42 -16.12 -66.18
CA GLN S 124 23.31 -16.14 -67.33
C GLN S 124 24.78 -16.14 -66.93
N LEU S 125 25.11 -15.69 -65.73
CA LEU S 125 26.45 -15.91 -65.21
C LEU S 125 26.70 -17.40 -65.05
N ALA S 126 25.73 -18.12 -64.46
CA ALA S 126 25.86 -19.56 -64.30
C ALA S 126 25.91 -20.28 -65.65
N LEU S 127 25.24 -19.74 -66.69
CA LEU S 127 25.44 -20.33 -68.02
C LEU S 127 26.84 -20.07 -68.55
N ASP S 128 27.35 -18.85 -68.42
CA ASP S 128 28.66 -18.52 -68.99
C ASP S 128 29.79 -19.19 -68.23
N SER S 129 29.97 -18.83 -66.96
CA SER S 129 31.02 -19.38 -66.10
C SER S 129 30.35 -20.08 -64.93
N PRO S 130 30.03 -21.37 -65.04
CA PRO S 130 29.38 -22.07 -63.92
C PRO S 130 30.27 -22.34 -62.74
N LYS S 131 31.59 -22.41 -62.93
CA LYS S 131 32.54 -22.65 -61.85
C LYS S 131 32.93 -21.36 -61.12
N GLY S 132 32.77 -20.21 -61.77
CA GLY S 132 33.22 -18.96 -61.23
C GLY S 132 34.60 -18.55 -61.71
N CYS S 133 35.05 -19.09 -62.84
CA CYS S 133 36.38 -18.81 -63.35
C CYS S 133 36.42 -17.47 -64.05
N GLY S 134 37.53 -16.75 -63.91
CA GLY S 134 37.69 -15.49 -64.59
C GLY S 134 36.82 -14.40 -63.99
N THR S 135 36.56 -14.49 -62.70
CA THR S 135 35.69 -13.51 -62.06
C THR S 135 36.47 -12.73 -61.03
N VAL S 136 36.06 -11.48 -60.83
CA VAL S 136 36.55 -10.64 -59.76
C VAL S 136 35.35 -10.35 -58.87
N LEU S 137 35.37 -10.84 -57.63
CA LEU S 137 34.25 -10.72 -56.72
C LEU S 137 34.38 -9.49 -55.84
N LEU S 138 33.58 -8.46 -56.12
CA LEU S 138 33.68 -7.24 -55.33
C LEU S 138 32.56 -7.15 -54.30
N SER S 139 32.51 -6.01 -53.62
CA SER S 139 31.48 -5.67 -52.67
C SER S 139 31.54 -4.16 -52.49
N GLY S 140 30.43 -3.59 -52.07
CA GLY S 140 30.39 -2.21 -51.67
C GLY S 140 30.96 -2.00 -50.29
N PRO S 141 31.18 -0.73 -49.93
CA PRO S 141 31.70 -0.42 -48.59
C PRO S 141 30.65 -0.67 -47.52
N ARG S 142 30.82 -1.76 -46.76
CA ARG S 142 29.75 -2.16 -45.86
C ARG S 142 29.64 -1.30 -44.61
N LYS S 143 30.68 -0.54 -44.26
CA LYS S 143 30.64 0.30 -43.09
C LYS S 143 30.52 1.78 -43.45
N GLY S 144 30.17 2.08 -44.69
CA GLY S 144 29.89 3.47 -44.98
C GLY S 144 28.40 3.70 -44.89
N ARG S 145 27.94 4.13 -43.71
CA ARG S 145 26.63 4.75 -43.51
C ARG S 145 26.60 5.39 -42.12
N GLU S 146 25.50 6.12 -41.90
CA GLU S 146 25.44 7.06 -40.79
C GLU S 146 25.37 6.33 -39.46
N VAL S 147 24.79 5.13 -39.44
CA VAL S 147 24.76 4.34 -38.21
C VAL S 147 26.16 3.95 -37.79
N TYR S 148 27.05 3.70 -38.75
CA TYR S 148 28.43 3.41 -38.40
C TYR S 148 29.19 4.65 -38.00
N ARG S 149 28.76 5.83 -38.47
CA ARG S 149 29.30 7.06 -37.87
C ARG S 149 28.89 7.18 -36.41
N HIS S 150 27.71 6.68 -36.05
CA HIS S 150 27.24 6.80 -34.67
C HIS S 150 27.73 5.69 -33.75
N PHE S 151 28.22 4.59 -34.30
CA PHE S 151 28.65 3.48 -33.45
C PHE S 151 30.06 3.68 -32.93
N GLY S 152 30.36 3.00 -31.83
CA GLY S 152 31.70 2.98 -31.28
C GLY S 152 31.73 3.26 -29.80
N LYS S 153 32.81 3.89 -29.33
CA LYS S 153 32.88 4.40 -27.97
C LYS S 153 31.86 5.53 -27.80
N ALA S 154 31.53 5.84 -26.55
CA ALA S 154 30.54 6.87 -26.30
C ALA S 154 31.13 8.24 -26.61
N PRO S 155 30.31 9.19 -27.08
CA PRO S 155 30.84 10.52 -27.44
C PRO S 155 31.41 11.30 -26.26
N GLY S 156 31.01 10.99 -25.04
CA GLY S 156 31.47 11.75 -23.90
C GLY S 156 32.66 11.12 -23.23
N THR S 157 33.39 10.29 -23.95
CA THR S 157 34.60 9.66 -23.44
C THR S 157 35.79 10.10 -24.26
N PRO S 158 37.01 9.96 -23.73
CA PRO S 158 38.19 10.19 -24.57
C PRO S 158 38.87 8.91 -25.03
N HIS S 159 39.40 8.88 -26.25
CA HIS S 159 39.35 9.96 -27.23
C HIS S 159 38.46 9.51 -28.36
N SER S 160 37.16 9.62 -28.18
CA SER S 160 36.23 9.12 -29.18
C SER S 160 35.86 10.22 -30.15
N HIS S 161 35.58 9.81 -31.38
CA HIS S 161 35.09 10.69 -32.43
C HIS S 161 33.76 10.17 -32.93
N THR S 162 32.92 9.78 -31.99
CA THR S 162 31.62 9.21 -32.27
C THR S 162 30.63 10.35 -32.45
N LYS S 163 29.86 10.29 -33.52
CA LYS S 163 28.80 11.26 -33.72
C LYS S 163 27.72 11.09 -32.66
N PRO S 164 27.36 12.14 -31.94
CA PRO S 164 26.24 12.02 -30.99
C PRO S 164 24.91 12.05 -31.72
N TYR S 165 23.86 11.76 -30.97
CA TYR S 165 22.49 11.81 -31.47
C TYR S 165 21.86 13.13 -31.06
N VAL S 166 21.91 14.10 -31.96
CA VAL S 166 21.40 15.44 -31.69
C VAL S 166 20.24 15.73 -32.61
N ARG S 167 19.26 16.45 -32.10
CA ARG S 167 18.04 16.69 -32.85
C ARG S 167 18.20 17.83 -33.85
N SER S 168 19.18 18.71 -33.64
CA SER S 168 19.55 19.72 -34.62
C SER S 168 21.03 20.01 -34.50
N LYS S 169 21.59 20.57 -35.55
CA LYS S 169 23.01 20.91 -35.62
C LYS S 169 23.15 22.42 -35.53
N GLY S 170 23.69 22.91 -34.42
CA GLY S 170 23.89 24.33 -34.29
C GLY S 170 24.71 24.62 -33.06
N ARG S 171 24.93 25.91 -32.81
CA ARG S 171 25.82 26.31 -31.73
C ARG S 171 25.17 26.18 -30.36
N LYS S 172 23.88 25.86 -30.30
CA LYS S 172 23.16 25.66 -29.06
C LYS S 172 22.92 24.19 -28.75
N PHE S 173 23.36 23.30 -29.62
CA PHE S 173 23.03 21.89 -29.52
C PHE S 173 24.34 21.14 -29.29
N GLU S 174 24.64 20.96 -28.01
CA GLU S 174 25.71 20.11 -27.48
C GLU S 174 27.09 20.58 -27.93
N ARG S 175 27.39 21.83 -27.56
CA ARG S 175 28.71 22.43 -27.74
C ARG S 175 29.29 22.99 -26.45
N ALA S 176 28.52 22.99 -25.36
CA ALA S 176 28.87 23.57 -24.08
C ALA S 176 29.57 22.55 -23.21
N ARG S 177 29.38 22.62 -21.88
CA ARG S 177 30.04 21.81 -20.85
C ARG S 177 30.22 20.35 -21.22
N GLY S 178 31.47 19.91 -21.24
CA GLY S 178 31.84 18.62 -21.75
C GLY S 178 32.50 18.67 -23.11
N ARG S 179 32.38 19.77 -23.85
CA ARG S 179 32.94 19.86 -25.18
C ARG S 179 34.06 20.89 -25.30
N ARG S 180 34.22 21.77 -24.31
CA ARG S 180 35.32 22.73 -24.33
C ARG S 180 35.74 23.03 -22.90
N ALA S 181 37.03 23.31 -22.73
CA ALA S 181 37.61 23.49 -21.40
C ALA S 181 37.11 24.75 -20.71
N SER S 182 36.62 25.75 -21.45
CA SER S 182 36.04 26.94 -20.82
C SER S 182 34.68 26.69 -20.21
N ARG S 183 34.10 25.51 -20.43
CA ARG S 183 32.86 25.10 -19.78
C ARG S 183 33.12 23.75 -19.10
N GLY S 184 33.64 23.79 -17.88
CA GLY S 184 33.85 22.55 -17.16
C GLY S 184 35.06 21.77 -17.59
N TYR S 185 34.97 21.10 -18.73
CA TYR S 185 36.04 20.21 -19.17
C TYR S 185 35.85 19.95 -20.65
N LYS S 186 36.82 19.26 -21.24
CA LYS S 186 36.87 19.07 -22.68
C LYS S 186 36.77 17.62 -23.10
N ASN S 187 37.51 16.73 -22.42
CA ASN S 187 37.92 15.37 -22.85
C ASN S 187 37.85 14.97 -24.35
N SER T 1 -72.75 -10.87 11.54
CA SER T 1 -71.91 -10.63 10.37
C SER T 1 -70.76 -9.69 10.73
N MET T 2 -71.03 -8.39 10.63
CA MET T 2 -70.05 -7.36 10.99
C MET T 2 -70.84 -6.10 11.28
N LEU T 3 -70.81 -5.65 12.53
CA LEU T 3 -71.69 -4.58 12.98
C LEU T 3 -70.93 -3.34 13.43
N ARG T 4 -69.75 -3.11 12.87
CA ARG T 4 -68.93 -1.96 13.28
C ARG T 4 -69.58 -0.64 12.91
N LEU T 5 -70.12 -0.55 11.69
CA LEU T 5 -70.80 0.67 11.23
C LEU T 5 -72.03 0.94 12.09
N GLN T 6 -72.79 -0.11 12.42
CA GLN T 6 -73.99 0.04 13.22
C GLN T 6 -73.64 0.43 14.66
N LYS T 7 -72.54 -0.12 15.19
CA LYS T 7 -72.10 0.26 16.53
C LYS T 7 -71.70 1.73 16.60
N ARG T 8 -70.88 2.16 15.63
CA ARG T 8 -70.47 3.56 15.54
C ARG T 8 -71.66 4.49 15.37
N LEU T 9 -72.58 4.12 14.48
CA LEU T 9 -73.69 4.98 14.13
C LEU T 9 -74.70 5.04 15.27
N ALA T 10 -74.85 3.95 16.02
CA ALA T 10 -75.71 3.94 17.18
C ALA T 10 -75.13 4.78 18.30
N SER T 11 -73.80 4.73 18.48
CA SER T 11 -73.16 5.61 19.46
C SER T 11 -73.34 7.07 19.07
N SER T 12 -73.33 7.36 17.77
CA SER T 12 -73.59 8.71 17.29
C SER T 12 -75.02 9.15 17.61
N VAL T 13 -76.02 8.38 17.19
CA VAL T 13 -77.39 8.82 17.39
C VAL T 13 -77.87 8.70 18.84
N LEU T 14 -77.13 8.01 19.70
CA LEU T 14 -77.53 7.85 21.10
C LEU T 14 -76.71 8.73 22.03
N ARG T 15 -75.62 9.32 21.51
CA ARG T 15 -74.76 10.28 22.19
C ARG T 15 -74.14 9.63 23.44
N CYS T 16 -73.40 8.56 23.19
CA CYS T 16 -72.74 7.80 24.23
C CYS T 16 -71.49 7.18 23.62
N GLY T 17 -70.94 6.21 24.31
CA GLY T 17 -69.85 5.44 23.80
C GLY T 17 -70.27 4.11 23.19
N LYS T 18 -69.39 3.62 22.33
CA LYS T 18 -69.53 2.27 21.80
C LYS T 18 -69.45 1.22 22.90
N LYS T 19 -68.83 1.54 24.04
CA LYS T 19 -68.88 0.65 25.19
C LYS T 19 -70.28 0.60 25.81
N LYS T 20 -71.13 1.59 25.52
CA LYS T 20 -72.48 1.66 26.04
C LYS T 20 -73.53 1.21 25.04
N VAL T 21 -73.18 1.14 23.76
CA VAL T 21 -74.13 0.62 22.79
C VAL T 21 -74.25 -0.88 22.96
N TRP T 22 -75.49 -1.35 23.10
CA TRP T 22 -75.81 -2.77 23.15
C TRP T 22 -76.56 -3.16 21.89
N LEU T 23 -76.02 -4.12 21.14
CA LEU T 23 -76.68 -4.64 19.96
C LEU T 23 -77.22 -6.01 20.30
N ASP T 24 -78.45 -6.28 19.86
CA ASP T 24 -79.13 -7.54 20.18
C ASP T 24 -78.41 -8.70 19.51
N PRO T 25 -77.89 -9.67 20.27
CA PRO T 25 -77.19 -10.79 19.64
C PRO T 25 -78.09 -11.76 18.91
N ASN T 26 -79.40 -11.73 19.16
CA ASN T 26 -80.32 -12.61 18.46
C ASN T 26 -80.87 -12.00 17.18
N GLU T 27 -81.06 -10.68 17.15
CA GLU T 27 -81.56 -9.99 15.97
C GLU T 27 -80.41 -9.38 15.18
N THR T 28 -79.39 -10.21 14.94
CA THR T 28 -78.18 -9.78 14.25
C THR T 28 -78.46 -9.43 12.79
N ASN T 29 -79.38 -10.14 12.14
CA ASN T 29 -79.69 -9.84 10.74
C ASN T 29 -80.44 -8.52 10.61
N GLU T 30 -81.41 -8.29 11.48
CA GLU T 30 -82.17 -7.04 11.47
C GLU T 30 -81.30 -5.85 11.83
N ILE T 31 -80.28 -6.05 12.67
CA ILE T 31 -79.33 -4.97 12.90
C ILE T 31 -78.42 -4.80 11.68
N ALA T 32 -78.00 -5.92 11.05
CA ALA T 32 -77.00 -5.87 10.01
C ALA T 32 -77.54 -5.21 8.76
N ASN T 33 -78.84 -5.32 8.50
CA ASN T 33 -79.39 -4.59 7.36
C ASN T 33 -79.90 -3.20 7.77
N ALA T 34 -79.05 -2.43 8.46
CA ALA T 34 -79.42 -1.07 8.86
C ALA T 34 -78.23 -0.17 8.58
N ASN T 35 -78.20 0.41 7.37
CA ASN T 35 -77.03 1.11 6.87
C ASN T 35 -77.17 2.61 7.02
N SER T 36 -78.01 3.07 7.94
CA SER T 36 -78.35 4.48 7.98
C SER T 36 -78.85 4.85 9.36
N ARG T 37 -78.67 6.12 9.70
CA ARG T 37 -79.53 6.76 10.67
C ARG T 37 -80.95 6.83 10.13
N GLN T 38 -81.91 6.84 11.06
CA GLN T 38 -83.35 6.56 10.97
C GLN T 38 -83.64 5.07 10.85
N GLN T 39 -82.69 4.28 10.35
CA GLN T 39 -82.81 2.85 10.54
C GLN T 39 -82.30 2.47 11.92
N ILE T 40 -81.19 3.07 12.34
CA ILE T 40 -80.76 2.94 13.73
C ILE T 40 -81.80 3.53 14.67
N ARG T 41 -82.44 4.64 14.28
CA ARG T 41 -83.44 5.26 15.14
C ARG T 41 -84.68 4.40 15.26
N LYS T 42 -85.09 3.76 14.17
CA LYS T 42 -86.19 2.80 14.21
C LYS T 42 -85.84 1.64 15.12
N LEU T 43 -84.60 1.13 15.04
CA LEU T 43 -84.20 0.01 15.89
C LEU T 43 -84.16 0.40 17.37
N ILE T 44 -83.78 1.64 17.67
CA ILE T 44 -83.82 2.12 19.04
C ILE T 44 -85.26 2.24 19.52
N LYS T 45 -86.16 2.76 18.67
CA LYS T 45 -87.56 2.88 19.05
C LYS T 45 -88.22 1.53 19.28
N ASP T 46 -87.82 0.50 18.53
CA ASP T 46 -88.38 -0.82 18.76
C ASP T 46 -87.53 -1.67 19.69
N GLY T 47 -86.48 -1.10 20.27
CA GLY T 47 -85.80 -1.78 21.36
C GLY T 47 -84.84 -2.87 20.96
N LEU T 48 -84.40 -2.91 19.72
CA LEU T 48 -83.34 -3.83 19.33
C LEU T 48 -81.95 -3.30 19.58
N ILE T 49 -81.79 -1.98 19.69
CA ILE T 49 -80.55 -1.37 20.14
C ILE T 49 -80.87 -0.61 21.42
N ILE T 50 -80.05 -0.80 22.44
CA ILE T 50 -80.31 -0.24 23.77
C ILE T 50 -79.06 0.50 24.22
N ARG T 51 -79.26 1.67 24.83
CA ARG T 51 -78.20 2.36 25.52
C ARG T 51 -78.05 1.74 26.91
N LYS T 52 -76.89 1.38 27.25
CA LYS T 52 -76.70 0.69 28.52
C LYS T 52 -76.52 1.69 29.66
N PRO T 53 -77.01 1.35 30.85
CA PRO T 53 -76.81 2.23 32.00
C PRO T 53 -75.35 2.28 32.42
N VAL T 54 -74.99 3.39 33.06
CA VAL T 54 -73.63 3.60 33.50
C VAL T 54 -73.33 2.64 34.65
N THR T 55 -72.11 2.11 34.66
CA THR T 55 -71.69 1.28 35.77
C THR T 55 -71.48 2.17 36.98
N VAL T 56 -71.97 1.72 38.12
CA VAL T 56 -72.15 2.64 39.24
C VAL T 56 -70.80 2.89 39.89
N HIS T 57 -70.56 4.15 40.21
CA HIS T 57 -69.45 4.56 41.05
C HIS T 57 -70.12 5.28 42.20
N SER T 58 -70.41 4.53 43.26
CA SER T 58 -71.14 5.09 44.37
C SER T 58 -70.27 6.00 45.22
N ARG T 59 -70.94 6.81 46.04
CA ARG T 59 -70.25 7.69 46.96
C ARG T 59 -70.70 7.42 48.39
N ALA T 60 -71.30 6.25 48.63
CA ALA T 60 -71.80 5.93 49.96
C ALA T 60 -70.66 5.75 50.94
N ARG T 61 -69.56 5.10 50.50
CA ARG T 61 -68.40 4.88 51.34
C ARG T 61 -67.75 6.20 51.75
N CYS T 62 -67.49 7.08 50.78
CA CYS T 62 -66.85 8.35 51.12
C CYS T 62 -67.80 9.26 51.86
N ARG T 63 -69.11 9.14 51.64
CA ARG T 63 -70.04 9.93 52.43
C ARG T 63 -70.07 9.50 53.88
N LYS T 64 -70.04 8.17 54.12
CA LYS T 64 -69.93 7.65 55.48
C LYS T 64 -68.63 8.09 56.14
N ASN T 65 -67.53 8.07 55.39
CA ASN T 65 -66.26 8.49 55.94
C ASN T 65 -66.22 10.01 56.16
N THR T 66 -66.94 10.77 55.34
CA THR T 66 -67.09 12.20 55.57
C THR T 66 -67.87 12.48 56.85
N LEU T 67 -68.91 11.68 57.14
CA LEU T 67 -69.63 11.79 58.42
C LEU T 67 -68.70 11.50 59.59
N ALA T 68 -67.86 10.47 59.45
CA ALA T 68 -66.91 10.14 60.50
C ALA T 68 -65.88 11.26 60.70
N ARG T 69 -65.40 11.85 59.61
CA ARG T 69 -64.45 12.94 59.73
C ARG T 69 -65.12 14.21 60.27
N ARG T 70 -66.43 14.38 60.04
CA ARG T 70 -67.16 15.45 60.70
C ARG T 70 -67.20 15.23 62.20
N LYS T 71 -67.46 14.00 62.63
CA LYS T 71 -67.37 13.67 64.05
C LYS T 71 -65.94 13.69 64.59
N GLY T 72 -64.94 13.74 63.72
CA GLY T 72 -63.56 13.84 64.15
C GLY T 72 -62.74 12.61 63.88
N ARG T 73 -63.31 11.59 63.26
CA ARG T 73 -62.61 10.33 63.12
C ARG T 73 -61.65 10.38 61.94
N HIS T 74 -60.62 9.55 62.01
CA HIS T 74 -59.53 9.44 61.02
C HIS T 74 -58.79 10.75 60.79
N MET T 75 -58.88 11.71 61.71
CA MET T 75 -58.17 12.97 61.56
C MET T 75 -56.81 12.94 62.22
N GLY T 76 -56.73 12.33 63.42
CA GLY T 76 -55.52 11.79 64.03
C GLY T 76 -54.27 12.64 64.06
N ILE T 77 -53.14 11.99 64.27
CA ILE T 77 -51.84 12.58 63.98
C ILE T 77 -51.02 11.71 63.03
N GLY T 78 -51.34 10.42 62.94
CA GLY T 78 -50.85 9.48 61.95
C GLY T 78 -51.67 9.44 60.69
N LYS T 79 -52.56 10.40 60.49
CA LYS T 79 -53.39 10.46 59.29
C LYS T 79 -53.11 11.68 58.45
N ARG T 80 -52.33 12.64 58.94
CA ARG T 80 -52.03 13.84 58.19
C ARG T 80 -50.64 13.77 57.57
N LYS T 81 -50.56 14.22 56.32
CA LYS T 81 -49.35 14.12 55.51
C LYS T 81 -48.74 15.47 55.19
N GLY T 82 -49.53 16.51 55.11
CA GLY T 82 -49.02 17.84 54.91
C GLY T 82 -48.80 18.55 56.19
N THR T 83 -48.13 19.68 56.10
CA THR T 83 -47.85 20.49 57.27
C THR T 83 -49.14 21.15 57.75
N ALA T 84 -49.07 21.72 58.96
CA ALA T 84 -50.26 22.37 59.52
C ALA T 84 -50.66 23.58 58.69
N ASN T 85 -49.67 24.32 58.18
CA ASN T 85 -49.95 25.43 57.28
C ASN T 85 -50.48 24.94 55.94
N ALA T 86 -50.07 23.77 55.47
CA ALA T 86 -50.61 23.24 54.23
C ALA T 86 -52.05 22.79 54.40
N ARG T 87 -52.39 22.23 55.55
CA ARG T 87 -53.75 21.76 55.80
C ARG T 87 -54.69 22.91 56.12
N MET T 88 -54.23 23.89 56.89
CA MET T 88 -55.06 25.03 57.20
C MET T 88 -54.12 26.23 57.30
N PRO T 89 -54.13 27.16 56.34
CA PRO T 89 -53.09 28.20 56.31
C PRO T 89 -53.25 29.26 57.38
N GLU T 90 -52.12 29.69 57.92
CA GLU T 90 -52.14 30.70 58.97
C GLU T 90 -52.58 32.05 58.42
N LYS T 91 -52.29 32.34 57.16
CA LYS T 91 -52.78 33.58 56.56
C LYS T 91 -54.30 33.58 56.43
N VAL T 92 -54.88 32.44 56.07
CA VAL T 92 -56.33 32.32 55.99
C VAL T 92 -56.96 32.43 57.39
N THR T 93 -56.32 31.80 58.38
CA THR T 93 -56.79 31.87 59.77
C THR T 93 -56.78 33.31 60.28
N TRP T 94 -55.66 34.02 60.08
CA TRP T 94 -55.54 35.40 60.53
C TRP T 94 -56.51 36.30 59.79
N MET T 95 -56.71 36.06 58.49
CA MET T 95 -57.61 36.87 57.68
C MET T 95 -59.06 36.70 58.14
N ARG T 96 -59.44 35.45 58.42
CA ARG T 96 -60.77 35.16 58.97
C ARG T 96 -60.96 35.85 60.31
N ARG T 97 -59.96 35.78 61.18
CA ARG T 97 -60.05 36.38 62.51
C ARG T 97 -60.19 37.90 62.41
N MET T 98 -59.40 38.54 61.53
CA MET T 98 -59.46 39.98 61.36
C MET T 98 -60.80 40.42 60.80
N ARG T 99 -61.34 39.68 59.83
CA ARG T 99 -62.65 40.04 59.28
C ARG T 99 -63.74 39.93 60.34
N ILE T 100 -63.69 38.89 61.18
CA ILE T 100 -64.68 38.70 62.24
C ILE T 100 -64.60 39.84 63.25
N LEU T 101 -63.40 40.12 63.74
CA LEU T 101 -63.25 41.11 64.80
C LEU T 101 -63.50 42.53 64.30
N ARG T 102 -63.12 42.83 63.06
CA ARG T 102 -63.40 44.14 62.51
C ARG T 102 -64.89 44.34 62.27
N ARG T 103 -65.59 43.28 61.84
CA ARG T 103 -67.04 43.39 61.67
C ARG T 103 -67.73 43.61 63.01
N LEU T 104 -67.26 42.91 64.06
CA LEU T 104 -67.81 43.10 65.40
C LEU T 104 -67.59 44.53 65.91
N LEU T 105 -66.38 45.06 65.71
CA LEU T 105 -66.09 46.43 66.10
C LEU T 105 -66.95 47.44 65.34
N ARG T 106 -67.20 47.18 64.06
CA ARG T 106 -68.03 48.09 63.27
C ARG T 106 -69.47 48.07 63.75
N ARG T 107 -69.99 46.89 64.13
CA ARG T 107 -71.34 46.80 64.67
C ARG T 107 -71.45 47.53 66.00
N TYR T 108 -70.44 47.39 66.86
CA TYR T 108 -70.47 48.07 68.16
C TYR T 108 -70.41 49.58 68.00
N ARG T 109 -69.59 50.06 67.06
CA ARG T 109 -69.51 51.49 66.82
C ARG T 109 -70.80 52.03 66.21
N GLU T 110 -71.45 51.24 65.35
CA GLU T 110 -72.74 51.66 64.77
C GLU T 110 -73.83 51.74 65.83
N SER T 111 -73.93 50.73 66.69
CA SER T 111 -74.94 50.73 67.75
C SER T 111 -74.54 51.53 68.98
N LYS T 112 -73.39 52.21 68.95
CA LYS T 112 -72.93 53.15 69.99
C LYS T 112 -72.69 52.48 71.32
N LYS T 113 -72.37 51.19 71.30
CA LYS T 113 -71.84 50.57 72.51
C LYS T 113 -70.42 51.04 72.77
N ILE T 114 -69.74 51.55 71.74
CA ILE T 114 -68.45 52.21 71.84
C ILE T 114 -68.52 53.44 70.93
N ASP T 115 -67.51 54.30 71.03
CA ASP T 115 -67.45 55.52 70.26
C ASP T 115 -66.22 55.44 69.35
N ARG T 116 -65.91 56.56 68.68
CA ARG T 116 -64.85 56.59 67.67
C ARG T 116 -63.50 56.28 68.28
N HIS T 117 -63.25 56.82 69.47
CA HIS T 117 -61.92 56.72 70.05
C HIS T 117 -61.63 55.34 70.63
N MET T 118 -62.61 54.79 71.35
CA MET T 118 -62.54 53.40 71.78
C MET T 118 -62.44 52.48 70.59
N TYR T 119 -63.18 52.78 69.52
CA TYR T 119 -63.16 51.97 68.31
C TYR T 119 -61.78 51.95 67.69
N HIS T 120 -61.13 53.11 67.61
CA HIS T 120 -59.82 53.18 66.97
C HIS T 120 -58.76 52.48 67.79
N SER T 121 -58.79 52.64 69.12
CA SER T 121 -57.81 51.94 69.95
C SER T 121 -58.02 50.42 69.89
N LEU T 122 -59.28 49.97 69.87
CA LEU T 122 -59.53 48.54 69.80
C LEU T 122 -59.23 47.98 68.43
N TYR T 123 -59.44 48.78 67.38
CA TYR T 123 -59.03 48.41 66.03
C TYR T 123 -57.54 48.18 65.95
N LEU T 124 -56.76 49.11 66.52
CA LEU T 124 -55.31 48.98 66.46
C LEU T 124 -54.83 47.81 67.32
N LYS T 125 -55.56 47.48 68.39
CA LYS T 125 -55.14 46.32 69.19
C LYS T 125 -55.53 45.01 68.52
N VAL T 126 -56.68 44.98 67.84
CA VAL T 126 -57.08 43.82 67.05
C VAL T 126 -56.05 43.55 65.96
N LYS T 127 -55.55 44.63 65.33
CA LYS T 127 -54.45 44.47 64.38
C LYS T 127 -53.17 44.02 65.07
N GLY T 128 -52.92 44.50 66.29
CA GLY T 128 -51.75 44.10 67.02
C GLY T 128 -51.84 42.81 67.78
N ASN T 129 -52.89 42.00 67.54
CA ASN T 129 -53.00 40.60 67.96
C ASN T 129 -53.10 40.50 69.49
N VAL T 130 -54.04 41.23 70.06
CA VAL T 130 -54.26 41.20 71.51
C VAL T 130 -55.45 40.33 71.87
N PHE T 131 -56.50 40.41 71.07
CA PHE T 131 -57.73 39.68 71.33
C PHE T 131 -57.79 38.50 70.38
N LYS T 132 -58.11 37.32 70.93
CA LYS T 132 -57.98 36.09 70.19
C LYS T 132 -59.27 35.67 69.51
N ASN T 133 -60.40 36.18 69.97
CA ASN T 133 -61.70 35.80 69.44
C ASN T 133 -62.73 36.83 69.88
N LYS T 134 -63.98 36.58 69.44
CA LYS T 134 -65.07 37.51 69.68
C LYS T 134 -65.37 37.63 71.17
N ARG T 135 -65.28 36.52 71.90
CA ARG T 135 -65.65 36.50 73.31
C ARG T 135 -64.69 37.34 74.14
N ILE T 136 -63.39 37.20 73.87
CA ILE T 136 -62.37 37.95 74.60
C ILE T 136 -62.51 39.44 74.31
N LEU T 137 -62.70 39.78 73.03
CA LEU T 137 -62.87 41.18 72.68
C LEU T 137 -64.15 41.77 73.31
N MET T 138 -65.24 40.99 73.34
CA MET T 138 -66.48 41.42 73.96
C MET T 138 -66.31 41.70 75.44
N GLU T 139 -65.65 40.78 76.15
CA GLU T 139 -65.43 40.95 77.58
C GLU T 139 -64.53 42.15 77.88
N HIS T 140 -63.53 42.37 77.03
CA HIS T 140 -62.69 43.55 77.19
C HIS T 140 -63.49 44.84 77.02
N ILE T 141 -64.44 44.83 76.06
CA ILE T 141 -65.30 45.99 75.87
C ILE T 141 -66.19 46.21 77.09
N HIS T 142 -66.66 45.11 77.71
CA HIS T 142 -67.50 45.23 78.90
C HIS T 142 -66.74 45.80 80.10
N LYS T 143 -65.49 45.35 80.32
CA LYS T 143 -64.68 45.92 81.40
C LYS T 143 -64.41 47.41 81.16
N LEU T 144 -64.10 47.80 79.91
CA LEU T 144 -63.82 49.21 79.62
C LEU T 144 -65.04 50.08 79.91
N LYS T 145 -66.22 49.59 79.53
CA LYS T 145 -67.44 50.38 79.72
C LYS T 145 -67.77 50.53 81.22
N ALA T 146 -67.54 49.45 82.00
CA ALA T 146 -67.80 49.52 83.43
C ALA T 146 -66.88 50.51 84.14
N ASP T 147 -65.57 50.49 83.81
CA ASP T 147 -64.67 51.40 84.51
C ASP T 147 -64.90 52.85 84.09
N LYS T 148 -65.24 53.06 82.81
CA LYS T 148 -65.58 54.41 82.35
C LYS T 148 -66.85 54.94 83.04
N ALA T 149 -67.85 54.07 83.24
CA ALA T 149 -69.06 54.47 83.94
C ALA T 149 -68.77 54.89 85.37
N ARG T 150 -67.90 54.13 86.05
CA ARG T 150 -67.57 54.46 87.44
C ARG T 150 -66.85 55.81 87.54
N LYS T 151 -65.89 56.05 86.63
CA LYS T 151 -65.16 57.32 86.64
C LYS T 151 -66.08 58.51 86.32
N LYS T 152 -67.03 58.33 85.38
CA LYS T 152 -67.98 59.40 85.08
C LYS T 152 -68.88 59.71 86.27
N LEU T 153 -69.31 58.68 87.02
CA LEU T 153 -70.11 58.91 88.23
C LEU T 153 -69.37 59.78 89.23
N LEU T 154 -68.12 59.42 89.54
CA LEU T 154 -67.35 60.15 90.55
C LEU T 154 -67.03 61.57 90.11
N ALA T 155 -66.63 61.75 88.84
CA ALA T 155 -66.36 63.08 88.30
C ALA T 155 -67.61 63.96 88.29
N ASP T 156 -68.77 63.37 88.02
CA ASP T 156 -70.00 64.18 88.03
C ASP T 156 -70.40 64.61 89.44
N GLN T 157 -70.19 63.76 90.45
CA GLN T 157 -70.56 64.22 91.79
C GLN T 157 -69.58 65.27 92.33
N ALA T 158 -68.30 65.16 91.93
CA ALA T 158 -67.36 66.22 92.28
C ALA T 158 -67.71 67.54 91.60
N GLU T 159 -68.14 67.48 90.32
CA GLU T 159 -68.59 68.68 89.62
C GLU T 159 -69.80 69.32 90.28
N ALA T 160 -70.73 68.49 90.77
CA ALA T 160 -71.91 68.98 91.49
C ALA T 160 -71.50 69.74 92.75
N ARG T 161 -70.56 69.18 93.52
CA ARG T 161 -70.11 69.83 94.75
C ARG T 161 -69.41 71.16 94.46
N ARG T 162 -68.54 71.18 93.44
CA ARG T 162 -67.86 72.42 93.04
C ARG T 162 -68.85 73.50 92.63
N SER T 163 -69.82 73.14 91.78
CA SER T 163 -70.79 74.11 91.27
C SER T 163 -71.70 74.67 92.37
N LYS T 164 -72.10 73.83 93.34
CA LYS T 164 -72.96 74.36 94.40
C LYS T 164 -72.18 75.26 95.34
N THR T 165 -70.91 74.94 95.63
CA THR T 165 -70.18 75.78 96.57
C THR T 165 -69.83 77.13 95.94
N LYS T 166 -69.47 77.13 94.64
CA LYS T 166 -69.12 78.41 94.01
C LYS T 166 -70.34 79.32 93.85
N GLU T 167 -71.49 78.71 93.57
CA GLU T 167 -72.74 79.45 93.49
C GLU T 167 -73.15 80.03 94.86
N ALA T 168 -72.98 79.26 95.93
CA ALA T 168 -73.35 79.70 97.27
C ALA T 168 -72.50 80.88 97.71
N ARG T 169 -71.17 80.78 97.50
CA ARG T 169 -70.33 81.91 97.86
C ARG T 169 -70.47 83.09 96.91
N LYS T 170 -70.91 82.86 95.66
CA LYS T 170 -71.21 83.98 94.76
C LYS T 170 -72.42 84.80 95.24
N ARG T 171 -73.50 84.11 95.64
CA ARG T 171 -74.66 84.82 96.19
C ARG T 171 -74.32 85.52 97.50
N ARG T 172 -73.49 84.88 98.33
CA ARG T 172 -73.00 85.52 99.55
C ARG T 172 -72.24 86.80 99.22
N GLU T 173 -71.39 86.77 98.18
CA GLU T 173 -70.62 87.94 97.74
C GLU T 173 -71.55 89.08 97.33
N GLU T 174 -72.55 88.78 96.49
CA GLU T 174 -73.43 89.86 96.05
C GLU T 174 -74.33 90.38 97.16
N ARG T 175 -74.67 89.54 98.16
CA ARG T 175 -75.36 90.04 99.34
C ARG T 175 -74.49 91.02 100.14
N LEU T 176 -73.19 90.71 100.28
CA LEU T 176 -72.27 91.68 100.92
C LEU T 176 -72.14 92.97 100.11
N GLN T 177 -72.10 92.86 98.78
CA GLN T 177 -72.02 94.06 97.94
C GLN T 177 -73.29 94.92 98.05
N ALA T 178 -74.45 94.27 98.19
CA ALA T 178 -75.69 95.02 98.41
C ALA T 178 -75.68 95.73 99.75
N LYS T 179 -75.27 95.02 100.80
CA LYS T 179 -75.24 95.63 102.13
C LYS T 179 -74.15 96.69 102.30
N LYS T 180 -73.13 96.73 101.45
CA LYS T 180 -72.29 97.92 101.45
C LYS T 180 -72.87 99.06 100.61
N GLU T 181 -73.60 98.76 99.53
CA GLU T 181 -74.10 99.87 98.71
C GLU T 181 -75.44 100.43 99.19
N GLU T 182 -76.05 99.88 100.24
CA GLU T 182 -77.33 100.41 100.70
C GLU T 182 -77.20 101.70 101.56
N ILE T 183 -76.03 102.34 101.62
CA ILE T 183 -75.82 103.48 102.50
C ILE T 183 -75.64 104.79 101.74
N ILE T 184 -75.05 104.74 100.53
CA ILE T 184 -74.68 105.94 99.80
C ILE T 184 -75.91 106.71 99.31
N LYS T 185 -76.90 106.03 98.73
CA LYS T 185 -78.06 106.78 98.24
C LYS T 185 -79.03 107.18 99.36
N THR T 186 -78.70 106.85 100.61
CA THR T 186 -79.49 107.22 101.78
C THR T 186 -78.76 108.22 102.66
N LEU T 187 -77.47 108.48 102.38
CA LEU T 187 -76.58 109.40 103.11
C LEU T 187 -76.51 109.12 104.60
N LYS U 1 44.47 -44.99 6.33
CA LYS U 1 44.76 -46.38 6.00
C LYS U 1 43.70 -47.32 6.56
N ALA U 2 42.99 -48.00 5.67
CA ALA U 2 41.99 -48.99 6.06
C ALA U 2 42.68 -50.34 6.22
N SER U 3 41.92 -51.44 6.16
CA SER U 3 42.48 -52.73 6.53
C SER U 3 41.79 -53.82 5.71
N GLY U 4 41.88 -55.05 6.21
CA GLY U 4 41.47 -56.25 5.51
C GLY U 4 42.05 -57.42 6.30
N THR U 5 42.81 -58.27 5.63
CA THR U 5 43.90 -58.98 6.28
C THR U 5 45.21 -58.46 5.71
N LEU U 6 46.18 -58.25 6.58
CA LEU U 6 47.37 -57.52 6.16
C LEU U 6 48.40 -58.47 5.59
N ARG U 7 49.26 -57.92 4.76
CA ARG U 7 50.44 -58.60 4.27
C ARG U 7 51.66 -57.84 4.77
N GLU U 8 52.75 -58.54 4.96
CA GLU U 8 54.01 -57.89 5.28
C GLU U 8 54.78 -57.66 3.99
N TYR U 9 55.26 -56.44 3.81
CA TYR U 9 56.11 -56.11 2.69
C TYR U 9 57.45 -55.65 3.25
N LYS U 10 58.49 -55.84 2.45
CA LYS U 10 59.73 -55.11 2.64
C LYS U 10 59.85 -54.10 1.51
N VAL U 11 60.03 -52.84 1.89
CA VAL U 11 60.15 -51.74 0.95
C VAL U 11 61.54 -51.17 1.13
N VAL U 12 62.31 -51.17 0.06
CA VAL U 12 63.68 -50.63 0.05
C VAL U 12 63.66 -49.43 -0.88
N GLY U 13 64.20 -48.31 -0.42
CA GLY U 13 64.20 -47.10 -1.21
C GLY U 13 65.47 -46.30 -0.99
N ARG U 14 65.59 -45.22 -1.76
CA ARG U 14 66.75 -44.37 -1.65
C ARG U 14 66.42 -42.98 -2.18
N CYS U 15 67.27 -42.02 -1.82
CA CYS U 15 67.15 -40.69 -2.39
C CYS U 15 67.60 -40.73 -3.84
N LEU U 16 67.29 -39.68 -4.59
CA LEU U 16 67.67 -39.77 -5.99
C LEU U 16 69.15 -39.44 -6.16
N PRO U 17 69.85 -40.10 -7.09
CA PRO U 17 71.29 -39.82 -7.25
C PRO U 17 71.56 -38.47 -7.90
N THR U 18 71.98 -37.54 -7.08
CA THR U 18 72.45 -36.22 -7.48
C THR U 18 73.91 -36.30 -7.88
N PRO U 19 74.40 -35.34 -8.70
CA PRO U 19 75.84 -35.32 -8.99
C PRO U 19 76.70 -34.71 -7.87
N LYS U 20 76.35 -34.99 -6.63
CA LYS U 20 77.17 -34.73 -5.46
C LYS U 20 77.54 -36.02 -4.74
N CYS U 21 76.53 -36.82 -4.38
CA CYS U 21 76.71 -38.22 -4.04
C CYS U 21 76.13 -39.09 -5.15
N HIS U 22 77.00 -39.69 -5.95
CA HIS U 22 76.55 -40.54 -7.04
C HIS U 22 75.97 -41.86 -6.57
N THR U 23 76.11 -42.22 -5.29
CA THR U 23 75.56 -43.47 -4.77
C THR U 23 74.94 -43.23 -3.38
N PRO U 24 73.69 -42.76 -3.34
CA PRO U 24 73.02 -42.55 -2.06
C PRO U 24 72.68 -43.87 -1.39
N PRO U 25 72.53 -43.89 -0.07
CA PRO U 25 72.31 -45.17 0.62
C PRO U 25 70.89 -45.68 0.45
N LEU U 26 70.74 -46.99 0.63
CA LEU U 26 69.45 -47.66 0.59
C LEU U 26 68.91 -47.89 1.99
N TYR U 27 67.59 -47.84 2.12
CA TYR U 27 66.94 -48.02 3.40
C TYR U 27 65.84 -49.06 3.22
N ARG U 28 65.57 -49.80 4.27
CA ARG U 28 64.66 -50.94 4.17
C ARG U 28 63.71 -50.91 5.35
N MET U 29 62.42 -51.13 5.07
CA MET U 29 61.43 -51.20 6.12
C MET U 29 60.57 -52.44 5.94
N ARG U 30 60.07 -52.96 7.05
CA ARG U 30 59.00 -53.96 7.05
C ARG U 30 57.69 -53.26 7.39
N ILE U 31 56.72 -53.39 6.51
CA ILE U 31 55.52 -52.57 6.51
C ILE U 31 54.32 -53.46 6.32
N PHE U 32 53.34 -53.33 7.19
CA PHE U 32 52.18 -54.20 7.19
C PHE U 32 51.02 -53.41 6.61
N ALA U 33 50.54 -53.85 5.45
CA ALA U 33 49.67 -53.03 4.63
C ALA U 33 48.68 -53.93 3.92
N PRO U 34 47.54 -53.41 3.48
CA PRO U 34 46.62 -54.23 2.67
C PRO U 34 47.18 -54.60 1.31
N ASN U 35 47.91 -53.69 0.66
CA ASN U 35 48.51 -53.98 -0.64
C ASN U 35 49.76 -53.13 -0.80
N HIS U 36 50.44 -53.32 -1.94
CA HIS U 36 51.75 -52.73 -2.14
C HIS U 36 51.68 -51.22 -2.39
N VAL U 37 50.54 -50.71 -2.85
CA VAL U 37 50.38 -49.27 -3.03
C VAL U 37 50.37 -48.58 -1.67
N VAL U 38 49.57 -49.12 -0.74
CA VAL U 38 49.56 -48.66 0.64
C VAL U 38 50.92 -48.89 1.29
N ALA U 39 51.63 -49.95 0.90
CA ALA U 39 52.96 -50.21 1.43
C ALA U 39 53.95 -49.11 1.04
N LYS U 40 53.92 -48.69 -0.22
CA LYS U 40 54.80 -47.63 -0.68
C LYS U 40 54.43 -46.28 -0.05
N SER U 41 53.13 -46.03 0.10
CA SER U 41 52.69 -44.81 0.78
C SER U 41 53.16 -44.76 2.23
N ARG U 42 53.02 -45.86 2.96
CA ARG U 42 53.47 -45.90 4.35
C ARG U 42 54.98 -45.84 4.45
N PHE U 43 55.68 -46.41 3.47
CA PHE U 43 57.14 -46.27 3.42
C PHE U 43 57.53 -44.81 3.33
N TRP U 44 56.89 -44.07 2.42
CA TRP U 44 57.29 -42.68 2.24
C TRP U 44 56.94 -41.86 3.47
N TYR U 45 55.82 -42.20 4.13
CA TYR U 45 55.45 -41.58 5.40
C TYR U 45 56.53 -41.77 6.45
N PHE U 46 56.89 -43.03 6.72
CA PHE U 46 57.83 -43.34 7.78
C PHE U 46 59.22 -42.82 7.46
N VAL U 47 59.68 -42.98 6.22
CA VAL U 47 61.04 -42.58 5.90
C VAL U 47 61.11 -41.07 5.81
N SER U 48 59.99 -40.38 5.57
CA SER U 48 60.00 -38.93 5.61
C SER U 48 60.01 -38.41 7.04
N GLN U 49 59.39 -39.15 7.96
CA GLN U 49 59.55 -38.78 9.37
C GLN U 49 60.96 -39.02 9.87
N LEU U 50 61.60 -40.09 9.40
CA LEU U 50 62.93 -40.43 9.92
C LEU U 50 64.05 -39.65 9.26
N LYS U 51 64.18 -39.79 7.94
CA LYS U 51 65.19 -39.09 7.15
C LYS U 51 64.54 -37.94 6.38
N LYS U 52 65.37 -36.97 6.02
CA LYS U 52 64.87 -35.86 5.22
C LYS U 52 64.78 -36.32 3.76
N MET U 53 63.71 -37.04 3.46
CA MET U 53 63.56 -37.65 2.15
C MET U 53 62.08 -37.69 1.80
N LYS U 54 61.75 -37.31 0.57
CA LYS U 54 60.38 -37.26 0.11
C LYS U 54 60.23 -38.11 -1.14
N LYS U 55 58.97 -38.41 -1.47
CA LYS U 55 58.67 -39.27 -2.61
C LYS U 55 59.14 -38.66 -3.93
N SER U 56 59.20 -37.32 -4.02
CA SER U 56 59.69 -36.69 -5.25
C SER U 56 61.18 -36.92 -5.44
N SER U 57 61.97 -36.69 -4.40
CA SER U 57 63.42 -36.83 -4.54
C SER U 57 63.88 -38.21 -4.07
N GLY U 58 63.18 -39.25 -4.49
CA GLY U 58 63.50 -40.58 -4.03
C GLY U 58 62.83 -41.60 -4.91
N GLU U 59 63.18 -42.87 -4.66
CA GLU U 59 62.58 -43.95 -5.42
C GLU U 59 62.52 -45.21 -4.58
N ILE U 60 61.60 -46.08 -4.96
CA ILE U 60 61.44 -47.40 -4.40
C ILE U 60 62.21 -48.34 -5.29
N VAL U 61 63.32 -48.89 -4.79
CA VAL U 61 64.08 -49.82 -5.60
C VAL U 61 63.57 -51.25 -5.45
N TYR U 62 62.77 -51.53 -4.42
CA TYR U 62 62.20 -52.85 -4.22
C TYR U 62 60.97 -52.69 -3.33
N CYS U 63 59.92 -53.43 -3.66
CA CYS U 63 58.74 -53.51 -2.80
C CYS U 63 58.18 -54.90 -2.99
N GLY U 64 58.42 -55.77 -2.02
CA GLY U 64 58.04 -57.15 -2.19
C GLY U 64 57.52 -57.80 -0.94
N GLN U 65 56.52 -58.66 -1.11
CA GLN U 65 55.87 -59.28 0.04
C GLN U 65 56.78 -60.31 0.68
N VAL U 66 56.92 -60.23 1.99
CA VAL U 66 57.66 -61.21 2.76
C VAL U 66 56.67 -62.32 3.07
N PHE U 67 56.97 -63.53 2.61
CA PHE U 67 56.08 -64.62 2.96
C PHE U 67 56.42 -65.10 4.36
N GLU U 68 55.46 -65.79 4.97
CA GLU U 68 55.70 -66.32 6.30
C GLU U 68 56.67 -67.48 6.21
N LYS U 69 57.68 -67.47 7.09
CA LYS U 69 58.75 -68.45 6.97
C LYS U 69 58.29 -69.82 7.45
N SER U 70 57.49 -69.86 8.51
CA SER U 70 56.97 -71.12 9.04
C SER U 70 55.49 -70.93 9.36
N PRO U 71 54.62 -71.01 8.35
CA PRO U 71 53.20 -70.72 8.59
C PRO U 71 52.40 -71.88 9.15
N LEU U 72 53.10 -72.89 9.68
CA LEU U 72 52.45 -74.03 10.29
C LEU U 72 52.92 -74.26 11.72
N ARG U 73 53.66 -73.31 12.28
CA ARG U 73 54.13 -73.41 13.65
C ARG U 73 53.58 -72.23 14.44
N VAL U 74 52.91 -72.51 15.56
CA VAL U 74 52.28 -71.45 16.33
C VAL U 74 53.33 -70.72 17.16
N LYS U 75 53.45 -69.42 16.93
CA LYS U 75 54.51 -68.59 17.48
C LYS U 75 53.90 -67.56 18.41
N ASN U 76 54.73 -67.00 19.31
CA ASN U 76 54.28 -65.85 20.06
C ASN U 76 54.87 -64.63 19.38
N PHE U 77 54.15 -63.53 19.40
CA PHE U 77 54.61 -62.32 18.75
C PHE U 77 54.56 -61.20 19.76
N GLY U 78 55.62 -60.42 19.81
CA GLY U 78 55.66 -59.21 20.58
C GLY U 78 55.64 -58.03 19.63
N ILE U 79 54.69 -57.14 19.87
CA ILE U 79 54.51 -55.93 19.09
C ILE U 79 54.88 -54.75 19.98
N TRP U 80 55.83 -53.95 19.54
CA TRP U 80 56.11 -52.64 20.12
C TRP U 80 55.46 -51.62 19.20
N LEU U 81 54.55 -50.82 19.74
CA LEU U 81 53.83 -49.86 18.93
C LEU U 81 53.76 -48.53 19.66
N ARG U 82 53.40 -47.51 18.90
CA ARG U 82 52.99 -46.25 19.49
C ARG U 82 51.70 -45.83 18.80
N TYR U 83 50.89 -45.07 19.52
CA TYR U 83 49.62 -44.60 19.00
C TYR U 83 49.26 -43.34 19.75
N ASP U 84 48.20 -42.68 19.33
CA ASP U 84 47.77 -41.50 20.06
C ASP U 84 46.28 -41.57 20.30
N SER U 85 45.89 -41.28 21.54
CA SER U 85 44.51 -41.24 21.97
C SER U 85 43.95 -39.86 21.65
N ARG U 86 42.81 -39.55 22.26
CA ARG U 86 42.29 -38.19 22.14
C ARG U 86 43.17 -37.21 22.89
N SER U 87 43.83 -37.67 23.93
CA SER U 87 44.94 -36.98 24.57
C SER U 87 46.23 -37.39 23.87
N GLY U 88 47.38 -37.14 24.49
CA GLY U 88 48.66 -37.40 23.87
C GLY U 88 49.00 -38.84 23.50
N THR U 89 50.20 -39.07 23.01
CA THR U 89 50.54 -40.35 22.39
C THR U 89 51.24 -41.24 23.40
N HIS U 90 51.19 -42.56 23.17
CA HIS U 90 51.68 -43.55 24.12
C HIS U 90 52.42 -44.66 23.39
N ASN U 91 53.43 -45.19 24.06
CA ASN U 91 54.12 -46.41 23.67
C ASN U 91 53.44 -47.59 24.32
N MET U 92 53.60 -48.75 23.70
CA MET U 92 52.80 -49.90 24.09
C MET U 92 53.46 -51.17 23.60
N TYR U 93 53.24 -52.26 24.35
CA TYR U 93 53.80 -53.55 24.03
C TYR U 93 52.71 -54.61 24.21
N ARG U 94 52.38 -55.29 23.13
CA ARG U 94 51.33 -56.29 23.12
C ARG U 94 51.92 -57.64 22.73
N GLU U 95 51.22 -58.70 23.12
CA GLU U 95 51.65 -60.05 22.78
C GLU U 95 50.48 -60.83 22.21
N TYR U 96 50.78 -61.60 21.17
CA TYR U 96 49.78 -62.38 20.45
C TYR U 96 50.31 -63.76 20.18
N ARG U 97 49.40 -64.66 19.86
CA ARG U 97 49.70 -66.01 19.43
C ARG U 97 49.17 -66.16 18.02
N ASP U 98 50.04 -66.46 17.07
CA ASP U 98 49.54 -66.62 15.71
C ASP U 98 50.49 -67.49 14.90
N LEU U 99 50.06 -67.81 13.69
CA LEU U 99 50.85 -68.57 12.74
C LEU U 99 51.69 -67.67 11.85
N THR U 100 51.20 -66.47 11.57
CA THR U 100 51.87 -65.54 10.67
C THR U 100 52.10 -64.22 11.37
N THR U 101 53.18 -63.56 10.99
CA THR U 101 53.52 -62.24 11.51
C THR U 101 52.46 -61.20 11.14
N ALA U 102 52.02 -61.23 9.87
CA ALA U 102 50.99 -60.31 9.43
C ALA U 102 49.65 -60.61 10.07
N GLY U 103 49.38 -61.89 10.36
CA GLY U 103 48.18 -62.23 11.11
C GLY U 103 48.20 -61.67 12.51
N ALA U 104 49.36 -61.73 13.18
CA ALA U 104 49.47 -61.16 14.51
C ALA U 104 49.37 -59.64 14.49
N VAL U 105 49.89 -59.00 13.44
CA VAL U 105 49.78 -57.54 13.34
C VAL U 105 48.33 -57.13 13.06
N THR U 106 47.63 -57.88 12.20
CA THR U 106 46.20 -57.65 11.98
C THR U 106 45.42 -57.83 13.27
N GLN U 107 45.77 -58.86 14.04
CA GLN U 107 45.17 -59.09 15.34
C GLN U 107 45.41 -57.90 16.26
N CYS U 108 46.61 -57.33 16.21
CA CYS U 108 46.95 -56.15 17.00
C CYS U 108 46.13 -54.94 16.59
N TYR U 109 45.87 -54.80 15.28
CA TYR U 109 45.09 -53.65 14.81
C TYR U 109 43.64 -53.75 15.26
N ARG U 110 43.01 -54.92 15.08
CA ARG U 110 41.64 -55.10 15.55
C ARG U 110 41.54 -55.01 17.07
N ASP U 111 42.59 -55.42 17.79
CA ASP U 111 42.56 -55.36 19.23
C ASP U 111 42.71 -53.93 19.73
N MET U 112 43.58 -53.14 19.09
CA MET U 112 43.73 -51.75 19.50
C MET U 112 42.48 -50.94 19.18
N GLY U 113 41.84 -51.23 18.05
CA GLY U 113 40.57 -50.62 17.74
C GLY U 113 39.48 -51.00 18.73
N ALA U 114 39.51 -52.25 19.20
CA ALA U 114 38.50 -52.68 20.17
C ALA U 114 38.73 -52.04 21.53
N ARG U 115 39.95 -52.13 22.06
CA ARG U 115 40.21 -51.79 23.45
C ARG U 115 40.51 -50.32 23.69
N HIS U 116 41.03 -49.60 22.71
CA HIS U 116 41.40 -48.22 22.95
C HIS U 116 40.75 -47.27 21.97
N ARG U 117 39.86 -47.77 21.12
CA ARG U 117 39.17 -47.00 20.07
C ARG U 117 40.15 -46.31 19.13
N ALA U 118 41.33 -46.91 18.96
CA ALA U 118 42.40 -46.32 18.18
C ALA U 118 42.29 -46.73 16.73
N ARG U 119 42.48 -45.76 15.84
CA ARG U 119 42.35 -45.97 14.41
C ARG U 119 43.71 -46.30 13.82
N ALA U 120 43.69 -46.88 12.62
CA ALA U 120 44.91 -47.35 11.99
C ALA U 120 45.84 -46.22 11.61
N HIS U 121 45.28 -45.04 11.27
CA HIS U 121 46.12 -43.88 11.04
C HIS U 121 46.74 -43.34 12.33
N SER U 122 46.20 -43.72 13.48
CA SER U 122 46.79 -43.35 14.76
C SER U 122 47.87 -44.32 15.17
N ILE U 123 47.78 -45.57 14.74
CA ILE U 123 48.73 -46.58 15.17
C ILE U 123 49.97 -46.49 14.30
N GLN U 124 51.13 -46.68 14.92
CA GLN U 124 52.41 -46.85 14.24
C GLN U 124 53.04 -48.09 14.84
N ILE U 125 53.29 -49.09 14.01
CA ILE U 125 53.94 -50.30 14.46
C ILE U 125 55.44 -50.07 14.31
N MET U 126 56.19 -50.18 15.40
CA MET U 126 57.62 -49.94 15.29
C MET U 126 58.46 -51.18 15.47
N LYS U 127 57.95 -52.23 16.10
CA LYS U 127 58.72 -53.46 16.14
C LYS U 127 57.74 -54.62 16.26
N VAL U 128 58.11 -55.73 15.65
CA VAL U 128 57.37 -56.99 15.68
C VAL U 128 58.35 -58.13 15.62
N GLU U 129 58.32 -59.04 16.59
CA GLU U 129 59.28 -60.12 16.56
C GLU U 129 58.68 -61.36 17.19
N GLU U 130 59.35 -62.47 16.94
CA GLU U 130 58.86 -63.78 17.33
C GLU U 130 59.40 -64.15 18.70
N ILE U 131 58.50 -64.21 19.69
CA ILE U 131 58.83 -64.59 21.05
C ILE U 131 58.54 -66.06 21.25
N ALA U 132 59.44 -66.70 22.00
CA ALA U 132 59.32 -68.05 22.52
C ALA U 132 58.38 -68.04 23.72
N ALA U 133 58.08 -69.21 24.27
CA ALA U 133 57.06 -69.28 25.31
C ALA U 133 57.57 -68.76 26.65
N SER U 134 58.81 -69.06 26.99
CA SER U 134 59.37 -68.71 28.30
C SER U 134 59.77 -67.24 28.44
N LYS U 135 59.58 -66.42 27.41
CA LYS U 135 59.93 -65.00 27.47
C LYS U 135 58.71 -64.09 27.43
N CYS U 136 57.51 -64.65 27.45
CA CYS U 136 56.29 -63.86 27.35
C CYS U 136 55.91 -63.26 28.68
N ARG U 137 55.19 -62.13 28.64
CA ARG U 137 54.73 -61.45 29.83
C ARG U 137 53.23 -61.54 30.04
N ARG U 138 52.45 -61.69 28.99
CA ARG U 138 51.01 -61.55 29.10
C ARG U 138 50.35 -62.87 29.48
N PRO U 139 49.48 -62.88 30.49
CA PRO U 139 48.86 -64.13 30.92
C PRO U 139 47.93 -64.73 29.89
N ALA U 140 47.39 -63.93 28.97
CA ALA U 140 46.53 -64.46 27.91
C ALA U 140 47.28 -65.35 26.91
N VAL U 141 48.61 -65.29 26.88
CA VAL U 141 49.40 -66.20 26.07
C VAL U 141 50.06 -67.27 26.94
N LYS U 142 50.51 -66.87 28.14
CA LYS U 142 51.12 -67.84 29.04
C LYS U 142 50.13 -68.91 29.51
N GLN U 143 48.82 -68.64 29.47
CA GLN U 143 47.87 -69.68 29.83
C GLN U 143 47.75 -70.73 28.73
N PHE U 144 48.09 -70.38 27.49
CA PHE U 144 48.13 -71.33 26.40
C PHE U 144 49.49 -72.01 26.28
N HIS U 145 50.50 -71.48 26.96
CA HIS U 145 51.78 -72.18 27.07
C HIS U 145 51.63 -73.34 28.05
N ASP U 146 51.08 -74.46 27.56
CA ASP U 146 50.95 -75.67 28.35
C ASP U 146 50.92 -76.83 27.37
N SER U 147 51.74 -77.86 27.62
CA SER U 147 51.85 -78.95 26.66
C SER U 147 50.65 -79.89 26.71
N LYS U 148 50.03 -80.04 27.87
CA LYS U 148 48.91 -80.95 28.07
C LYS U 148 47.60 -80.20 28.26
N ILE U 149 47.45 -79.11 27.49
CA ILE U 149 46.32 -78.20 27.62
C ILE U 149 45.03 -78.93 27.24
N LYS U 150 43.95 -78.61 27.94
CA LYS U 150 42.70 -79.36 27.82
C LYS U 150 41.58 -78.48 28.36
N PHE U 151 40.51 -78.33 27.58
CA PHE U 151 39.34 -77.59 27.98
C PHE U 151 38.16 -78.03 27.14
N PRO U 152 36.94 -77.94 27.65
CA PRO U 152 35.76 -78.22 26.83
C PRO U 152 35.29 -77.01 26.06
N LEU U 153 34.17 -77.17 25.36
CA LEU U 153 33.49 -76.09 24.65
C LEU U 153 32.11 -76.03 25.30
N PRO U 154 31.94 -75.20 26.34
CA PRO U 154 30.90 -75.44 27.36
C PRO U 154 29.48 -75.15 26.92
N HIS U 155 29.25 -74.00 26.29
CA HIS U 155 27.90 -73.50 26.02
C HIS U 155 27.79 -73.22 24.52
N ARG U 156 27.53 -74.26 23.75
CA ARG U 156 27.51 -74.16 22.30
C ARG U 156 26.22 -73.49 21.86
N VAL U 157 26.32 -72.20 21.52
CA VAL U 157 25.17 -71.46 21.03
C VAL U 157 24.85 -71.90 19.62
N LEU U 158 23.57 -72.19 19.37
CA LEU U 158 23.13 -72.56 18.03
C LEU U 158 23.36 -71.40 17.07
N ARG U 159 23.89 -71.72 15.90
CA ARG U 159 24.16 -70.66 14.93
C ARG U 159 23.18 -70.64 13.77
N ARG U 160 22.67 -71.79 13.34
CA ARG U 160 21.69 -71.82 12.25
C ARG U 160 20.30 -71.54 12.83
N GLN U 161 20.12 -70.29 13.27
CA GLN U 161 18.87 -69.93 13.92
C GLN U 161 17.74 -69.70 12.93
N HIS U 162 18.02 -69.82 11.63
CA HIS U 162 17.03 -69.58 10.60
C HIS U 162 16.88 -70.75 9.66
N LYS U 163 17.61 -71.83 9.88
CA LYS U 163 17.44 -73.08 9.13
C LYS U 163 17.34 -74.20 10.16
N PRO U 164 16.13 -74.50 10.64
CA PRO U 164 14.85 -73.89 10.30
C PRO U 164 14.57 -72.64 11.11
N ARG U 165 13.60 -71.85 10.66
CA ARG U 165 13.19 -70.68 11.43
C ARG U 165 12.12 -71.04 12.44
N PHE U 166 11.25 -72.00 12.11
CA PHE U 166 10.23 -72.51 13.01
C PHE U 166 10.41 -74.01 13.14
N THR U 167 10.82 -74.46 14.31
CA THR U 167 10.96 -75.88 14.57
C THR U 167 9.98 -76.26 15.67
N THR U 168 9.99 -77.52 16.06
CA THR U 168 9.14 -77.95 17.16
C THR U 168 9.92 -78.28 18.42
N LYS U 169 11.24 -78.39 18.32
CA LYS U 169 12.05 -78.79 19.44
C LYS U 169 13.06 -77.70 19.76
N ARG U 170 13.26 -77.48 21.03
CA ARG U 170 14.19 -76.47 21.47
C ARG U 170 15.62 -77.00 21.37
N PRO U 171 16.57 -76.14 21.04
CA PRO U 171 17.93 -76.61 20.80
C PRO U 171 18.62 -77.04 22.09
N ASN U 172 19.73 -77.72 21.90
CA ASN U 172 20.54 -78.24 22.97
C ASN U 172 21.89 -77.54 22.88
N THR U 173 22.44 -77.16 24.04
CA THR U 173 23.72 -76.47 24.04
C THR U 173 24.84 -77.32 24.61
N PHE U 174 24.53 -78.42 25.28
CA PHE U 174 25.55 -79.32 25.77
C PHE U 174 25.87 -80.31 24.65
N PHE U 175 27.16 -80.50 24.38
CA PHE U 175 27.59 -81.50 23.42
C PHE U 175 28.85 -82.21 23.91
N THR V 1 35.56 2.03 3.81
CA THR V 1 36.54 2.24 4.86
C THR V 1 37.68 3.15 4.43
N ASN V 2 38.56 2.63 3.60
CA ASN V 2 39.91 3.14 3.53
C ASN V 2 40.06 4.19 2.43
N THR V 3 41.16 4.91 2.53
CA THR V 3 41.47 6.04 1.68
C THR V 3 41.77 5.59 0.26
N LYS V 4 41.79 6.56 -0.67
CA LYS V 4 42.23 6.29 -2.03
C LYS V 4 43.51 7.06 -2.33
N GLY V 5 44.37 7.19 -1.32
CA GLY V 5 45.66 7.82 -1.51
C GLY V 5 46.60 6.99 -2.36
N LYS V 6 47.57 7.66 -2.98
CA LYS V 6 48.36 7.04 -4.03
C LYS V 6 49.42 6.08 -3.48
N ARG V 7 49.78 6.22 -2.22
CA ARG V 7 50.75 5.32 -1.61
C ARG V 7 50.16 4.58 -0.42
N ARG V 8 48.86 4.32 -0.43
CA ARG V 8 48.24 3.59 0.66
C ARG V 8 48.68 2.13 0.62
N GLY V 9 49.21 1.64 1.72
CA GLY V 9 49.52 0.24 1.83
C GLY V 9 50.91 -0.09 1.35
N THR V 10 51.72 0.91 1.05
CA THR V 10 53.05 0.71 0.50
C THR V 10 54.14 0.93 1.54
N ARG V 11 53.88 0.49 2.77
CA ARG V 11 54.85 0.64 3.85
C ARG V 11 56.10 -0.18 3.61
N TYR V 12 55.95 -1.40 3.07
CA TYR V 12 57.09 -2.28 2.90
C TYR V 12 57.60 -2.35 1.48
N MET V 13 56.72 -2.20 0.48
CA MET V 13 57.15 -2.45 -0.89
C MET V 13 57.93 -1.28 -1.45
N PHE V 14 57.67 -0.06 -0.98
CA PHE V 14 58.40 1.09 -1.45
C PHE V 14 59.55 1.42 -0.52
N SER V 15 59.85 0.53 0.42
CA SER V 15 60.97 0.72 1.33
C SER V 15 62.22 0.11 0.74
N ARG V 16 63.33 0.35 1.40
CA ARG V 16 64.55 -0.26 0.93
C ARG V 16 64.79 -1.59 1.63
N PRO V 17 65.57 -2.47 1.03
CA PRO V 17 66.00 -3.67 1.75
C PRO V 17 66.93 -3.32 2.90
N PHE V 18 67.09 -4.28 3.79
CA PHE V 18 67.91 -4.07 4.99
C PHE V 18 69.37 -3.92 4.62
N ARG V 19 69.99 -2.83 5.13
CA ARG V 19 71.36 -2.43 4.84
C ARG V 19 71.59 -2.23 3.35
N LYS V 20 70.63 -1.56 2.70
CA LYS V 20 70.68 -1.27 1.28
C LYS V 20 70.20 0.14 0.98
N HIS V 21 70.27 1.04 1.94
CA HIS V 21 69.75 2.40 1.78
C HIS V 21 70.78 3.29 1.09
N GLY V 22 70.50 4.58 1.05
CA GLY V 22 71.51 5.56 0.70
C GLY V 22 71.56 5.84 -0.79
N VAL V 23 72.76 5.77 -1.35
CA VAL V 23 73.00 6.20 -2.71
C VAL V 23 72.57 5.10 -3.66
N VAL V 24 71.91 5.48 -4.74
CA VAL V 24 71.52 4.49 -5.75
C VAL V 24 72.74 4.15 -6.59
N PRO V 25 73.02 2.87 -6.82
CA PRO V 25 74.16 2.49 -7.65
C PRO V 25 73.95 2.88 -9.11
N LEU V 26 75.06 3.24 -9.76
CA LEU V 26 75.00 3.91 -11.04
C LEU V 26 74.81 3.00 -12.24
N ALA V 27 74.95 1.67 -12.08
CA ALA V 27 74.69 0.78 -13.22
C ALA V 27 73.22 0.82 -13.62
N THR V 28 72.34 1.00 -12.62
CA THR V 28 70.91 1.13 -12.87
C THR V 28 70.59 2.35 -13.71
N TYR V 29 71.41 3.40 -13.60
CA TYR V 29 71.24 4.55 -14.48
C TYR V 29 71.88 4.35 -15.83
N MET V 30 72.98 3.60 -15.92
CA MET V 30 73.65 3.46 -17.21
C MET V 30 73.25 2.19 -17.98
N ARG V 31 72.18 1.50 -17.59
CA ARG V 31 71.55 0.56 -18.51
C ARG V 31 70.94 1.31 -19.68
N ILE V 32 70.74 0.60 -20.80
CA ILE V 32 70.08 1.21 -21.95
C ILE V 32 68.80 0.45 -22.21
N TYR V 33 67.86 1.12 -22.86
CA TYR V 33 66.54 0.56 -23.12
C TYR V 33 66.11 0.99 -24.51
N LYS V 34 66.01 0.04 -25.43
CA LYS V 34 65.47 0.36 -26.74
C LYS V 34 63.98 0.07 -26.73
N LYS V 35 63.24 0.74 -27.60
CA LYS V 35 61.79 0.59 -27.57
C LYS V 35 61.41 -0.77 -28.15
N GLY V 36 60.76 -1.59 -27.34
CA GLY V 36 60.40 -2.92 -27.75
C GLY V 36 60.79 -4.01 -26.77
N ASP V 37 61.67 -3.71 -25.82
CA ASP V 37 62.17 -4.76 -24.94
C ASP V 37 61.37 -4.83 -23.65
N ILE V 38 61.55 -5.95 -22.96
CA ILE V 38 60.72 -6.34 -21.83
C ILE V 38 61.43 -5.87 -20.56
N VAL V 39 60.72 -5.18 -19.69
CA VAL V 39 61.26 -4.66 -18.43
C VAL V 39 60.39 -5.06 -17.26
N ASP V 40 61.02 -5.35 -16.13
CA ASP V 40 60.33 -5.54 -14.87
C ASP V 40 60.12 -4.19 -14.19
N ILE V 41 58.99 -4.04 -13.51
CA ILE V 41 58.65 -2.85 -12.76
C ILE V 41 58.63 -3.19 -11.28
N LYS V 42 59.56 -2.58 -10.53
CA LYS V 42 59.67 -2.73 -9.09
C LYS V 42 59.39 -1.43 -8.35
N GLY V 43 60.14 -0.36 -8.63
CA GLY V 43 59.80 0.89 -7.99
C GLY V 43 60.36 1.12 -6.60
N MET V 44 61.68 1.34 -6.52
CA MET V 44 62.34 1.68 -5.27
C MET V 44 61.84 3.03 -4.73
N GLY V 45 62.10 3.26 -3.46
CA GLY V 45 61.53 4.43 -2.81
C GLY V 45 62.50 5.53 -2.44
N THR V 46 63.77 5.36 -2.78
CA THR V 46 64.73 6.45 -2.62
C THR V 46 64.44 7.59 -3.58
N VAL V 47 63.95 7.27 -4.77
CA VAL V 47 63.61 8.25 -5.79
C VAL V 47 62.10 8.42 -5.78
N GLN V 48 61.64 9.65 -5.63
CA GLN V 48 60.20 9.90 -5.56
C GLN V 48 59.63 10.38 -6.88
N LYS V 49 60.47 10.78 -7.83
CA LYS V 49 60.00 11.22 -9.13
C LYS V 49 59.77 10.01 -10.03
N GLY V 50 58.73 10.09 -10.86
CA GLY V 50 58.40 9.05 -11.82
C GLY V 50 58.16 7.70 -11.22
N MET V 51 57.61 7.64 -10.01
CA MET V 51 57.56 6.30 -9.47
C MET V 51 56.21 5.65 -9.82
N PRO V 52 56.19 4.34 -10.08
CA PRO V 52 54.97 3.71 -10.57
C PRO V 52 53.97 3.51 -9.43
N HIS V 53 52.75 3.18 -9.81
CA HIS V 53 51.73 2.94 -8.82
C HIS V 53 51.92 1.54 -8.24
N LYS V 54 51.28 1.32 -7.08
CA LYS V 54 51.42 0.05 -6.39
C LYS V 54 50.79 -1.12 -7.14
N CYS V 55 49.83 -0.86 -8.03
CA CYS V 55 49.31 -1.92 -8.88
C CYS V 55 50.31 -2.35 -9.93
N TYR V 56 51.22 -1.46 -10.32
CA TYR V 56 52.24 -1.77 -11.31
C TYR V 56 53.54 -2.26 -10.71
N HIS V 57 53.73 -2.10 -9.40
CA HIS V 57 54.88 -2.73 -8.75
C HIS V 57 54.87 -4.23 -8.92
N GLY V 58 56.04 -4.79 -9.21
CA GLY V 58 56.13 -6.21 -9.41
C GLY V 58 55.53 -6.68 -10.69
N LYS V 59 55.48 -5.84 -11.71
CA LYS V 59 54.85 -6.24 -12.97
C LYS V 59 55.88 -6.28 -14.06
N THR V 60 55.44 -6.54 -15.29
CA THR V 60 56.33 -6.67 -16.42
C THR V 60 55.66 -6.11 -17.65
N GLY V 61 56.36 -5.23 -18.36
CA GLY V 61 55.83 -4.60 -19.55
C GLY V 61 56.91 -4.49 -20.61
N ARG V 62 56.54 -3.87 -21.73
CA ARG V 62 57.51 -3.59 -22.78
C ARG V 62 57.59 -2.10 -23.05
N VAL V 63 58.78 -1.65 -23.44
CA VAL V 63 59.05 -0.23 -23.61
C VAL V 63 58.49 0.21 -24.95
N TYR V 64 57.72 1.31 -24.97
CA TYR V 64 57.30 1.91 -26.22
C TYR V 64 57.86 3.30 -26.45
N ASN V 65 58.52 3.90 -25.46
CA ASN V 65 58.94 5.29 -25.57
C ASN V 65 60.10 5.53 -24.63
N VAL V 66 61.13 6.22 -25.12
CA VAL V 66 62.31 6.55 -24.34
C VAL V 66 62.44 8.07 -24.31
N THR V 67 62.63 8.63 -23.12
CA THR V 67 62.86 10.05 -22.90
C THR V 67 64.17 10.23 -22.15
N GLN V 68 64.39 11.43 -21.61
CA GLN V 68 65.63 11.77 -20.93
C GLN V 68 65.90 10.88 -19.72
N HIS V 69 64.94 10.79 -18.80
CA HIS V 69 65.15 10.03 -17.58
C HIS V 69 64.19 8.87 -17.40
N ALA V 70 63.14 8.79 -18.19
CA ALA V 70 62.06 7.83 -18.00
C ALA V 70 61.82 7.06 -19.28
N VAL V 71 60.83 6.17 -19.22
CA VAL V 71 60.47 5.22 -20.26
C VAL V 71 58.96 5.05 -20.18
N GLY V 72 58.33 5.03 -21.36
CA GLY V 72 56.93 4.68 -21.46
C GLY V 72 56.83 3.18 -21.63
N ILE V 73 56.04 2.55 -20.77
CA ILE V 73 55.89 1.10 -20.72
C ILE V 73 54.42 0.77 -20.95
N VAL V 74 54.19 -0.31 -21.69
CA VAL V 74 52.86 -0.87 -21.91
C VAL V 74 52.73 -2.07 -20.99
N VAL V 75 51.85 -1.98 -20.01
CA VAL V 75 51.67 -3.01 -19.00
C VAL V 75 50.24 -3.48 -19.05
N ASN V 76 50.03 -4.77 -18.83
CA ASN V 76 48.68 -5.29 -18.71
C ASN V 76 48.22 -5.12 -17.27
N LYS V 77 47.08 -4.46 -17.09
CA LYS V 77 46.48 -4.33 -15.77
C LYS V 77 45.10 -4.97 -15.85
N GLN V 78 44.73 -5.67 -14.77
CA GLN V 78 43.43 -6.31 -14.72
C GLN V 78 42.53 -5.44 -13.88
N VAL V 79 41.68 -4.68 -14.55
CA VAL V 79 40.48 -4.06 -14.00
C VAL V 79 39.48 -5.20 -13.92
N LYS V 80 38.36 -4.99 -13.20
CA LYS V 80 37.48 -6.00 -12.62
C LYS V 80 37.31 -7.26 -13.46
N GLY V 81 36.84 -7.11 -14.69
CA GLY V 81 36.68 -8.29 -15.51
C GLY V 81 37.28 -8.24 -16.89
N LYS V 82 38.27 -7.37 -17.09
CA LYS V 82 38.96 -7.27 -18.36
C LYS V 82 40.42 -6.97 -18.11
N ILE V 83 41.26 -7.28 -19.09
CA ILE V 83 42.67 -6.95 -18.99
C ILE V 83 42.89 -5.89 -20.05
N LEU V 84 43.52 -4.80 -19.67
CA LEU V 84 43.75 -3.73 -20.63
C LEU V 84 45.16 -3.20 -20.48
N ALA V 85 45.68 -2.67 -21.58
CA ALA V 85 47.07 -2.26 -21.67
C ALA V 85 47.17 -0.78 -21.31
N LYS V 86 47.78 -0.50 -20.17
CA LYS V 86 48.02 0.83 -19.67
C LYS V 86 49.39 1.30 -20.11
N ARG V 87 49.53 2.60 -20.24
CA ARG V 87 50.77 3.20 -20.73
C ARG V 87 51.28 4.09 -19.61
N ILE V 88 52.38 3.71 -18.97
CA ILE V 88 52.85 4.45 -17.80
C ILE V 88 54.25 4.96 -18.08
N ASN V 89 54.54 6.16 -17.58
CA ASN V 89 55.87 6.73 -17.66
C ASN V 89 56.58 6.51 -16.33
N VAL V 90 57.65 5.72 -16.35
CA VAL V 90 58.30 5.23 -15.15
C VAL V 90 59.79 5.49 -15.35
N ARG V 91 60.51 5.73 -14.27
CA ARG V 91 61.93 6.03 -14.38
C ARG V 91 62.83 4.81 -14.17
N ILE V 92 64.06 4.98 -14.64
CA ILE V 92 64.99 3.88 -14.80
C ILE V 92 65.53 3.37 -13.48
N GLU V 93 65.37 4.14 -12.38
CA GLU V 93 65.63 3.58 -11.06
C GLU V 93 64.54 2.62 -10.63
N HIS V 94 63.37 2.72 -11.22
CA HIS V 94 62.24 1.88 -10.90
C HIS V 94 62.10 0.68 -11.82
N ILE V 95 62.77 0.65 -12.97
CA ILE V 95 62.68 -0.52 -13.86
C ILE V 95 64.02 -1.29 -13.90
N LYS V 96 63.95 -2.49 -14.47
CA LYS V 96 65.10 -3.32 -14.84
C LYS V 96 64.65 -4.32 -15.89
N HIS V 97 65.62 -4.92 -16.59
CA HIS V 97 65.36 -5.80 -17.73
C HIS V 97 64.75 -7.14 -17.32
N SER V 98 64.51 -8.00 -18.32
CA SER V 98 63.86 -9.30 -18.13
C SER V 98 64.72 -10.45 -18.67
N LYS V 99 65.25 -11.25 -17.74
CA LYS V 99 66.09 -12.38 -18.08
C LYS V 99 65.31 -13.51 -18.74
N SER V 100 63.98 -13.53 -18.61
CA SER V 100 63.18 -14.53 -19.31
C SER V 100 63.28 -14.36 -20.82
N ARG V 101 63.03 -13.14 -21.30
CA ARG V 101 63.16 -12.87 -22.72
C ARG V 101 64.61 -13.02 -23.17
N ASP V 102 65.57 -12.65 -22.30
CA ASP V 102 66.99 -12.85 -22.63
C ASP V 102 67.32 -14.33 -22.89
N SER V 103 66.85 -15.21 -21.99
CA SER V 103 67.04 -16.66 -22.13
C SER V 103 66.38 -17.18 -23.40
N PHE V 104 65.18 -16.66 -23.71
CA PHE V 104 64.50 -17.09 -24.93
C PHE V 104 65.29 -16.70 -26.16
N LEU V 105 65.86 -15.49 -26.18
CA LEU V 105 66.63 -15.05 -27.34
C LEU V 105 67.90 -15.88 -27.52
N LYS V 106 68.57 -16.24 -26.42
CA LYS V 106 69.78 -17.04 -26.61
C LYS V 106 69.45 -18.47 -27.02
N ARG V 107 68.29 -19.01 -26.61
CA ARG V 107 67.96 -20.31 -27.17
C ARG V 107 67.42 -20.24 -28.60
N VAL V 108 66.90 -19.08 -29.03
CA VAL V 108 66.61 -18.87 -30.45
C VAL V 108 67.88 -18.92 -31.29
N LYS V 109 68.92 -18.20 -30.86
CA LYS V 109 70.18 -18.21 -31.62
C LYS V 109 70.81 -19.60 -31.61
N GLU V 110 70.72 -20.31 -30.47
CA GLU V 110 71.20 -21.68 -30.41
C GLU V 110 70.43 -22.59 -31.38
N ASN V 111 69.11 -22.41 -31.48
CA ASN V 111 68.30 -23.17 -32.43
C ASN V 111 68.71 -22.91 -33.87
N ASP V 112 69.02 -21.64 -34.18
CA ASP V 112 69.39 -21.28 -35.54
C ASP V 112 70.74 -21.86 -35.93
N GLN V 113 71.73 -21.78 -35.04
CA GLN V 113 73.03 -22.40 -35.33
C GLN V 113 72.90 -23.92 -35.41
N LYS V 114 72.03 -24.52 -34.60
CA LYS V 114 71.87 -25.97 -34.61
C LYS V 114 71.20 -26.43 -35.91
N LYS V 115 70.21 -25.67 -36.38
CA LYS V 115 69.59 -26.03 -37.66
C LYS V 115 70.55 -25.84 -38.83
N LYS V 116 71.41 -24.81 -38.76
CA LYS V 116 72.43 -24.64 -39.80
C LYS V 116 73.43 -25.80 -39.84
N GLU V 117 73.95 -26.20 -38.67
CA GLU V 117 74.89 -27.32 -38.64
C GLU V 117 74.22 -28.63 -39.06
N ALA V 118 72.95 -28.85 -38.67
CA ALA V 118 72.25 -30.05 -39.10
C ALA V 118 72.05 -30.06 -40.62
N LYS V 119 71.72 -28.90 -41.21
CA LYS V 119 71.51 -28.83 -42.64
C LYS V 119 72.81 -29.04 -43.40
N GLU V 120 73.91 -28.51 -42.90
CA GLU V 120 75.14 -28.71 -43.66
C GLU V 120 75.68 -30.12 -43.48
N LYS V 121 75.49 -30.74 -42.30
CA LYS V 121 76.12 -32.03 -42.05
C LYS V 121 75.21 -33.19 -42.46
N GLY V 122 73.93 -32.92 -42.70
CA GLY V 122 73.06 -33.95 -43.24
C GLY V 122 72.46 -34.88 -42.20
N THR V 123 72.03 -34.34 -41.06
CA THR V 123 71.36 -35.12 -40.03
C THR V 123 70.01 -34.50 -39.72
N TRP V 124 69.31 -35.11 -38.77
CA TRP V 124 68.10 -34.53 -38.18
C TRP V 124 68.27 -34.50 -36.68
N VAL V 125 68.15 -33.31 -36.08
CA VAL V 125 68.42 -33.14 -34.66
C VAL V 125 67.19 -32.51 -34.02
N GLN V 126 67.12 -32.63 -32.69
CA GLN V 126 65.96 -32.19 -31.93
C GLN V 126 66.13 -30.72 -31.57
N LEU V 127 65.07 -29.94 -31.75
CA LEU V 127 65.08 -28.49 -31.52
C LEU V 127 64.12 -28.05 -30.44
N LYS V 128 62.97 -28.70 -30.31
CA LYS V 128 62.04 -28.40 -29.24
C LYS V 128 62.59 -28.89 -27.90
N ARG V 129 61.86 -28.59 -26.84
CA ARG V 129 62.19 -29.10 -25.53
C ARG V 129 60.98 -29.83 -24.97
N GLN V 130 61.24 -30.87 -24.20
CA GLN V 130 60.21 -31.79 -23.81
C GLN V 130 60.08 -31.82 -22.30
N PRO V 131 58.87 -31.96 -21.77
CA PRO V 131 58.66 -31.75 -20.33
C PRO V 131 58.95 -32.95 -19.43
N ALA V 132 60.25 -33.14 -19.12
CA ALA V 132 60.77 -33.96 -18.02
C ALA V 132 60.25 -35.40 -18.07
N PRO V 133 60.79 -36.24 -18.94
CA PRO V 133 60.20 -37.55 -19.21
C PRO V 133 60.30 -38.47 -18.00
N PRO V 134 59.65 -39.65 -18.04
CA PRO V 134 59.84 -40.63 -16.97
C PRO V 134 61.25 -41.20 -16.93
N ARG V 135 61.47 -42.17 -16.06
CA ARG V 135 62.80 -42.37 -15.54
C ARG V 135 63.49 -43.68 -15.90
N GLU V 136 63.45 -44.09 -17.17
CA GLU V 136 64.53 -44.80 -17.89
C GLU V 136 65.17 -45.92 -17.07
N ALA V 137 64.51 -47.08 -17.04
CA ALA V 137 64.85 -48.29 -16.28
C ALA V 137 66.33 -48.56 -16.10
N HIS V 138 66.73 -48.87 -14.88
CA HIS V 138 68.14 -48.93 -14.54
C HIS V 138 68.35 -49.88 -13.38
N PHE V 139 69.61 -50.23 -13.17
CA PHE V 139 70.04 -51.16 -12.14
C PHE V 139 70.63 -50.35 -10.99
N VAL V 140 70.42 -50.84 -9.78
CA VAL V 140 70.91 -50.17 -8.57
C VAL V 140 71.81 -51.16 -7.88
N ARG V 141 73.12 -50.89 -7.91
CA ARG V 141 74.05 -51.78 -7.25
C ARG V 141 73.99 -51.60 -5.75
N THR V 142 73.99 -52.72 -5.05
CA THR V 142 74.06 -52.75 -3.61
C THR V 142 75.49 -52.78 -3.11
N ASN V 143 76.47 -53.00 -4.01
CA ASN V 143 77.90 -53.01 -3.70
C ASN V 143 78.23 -54.03 -2.63
N GLY V 144 77.52 -55.15 -2.64
CA GLY V 144 77.72 -56.25 -1.72
C GLY V 144 77.04 -56.09 -0.37
N LYS V 145 77.01 -54.88 0.17
CA LYS V 145 76.45 -54.66 1.49
C LYS V 145 74.92 -54.66 1.46
N GLU V 146 74.32 -55.03 2.58
CA GLU V 146 72.87 -55.13 2.75
C GLU V 146 72.31 -53.75 3.07
N PRO V 147 71.15 -53.38 2.51
CA PRO V 147 70.53 -52.11 2.89
C PRO V 147 70.13 -52.03 4.35
N GLU V 148 70.35 -50.85 4.91
CA GLU V 148 70.18 -50.60 6.34
C GLU V 148 68.69 -50.61 6.68
N LEU V 149 68.35 -51.29 7.77
CA LEU V 149 66.97 -51.38 8.26
C LEU V 149 66.57 -50.17 9.09
N LEU V 150 65.60 -49.43 8.60
CA LEU V 150 65.03 -48.28 9.29
C LEU V 150 63.74 -48.69 9.99
N GLU V 151 63.41 -47.93 11.00
CA GLU V 151 62.44 -48.36 11.97
C GLU V 151 61.97 -47.14 12.74
N PRO V 152 60.66 -46.93 12.89
CA PRO V 152 60.17 -45.75 13.60
C PRO V 152 60.58 -45.78 15.07
N ILE V 153 60.78 -44.58 15.61
CA ILE V 153 61.34 -44.42 16.96
C ILE V 153 60.21 -44.48 17.98
N PRO V 154 60.48 -44.80 19.24
CA PRO V 154 59.47 -44.67 20.27
C PRO V 154 59.15 -43.20 20.55
N TYR V 155 58.07 -42.99 21.25
CA TYR V 155 57.67 -41.64 21.61
C TYR V 155 58.27 -41.26 22.95
N GLU V 156 58.89 -40.10 22.97
CA GLU V 156 59.37 -39.49 24.19
C GLU V 156 58.91 -38.04 24.14
N PHE V 157 58.51 -37.50 25.27
CA PHE V 157 58.07 -36.10 25.32
C PHE V 157 59.25 -35.27 25.79
N MET V 158 59.77 -34.41 24.90
CA MET V 158 60.75 -33.39 25.29
C MET V 158 60.06 -32.04 25.43
N ALA V 159 59.50 -31.53 24.34
CA ALA V 159 58.96 -30.17 24.32
C ALA V 159 57.56 -30.18 23.72
N LEU W 1 -101.27 12.34 51.20
CA LEU W 1 -101.19 13.09 49.96
C LEU W 1 -101.73 12.28 48.78
N LYS W 2 -102.55 11.29 49.11
CA LYS W 2 -103.21 10.44 48.13
C LYS W 2 -102.30 9.75 47.12
N PHE W 3 -101.17 9.23 47.56
CA PHE W 3 -100.29 8.53 46.64
C PHE W 3 -100.94 7.21 46.26
N THR W 4 -101.97 7.33 45.43
CA THR W 4 -102.75 6.20 44.94
C THR W 4 -101.81 5.13 44.40
N LEU W 5 -101.80 3.96 45.03
CA LEU W 5 -101.03 2.82 44.53
C LEU W 5 -102.07 1.84 43.97
N ASP W 6 -101.96 1.53 42.69
CA ASP W 6 -103.01 0.83 41.94
C ASP W 6 -102.44 -0.44 41.34
N CYS W 7 -103.13 -1.55 41.59
CA CYS W 7 -102.76 -2.86 41.06
C CYS W 7 -104.07 -3.59 40.77
N THR W 8 -104.57 -3.42 39.55
CA THR W 8 -105.77 -4.12 39.14
C THR W 8 -105.46 -5.42 38.40
N HIS W 9 -104.49 -5.37 37.48
CA HIS W 9 -104.11 -6.56 36.72
C HIS W 9 -103.64 -7.74 37.57
N PRO W 10 -102.70 -7.61 38.54
CA PRO W 10 -102.27 -8.81 39.27
C PRO W 10 -103.34 -9.39 40.17
N VAL W 11 -104.22 -8.57 40.76
CA VAL W 11 -105.30 -9.15 41.56
C VAL W 11 -106.44 -9.64 40.67
N GLU W 12 -106.45 -9.13 39.44
CA GLU W 12 -107.40 -9.51 38.39
C GLU W 12 -107.17 -10.95 37.96
N ASP W 13 -105.90 -11.30 37.73
CA ASP W 13 -105.52 -12.68 37.45
C ASP W 13 -105.03 -13.42 38.69
N GLY W 14 -105.17 -12.83 39.88
CA GLY W 14 -105.02 -13.55 41.13
C GLY W 14 -103.64 -14.08 41.47
N ILE W 15 -102.61 -13.24 41.41
CA ILE W 15 -101.26 -13.62 41.76
C ILE W 15 -100.73 -12.89 42.98
N MET W 16 -101.48 -11.92 43.51
CA MET W 16 -101.11 -11.27 44.76
C MET W 16 -102.38 -10.91 45.50
N ASP W 17 -102.23 -10.54 46.77
CA ASP W 17 -103.35 -10.27 47.65
C ASP W 17 -103.24 -8.84 48.17
N ALA W 18 -104.23 -8.02 47.82
CA ALA W 18 -104.23 -6.62 48.23
C ALA W 18 -104.32 -6.47 49.74
N ALA W 19 -105.00 -7.39 50.42
CA ALA W 19 -105.18 -7.27 51.87
C ALA W 19 -103.86 -7.51 52.61
N ASN W 20 -103.14 -8.58 52.28
CA ASN W 20 -101.88 -8.81 52.98
C ASN W 20 -100.78 -7.87 52.49
N PHE W 21 -100.85 -7.40 51.24
CA PHE W 21 -99.93 -6.35 50.82
C PHE W 21 -100.18 -5.05 51.59
N GLU W 22 -101.46 -4.76 51.87
CA GLU W 22 -101.82 -3.65 52.73
C GLU W 22 -101.30 -3.87 54.16
N GLN W 23 -101.36 -5.12 54.62
CA GLN W 23 -100.78 -5.48 55.92
C GLN W 23 -99.27 -5.26 55.93
N PHE W 24 -98.61 -5.62 54.83
CA PHE W 24 -97.16 -5.43 54.68
C PHE W 24 -96.79 -3.97 54.81
N LEU W 25 -97.53 -3.11 54.14
CA LEU W 25 -97.28 -1.67 54.25
C LEU W 25 -97.58 -1.19 55.68
N GLN W 26 -98.67 -1.69 56.27
CA GLN W 26 -99.10 -1.29 57.60
C GLN W 26 -98.05 -1.60 58.66
N GLU W 27 -97.36 -2.74 58.51
CA GLU W 27 -96.24 -3.00 59.41
C GLU W 27 -95.02 -2.18 59.02
N ARG W 28 -94.54 -2.34 57.78
CA ARG W 28 -93.25 -1.81 57.36
C ARG W 28 -93.40 -0.50 56.58
N ILE W 29 -94.10 0.46 57.16
CA ILE W 29 -93.94 1.86 56.82
C ILE W 29 -92.90 2.47 57.77
N LYS W 30 -92.38 3.64 57.43
CA LYS W 30 -91.60 4.41 58.40
C LYS W 30 -92.07 5.86 58.43
N VAL W 31 -92.27 6.37 59.64
CA VAL W 31 -92.48 7.79 59.91
C VAL W 31 -91.47 8.19 60.97
N ASN W 32 -90.53 9.07 60.59
CA ASN W 32 -89.40 9.50 61.43
C ASN W 32 -88.57 8.32 61.94
N GLY W 33 -88.41 7.30 61.11
CA GLY W 33 -87.59 6.16 61.48
C GLY W 33 -88.24 5.25 62.49
N LYS W 34 -89.54 5.01 62.36
CA LYS W 34 -90.23 4.09 63.25
C LYS W 34 -91.16 3.20 62.46
N ALA W 35 -91.05 1.89 62.67
CA ALA W 35 -91.90 0.92 62.01
C ALA W 35 -93.11 0.61 62.88
N GLY W 36 -94.22 0.26 62.24
CA GLY W 36 -95.47 0.00 62.93
C GLY W 36 -96.12 1.29 63.39
N ASN W 37 -97.37 1.17 63.87
CA ASN W 37 -98.18 2.19 64.56
C ASN W 37 -98.45 3.47 63.75
N LEU W 38 -97.93 3.52 62.51
CA LEU W 38 -98.16 4.56 61.51
C LEU W 38 -97.76 5.93 62.04
N GLY W 39 -96.60 6.03 62.69
CA GLY W 39 -96.20 7.22 63.43
C GLY W 39 -97.02 7.53 64.67
N GLY W 40 -98.02 6.73 64.98
CA GLY W 40 -99.02 6.94 66.00
C GLY W 40 -100.16 7.55 65.23
N GLY W 41 -100.97 6.67 64.63
CA GLY W 41 -102.13 7.03 63.80
C GLY W 41 -102.06 8.19 62.82
N VAL W 42 -100.85 8.57 62.39
CA VAL W 42 -100.70 9.79 61.58
C VAL W 42 -100.76 9.51 60.08
N VAL W 43 -100.56 8.27 59.65
CA VAL W 43 -100.87 7.92 58.27
C VAL W 43 -101.97 6.86 58.29
N THR W 44 -102.82 6.88 57.27
CA THR W 44 -103.99 6.03 57.21
C THR W 44 -104.08 5.32 55.87
N ILE W 45 -104.20 4.00 55.89
CA ILE W 45 -104.22 3.18 54.68
C ILE W 45 -105.59 2.53 54.58
N GLU W 46 -106.30 2.80 53.50
CA GLU W 46 -107.53 2.09 53.21
C GLU W 46 -107.34 1.34 51.89
N ARG W 47 -108.00 0.20 51.76
CA ARG W 47 -108.04 -0.52 50.48
C ARG W 47 -109.47 -0.59 49.97
N SER W 48 -109.72 0.05 48.83
CA SER W 48 -111.04 0.11 48.20
C SER W 48 -111.22 -1.03 47.20
N LYS W 49 -110.88 -2.25 47.64
CA LYS W 49 -111.14 -3.57 47.05
C LYS W 49 -110.39 -3.81 45.73
N SER W 50 -109.73 -2.80 45.19
CA SER W 50 -108.83 -2.98 44.06
C SER W 50 -107.60 -2.10 44.08
N LYS W 51 -107.47 -1.17 45.03
CA LYS W 51 -106.35 -0.23 45.08
C LYS W 51 -106.28 0.31 46.50
N ILE W 52 -105.18 0.96 46.83
CA ILE W 52 -104.88 1.30 48.21
C ILE W 52 -104.53 2.78 48.30
N THR W 53 -105.22 3.50 49.18
CA THR W 53 -104.90 4.88 49.45
C THR W 53 -104.19 5.03 50.80
N VAL W 54 -103.16 5.86 50.82
CA VAL W 54 -102.18 5.93 51.91
C VAL W 54 -102.15 7.36 52.46
N THR W 55 -103.34 7.92 52.72
CA THR W 55 -103.51 9.32 53.11
C THR W 55 -102.68 9.70 54.33
N SER W 56 -102.29 10.97 54.39
CA SER W 56 -101.29 11.39 55.35
C SER W 56 -101.37 12.89 55.61
N GLU W 57 -100.70 13.30 56.68
CA GLU W 57 -100.60 14.70 57.07
C GLU W 57 -99.16 15.09 57.33
N VAL W 58 -98.21 14.32 56.79
CA VAL W 58 -96.78 14.58 57.01
C VAL W 58 -96.09 14.67 55.66
N PRO W 59 -94.76 15.00 55.59
CA PRO W 59 -94.06 15.05 54.29
C PRO W 59 -93.70 13.74 53.60
N PHE W 60 -94.39 12.64 53.93
CA PHE W 60 -94.23 11.32 53.31
C PHE W 60 -94.11 11.33 51.78
N SER W 61 -93.34 10.35 51.22
CA SER W 61 -92.84 10.45 49.84
C SER W 61 -93.19 9.24 48.99
N LYS W 62 -93.57 9.50 47.74
CA LYS W 62 -93.98 8.41 46.86
C LYS W 62 -92.79 7.66 46.28
N ARG W 63 -91.58 8.23 46.29
CA ARG W 63 -90.44 7.41 45.92
C ARG W 63 -90.15 6.38 47.00
N TYR W 64 -90.43 6.72 48.26
CA TYR W 64 -90.41 5.71 49.32
C TYR W 64 -91.51 4.68 49.09
N LEU W 65 -92.67 5.12 48.58
CA LEU W 65 -93.72 4.16 48.22
C LEU W 65 -93.23 3.17 47.15
N LYS W 66 -92.61 3.69 46.10
CA LYS W 66 -92.10 2.84 45.02
C LYS W 66 -91.02 1.89 45.52
N TYR W 67 -90.18 2.37 46.43
CA TYR W 67 -89.15 1.52 47.04
C TYR W 67 -89.79 0.39 47.85
N LEU W 68 -90.85 0.70 48.61
CA LEU W 68 -91.51 -0.33 49.39
C LEU W 68 -92.25 -1.35 48.54
N THR W 69 -92.92 -0.91 47.46
CA THR W 69 -93.60 -1.90 46.62
C THR W 69 -92.60 -2.76 45.86
N LYS W 70 -91.45 -2.19 45.44
CA LYS W 70 -90.40 -3.00 44.85
C LYS W 70 -89.88 -4.04 45.85
N LYS W 71 -89.76 -3.64 47.12
CA LYS W 71 -89.34 -4.56 48.17
C LYS W 71 -90.35 -5.69 48.35
N TYR W 72 -91.65 -5.36 48.30
CA TYR W 72 -92.70 -6.37 48.42
C TYR W 72 -92.65 -7.35 47.27
N LEU W 73 -92.48 -6.83 46.04
CA LEU W 73 -92.43 -7.68 44.86
C LEU W 73 -91.22 -8.60 44.91
N LYS W 74 -90.07 -8.07 45.33
CA LYS W 74 -88.88 -8.89 45.46
C LYS W 74 -89.05 -9.95 46.55
N LYS W 75 -89.71 -9.60 47.65
CA LYS W 75 -89.93 -10.54 48.74
C LYS W 75 -90.86 -11.68 48.32
N ASN W 76 -91.92 -11.36 47.59
CA ASN W 76 -92.84 -12.38 47.13
C ASN W 76 -92.49 -12.93 45.76
N ASN W 77 -91.28 -12.61 45.25
CA ASN W 77 -90.70 -13.24 44.07
C ASN W 77 -91.55 -12.96 42.83
N LEU W 78 -91.86 -11.69 42.62
CA LEU W 78 -92.80 -11.30 41.58
C LEU W 78 -92.25 -10.33 40.57
N ARG W 79 -91.15 -9.62 40.84
CA ARG W 79 -90.74 -8.56 39.95
C ARG W 79 -89.83 -9.07 38.82
N ASP W 80 -90.30 -10.14 38.18
CA ASP W 80 -89.90 -10.49 36.83
C ASP W 80 -91.06 -10.38 35.86
N TRP W 81 -92.27 -10.20 36.36
CA TRP W 81 -93.46 -9.95 35.56
C TRP W 81 -93.98 -8.54 35.76
N LEU W 82 -93.89 -8.03 36.99
CA LEU W 82 -94.53 -6.80 37.39
C LEU W 82 -93.50 -5.68 37.36
N ARG W 83 -93.99 -4.45 37.25
CA ARG W 83 -93.13 -3.30 37.08
C ARG W 83 -93.91 -2.08 37.52
N VAL W 84 -93.38 -1.35 38.50
CA VAL W 84 -94.09 -0.21 39.05
C VAL W 84 -93.73 1.04 38.26
N VAL W 85 -94.73 1.62 37.59
CA VAL W 85 -94.55 2.85 36.84
C VAL W 85 -95.43 3.94 37.42
N ALA W 86 -95.15 5.18 37.02
CA ALA W 86 -95.98 6.32 37.38
C ALA W 86 -97.00 6.54 36.27
N ASN W 87 -98.20 6.01 36.45
CA ASN W 87 -99.24 6.19 35.43
C ASN W 87 -99.76 7.61 35.41
N SER W 88 -99.70 8.31 36.54
CA SER W 88 -100.11 9.70 36.63
C SER W 88 -99.31 10.36 37.74
N LYS W 89 -99.58 11.63 37.97
CA LYS W 89 -99.09 12.26 39.19
C LYS W 89 -99.80 11.66 40.39
N GLU W 90 -99.11 11.62 41.51
CA GLU W 90 -99.71 11.16 42.75
C GLU W 90 -100.31 9.77 42.62
N SER W 91 -99.67 8.94 41.82
CA SER W 91 -100.12 7.56 41.68
C SER W 91 -99.05 6.69 41.00
N TYR W 92 -99.05 5.41 41.40
CA TYR W 92 -98.14 4.37 40.91
C TYR W 92 -98.96 3.17 40.48
N GLU W 93 -98.82 2.77 39.22
CA GLU W 93 -99.53 1.59 38.72
C GLU W 93 -98.60 0.48 38.24
N LEU W 94 -98.77 -0.73 38.76
CA LEU W 94 -97.96 -1.87 38.34
C LEU W 94 -98.35 -2.35 36.95
N ARG W 95 -97.36 -2.75 36.15
CA ARG W 95 -97.62 -3.25 34.80
C ARG W 95 -96.81 -4.50 34.49
N TYR W 96 -97.39 -5.39 33.69
CA TYR W 96 -96.69 -6.61 33.29
C TYR W 96 -95.61 -6.32 32.28
N PHE W 97 -94.52 -7.10 32.32
CA PHE W 97 -93.46 -6.91 31.34
C PHE W 97 -93.99 -7.34 29.99
N GLN W 98 -93.59 -6.64 28.93
CA GLN W 98 -94.07 -6.94 27.60
C GLN W 98 -94.59 -8.38 27.55
N ILE W 99 -95.54 -8.64 26.67
CA ILE W 99 -96.08 -9.98 26.55
C ILE W 99 -95.11 -10.87 25.77
N SER X 1 -10.94 -37.66 80.47
CA SER X 1 -10.84 -36.48 79.65
C SER X 1 -11.90 -36.50 78.55
N GLY X 2 -11.72 -35.63 77.55
CA GLY X 2 -12.65 -35.57 76.43
C GLY X 2 -12.47 -34.33 75.60
N ALA X 3 -12.49 -34.47 74.29
CA ALA X 3 -12.31 -33.33 73.41
C ALA X 3 -13.65 -32.74 73.01
N LYS X 4 -13.66 -31.43 72.75
CA LYS X 4 -14.90 -30.76 72.39
C LYS X 4 -15.39 -31.23 71.03
N PHE X 5 -16.70 -31.41 70.92
CA PHE X 5 -17.28 -31.73 69.64
C PHE X 5 -17.35 -30.48 68.77
N ARG X 6 -17.60 -30.66 67.49
CA ARG X 6 -17.75 -29.51 66.61
C ARG X 6 -19.10 -28.85 66.87
N ILE X 7 -19.09 -27.53 67.02
CA ILE X 7 -20.30 -26.73 67.11
C ILE X 7 -20.36 -25.80 65.91
N SER X 8 -21.52 -25.16 65.72
CA SER X 8 -21.66 -24.18 64.66
C SER X 8 -20.95 -22.90 65.07
N LEU X 9 -20.19 -22.32 64.14
CA LEU X 9 -19.27 -21.23 64.50
C LEU X 9 -19.99 -19.89 64.52
N GLY X 10 -20.40 -19.41 63.35
CA GLY X 10 -21.16 -18.17 63.23
C GLY X 10 -20.59 -16.89 63.83
N LEU X 11 -19.31 -16.85 64.17
CA LEU X 11 -18.69 -15.66 64.72
C LEU X 11 -17.37 -15.39 64.00
N PRO X 12 -17.43 -14.73 62.82
CA PRO X 12 -16.24 -14.57 61.97
C PRO X 12 -15.21 -13.59 62.53
N VAL X 13 -14.21 -13.23 61.72
CA VAL X 13 -13.14 -12.35 62.19
C VAL X 13 -13.67 -10.97 62.56
N GLY X 14 -14.34 -10.27 61.63
CA GLY X 14 -14.65 -8.87 61.93
C GLY X 14 -15.66 -8.57 63.05
N ALA X 15 -16.03 -9.60 63.81
CA ALA X 15 -17.11 -9.49 64.80
C ALA X 15 -16.68 -8.69 66.02
N VAL X 16 -17.64 -7.94 66.56
CA VAL X 16 -17.45 -7.20 67.79
C VAL X 16 -18.43 -7.81 68.78
N ILE X 17 -17.89 -8.52 69.76
CA ILE X 17 -18.67 -9.13 70.83
C ILE X 17 -18.43 -8.27 72.06
N ASN X 18 -19.19 -8.52 73.12
CA ASN X 18 -19.00 -7.71 74.31
C ASN X 18 -18.22 -8.47 75.37
N CYS X 19 -17.35 -7.74 76.06
CA CYS X 19 -16.49 -8.32 77.07
C CYS X 19 -17.33 -8.58 78.31
N ALA X 20 -17.23 -9.78 78.86
CA ALA X 20 -18.17 -10.21 79.88
C ALA X 20 -17.56 -10.33 81.28
N ASP X 21 -16.40 -9.72 81.51
CA ASP X 21 -15.83 -9.73 82.85
C ASP X 21 -15.50 -8.31 83.28
N ASN X 22 -14.99 -8.19 84.50
CA ASN X 22 -14.84 -6.92 85.21
C ASN X 22 -13.52 -6.23 84.89
N THR X 23 -12.87 -6.57 83.77
CA THR X 23 -11.57 -6.02 83.44
C THR X 23 -11.61 -4.55 83.09
N GLY X 24 -12.78 -4.03 82.74
CA GLY X 24 -12.94 -2.67 82.28
C GLY X 24 -13.10 -2.50 80.79
N ALA X 25 -12.98 -3.57 80.03
CA ALA X 25 -13.31 -3.55 78.62
C ALA X 25 -14.82 -3.64 78.44
N LYS X 26 -15.31 -3.06 77.35
CA LYS X 26 -16.70 -3.24 76.95
C LYS X 26 -16.85 -4.08 75.71
N ASN X 27 -15.99 -3.87 74.72
CA ASN X 27 -16.06 -4.54 73.43
C ASN X 27 -14.84 -5.42 73.26
N LEU X 28 -14.99 -6.44 72.44
CA LEU X 28 -13.88 -7.24 71.96
C LEU X 28 -14.04 -7.35 70.45
N TYR X 29 -13.01 -6.98 69.72
CA TYR X 29 -13.03 -6.99 68.27
C TYR X 29 -12.13 -8.11 67.83
N ILE X 30 -12.72 -9.17 67.29
CA ILE X 30 -11.97 -10.36 66.95
C ILE X 30 -11.11 -10.06 65.73
N ILE X 31 -9.85 -10.52 65.77
CA ILE X 31 -8.98 -10.38 64.61
C ILE X 31 -8.47 -11.73 64.13
N SER X 32 -8.77 -12.80 64.85
CA SER X 32 -8.12 -14.09 64.65
C SER X 32 -8.86 -15.13 65.47
N VAL X 33 -8.61 -16.39 65.15
CA VAL X 33 -9.10 -17.51 65.93
C VAL X 33 -7.95 -18.49 66.07
N LYS X 34 -7.64 -18.87 67.31
CA LYS X 34 -6.53 -19.76 67.61
C LYS X 34 -6.82 -21.17 67.10
N GLY X 35 -6.06 -21.61 66.12
CA GLY X 35 -6.16 -22.98 65.64
C GLY X 35 -6.77 -23.12 64.27
N ILE X 36 -6.66 -22.07 63.46
CA ILE X 36 -7.28 -22.03 62.15
C ILE X 36 -6.17 -22.10 61.12
N LYS X 37 -6.17 -23.17 60.34
CA LYS X 37 -5.25 -23.29 59.23
C LYS X 37 -5.86 -22.67 57.99
N GLY X 38 -7.15 -22.81 57.84
CA GLY X 38 -7.90 -22.00 56.92
C GLY X 38 -7.93 -22.56 55.52
N ARG X 39 -8.37 -21.69 54.61
CA ARG X 39 -8.69 -22.06 53.26
C ARG X 39 -8.80 -20.76 52.48
N LEU X 40 -8.67 -20.84 51.16
CA LEU X 40 -8.73 -19.67 50.31
C LEU X 40 -10.07 -18.96 50.46
N ASN X 41 -10.01 -17.67 50.79
CA ASN X 41 -11.12 -16.72 50.91
C ASN X 41 -12.01 -16.97 52.12
N ARG X 42 -11.84 -18.09 52.82
CA ARG X 42 -12.70 -18.40 53.95
C ARG X 42 -12.29 -17.60 55.17
N LEU X 43 -13.25 -16.89 55.73
CA LEU X 43 -13.00 -16.08 56.91
C LEU X 43 -12.85 -16.98 58.13
N PRO X 44 -11.83 -16.78 58.96
CA PRO X 44 -11.72 -17.59 60.17
C PRO X 44 -12.81 -17.20 61.17
N ALA X 45 -13.41 -18.19 61.79
CA ALA X 45 -14.56 -17.93 62.63
C ALA X 45 -14.46 -18.73 63.91
N ALA X 46 -15.20 -18.27 64.92
CA ALA X 46 -15.11 -18.80 66.27
C ALA X 46 -16.46 -19.28 66.74
N GLY X 47 -16.45 -20.06 67.80
CA GLY X 47 -17.68 -20.45 68.48
C GLY X 47 -17.42 -20.44 69.96
N VAL X 48 -18.38 -20.89 70.77
CA VAL X 48 -18.16 -20.92 72.21
C VAL X 48 -17.09 -21.94 72.55
N GLY X 49 -16.15 -21.55 73.40
CA GLY X 49 -15.02 -22.38 73.72
C GLY X 49 -13.76 -22.08 72.95
N ASP X 50 -13.78 -21.11 72.06
CA ASP X 50 -12.65 -20.83 71.20
C ASP X 50 -11.84 -19.67 71.76
N MET X 51 -10.52 -19.81 71.70
CA MET X 51 -9.62 -18.72 71.98
C MET X 51 -9.41 -17.92 70.71
N VAL X 52 -9.49 -16.60 70.83
CA VAL X 52 -9.40 -15.68 69.72
C VAL X 52 -8.37 -14.62 70.08
N MET X 53 -7.82 -13.98 69.06
CA MET X 53 -7.07 -12.76 69.30
C MET X 53 -8.02 -11.60 69.08
N ALA X 54 -8.04 -10.67 70.03
CA ALA X 54 -9.04 -9.63 70.01
C ALA X 54 -8.42 -8.31 70.41
N THR X 55 -8.97 -7.23 69.87
CA THR X 55 -8.72 -5.91 70.42
C THR X 55 -9.99 -5.40 71.08
N VAL X 56 -9.82 -4.50 72.03
CA VAL X 56 -10.94 -3.84 72.68
C VAL X 56 -11.08 -2.45 72.07
N LYS X 57 -12.26 -2.17 71.50
CA LYS X 57 -12.45 -0.93 70.77
C LYS X 57 -12.87 0.22 71.67
N LYS X 58 -13.80 0.00 72.60
CA LYS X 58 -14.09 0.96 73.64
C LYS X 58 -13.96 0.28 75.00
N GLY X 59 -13.37 1.00 75.94
CA GLY X 59 -13.07 0.44 77.23
C GLY X 59 -11.99 1.27 77.91
N LYS X 60 -11.16 0.60 78.70
CA LYS X 60 -10.12 1.36 79.37
C LYS X 60 -8.97 1.67 78.41
N PRO X 61 -8.33 2.83 78.60
CA PRO X 61 -7.25 3.21 77.68
C PRO X 61 -6.00 2.38 77.84
N GLU X 62 -5.76 1.80 79.02
CA GLU X 62 -4.61 0.91 79.14
C GLU X 62 -4.89 -0.48 78.61
N LEU X 63 -6.12 -0.76 78.20
CA LEU X 63 -6.44 -1.97 77.46
C LEU X 63 -6.56 -1.75 75.97
N ARG X 64 -6.92 -0.53 75.54
CA ARG X 64 -7.56 -0.31 74.24
C ARG X 64 -6.69 -0.70 73.06
N LYS X 65 -5.46 -0.19 72.98
CA LYS X 65 -4.68 -0.30 71.75
C LYS X 65 -3.74 -1.50 71.75
N LYS X 66 -4.23 -2.69 72.06
CA LYS X 66 -3.39 -3.87 72.16
C LYS X 66 -4.12 -5.07 71.58
N VAL X 67 -3.44 -6.21 71.57
CA VAL X 67 -4.02 -7.49 71.18
C VAL X 67 -4.01 -8.39 72.41
N HIS X 68 -5.16 -8.96 72.73
CA HIS X 68 -5.25 -9.88 73.85
C HIS X 68 -5.83 -11.21 73.41
N PRO X 69 -5.47 -12.30 74.08
CA PRO X 69 -6.23 -13.54 73.88
C PRO X 69 -7.53 -13.44 74.66
N ALA X 70 -8.57 -14.00 74.06
CA ALA X 70 -9.91 -13.95 74.63
C ALA X 70 -10.56 -15.29 74.35
N VAL X 71 -11.61 -15.59 75.10
CA VAL X 71 -12.34 -16.84 74.93
C VAL X 71 -13.80 -16.51 74.77
N VAL X 72 -14.43 -17.09 73.76
CA VAL X 72 -15.82 -16.80 73.45
C VAL X 72 -16.67 -17.66 74.37
N ILE X 73 -17.56 -17.02 75.12
CA ILE X 73 -18.35 -17.72 76.14
C ILE X 73 -19.82 -17.77 75.79
N ARG X 74 -20.31 -16.87 74.92
CA ARG X 74 -21.72 -16.87 74.57
C ARG X 74 -21.83 -16.47 73.11
N GLN X 75 -22.61 -17.23 72.35
CA GLN X 75 -22.87 -16.89 70.96
C GLN X 75 -24.36 -16.83 70.70
N ARG X 76 -24.75 -15.81 69.95
CA ARG X 76 -26.11 -15.65 69.44
C ARG X 76 -26.50 -16.70 68.41
N LYS X 77 -25.52 -17.36 67.76
CA LYS X 77 -25.83 -18.37 66.76
C LYS X 77 -26.11 -19.73 67.39
N SER X 78 -27.15 -20.40 66.90
CA SER X 78 -27.61 -21.65 67.48
C SER X 78 -26.68 -22.79 67.11
N TYR X 79 -26.42 -23.66 68.07
CA TYR X 79 -25.56 -24.81 67.83
C TYR X 79 -26.14 -26.06 68.49
N ARG X 80 -26.07 -27.18 67.77
CA ARG X 80 -26.54 -28.45 68.30
C ARG X 80 -25.58 -28.93 69.38
N ARG X 81 -26.12 -29.60 70.39
CA ARG X 81 -25.37 -29.94 71.57
C ARG X 81 -25.38 -31.44 71.86
N LYS X 82 -25.74 -32.25 70.86
CA LYS X 82 -25.48 -33.69 70.77
C LYS X 82 -26.31 -34.52 71.75
N ASP X 83 -27.07 -33.88 72.63
CA ASP X 83 -28.24 -34.49 73.23
C ASP X 83 -29.52 -34.09 72.49
N GLY X 84 -29.37 -33.57 71.27
CA GLY X 84 -30.44 -33.13 70.42
C GLY X 84 -30.76 -31.66 70.49
N VAL X 85 -30.54 -31.00 71.62
CA VAL X 85 -31.07 -29.67 71.84
C VAL X 85 -30.20 -28.66 71.10
N PHE X 86 -30.85 -27.72 70.42
CA PHE X 86 -30.18 -26.57 69.82
C PHE X 86 -30.27 -25.42 70.81
N LEU X 87 -29.16 -24.74 71.02
CA LEU X 87 -29.07 -23.72 72.04
C LEU X 87 -28.47 -22.45 71.45
N TYR X 88 -28.98 -21.30 71.87
CA TYR X 88 -28.39 -20.03 71.50
C TYR X 88 -28.64 -19.02 72.60
N PHE X 89 -27.83 -17.97 72.60
CA PHE X 89 -27.83 -16.97 73.64
C PHE X 89 -28.40 -15.67 73.10
N GLU X 90 -28.62 -14.74 74.02
CA GLU X 90 -29.15 -13.44 73.63
C GLU X 90 -28.09 -12.57 72.98
N ASP X 91 -26.83 -12.73 73.37
CA ASP X 91 -25.77 -11.84 72.92
C ASP X 91 -24.60 -12.62 72.35
N ASN X 92 -23.50 -11.93 72.09
CA ASN X 92 -22.21 -12.53 71.83
C ASN X 92 -21.25 -11.95 72.85
N ALA X 93 -20.56 -12.80 73.57
CA ALA X 93 -19.74 -12.35 74.67
C ALA X 93 -18.52 -13.22 74.83
N GLY X 94 -17.42 -12.57 75.23
CA GLY X 94 -16.20 -13.28 75.55
C GLY X 94 -15.41 -12.56 76.62
N VAL X 95 -14.45 -13.27 77.20
CA VAL X 95 -13.65 -12.72 78.28
C VAL X 95 -12.18 -12.70 77.87
N ILE X 96 -11.43 -11.74 78.42
CA ILE X 96 -10.00 -11.64 78.16
C ILE X 96 -9.26 -12.62 79.06
N VAL X 97 -8.44 -13.47 78.46
CA VAL X 97 -7.59 -14.39 79.20
C VAL X 97 -6.14 -14.16 78.84
N ASN X 98 -5.24 -14.92 79.46
CA ASN X 98 -3.84 -14.96 79.06
C ASN X 98 -3.60 -16.23 78.24
N ASN X 99 -2.33 -16.53 77.99
CA ASN X 99 -1.99 -17.62 77.08
C ASN X 99 -2.33 -18.99 77.64
N LYS X 100 -2.28 -19.16 78.96
CA LYS X 100 -2.56 -20.44 79.59
C LYS X 100 -3.99 -20.57 80.12
N GLY X 101 -4.86 -19.61 79.86
CA GLY X 101 -6.26 -19.73 80.17
C GLY X 101 -6.72 -19.06 81.45
N GLU X 102 -5.83 -18.39 82.18
CA GLU X 102 -6.25 -17.65 83.35
C GLU X 102 -6.95 -16.37 82.92
N MET X 103 -8.08 -16.07 83.56
CA MET X 103 -8.80 -14.84 83.29
C MET X 103 -8.04 -13.62 83.75
N LYS X 104 -8.03 -12.57 82.93
CA LYS X 104 -7.49 -11.29 83.37
C LYS X 104 -8.36 -10.66 84.44
N GLY X 105 -9.68 -10.79 84.31
CA GLY X 105 -10.60 -10.30 85.30
C GLY X 105 -10.77 -11.26 86.46
N SER X 106 -11.90 -11.10 87.15
CA SER X 106 -12.18 -11.94 88.31
C SER X 106 -13.62 -12.40 88.43
N ALA X 107 -14.57 -11.83 87.68
CA ALA X 107 -15.97 -12.22 87.81
C ALA X 107 -16.68 -12.00 86.49
N ILE X 108 -17.49 -12.98 86.09
CA ILE X 108 -18.13 -12.98 84.78
C ILE X 108 -19.59 -12.61 84.95
N THR X 109 -20.06 -11.65 84.16
CA THR X 109 -21.46 -11.25 84.20
C THR X 109 -22.24 -12.11 83.20
N GLY X 110 -23.18 -12.89 83.70
CA GLY X 110 -24.11 -13.61 82.88
C GLY X 110 -23.76 -15.07 82.72
N PRO X 111 -24.57 -15.81 81.96
CA PRO X 111 -24.31 -17.24 81.79
C PRO X 111 -23.10 -17.54 80.91
N VAL X 112 -22.51 -18.68 81.19
CA VAL X 112 -21.35 -19.19 80.48
C VAL X 112 -21.72 -20.54 79.89
N ALA X 113 -21.42 -20.74 78.61
CA ALA X 113 -21.78 -21.98 77.92
C ALA X 113 -21.04 -23.18 78.52
N LYS X 114 -21.69 -24.34 78.53
CA LYS X 114 -21.07 -25.54 79.09
C LYS X 114 -19.89 -26.01 78.24
N GLU X 115 -19.96 -25.78 76.92
CA GLU X 115 -18.92 -26.15 75.97
C GLU X 115 -17.63 -25.39 76.17
N CYS X 116 -17.66 -24.27 76.88
CA CYS X 116 -16.43 -23.62 77.31
C CYS X 116 -16.17 -23.80 78.79
N ALA X 117 -17.21 -24.04 79.59
CA ALA X 117 -16.99 -24.23 81.02
C ALA X 117 -16.24 -25.53 81.29
N ASP X 118 -16.48 -26.57 80.50
CA ASP X 118 -15.70 -27.79 80.70
C ASP X 118 -14.29 -27.67 80.13
N LEU X 119 -14.09 -26.82 79.14
CA LEU X 119 -12.77 -26.65 78.56
C LEU X 119 -11.87 -25.79 79.42
N TRP X 120 -12.42 -24.71 79.98
CA TRP X 120 -11.60 -23.76 80.71
C TRP X 120 -12.01 -23.79 82.18
N PRO X 121 -11.30 -24.52 83.04
CA PRO X 121 -11.75 -24.63 84.44
C PRO X 121 -11.59 -23.34 85.23
N ARG X 122 -10.67 -22.46 84.85
CA ARG X 122 -10.55 -21.17 85.49
C ARG X 122 -11.63 -20.20 85.07
N ILE X 123 -12.22 -20.40 83.90
CA ILE X 123 -13.35 -19.56 83.49
C ILE X 123 -14.61 -20.04 84.18
N ALA X 124 -14.80 -21.36 84.27
CA ALA X 124 -16.00 -21.92 84.89
C ALA X 124 -16.04 -21.66 86.39
N SER X 125 -14.88 -21.47 87.02
CA SER X 125 -14.86 -21.13 88.45
C SER X 125 -15.44 -19.75 88.69
N ASN X 126 -15.10 -18.78 87.84
CA ASN X 126 -15.56 -17.41 88.02
C ASN X 126 -16.98 -17.20 87.53
N ALA X 127 -17.60 -18.20 86.92
CA ALA X 127 -18.90 -18.04 86.29
C ALA X 127 -19.99 -18.04 87.35
N GLY X 128 -21.12 -17.40 87.04
CA GLY X 128 -22.26 -17.43 87.93
C GLY X 128 -23.16 -18.62 87.63
N SER X 129 -23.47 -18.83 86.36
CA SER X 129 -24.31 -19.95 85.95
C SER X 129 -23.69 -20.60 84.72
N ILE X 130 -23.90 -21.90 84.60
CA ILE X 130 -23.46 -22.66 83.44
C ILE X 130 -24.71 -23.04 82.66
N ALA X 131 -25.03 -22.28 81.63
CA ALA X 131 -26.15 -22.60 80.77
C ALA X 131 -25.67 -23.44 79.59
N MET Y 1 -33.75 -39.41 78.71
CA MET Y 1 -34.92 -38.99 77.94
C MET Y 1 -35.80 -38.12 78.82
N LYS Y 2 -35.32 -36.92 79.12
CA LYS Y 2 -36.11 -35.93 79.85
C LYS Y 2 -37.00 -35.17 78.89
N VAL Y 3 -38.28 -35.03 79.25
CA VAL Y 3 -39.22 -34.26 78.46
C VAL Y 3 -39.47 -32.93 79.16
N GLU Y 4 -39.30 -31.84 78.43
CA GLU Y 4 -39.45 -30.50 78.96
C GLU Y 4 -40.74 -29.87 78.45
N LEU Y 5 -41.17 -28.81 79.12
CA LEU Y 5 -42.37 -28.08 78.78
C LEU Y 5 -41.99 -26.79 78.05
N CYS Y 6 -42.73 -26.46 77.00
CA CYS Y 6 -42.46 -25.24 76.25
C CYS Y 6 -42.79 -24.03 77.11
N SER Y 7 -41.88 -23.05 77.10
CA SER Y 7 -42.06 -21.87 77.94
C SER Y 7 -43.20 -20.97 77.45
N PHE Y 8 -43.44 -20.93 76.14
CA PHE Y 8 -44.51 -20.06 75.67
C PHE Y 8 -45.85 -20.79 75.60
N SER Y 9 -45.89 -21.95 74.96
CA SER Y 9 -47.15 -22.62 74.75
C SER Y 9 -47.46 -23.65 75.83
N GLY Y 10 -46.46 -24.13 76.54
CA GLY Y 10 -46.69 -25.15 77.55
C GLY Y 10 -46.96 -26.52 77.01
N TYR Y 11 -46.47 -26.82 75.82
CA TYR Y 11 -46.57 -28.15 75.24
C TYR Y 11 -45.37 -28.97 75.68
N LYS Y 12 -45.44 -30.27 75.43
CA LYS Y 12 -44.33 -31.17 75.74
C LYS Y 12 -43.34 -31.16 74.60
N ILE Y 13 -42.08 -30.89 74.91
CA ILE Y 13 -41.01 -30.89 73.93
C ILE Y 13 -40.27 -32.20 74.04
N TYR Y 14 -40.37 -33.02 73.02
CA TYR Y 14 -39.76 -34.33 72.99
C TYR Y 14 -38.29 -34.16 72.61
N PRO Y 15 -37.40 -35.11 72.99
CA PRO Y 15 -35.97 -34.76 73.04
C PRO Y 15 -35.22 -34.50 71.73
N GLY Y 16 -35.89 -34.47 70.59
CA GLY Y 16 -35.20 -34.09 69.38
C GLY Y 16 -35.58 -32.75 68.78
N HIS Y 17 -36.55 -32.06 69.35
CA HIS Y 17 -37.20 -30.93 68.70
C HIS Y 17 -36.90 -29.62 69.39
N GLY Y 18 -37.27 -28.53 68.71
CA GLY Y 18 -37.29 -27.22 69.30
C GLY Y 18 -35.92 -26.63 69.57
N ARG Y 19 -35.95 -25.48 70.22
CA ARG Y 19 -34.72 -24.76 70.51
C ARG Y 19 -34.74 -24.30 71.97
N ARG Y 20 -33.59 -23.89 72.45
CA ARG Y 20 -33.43 -23.47 73.83
C ARG Y 20 -32.70 -22.14 73.86
N TYR Y 21 -33.28 -21.18 74.58
CA TYR Y 21 -32.84 -19.79 74.55
C TYR Y 21 -32.37 -19.40 75.94
N ALA Y 22 -31.09 -19.16 76.11
CA ALA Y 22 -30.54 -18.70 77.37
C ALA Y 22 -30.41 -17.18 77.34
N ARG Y 23 -30.98 -16.50 78.32
CA ARG Y 23 -30.90 -15.05 78.39
C ARG Y 23 -29.74 -14.65 79.30
N THR Y 24 -29.39 -13.36 79.24
CA THR Y 24 -28.22 -12.83 79.94
C THR Y 24 -28.48 -12.75 81.45
N ASP Y 25 -29.71 -13.03 81.85
CA ASP Y 25 -30.13 -13.03 83.23
C ASP Y 25 -29.99 -14.42 83.88
N GLY Y 26 -29.48 -15.40 83.13
CA GLY Y 26 -29.35 -16.76 83.60
C GLY Y 26 -30.59 -17.61 83.44
N LYS Y 27 -31.73 -17.01 83.09
CA LYS Y 27 -32.94 -17.78 82.86
C LYS Y 27 -32.96 -18.32 81.44
N VAL Y 28 -33.19 -19.62 81.33
CA VAL Y 28 -33.26 -20.30 80.04
C VAL Y 28 -34.71 -20.66 79.77
N PHE Y 29 -35.04 -20.77 78.48
CA PHE Y 29 -36.39 -21.05 78.02
C PHE Y 29 -36.33 -22.10 76.93
N GLN Y 30 -37.41 -22.86 76.78
CA GLN Y 30 -37.49 -23.90 75.76
C GLN Y 30 -38.68 -23.62 74.87
N PHE Y 31 -38.47 -23.69 73.56
CA PHE Y 31 -39.50 -23.41 72.58
C PHE Y 31 -39.71 -24.62 71.70
N LEU Y 32 -40.97 -25.00 71.52
CA LEU Y 32 -41.32 -26.12 70.68
C LEU Y 32 -41.00 -25.85 69.22
N ASN Y 33 -41.29 -24.66 68.73
CA ASN Y 33 -41.00 -24.31 67.35
C ASN Y 33 -40.81 -22.80 67.23
N ALA Y 34 -40.60 -22.36 65.99
CA ALA Y 34 -40.32 -20.95 65.73
C ALA Y 34 -41.56 -20.07 65.88
N LYS Y 35 -42.76 -20.65 65.81
CA LYS Y 35 -43.97 -19.88 66.12
C LYS Y 35 -43.97 -19.42 67.57
N CYS Y 36 -43.75 -20.35 68.49
CA CYS Y 36 -43.65 -20.04 69.92
C CYS Y 36 -42.45 -19.13 70.19
N GLU Y 37 -41.32 -19.42 69.52
CA GLU Y 37 -40.12 -18.60 69.67
C GLU Y 37 -40.35 -17.16 69.25
N SER Y 38 -40.99 -16.94 68.10
CA SER Y 38 -41.18 -15.59 67.61
C SER Y 38 -42.22 -14.84 68.43
N ALA Y 39 -43.25 -15.55 68.91
CA ALA Y 39 -44.22 -14.92 69.79
C ALA Y 39 -43.59 -14.50 71.11
N PHE Y 40 -42.68 -15.34 71.64
CA PHE Y 40 -41.97 -15.01 72.87
C PHE Y 40 -41.08 -13.79 72.67
N LEU Y 41 -40.25 -13.79 71.61
CA LEU Y 41 -39.35 -12.66 71.40
C LEU Y 41 -40.11 -11.38 71.02
N SER Y 42 -41.29 -11.50 70.42
CA SER Y 42 -42.16 -10.34 70.23
C SER Y 42 -43.01 -10.03 71.44
N LYS Y 43 -42.82 -10.78 72.53
CA LYS Y 43 -43.29 -10.42 73.88
C LYS Y 43 -44.80 -10.51 73.98
N ARG Y 44 -45.38 -11.45 73.24
CA ARG Y 44 -46.81 -11.65 73.29
C ARG Y 44 -47.17 -12.34 74.60
N ASN Y 45 -48.44 -12.26 74.96
CA ASN Y 45 -48.91 -12.87 76.19
C ASN Y 45 -49.54 -14.21 75.90
N PRO Y 46 -48.97 -15.31 76.43
CA PRO Y 46 -49.53 -16.64 76.14
C PRO Y 46 -50.92 -16.84 76.70
N ARG Y 47 -51.31 -16.06 77.71
CA ARG Y 47 -52.68 -16.06 78.19
C ARG Y 47 -53.62 -15.28 77.27
N GLN Y 48 -53.08 -14.59 76.27
CA GLN Y 48 -53.88 -13.94 75.24
C GLN Y 48 -53.85 -14.67 73.91
N ILE Y 49 -52.87 -15.53 73.69
CA ILE Y 49 -52.85 -16.34 72.47
C ILE Y 49 -53.72 -17.57 72.70
N ASN Y 50 -54.72 -17.77 71.81
CA ASN Y 50 -55.83 -18.69 72.07
C ASN Y 50 -55.41 -20.15 72.19
N TRP Y 51 -54.35 -20.58 71.51
CA TRP Y 51 -54.08 -22.01 71.43
C TRP Y 51 -53.11 -22.51 72.50
N THR Y 52 -52.80 -21.68 73.50
CA THR Y 52 -51.87 -22.09 74.53
C THR Y 52 -52.57 -22.68 75.74
N VAL Y 53 -51.83 -23.52 76.47
CA VAL Y 53 -52.35 -24.16 77.68
C VAL Y 53 -52.65 -23.13 78.76
N LEU Y 54 -51.86 -22.04 78.83
CA LEU Y 54 -52.13 -20.99 79.81
C LEU Y 54 -53.44 -20.29 79.52
N TYR Y 55 -53.70 -20.01 78.24
CA TYR Y 55 -54.99 -19.43 77.84
C TYR Y 55 -56.13 -20.35 78.20
N ARG Y 56 -55.99 -21.64 77.87
CA ARG Y 56 -57.11 -22.55 78.08
C ARG Y 56 -57.36 -22.82 79.56
N ARG Y 57 -56.31 -22.76 80.39
CA ARG Y 57 -56.51 -22.94 81.82
C ARG Y 57 -57.04 -21.69 82.47
N LYS Y 58 -56.71 -20.51 81.93
CA LYS Y 58 -57.31 -19.29 82.45
C LYS Y 58 -58.78 -19.22 82.08
N HIS Y 59 -59.12 -19.56 80.84
CA HIS Y 59 -60.49 -19.49 80.37
C HIS Y 59 -61.30 -20.74 80.70
N LYS Y 60 -60.72 -21.71 81.42
CA LYS Y 60 -61.41 -22.90 81.95
C LYS Y 60 -62.01 -23.76 80.84
N LYS Y 61 -61.26 -23.90 79.75
CA LYS Y 61 -61.63 -24.74 78.63
C LYS Y 61 -61.44 -26.23 78.90
N GLY Y 62 -60.75 -26.60 79.98
CA GLY Y 62 -60.45 -27.98 80.27
C GLY Y 62 -61.62 -28.78 80.84
N GLN Y 63 -61.26 -29.86 81.56
CA GLN Y 63 -62.22 -30.87 81.99
C GLN Y 63 -62.37 -30.99 83.50
N SER Y 64 -61.37 -30.58 84.29
CA SER Y 64 -61.29 -30.82 85.72
C SER Y 64 -62.18 -29.88 86.55
N GLU Y 65 -63.46 -30.28 86.76
CA GLU Y 65 -64.42 -29.49 87.52
C GLU Y 65 -65.20 -30.39 88.49
N GLU Y 66 -65.51 -29.83 89.68
CA GLU Y 66 -66.40 -30.42 90.68
C GLU Y 66 -65.95 -31.80 91.19
N ILE Y 67 -64.86 -31.77 91.99
CA ILE Y 67 -64.25 -32.98 92.53
C ILE Y 67 -64.39 -33.02 94.05
N GLN Y 68 -64.28 -31.87 94.72
CA GLN Y 68 -64.06 -31.83 96.16
C GLN Y 68 -65.21 -31.21 96.95
N LYS Y 69 -66.00 -30.32 96.33
CA LYS Y 69 -66.96 -29.49 97.08
C LYS Y 69 -68.12 -30.31 97.66
N LYS Y 70 -68.41 -31.48 97.08
CA LYS Y 70 -69.68 -32.19 97.34
C LYS Y 70 -69.87 -32.59 98.81
N ARG Y 71 -68.78 -32.87 99.53
CA ARG Y 71 -68.83 -33.16 100.95
C ARG Y 71 -67.88 -32.24 101.70
N THR Y 72 -68.43 -31.24 102.40
CA THR Y 72 -67.66 -30.50 103.40
C THR Y 72 -67.71 -31.25 104.73
N ARG Y 73 -66.97 -32.36 104.78
CA ARG Y 73 -67.02 -33.26 105.94
C ARG Y 73 -66.41 -32.58 107.17
N ARG Y 74 -67.22 -32.41 108.21
CA ARG Y 74 -66.80 -31.84 109.48
C ARG Y 74 -67.20 -32.82 110.57
N ALA Y 75 -66.25 -33.15 111.45
CA ALA Y 75 -66.47 -34.15 112.48
C ALA Y 75 -65.54 -33.88 113.65
N VAL Y 76 -66.11 -33.74 114.85
CA VAL Y 76 -65.34 -33.54 116.07
C VAL Y 76 -65.86 -34.52 117.11
N LYS Y 77 -64.93 -35.14 117.84
CA LYS Y 77 -65.18 -36.19 118.82
C LYS Y 77 -64.65 -35.77 120.19
N PHE Y 78 -65.08 -36.53 121.21
CA PHE Y 78 -64.59 -36.38 122.57
C PHE Y 78 -64.70 -37.72 123.31
N GLN Y 79 -63.58 -38.45 123.39
CA GLN Y 79 -63.56 -39.76 124.04
C GLN Y 79 -62.32 -40.04 124.87
N ARG Y 80 -61.25 -39.25 124.74
CA ARG Y 80 -59.99 -39.58 125.41
C ARG Y 80 -60.10 -39.33 126.91
N ALA Y 81 -59.19 -39.95 127.66
CA ALA Y 81 -59.19 -39.84 129.10
C ALA Y 81 -58.30 -38.69 129.57
N ILE Y 82 -58.38 -38.40 130.86
CA ILE Y 82 -57.66 -37.31 131.50
C ILE Y 82 -56.79 -37.95 132.57
N THR Y 83 -55.62 -37.36 132.84
CA THR Y 83 -54.72 -37.88 133.85
C THR Y 83 -55.36 -37.85 135.24
N GLY Y 84 -55.09 -38.89 136.02
CA GLY Y 84 -55.73 -39.11 137.29
C GLY Y 84 -57.01 -39.90 137.23
N ALA Y 85 -57.70 -39.90 136.08
CA ALA Y 85 -58.95 -40.65 135.91
C ALA Y 85 -58.90 -41.50 134.65
N SER Y 86 -60.04 -42.04 134.24
CA SER Y 86 -60.16 -42.73 132.97
C SER Y 86 -61.54 -42.47 132.38
N LEU Y 87 -61.78 -43.04 131.19
CA LEU Y 87 -63.06 -42.88 130.49
C LEU Y 87 -64.22 -43.47 131.26
N ALA Y 88 -64.03 -44.67 131.84
CA ALA Y 88 -65.08 -45.28 132.67
C ALA Y 88 -65.39 -44.43 133.89
N ASP Y 89 -64.35 -43.89 134.55
CA ASP Y 89 -64.57 -43.06 135.74
C ASP Y 89 -65.30 -41.77 135.39
N ILE Y 90 -64.92 -41.09 134.29
CA ILE Y 90 -65.58 -39.83 133.97
C ILE Y 90 -66.99 -40.07 133.44
N MET Y 91 -67.23 -41.19 132.75
CA MET Y 91 -68.58 -41.50 132.29
C MET Y 91 -69.50 -41.85 133.45
N ALA Y 92 -69.00 -42.64 134.41
CA ALA Y 92 -69.75 -42.91 135.63
C ALA Y 92 -69.97 -41.64 136.46
N LYS Y 93 -69.03 -40.70 136.43
CA LYS Y 93 -69.19 -39.43 137.15
C LYS Y 93 -70.23 -38.53 136.49
N ARG Y 94 -70.34 -38.57 135.16
CA ARG Y 94 -71.29 -37.71 134.47
C ARG Y 94 -72.64 -38.36 134.15
N ASN Y 95 -72.81 -39.67 134.37
CA ASN Y 95 -74.02 -40.37 133.98
C ASN Y 95 -74.96 -40.68 135.15
N GLN Y 96 -74.90 -39.95 136.26
CA GLN Y 96 -75.83 -40.16 137.38
C GLN Y 96 -77.04 -39.23 137.32
N LYS Y 97 -77.50 -38.89 136.12
CA LYS Y 97 -78.66 -38.00 135.99
C LYS Y 97 -80.00 -38.51 136.57
N PRO Y 98 -80.34 -39.85 136.66
CA PRO Y 98 -81.63 -40.16 137.31
C PRO Y 98 -81.63 -40.03 138.83
N GLU Y 99 -81.72 -38.79 139.32
CA GLU Y 99 -82.01 -38.46 140.72
C GLU Y 99 -80.96 -38.99 141.70
N VAL Y 100 -79.68 -38.80 141.37
CA VAL Y 100 -78.60 -39.22 142.26
C VAL Y 100 -77.88 -38.03 142.89
N ARG Y 101 -77.73 -36.92 142.16
CA ARG Y 101 -77.04 -35.71 142.60
C ARG Y 101 -77.74 -35.03 143.76
N LYS Y 102 -79.00 -35.37 144.08
CA LYS Y 102 -79.75 -34.66 145.11
C LYS Y 102 -79.17 -34.87 146.50
N ALA Y 103 -78.57 -36.04 146.74
CA ALA Y 103 -77.98 -36.38 148.02
C ALA Y 103 -76.83 -35.44 148.37
N GLN Y 104 -75.83 -35.37 147.47
CA GLN Y 104 -74.73 -34.42 147.67
C GLN Y 104 -75.18 -32.98 147.53
N ARG Y 105 -76.25 -32.74 146.76
CA ARG Y 105 -76.80 -31.39 146.61
C ARG Y 105 -77.33 -30.87 147.94
N GLU Y 106 -78.07 -31.73 148.62
CA GLU Y 106 -78.56 -31.45 149.96
C GLU Y 106 -77.39 -31.40 150.96
N GLN Y 107 -76.42 -32.31 150.80
CA GLN Y 107 -75.29 -32.38 151.73
C GLN Y 107 -74.40 -31.13 151.65
N ALA Y 108 -74.30 -30.51 150.47
CA ALA Y 108 -73.51 -29.28 150.32
C ALA Y 108 -74.12 -28.16 151.13
N ILE Y 109 -75.44 -27.97 151.00
CA ILE Y 109 -76.13 -26.91 151.72
C ILE Y 109 -76.25 -27.27 153.21
N ARG Y 110 -76.26 -28.57 153.55
CA ARG Y 110 -76.24 -28.97 154.94
C ARG Y 110 -74.91 -28.62 155.59
N ALA Y 111 -73.81 -28.90 154.90
CA ALA Y 111 -72.49 -28.54 155.42
C ALA Y 111 -72.30 -27.03 155.48
N ALA Y 112 -72.84 -26.31 154.49
CA ALA Y 112 -72.79 -24.85 154.51
C ALA Y 112 -73.61 -24.24 155.65
N LYS Y 113 -74.78 -24.81 155.93
CA LYS Y 113 -75.61 -24.31 157.02
C LYS Y 113 -74.97 -24.65 158.36
N GLU Y 114 -74.35 -25.82 158.46
CA GLU Y 114 -73.60 -26.18 159.66
C GLU Y 114 -72.43 -25.24 159.88
N ALA Y 115 -71.72 -24.89 158.81
CA ALA Y 115 -70.59 -23.99 158.93
C ALA Y 115 -71.05 -22.58 159.33
N LYS Y 116 -72.19 -22.12 158.78
CA LYS Y 116 -72.63 -20.78 159.15
C LYS Y 116 -73.21 -20.73 160.57
N LYS Y 117 -73.85 -21.79 161.07
CA LYS Y 117 -74.25 -21.76 162.47
C LYS Y 117 -73.04 -21.89 163.40
N ALA Y 118 -72.00 -22.63 162.99
CA ALA Y 118 -70.78 -22.65 163.79
C ALA Y 118 -70.11 -21.27 163.83
N LYS Y 119 -70.08 -20.56 162.70
CA LYS Y 119 -69.58 -19.20 162.68
C LYS Y 119 -70.44 -18.25 163.51
N GLN Y 120 -71.77 -18.41 163.45
CA GLN Y 120 -72.67 -17.59 164.28
C GLN Y 120 -72.44 -17.85 165.77
N ALA Y 121 -72.22 -19.10 166.15
CA ALA Y 121 -71.90 -19.38 167.54
C ALA Y 121 -70.54 -18.85 167.95
N SER Y 122 -69.56 -18.81 167.02
CA SER Y 122 -68.29 -18.19 167.38
C SER Y 122 -68.41 -16.68 167.52
N LYS Y 123 -69.32 -16.06 166.78
CA LYS Y 123 -69.51 -14.62 166.92
C LYS Y 123 -70.32 -14.26 168.16
N LYS Y 124 -71.55 -14.76 168.26
CA LYS Y 124 -72.37 -14.51 169.43
C LYS Y 124 -71.85 -15.29 170.62
N LYS Z 1 -42.51 90.53 -7.03
CA LYS Z 1 -43.82 91.14 -7.20
C LYS Z 1 -44.37 90.81 -8.60
N LYS Z 2 -45.58 90.23 -8.69
CA LYS Z 2 -46.37 89.80 -7.53
C LYS Z 2 -46.37 88.28 -7.38
N LYS Z 3 -45.45 87.59 -8.06
CA LYS Z 3 -45.29 86.15 -7.94
C LYS Z 3 -44.25 85.86 -6.86
N ILE Z 4 -44.64 85.05 -5.87
CA ILE Z 4 -43.88 84.88 -4.64
C ILE Z 4 -43.83 83.40 -4.26
N ARG Z 5 -42.62 82.88 -4.01
CA ARG Z 5 -42.43 81.52 -3.49
C ARG Z 5 -42.64 81.53 -1.99
N THR Z 6 -43.77 80.99 -1.53
CA THR Z 6 -44.07 80.94 -0.11
C THR Z 6 -43.69 79.61 0.52
N SER Z 7 -42.79 78.85 -0.12
CA SER Z 7 -42.40 77.56 0.41
C SER Z 7 -40.94 77.32 0.07
N PRO Z 8 -40.15 76.74 0.98
CA PRO Z 8 -38.74 76.48 0.69
C PRO Z 8 -38.48 75.29 -0.21
N THR Z 9 -39.51 74.65 -0.75
CA THR Z 9 -39.36 73.41 -1.48
C THR Z 9 -39.83 73.65 -2.91
N PHE Z 10 -38.98 73.32 -3.87
CA PHE Z 10 -39.38 73.28 -5.27
C PHE Z 10 -40.00 71.93 -5.54
N ARG Z 11 -41.23 71.92 -6.05
CA ARG Z 11 -41.88 70.70 -6.47
C ARG Z 11 -41.96 70.70 -7.99
N ARG Z 12 -42.07 69.50 -8.56
CA ARG Z 12 -42.18 69.37 -9.99
C ARG Z 12 -43.51 69.94 -10.44
N PRO Z 13 -43.53 70.96 -11.31
CA PRO Z 13 -44.79 71.59 -11.71
C PRO Z 13 -45.62 70.65 -12.57
N LYS Z 14 -46.91 70.59 -12.28
CA LYS Z 14 -47.77 69.64 -12.97
C LYS Z 14 -48.01 70.11 -14.39
N THR Z 15 -48.01 69.18 -15.33
CA THR Z 15 -48.07 69.52 -16.74
C THR Z 15 -49.26 68.82 -17.36
N LEU Z 16 -49.38 68.94 -18.68
CA LEU Z 16 -50.49 68.33 -19.38
C LEU Z 16 -50.11 66.90 -19.74
N ARG Z 17 -51.04 65.99 -19.53
CA ARG Z 17 -50.87 64.60 -19.94
C ARG Z 17 -52.01 64.26 -20.87
N LEU Z 18 -51.69 64.10 -22.15
CA LEU Z 18 -52.71 63.81 -23.13
C LEU Z 18 -53.15 62.36 -23.01
N ARG Z 19 -54.38 62.11 -23.39
CA ARG Z 19 -54.90 60.78 -23.55
C ARG Z 19 -54.35 60.19 -24.84
N ARG Z 20 -54.47 58.86 -24.98
CA ARG Z 20 -53.99 58.23 -26.20
C ARG Z 20 -55.03 58.35 -27.29
N GLN Z 21 -54.58 58.72 -28.48
CA GLN Z 21 -55.37 58.63 -29.70
C GLN Z 21 -54.51 57.83 -30.68
N PRO Z 22 -54.52 56.50 -30.58
CA PRO Z 22 -53.62 55.68 -31.41
C PRO Z 22 -54.00 55.69 -32.88
N LYS Z 23 -52.97 55.55 -33.72
CA LYS Z 23 -53.18 55.52 -35.16
C LYS Z 23 -53.77 54.21 -35.63
N TYR Z 24 -53.70 53.16 -34.81
CA TYR Z 24 -54.23 51.86 -35.20
C TYR Z 24 -54.42 51.06 -33.93
N PRO Z 25 -55.44 50.22 -33.85
CA PRO Z 25 -55.57 49.34 -32.69
C PRO Z 25 -54.51 48.26 -32.73
N ARG Z 26 -53.97 47.94 -31.55
CA ARG Z 26 -52.85 47.01 -31.46
C ARG Z 26 -53.27 45.58 -31.79
N LYS Z 27 -54.55 45.27 -31.58
CA LYS Z 27 -55.14 44.04 -32.07
C LYS Z 27 -56.38 44.37 -32.89
N SER Z 28 -56.76 43.41 -33.73
CA SER Z 28 -57.76 43.63 -34.77
C SER Z 28 -59.15 43.77 -34.17
N ALA Z 29 -59.64 42.69 -33.58
CA ALA Z 29 -60.97 42.60 -33.04
C ALA Z 29 -60.90 42.37 -31.54
N PRO Z 30 -61.96 42.70 -30.78
CA PRO Z 30 -62.00 42.25 -29.39
C PRO Z 30 -62.02 40.74 -29.32
N ARG Z 31 -61.33 40.19 -28.34
CA ARG Z 31 -61.28 38.75 -28.16
C ARG Z 31 -62.64 38.18 -27.78
N ARG Z 32 -62.90 36.96 -28.25
CA ARG Z 32 -64.16 36.29 -27.97
C ARG Z 32 -64.21 35.93 -26.48
N ASN Z 33 -65.37 36.14 -25.87
CA ASN Z 33 -65.58 35.75 -24.47
C ASN Z 33 -65.67 34.23 -24.45
N LYS Z 34 -64.56 33.56 -24.15
CA LYS Z 34 -64.57 32.10 -24.17
C LYS Z 34 -65.19 31.50 -22.92
N LEU Z 35 -65.54 32.30 -21.93
CA LEU Z 35 -66.30 31.83 -20.80
C LEU Z 35 -67.75 32.31 -20.91
N ASP Z 36 -68.48 31.68 -21.83
CA ASP Z 36 -69.91 31.91 -21.92
C ASP Z 36 -70.62 30.87 -21.08
N HIS Z 37 -71.96 30.88 -21.12
CA HIS Z 37 -72.77 30.09 -20.20
C HIS Z 37 -72.60 28.59 -20.42
N TYR Z 38 -72.50 28.18 -21.69
CA TYR Z 38 -72.26 26.77 -21.98
C TYR Z 38 -70.88 26.33 -21.51
N ALA Z 39 -69.91 27.26 -21.48
CA ALA Z 39 -68.61 26.95 -20.89
C ALA Z 39 -68.68 26.94 -19.36
N ILE Z 40 -69.54 27.78 -18.78
CA ILE Z 40 -69.70 27.83 -17.32
C ILE Z 40 -70.23 26.51 -16.81
N ILE Z 41 -71.39 26.09 -17.29
CA ILE Z 41 -72.00 24.86 -16.78
C ILE Z 41 -71.51 23.72 -17.65
N LYS Z 42 -70.86 22.73 -17.04
CA LYS Z 42 -70.37 21.58 -17.81
C LYS Z 42 -71.39 20.47 -17.88
N PHE Z 43 -71.82 19.97 -16.73
CA PHE Z 43 -72.87 18.96 -16.65
C PHE Z 43 -73.41 18.95 -15.22
N PRO Z 44 -74.61 18.40 -15.01
CA PRO Z 44 -75.08 18.16 -13.65
C PRO Z 44 -74.39 16.98 -13.00
N LEU Z 45 -74.58 16.89 -11.68
CA LEU Z 45 -74.10 15.78 -10.88
C LEU Z 45 -75.32 14.95 -10.49
N THR Z 46 -75.22 13.64 -10.62
CA THR Z 46 -76.37 12.75 -10.43
C THR Z 46 -76.10 11.67 -9.40
N THR Z 47 -75.31 11.97 -8.38
CA THR Z 47 -75.04 11.01 -7.33
C THR Z 47 -76.20 10.98 -6.33
N GLU Z 48 -76.06 10.13 -5.33
CA GLU Z 48 -77.15 9.99 -4.36
C GLU Z 48 -77.25 11.21 -3.45
N SER Z 49 -76.11 11.81 -3.10
CA SER Z 49 -76.11 13.07 -2.36
C SER Z 49 -76.73 14.18 -3.18
N ALA Z 50 -76.51 14.15 -4.48
CA ALA Z 50 -77.14 15.09 -5.39
C ALA Z 50 -78.66 14.93 -5.37
N MET Z 51 -79.15 13.68 -5.44
CA MET Z 51 -80.60 13.46 -5.42
C MET Z 51 -81.21 13.89 -4.09
N LYS Z 52 -80.51 13.67 -2.99
CA LYS Z 52 -80.95 14.15 -1.68
C LYS Z 52 -81.07 15.66 -1.67
N LYS Z 53 -80.05 16.36 -2.21
CA LYS Z 53 -80.12 17.83 -2.28
C LYS Z 53 -81.29 18.28 -3.14
N ILE Z 54 -81.58 17.55 -4.23
CA ILE Z 54 -82.68 17.90 -5.12
C ILE Z 54 -84.02 17.76 -4.41
N GLU Z 55 -84.28 16.59 -3.80
CA GLU Z 55 -85.60 16.41 -3.20
C GLU Z 55 -85.77 17.13 -1.87
N ASP Z 56 -84.69 17.51 -1.19
CA ASP Z 56 -84.82 18.17 0.10
C ASP Z 56 -84.73 19.70 0.01
N ASN Z 57 -83.64 20.23 -0.51
CA ASN Z 57 -83.36 21.65 -0.33
C ASN Z 57 -83.67 22.48 -1.57
N ASN Z 58 -84.42 21.91 -2.53
CA ASN Z 58 -84.82 22.58 -3.77
C ASN Z 58 -83.60 23.08 -4.55
N THR Z 59 -82.51 22.34 -4.49
CA THR Z 59 -81.23 22.77 -5.05
C THR Z 59 -80.71 21.75 -6.04
N LEU Z 60 -80.17 22.26 -7.13
CA LEU Z 60 -79.43 21.49 -8.12
C LEU Z 60 -77.94 21.57 -7.83
N VAL Z 61 -77.19 20.72 -8.50
CA VAL Z 61 -75.75 20.65 -8.26
C VAL Z 61 -75.03 20.29 -9.55
N PHE Z 62 -74.12 21.16 -9.97
CA PHE Z 62 -73.45 21.03 -11.25
C PHE Z 62 -71.94 20.93 -11.04
N ILE Z 63 -71.28 20.35 -12.02
CA ILE Z 63 -69.83 20.46 -12.13
C ILE Z 63 -69.59 21.62 -13.09
N VAL Z 64 -68.90 22.66 -12.61
CA VAL Z 64 -68.67 23.86 -13.38
C VAL Z 64 -67.17 24.11 -13.46
N ASP Z 65 -66.83 25.07 -14.32
CA ASP Z 65 -65.46 25.48 -14.57
C ASP Z 65 -64.80 26.04 -13.32
N VAL Z 66 -63.47 25.96 -13.29
CA VAL Z 66 -62.71 26.42 -12.14
C VAL Z 66 -62.63 27.94 -12.12
N LYS Z 67 -62.77 28.59 -13.28
CA LYS Z 67 -62.63 30.03 -13.35
C LYS Z 67 -63.92 30.75 -13.00
N ALA Z 68 -65.04 30.06 -12.91
CA ALA Z 68 -66.33 30.70 -12.75
C ALA Z 68 -66.62 31.02 -11.29
N ASN Z 69 -67.12 32.22 -11.04
CA ASN Z 69 -67.55 32.63 -9.72
C ASN Z 69 -69.07 32.53 -9.61
N LYS Z 70 -69.57 32.81 -8.40
CA LYS Z 70 -70.95 32.56 -8.06
C LYS Z 70 -71.90 33.41 -8.88
N HIS Z 71 -71.48 34.64 -9.22
CA HIS Z 71 -72.30 35.51 -10.06
C HIS Z 71 -72.46 34.94 -11.46
N GLN Z 72 -71.37 34.46 -12.05
CA GLN Z 72 -71.43 33.89 -13.39
C GLN Z 72 -72.24 32.60 -13.41
N ILE Z 73 -72.11 31.78 -12.36
CA ILE Z 73 -72.88 30.55 -12.29
C ILE Z 73 -74.37 30.85 -12.16
N LYS Z 74 -74.73 31.83 -11.32
CA LYS Z 74 -76.13 32.18 -11.14
C LYS Z 74 -76.73 32.78 -12.40
N GLN Z 75 -76.00 33.68 -13.08
CA GLN Z 75 -76.51 34.28 -14.31
C GLN Z 75 -76.64 33.23 -15.41
N ALA Z 76 -75.69 32.29 -15.48
CA ALA Z 76 -75.73 31.28 -16.53
C ALA Z 76 -76.89 30.33 -16.32
N VAL Z 77 -77.12 29.91 -15.07
CA VAL Z 77 -78.26 29.05 -14.78
C VAL Z 77 -79.58 29.76 -15.09
N LYS Z 78 -79.75 31.00 -14.56
CA LYS Z 78 -80.98 31.76 -14.83
C LYS Z 78 -81.20 32.02 -16.31
N LYS Z 79 -80.12 32.10 -17.10
CA LYS Z 79 -80.34 32.37 -18.51
C LYS Z 79 -80.71 31.08 -19.23
N LEU Z 80 -79.81 30.09 -19.26
CA LEU Z 80 -80.06 28.96 -20.14
C LEU Z 80 -81.01 27.92 -19.57
N TYR Z 81 -81.44 28.03 -18.31
CA TYR Z 81 -82.48 27.16 -17.80
C TYR Z 81 -83.76 27.90 -17.43
N ASP Z 82 -83.75 29.24 -17.48
CA ASP Z 82 -84.91 30.14 -17.38
C ASP Z 82 -85.67 29.91 -16.06
N ILE Z 83 -84.91 30.09 -14.97
CA ILE Z 83 -85.44 29.96 -13.63
C ILE Z 83 -84.89 31.10 -12.78
N ASP Z 84 -85.16 31.08 -11.48
CA ASP Z 84 -84.60 32.04 -10.55
C ASP Z 84 -83.85 31.31 -9.46
N VAL Z 85 -82.78 31.92 -8.97
CA VAL Z 85 -81.77 31.25 -8.16
C VAL Z 85 -81.75 31.97 -6.83
N ALA Z 86 -81.95 31.24 -5.73
CA ALA Z 86 -81.86 31.87 -4.43
C ALA Z 86 -80.40 32.12 -4.07
N LYS Z 87 -79.58 31.07 -4.04
CA LYS Z 87 -78.17 31.29 -3.74
C LYS Z 87 -77.33 30.20 -4.36
N VAL Z 88 -76.01 30.36 -4.24
CA VAL Z 88 -75.04 29.47 -4.87
C VAL Z 88 -73.93 29.23 -3.85
N ASN Z 89 -73.69 27.96 -3.52
CA ASN Z 89 -72.55 27.57 -2.70
C ASN Z 89 -71.63 26.72 -3.55
N THR Z 90 -70.37 27.12 -3.61
CA THR Z 90 -69.43 26.42 -4.47
C THR Z 90 -68.27 25.85 -3.65
N LEU Z 91 -67.75 24.70 -4.09
CA LEU Z 91 -66.48 24.20 -3.58
C LEU Z 91 -65.65 23.72 -4.76
N ILE Z 92 -64.36 23.49 -4.52
CA ILE Z 92 -63.49 22.87 -5.50
C ILE Z 92 -63.15 21.48 -5.02
N ARG Z 93 -63.35 20.49 -5.87
CA ARG Z 93 -63.18 19.10 -5.47
C ARG Z 93 -61.71 18.71 -5.45
N PRO Z 94 -61.36 17.63 -4.76
CA PRO Z 94 -59.97 17.14 -4.79
C PRO Z 94 -59.54 16.56 -6.12
N ASP Z 95 -60.41 16.51 -7.13
CA ASP Z 95 -59.98 16.23 -8.50
C ASP Z 95 -59.67 17.51 -9.26
N GLY Z 96 -60.36 18.60 -8.96
CA GLY Z 96 -59.92 19.88 -9.48
C GLY Z 96 -60.96 20.62 -10.28
N GLU Z 97 -62.23 20.23 -10.17
CA GLU Z 97 -63.29 20.96 -10.84
C GLU Z 97 -64.19 21.55 -9.78
N LYS Z 98 -64.97 22.56 -10.17
CA LYS Z 98 -65.74 23.29 -9.19
C LYS Z 98 -67.13 22.66 -9.10
N LYS Z 99 -67.49 22.15 -7.93
CA LYS Z 99 -68.85 21.68 -7.72
C LYS Z 99 -69.71 22.79 -7.12
N ALA Z 100 -70.78 23.15 -7.82
CA ALA Z 100 -71.63 24.27 -7.42
C ALA Z 100 -73.03 23.79 -7.13
N TYR Z 101 -73.48 24.00 -5.89
CA TYR Z 101 -74.87 23.81 -5.48
C TYR Z 101 -75.62 25.12 -5.70
N VAL Z 102 -76.74 25.06 -6.42
CA VAL Z 102 -77.53 26.25 -6.71
C VAL Z 102 -78.93 26.02 -6.17
N ARG Z 103 -79.31 26.80 -5.17
CA ARG Z 103 -80.64 26.71 -4.58
C ARG Z 103 -81.56 27.71 -5.25
N LEU Z 104 -82.71 27.20 -5.72
CA LEU Z 104 -83.66 27.96 -6.49
C LEU Z 104 -84.56 28.82 -5.60
N ALA Z 105 -85.20 29.81 -6.22
CA ALA Z 105 -86.24 30.59 -5.57
C ALA Z 105 -87.44 29.70 -5.23
N PRO Z 106 -88.16 30.00 -4.13
CA PRO Z 106 -89.17 29.03 -3.64
C PRO Z 106 -90.38 28.85 -4.55
N ASP Z 107 -90.69 29.79 -5.44
CA ASP Z 107 -91.83 29.56 -6.33
C ASP Z 107 -91.52 28.52 -7.40
N TYR Z 108 -90.25 28.27 -7.68
CA TYR Z 108 -89.85 27.23 -8.62
C TYR Z 108 -89.64 25.93 -7.85
N ASP Z 109 -89.48 24.83 -8.59
CA ASP Z 109 -89.43 23.51 -7.97
C ASP Z 109 -88.33 22.70 -8.63
N ALA Z 110 -87.36 22.24 -7.81
CA ALA Z 110 -86.22 21.48 -8.31
C ALA Z 110 -86.61 20.17 -8.95
N LEU Z 111 -87.72 19.56 -8.52
CA LEU Z 111 -88.16 18.30 -9.11
C LEU Z 111 -88.53 18.50 -10.58
N ASP Z 112 -89.43 19.45 -10.86
CA ASP Z 112 -89.85 19.59 -12.25
C ASP Z 112 -88.78 20.29 -13.09
N VAL Z 113 -87.89 21.08 -12.48
CA VAL Z 113 -86.74 21.59 -13.23
C VAL Z 113 -85.81 20.45 -13.63
N ALA Z 114 -85.53 19.51 -12.72
CA ALA Z 114 -84.73 18.33 -13.05
C ALA Z 114 -85.43 17.44 -14.06
N ASN Z 115 -86.76 17.42 -14.04
CA ASN Z 115 -87.49 16.67 -15.06
C ASN Z 115 -87.34 17.31 -16.43
N LYS Z 116 -87.40 18.65 -16.51
CA LYS Z 116 -87.17 19.31 -17.79
C LYS Z 116 -85.71 19.17 -18.25
N ILE Z 117 -84.76 19.10 -17.33
CA ILE Z 117 -83.36 18.96 -17.72
C ILE Z 117 -83.09 17.53 -18.19
N GLY Z 118 -83.67 16.54 -17.52
CA GLY Z 118 -83.49 15.15 -17.91
C GLY Z 118 -82.60 14.33 -17.00
N ILE Z 119 -82.07 14.90 -15.91
CA ILE Z 119 -81.28 14.15 -14.95
C ILE Z 119 -82.13 13.26 -14.05
N ILE Z 120 -83.45 13.30 -14.19
CA ILE Z 120 -84.36 12.52 -13.37
C ILE Z 120 -84.61 11.18 -14.04
N MET AA 1 -27.93 -2.26 -59.37
CA MET AA 1 -27.27 -1.51 -58.32
C MET AA 1 -27.90 -0.13 -58.18
N LYS AA 2 -28.15 0.30 -56.95
CA LYS AA 2 -28.65 1.63 -56.69
C LYS AA 2 -27.51 2.64 -56.85
N PHE AA 3 -27.82 3.79 -57.47
CA PHE AA 3 -26.86 4.87 -57.62
C PHE AA 3 -27.30 6.19 -57.02
N ASN AA 4 -28.59 6.39 -56.80
CA ASN AA 4 -29.09 7.66 -56.29
C ASN AA 4 -28.62 7.90 -54.86
N PRO AA 5 -27.83 8.95 -54.58
CA PRO AA 5 -27.24 9.10 -53.25
C PRO AA 5 -28.23 9.49 -52.17
N PHE AA 6 -29.45 9.87 -52.52
CA PHE AA 6 -30.41 10.31 -51.51
C PHE AA 6 -31.32 9.20 -51.04
N VAL AA 7 -31.41 8.08 -51.76
CA VAL AA 7 -32.16 6.92 -51.32
C VAL AA 7 -31.22 5.93 -50.64
N THR AA 8 -31.64 5.39 -49.52
CA THR AA 8 -30.74 4.60 -48.72
C THR AA 8 -30.86 3.12 -49.09
N SER AA 9 -29.84 2.37 -48.69
CA SER AA 9 -29.87 0.92 -48.79
C SER AA 9 -29.58 0.31 -47.43
N ASP AA 10 -29.61 1.15 -46.39
CA ASP AA 10 -29.47 0.69 -45.01
C ASP AA 10 -30.63 -0.21 -44.63
N ARG AA 11 -30.30 -1.41 -44.16
CA ARG AA 11 -31.30 -2.39 -43.78
C ARG AA 11 -32.17 -1.90 -42.61
N SER AA 12 -31.54 -1.26 -41.63
CA SER AA 12 -32.29 -0.77 -40.47
C SER AA 12 -33.18 0.41 -40.85
N LYS AA 13 -32.69 1.29 -41.72
CA LYS AA 13 -33.48 2.42 -42.18
C LYS AA 13 -34.69 1.96 -42.99
N ASN AA 14 -34.48 0.98 -43.88
CA ASN AA 14 -35.57 0.47 -44.70
C ASN AA 14 -36.58 -0.28 -43.85
N ARG AA 15 -36.12 -1.06 -42.87
CA ARG AA 15 -37.05 -1.76 -41.99
C ARG AA 15 -37.84 -0.79 -41.12
N LYS AA 16 -37.18 0.26 -40.61
CA LYS AA 16 -37.86 1.25 -39.79
C LYS AA 16 -38.94 1.98 -40.56
N ARG AA 17 -38.62 2.42 -41.79
CA ARG AA 17 -39.61 3.09 -42.63
C ARG AA 17 -40.76 2.17 -43.02
N HIS AA 18 -40.45 0.90 -43.32
CA HIS AA 18 -41.51 -0.07 -43.63
C HIS AA 18 -42.42 -0.29 -42.44
N PHE AA 19 -41.87 -0.31 -41.23
CA PHE AA 19 -42.71 -0.71 -40.12
C PHE AA 19 -43.51 0.46 -39.57
N ASN AA 20 -42.92 1.64 -39.41
CA ASN AA 20 -43.78 2.80 -39.12
C ASN AA 20 -43.97 3.69 -40.34
N ALA AA 21 -44.43 3.09 -41.42
CA ALA AA 21 -44.94 3.91 -42.50
C ALA AA 21 -46.37 4.34 -42.22
N PRO AA 22 -46.80 5.51 -42.73
CA PRO AA 22 -48.20 5.94 -42.54
C PRO AA 22 -49.17 5.15 -43.38
N SER AA 23 -50.47 5.48 -43.35
CA SER AA 23 -51.48 4.56 -43.88
C SER AA 23 -51.55 4.56 -45.40
N HIS AA 24 -51.41 5.72 -46.06
CA HIS AA 24 -51.48 5.73 -47.52
C HIS AA 24 -50.24 5.08 -48.14
N ILE AA 25 -49.07 5.33 -47.53
CA ILE AA 25 -47.87 4.60 -47.90
C ILE AA 25 -48.02 3.12 -47.60
N ARG AA 26 -48.75 2.77 -46.53
CA ARG AA 26 -49.00 1.36 -46.23
C ARG AA 26 -49.89 0.70 -47.29
N ARG AA 27 -50.84 1.45 -47.82
CA ARG AA 27 -51.66 0.99 -48.94
C ARG AA 27 -50.79 0.68 -50.15
N LYS AA 28 -49.98 1.67 -50.54
CA LYS AA 28 -49.01 1.52 -51.63
C LYS AA 28 -48.09 0.32 -51.41
N ILE AA 29 -47.71 0.05 -50.15
CA ILE AA 29 -46.97 -1.17 -49.81
C ILE AA 29 -47.83 -2.39 -50.11
N MET AA 30 -49.09 -2.35 -49.67
CA MET AA 30 -49.94 -3.53 -49.71
C MET AA 30 -50.62 -3.73 -51.04
N SER AA 31 -50.12 -3.09 -52.10
CA SER AA 31 -50.47 -3.46 -53.47
C SER AA 31 -50.28 -4.95 -53.78
N SER AA 32 -50.91 -5.42 -54.86
CA SER AA 32 -51.14 -6.84 -55.11
C SER AA 32 -51.20 -7.05 -56.61
N PRO AA 33 -50.83 -8.22 -57.12
CA PRO AA 33 -50.83 -8.41 -58.56
C PRO AA 33 -52.19 -8.79 -59.09
N LEU AA 34 -52.43 -8.40 -60.34
CA LEU AA 34 -53.66 -8.72 -61.04
C LEU AA 34 -53.54 -10.05 -61.75
N SER AA 35 -54.69 -10.62 -62.11
CA SER AA 35 -54.68 -11.83 -62.91
C SER AA 35 -54.32 -11.50 -64.35
N LYS AA 36 -54.09 -12.55 -65.14
CA LYS AA 36 -53.64 -12.35 -66.51
C LYS AA 36 -54.74 -11.82 -67.42
N GLU AA 37 -55.97 -12.30 -67.24
CA GLU AA 37 -57.08 -11.77 -68.04
C GLU AA 37 -57.38 -10.33 -67.66
N LEU AA 38 -57.23 -9.98 -66.39
CA LEU AA 38 -57.43 -8.59 -65.97
C LEU AA 38 -56.33 -7.70 -66.51
N ARG AA 39 -55.09 -8.18 -66.47
CA ARG AA 39 -53.96 -7.44 -67.05
C ARG AA 39 -54.14 -7.20 -68.53
N GLN AA 40 -54.66 -8.22 -69.25
CA GLN AA 40 -54.93 -8.11 -70.68
C GLN AA 40 -56.08 -7.16 -70.98
N LYS AA 41 -57.17 -7.21 -70.20
CA LYS AA 41 -58.25 -6.25 -70.40
C LYS AA 41 -57.78 -4.84 -70.13
N TYR AA 42 -57.12 -4.63 -69.00
CA TYR AA 42 -56.29 -3.46 -68.77
C TYR AA 42 -54.88 -3.78 -69.29
N ASN AA 43 -53.88 -3.07 -68.80
CA ASN AA 43 -52.49 -3.24 -69.20
C ASN AA 43 -51.57 -3.08 -67.98
N VAL AA 44 -52.10 -3.38 -66.80
CA VAL AA 44 -51.52 -2.98 -65.53
C VAL AA 44 -51.11 -4.23 -64.76
N ARG AA 45 -49.92 -4.20 -64.16
CA ARG AA 45 -49.39 -5.40 -63.51
C ARG AA 45 -49.86 -5.55 -62.07
N SER AA 46 -49.84 -4.48 -61.27
CA SER AA 46 -50.24 -4.63 -59.89
C SER AA 46 -51.16 -3.48 -59.49
N MET AA 47 -51.73 -3.57 -58.29
CA MET AA 47 -52.78 -2.65 -57.87
C MET AA 47 -52.92 -2.62 -56.37
N PRO AA 48 -53.08 -1.45 -55.75
CA PRO AA 48 -53.41 -1.39 -54.32
C PRO AA 48 -54.80 -1.97 -54.04
N ILE AA 49 -54.87 -2.82 -53.01
CA ILE AA 49 -56.09 -3.54 -52.66
C ILE AA 49 -57.16 -2.60 -52.12
N ARG AA 50 -58.38 -3.11 -52.11
CA ARG AA 50 -59.61 -2.34 -51.93
C ARG AA 50 -60.50 -3.15 -51.01
N LYS AA 51 -61.57 -2.54 -50.51
CA LYS AA 51 -62.44 -3.19 -49.54
C LYS AA 51 -63.23 -4.34 -50.16
N ASP AA 52 -63.78 -4.15 -51.35
CA ASP AA 52 -64.86 -5.01 -51.83
C ASP AA 52 -64.51 -5.63 -53.17
N ASP AA 53 -63.31 -6.19 -53.28
CA ASP AA 53 -62.89 -6.85 -54.51
C ASP AA 53 -62.61 -8.33 -54.29
N GLU AA 54 -63.02 -9.14 -55.25
CA GLU AA 54 -62.77 -10.58 -55.24
C GLU AA 54 -61.30 -10.88 -55.49
N VAL AA 55 -60.84 -12.03 -54.98
CA VAL AA 55 -59.41 -12.33 -54.89
C VAL AA 55 -59.25 -13.83 -54.65
N GLN AA 56 -58.06 -14.36 -54.94
CA GLN AA 56 -57.77 -15.76 -54.62
C GLN AA 56 -56.33 -15.91 -54.16
N VAL AA 57 -56.09 -16.96 -53.39
CA VAL AA 57 -54.85 -17.15 -52.63
C VAL AA 57 -53.97 -18.15 -53.35
N VAL AA 58 -52.68 -17.84 -53.45
CA VAL AA 58 -51.74 -18.63 -54.23
C VAL AA 58 -50.62 -19.22 -53.37
N ARG AA 59 -50.59 -18.94 -52.07
CA ARG AA 59 -49.53 -19.42 -51.20
C ARG AA 59 -50.09 -19.79 -49.84
N GLY AA 60 -49.50 -20.81 -49.23
CA GLY AA 60 -49.82 -21.17 -47.87
C GLY AA 60 -50.89 -22.23 -47.75
N HIS AA 61 -51.46 -22.30 -46.55
CA HIS AA 61 -52.39 -23.37 -46.20
C HIS AA 61 -53.73 -23.21 -46.91
N TYR AA 62 -54.16 -21.98 -47.18
CA TYR AA 62 -55.43 -21.72 -47.85
C TYR AA 62 -55.27 -21.43 -49.33
N LYS AA 63 -54.25 -22.03 -49.95
CA LYS AA 63 -54.09 -21.98 -51.40
C LYS AA 63 -55.22 -22.72 -52.10
N GLY AA 64 -55.69 -22.16 -53.22
CA GLY AA 64 -56.80 -22.77 -53.93
C GLY AA 64 -57.29 -21.89 -55.06
N GLN AA 65 -58.46 -22.27 -55.59
CA GLN AA 65 -59.14 -21.54 -56.65
C GLN AA 65 -60.41 -20.85 -56.20
N GLN AA 66 -60.75 -20.91 -54.91
CA GLN AA 66 -62.01 -20.32 -54.45
C GLN AA 66 -61.89 -18.81 -54.49
N ILE AA 67 -62.73 -18.17 -55.31
CA ILE AA 67 -62.66 -16.74 -55.48
C ILE AA 67 -63.43 -16.10 -54.33
N GLY AA 68 -62.72 -15.71 -53.29
CA GLY AA 68 -63.32 -15.11 -52.12
C GLY AA 68 -63.22 -13.61 -52.25
N LYS AA 69 -64.22 -12.93 -51.71
CA LYS AA 69 -64.23 -11.48 -51.68
C LYS AA 69 -63.49 -10.99 -50.45
N VAL AA 70 -62.65 -9.97 -50.64
CA VAL AA 70 -61.95 -9.36 -49.52
C VAL AA 70 -63.00 -8.73 -48.62
N VAL AA 71 -62.88 -8.93 -47.31
CA VAL AA 71 -63.79 -8.29 -46.39
C VAL AA 71 -63.10 -7.31 -45.48
N GLN AA 72 -61.78 -7.38 -45.33
CA GLN AA 72 -61.13 -6.40 -44.48
C GLN AA 72 -59.68 -6.24 -44.90
N VAL AA 73 -59.21 -5.00 -44.87
CA VAL AA 73 -57.81 -4.69 -45.10
C VAL AA 73 -57.28 -4.15 -43.79
N TYR AA 74 -56.57 -4.97 -43.03
CA TYR AA 74 -56.05 -4.55 -41.75
C TYR AA 74 -54.65 -4.06 -42.06
N ARG AA 75 -54.54 -2.76 -42.38
CA ARG AA 75 -53.27 -2.14 -42.75
C ARG AA 75 -52.35 -2.00 -41.55
N LYS AA 76 -52.91 -1.96 -40.34
CA LYS AA 76 -52.12 -1.95 -39.12
C LYS AA 76 -51.26 -3.21 -39.00
N LYS AA 77 -51.82 -4.37 -39.31
CA LYS AA 77 -51.09 -5.62 -39.19
C LYS AA 77 -50.59 -6.12 -40.53
N TYR AA 78 -50.75 -5.30 -41.59
CA TYR AA 78 -50.27 -5.61 -42.95
C TYR AA 78 -50.87 -6.90 -43.52
N VAL AA 79 -52.19 -7.04 -43.40
CA VAL AA 79 -52.85 -8.32 -43.67
C VAL AA 79 -54.23 -8.01 -44.22
N ILE AA 80 -54.86 -9.03 -44.79
CA ILE AA 80 -56.23 -8.90 -45.29
C ILE AA 80 -57.03 -10.12 -44.86
N TYR AA 81 -58.32 -9.91 -44.72
CA TYR AA 81 -59.28 -10.95 -44.42
C TYR AA 81 -60.21 -11.11 -45.61
N ILE AA 82 -60.44 -12.36 -46.00
CA ILE AA 82 -61.21 -12.72 -47.17
C ILE AA 82 -62.44 -13.44 -46.62
N GLU AA 83 -63.38 -13.78 -47.50
CA GLU AA 83 -64.66 -14.35 -47.09
C GLU AA 83 -64.49 -15.69 -46.38
N ARG AA 84 -63.97 -16.68 -47.10
CA ARG AA 84 -63.92 -18.04 -46.56
C ARG AA 84 -62.53 -18.44 -46.08
N VAL AA 85 -61.62 -17.49 -45.86
CA VAL AA 85 -60.29 -17.80 -45.32
C VAL AA 85 -60.43 -17.67 -43.81
N GLN AA 86 -60.81 -18.77 -43.17
CA GLN AA 86 -61.24 -18.74 -41.78
C GLN AA 86 -60.68 -19.95 -41.07
N ARG AA 87 -60.65 -19.84 -39.74
CA ARG AA 87 -60.39 -20.99 -38.90
C ARG AA 87 -61.26 -20.88 -37.66
N GLU AA 88 -61.62 -22.03 -37.12
CA GLU AA 88 -62.52 -22.12 -35.97
C GLU AA 88 -61.69 -22.30 -34.71
N LYS AA 89 -61.76 -21.32 -33.82
CA LYS AA 89 -61.00 -21.38 -32.58
C LYS AA 89 -61.67 -22.34 -31.61
N ALA AA 90 -61.24 -22.32 -30.35
CA ALA AA 90 -61.71 -23.31 -29.38
C ALA AA 90 -63.20 -23.20 -29.09
N ASN AA 91 -63.74 -21.98 -29.08
CA ASN AA 91 -65.13 -21.73 -28.72
C ASN AA 91 -66.14 -22.28 -29.71
N GLY AA 92 -65.70 -22.72 -30.88
CA GLY AA 92 -66.59 -23.10 -31.95
C GLY AA 92 -66.90 -21.97 -32.90
N THR AA 93 -66.68 -20.73 -32.48
CA THR AA 93 -66.81 -19.59 -33.37
C THR AA 93 -65.67 -19.58 -34.38
N THR AA 94 -65.82 -18.73 -35.40
CA THR AA 94 -64.85 -18.65 -36.47
C THR AA 94 -64.18 -17.28 -36.48
N VAL AA 95 -62.92 -17.27 -36.85
CA VAL AA 95 -62.15 -16.04 -36.94
C VAL AA 95 -61.50 -16.04 -38.32
N HIS AA 96 -61.31 -14.83 -38.84
CA HIS AA 96 -60.67 -14.65 -40.14
C HIS AA 96 -59.17 -14.82 -39.98
N VAL AA 97 -58.57 -15.60 -40.86
CA VAL AA 97 -57.12 -15.71 -40.90
C VAL AA 97 -56.58 -14.67 -41.88
N GLY AA 98 -55.61 -13.88 -41.41
CA GLY AA 98 -55.10 -12.80 -42.23
C GLY AA 98 -53.91 -13.30 -42.99
N ILE AA 99 -53.80 -12.87 -44.25
CA ILE AA 99 -52.74 -13.29 -45.15
C ILE AA 99 -52.22 -12.07 -45.89
N HIS AA 100 -51.24 -12.30 -46.75
CA HIS AA 100 -50.53 -11.17 -47.30
C HIS AA 100 -50.98 -10.83 -48.72
N PRO AA 101 -51.11 -9.52 -48.98
CA PRO AA 101 -51.54 -9.07 -50.30
C PRO AA 101 -50.52 -9.37 -51.39
N SER AA 102 -49.27 -9.60 -51.04
CA SER AA 102 -48.32 -10.08 -52.02
C SER AA 102 -48.44 -11.58 -52.24
N LYS AA 103 -49.29 -12.25 -51.47
CA LYS AA 103 -49.53 -13.66 -51.63
C LYS AA 103 -50.94 -13.94 -52.13
N VAL AA 104 -51.73 -12.90 -52.39
CA VAL AA 104 -52.98 -13.09 -53.14
C VAL AA 104 -52.84 -12.63 -54.59
N VAL AA 105 -53.89 -12.83 -55.41
CA VAL AA 105 -53.99 -12.30 -56.76
C VAL AA 105 -55.43 -11.86 -57.04
N ILE AA 106 -55.57 -10.61 -57.48
CA ILE AA 106 -56.88 -9.98 -57.71
C ILE AA 106 -57.51 -10.53 -58.99
N THR AA 107 -58.78 -10.96 -58.89
CA THR AA 107 -59.51 -11.48 -60.04
C THR AA 107 -60.68 -10.62 -60.48
N ARG AA 108 -61.13 -9.66 -59.66
CA ARG AA 108 -62.20 -8.76 -60.08
C ARG AA 108 -62.11 -7.46 -59.28
N LEU AA 109 -62.10 -6.32 -59.98
CA LEU AA 109 -61.90 -5.02 -59.35
C LEU AA 109 -63.23 -4.43 -58.88
N LYS AA 110 -63.23 -3.90 -57.66
CA LYS AA 110 -64.26 -2.98 -57.21
C LYS AA 110 -64.04 -1.65 -57.90
N LEU AA 111 -64.78 -1.39 -58.98
CA LEU AA 111 -64.47 -0.32 -59.90
C LEU AA 111 -65.29 0.93 -59.57
N ASP AA 112 -64.61 2.07 -59.55
CA ASP AA 112 -65.24 3.38 -59.37
C ASP AA 112 -64.42 4.40 -60.14
N LYS AA 113 -64.69 5.68 -59.89
CA LYS AA 113 -64.11 6.75 -60.69
C LYS AA 113 -62.62 6.87 -60.44
N ASP AA 114 -62.22 6.84 -59.17
CA ASP AA 114 -60.81 6.97 -58.81
C ASP AA 114 -59.99 5.76 -59.28
N ARG AA 115 -60.54 4.54 -59.15
CA ARG AA 115 -59.79 3.36 -59.60
C ARG AA 115 -59.70 3.26 -61.12
N LYS AA 116 -60.75 3.68 -61.86
CA LYS AA 116 -60.61 3.81 -63.30
C LYS AA 116 -59.54 4.83 -63.64
N LYS AA 117 -59.50 5.93 -62.90
CA LYS AA 117 -58.51 6.98 -63.16
C LYS AA 117 -57.09 6.49 -62.90
N ILE AA 118 -56.87 5.75 -61.81
CA ILE AA 118 -55.50 5.34 -61.52
C ILE AA 118 -55.08 4.16 -62.41
N LEU AA 119 -56.01 3.30 -62.83
CA LEU AA 119 -55.69 2.30 -63.84
C LEU AA 119 -55.33 2.95 -65.18
N GLU AA 120 -56.04 4.03 -65.52
CA GLU AA 120 -55.72 4.80 -66.72
C GLU AA 120 -54.34 5.43 -66.62
N ARG AA 121 -53.99 5.98 -65.45
CA ARG AA 121 -52.68 6.59 -65.26
C ARG AA 121 -51.56 5.56 -65.39
N LYS AA 122 -51.72 4.40 -64.75
CA LYS AA 122 -50.69 3.36 -64.80
C LYS AA 122 -50.53 2.83 -66.22
N ALA AA 123 -51.65 2.56 -66.91
CA ALA AA 123 -51.58 2.05 -68.27
C ALA AA 123 -50.99 3.09 -69.21
N LYS AA 124 -51.36 4.37 -69.02
CA LYS AA 124 -50.83 5.45 -69.85
C LYS AA 124 -49.33 5.61 -69.64
N SER AA 125 -48.87 5.47 -68.38
CA SER AA 125 -47.44 5.58 -68.11
C SER AA 125 -46.67 4.41 -68.71
N ARG AA 126 -47.25 3.21 -68.66
CA ARG AA 126 -46.58 2.08 -69.31
C ARG AA 126 -46.59 2.25 -70.83
N GLN AA 127 -47.65 2.84 -71.39
CA GLN AA 127 -47.69 3.08 -72.83
C GLN AA 127 -46.67 4.13 -73.26
N VAL AA 128 -46.52 5.23 -72.49
CA VAL AA 128 -45.51 6.23 -72.83
C VAL AA 128 -44.11 5.63 -72.68
N GLY AA 129 -43.91 4.76 -71.68
CA GLY AA 129 -42.64 4.09 -71.55
C GLY AA 129 -42.33 3.15 -72.70
N LYS AA 130 -43.35 2.42 -73.19
CA LYS AA 130 -43.16 1.57 -74.35
C LYS AA 130 -42.88 2.37 -75.62
N GLU AA 131 -43.62 3.46 -75.87
CA GLU AA 131 -43.36 4.24 -77.09
C GLU AA 131 -42.03 4.96 -77.02
N LYS AA 132 -41.56 5.29 -75.81
CA LYS AA 132 -40.21 5.82 -75.66
C LYS AA 132 -39.16 4.73 -75.95
N GLY AA 133 -39.36 3.54 -75.40
CA GLY AA 133 -38.50 2.39 -75.70
C GLY AA 133 -39.01 1.57 -76.88
N LYS AA 134 -39.51 2.25 -77.90
CA LYS AA 134 -39.97 1.65 -79.15
C LYS AA 134 -38.91 0.80 -79.85
N GLY BA 1 -64.75 93.97 51.16
CA GLY BA 1 -66.08 93.48 51.48
C GLY BA 1 -66.68 92.60 50.40
N LYS BA 2 -68.00 92.41 50.49
CA LYS BA 2 -68.72 91.54 49.57
C LYS BA 2 -68.74 92.16 48.17
N PHE BA 3 -68.20 91.44 47.19
CA PHE BA 3 -68.11 91.96 45.84
C PHE BA 3 -69.12 91.31 44.90
N MET BA 4 -69.80 90.28 45.36
CA MET BA 4 -70.82 89.55 44.59
C MET BA 4 -72.12 90.32 44.46
N LYS BA 5 -72.14 91.29 43.57
CA LYS BA 5 -73.29 92.17 43.49
C LYS BA 5 -74.01 91.98 42.16
N PRO BA 6 -75.32 92.19 42.12
CA PRO BA 6 -76.09 92.07 40.86
C PRO BA 6 -75.60 93.05 39.80
N GLY BA 7 -75.17 92.51 38.66
CA GLY BA 7 -74.57 93.30 37.61
C GLY BA 7 -73.16 92.87 37.25
N LYS BA 8 -72.52 92.05 38.08
CA LYS BA 8 -71.15 91.64 37.89
C LYS BA 8 -71.07 90.61 36.77
N VAL BA 9 -70.15 90.83 35.83
CA VAL BA 9 -69.83 89.81 34.85
C VAL BA 9 -69.08 88.67 35.53
N VAL BA 10 -69.44 87.45 35.18
CA VAL BA 10 -68.91 86.26 35.84
C VAL BA 10 -68.58 85.25 34.75
N LEU BA 11 -67.71 84.30 35.10
CA LEU BA 11 -67.31 83.25 34.19
C LEU BA 11 -67.89 81.91 34.64
N VAL BA 12 -68.55 81.21 33.74
CA VAL BA 12 -69.08 79.88 34.00
C VAL BA 12 -68.03 78.83 33.69
N LEU BA 13 -67.78 77.97 34.68
CA LEU BA 13 -66.72 76.96 34.75
C LEU BA 13 -67.20 75.54 34.46
N ALA BA 14 -68.24 75.09 35.14
CA ALA BA 14 -68.73 73.72 35.04
C ALA BA 14 -70.08 73.65 34.33
N GLY BA 15 -70.37 72.48 33.76
CA GLY BA 15 -71.65 72.24 33.12
C GLY BA 15 -71.56 72.32 31.62
N ARG BA 16 -72.75 72.34 30.99
CA ARG BA 16 -72.85 72.37 29.54
C ARG BA 16 -72.32 73.69 28.99
N TYR BA 17 -72.44 74.76 29.75
CA TYR BA 17 -71.99 76.09 29.37
C TYR BA 17 -70.64 76.42 29.97
N SER BA 18 -69.78 75.41 30.10
CA SER BA 18 -68.45 75.59 30.66
C SER BA 18 -67.64 76.60 29.84
N GLY BA 19 -66.94 77.50 30.55
CA GLY BA 19 -66.17 78.50 29.84
C GLY BA 19 -66.99 79.59 29.22
N ARG BA 20 -68.16 79.88 29.74
CA ARG BA 20 -69.02 80.87 29.10
C ARG BA 20 -69.17 82.12 29.94
N LYS BA 21 -69.36 83.27 29.29
CA LYS BA 21 -69.56 84.52 30.01
C LYS BA 21 -71.02 84.68 30.43
N ALA BA 22 -71.22 85.20 31.65
CA ALA BA 22 -72.55 85.42 32.17
C ALA BA 22 -72.54 86.71 32.98
N VAL BA 23 -73.72 87.12 33.44
CA VAL BA 23 -73.90 88.30 34.28
C VAL BA 23 -74.81 87.96 35.46
N ILE BA 24 -74.44 88.39 36.66
CA ILE BA 24 -75.24 88.06 37.84
C ILE BA 24 -76.54 88.83 37.76
N VAL BA 25 -77.67 88.11 37.71
CA VAL BA 25 -78.96 88.78 37.78
C VAL BA 25 -79.41 88.96 39.22
N LYS BA 26 -79.31 87.91 40.05
CA LYS BA 26 -79.64 88.06 41.47
C LYS BA 26 -78.82 87.11 42.33
N ASN BA 27 -78.07 87.67 43.27
CA ASN BA 27 -77.35 86.89 44.28
C ASN BA 27 -78.22 86.62 45.48
N ILE BA 28 -77.96 85.49 46.14
CA ILE BA 28 -78.64 85.13 47.37
C ILE BA 28 -77.69 85.06 48.56
N ASP BA 29 -76.53 84.44 48.36
CA ASP BA 29 -75.36 84.46 49.26
C ASP BA 29 -75.65 84.05 50.71
N ASP BA 30 -76.80 83.42 50.99
CA ASP BA 30 -77.03 82.80 52.29
C ASP BA 30 -77.74 81.45 52.21
N GLY BA 31 -78.48 81.17 51.14
CA GLY BA 31 -79.25 79.94 51.05
C GLY BA 31 -80.73 80.22 51.26
N THR BA 32 -81.55 79.40 50.61
CA THR BA 32 -83.00 79.63 50.62
C THR BA 32 -83.77 78.45 51.20
N SER BA 33 -83.07 77.59 51.95
CA SER BA 33 -83.63 76.39 52.62
C SER BA 33 -84.17 75.34 51.67
N ASP BA 34 -84.11 75.58 50.36
CA ASP BA 34 -84.37 74.56 49.36
C ASP BA 34 -83.17 74.28 48.47
N ARG BA 35 -82.27 75.24 48.30
CA ARG BA 35 -80.87 75.00 47.96
C ARG BA 35 -80.01 75.76 48.97
N PRO BA 36 -79.55 75.09 50.03
CA PRO BA 36 -78.92 75.81 51.14
C PRO BA 36 -77.50 76.33 50.88
N TYR BA 37 -76.93 76.16 49.70
CA TYR BA 37 -75.65 76.79 49.45
C TYR BA 37 -75.87 78.19 48.89
N SER BA 38 -74.78 78.91 48.71
CA SER BA 38 -74.83 80.33 48.36
C SER BA 38 -74.71 80.41 46.85
N HIS BA 39 -75.80 80.84 46.20
CA HIS BA 39 -75.95 80.70 44.78
C HIS BA 39 -76.41 82.02 44.17
N ALA BA 40 -76.63 81.96 42.86
CA ALA BA 40 -77.02 83.12 42.10
C ALA BA 40 -77.71 82.70 40.83
N LEU BA 41 -78.64 83.54 40.41
CA LEU BA 41 -79.35 83.38 39.16
C LEU BA 41 -78.65 84.29 38.16
N VAL BA 42 -78.16 83.69 37.07
CA VAL BA 42 -77.40 84.39 36.07
C VAL BA 42 -78.09 84.21 34.72
N ALA BA 43 -77.74 85.11 33.82
CA ALA BA 43 -78.10 85.06 32.41
C ALA BA 43 -76.81 85.21 31.65
N GLY BA 44 -76.64 84.43 30.60
CA GLY BA 44 -75.37 84.39 29.89
C GLY BA 44 -75.58 84.20 28.41
N ILE BA 45 -74.46 84.18 27.71
CA ILE BA 45 -74.40 84.03 26.26
C ILE BA 45 -74.06 82.58 25.93
N ASP BA 46 -74.87 81.95 25.09
CA ASP BA 46 -74.62 80.58 24.65
C ASP BA 46 -73.82 80.49 23.36
N ARG BA 47 -74.18 81.29 22.37
CA ARG BA 47 -73.45 81.42 21.12
C ARG BA 47 -72.96 82.85 20.99
N TYR BA 48 -71.64 83.03 21.01
CA TYR BA 48 -71.10 84.36 20.82
C TYR BA 48 -71.36 84.84 19.39
N PRO BA 49 -71.43 86.15 19.19
CA PRO BA 49 -71.51 86.66 17.82
C PRO BA 49 -70.20 86.44 17.08
N ARG BA 50 -70.31 86.04 15.82
CA ARG BA 50 -69.16 85.93 14.95
C ARG BA 50 -68.56 87.31 14.68
N LYS BA 51 -67.24 87.35 14.53
CA LYS BA 51 -66.58 88.62 14.31
C LYS BA 51 -66.91 89.12 12.91
N VAL BA 52 -67.05 90.43 12.80
CA VAL BA 52 -67.50 91.07 11.57
C VAL BA 52 -66.44 92.04 11.05
N THR BA 53 -66.37 92.15 9.73
CA THR BA 53 -65.41 93.01 9.06
C THR BA 53 -66.13 93.96 8.12
N ALA BA 54 -65.35 94.90 7.56
CA ALA BA 54 -65.92 96.04 6.86
C ALA BA 54 -66.57 95.64 5.55
N ALA BA 55 -66.02 94.64 4.88
CA ALA BA 55 -66.49 94.22 3.55
C ALA BA 55 -67.46 93.05 3.64
N MET BA 56 -68.60 93.29 4.29
CA MET BA 56 -69.54 92.19 4.49
C MET BA 56 -70.95 92.52 3.98
N GLY BA 57 -71.37 93.77 4.07
CA GLY BA 57 -72.76 94.00 3.69
C GLY BA 57 -73.70 93.94 4.88
N LYS BA 58 -74.76 94.77 4.82
CA LYS BA 58 -75.53 95.06 6.03
C LYS BA 58 -76.35 93.85 6.49
N LYS BA 59 -76.94 93.10 5.57
CA LYS BA 59 -77.76 91.98 6.02
C LYS BA 59 -76.90 90.80 6.48
N LYS BA 60 -75.73 90.61 5.88
CA LYS BA 60 -74.76 89.63 6.35
C LYS BA 60 -74.24 90.02 7.74
N ILE BA 61 -74.05 91.33 7.96
CA ILE BA 61 -73.60 91.84 9.25
C ILE BA 61 -74.65 91.55 10.31
N ALA BA 62 -75.93 91.79 9.97
CA ALA BA 62 -77.03 91.54 10.88
C ALA BA 62 -77.21 90.06 11.17
N LYS BA 63 -76.98 89.21 10.17
CA LYS BA 63 -77.05 87.77 10.40
C LYS BA 63 -75.90 87.28 11.29
N ARG BA 64 -74.69 87.77 11.05
CA ARG BA 64 -73.55 87.29 11.83
C ARG BA 64 -73.54 87.84 13.24
N SER BA 65 -74.18 88.98 13.49
CA SER BA 65 -74.13 89.59 14.81
C SER BA 65 -75.45 89.35 15.53
N LYS BA 66 -75.55 88.16 16.13
CA LYS BA 66 -76.69 87.81 16.98
C LYS BA 66 -76.27 86.73 17.97
N ILE BA 67 -77.06 86.62 19.04
CA ILE BA 67 -76.62 86.02 20.30
C ILE BA 67 -77.67 85.00 20.71
N LYS BA 68 -77.22 83.81 21.10
CA LYS BA 68 -78.04 82.87 21.86
C LYS BA 68 -77.71 82.99 23.33
N SER BA 69 -78.73 83.03 24.17
CA SER BA 69 -78.55 83.27 25.59
C SER BA 69 -79.01 82.06 26.38
N PHE BA 70 -78.84 82.13 27.70
CA PHE BA 70 -79.34 81.11 28.61
C PHE BA 70 -79.52 81.76 29.97
N VAL BA 71 -80.27 81.10 30.83
CA VAL BA 71 -80.51 81.54 32.20
C VAL BA 71 -80.41 80.34 33.12
N LYS BA 72 -79.59 80.45 34.16
CA LYS BA 72 -79.35 79.33 35.06
C LYS BA 72 -79.17 79.84 36.49
N VAL BA 73 -79.07 78.89 37.41
CA VAL BA 73 -79.10 79.14 38.85
C VAL BA 73 -77.82 78.60 39.48
N TYR BA 74 -76.68 78.88 38.85
CA TYR BA 74 -75.38 78.30 39.19
C TYR BA 74 -74.99 78.52 40.64
N ASN BA 75 -74.10 77.65 41.09
CA ASN BA 75 -73.45 77.75 42.38
C ASN BA 75 -72.23 78.68 42.30
N TYR BA 76 -71.95 79.35 43.43
CA TYR BA 76 -70.82 80.26 43.52
C TYR BA 76 -69.51 79.53 43.31
N ASN BA 77 -69.46 78.25 43.69
CA ASN BA 77 -68.28 77.44 43.46
C ASN BA 77 -68.12 77.03 42.00
N HIS BA 78 -69.13 77.23 41.16
CA HIS BA 78 -69.01 77.01 39.74
C HIS BA 78 -68.96 78.31 38.96
N LEU BA 79 -69.11 79.45 39.62
CA LEU BA 79 -68.90 80.75 38.99
C LEU BA 79 -67.50 81.26 39.33
N MET BA 80 -66.97 82.14 38.48
CA MET BA 80 -65.70 82.82 38.76
C MET BA 80 -65.85 84.31 38.52
N PRO BA 81 -65.90 85.14 39.56
CA PRO BA 81 -66.17 86.57 39.37
C PRO BA 81 -65.01 87.27 38.69
N THR BA 82 -65.36 88.31 37.93
CA THR BA 82 -64.39 89.08 37.16
C THR BA 82 -64.38 90.51 37.68
N ARG BA 83 -63.61 91.36 36.99
CA ARG BA 83 -63.47 92.76 37.32
C ARG BA 83 -64.55 93.64 36.70
N TYR BA 84 -65.25 93.15 35.68
CA TYR BA 84 -66.06 94.03 34.85
C TYR BA 84 -67.50 94.11 35.38
N SER BA 85 -68.25 95.06 34.83
CA SER BA 85 -69.64 95.27 35.23
C SER BA 85 -70.39 95.90 34.08
N VAL BA 86 -71.56 95.35 33.77
CA VAL BA 86 -72.47 95.92 32.78
C VAL BA 86 -73.75 96.39 33.45
N ASP BA 87 -74.14 97.62 33.18
CA ASP BA 87 -75.35 98.18 33.76
C ASP BA 87 -76.45 98.08 32.70
N ILE BA 88 -76.93 96.86 32.50
CA ILE BA 88 -77.99 96.57 31.54
C ILE BA 88 -79.32 96.48 32.29
N PRO BA 89 -80.31 97.29 31.95
CA PRO BA 89 -81.57 97.26 32.72
C PRO BA 89 -82.48 96.08 32.36
N LEU BA 90 -82.22 94.93 32.99
CA LEU BA 90 -83.14 93.79 32.89
C LEU BA 90 -84.34 93.99 33.80
N ASP BA 91 -85.41 93.24 33.56
CA ASP BA 91 -86.62 93.32 34.37
C ASP BA 91 -86.67 92.10 35.29
N LYS BA 92 -86.68 92.35 36.62
CA LYS BA 92 -86.69 91.24 37.57
C LYS BA 92 -88.01 90.48 37.55
N THR BA 93 -89.11 91.19 37.27
CA THR BA 93 -90.42 90.54 37.13
C THR BA 93 -90.44 89.48 36.03
N VAL BA 94 -89.67 89.67 34.97
CA VAL BA 94 -89.57 88.62 33.95
C VAL BA 94 -88.48 87.64 34.35
N VAL BA 95 -87.24 88.12 34.45
CA VAL BA 95 -86.13 87.28 34.92
C VAL BA 95 -86.12 87.42 36.43
N ASN BA 96 -87.02 86.69 37.08
CA ASN BA 96 -87.10 86.49 38.51
C ASN BA 96 -86.77 85.04 38.88
N LYS BA 97 -86.81 84.75 40.19
CA LYS BA 97 -86.30 83.48 40.69
C LYS BA 97 -87.27 82.33 40.44
N ASP BA 98 -88.57 82.60 40.41
CA ASP BA 98 -89.55 81.55 40.16
C ASP BA 98 -89.84 81.35 38.68
N VAL BA 99 -88.92 81.74 37.79
CA VAL BA 99 -89.07 81.44 36.37
C VAL BA 99 -88.77 80.00 36.02
N PHE BA 100 -88.23 79.21 36.96
CA PHE BA 100 -87.89 77.83 36.65
C PHE BA 100 -89.03 76.88 37.00
N ARG BA 101 -90.24 77.23 36.62
CA ARG BA 101 -91.40 76.36 36.73
C ARG BA 101 -92.12 76.23 35.40
N ASP BA 102 -92.18 77.30 34.62
CA ASP BA 102 -92.92 77.35 33.38
C ASP BA 102 -91.93 77.54 32.23
N PRO BA 103 -91.89 76.58 31.30
CA PRO BA 103 -91.07 76.76 30.09
C PRO BA 103 -91.44 77.96 29.22
N ALA BA 104 -92.71 78.37 29.20
CA ALA BA 104 -93.08 79.59 28.49
C ALA BA 104 -92.42 80.80 29.14
N LEU BA 105 -92.41 80.85 30.48
CA LEU BA 105 -91.78 81.94 31.20
C LEU BA 105 -90.27 81.92 30.98
N LYS BA 106 -89.68 80.73 30.91
CA LYS BA 106 -88.24 80.63 30.68
C LYS BA 106 -87.89 81.09 29.26
N ARG BA 107 -88.74 80.78 28.29
CA ARG BA 107 -88.58 81.30 26.93
C ARG BA 107 -88.68 82.82 26.91
N LYS BA 108 -89.60 83.38 27.70
CA LYS BA 108 -89.72 84.85 27.77
C LYS BA 108 -88.46 85.45 28.36
N ALA BA 109 -87.89 84.78 29.37
CA ALA BA 109 -86.67 85.26 30.00
C ALA BA 109 -85.49 85.22 29.04
N ARG BA 110 -85.37 84.15 28.25
CA ARG BA 110 -84.31 84.08 27.26
C ARG BA 110 -84.48 85.12 26.16
N ARG BA 111 -85.73 85.35 25.73
CA ARG BA 111 -85.96 86.36 24.70
C ARG BA 111 -85.61 87.76 25.21
N GLU BA 112 -85.93 88.06 26.47
CA GLU BA 112 -85.58 89.37 27.02
C GLU BA 112 -84.07 89.53 27.19
N ALA BA 113 -83.40 88.50 27.70
CA ALA BA 113 -81.95 88.56 27.84
C ALA BA 113 -81.27 88.68 26.48
N LYS BA 114 -81.81 88.01 25.47
CA LYS BA 114 -81.21 88.04 24.13
C LYS BA 114 -81.37 89.42 23.49
N VAL BA 115 -82.56 90.03 23.60
CA VAL BA 115 -82.75 91.34 22.98
C VAL BA 115 -81.96 92.41 23.72
N LYS BA 116 -81.87 92.32 25.07
CA LYS BA 116 -81.06 93.27 25.82
C LYS BA 116 -79.59 93.11 25.48
N PHE BA 117 -79.13 91.87 25.33
CA PHE BA 117 -77.73 91.63 24.99
C PHE BA 117 -77.41 92.15 23.61
N GLU BA 118 -78.34 92.01 22.66
CA GLU BA 118 -78.08 92.54 21.32
C GLU BA 118 -78.08 94.07 21.31
N GLU BA 119 -78.99 94.70 22.04
CA GLU BA 119 -79.00 96.15 22.07
C GLU BA 119 -77.83 96.74 22.83
N ARG BA 120 -77.24 96.01 23.78
CA ARG BA 120 -76.00 96.49 24.39
C ARG BA 120 -74.79 96.13 23.54
N TYR BA 121 -74.89 95.04 22.78
CA TYR BA 121 -73.81 94.60 21.91
C TYR BA 121 -73.58 95.56 20.76
N LYS BA 122 -74.66 96.01 20.12
CA LYS BA 122 -74.55 97.16 19.24
C LYS BA 122 -74.24 98.40 20.07
N THR BA 123 -73.69 99.41 19.37
CA THR BA 123 -73.04 100.63 19.86
C THR BA 123 -71.68 100.34 20.49
N GLY BA 124 -71.21 99.08 20.44
CA GLY BA 124 -69.83 98.74 20.73
C GLY BA 124 -69.41 98.93 22.16
N LYS BA 125 -70.34 98.97 23.09
CA LYS BA 125 -70.02 99.00 24.50
C LYS BA 125 -69.82 97.59 25.01
N ASN BA 126 -68.93 97.43 26.00
CA ASN BA 126 -68.64 96.15 26.68
C ASN BA 126 -68.18 95.05 25.71
N LYS BA 127 -67.22 95.45 24.87
CA LYS BA 127 -66.63 94.58 23.86
C LYS BA 127 -65.99 93.33 24.45
N TRP BA 128 -65.39 93.43 25.65
CA TRP BA 128 -64.85 92.24 26.30
C TRP BA 128 -65.94 91.25 26.65
N PHE BA 129 -67.10 91.73 27.11
CA PHE BA 129 -68.17 90.80 27.45
C PHE BA 129 -68.71 90.14 26.21
N PHE BA 130 -68.75 90.85 25.10
CA PHE BA 130 -69.30 90.19 23.93
C PHE BA 130 -68.24 89.45 23.11
N GLN BA 131 -66.98 89.52 23.53
CA GLN BA 131 -65.92 88.73 22.94
C GLN BA 131 -65.94 87.33 23.58
N LYS BA 132 -65.29 86.36 22.91
CA LYS BA 132 -65.23 84.99 23.42
C LYS BA 132 -63.92 84.71 24.16
N LEU BA 133 -64.03 84.00 25.28
CA LEU BA 133 -62.84 83.59 26.05
C LEU BA 133 -62.14 82.45 25.30
N ARG BA 134 -60.96 82.71 24.79
CA ARG BA 134 -60.19 81.73 24.01
C ARG BA 134 -59.36 80.82 24.91
N PHE BA 135 -59.97 79.74 25.39
CA PHE BA 135 -59.25 78.77 26.20
C PHE BA 135 -59.12 77.46 25.44
N PRO CA 1 -0.22 -4.30 -37.04
CA PRO CA 1 -0.77 -5.62 -36.74
C PRO CA 1 -0.50 -6.06 -35.32
N SER CA 2 -1.55 -6.12 -34.52
CA SER CA 2 -1.39 -6.45 -33.11
C SER CA 2 -1.11 -7.92 -32.88
N ARG CA 3 -1.30 -8.79 -33.87
CA ARG CA 3 -1.10 -10.22 -33.70
C ARG CA 3 0.37 -10.65 -33.79
N LEU CA 4 1.25 -9.75 -34.24
CA LEU CA 4 2.68 -10.03 -34.38
C LEU CA 4 3.47 -9.44 -33.23
N ARG CA 5 3.00 -9.55 -32.00
CA ARG CA 5 3.48 -8.65 -30.98
C ARG CA 5 3.63 -9.34 -29.62
N LYS CA 6 4.46 -8.71 -28.79
CA LYS CA 6 4.91 -9.32 -27.54
C LYS CA 6 3.78 -9.47 -26.54
N THR CA 7 2.77 -8.59 -26.58
CA THR CA 7 1.60 -8.75 -25.72
C THR CA 7 0.90 -10.09 -25.96
N ARG CA 8 0.69 -10.41 -27.25
CA ARG CA 8 0.12 -11.69 -27.63
C ARG CA 8 0.99 -12.84 -27.17
N LYS CA 9 2.32 -12.70 -27.29
CA LYS CA 9 3.13 -13.78 -26.78
C LYS CA 9 3.29 -13.78 -25.26
N LEU CA 10 2.86 -12.71 -24.59
CA LEU CA 10 3.00 -12.56 -23.16
C LEU CA 10 1.72 -12.84 -22.41
N ARG CA 11 0.63 -13.20 -23.10
CA ARG CA 11 -0.64 -13.48 -22.43
C ARG CA 11 -0.70 -14.78 -21.63
N GLY CA 12 0.27 -15.08 -20.79
CA GLY CA 12 0.00 -16.02 -19.72
C GLY CA 12 0.87 -15.74 -18.52
N HIS CA 13 1.84 -14.87 -18.73
CA HIS CA 13 2.94 -14.66 -17.81
C HIS CA 13 2.58 -13.45 -16.97
N VAL CA 14 2.79 -13.54 -15.67
CA VAL CA 14 2.01 -12.70 -14.77
C VAL CA 14 2.54 -11.26 -14.76
N SER CA 15 3.85 -11.06 -14.86
CA SER CA 15 4.43 -9.74 -14.72
C SER CA 15 4.48 -9.00 -16.05
N HIS CA 16 4.10 -9.67 -17.14
CA HIS CA 16 4.02 -9.12 -18.49
C HIS CA 16 5.37 -8.62 -18.99
N GLY CA 17 6.45 -9.26 -18.56
CA GLY CA 17 7.76 -8.90 -19.05
C GLY CA 17 8.49 -7.84 -18.25
N HIS CA 18 7.92 -7.35 -17.17
CA HIS CA 18 8.51 -6.27 -16.40
C HIS CA 18 9.05 -6.68 -15.05
N GLY CA 19 9.05 -7.95 -14.72
CA GLY CA 19 9.75 -8.37 -13.52
C GLY CA 19 8.81 -8.45 -12.34
N ARG CA 20 9.13 -9.36 -11.42
CA ARG CA 20 8.36 -9.48 -10.19
C ARG CA 20 8.88 -8.55 -9.10
N ILE CA 21 10.19 -8.58 -8.84
CA ILE CA 21 10.82 -7.59 -7.95
C ILE CA 21 10.56 -6.19 -8.48
N GLY CA 22 10.83 -6.00 -9.77
CA GLY CA 22 10.22 -5.04 -10.66
C GLY CA 22 10.14 -3.64 -10.14
N LYS CA 23 9.03 -2.96 -10.48
CA LYS CA 23 7.94 -3.53 -11.25
C LYS CA 23 7.76 -2.61 -12.42
N HIS CA 24 6.61 -2.67 -13.08
CA HIS CA 24 6.29 -1.61 -14.02
C HIS CA 24 5.50 -0.59 -13.24
N ARG CA 25 6.17 0.48 -12.84
CA ARG CA 25 5.58 1.58 -12.11
C ARG CA 25 5.31 2.73 -13.06
N LYS CA 26 4.94 3.89 -12.50
CA LYS CA 26 4.53 5.00 -13.35
C LYS CA 26 5.76 5.68 -13.92
N HIS CA 27 6.55 6.34 -13.08
CA HIS CA 27 7.74 7.08 -13.51
C HIS CA 27 8.83 7.01 -12.44
N PRO CA 28 9.49 5.86 -12.27
CA PRO CA 28 10.69 5.86 -11.44
C PRO CA 28 11.84 6.56 -12.17
N GLY CA 29 12.43 7.54 -11.50
CA GLY CA 29 13.49 8.32 -12.07
C GLY CA 29 13.05 9.70 -12.52
N GLY CA 30 11.76 9.93 -12.64
CA GLY CA 30 11.21 11.20 -13.08
C GLY CA 30 10.61 11.10 -14.46
N ARG CA 31 10.09 12.23 -14.92
CA ARG CA 31 9.48 12.30 -16.25
C ARG CA 31 10.40 13.06 -17.19
N GLY CA 32 10.47 12.57 -18.43
CA GLY CA 32 11.20 13.28 -19.46
C GLY CA 32 12.69 13.25 -19.21
N ASN CA 33 13.32 14.41 -19.41
CA ASN CA 33 14.76 14.59 -19.19
C ASN CA 33 15.08 15.10 -17.79
N ALA CA 34 14.27 14.73 -16.80
CA ALA CA 34 14.53 15.09 -15.42
C ALA CA 34 15.84 14.54 -14.91
N GLY CA 35 16.51 15.31 -14.07
CA GLY CA 35 17.66 14.82 -13.36
C GLY CA 35 18.89 14.61 -14.20
N GLY CA 36 19.01 15.33 -15.32
CA GLY CA 36 20.18 15.18 -16.17
C GLY CA 36 21.45 15.74 -15.59
N LEU CA 37 21.35 16.49 -14.49
CA LEU CA 37 22.51 16.93 -13.75
C LEU CA 37 22.61 16.25 -12.40
N HIS CA 38 21.61 15.43 -12.03
CA HIS CA 38 21.60 14.86 -10.68
C HIS CA 38 21.67 13.34 -10.65
N HIS CA 39 20.67 12.63 -11.18
CA HIS CA 39 20.71 11.18 -11.15
C HIS CA 39 20.75 10.58 -12.55
N HIS CA 40 20.73 11.39 -13.59
CA HIS CA 40 21.00 10.95 -14.95
C HIS CA 40 22.24 11.64 -15.48
N ARG CA 41 23.06 12.14 -14.56
CA ARG CA 41 24.28 12.88 -14.92
C ARG CA 41 25.24 12.01 -15.71
N ILE CA 42 25.38 10.74 -15.31
CA ILE CA 42 26.33 9.85 -15.98
C ILE CA 42 25.89 9.59 -17.41
N ASN CA 43 24.58 9.39 -17.62
CA ASN CA 43 24.06 9.16 -18.97
C ASN CA 43 24.22 10.40 -19.85
N PHE CA 44 23.91 11.58 -19.31
CA PHE CA 44 24.03 12.79 -20.12
C PHE CA 44 25.48 13.10 -20.42
N ASP CA 45 26.38 12.90 -19.45
CA ASP CA 45 27.80 13.12 -19.66
C ASP CA 45 28.39 12.09 -20.62
N LYS CA 46 27.84 10.88 -20.66
CA LYS CA 46 28.39 9.82 -21.49
C LYS CA 46 27.93 9.93 -22.93
N TYR CA 47 26.68 10.31 -23.16
CA TYR CA 47 26.11 10.25 -24.50
C TYR CA 47 25.80 11.59 -25.09
N HIS CA 48 25.75 12.64 -24.28
CA HIS CA 48 25.45 14.00 -24.74
C HIS CA 48 26.39 14.99 -24.08
N PRO CA 49 27.67 14.99 -24.47
CA PRO CA 49 28.54 16.04 -23.96
C PRO CA 49 28.23 17.35 -24.66
N GLY CA 50 28.38 18.44 -23.92
CA GLY CA 50 28.01 19.73 -24.43
C GLY CA 50 26.60 20.16 -24.09
N TYR CA 51 25.84 19.35 -23.38
CA TYR CA 51 24.39 19.54 -23.32
C TYR CA 51 24.01 20.72 -22.44
N PHE CA 52 24.62 20.86 -21.27
CA PHE CA 52 24.28 21.95 -20.36
C PHE CA 52 25.24 23.10 -20.58
N GLY CA 53 24.70 24.32 -20.60
CA GLY CA 53 25.49 25.53 -20.71
C GLY CA 53 25.12 26.36 -21.92
N LYS CA 54 25.88 27.44 -22.12
CA LYS CA 54 25.84 28.23 -23.34
C LYS CA 54 27.24 28.46 -23.86
N VAL CA 55 27.36 28.49 -25.18
CA VAL CA 55 28.54 29.01 -25.88
C VAL CA 55 28.04 29.97 -26.94
N GLY CA 56 28.95 30.82 -27.41
CA GLY CA 56 28.67 31.64 -28.56
C GLY CA 56 27.77 32.82 -28.27
N MET CA 57 27.64 33.66 -29.28
CA MET CA 57 26.82 34.86 -29.19
C MET CA 57 25.48 34.62 -29.87
N LYS CA 58 24.44 35.17 -29.28
CA LYS CA 58 23.10 34.99 -29.80
C LYS CA 58 22.76 36.08 -30.79
N HIS CA 59 21.73 35.83 -31.59
CA HIS CA 59 21.42 36.69 -32.73
C HIS CA 59 19.92 36.68 -32.96
N TYR CA 60 19.25 37.78 -32.65
CA TYR CA 60 17.82 37.83 -32.79
C TYR CA 60 17.45 38.02 -34.25
N HIS CA 61 16.26 37.51 -34.61
CA HIS CA 61 15.67 37.65 -35.95
C HIS CA 61 16.61 37.12 -37.03
N LEU CA 62 16.90 35.84 -36.96
CA LEU CA 62 17.72 35.22 -37.96
C LEU CA 62 16.87 34.87 -39.18
N LYS CA 63 17.29 35.35 -40.33
CA LYS CA 63 16.69 35.00 -41.60
C LYS CA 63 17.70 34.13 -42.34
N ARG CA 64 17.35 32.85 -42.50
CA ARG CA 64 18.19 31.91 -43.25
C ARG CA 64 18.32 32.29 -44.71
N ASN CA 65 17.35 33.04 -45.22
CA ASN CA 65 17.25 33.37 -46.61
C ASN CA 65 18.31 34.35 -47.09
N GLN CA 66 19.03 35.04 -46.21
CA GLN CA 66 20.11 35.91 -46.66
C GLN CA 66 21.48 35.34 -46.39
N SER CA 67 21.56 34.19 -45.75
CA SER CA 67 22.78 33.40 -45.65
C SER CA 67 22.70 32.16 -46.52
N PHE CA 68 21.62 32.01 -47.27
CA PHE CA 68 21.48 30.96 -48.27
C PHE CA 68 22.62 31.02 -49.28
N CYS CA 69 23.42 29.97 -49.30
CA CYS CA 69 24.50 29.86 -50.28
C CYS CA 69 24.81 28.39 -50.43
N PRO CA 70 24.19 27.71 -51.38
CA PRO CA 70 24.47 26.29 -51.58
C PRO CA 70 25.74 26.14 -52.40
N THR CA 71 26.38 25.01 -52.22
CA THR CA 71 27.67 24.77 -52.86
C THR CA 71 27.60 23.58 -53.80
N VAL CA 72 28.35 23.69 -54.88
CA VAL CA 72 28.57 22.60 -55.81
C VAL CA 72 30.06 22.30 -55.82
N ASN CA 73 30.40 21.07 -56.16
CA ASN CA 73 31.79 20.68 -56.17
C ASN CA 73 32.29 20.59 -57.61
N LEU CA 74 33.62 20.66 -57.72
CA LEU CA 74 34.24 20.83 -59.02
C LEU CA 74 34.17 19.57 -59.88
N ASP CA 75 33.79 18.43 -59.32
CA ASP CA 75 33.62 17.21 -60.10
C ASP CA 75 32.21 17.09 -60.68
N LYS CA 76 31.20 17.60 -59.98
CA LYS CA 76 29.84 17.63 -60.50
C LYS CA 76 29.57 18.89 -61.31
N LEU CA 77 30.56 19.79 -61.36
CA LEU CA 77 30.49 20.96 -62.24
C LEU CA 77 30.14 20.58 -63.68
N TRP CA 78 30.73 19.50 -64.19
CA TRP CA 78 30.42 19.09 -65.55
C TRP CA 78 29.14 18.28 -65.67
N THR CA 79 28.61 17.76 -64.56
CA THR CA 79 27.28 17.15 -64.60
C THR CA 79 26.18 18.19 -64.62
N LEU CA 80 26.49 19.41 -64.21
CA LEU CA 80 25.53 20.51 -64.28
C LEU CA 80 25.01 20.80 -65.70
N VAL CA 81 25.69 20.35 -66.76
CA VAL CA 81 25.24 20.60 -68.13
C VAL CA 81 25.07 19.29 -68.88
N SER CA 82 24.67 19.37 -70.15
CA SER CA 82 24.40 18.19 -70.96
C SER CA 82 25.69 17.59 -71.50
N GLU CA 83 25.59 16.34 -71.96
CA GLU CA 83 26.76 15.63 -72.49
C GLU CA 83 27.18 16.15 -73.86
N GLN CA 84 26.21 16.66 -74.64
CA GLN CA 84 26.48 17.28 -75.93
C GLN CA 84 27.49 18.42 -75.83
N THR CA 85 27.36 19.25 -74.79
CA THR CA 85 28.25 20.39 -74.59
C THR CA 85 29.69 19.94 -74.41
N ARG CA 86 29.90 18.94 -73.55
CA ARG CA 86 31.24 18.47 -73.26
C ARG CA 86 31.86 17.77 -74.47
N VAL CA 87 31.07 16.95 -75.18
CA VAL CA 87 31.67 16.23 -76.30
C VAL CA 87 31.93 17.17 -77.48
N ASN CA 88 31.09 18.19 -77.67
CA ASN CA 88 31.34 19.14 -78.75
C ASN CA 88 32.50 20.07 -78.41
N ALA CA 89 32.65 20.43 -77.13
CA ALA CA 89 33.82 21.19 -76.72
C ALA CA 89 35.10 20.39 -76.85
N ALA CA 90 35.03 19.07 -76.62
CA ALA CA 90 36.23 18.26 -76.78
C ALA CA 90 36.61 18.13 -78.25
N LYS CA 91 35.64 17.83 -79.11
CA LYS CA 91 35.98 17.69 -80.53
C LYS CA 91 36.04 19.00 -81.30
N ASN CA 92 35.84 20.16 -80.65
CA ASN CA 92 35.88 21.43 -81.34
C ASN CA 92 37.28 21.73 -81.83
N LYS CA 93 37.38 22.14 -83.09
CA LYS CA 93 38.69 22.42 -83.69
C LYS CA 93 39.29 23.70 -83.09
N THR CA 94 38.55 24.80 -83.19
CA THR CA 94 38.95 26.02 -82.53
C THR CA 94 38.80 25.87 -81.02
N GLY CA 95 39.45 26.78 -80.30
CA GLY CA 95 39.45 26.71 -78.86
C GLY CA 95 38.26 27.39 -78.19
N ALA CA 96 37.04 26.98 -78.54
CA ALA CA 96 35.83 27.54 -77.96
C ALA CA 96 35.42 26.73 -76.75
N ALA CA 97 35.44 27.36 -75.58
CA ALA CA 97 35.08 26.75 -74.32
C ALA CA 97 33.62 27.03 -73.98
N PRO CA 98 32.90 26.08 -73.40
CA PRO CA 98 31.49 26.32 -73.07
C PRO CA 98 31.33 27.02 -71.74
N ILE CA 99 30.18 27.64 -71.59
CA ILE CA 99 29.83 28.39 -70.40
C ILE CA 99 29.07 27.46 -69.48
N ILE CA 100 29.24 27.65 -68.17
CA ILE CA 100 28.50 26.91 -67.16
C ILE CA 100 28.02 27.92 -66.14
N ASP CA 101 26.71 28.05 -66.01
CA ASP CA 101 26.10 29.00 -65.10
C ASP CA 101 25.55 28.23 -63.91
N VAL CA 102 26.35 28.17 -62.84
CA VAL CA 102 25.94 27.41 -61.66
C VAL CA 102 24.81 28.11 -60.92
N VAL CA 103 24.62 29.41 -61.15
CA VAL CA 103 23.48 30.12 -60.59
C VAL CA 103 22.21 29.70 -61.32
N ARG CA 104 22.31 29.50 -62.64
CA ARG CA 104 21.21 28.97 -63.42
C ARG CA 104 20.88 27.55 -62.98
N SER CA 105 21.90 26.75 -62.68
CA SER CA 105 21.63 25.40 -62.20
C SER CA 105 21.15 25.37 -60.75
N GLY CA 106 21.45 26.39 -59.95
CA GLY CA 106 20.91 26.48 -58.61
C GLY CA 106 21.94 26.56 -57.51
N TYR CA 107 23.19 26.89 -57.83
CA TYR CA 107 24.25 26.97 -56.85
C TYR CA 107 24.85 28.37 -56.81
N TYR CA 108 25.44 28.72 -55.68
CA TYR CA 108 26.06 30.04 -55.54
C TYR CA 108 27.56 29.95 -55.42
N LYS CA 109 28.08 29.08 -54.55
CA LYS CA 109 29.51 28.93 -54.38
C LYS CA 109 29.99 27.67 -55.08
N VAL CA 110 31.19 27.74 -55.62
CA VAL CA 110 31.85 26.59 -56.24
C VAL CA 110 33.00 26.18 -55.33
N LEU CA 111 32.92 24.97 -54.79
CA LEU CA 111 34.01 24.43 -53.99
C LEU CA 111 34.90 23.57 -54.88
N GLY CA 112 36.05 23.20 -54.33
CA GLY CA 112 37.08 22.60 -55.17
C GLY CA 112 37.51 21.19 -54.86
N LYS CA 113 36.56 20.30 -54.56
CA LYS CA 113 36.86 18.90 -54.34
C LYS CA 113 36.86 18.16 -55.66
N GLY CA 114 37.85 17.29 -55.84
CA GLY CA 114 37.91 16.45 -57.02
C GLY CA 114 38.88 16.96 -58.06
N LYS CA 115 38.61 16.65 -59.33
CA LYS CA 115 39.46 17.08 -60.42
C LYS CA 115 38.62 17.23 -61.68
N LEU CA 116 39.13 18.00 -62.61
CA LEU CA 116 38.41 18.30 -63.82
C LEU CA 116 39.03 17.56 -65.00
N PRO CA 117 38.23 17.24 -66.01
CA PRO CA 117 38.81 16.75 -67.27
C PRO CA 117 39.49 17.88 -68.02
N LYS CA 118 40.55 17.52 -68.75
CA LYS CA 118 41.40 18.52 -69.36
C LYS CA 118 40.75 19.18 -70.58
N GLN CA 119 39.96 20.22 -70.33
CA GLN CA 119 39.40 21.06 -71.37
C GLN CA 119 38.98 22.38 -70.73
N PRO CA 120 39.06 23.50 -71.45
CA PRO CA 120 38.68 24.78 -70.86
C PRO CA 120 37.18 24.90 -70.72
N VAL CA 121 36.78 25.78 -69.79
CA VAL CA 121 35.37 25.97 -69.46
C VAL CA 121 35.27 27.32 -68.77
N ILE CA 122 34.15 28.00 -68.97
CA ILE CA 122 33.95 29.31 -68.38
C ILE CA 122 32.84 29.17 -67.36
N VAL CA 123 33.22 29.19 -66.08
CA VAL CA 123 32.29 28.97 -64.98
C VAL CA 123 31.87 30.31 -64.42
N LYS CA 124 30.57 30.52 -64.32
CA LYS CA 124 30.00 31.73 -63.74
C LYS CA 124 29.36 31.39 -62.40
N ALA CA 125 29.89 31.98 -61.33
CA ALA CA 125 29.35 31.76 -59.99
C ALA CA 125 29.31 33.08 -59.23
N LYS CA 126 28.72 33.02 -58.05
CA LYS CA 126 28.78 34.15 -57.12
C LYS CA 126 30.08 34.14 -56.35
N PHE CA 127 30.49 32.97 -55.85
CA PHE CA 127 31.71 32.81 -55.09
C PHE CA 127 32.46 31.59 -55.60
N PHE CA 128 33.77 31.62 -55.43
CA PHE CA 128 34.65 30.53 -55.80
C PHE CA 128 35.56 30.22 -54.63
N SER CA 129 35.83 28.94 -54.42
CA SER CA 129 36.93 28.59 -53.54
C SER CA 129 38.25 28.95 -54.21
N ARG CA 130 39.28 29.11 -53.38
CA ARG CA 130 40.59 29.50 -53.89
C ARG CA 130 41.18 28.44 -54.80
N ARG CA 131 41.27 27.20 -54.33
CA ARG CA 131 41.87 26.20 -55.19
C ARG CA 131 40.89 25.64 -56.19
N ALA CA 132 39.60 25.96 -56.06
CA ALA CA 132 38.69 25.77 -57.20
C ALA CA 132 39.05 26.69 -58.35
N GLU CA 133 39.26 27.98 -58.05
CA GLU CA 133 39.76 28.93 -59.06
C GLU CA 133 41.09 28.48 -59.63
N GLU CA 134 41.96 27.94 -58.77
CA GLU CA 134 43.26 27.45 -59.22
C GLU CA 134 43.11 26.26 -60.16
N LYS CA 135 42.20 25.34 -59.85
CA LYS CA 135 42.00 24.16 -60.69
C LYS CA 135 41.39 24.54 -62.04
N ILE CA 136 40.51 25.54 -62.06
CA ILE CA 136 39.97 25.99 -63.34
C ILE CA 136 41.05 26.66 -64.17
N LYS CA 137 41.89 27.49 -63.53
CA LYS CA 137 43.02 28.07 -64.25
C LYS CA 137 44.00 27.01 -64.72
N SER CA 138 44.15 25.92 -63.96
CA SER CA 138 45.07 24.85 -64.36
C SER CA 138 44.54 24.10 -65.56
N VAL CA 139 43.23 23.84 -65.62
CA VAL CA 139 42.69 23.19 -66.82
C VAL CA 139 42.62 24.17 -67.98
N GLY CA 140 42.76 25.46 -67.71
CA GLY CA 140 42.78 26.46 -68.75
C GLY CA 140 41.48 27.19 -68.96
N GLY CA 141 40.59 27.14 -67.99
CA GLY CA 141 39.34 27.85 -68.07
C GLY CA 141 39.39 29.24 -67.49
N ALA CA 142 38.23 29.73 -67.09
CA ALA CA 142 38.12 31.06 -66.49
C ALA CA 142 36.98 31.08 -65.49
N CYS CA 143 37.14 31.90 -64.46
CA CYS CA 143 36.14 32.06 -63.40
C CYS CA 143 35.50 33.44 -63.50
N VAL CA 144 34.20 33.46 -63.81
CA VAL CA 144 33.45 34.70 -64.01
C VAL CA 144 32.59 34.88 -62.79
N LEU CA 145 32.56 36.10 -62.26
CA LEU CA 145 31.76 36.40 -61.09
C LEU CA 145 30.40 36.92 -61.51
N VAL CA 146 29.35 36.41 -60.87
CA VAL CA 146 27.99 36.82 -61.17
C VAL CA 146 27.52 37.76 -60.08
N ALA CA 147 26.88 38.83 -60.50
CA ALA CA 147 26.35 39.88 -59.64
C ALA CA 147 25.36 39.36 -58.61
N ALA DA 1 16.10 -0.24 6.85
CA ALA DA 1 17.17 0.05 7.78
C ALA DA 1 18.52 -0.27 7.18
N LYS DA 2 19.32 -1.05 7.90
CA LYS DA 2 20.64 -1.39 7.40
C LYS DA 2 20.54 -2.41 6.26
N SER DA 3 21.62 -2.53 5.52
CA SER DA 3 21.67 -3.43 4.39
C SER DA 3 23.11 -3.93 4.26
N LYS DA 4 23.46 -4.46 3.11
CA LYS DA 4 24.85 -4.87 2.92
C LYS DA 4 25.63 -3.69 2.35
N ASN DA 5 26.95 -3.73 2.53
CA ASN DA 5 27.79 -2.58 2.22
C ASN DA 5 28.60 -2.75 0.94
N HIS DA 6 29.29 -3.87 0.79
CA HIS DA 6 30.16 -4.11 -0.35
C HIS DA 6 30.38 -5.61 -0.41
N THR DA 7 30.45 -6.15 -1.63
CA THR DA 7 30.82 -7.55 -1.79
C THR DA 7 31.52 -7.69 -3.12
N THR DA 8 32.39 -8.70 -3.21
CA THR DA 8 32.84 -9.17 -4.51
C THR DA 8 32.45 -10.61 -4.74
N HIS DA 9 31.43 -11.08 -4.03
CA HIS DA 9 30.83 -12.40 -4.29
C HIS DA 9 30.21 -12.41 -5.68
N ASN DA 10 30.33 -13.56 -6.36
CA ASN DA 10 29.77 -13.89 -7.68
C ASN DA 10 30.41 -13.09 -8.82
N GLN DA 11 31.35 -12.19 -8.52
CA GLN DA 11 31.91 -11.30 -9.53
C GLN DA 11 32.87 -12.02 -10.46
N SER DA 12 33.78 -12.83 -9.90
CA SER DA 12 34.68 -13.61 -10.74
C SER DA 12 33.93 -14.64 -11.57
N ARG DA 13 32.82 -15.17 -11.05
CA ARG DA 13 31.96 -16.04 -11.84
C ARG DA 13 31.33 -15.31 -13.02
N LYS DA 14 30.91 -14.06 -12.81
CA LYS DA 14 30.36 -13.26 -13.92
C LYS DA 14 31.42 -12.99 -14.99
N TRP DA 15 32.58 -12.50 -14.56
CA TRP DA 15 33.50 -12.09 -15.61
C TRP DA 15 34.29 -13.24 -16.19
N HIS DA 16 34.26 -14.42 -15.58
CA HIS DA 16 34.70 -15.60 -16.30
C HIS DA 16 33.58 -16.26 -17.08
N ARG DA 17 32.32 -15.93 -16.79
CA ARG DA 17 31.21 -16.38 -17.62
C ARG DA 17 31.39 -15.81 -19.02
N ASN DA 18 31.75 -14.55 -19.11
CA ASN DA 18 32.12 -14.08 -20.45
C ASN DA 18 33.60 -14.16 -20.75
N GLY DA 19 34.43 -14.55 -19.78
CA GLY DA 19 35.81 -14.84 -20.07
C GLY DA 19 36.65 -13.58 -20.10
N ILE DA 20 37.81 -13.61 -19.48
CA ILE DA 20 38.64 -12.42 -19.35
C ILE DA 20 39.59 -12.40 -20.55
N LYS DA 21 39.34 -11.49 -21.49
CA LYS DA 21 40.09 -11.46 -22.74
C LYS DA 21 41.21 -10.43 -22.68
N LYS DA 22 42.37 -10.82 -23.17
CA LYS DA 22 43.52 -9.94 -23.28
C LYS DA 22 43.30 -8.93 -24.42
N PRO DA 23 43.97 -7.77 -24.36
CA PRO DA 23 43.85 -6.83 -25.48
C PRO DA 23 44.50 -7.39 -26.73
N ARG DA 24 43.77 -7.33 -27.85
CA ARG DA 24 44.21 -7.94 -29.10
C ARG DA 24 45.37 -7.14 -29.67
N SER DA 25 46.55 -7.74 -29.69
CA SER DA 25 47.74 -7.04 -30.15
C SER DA 25 47.84 -7.09 -31.66
N GLN DA 26 48.12 -5.95 -32.27
CA GLN DA 26 48.28 -5.83 -33.70
C GLN DA 26 49.74 -5.56 -34.02
N ARG DA 27 50.19 -6.06 -35.15
CA ARG DA 27 51.39 -5.52 -35.76
C ARG DA 27 51.13 -4.07 -36.13
N TYR DA 28 52.17 -3.25 -36.04
CA TYR DA 28 52.08 -1.79 -36.21
C TYR DA 28 51.11 -1.20 -35.19
N GLU DA 29 51.56 -1.18 -33.93
CA GLU DA 29 50.85 -0.42 -32.90
C GLU DA 29 50.95 1.09 -33.16
N SER DA 30 50.11 1.85 -32.45
CA SER DA 30 50.05 3.29 -32.66
C SER DA 30 51.30 4.00 -32.16
N LEU DA 31 51.41 5.26 -32.53
CA LEU DA 31 52.52 6.11 -32.09
C LEU DA 31 52.06 7.23 -31.17
N LYS DA 32 50.83 7.16 -30.66
CA LYS DA 32 50.33 8.20 -29.77
C LYS DA 32 51.10 8.21 -28.45
N GLY DA 33 51.65 9.36 -28.10
CA GLY DA 33 52.30 9.52 -26.82
C GLY DA 33 53.78 9.26 -26.80
N VAL DA 34 54.40 9.07 -27.96
CA VAL DA 34 55.85 8.96 -28.07
C VAL DA 34 56.38 10.39 -28.04
N ASP DA 35 57.69 10.57 -27.90
CA ASP DA 35 58.31 11.88 -27.82
C ASP DA 35 58.06 12.70 -29.09
N PRO DA 36 57.60 13.94 -28.98
CA PRO DA 36 57.24 14.70 -30.18
C PRO DA 36 58.42 15.06 -31.06
N LYS DA 37 59.61 15.30 -30.48
CA LYS DA 37 60.77 15.63 -31.30
C LYS DA 37 61.22 14.42 -32.10
N PHE DA 38 61.29 13.25 -31.45
CA PHE DA 38 61.58 12.00 -32.12
C PHE DA 38 60.53 11.69 -33.19
N LEU DA 39 59.26 12.01 -32.90
CA LEU DA 39 58.18 11.75 -33.84
C LEU DA 39 58.30 12.65 -35.07
N ARG DA 40 58.60 13.93 -34.87
CA ARG DA 40 58.70 14.82 -36.03
C ARG DA 40 59.94 14.52 -36.85
N ASN DA 41 61.03 14.04 -36.22
CA ASN DA 41 62.16 13.62 -37.02
C ASN DA 41 61.85 12.35 -37.80
N MET DA 42 61.08 11.43 -37.21
CA MET DA 42 60.67 10.23 -37.93
C MET DA 42 59.76 10.57 -39.10
N ARG DA 43 58.89 11.56 -38.93
CA ARG DA 43 58.04 12.00 -40.02
C ARG DA 43 58.85 12.70 -41.11
N PHE DA 44 59.89 13.42 -40.72
CA PHE DA 44 60.80 14.02 -41.70
C PHE DA 44 61.52 12.94 -42.51
N ALA DA 45 61.98 11.90 -41.82
CA ALA DA 45 62.65 10.78 -42.48
C ALA DA 45 61.74 10.08 -43.48
N LYS DA 46 60.49 9.82 -43.07
CA LYS DA 46 59.52 9.25 -43.99
C LYS DA 46 59.16 10.21 -45.12
N LYS DA 47 59.21 11.51 -44.87
CA LYS DA 47 58.87 12.50 -45.89
C LYS DA 47 59.92 12.53 -46.99
N HIS DA 48 61.19 12.42 -46.62
CA HIS DA 48 62.25 12.49 -47.62
C HIS DA 48 62.77 11.11 -48.01
N ASN DA 49 62.12 10.05 -47.55
CA ASN DA 49 62.42 8.69 -47.98
C ASN DA 49 62.34 8.47 -49.49
N LYS DA 50 61.53 9.26 -50.21
CA LYS DA 50 61.35 9.07 -51.65
C LYS DA 50 62.58 9.47 -52.44
N LYS DA 51 63.32 10.45 -51.95
CA LYS DA 51 64.66 10.74 -52.44
C LYS DA 51 65.55 9.51 -52.22
N GLY DA 52 66.43 9.26 -53.17
CA GLY DA 52 67.25 8.06 -53.09
C GLY DA 52 66.57 6.80 -53.55
N LEU DA 53 65.50 6.92 -54.35
CA LEU DA 53 64.83 5.75 -54.90
C LEU DA 53 65.65 5.08 -56.00
N LYS DA 54 66.19 5.88 -56.93
CA LYS DA 54 66.94 5.32 -58.06
C LYS DA 54 68.22 4.64 -57.60
N LYS DA 55 68.88 5.21 -56.59
CA LYS DA 55 70.05 4.59 -55.99
C LYS DA 55 69.71 3.23 -55.38
N MET DA 56 68.61 3.17 -54.63
CA MET DA 56 68.15 1.90 -54.07
C MET DA 56 67.73 0.92 -55.17
N GLN DA 57 67.15 1.43 -56.26
CA GLN DA 57 66.74 0.58 -57.38
C GLN DA 57 67.95 -0.03 -58.07
N ALA DA 58 68.98 0.78 -58.31
CA ALA DA 58 70.19 0.31 -58.96
C ALA DA 58 71.17 -0.32 -57.97
N ASN DA 59 70.78 -0.47 -56.71
CA ASN DA 59 71.48 -1.37 -55.81
C ASN DA 59 70.80 -2.73 -55.75
N ASN DA 60 69.47 -2.72 -55.72
CA ASN DA 60 68.70 -3.96 -55.65
C ASN DA 60 68.83 -4.75 -56.95
N ALA DA 61 68.83 -4.07 -58.10
CA ALA DA 61 69.01 -4.75 -59.38
C ALA DA 61 70.39 -5.39 -59.48
N LYS DA 62 71.42 -4.70 -58.99
CA LYS DA 62 72.77 -5.26 -58.98
C LYS DA 62 72.84 -6.47 -58.05
N ALA DA 63 72.16 -6.41 -56.92
CA ALA DA 63 72.13 -7.53 -56.00
C ALA DA 63 71.38 -8.72 -56.61
N MET DA 64 70.31 -8.46 -57.36
CA MET DA 64 69.59 -9.54 -58.03
C MET DA 64 70.43 -10.18 -59.12
N SER DA 65 71.21 -9.38 -59.85
CA SER DA 65 72.13 -9.94 -60.84
C SER DA 65 73.23 -10.78 -60.18
N ALA DA 66 73.73 -10.31 -59.03
CA ALA DA 66 74.76 -11.03 -58.30
C ALA DA 66 74.26 -12.39 -57.80
N ARG DA 67 73.07 -12.41 -57.18
CA ARG DA 67 72.52 -13.70 -56.76
C ARG DA 67 72.11 -14.57 -57.95
N ALA DA 68 71.71 -13.96 -59.07
CA ALA DA 68 71.38 -14.75 -60.25
C ALA DA 68 72.61 -15.45 -60.83
N GLU DA 69 73.75 -14.75 -60.91
CA GLU DA 69 74.94 -15.40 -61.41
C GLU DA 69 75.50 -16.38 -60.39
N ALA DA 70 75.27 -16.14 -59.10
CA ALA DA 70 75.68 -17.09 -58.07
C ALA DA 70 74.86 -18.38 -58.11
N ILE DA 71 73.57 -18.30 -58.42
CA ILE DA 71 72.76 -19.51 -58.46
C ILE DA 71 72.80 -20.17 -59.85
N LYS DA 72 73.23 -19.47 -60.89
CA LYS DA 72 73.45 -20.19 -62.13
C LYS DA 72 74.88 -20.67 -62.31
N ALA DA 73 75.83 -20.22 -61.47
CA ALA DA 73 77.19 -20.72 -61.51
C ALA DA 73 77.30 -22.10 -60.84
N LEU DA 74 76.76 -23.09 -61.52
CA LEU DA 74 76.76 -24.47 -61.05
C LEU DA 74 77.38 -25.34 -62.15
N VAL DA 75 78.37 -26.15 -61.76
CA VAL DA 75 79.08 -27.15 -62.59
C VAL DA 75 79.46 -26.69 -64.00
N VAL DA 88 68.04 -55.69 -48.79
CA VAL DA 88 67.71 -57.07 -49.09
C VAL DA 88 66.20 -57.22 -49.25
N SER DA 89 65.64 -58.27 -48.66
CA SER DA 89 64.24 -58.61 -48.87
C SER DA 89 63.32 -57.66 -48.13
N ARG DA 90 63.37 -57.72 -46.79
CA ARG DA 90 62.63 -56.83 -45.87
C ARG DA 90 61.12 -56.91 -46.11
N LYS DA 91 60.55 -58.06 -45.68
CA LYS DA 91 59.17 -58.45 -45.97
C LYS DA 91 58.14 -57.37 -45.64
N LEU DA 92 58.23 -56.75 -44.45
CA LEU DA 92 57.25 -55.74 -44.07
C LEU DA 92 57.35 -54.51 -44.96
N ASP DA 93 58.57 -54.11 -45.32
CA ASP DA 93 58.76 -52.97 -46.22
C ASP DA 93 58.27 -53.29 -47.62
N ARG DA 94 58.47 -54.54 -48.06
CA ARG DA 94 57.96 -54.97 -49.36
C ARG DA 94 56.44 -54.99 -49.36
N LEU DA 95 55.85 -55.38 -48.23
CA LEU DA 95 54.39 -55.39 -48.10
C LEU DA 95 53.83 -53.98 -48.13
N ALA DA 96 54.51 -53.03 -47.49
CA ALA DA 96 54.09 -51.64 -47.57
C ALA DA 96 54.27 -51.08 -48.98
N TYR DA 97 55.33 -51.49 -49.68
CA TYR DA 97 55.55 -51.05 -51.06
C TYR DA 97 54.46 -51.57 -51.98
N ILE DA 98 54.09 -52.85 -51.85
CA ILE DA 98 53.04 -53.39 -52.70
C ILE DA 98 51.70 -52.77 -52.34
N ALA DA 99 51.41 -52.59 -51.04
CA ALA DA 99 50.14 -52.01 -50.64
C ALA DA 99 50.06 -50.52 -50.87
N HIS DA 100 51.15 -49.86 -51.27
CA HIS DA 100 51.07 -48.49 -51.74
C HIS DA 100 50.21 -48.45 -53.00
N PRO DA 101 49.36 -47.44 -53.17
CA PRO DA 101 48.44 -47.46 -54.32
C PRO DA 101 49.09 -47.22 -55.68
N LYS DA 102 50.04 -46.29 -55.79
CA LYS DA 102 50.68 -46.05 -57.09
C LYS DA 102 51.93 -46.87 -57.31
N LEU DA 103 52.75 -47.05 -56.28
CA LEU DA 103 54.04 -47.72 -56.45
C LEU DA 103 53.87 -49.22 -56.66
N GLY DA 104 52.92 -49.83 -55.97
CA GLY DA 104 52.83 -51.27 -56.01
C GLY DA 104 52.03 -51.84 -57.16
N LYS DA 105 51.68 -51.02 -58.16
CA LYS DA 105 50.77 -51.45 -59.24
C LYS DA 105 51.36 -52.60 -60.05
N ARG DA 106 52.57 -52.41 -60.57
CA ARG DA 106 53.21 -53.46 -61.37
C ARG DA 106 53.54 -54.68 -60.54
N ALA DA 107 53.86 -54.48 -59.25
CA ALA DA 107 54.17 -55.61 -58.38
C ALA DA 107 52.95 -56.50 -58.15
N ARG DA 108 51.79 -55.90 -57.84
CA ARG DA 108 50.62 -56.75 -57.66
C ARG DA 108 50.06 -57.24 -58.99
N ALA DA 109 50.32 -56.55 -60.11
CA ALA DA 109 50.01 -57.10 -61.42
C ALA DA 109 50.81 -58.36 -61.69
N ARG DA 110 52.11 -58.33 -61.38
CA ARG DA 110 52.98 -59.50 -61.46
C ARG DA 110 52.47 -60.63 -60.58
N ILE DA 111 52.07 -60.31 -59.34
CA ILE DA 111 51.53 -61.31 -58.43
C ILE DA 111 50.24 -61.92 -58.98
N ALA DA 112 49.39 -61.09 -59.59
CA ALA DA 112 48.13 -61.55 -60.13
C ALA DA 112 48.33 -62.49 -61.32
N LYS DA 113 49.19 -62.11 -62.26
CA LYS DA 113 49.40 -62.96 -63.43
C LYS DA 113 50.20 -64.22 -63.09
N GLY DA 114 51.09 -64.14 -62.11
CA GLY DA 114 51.76 -65.35 -61.65
C GLY DA 114 50.83 -66.28 -60.90
N LEU DA 115 49.83 -65.71 -60.21
CA LEU DA 115 48.81 -66.54 -59.59
C LEU DA 115 47.92 -67.19 -60.64
N ARG DA 116 47.60 -66.45 -61.72
CA ARG DA 116 46.77 -66.99 -62.79
C ARG DA 116 47.52 -66.90 -64.12
N LEU DA 117 48.47 -67.82 -64.30
CA LEU DA 117 49.15 -68.18 -65.55
C LEU DA 117 49.95 -69.46 -65.32
N CYS DA 118 50.12 -70.23 -66.40
CA CYS DA 118 50.82 -71.52 -66.34
C CYS DA 118 51.68 -71.70 -67.59
N ARG DA 119 52.96 -71.42 -67.47
CA ARG DA 119 53.94 -71.82 -68.46
C ARG DA 119 55.01 -72.67 -67.78
N PRO DA 120 55.40 -73.81 -68.38
CA PRO DA 120 56.26 -74.75 -67.68
C PRO DA 120 57.70 -74.25 -67.59
N LYS DA 121 58.49 -74.97 -66.78
CA LYS DA 121 59.92 -74.73 -66.54
C LYS DA 121 60.24 -73.31 -66.07
N LYS EA 1 -36.22 86.92 63.28
CA LYS EA 1 -36.59 88.33 63.25
C LYS EA 1 -38.05 88.46 62.87
N SER EA 2 -38.29 88.82 61.61
CA SER EA 2 -39.64 89.05 61.12
C SER EA 2 -40.42 87.75 61.05
N LEU EA 3 -39.77 86.66 60.66
CA LEU EA 3 -40.47 85.38 60.57
C LEU EA 3 -40.82 84.84 61.95
N GLU EA 4 -39.91 84.97 62.91
CA GLU EA 4 -40.21 84.57 64.28
C GLU EA 4 -41.33 85.43 64.87
N SER EA 5 -41.32 86.75 64.58
CA SER EA 5 -42.38 87.62 65.05
C SER EA 5 -43.73 87.30 64.40
N ILE EA 6 -43.73 86.97 63.10
CA ILE EA 6 -45.01 86.65 62.46
C ILE EA 6 -45.51 85.28 62.91
N ASN EA 7 -44.61 84.36 63.25
CA ASN EA 7 -45.04 83.08 63.81
C ASN EA 7 -45.62 83.28 65.20
N SER EA 8 -45.04 84.19 66.00
CA SER EA 8 -45.55 84.46 67.33
C SER EA 8 -46.94 85.10 67.26
N ARG EA 9 -47.10 86.13 66.43
CA ARG EA 9 -48.41 86.77 66.34
C ARG EA 9 -49.43 85.87 65.64
N LEU EA 10 -48.97 84.94 64.81
CA LEU EA 10 -49.86 83.93 64.24
C LEU EA 10 -50.32 82.96 65.33
N GLN EA 11 -49.43 82.59 66.23
CA GLN EA 11 -49.87 81.75 67.34
C GLN EA 11 -50.61 82.54 68.40
N LEU EA 12 -50.65 83.88 68.31
CA LEU EA 12 -51.62 84.63 69.10
C LEU EA 12 -52.99 84.65 68.44
N VAL EA 13 -53.02 84.72 67.11
CA VAL EA 13 -54.28 84.62 66.39
C VAL EA 13 -54.92 83.25 66.60
N MET EA 14 -54.14 82.20 66.48
CA MET EA 14 -54.55 80.93 67.06
C MET EA 14 -54.70 81.10 68.56
N LYS EA 15 -55.76 80.54 69.15
CA LYS EA 15 -56.13 80.60 70.58
C LYS EA 15 -56.34 82.04 71.10
N SER EA 16 -56.38 83.05 70.22
CA SER EA 16 -56.87 84.36 70.60
C SER EA 16 -57.82 84.95 69.57
N GLY EA 17 -58.03 84.28 68.44
CA GLY EA 17 -58.88 84.83 67.40
C GLY EA 17 -59.65 83.79 66.61
N LYS EA 18 -60.21 84.19 65.47
CA LYS EA 18 -60.99 83.31 64.62
C LYS EA 18 -60.33 83.14 63.25
N TYR EA 19 -60.39 81.94 62.71
CA TYR EA 19 -59.65 81.60 61.49
C TYR EA 19 -60.35 80.45 60.78
N VAL EA 20 -59.89 80.16 59.56
CA VAL EA 20 -60.36 79.01 58.81
C VAL EA 20 -59.22 78.51 57.91
N LEU EA 21 -59.06 77.18 57.86
CA LEU EA 21 -57.93 76.53 57.19
C LEU EA 21 -58.39 75.72 55.99
N GLY EA 22 -57.87 76.03 54.80
CA GLY EA 22 -58.22 75.26 53.62
C GLY EA 22 -58.74 76.06 52.45
N TYR EA 23 -58.64 75.49 51.25
CA TYR EA 23 -58.87 76.26 50.04
C TYR EA 23 -60.35 76.57 49.81
N LYS EA 24 -61.21 75.58 50.02
CA LYS EA 24 -62.64 75.77 49.78
C LYS EA 24 -63.23 76.77 50.78
N GLN EA 25 -62.92 76.58 52.08
CA GLN EA 25 -63.41 77.50 53.10
C GLN EA 25 -62.78 78.88 52.95
N THR EA 26 -61.54 78.94 52.46
CA THR EA 26 -60.90 80.23 52.20
C THR EA 26 -61.65 80.99 51.12
N LEU EA 27 -62.01 80.31 50.03
CA LEU EA 27 -62.78 80.98 48.97
C LEU EA 27 -64.17 81.37 49.44
N LYS EA 28 -64.80 80.53 50.27
CA LYS EA 28 -66.11 80.89 50.86
C LYS EA 28 -66.02 82.15 51.70
N MET EA 29 -65.08 82.19 52.65
CA MET EA 29 -64.94 83.34 53.55
C MET EA 29 -64.49 84.60 52.81
N ILE EA 30 -63.66 84.46 51.76
CA ILE EA 30 -63.27 85.63 51.00
C ILE EA 30 -64.48 86.17 50.23
N ARG EA 31 -65.19 85.32 49.48
CA ARG EA 31 -66.27 85.80 48.65
C ARG EA 31 -67.50 86.20 49.44
N GLN EA 32 -67.59 85.90 50.74
CA GLN EA 32 -68.58 86.60 51.56
C GLN EA 32 -67.96 87.63 52.48
N GLY EA 33 -66.69 87.96 52.29
CA GLY EA 33 -66.12 89.19 52.79
C GLY EA 33 -65.75 89.23 54.25
N LYS EA 34 -65.96 88.17 55.02
CA LYS EA 34 -65.61 88.25 56.43
C LYS EA 34 -64.11 88.15 56.65
N ALA EA 35 -63.38 87.63 55.68
CA ALA EA 35 -61.95 87.40 55.82
C ALA EA 35 -61.23 88.73 55.66
N LYS EA 36 -60.15 88.94 56.43
CA LYS EA 36 -59.31 90.13 56.33
C LYS EA 36 -57.92 89.85 55.80
N LEU EA 37 -57.28 88.79 56.28
CA LEU EA 37 -55.98 88.37 55.81
C LEU EA 37 -56.03 86.96 55.23
N VAL EA 38 -55.26 86.75 54.17
CA VAL EA 38 -55.14 85.49 53.46
C VAL EA 38 -53.66 85.14 53.42
N ILE EA 39 -53.26 84.09 54.14
CA ILE EA 39 -51.87 83.66 54.20
C ILE EA 39 -51.71 82.54 53.18
N LEU EA 40 -50.74 82.69 52.27
CA LEU EA 40 -50.52 81.73 51.20
C LEU EA 40 -49.22 80.97 51.44
N ALA EA 41 -49.22 79.67 51.17
CA ALA EA 41 -47.99 78.91 51.36
C ALA EA 41 -47.01 79.15 50.22
N ASN EA 42 -45.88 78.45 50.29
CA ASN EA 42 -44.79 78.66 49.35
C ASN EA 42 -44.94 77.78 48.12
N ASN EA 43 -45.27 76.50 48.33
CA ASN EA 43 -45.42 75.53 47.24
C ASN EA 43 -46.88 75.37 46.84
N CYS EA 44 -47.66 76.42 47.02
CA CYS EA 44 -49.03 76.46 46.54
C CYS EA 44 -49.04 76.34 45.02
N PRO EA 45 -49.98 75.60 44.45
CA PRO EA 45 -50.10 75.55 42.98
C PRO EA 45 -50.33 76.94 42.41
N ALA EA 46 -49.68 77.20 41.27
CA ALA EA 46 -49.59 78.56 40.76
C ALA EA 46 -50.94 79.09 40.30
N LEU EA 47 -51.79 78.21 39.75
CA LEU EA 47 -53.12 78.65 39.33
C LEU EA 47 -53.98 78.98 40.53
N ARG EA 48 -53.88 78.16 41.58
CA ARG EA 48 -54.59 78.42 42.81
C ARG EA 48 -54.11 79.72 43.47
N LYS EA 49 -52.80 79.98 43.41
CA LYS EA 49 -52.22 81.20 43.97
C LYS EA 49 -52.71 82.45 43.22
N SER EA 50 -52.71 82.40 41.89
CA SER EA 50 -53.20 83.50 41.08
C SER EA 50 -54.69 83.72 41.28
N GLU EA 51 -55.44 82.64 41.50
CA GLU EA 51 -56.88 82.75 41.73
C GLU EA 51 -57.16 83.40 43.08
N ILE EA 52 -56.40 83.01 44.12
CA ILE EA 52 -56.53 83.65 45.43
C ILE EA 52 -56.17 85.11 45.36
N GLU EA 53 -55.12 85.46 44.60
CA GLU EA 53 -54.75 86.86 44.46
C GLU EA 53 -55.82 87.66 43.72
N TYR EA 54 -56.47 87.07 42.71
CA TYR EA 54 -57.51 87.77 41.99
C TYR EA 54 -58.74 87.98 42.87
N TYR EA 55 -59.10 86.95 43.64
CA TYR EA 55 -60.21 87.04 44.59
C TYR EA 55 -59.97 88.11 45.63
N ALA EA 56 -58.73 88.20 46.12
CA ALA EA 56 -58.40 89.19 47.13
C ALA EA 56 -58.31 90.59 46.56
N MET EA 57 -57.96 90.71 45.28
CA MET EA 57 -58.07 92.00 44.62
C MET EA 57 -59.52 92.43 44.54
N LEU EA 58 -60.42 91.48 44.30
CA LEU EA 58 -61.84 91.78 44.25
C LEU EA 58 -62.39 92.17 45.63
N ALA EA 59 -61.92 91.50 46.68
CA ALA EA 59 -62.49 91.69 48.01
C ALA EA 59 -61.74 92.68 48.90
N LYS EA 60 -60.64 93.26 48.39
CA LYS EA 60 -59.77 94.21 49.12
C LYS EA 60 -59.28 93.62 50.44
N THR EA 61 -58.54 92.52 50.34
CA THR EA 61 -58.10 91.75 51.50
C THR EA 61 -56.59 91.62 51.43
N GLY EA 62 -55.92 91.67 52.57
CA GLY EA 62 -54.48 91.54 52.56
C GLY EA 62 -54.06 90.11 52.27
N VAL EA 63 -53.03 89.97 51.44
CA VAL EA 63 -52.44 88.67 51.15
C VAL EA 63 -51.00 88.67 51.61
N HIS EA 64 -50.68 87.74 52.49
CA HIS EA 64 -49.28 87.47 52.83
C HIS EA 64 -48.87 86.20 52.11
N HIS EA 65 -47.58 86.11 51.84
CA HIS EA 65 -46.97 85.14 50.93
C HIS EA 65 -45.95 84.32 51.70
N TYR EA 66 -46.40 83.64 52.77
CA TYR EA 66 -45.59 82.94 53.77
C TYR EA 66 -44.42 82.19 53.18
N SER EA 67 -43.27 82.30 53.85
CA SER EA 67 -41.99 81.83 53.32
C SER EA 67 -41.66 80.41 53.76
N GLY EA 68 -42.66 79.54 53.85
CA GLY EA 68 -42.41 78.20 54.33
C GLY EA 68 -42.59 77.14 53.26
N ASN EA 69 -43.64 76.36 53.42
CA ASN EA 69 -44.32 75.50 52.46
C ASN EA 69 -45.58 75.05 53.20
N ASN EA 70 -46.36 74.13 52.63
CA ASN EA 70 -47.61 73.79 53.31
C ASN EA 70 -47.38 72.97 54.57
N ILE EA 71 -46.26 72.26 54.67
CA ILE EA 71 -45.95 71.53 55.90
C ILE EA 71 -45.59 72.50 57.02
N GLU EA 72 -44.73 73.49 56.73
CA GLU EA 72 -44.38 74.46 57.76
C GLU EA 72 -45.53 75.40 58.06
N LEU EA 73 -46.42 75.64 57.09
CA LEU EA 73 -47.62 76.41 57.39
C LEU EA 73 -48.55 75.64 58.32
N GLY EA 74 -48.60 74.31 58.16
CA GLY EA 74 -49.34 73.49 59.11
C GLY EA 74 -48.76 73.56 60.51
N THR EA 75 -47.43 73.45 60.62
CA THR EA 75 -46.81 73.54 61.93
C THR EA 75 -46.96 74.92 62.56
N ALA EA 76 -46.87 75.98 61.74
CA ALA EA 76 -47.11 77.33 62.24
C ALA EA 76 -48.55 77.52 62.67
N CYS EA 77 -49.51 76.86 62.02
CA CYS EA 77 -50.87 76.85 62.52
C CYS EA 77 -51.03 75.95 63.73
N GLY EA 78 -50.07 75.08 64.01
CA GLY EA 78 -50.14 74.21 65.15
C GLY EA 78 -50.89 72.93 64.88
N LYS EA 79 -51.20 72.64 63.63
CA LYS EA 79 -51.91 71.44 63.24
C LYS EA 79 -50.93 70.36 62.79
N TYR EA 80 -51.39 69.12 62.81
CA TYR EA 80 -50.58 68.00 62.38
C TYR EA 80 -50.92 67.56 60.96
N TYR EA 81 -51.33 68.51 60.12
CA TYR EA 81 -51.56 68.26 58.71
C TYR EA 81 -51.04 69.47 57.94
N ARG EA 82 -51.09 69.39 56.62
CA ARG EA 82 -50.64 70.49 55.80
C ARG EA 82 -51.79 71.46 55.54
N VAL EA 83 -51.42 72.70 55.23
CA VAL EA 83 -52.40 73.71 54.82
C VAL EA 83 -51.72 74.69 53.87
N CYS EA 84 -52.34 74.94 52.72
CA CYS EA 84 -51.81 75.92 51.79
C CYS EA 84 -52.41 77.31 51.98
N THR EA 85 -53.72 77.42 52.15
CA THR EA 85 -54.40 78.70 52.29
C THR EA 85 -55.10 78.76 53.64
N LEU EA 86 -55.00 79.90 54.32
CA LEU EA 86 -55.80 80.14 55.50
C LEU EA 86 -56.33 81.57 55.47
N ALA EA 87 -57.50 81.76 56.08
CA ALA EA 87 -58.21 83.03 56.08
C ALA EA 87 -58.41 83.48 57.52
N ILE EA 88 -57.86 84.63 57.86
CA ILE EA 88 -58.01 85.22 59.18
C ILE EA 88 -59.26 86.11 59.20
N ILE EA 89 -60.21 85.77 60.06
CA ILE EA 89 -61.43 86.56 60.16
C ILE EA 89 -61.22 87.79 61.03
N ASP EA 90 -60.73 87.61 62.26
CA ASP EA 90 -60.35 88.70 63.15
C ASP EA 90 -59.37 88.25 64.23
N PRO EA 91 -58.29 89.00 64.49
CA PRO EA 91 -57.35 88.59 65.53
C PRO EA 91 -57.78 89.05 66.92
N GLY EA 92 -56.94 88.85 67.92
CA GLY EA 92 -57.12 89.43 69.23
C GLY EA 92 -55.81 89.98 69.77
N ASP EA 93 -54.91 90.32 68.85
CA ASP EA 93 -53.57 90.75 69.19
C ASP EA 93 -53.06 91.91 68.34
N SER EA 94 -53.91 92.48 67.49
CA SER EA 94 -53.55 93.49 66.48
C SER EA 94 -52.43 92.97 65.58
N ASP EA 95 -52.71 91.82 64.97
CA ASP EA 95 -51.89 91.28 63.89
C ASP EA 95 -52.07 92.08 62.62
N ILE EA 96 -53.24 92.71 62.45
CA ILE EA 96 -53.54 93.44 61.23
C ILE EA 96 -52.67 94.68 61.17
N ILE EA 97 -51.77 94.70 60.20
CA ILE EA 97 -50.88 95.82 59.93
C ILE EA 97 -51.06 96.25 58.49
N ARG EA 98 -51.18 97.55 58.28
CA ARG EA 98 -51.42 98.08 56.95
C ARG EA 98 -50.14 98.04 56.12
N ASN FA 1 -77.74 -44.60 28.87
CA ASN FA 1 -77.64 -44.66 27.42
C ASN FA 1 -76.62 -43.67 26.90
N GLU FA 2 -77.09 -42.66 26.16
CA GLU FA 2 -76.21 -41.64 25.60
C GLU FA 2 -76.79 -40.24 25.76
N VAL FA 3 -77.92 -40.09 26.46
CA VAL FA 3 -78.59 -38.82 26.64
C VAL FA 3 -78.50 -38.61 28.15
N VAL FA 4 -77.34 -38.89 28.67
CA VAL FA 4 -77.18 -39.11 30.10
C VAL FA 4 -76.78 -37.79 30.75
N THR FA 5 -77.09 -37.65 32.04
CA THR FA 5 -76.69 -36.46 32.75
C THR FA 5 -76.29 -36.80 34.18
N ARG FA 6 -75.13 -36.31 34.59
CA ARG FA 6 -74.59 -36.54 35.92
C ARG FA 6 -74.16 -35.21 36.51
N GLU FA 7 -73.84 -35.24 37.79
CA GLU FA 7 -73.36 -34.09 38.54
C GLU FA 7 -72.08 -34.47 39.24
N TYR FA 8 -71.03 -33.69 39.00
CA TYR FA 8 -69.70 -33.91 39.53
C TYR FA 8 -69.27 -32.69 40.34
N THR FA 9 -68.25 -32.86 41.16
CA THR FA 9 -67.49 -31.76 41.71
C THR FA 9 -66.02 -31.91 41.32
N ILE FA 10 -65.42 -30.79 40.94
CA ILE FA 10 -64.06 -30.75 40.40
C ILE FA 10 -63.19 -30.01 41.39
N ASN FA 11 -62.05 -30.61 41.72
CA ASN FA 11 -61.07 -29.99 42.62
C ASN FA 11 -60.14 -29.19 41.72
N ILE FA 12 -60.56 -27.94 41.47
CA ILE FA 12 -59.78 -27.03 40.65
C ILE FA 12 -58.47 -26.70 41.35
N HIS FA 13 -58.43 -26.77 42.68
CA HIS FA 13 -57.23 -26.44 43.45
C HIS FA 13 -56.09 -27.40 43.10
N LYS FA 14 -56.34 -28.71 43.17
CA LYS FA 14 -55.30 -29.63 42.76
C LYS FA 14 -55.10 -29.67 41.26
N ARG FA 15 -56.12 -29.32 40.47
CA ARG FA 15 -55.85 -29.25 39.04
C ARG FA 15 -55.15 -27.97 38.62
N ILE FA 16 -55.07 -26.97 39.49
CA ILE FA 16 -54.53 -25.66 39.16
C ILE FA 16 -53.20 -25.41 39.84
N HIS FA 17 -52.82 -26.25 40.81
CA HIS FA 17 -51.67 -26.05 41.69
C HIS FA 17 -50.37 -25.81 40.93
N GLY FA 18 -49.79 -24.63 41.14
CA GLY FA 18 -48.47 -24.32 40.65
C GLY FA 18 -48.42 -23.36 39.48
N VAL FA 19 -49.54 -23.04 38.85
CA VAL FA 19 -49.52 -22.28 37.63
C VAL FA 19 -49.47 -20.79 37.97
N GLY FA 20 -49.08 -19.97 36.99
CA GLY FA 20 -48.85 -18.56 37.20
C GLY FA 20 -50.12 -17.78 37.45
N PHE FA 21 -49.98 -16.59 38.02
CA PHE FA 21 -51.13 -15.78 38.42
C PHE FA 21 -51.99 -15.38 37.22
N LYS FA 22 -51.38 -14.91 36.14
CA LYS FA 22 -52.11 -14.52 34.95
C LYS FA 22 -52.54 -15.70 34.08
N LYS FA 23 -52.56 -16.92 34.59
CA LYS FA 23 -52.91 -18.07 33.79
C LYS FA 23 -53.85 -19.02 34.51
N ARG FA 24 -54.28 -18.68 35.73
CA ARG FA 24 -54.95 -19.64 36.59
C ARG FA 24 -56.38 -19.91 36.13
N ALA FA 25 -57.15 -18.87 35.84
CA ALA FA 25 -58.51 -19.09 35.34
C ALA FA 25 -58.55 -19.71 33.94
N PRO FA 26 -57.70 -19.31 32.96
CA PRO FA 26 -57.71 -20.08 31.69
C PRO FA 26 -57.27 -21.52 31.86
N ARG FA 27 -56.28 -21.76 32.73
CA ARG FA 27 -55.86 -23.13 33.03
C ARG FA 27 -56.98 -23.91 33.69
N ALA FA 28 -57.77 -23.26 34.54
CA ALA FA 28 -58.91 -23.90 35.19
C ALA FA 28 -59.96 -24.30 34.16
N LEU FA 29 -60.17 -23.45 33.16
CA LEU FA 29 -61.15 -23.76 32.13
C LEU FA 29 -60.71 -24.93 31.27
N LYS FA 30 -59.43 -24.98 30.86
CA LYS FA 30 -59.05 -26.15 30.07
C LYS FA 30 -58.90 -27.40 30.93
N GLU FA 31 -58.67 -27.26 32.24
CA GLU FA 31 -58.74 -28.41 33.15
C GLU FA 31 -60.15 -28.96 33.24
N ILE FA 32 -61.14 -28.07 33.34
CA ILE FA 32 -62.55 -28.47 33.33
C ILE FA 32 -62.90 -29.16 32.01
N ARG FA 33 -62.39 -28.61 30.91
CA ARG FA 33 -62.62 -29.18 29.58
C ARG FA 33 -62.04 -30.59 29.46
N LYS FA 34 -60.82 -30.80 29.95
CA LYS FA 34 -60.22 -32.12 29.96
C LYS FA 34 -60.96 -33.09 30.89
N PHE FA 35 -61.40 -32.59 32.05
CA PHE FA 35 -62.17 -33.40 32.99
C PHE FA 35 -63.48 -33.88 32.38
N ALA FA 36 -64.19 -32.97 31.71
CA ALA FA 36 -65.45 -33.32 31.08
C ALA FA 36 -65.26 -34.34 29.97
N MET FA 37 -64.23 -34.14 29.14
CA MET FA 37 -63.89 -35.08 28.06
C MET FA 37 -63.64 -36.48 28.61
N LYS FA 38 -62.86 -36.57 29.69
CA LYS FA 38 -62.44 -37.85 30.25
C LYS FA 38 -63.55 -38.51 31.05
N GLU FA 39 -64.45 -37.73 31.67
CA GLU FA 39 -65.57 -38.32 32.38
C GLU FA 39 -66.63 -38.82 31.42
N MET FA 40 -66.93 -38.04 30.38
CA MET FA 40 -67.49 -38.58 29.16
C MET FA 40 -66.34 -39.05 28.27
N GLY FA 41 -66.56 -39.17 26.99
CA GLY FA 41 -65.53 -39.58 26.07
C GLY FA 41 -65.60 -38.72 24.83
N THR FA 42 -66.44 -37.74 24.88
CA THR FA 42 -66.73 -36.94 23.70
C THR FA 42 -65.84 -35.71 23.67
N PRO FA 43 -65.17 -35.45 22.54
CA PRO FA 43 -64.79 -34.07 22.21
C PRO FA 43 -66.03 -33.27 21.85
N ASP FA 44 -65.86 -31.97 21.60
CA ASP FA 44 -66.94 -30.99 21.59
C ASP FA 44 -67.68 -31.02 22.93
N VAL FA 45 -66.97 -30.53 23.92
CA VAL FA 45 -67.63 -30.09 25.14
C VAL FA 45 -67.86 -28.60 25.01
N ARG FA 46 -68.96 -28.15 25.59
CA ARG FA 46 -69.36 -26.76 25.51
C ARG FA 46 -69.55 -26.26 26.93
N ILE FA 47 -68.76 -25.28 27.31
CA ILE FA 47 -68.80 -24.73 28.65
C ILE FA 47 -69.84 -23.62 28.66
N ASP FA 48 -70.80 -23.72 29.58
CA ASP FA 48 -71.85 -22.73 29.74
C ASP FA 48 -71.26 -21.41 30.21
N THR FA 49 -71.87 -20.30 29.77
CA THR FA 49 -71.34 -18.98 30.09
C THR FA 49 -71.48 -18.68 31.57
N ARG FA 50 -72.49 -19.25 32.24
CA ARG FA 50 -72.57 -19.12 33.68
C ARG FA 50 -71.44 -19.86 34.36
N LEU FA 51 -71.02 -20.99 33.81
CA LEU FA 51 -69.85 -21.68 34.35
C LEU FA 51 -68.57 -20.88 34.14
N ASN FA 52 -68.46 -20.23 32.98
CA ASN FA 52 -67.33 -19.32 32.72
C ASN FA 52 -67.31 -18.18 33.73
N LYS FA 53 -68.49 -17.60 34.01
CA LYS FA 53 -68.61 -16.56 35.01
C LYS FA 53 -68.23 -17.06 36.39
N ALA FA 54 -68.63 -18.29 36.72
CA ALA FA 54 -68.33 -18.87 38.02
C ALA FA 54 -66.84 -19.12 38.19
N VAL FA 55 -66.18 -19.54 37.12
CA VAL FA 55 -64.73 -19.76 37.19
C VAL FA 55 -64.00 -18.42 37.32
N TRP FA 56 -64.44 -17.42 36.56
CA TRP FA 56 -63.83 -16.10 36.58
C TRP FA 56 -64.42 -15.19 37.66
N ALA FA 57 -65.16 -15.73 38.63
CA ALA FA 57 -65.90 -14.89 39.57
C ALA FA 57 -64.99 -14.06 40.46
N LYS FA 58 -63.83 -14.58 40.84
CA LYS FA 58 -62.88 -13.83 41.66
C LYS FA 58 -61.63 -13.43 40.88
N GLY FA 59 -61.79 -13.13 39.60
CA GLY FA 59 -60.69 -12.69 38.78
C GLY FA 59 -59.80 -13.82 38.30
N ILE FA 60 -58.62 -13.42 37.82
CA ILE FA 60 -57.78 -14.33 37.04
C ILE FA 60 -56.94 -15.26 37.91
N ARG FA 61 -56.68 -14.93 39.17
CA ARG FA 61 -55.70 -15.67 39.95
C ARG FA 61 -56.23 -16.27 41.24
N ASN FA 62 -57.46 -15.96 41.63
CA ASN FA 62 -58.06 -16.58 42.80
C ASN FA 62 -59.24 -17.38 42.30
N VAL FA 63 -58.98 -18.58 41.81
CA VAL FA 63 -60.02 -19.39 41.22
C VAL FA 63 -60.60 -20.19 42.38
N PRO FA 64 -61.91 -20.45 42.40
CA PRO FA 64 -62.48 -21.31 43.45
C PRO FA 64 -61.83 -22.67 43.49
N TYR FA 65 -61.83 -23.26 44.68
CA TYR FA 65 -61.09 -24.50 44.91
C TYR FA 65 -61.86 -25.68 44.35
N ARG FA 66 -63.14 -25.78 44.67
CA ARG FA 66 -64.00 -26.83 44.20
C ARG FA 66 -65.16 -26.18 43.45
N ILE FA 67 -65.55 -26.79 42.35
CA ILE FA 67 -66.69 -26.31 41.58
C ILE FA 67 -67.63 -27.48 41.41
N ARG FA 68 -68.92 -27.18 41.31
CA ARG FA 68 -69.92 -28.23 41.18
C ARG FA 68 -70.55 -28.08 39.81
N VAL FA 69 -70.32 -29.05 38.94
CA VAL FA 69 -70.76 -28.93 37.57
C VAL FA 69 -71.73 -30.05 37.30
N ARG FA 70 -72.49 -29.88 36.22
CA ARG FA 70 -73.39 -30.89 35.73
C ARG FA 70 -72.97 -31.21 34.30
N LEU FA 71 -72.55 -32.45 34.09
CA LEU FA 71 -72.16 -32.92 32.78
C LEU FA 71 -73.38 -33.57 32.15
N SER FA 72 -73.52 -33.44 30.84
CA SER FA 72 -74.67 -34.04 30.18
C SER FA 72 -74.29 -34.39 28.75
N ARG FA 73 -74.14 -35.68 28.49
CA ARG FA 73 -73.94 -36.14 27.12
C ARG FA 73 -75.29 -36.12 26.42
N LYS FA 74 -75.39 -35.35 25.34
CA LYS FA 74 -76.62 -35.12 24.62
C LYS FA 74 -76.41 -35.34 23.13
N ARG FA 75 -77.52 -35.49 22.41
CA ARG FA 75 -77.48 -35.81 20.99
C ARG FA 75 -77.11 -34.56 20.19
N ASN FA 76 -76.43 -34.78 19.08
CA ASN FA 76 -75.98 -33.71 18.20
C ASN FA 76 -76.67 -33.77 16.85
N GLU FA 77 -77.90 -34.31 16.80
CA GLU FA 77 -78.61 -34.39 15.52
C GLU FA 77 -79.31 -33.09 15.12
N ASP FA 78 -78.58 -31.98 15.17
CA ASP FA 78 -79.04 -30.69 14.68
C ASP FA 78 -78.06 -30.02 13.74
N GLU FA 79 -76.78 -30.38 13.80
CA GLU FA 79 -75.76 -30.10 12.81
C GLU FA 79 -75.17 -31.40 12.28
N ASP FA 80 -74.74 -31.38 11.01
CA ASP FA 80 -74.02 -32.51 10.42
C ASP FA 80 -72.51 -32.34 10.66
N SER FA 81 -72.16 -32.51 11.85
CA SER FA 81 -70.91 -32.59 12.60
C SER FA 81 -70.43 -34.04 12.62
N PRO FA 82 -69.12 -34.30 12.66
CA PRO FA 82 -68.63 -35.69 12.52
C PRO FA 82 -68.91 -36.56 13.73
N ASN FA 83 -69.15 -35.99 14.91
CA ASN FA 83 -69.40 -36.75 16.13
C ASN FA 83 -70.83 -36.50 16.55
N LYS FA 84 -71.55 -37.57 16.88
CA LYS FA 84 -72.97 -37.48 17.15
C LYS FA 84 -73.29 -37.14 18.59
N LEU FA 85 -72.27 -37.03 19.45
CA LEU FA 85 -72.48 -36.77 20.87
C LEU FA 85 -71.56 -35.64 21.29
N TYR FA 86 -72.14 -34.59 21.84
CA TYR FA 86 -71.38 -33.52 22.47
C TYR FA 86 -71.69 -33.55 23.97
N THR FA 87 -70.97 -32.73 24.73
CA THR FA 87 -71.17 -32.68 26.17
C THR FA 87 -71.30 -31.23 26.62
N LEU FA 88 -72.46 -30.89 27.18
CA LEU FA 88 -72.65 -29.56 27.74
C LEU FA 88 -72.27 -29.59 29.21
N VAL FA 89 -71.45 -28.63 29.63
CA VAL FA 89 -71.04 -28.50 31.02
C VAL FA 89 -71.71 -27.24 31.56
N THR FA 90 -72.55 -27.41 32.56
CA THR FA 90 -73.21 -26.30 33.23
C THR FA 90 -72.71 -26.19 34.66
N TYR FA 91 -73.19 -25.17 35.37
CA TYR FA 91 -72.67 -24.80 36.67
C TYR FA 91 -73.77 -24.94 37.70
N VAL FA 92 -73.46 -25.63 38.78
CA VAL FA 92 -74.40 -25.93 39.86
C VAL FA 92 -73.95 -25.14 41.09
N PRO FA 93 -74.73 -24.16 41.55
CA PRO FA 93 -74.37 -23.44 42.77
C PRO FA 93 -74.76 -24.24 44.00
N VAL FA 94 -73.85 -24.34 44.96
CA VAL FA 94 -74.10 -25.05 46.21
C VAL FA 94 -73.60 -24.20 47.36
N THR FA 95 -73.94 -24.62 48.58
CA THR FA 95 -73.41 -23.94 49.76
C THR FA 95 -72.16 -24.63 50.27
N THR FA 96 -72.30 -25.88 50.70
CA THR FA 96 -71.19 -26.69 51.19
C THR FA 96 -70.81 -27.72 50.12
N PHE FA 97 -69.57 -28.18 50.20
CA PHE FA 97 -69.11 -29.28 49.36
C PHE FA 97 -68.97 -30.58 50.13
N LYS FA 98 -69.40 -30.59 51.39
CA LYS FA 98 -69.21 -31.76 52.24
C LYS FA 98 -70.18 -32.86 51.85
N ASN FA 99 -69.67 -34.09 51.82
CA ASN FA 99 -70.43 -35.32 51.59
C ASN FA 99 -71.12 -35.34 50.23
N LEU FA 100 -70.59 -34.59 49.25
CA LEU FA 100 -71.24 -34.44 47.96
C LEU FA 100 -70.69 -35.46 46.98
N GLN FA 101 -71.53 -36.42 46.60
CA GLN FA 101 -71.09 -37.52 45.75
C GLN FA 101 -71.25 -37.13 44.28
N THR FA 102 -70.78 -37.99 43.40
CA THR FA 102 -71.18 -37.89 41.99
C THR FA 102 -72.54 -38.54 41.79
N VAL FA 103 -73.49 -37.80 41.24
CA VAL FA 103 -74.88 -38.26 41.23
C VAL FA 103 -75.44 -38.22 39.80
N ASN FA 104 -75.98 -39.35 39.35
CA ASN FA 104 -76.80 -39.37 38.15
C ASN FA 104 -78.12 -38.63 38.39
N VAL FA 105 -78.42 -37.64 37.57
CA VAL FA 105 -79.70 -36.94 37.67
C VAL FA 105 -80.60 -37.39 36.54
N ASP FA 106 -81.91 -37.27 36.77
CA ASP FA 106 -82.93 -37.80 35.87
C ASP FA 106 -83.09 -36.90 34.65
N GLU FA 107 -84.07 -37.25 33.81
CA GLU FA 107 -84.36 -36.57 32.54
C GLU FA 107 -84.72 -35.10 32.73
N ALA GA 1 -13.63 -58.18 -44.42
CA ALA GA 1 -14.91 -57.53 -44.69
C ALA GA 1 -14.73 -56.04 -44.96
N ALA GA 2 -13.94 -55.37 -44.11
CA ALA GA 2 -13.67 -53.96 -44.25
C ALA GA 2 -12.47 -53.74 -45.17
N LEU GA 3 -12.14 -52.48 -45.42
CA LEU GA 3 -11.01 -52.13 -46.28
C LEU GA 3 -9.77 -52.03 -45.41
N ARG GA 4 -8.77 -52.81 -45.72
CA ARG GA 4 -7.55 -52.87 -44.96
C ARG GA 4 -6.63 -51.71 -45.35
N PRO GA 5 -5.77 -51.25 -44.45
CA PRO GA 5 -4.72 -50.31 -44.84
C PRO GA 5 -3.59 -51.02 -45.56
N LEU GA 6 -2.65 -50.21 -46.09
CA LEU GA 6 -1.48 -50.75 -46.77
C LEU GA 6 -0.63 -51.59 -45.84
N VAL GA 7 -0.10 -50.96 -44.79
CA VAL GA 7 0.58 -51.65 -43.71
C VAL GA 7 -0.17 -51.30 -42.44
N LYS GA 8 0.15 -52.00 -41.36
CA LYS GA 8 -0.47 -51.72 -40.06
C LYS GA 8 0.57 -52.00 -39.00
N PRO GA 9 1.41 -51.02 -38.69
CA PRO GA 9 2.37 -51.19 -37.59
C PRO GA 9 1.66 -51.09 -36.26
N LYS GA 10 2.32 -51.58 -35.22
CA LYS GA 10 1.80 -51.46 -33.88
C LYS GA 10 1.98 -50.02 -33.39
N ILE GA 11 0.88 -49.36 -33.12
CA ILE GA 11 0.92 -47.98 -32.64
C ILE GA 11 1.30 -48.01 -31.16
N VAL GA 12 2.38 -47.32 -30.82
CA VAL GA 12 2.84 -47.23 -29.44
C VAL GA 12 2.66 -45.78 -28.98
N LYS GA 13 1.85 -45.60 -27.94
CA LYS GA 13 1.65 -44.31 -27.31
C LYS GA 13 2.48 -44.25 -26.04
N LYS GA 14 3.16 -43.13 -25.83
CA LYS GA 14 3.95 -42.98 -24.62
C LYS GA 14 3.10 -42.70 -23.40
N ARG GA 15 1.88 -42.21 -23.61
CA ARG GA 15 0.96 -41.88 -22.54
C ARG GA 15 -0.44 -41.84 -23.12
N THR GA 16 -1.36 -42.53 -22.47
CA THR GA 16 -2.75 -42.53 -22.91
C THR GA 16 -3.61 -41.55 -22.14
N LYS GA 17 -3.30 -41.30 -20.87
CA LYS GA 17 -4.03 -40.32 -20.08
C LYS GA 17 -3.80 -38.91 -20.63
N LYS GA 18 -4.72 -38.03 -20.28
CA LYS GA 18 -4.60 -36.64 -20.67
C LYS GA 18 -3.76 -35.92 -19.64
N PHE GA 19 -3.27 -34.74 -20.02
CA PHE GA 19 -2.57 -33.88 -19.07
C PHE GA 19 -3.60 -32.92 -18.50
N ILE GA 20 -4.11 -33.23 -17.32
CA ILE GA 20 -5.12 -32.37 -16.72
C ILE GA 20 -4.43 -31.19 -16.05
N ARG GA 21 -5.17 -30.12 -15.87
CA ARG GA 21 -4.64 -28.90 -15.27
C ARG GA 21 -4.65 -29.01 -13.75
N HIS GA 22 -3.61 -28.46 -13.14
CA HIS GA 22 -3.47 -28.39 -11.70
C HIS GA 22 -4.67 -27.71 -11.07
N GLN GA 23 -5.30 -28.39 -10.11
CA GLN GA 23 -6.44 -27.98 -9.28
C GLN GA 23 -7.75 -27.90 -10.05
N SER GA 24 -7.78 -28.41 -11.29
CA SER GA 24 -9.01 -28.51 -12.05
C SER GA 24 -9.94 -29.55 -11.44
N ASP GA 25 -9.42 -30.49 -10.65
CA ASP GA 25 -10.28 -31.36 -9.87
C ASP GA 25 -10.86 -30.62 -8.67
N ARG GA 26 -10.12 -29.65 -8.14
CA ARG GA 26 -10.60 -28.91 -6.99
C ARG GA 26 -11.62 -27.83 -7.33
N TYR GA 27 -11.63 -27.32 -8.56
CA TYR GA 27 -12.61 -26.29 -8.88
C TYR GA 27 -13.42 -26.64 -10.12
N VAL GA 28 -14.52 -25.92 -10.31
CA VAL GA 28 -15.36 -26.02 -11.49
C VAL GA 28 -14.95 -24.91 -12.44
N LYS GA 29 -14.55 -23.76 -11.86
CA LYS GA 29 -14.08 -22.63 -12.66
C LYS GA 29 -12.77 -22.90 -13.35
N ILE GA 30 -12.03 -23.94 -12.96
CA ILE GA 30 -10.80 -24.32 -13.61
C ILE GA 30 -11.14 -25.47 -14.55
N LYS GA 31 -10.93 -25.25 -15.84
CA LYS GA 31 -11.27 -26.26 -16.82
C LYS GA 31 -10.12 -27.26 -16.94
N ARG GA 32 -10.44 -28.43 -17.48
CA ARG GA 32 -9.52 -29.55 -17.46
C ARG GA 32 -8.33 -29.34 -18.40
N ASN GA 33 -8.51 -28.57 -19.47
CA ASN GA 33 -7.47 -28.42 -20.48
C ASN GA 33 -6.33 -27.54 -19.98
N TRP GA 34 -5.14 -27.79 -20.54
CA TRP GA 34 -3.89 -27.57 -19.84
C TRP GA 34 -3.47 -26.11 -19.87
N ARG GA 35 -3.12 -25.58 -18.71
CA ARG GA 35 -2.43 -24.32 -18.62
C ARG GA 35 -1.11 -24.56 -17.90
N LYS GA 36 -0.07 -23.89 -18.34
CA LYS GA 36 1.21 -24.13 -17.71
C LYS GA 36 1.27 -23.35 -16.41
N PRO GA 37 1.57 -23.98 -15.31
CA PRO GA 37 1.52 -23.28 -14.02
C PRO GA 37 2.72 -22.38 -13.82
N ARG GA 38 2.52 -21.08 -14.00
CA ARG GA 38 3.52 -20.11 -13.58
C ARG GA 38 3.11 -19.63 -12.19
N GLY GA 39 4.09 -19.56 -11.32
CA GLY GA 39 3.79 -19.32 -9.94
C GLY GA 39 5.00 -19.71 -9.13
N ILE GA 40 5.38 -18.85 -8.20
CA ILE GA 40 6.73 -18.93 -7.62
C ILE GA 40 6.88 -20.14 -6.71
N ASP GA 41 5.81 -20.57 -6.05
CA ASP GA 41 5.87 -21.69 -5.11
C ASP GA 41 5.33 -22.99 -5.68
N ASN GA 42 4.85 -22.99 -6.93
CA ASN GA 42 4.01 -24.06 -7.46
C ASN GA 42 4.75 -25.39 -7.59
N ARG GA 43 4.21 -26.43 -6.95
CA ARG GA 43 4.95 -27.69 -6.84
C ARG GA 43 4.86 -28.58 -8.07
N VAL GA 44 3.85 -28.43 -8.93
CA VAL GA 44 3.90 -29.22 -10.15
C VAL GA 44 4.81 -28.56 -11.17
N ARG GA 45 4.93 -27.23 -11.14
CA ARG GA 45 5.93 -26.55 -11.93
C ARG GA 45 7.33 -26.85 -11.43
N ARG GA 46 7.47 -26.96 -10.12
CA ARG GA 46 8.75 -27.33 -9.54
C ARG GA 46 9.06 -28.81 -9.68
N ARG GA 47 8.08 -29.64 -10.09
CA ARG GA 47 8.24 -31.05 -10.43
C ARG GA 47 8.53 -31.90 -9.20
N PHE GA 48 7.80 -31.65 -8.11
CA PHE GA 48 7.94 -32.50 -6.94
C PHE GA 48 7.38 -33.88 -7.23
N LYS GA 49 7.81 -34.84 -6.41
CA LYS GA 49 7.40 -36.22 -6.59
C LYS GA 49 5.91 -36.38 -6.32
N GLY GA 50 5.25 -37.24 -7.11
CA GLY GA 50 3.88 -37.60 -6.84
C GLY GA 50 2.86 -36.57 -7.22
N GLN GA 51 3.20 -35.63 -8.10
CA GLN GA 51 2.36 -34.51 -8.46
C GLN GA 51 1.85 -34.70 -9.88
N ILE GA 52 1.06 -33.72 -10.33
CA ILE GA 52 0.63 -33.67 -11.72
C ILE GA 52 1.83 -33.48 -12.62
N LEU GA 53 1.87 -34.25 -13.71
CA LEU GA 53 2.96 -34.14 -14.66
C LEU GA 53 2.69 -33.02 -15.65
N MET GA 54 3.74 -32.46 -16.16
CA MET GA 54 3.59 -31.43 -17.15
C MET GA 54 3.96 -31.99 -18.50
N PRO GA 55 3.27 -31.58 -19.55
CA PRO GA 55 3.63 -32.03 -20.89
C PRO GA 55 4.96 -31.44 -21.33
N ASN GA 56 5.71 -32.25 -22.06
CA ASN GA 56 6.93 -31.81 -22.71
C ASN GA 56 7.13 -32.63 -23.97
N ILE GA 57 8.13 -32.22 -24.75
CA ILE GA 57 8.30 -32.77 -26.09
C ILE GA 57 8.79 -34.21 -26.07
N GLY GA 58 9.29 -34.71 -24.94
CA GLY GA 58 9.70 -36.10 -24.86
C GLY GA 58 8.55 -37.08 -24.86
N TYR GA 59 7.34 -36.60 -24.61
CA TYR GA 59 6.13 -37.41 -24.73
C TYR GA 59 5.67 -37.54 -26.17
N GLY GA 60 6.32 -36.86 -27.11
CA GLY GA 60 5.88 -36.86 -28.49
C GLY GA 60 5.95 -38.24 -29.13
N SER GA 61 4.99 -38.52 -29.99
CA SER GA 61 4.84 -39.86 -30.50
C SER GA 61 5.66 -40.05 -31.76
N ASN GA 62 5.97 -41.33 -32.05
CA ASN GA 62 6.70 -41.75 -33.24
C ASN GA 62 6.03 -41.18 -34.49
N LYS GA 63 6.83 -40.51 -35.33
CA LYS GA 63 6.25 -39.87 -36.50
C LYS GA 63 5.81 -40.86 -37.58
N LYS GA 64 6.20 -42.13 -37.50
CA LYS GA 64 5.62 -43.11 -38.41
C LYS GA 64 4.18 -43.43 -38.05
N THR GA 65 3.82 -43.36 -36.77
CA THR GA 65 2.47 -43.71 -36.32
C THR GA 65 1.71 -42.51 -35.80
N LYS GA 66 2.24 -41.30 -35.99
CA LYS GA 66 1.58 -40.09 -35.54
C LYS GA 66 0.33 -39.81 -36.38
N HIS GA 67 -0.74 -39.39 -35.71
CA HIS GA 67 -2.06 -39.08 -36.25
C HIS GA 67 -2.78 -40.31 -36.80
N MET GA 68 -2.26 -41.50 -36.56
CA MET GA 68 -2.81 -42.72 -37.11
C MET GA 68 -3.91 -43.24 -36.20
N LEU GA 69 -5.05 -43.55 -36.80
CA LEU GA 69 -6.19 -44.06 -36.06
C LEU GA 69 -5.88 -45.47 -35.56
N PRO GA 70 -6.64 -45.99 -34.59
CA PRO GA 70 -6.40 -47.38 -34.13
C PRO GA 70 -6.58 -48.49 -35.16
N SER GA 71 -7.07 -48.20 -36.36
CA SER GA 71 -6.99 -49.13 -37.48
C SER GA 71 -6.20 -48.46 -38.60
N GLY GA 72 -4.87 -48.43 -38.45
CA GLY GA 72 -3.89 -48.16 -39.49
C GLY GA 72 -4.03 -46.98 -40.45
N PHE GA 73 -5.04 -46.13 -40.26
CA PHE GA 73 -5.42 -45.13 -41.24
C PHE GA 73 -5.19 -43.75 -40.67
N ARG GA 74 -5.17 -42.76 -41.56
CA ARG GA 74 -5.11 -41.37 -41.13
C ARG GA 74 -6.34 -40.65 -41.71
N LYS GA 75 -6.92 -39.78 -40.91
CA LYS GA 75 -8.24 -39.23 -41.19
C LYS GA 75 -8.13 -38.05 -42.12
N PHE GA 76 -9.15 -37.86 -42.95
CA PHE GA 76 -9.27 -36.65 -43.75
C PHE GA 76 -10.73 -36.22 -43.82
N LEU GA 77 -10.99 -34.94 -43.51
CA LEU GA 77 -12.37 -34.47 -43.41
C LEU GA 77 -12.90 -34.07 -44.78
N VAL GA 78 -14.06 -34.62 -45.13
CA VAL GA 78 -14.63 -34.52 -46.48
C VAL GA 78 -16.01 -33.90 -46.35
N HIS GA 79 -16.31 -32.97 -47.26
CA HIS GA 79 -17.64 -32.37 -47.32
C HIS GA 79 -18.47 -32.81 -48.50
N ASN GA 80 -17.86 -33.27 -49.60
CA ASN GA 80 -18.66 -33.69 -50.76
C ASN GA 80 -17.85 -34.61 -51.67
N VAL GA 81 -18.45 -34.89 -52.84
CA VAL GA 81 -18.01 -35.97 -53.70
C VAL GA 81 -16.69 -35.61 -54.38
N LYS GA 82 -16.50 -34.35 -54.77
CA LYS GA 82 -15.22 -33.91 -55.32
C LYS GA 82 -14.07 -34.12 -54.34
N GLU GA 83 -14.32 -33.82 -53.06
CA GLU GA 83 -13.32 -34.06 -52.02
C GLU GA 83 -13.11 -35.54 -51.77
N LEU GA 84 -14.06 -36.39 -52.14
CA LEU GA 84 -13.75 -37.81 -52.16
C LEU GA 84 -12.85 -38.17 -53.35
N GLU GA 85 -13.13 -37.60 -54.52
CA GLU GA 85 -12.28 -37.81 -55.70
C GLU GA 85 -10.84 -37.38 -55.46
N VAL GA 86 -10.60 -36.42 -54.55
CA VAL GA 86 -9.21 -36.12 -54.27
C VAL GA 86 -8.55 -37.23 -53.45
N LEU GA 87 -9.30 -38.07 -52.77
CA LEU GA 87 -8.68 -39.11 -51.93
C LEU GA 87 -8.42 -40.44 -52.62
N LEU GA 88 -8.59 -40.50 -53.92
CA LEU GA 88 -8.43 -41.76 -54.66
C LEU GA 88 -7.08 -42.44 -54.53
N MET GA 89 -5.98 -41.68 -54.60
CA MET GA 89 -4.65 -42.28 -54.45
C MET GA 89 -4.25 -42.85 -53.07
N CYS GA 90 -4.49 -42.05 -52.04
CA CYS GA 90 -4.13 -42.43 -50.69
C CYS GA 90 -4.64 -43.80 -50.45
N ASN GA 91 -5.95 -43.96 -50.50
CA ASN GA 91 -6.61 -45.26 -50.33
C ASN GA 91 -6.20 -46.10 -49.13
N LYS GA 92 -5.05 -46.77 -49.23
CA LYS GA 92 -4.53 -47.61 -48.18
C LYS GA 92 -3.91 -46.87 -46.98
N SER GA 93 -3.76 -45.56 -47.07
CA SER GA 93 -3.17 -44.81 -45.97
C SER GA 93 -4.07 -43.72 -45.40
N TYR GA 94 -5.11 -43.33 -46.12
CA TYR GA 94 -5.97 -42.25 -45.67
C TYR GA 94 -7.42 -42.69 -45.79
N CYS GA 95 -8.19 -42.48 -44.73
CA CYS GA 95 -9.63 -42.70 -44.75
C CYS GA 95 -10.34 -41.37 -44.72
N ALA GA 96 -11.58 -41.39 -45.15
CA ALA GA 96 -12.42 -40.21 -45.19
C ALA GA 96 -13.26 -40.16 -43.93
N GLU GA 97 -13.70 -38.96 -43.60
CA GLU GA 97 -14.69 -38.76 -42.57
C GLU GA 97 -15.61 -37.65 -43.02
N ILE GA 98 -16.89 -37.96 -43.16
CA ILE GA 98 -17.84 -36.95 -43.59
C ILE GA 98 -18.02 -35.97 -42.44
N ALA GA 99 -18.00 -34.69 -42.76
CA ALA GA 99 -18.14 -33.69 -41.72
C ALA GA 99 -19.53 -33.74 -41.08
N HIS GA 100 -19.61 -33.21 -39.85
CA HIS GA 100 -20.83 -33.28 -39.06
C HIS GA 100 -21.96 -32.44 -39.64
N ASN GA 101 -21.68 -31.49 -40.54
CA ASN GA 101 -22.67 -30.57 -41.10
C ASN GA 101 -23.34 -31.08 -42.36
N VAL GA 102 -22.86 -32.19 -42.89
CA VAL GA 102 -23.36 -32.69 -44.15
C VAL GA 102 -24.67 -33.42 -43.91
N SER GA 103 -25.68 -33.08 -44.69
CA SER GA 103 -27.04 -33.57 -44.52
C SER GA 103 -27.17 -35.02 -45.02
N SER GA 104 -28.40 -35.56 -44.88
CA SER GA 104 -28.62 -36.99 -45.01
C SER GA 104 -28.44 -37.48 -46.45
N LYS GA 105 -29.08 -36.79 -47.40
CA LYS GA 105 -29.01 -37.18 -48.80
C LYS GA 105 -27.60 -37.01 -49.37
N ASN GA 106 -26.91 -35.93 -48.98
CA ASN GA 106 -25.56 -35.75 -49.47
C ASN GA 106 -24.59 -36.75 -48.88
N ARG GA 107 -24.77 -37.14 -47.62
CA ARG GA 107 -23.87 -38.16 -47.10
C ARG GA 107 -24.23 -39.55 -47.60
N LYS GA 108 -25.49 -39.77 -48.00
CA LYS GA 108 -25.85 -40.96 -48.76
C LYS GA 108 -25.06 -41.04 -50.05
N ALA GA 109 -25.00 -39.91 -50.77
CA ALA GA 109 -24.26 -39.87 -52.03
C ALA GA 109 -22.77 -40.09 -51.80
N ILE GA 110 -22.24 -39.51 -50.72
CA ILE GA 110 -20.82 -39.64 -50.40
C ILE GA 110 -20.47 -41.09 -50.05
N VAL GA 111 -21.31 -41.74 -49.24
CA VAL GA 111 -21.00 -43.12 -48.84
C VAL GA 111 -21.15 -44.07 -50.04
N GLU GA 112 -22.05 -43.77 -50.98
CA GLU GA 112 -22.16 -44.59 -52.19
C GLU GA 112 -20.93 -44.41 -53.08
N ARG GA 113 -20.48 -43.17 -53.25
CA ARG GA 113 -19.31 -42.91 -54.08
C ARG GA 113 -18.04 -43.47 -53.46
N ALA GA 114 -17.93 -43.42 -52.14
CA ALA GA 114 -16.77 -44.01 -51.47
C ALA GA 114 -16.79 -45.51 -51.55
N ALA GA 115 -17.98 -46.13 -51.51
CA ALA GA 115 -18.09 -47.57 -51.68
C ALA GA 115 -17.60 -47.98 -53.06
N GLN GA 116 -18.08 -47.31 -54.10
CA GLN GA 116 -17.59 -47.68 -55.42
C GLN GA 116 -16.16 -47.22 -55.69
N LEU GA 117 -15.62 -46.31 -54.91
CA LEU GA 117 -14.26 -45.86 -55.13
C LEU GA 117 -13.24 -46.46 -54.17
N ALA GA 118 -13.70 -47.38 -53.28
CA ALA GA 118 -12.88 -48.16 -52.34
C ALA GA 118 -12.14 -47.30 -51.32
N ILE GA 119 -12.73 -46.17 -50.94
CA ILE GA 119 -12.15 -45.32 -49.90
C ILE GA 119 -12.81 -45.69 -48.57
N ARG GA 120 -11.99 -45.81 -47.52
CA ARG GA 120 -12.52 -46.09 -46.21
C ARG GA 120 -13.22 -44.87 -45.63
N VAL GA 121 -14.35 -45.12 -44.98
CA VAL GA 121 -15.16 -44.08 -44.36
C VAL GA 121 -15.34 -44.41 -42.88
N THR GA 122 -15.03 -43.44 -42.02
CA THR GA 122 -15.05 -43.69 -40.59
C THR GA 122 -16.47 -43.70 -40.03
N ASN GA 123 -17.34 -42.81 -40.52
CA ASN GA 123 -18.74 -42.71 -40.10
C ASN GA 123 -19.71 -42.98 -41.24
N PRO GA 124 -19.87 -44.25 -41.65
CA PRO GA 124 -20.78 -44.54 -42.77
C PRO GA 124 -22.25 -44.56 -42.39
N ASN GA 125 -22.61 -44.72 -41.12
CA ASN GA 125 -24.01 -44.79 -40.69
C ASN GA 125 -24.25 -43.62 -39.75
N ALA GA 126 -24.70 -42.50 -40.30
CA ALA GA 126 -24.89 -41.30 -39.50
C ALA GA 126 -26.27 -40.67 -39.58
N ARG GA 127 -27.12 -41.05 -40.52
CA ARG GA 127 -28.52 -40.65 -40.42
C ARG GA 127 -29.44 -41.81 -40.74
N LEU GA 128 -29.12 -42.99 -40.23
CA LEU GA 128 -29.90 -44.19 -40.47
C LEU GA 128 -29.60 -45.25 -39.43
N SER HA 1 -5.53 -84.74 -10.06
CA SER HA 1 -4.52 -85.63 -9.54
C SER HA 1 -3.18 -84.90 -9.38
N GLY HA 2 -2.89 -84.47 -8.15
CA GLY HA 2 -1.58 -83.93 -7.82
C GLY HA 2 -1.39 -82.48 -8.23
N ARG HA 3 -0.44 -81.83 -7.55
CA ARG HA 3 -0.38 -80.37 -7.56
C ARG HA 3 0.34 -79.82 -8.80
N LEU HA 4 1.59 -80.24 -9.03
CA LEU HA 4 2.41 -79.84 -10.18
C LEU HA 4 2.75 -78.35 -10.23
N TRP HA 5 2.66 -77.60 -9.13
CA TRP HA 5 3.24 -76.27 -9.11
C TRP HA 5 3.73 -75.96 -7.71
N SER HA 6 4.79 -75.15 -7.63
CA SER HA 6 5.35 -74.75 -6.36
C SER HA 6 4.69 -73.47 -5.90
N LYS HA 7 4.47 -73.37 -4.60
CA LYS HA 7 3.69 -72.29 -4.04
C LYS HA 7 4.61 -71.15 -3.60
N ALA HA 8 4.36 -69.97 -4.13
CA ALA HA 8 5.08 -68.74 -3.79
C ALA HA 8 4.09 -67.74 -3.22
N ILE HA 9 4.62 -66.63 -2.73
CA ILE HA 9 3.82 -65.59 -2.09
C ILE HA 9 4.25 -64.26 -2.69
N PHE HA 10 3.27 -63.48 -3.15
CA PHE HA 10 3.55 -62.11 -3.60
C PHE HA 10 3.92 -61.27 -2.37
N ALA HA 11 5.21 -60.94 -2.24
CA ALA HA 11 5.67 -60.20 -1.08
C ALA HA 11 5.58 -58.69 -1.25
N GLY HA 12 5.65 -58.21 -2.47
CA GLY HA 12 5.53 -56.80 -2.73
C GLY HA 12 6.19 -56.44 -4.04
N TYR HA 13 6.23 -55.15 -4.31
CA TYR HA 13 6.83 -54.67 -5.54
C TYR HA 13 8.30 -54.39 -5.32
N LYS HA 14 9.03 -54.27 -6.42
CA LYS HA 14 10.40 -53.79 -6.36
C LYS HA 14 10.40 -52.32 -5.96
N ARG HA 15 11.23 -51.97 -5.00
CA ARG HA 15 11.12 -50.65 -4.42
C ARG HA 15 12.40 -50.27 -3.71
N GLY HA 16 12.63 -48.96 -3.60
CA GLY HA 16 13.52 -48.43 -2.60
C GLY HA 16 12.71 -48.18 -1.34
N LEU HA 17 12.98 -47.10 -0.63
CA LEU HA 17 12.13 -46.83 0.52
C LEU HA 17 10.90 -46.00 0.14
N ARG HA 18 11.09 -44.97 -0.68
CA ARG HA 18 10.02 -44.03 -1.00
C ARG HA 18 9.70 -43.99 -2.49
N ASN HA 19 9.98 -45.08 -3.19
CA ASN HA 19 9.63 -45.21 -4.60
C ASN HA 19 9.40 -46.69 -4.88
N GLN HA 20 8.26 -47.03 -5.46
CA GLN HA 20 8.02 -48.42 -5.81
C GLN HA 20 7.90 -48.56 -7.32
N ARG HA 21 8.40 -49.67 -7.84
CA ARG HA 21 8.40 -49.96 -9.26
C ARG HA 21 7.48 -51.15 -9.48
N GLU HA 22 6.32 -50.90 -10.06
CA GLU HA 22 5.29 -51.92 -10.10
C GLU HA 22 5.45 -52.89 -11.25
N HIS HA 23 6.42 -52.69 -12.14
CA HIS HA 23 6.61 -53.63 -13.24
C HIS HA 23 7.35 -54.88 -12.81
N THR HA 24 8.05 -54.83 -11.68
CA THR HA 24 8.72 -56.00 -11.14
C THR HA 24 8.03 -56.39 -9.84
N ALA HA 25 7.89 -57.69 -9.62
CA ALA HA 25 7.28 -58.19 -8.40
C ALA HA 25 8.31 -58.97 -7.61
N LEU HA 26 8.12 -59.00 -6.29
CA LEU HA 26 8.99 -59.77 -5.42
C LEU HA 26 8.20 -60.99 -4.96
N LEU HA 27 8.83 -62.16 -5.05
CA LEU HA 27 8.15 -63.41 -4.76
C LEU HA 27 8.96 -64.17 -3.74
N LYS HA 28 8.27 -64.73 -2.77
CA LYS HA 28 8.87 -65.61 -1.79
C LYS HA 28 8.37 -67.00 -2.08
N ILE HA 29 9.25 -67.85 -2.56
CA ILE HA 29 8.88 -69.22 -2.88
C ILE HA 29 9.11 -70.06 -1.64
N GLU HA 30 8.19 -70.96 -1.36
CA GLU HA 30 8.25 -71.77 -0.16
C GLU HA 30 9.34 -72.83 -0.31
N GLY HA 31 10.28 -72.84 0.63
CA GLY HA 31 11.30 -73.86 0.71
C GLY HA 31 12.69 -73.40 0.36
N VAL HA 32 12.81 -72.26 -0.31
CA VAL HA 32 14.09 -71.72 -0.76
C VAL HA 32 14.41 -70.43 0.01
N TYR HA 33 15.58 -70.43 0.68
CA TYR HA 33 16.03 -69.30 1.49
C TYR HA 33 17.51 -68.99 1.24
N ALA HA 34 17.98 -69.20 0.01
CA ALA HA 34 19.28 -68.73 -0.44
C ALA HA 34 19.28 -68.60 -1.96
N ARG HA 35 20.21 -67.78 -2.46
CA ARG HA 35 20.33 -67.51 -3.90
C ARG HA 35 20.62 -68.77 -4.70
N ASP HA 36 21.60 -69.56 -4.24
CA ASP HA 36 21.99 -70.80 -4.91
C ASP HA 36 20.94 -71.89 -4.81
N GLU HA 37 19.85 -71.68 -4.08
CA GLU HA 37 18.63 -72.45 -4.29
C GLU HA 37 17.64 -71.74 -5.21
N THR HA 38 17.69 -70.40 -5.30
CA THR HA 38 16.82 -69.73 -6.25
C THR HA 38 17.22 -70.01 -7.68
N GLU HA 39 18.43 -70.51 -7.90
CA GLU HA 39 18.93 -70.78 -9.25
C GLU HA 39 18.05 -71.73 -10.06
N PHE HA 40 17.29 -72.60 -9.39
CA PHE HA 40 16.48 -73.59 -10.10
C PHE HA 40 15.29 -72.92 -10.76
N TYR HA 41 14.73 -71.94 -10.09
CA TYR HA 41 13.50 -71.30 -10.52
C TYR HA 41 13.71 -70.16 -11.49
N LEU HA 42 14.84 -70.12 -12.20
CA LEU HA 42 15.32 -68.85 -12.72
C LEU HA 42 14.65 -68.45 -14.03
N GLY HA 43 13.86 -69.33 -14.64
CA GLY HA 43 13.18 -68.94 -15.85
C GLY HA 43 11.77 -69.47 -15.92
N LYS HA 44 11.31 -69.99 -14.79
CA LYS HA 44 10.03 -70.68 -14.71
C LYS HA 44 8.88 -69.71 -14.92
N ARG HA 45 7.80 -70.24 -15.47
CA ARG HA 45 6.58 -69.47 -15.61
C ARG HA 45 5.90 -69.37 -14.26
N CYS HA 46 5.18 -68.28 -14.04
CA CYS HA 46 4.51 -68.08 -12.79
C CYS HA 46 3.20 -67.37 -13.06
N ALA HA 47 2.23 -67.60 -12.19
CA ALA HA 47 0.87 -67.20 -12.45
C ALA HA 47 0.21 -66.71 -11.19
N TYR HA 48 -0.49 -65.58 -11.31
CA TYR HA 48 -1.41 -65.12 -10.29
C TYR HA 48 -2.79 -65.52 -10.75
N VAL HA 49 -3.40 -66.44 -10.03
CA VAL HA 49 -4.71 -66.96 -10.38
C VAL HA 49 -5.71 -66.35 -9.43
N TYR HA 50 -6.86 -65.95 -9.95
CA TYR HA 50 -7.85 -65.28 -9.13
C TYR HA 50 -9.22 -65.43 -9.78
N LYS HA 51 -10.25 -65.14 -9.00
CA LYS HA 51 -11.62 -65.23 -9.45
C LYS HA 51 -12.25 -63.85 -9.50
N ALA HA 52 -13.29 -63.72 -10.32
CA ALA HA 52 -14.01 -62.46 -10.47
C ALA HA 52 -15.48 -62.79 -10.68
N LYS HA 53 -16.24 -61.79 -11.13
CA LYS HA 53 -17.68 -61.95 -11.29
C LYS HA 53 -18.04 -62.60 -12.61
N ASN HA 54 -17.63 -62.00 -13.72
CA ASN HA 54 -18.07 -62.47 -15.03
C ASN HA 54 -17.28 -63.71 -15.46
N ASN HA 55 -17.85 -64.42 -16.42
CA ASN HA 55 -17.20 -65.59 -16.98
C ASN HA 55 -16.22 -65.22 -18.08
N THR HA 56 -15.07 -65.90 -18.10
CA THR HA 56 -14.09 -65.73 -19.14
C THR HA 56 -13.88 -67.07 -19.83
N VAL HA 57 -13.40 -67.02 -21.08
CA VAL HA 57 -13.17 -68.25 -21.83
C VAL HA 57 -11.96 -68.99 -21.27
N THR HA 58 -12.06 -70.31 -21.22
CA THR HA 58 -11.00 -71.15 -20.74
C THR HA 58 -10.42 -71.94 -21.90
N PRO HA 59 -9.10 -71.94 -22.07
CA PRO HA 59 -8.48 -72.77 -23.12
C PRO HA 59 -8.68 -74.25 -22.85
N GLY HA 60 -9.25 -74.95 -23.83
CA GLY HA 60 -9.54 -76.35 -23.66
C GLY HA 60 -10.61 -76.67 -22.65
N GLY HA 61 -11.58 -75.78 -22.47
CA GLY HA 61 -12.61 -76.01 -21.49
C GLY HA 61 -13.76 -75.05 -21.65
N LYS HA 62 -14.68 -75.12 -20.72
CA LYS HA 62 -15.88 -74.29 -20.72
C LYS HA 62 -15.62 -73.02 -19.93
N PRO HA 63 -16.37 -71.94 -20.22
CA PRO HA 63 -16.13 -70.67 -19.50
C PRO HA 63 -16.48 -70.73 -18.03
N ASN HA 64 -15.64 -70.11 -17.21
CA ASN HA 64 -15.86 -70.03 -15.78
C ASN HA 64 -15.33 -68.70 -15.27
N LYS HA 65 -15.21 -68.59 -13.94
CA LYS HA 65 -14.92 -67.33 -13.29
C LYS HA 65 -13.45 -67.11 -13.01
N THR HA 66 -12.59 -68.07 -13.35
CA THR HA 66 -11.18 -67.95 -13.03
C THR HA 66 -10.46 -67.09 -14.06
N ARG HA 67 -9.54 -66.25 -13.58
CA ARG HA 67 -8.69 -65.42 -14.42
C ARG HA 67 -7.25 -65.59 -13.97
N VAL HA 68 -6.31 -65.39 -14.89
CA VAL HA 68 -4.90 -65.61 -14.65
C VAL HA 68 -4.11 -64.45 -15.22
N ILE HA 69 -3.16 -63.93 -14.45
CA ILE HA 69 -2.12 -63.05 -14.96
C ILE HA 69 -0.83 -63.87 -15.03
N TRP HA 70 -0.26 -63.98 -16.22
CA TRP HA 70 0.93 -64.79 -16.43
C TRP HA 70 2.19 -63.95 -16.29
N GLY HA 71 3.25 -64.61 -15.88
CA GLY HA 71 4.54 -63.96 -15.79
C GLY HA 71 5.63 -65.00 -15.73
N LYS HA 72 6.85 -64.55 -15.45
CA LYS HA 72 7.92 -65.49 -15.26
C LYS HA 72 8.94 -64.90 -14.31
N VAL HA 73 9.65 -65.81 -13.64
CA VAL HA 73 10.71 -65.41 -12.73
C VAL HA 73 11.91 -64.93 -13.53
N THR HA 74 12.47 -63.79 -13.14
CA THR HA 74 13.57 -63.23 -13.90
C THR HA 74 14.91 -63.34 -13.20
N ARG HA 75 15.00 -63.05 -11.92
CA ARG HA 75 16.26 -63.25 -11.21
C ARG HA 75 16.04 -63.30 -9.71
N ALA HA 76 17.13 -63.42 -8.97
CA ALA HA 76 17.11 -63.46 -7.51
C ALA HA 76 17.20 -62.06 -6.95
N HIS HA 77 16.58 -61.85 -5.79
CA HIS HA 77 16.54 -60.55 -5.13
C HIS HA 77 17.01 -60.78 -3.70
N GLY HA 78 18.32 -60.87 -3.52
CA GLY HA 78 18.94 -60.59 -2.24
C GLY HA 78 19.03 -61.77 -1.31
N ASN HA 79 20.09 -62.56 -1.38
CA ASN HA 79 20.65 -63.38 -0.30
C ASN HA 79 19.76 -64.38 0.45
N SER HA 80 18.43 -64.37 0.27
CA SER HA 80 17.61 -65.32 1.01
C SER HA 80 16.31 -65.58 0.26
N GLY HA 81 16.33 -66.59 -0.61
CA GLY HA 81 15.15 -66.85 -1.43
C GLY HA 81 14.85 -65.64 -2.27
N MET HA 82 13.58 -65.25 -2.27
CA MET HA 82 13.10 -63.93 -2.70
C MET HA 82 13.46 -63.64 -4.14
N VAL HA 83 12.79 -64.25 -5.09
CA VAL HA 83 13.07 -63.91 -6.48
C VAL HA 83 12.34 -62.65 -6.89
N ARG HA 84 12.66 -62.11 -8.04
CA ARG HA 84 11.86 -61.07 -8.64
C ARG HA 84 11.42 -61.54 -10.02
N ALA HA 85 10.14 -61.28 -10.29
CA ALA HA 85 9.38 -61.76 -11.44
C ALA HA 85 8.84 -60.59 -12.24
N LYS HA 86 8.41 -60.92 -13.47
CA LYS HA 86 7.93 -59.93 -14.43
C LYS HA 86 6.68 -60.49 -15.08
N PHE HA 87 5.56 -59.82 -14.87
CA PHE HA 87 4.27 -60.28 -15.35
C PHE HA 87 3.86 -59.45 -16.57
N ARG HA 88 2.85 -59.94 -17.29
CA ARG HA 88 2.43 -59.29 -18.52
C ARG HA 88 1.80 -57.94 -18.23
N SER HA 89 0.82 -57.91 -17.35
CA SER HA 89 0.35 -56.71 -16.70
C SER HA 89 0.90 -56.69 -15.29
N ASN HA 90 1.09 -55.49 -14.75
CA ASN HA 90 1.56 -55.36 -13.38
C ASN HA 90 0.51 -55.92 -12.42
N LEU HA 91 0.98 -56.56 -11.37
CA LEU HA 91 0.08 -57.25 -10.47
C LEU HA 91 -0.71 -56.25 -9.63
N PRO HA 92 -1.97 -56.55 -9.32
CA PRO HA 92 -2.73 -55.68 -8.42
C PRO HA 92 -2.20 -55.74 -7.00
N ALA HA 93 -2.37 -54.64 -6.29
CA ALA HA 93 -1.87 -54.53 -4.93
C ALA HA 93 -2.71 -55.30 -3.92
N LYS HA 94 -3.89 -55.77 -4.31
CA LYS HA 94 -4.66 -56.65 -3.44
C LYS HA 94 -4.12 -58.06 -3.40
N ALA HA 95 -3.15 -58.37 -4.25
CA ALA HA 95 -2.53 -59.68 -4.31
C ALA HA 95 -1.33 -59.81 -3.39
N ILE HA 96 -0.96 -58.74 -2.69
CA ILE HA 96 0.19 -58.79 -1.79
C ILE HA 96 -0.16 -59.69 -0.60
N GLY HA 97 0.72 -60.65 -0.32
CA GLY HA 97 0.48 -61.60 0.72
C GLY HA 97 -0.20 -62.87 0.26
N HIS HA 98 -0.60 -62.93 -1.01
CA HIS HA 98 -1.38 -64.05 -1.51
C HIS HA 98 -0.50 -65.02 -2.29
N ARG HA 99 -1.15 -66.01 -2.88
CA ARG HA 99 -0.48 -67.17 -3.47
C ARG HA 99 -0.19 -66.93 -4.95
N ILE HA 100 0.99 -67.31 -5.38
CA ILE HA 100 1.40 -67.28 -6.78
C ILE HA 100 1.99 -68.63 -7.12
N ARG HA 101 1.58 -69.18 -8.27
CA ARG HA 101 2.02 -70.50 -8.68
C ARG HA 101 3.27 -70.39 -9.54
N VAL HA 102 4.25 -71.26 -9.28
CA VAL HA 102 5.46 -71.34 -10.10
C VAL HA 102 5.43 -72.71 -10.74
N MET HA 103 5.47 -72.75 -12.07
CA MET HA 103 4.76 -73.77 -12.82
C MET HA 103 5.63 -74.89 -13.35
N LEU HA 104 6.93 -74.91 -13.07
CA LEU HA 104 7.91 -75.87 -13.57
C LEU HA 104 8.04 -75.87 -15.10
N TYR HA 105 7.40 -74.92 -15.82
CA TYR HA 105 7.52 -74.75 -17.26
C TYR HA 105 8.87 -74.06 -17.49
N PRO HA 106 9.21 -73.60 -18.72
CA PRO HA 106 10.32 -74.25 -19.44
C PRO HA 106 11.37 -74.88 -18.56
N SER HA 107 11.58 -76.16 -18.81
CA SER HA 107 12.32 -77.05 -17.92
C SER HA 107 13.75 -77.22 -18.41
N ARG HA 108 14.68 -77.20 -17.47
CA ARG HA 108 16.09 -77.46 -17.74
C ARG HA 108 16.62 -78.66 -16.98
N ILE HA 109 15.73 -79.46 -16.42
CA ILE HA 109 16.11 -80.64 -15.66
C ILE HA 109 15.28 -81.80 -16.21
N VAL IA 1 -69.90 16.32 34.17
CA VAL IA 1 -68.72 17.04 33.71
C VAL IA 1 -68.29 16.58 32.31
N GLN IA 2 -68.54 17.44 31.33
CA GLN IA 2 -68.06 17.23 29.98
C GLN IA 2 -66.82 18.08 29.75
N ARG IA 3 -65.97 17.64 28.83
CA ARG IA 3 -64.76 18.36 28.47
C ARG IA 3 -64.97 19.06 27.13
N LEU IA 4 -64.11 20.03 26.85
CA LEU IA 4 -64.37 20.95 25.77
C LEU IA 4 -63.29 20.89 24.70
N THR IA 5 -63.65 21.38 23.52
CA THR IA 5 -62.71 21.60 22.43
C THR IA 5 -62.91 23.02 21.94
N TYR IA 6 -61.88 23.54 21.28
CA TYR IA 6 -62.05 24.77 20.52
C TYR IA 6 -63.00 24.56 19.35
N ARG IA 7 -63.63 25.65 18.91
CA ARG IA 7 -64.56 25.60 17.79
C ARG IA 7 -63.99 26.20 16.53
N ARG IA 8 -62.80 26.78 16.57
CA ARG IA 8 -62.07 27.25 15.41
C ARG IA 8 -60.75 26.50 15.28
N ARG IA 9 -59.98 26.85 14.25
CA ARG IA 9 -58.74 26.16 13.99
C ARG IA 9 -57.56 26.77 14.73
N LEU IA 10 -57.78 27.75 15.59
CA LEU IA 10 -56.72 28.33 16.39
C LEU IA 10 -56.64 27.54 17.70
N SER IA 11 -55.53 26.84 17.88
CA SER IA 11 -55.39 25.90 18.99
C SER IA 11 -54.55 26.45 20.12
N TYR IA 12 -54.23 27.73 20.10
CA TYR IA 12 -53.34 28.32 21.08
C TYR IA 12 -54.07 29.36 21.91
N ASN IA 13 -53.60 29.51 23.15
CA ASN IA 13 -54.23 30.41 24.12
C ASN IA 13 -53.71 31.85 23.95
N THR IA 14 -53.88 32.38 22.74
CA THR IA 14 -53.46 33.73 22.43
C THR IA 14 -54.53 34.72 22.89
N ALA IA 15 -54.28 36.00 22.66
CA ALA IA 15 -55.24 37.03 23.07
C ALA IA 15 -56.46 37.09 22.17
N SER IA 16 -56.35 36.59 20.94
CA SER IA 16 -57.47 36.55 20.02
C SER IA 16 -58.23 35.23 20.10
N ASN IA 17 -58.01 34.45 21.16
CA ASN IA 17 -58.59 33.12 21.28
C ASN IA 17 -59.14 32.93 22.68
N LYS IA 18 -59.85 33.92 23.19
CA LYS IA 18 -60.33 33.93 24.57
C LYS IA 18 -61.80 33.55 24.55
N THR IA 19 -62.15 32.58 25.38
CA THR IA 19 -63.47 31.95 25.36
C THR IA 19 -64.16 32.10 26.70
N ARG IA 20 -65.43 31.73 26.71
CA ARG IA 20 -66.20 31.61 27.93
C ARG IA 20 -67.21 30.48 27.77
N LEU IA 21 -67.67 29.96 28.90
CA LEU IA 21 -68.58 28.84 28.90
C LEU IA 21 -70.01 29.34 28.74
N SER IA 22 -70.80 28.61 27.96
CA SER IA 22 -72.20 28.94 27.75
C SER IA 22 -73.00 27.67 27.70
N ARG IA 23 -74.07 27.61 28.49
CA ARG IA 23 -74.97 26.48 28.46
C ARG IA 23 -76.05 26.76 27.43
N THR IA 24 -76.29 25.79 26.57
CA THR IA 24 -77.15 25.96 25.42
C THR IA 24 -78.56 25.54 25.75
N PRO IA 25 -79.52 25.85 24.86
CA PRO IA 25 -80.85 25.22 24.96
C PRO IA 25 -80.82 23.70 24.92
N GLY IA 26 -79.82 23.09 24.30
CA GLY IA 26 -79.79 21.64 24.22
C GLY IA 26 -78.95 20.99 25.31
N ASN IA 27 -78.82 21.68 26.44
CA ASN IA 27 -78.15 21.28 27.69
C ASN IA 27 -76.64 21.12 27.57
N ARG IA 28 -76.05 21.39 26.42
CA ARG IA 28 -74.60 21.30 26.26
C ARG IA 28 -73.95 22.52 26.88
N ILE IA 29 -72.69 22.37 27.27
CA ILE IA 29 -71.85 23.51 27.64
C ILE IA 29 -70.79 23.63 26.56
N VAL IA 30 -70.73 24.79 25.91
CA VAL IA 30 -69.89 25.00 24.74
C VAL IA 30 -69.17 26.34 24.93
N TYR IA 31 -68.07 26.50 24.20
CA TYR IA 31 -67.32 27.75 24.19
C TYR IA 31 -67.99 28.80 23.32
N LEU IA 32 -68.02 30.02 23.82
CA LEU IA 32 -68.32 31.21 23.04
C LEU IA 32 -67.07 32.06 23.04
N TYR IA 33 -66.86 32.81 21.97
CA TYR IA 33 -65.64 33.58 21.79
C TYR IA 33 -65.90 35.04 22.17
N THR IA 34 -65.32 35.45 23.28
CA THR IA 34 -65.57 36.78 23.83
C THR IA 34 -64.89 37.87 23.01
N LYS IA 35 -65.50 39.04 22.99
CA LYS IA 35 -64.83 40.20 22.45
C LYS IA 35 -63.81 40.69 23.47
N LYS IA 36 -62.88 41.51 23.00
CA LYS IA 36 -61.88 42.07 23.90
C LYS IA 36 -62.53 43.14 24.77
N VAL IA 37 -61.89 43.44 25.89
CA VAL IA 37 -62.39 44.52 26.75
C VAL IA 37 -61.97 45.85 26.15
N GLY IA 38 -62.93 46.76 26.01
CA GLY IA 38 -62.63 48.07 25.49
C GLY IA 38 -62.34 49.05 26.61
N LYS IA 39 -61.78 50.19 26.23
CA LYS IA 39 -61.43 51.22 27.21
C LYS IA 39 -62.06 52.56 26.86
N ALA IA 40 -62.36 53.31 27.91
CA ALA IA 40 -62.78 54.69 27.76
C ALA IA 40 -61.57 55.53 27.42
N PRO IA 41 -61.76 56.73 26.88
CA PRO IA 41 -60.60 57.58 26.59
C PRO IA 41 -59.95 58.13 27.86
N LYS IA 42 -58.62 58.19 27.83
CA LYS IA 42 -57.92 59.01 28.80
C LYS IA 42 -58.15 60.50 28.51
N SER IA 43 -57.93 61.32 29.52
CA SER IA 43 -58.05 62.74 29.33
C SER IA 43 -56.81 63.28 28.62
N ALA IA 44 -57.01 64.28 27.78
CA ALA IA 44 -55.92 64.90 27.03
C ALA IA 44 -55.06 65.83 27.86
N CYS IA 45 -55.40 66.07 29.13
CA CYS IA 45 -54.57 66.88 30.00
C CYS IA 45 -53.25 66.21 30.34
N GLY IA 46 -53.20 64.88 30.34
CA GLY IA 46 -51.98 64.17 30.67
C GLY IA 46 -51.60 64.16 32.14
N VAL IA 47 -52.39 64.78 33.02
CA VAL IA 47 -52.12 64.74 34.43
C VAL IA 47 -53.13 63.91 35.21
N CYS IA 48 -54.29 63.60 34.64
CA CYS IA 48 -55.28 62.87 35.42
C CYS IA 48 -55.17 61.39 35.11
N PRO IA 49 -55.05 60.54 36.11
CA PRO IA 49 -54.79 59.12 35.82
C PRO IA 49 -56.02 58.32 35.42
N GLY IA 50 -57.20 58.78 35.84
CA GLY IA 50 -58.43 58.08 35.54
C GLY IA 50 -58.94 58.31 34.14
N ARG IA 51 -59.90 57.49 33.75
CA ARG IA 51 -60.54 57.61 32.45
C ARG IA 51 -61.72 58.57 32.54
N LEU IA 52 -62.23 58.95 31.38
CA LEU IA 52 -63.35 59.87 31.37
C LEU IA 52 -64.62 59.13 31.74
N ARG IA 53 -65.63 59.90 32.13
CA ARG IA 53 -66.93 59.35 32.47
C ARG IA 53 -67.89 59.59 31.31
N GLY IA 54 -68.98 58.84 31.31
CA GLY IA 54 -70.03 59.05 30.34
C GLY IA 54 -69.71 58.63 28.92
N VAL IA 55 -68.55 58.05 28.68
CA VAL IA 55 -68.18 57.56 27.35
C VAL IA 55 -68.05 56.05 27.49
N ARG IA 56 -68.59 55.32 26.53
CA ARG IA 56 -68.61 53.87 26.64
C ARG IA 56 -67.24 53.28 26.31
N ALA IA 57 -66.90 52.21 27.02
CA ALA IA 57 -65.59 51.59 26.90
C ALA IA 57 -65.76 50.41 25.94
N VAL IA 58 -65.52 50.67 24.65
CA VAL IA 58 -65.65 49.68 23.61
C VAL IA 58 -64.41 49.76 22.72
N ARG IA 59 -64.39 48.91 21.69
CA ARG IA 59 -63.35 48.95 20.68
C ARG IA 59 -63.60 50.09 19.69
N PRO IA 60 -62.57 50.51 18.92
CA PRO IA 60 -62.75 51.68 18.04
C PRO IA 60 -63.74 51.47 16.90
N LYS IA 61 -63.83 50.25 16.39
CA LYS IA 61 -64.73 50.05 15.27
C LYS IA 61 -66.17 49.92 15.75
N VAL IA 62 -66.38 49.51 17.00
CA VAL IA 62 -67.71 49.65 17.58
C VAL IA 62 -68.03 51.12 17.87
N LEU IA 63 -67.01 51.92 18.24
CA LEU IA 63 -67.18 53.38 18.32
C LEU IA 63 -67.68 53.98 17.01
N MET IA 64 -67.26 53.42 15.88
CA MET IA 64 -67.81 53.87 14.60
C MET IA 64 -69.33 53.72 14.52
N ARG IA 65 -69.88 52.60 14.95
CA ARG IA 65 -71.32 52.37 14.82
C ARG IA 65 -72.11 52.84 16.03
N LEU IA 66 -71.46 53.38 17.06
CA LEU IA 66 -72.19 54.04 18.14
C LEU IA 66 -72.74 55.40 17.69
N SER IA 67 -73.34 56.10 18.64
CA SER IA 67 -73.94 57.40 18.41
C SER IA 67 -73.13 58.48 19.10
N LYS IA 68 -73.39 59.72 18.69
CA LYS IA 68 -72.56 60.84 19.12
C LYS IA 68 -72.69 61.13 20.61
N THR IA 69 -73.90 61.01 21.16
CA THR IA 69 -74.13 61.16 22.59
C THR IA 69 -73.39 60.13 23.44
N LYS IA 70 -73.35 58.87 22.99
CA LYS IA 70 -72.61 57.84 23.72
C LYS IA 70 -71.10 58.03 23.64
N LYS IA 71 -70.61 58.82 22.70
CA LYS IA 71 -69.19 59.01 22.55
C LYS IA 71 -68.65 60.30 23.14
N HIS IA 72 -69.51 61.26 23.50
CA HIS IA 72 -69.01 62.50 24.06
C HIS IA 72 -69.87 62.92 25.23
N VAL IA 73 -69.46 64.00 25.89
CA VAL IA 73 -70.20 64.63 26.97
C VAL IA 73 -70.62 66.02 26.50
N SER IA 74 -71.76 66.48 27.01
CA SER IA 74 -72.31 67.78 26.62
C SER IA 74 -71.58 68.83 27.44
N ARG IA 75 -70.40 69.20 26.93
CA ARG IA 75 -69.49 70.19 27.52
C ARG IA 75 -68.47 70.51 26.45
N ALA IA 76 -67.86 71.69 26.56
CA ALA IA 76 -66.70 72.01 25.75
C ALA IA 76 -65.57 71.08 26.14
N TYR IA 77 -64.82 70.59 25.13
CA TYR IA 77 -63.81 69.53 25.26
C TYR IA 77 -64.41 68.23 25.82
N GLY IA 78 -65.72 68.02 25.67
CA GLY IA 78 -66.39 66.92 26.32
C GLY IA 78 -66.14 65.61 25.60
N GLY IA 79 -65.75 64.59 26.35
CA GLY IA 79 -65.35 63.34 25.78
C GLY IA 79 -63.90 63.28 25.37
N SER IA 80 -63.14 64.34 25.58
CA SER IA 80 -61.70 64.33 25.39
C SER IA 80 -60.91 64.74 26.62
N MET IA 81 -61.44 65.64 27.43
CA MET IA 81 -60.77 66.05 28.66
C MET IA 81 -61.73 65.91 29.83
N CYS IA 82 -61.18 65.87 31.04
CA CYS IA 82 -62.02 65.80 32.21
C CYS IA 82 -62.50 67.17 32.64
N ALA IA 83 -63.60 67.19 33.41
CA ALA IA 83 -64.19 68.44 33.87
C ALA IA 83 -63.25 69.28 34.72
N LYS IA 84 -62.42 68.63 35.54
CA LYS IA 84 -61.52 69.36 36.43
C LYS IA 84 -60.48 70.15 35.63
N CYS IA 85 -59.82 69.50 34.66
CA CYS IA 85 -58.83 70.22 33.88
C CYS IA 85 -59.48 71.19 32.91
N VAL IA 86 -60.75 70.96 32.51
CA VAL IA 86 -61.50 71.98 31.77
C VAL IA 86 -61.62 73.25 32.60
N ARG IA 87 -62.02 73.10 33.89
CA ARG IA 87 -62.16 74.27 34.76
C ARG IA 87 -60.82 74.96 34.97
N ASP IA 88 -59.75 74.18 35.16
CA ASP IA 88 -58.43 74.76 35.39
C ASP IA 88 -57.92 75.50 34.15
N ARG IA 89 -58.19 74.98 32.94
CA ARG IA 89 -57.76 75.70 31.74
C ARG IA 89 -58.59 76.94 31.47
N ILE IA 90 -59.87 76.94 31.89
CA ILE IA 90 -60.72 78.13 31.80
C ILE IA 90 -60.13 79.25 32.65
N LYS IA 91 -59.93 78.96 33.94
CA LYS IA 91 -59.44 80.03 34.81
C LYS IA 91 -57.99 80.36 34.54
N ARG IA 92 -57.20 79.43 33.99
CA ARG IA 92 -55.81 79.76 33.64
C ARG IA 92 -55.76 80.73 32.47
N ALA IA 93 -56.59 80.49 31.43
CA ALA IA 93 -56.70 81.42 30.33
C ALA IA 93 -57.13 82.80 30.78
N PHE IA 94 -58.15 82.84 31.67
CA PHE IA 94 -58.67 84.12 32.16
C PHE IA 94 -57.61 84.89 32.93
N LEU IA 95 -56.96 84.23 33.90
CA LEU IA 95 -56.00 84.91 34.76
C LEU IA 95 -54.75 85.34 34.01
N ILE IA 96 -54.33 84.59 32.98
CA ILE IA 96 -53.14 85.01 32.25
C ILE IA 96 -53.45 86.21 31.37
N GLU IA 97 -54.67 86.26 30.80
CA GLU IA 97 -55.07 87.47 30.08
C GLU IA 97 -55.20 88.68 31.01
N GLU IA 98 -55.66 88.47 32.24
CA GLU IA 98 -55.76 89.58 33.19
C GLU IA 98 -54.38 90.08 33.61
N GLN IA 99 -53.42 89.17 33.77
CA GLN IA 99 -52.06 89.59 34.11
C GLN IA 99 -51.42 90.37 32.95
N LYS IA 100 -51.74 89.97 31.71
CA LYS IA 100 -51.23 90.72 30.56
C LYS IA 100 -51.84 92.13 30.50
N ILE IA 101 -53.13 92.24 30.88
CA ILE IA 101 -53.76 93.56 30.92
C ILE IA 101 -53.09 94.45 31.97
N VAL IA 102 -52.83 93.90 33.17
CA VAL IA 102 -52.27 94.75 34.21
C VAL IA 102 -50.80 95.13 33.93
N VAL IA 103 -50.03 94.28 33.24
CA VAL IA 103 -48.68 94.68 32.87
C VAL IA 103 -48.72 95.82 31.83
N LYS IA 104 -49.61 95.69 30.83
CA LYS IA 104 -49.72 96.76 29.82
C LYS IA 104 -50.14 98.09 30.44
N VAL IA 105 -51.12 98.06 31.36
CA VAL IA 105 -51.53 99.33 31.97
C VAL IA 105 -50.48 99.84 32.95
N LEU IA 106 -49.65 98.94 33.51
CA LEU IA 106 -48.56 99.39 34.39
C LEU IA 106 -47.50 100.16 33.59
N LYS IA 107 -47.18 99.68 32.39
CA LYS IA 107 -46.31 100.46 31.50
C LYS IA 107 -46.97 101.76 31.08
N ALA IA 108 -48.26 101.71 30.74
CA ALA IA 108 -48.96 102.90 30.24
C ALA IA 108 -49.06 103.98 31.31
N GLN IA 109 -49.11 103.60 32.58
CA GLN IA 109 -49.02 104.62 33.62
C GLN IA 109 -47.56 105.01 33.87
N ALA IA 110 -46.60 104.10 33.68
CA ALA IA 110 -45.19 104.49 33.72
C ALA IA 110 -44.64 104.85 32.35
N GLN IA 111 -45.41 105.65 31.61
CA GLN IA 111 -44.88 106.49 30.54
C GLN IA 111 -44.61 107.93 31.00
N SER IA 112 -44.54 108.16 32.32
CA SER IA 112 -44.47 109.50 32.89
C SER IA 112 -43.06 109.91 33.27
N GLN IA 113 -42.07 109.57 32.45
CA GLN IA 113 -40.67 109.95 32.66
C GLN IA 113 -40.15 110.54 31.35
N LYS IA 114 -38.88 110.94 31.35
CA LYS IA 114 -38.23 111.41 30.12
C LYS IA 114 -38.07 110.20 29.20
N ALA JA 1 -77.82 15.47 -41.96
CA ALA JA 1 -77.80 16.85 -41.52
C ALA JA 1 -76.39 17.29 -41.16
N LYS JA 2 -75.41 16.61 -41.73
CA LYS JA 2 -74.00 16.82 -41.39
C LYS JA 2 -73.50 18.06 -42.08
N ILE JA 3 -72.81 18.94 -41.33
CA ILE JA 3 -72.49 20.28 -41.80
C ILE JA 3 -71.06 20.31 -42.31
N LYS JA 4 -70.85 21.10 -43.35
CA LYS JA 4 -69.59 21.22 -44.08
C LYS JA 4 -69.28 22.69 -44.25
N ALA JA 5 -67.98 23.03 -44.18
CA ALA JA 5 -67.57 24.42 -44.25
C ALA JA 5 -67.84 25.04 -45.62
N ARG JA 6 -67.78 24.25 -46.70
CA ARG JA 6 -68.08 24.77 -48.03
C ARG JA 6 -69.54 25.18 -48.16
N ASP JA 7 -70.43 24.63 -47.34
CA ASP JA 7 -71.81 25.08 -47.25
C ASP JA 7 -72.00 26.11 -46.16
N LEU JA 8 -71.10 26.17 -45.18
CA LEU JA 8 -71.18 27.17 -44.14
C LEU JA 8 -70.71 28.55 -44.60
N ARG JA 9 -69.89 28.62 -45.64
CA ARG JA 9 -69.27 29.89 -46.01
C ARG JA 9 -70.20 30.83 -46.80
N GLY JA 10 -71.50 30.55 -46.89
CA GLY JA 10 -72.42 31.46 -47.55
C GLY JA 10 -73.45 32.10 -46.66
N LYS JA 11 -73.51 31.66 -45.41
CA LYS JA 11 -74.53 32.12 -44.49
C LYS JA 11 -74.24 33.53 -43.98
N LYS JA 12 -75.20 34.06 -43.26
CA LYS JA 12 -75.06 35.31 -42.53
C LYS JA 12 -74.86 35.01 -41.05
N LYS JA 13 -74.36 36.00 -40.33
CA LYS JA 13 -73.89 35.75 -38.98
C LYS JA 13 -75.01 35.51 -37.99
N GLU JA 14 -76.25 35.93 -38.30
CA GLU JA 14 -77.35 35.59 -37.40
C GLU JA 14 -77.67 34.09 -37.41
N GLU JA 15 -77.80 33.48 -38.59
CA GLU JA 15 -78.00 32.04 -38.64
C GLU JA 15 -76.74 31.25 -38.32
N LEU JA 16 -75.54 31.81 -38.53
CA LEU JA 16 -74.33 31.14 -38.09
C LEU JA 16 -74.28 31.05 -36.57
N LEU JA 17 -74.58 32.15 -35.88
CA LEU JA 17 -74.66 32.13 -34.42
C LEU JA 17 -75.78 31.25 -33.92
N LYS JA 18 -76.91 31.21 -34.64
CA LYS JA 18 -78.01 30.32 -34.31
C LYS JA 18 -77.59 28.85 -34.39
N GLN JA 19 -76.94 28.47 -35.49
CA GLN JA 19 -76.38 27.13 -35.66
C GLN JA 19 -75.39 26.80 -34.56
N LEU JA 20 -74.54 27.75 -34.20
CA LEU JA 20 -73.53 27.55 -33.16
C LEU JA 20 -74.18 27.27 -31.83
N ASP JA 21 -75.17 28.09 -31.45
CA ASP JA 21 -75.73 27.93 -30.13
C ASP JA 21 -76.71 26.78 -30.02
N ASP JA 22 -77.33 26.34 -31.12
CA ASP JA 22 -78.07 25.09 -31.02
C ASP JA 22 -77.12 23.89 -30.94
N LEU JA 23 -75.96 23.95 -31.61
CA LEU JA 23 -74.96 22.91 -31.42
C LEU JA 23 -74.46 22.85 -29.97
N LYS JA 24 -74.26 24.00 -29.34
CA LYS JA 24 -73.84 23.99 -27.94
C LYS JA 24 -74.94 23.49 -27.00
N VAL JA 25 -76.21 23.79 -27.31
CA VAL JA 25 -77.32 23.21 -26.55
C VAL JA 25 -77.33 21.70 -26.66
N GLU JA 26 -77.13 21.19 -27.89
CA GLU JA 26 -77.09 19.75 -28.11
C GLU JA 26 -75.90 19.10 -27.41
N LEU JA 27 -74.75 19.79 -27.35
CA LEU JA 27 -73.59 19.23 -26.65
C LEU JA 27 -73.83 19.17 -25.16
N SER JA 28 -74.50 20.19 -24.60
CA SER JA 28 -74.87 20.17 -23.19
C SER JA 28 -75.81 19.01 -22.90
N GLN JA 29 -76.80 18.79 -23.76
CA GLN JA 29 -77.72 17.66 -23.60
C GLN JA 29 -76.99 16.33 -23.68
N LEU JA 30 -76.00 16.23 -24.58
CA LEU JA 30 -75.26 14.98 -24.72
C LEU JA 30 -74.41 14.69 -23.49
N ARG JA 31 -73.84 15.74 -22.88
CA ARG JA 31 -73.09 15.52 -21.64
C ARG JA 31 -74.01 15.16 -20.47
N VAL JA 32 -75.23 15.72 -20.44
CA VAL JA 32 -76.24 15.31 -19.48
C VAL JA 32 -76.52 13.82 -19.63
N ALA JA 33 -76.71 13.37 -20.88
CA ALA JA 33 -76.95 11.96 -21.14
C ALA JA 33 -75.74 11.10 -20.76
N LYS JA 34 -74.53 11.63 -20.97
CA LYS JA 34 -73.31 10.92 -20.60
C LYS JA 34 -73.24 10.68 -19.10
N VAL JA 35 -73.60 11.68 -18.30
CA VAL JA 35 -73.62 11.51 -16.86
C VAL JA 35 -74.73 10.55 -16.44
N THR JA 36 -75.92 10.72 -17.01
CA THR JA 36 -77.08 9.91 -16.66
C THR JA 36 -77.09 8.55 -17.35
N GLY JA 37 -75.99 8.17 -18.00
CA GLY JA 37 -75.89 6.88 -18.65
C GLY JA 37 -76.15 6.96 -20.14
N GLY JA 38 -77.37 7.33 -20.52
CA GLY JA 38 -77.70 7.58 -21.91
C GLY JA 38 -77.54 6.35 -22.80
N ALA JA 39 -76.65 6.45 -23.78
CA ALA JA 39 -76.44 5.39 -24.76
C ALA JA 39 -75.14 5.66 -25.51
N ALA JA 40 -74.59 4.57 -26.06
CA ALA JA 40 -73.33 4.63 -26.81
C ALA JA 40 -73.45 5.48 -28.06
N SER JA 41 -74.67 5.57 -28.62
CA SER JA 41 -74.92 6.43 -29.77
C SER JA 41 -74.68 7.90 -29.42
N LYS JA 42 -75.19 8.32 -28.26
CA LYS JA 42 -74.98 9.68 -27.78
C LYS JA 42 -73.51 9.91 -27.42
N LEU JA 43 -72.89 8.94 -26.74
CA LEU JA 43 -71.46 9.07 -26.40
C LEU JA 43 -70.58 9.15 -27.65
N SER JA 44 -71.02 8.59 -28.77
CA SER JA 44 -70.27 8.69 -30.01
C SER JA 44 -70.62 9.94 -30.81
N LYS JA 45 -71.80 10.51 -30.60
CA LYS JA 45 -72.10 11.76 -31.27
C LYS JA 45 -71.49 12.96 -30.56
N ILE JA 46 -70.97 12.75 -29.35
CA ILE JA 46 -70.23 13.81 -28.65
C ILE JA 46 -69.07 14.34 -29.49
N ARG JA 47 -68.24 13.44 -30.01
CA ARG JA 47 -67.09 13.86 -30.81
C ARG JA 47 -67.52 14.53 -32.11
N VAL JA 48 -68.63 14.05 -32.71
CA VAL JA 48 -69.15 14.64 -33.93
C VAL JA 48 -69.59 16.08 -33.71
N VAL JA 49 -70.36 16.33 -32.63
CA VAL JA 49 -70.83 17.69 -32.36
C VAL JA 49 -69.65 18.59 -31.99
N ARG JA 50 -68.66 18.06 -31.27
CA ARG JA 50 -67.51 18.88 -30.91
C ARG JA 50 -66.72 19.30 -32.14
N LYS JA 51 -66.49 18.38 -33.08
CA LYS JA 51 -65.79 18.77 -34.31
C LYS JA 51 -66.63 19.70 -35.16
N SER JA 52 -67.96 19.55 -35.11
CA SER JA 52 -68.85 20.48 -35.82
C SER JA 52 -68.76 21.88 -35.23
N ILE JA 53 -68.70 21.98 -33.89
CA ILE JA 53 -68.51 23.26 -33.22
C ILE JA 53 -67.19 23.90 -33.63
N ALA JA 54 -66.13 23.08 -33.70
CA ALA JA 54 -64.82 23.57 -34.14
C ALA JA 54 -64.89 24.09 -35.57
N ARG JA 55 -65.64 23.40 -36.42
CA ARG JA 55 -65.82 23.81 -37.82
C ARG JA 55 -66.51 25.17 -37.91
N VAL JA 56 -67.62 25.34 -37.16
CA VAL JA 56 -68.39 26.57 -37.20
C VAL JA 56 -67.56 27.75 -36.68
N LEU JA 57 -66.84 27.54 -35.57
CA LEU JA 57 -66.03 28.62 -35.02
C LEU JA 57 -64.86 28.97 -35.93
N THR JA 58 -64.30 27.98 -36.62
CA THR JA 58 -63.27 28.27 -37.62
C THR JA 58 -63.81 29.14 -38.74
N VAL JA 59 -65.00 28.80 -39.26
CA VAL JA 59 -65.60 29.57 -40.35
C VAL JA 59 -65.90 31.01 -39.92
N ILE JA 60 -66.45 31.20 -38.70
CA ILE JA 60 -66.76 32.56 -38.23
C ILE JA 60 -65.47 33.38 -38.08
N ASN JA 61 -64.44 32.81 -37.41
CA ASN JA 61 -63.20 33.55 -37.19
C ASN JA 61 -62.52 33.87 -38.51
N GLN JA 62 -62.58 32.96 -39.48
CA GLN JA 62 -61.95 33.21 -40.78
C GLN JA 62 -62.66 34.32 -41.55
N THR JA 63 -64.01 34.30 -41.58
CA THR JA 63 -64.75 35.38 -42.23
C THR JA 63 -64.46 36.73 -41.60
N GLN JA 64 -64.45 36.78 -40.27
CA GLN JA 64 -64.21 38.06 -39.59
C GLN JA 64 -62.79 38.54 -39.86
N LYS JA 65 -61.81 37.63 -39.87
CA LYS JA 65 -60.42 38.02 -40.12
C LYS JA 65 -60.25 38.53 -41.54
N GLU JA 66 -60.92 37.91 -42.52
CA GLU JA 66 -60.75 38.42 -43.88
C GLU JA 66 -61.51 39.71 -44.10
N ASN JA 67 -62.61 39.95 -43.36
CA ASN JA 67 -63.24 41.26 -43.40
C ASN JA 67 -62.31 42.32 -42.81
N LEU JA 68 -61.60 41.98 -41.73
CA LEU JA 68 -60.63 42.90 -41.14
C LEU JA 68 -59.50 43.21 -42.11
N ARG JA 69 -59.00 42.18 -42.82
CA ARG JA 69 -57.95 42.40 -43.82
C ARG JA 69 -58.44 43.29 -44.95
N LYS JA 70 -59.68 43.08 -45.41
CA LYS JA 70 -60.25 43.92 -46.46
C LYS JA 70 -60.40 45.36 -45.98
N PHE JA 71 -60.77 45.55 -44.71
CA PHE JA 71 -60.92 46.90 -44.20
C PHE JA 71 -59.57 47.59 -44.07
N TYR JA 72 -58.56 46.87 -43.59
CA TYR JA 72 -57.25 47.47 -43.41
C TYR JA 72 -56.41 47.44 -44.67
N LYS JA 73 -56.96 46.94 -45.78
CA LYS JA 73 -56.28 46.94 -47.06
C LYS JA 73 -55.97 48.36 -47.50
N GLY JA 74 -54.71 48.61 -47.84
CA GLY JA 74 -54.31 49.92 -48.32
C GLY JA 74 -54.14 50.96 -47.25
N LYS JA 75 -54.22 50.59 -45.98
CA LYS JA 75 -54.02 51.53 -44.89
C LYS JA 75 -52.54 51.65 -44.57
N LYS JA 76 -52.20 52.67 -43.80
CA LYS JA 76 -50.80 52.96 -43.47
C LYS JA 76 -50.33 52.16 -42.26
N TYR JA 77 -51.17 52.03 -41.25
CA TYR JA 77 -50.84 51.34 -40.02
C TYR JA 77 -51.82 50.20 -39.79
N LYS JA 78 -51.34 48.98 -39.90
CA LYS JA 78 -52.22 47.84 -39.66
C LYS JA 78 -51.97 47.26 -38.28
N PRO JA 79 -52.95 46.55 -37.72
CA PRO JA 79 -52.74 45.86 -36.44
C PRO JA 79 -51.66 44.79 -36.49
N LEU JA 80 -51.18 44.44 -35.30
CA LEU JA 80 -49.99 43.61 -35.15
C LEU JA 80 -50.24 42.16 -35.55
N ASP JA 81 -51.49 41.72 -35.62
CA ASP JA 81 -51.79 40.40 -36.13
C ASP JA 81 -52.16 40.40 -37.60
N LEU JA 82 -52.25 41.58 -38.21
CA LEU JA 82 -52.42 41.71 -39.65
C LEU JA 82 -51.12 42.04 -40.38
N ARG JA 83 -50.13 42.63 -39.70
CA ARG JA 83 -48.85 42.74 -40.39
C ARG JA 83 -48.15 41.38 -40.38
N PRO JA 84 -47.25 41.12 -41.35
CA PRO JA 84 -46.69 39.77 -41.48
C PRO JA 84 -45.83 39.34 -40.29
N LYS JA 85 -45.58 38.03 -40.25
CA LYS JA 85 -45.14 37.37 -39.03
C LYS JA 85 -43.69 36.91 -39.10
N LYS JA 86 -43.13 36.78 -40.30
CA LYS JA 86 -42.18 35.77 -40.76
C LYS JA 86 -41.20 35.24 -39.72
N THR JA 87 -40.36 36.12 -39.22
CA THR JA 87 -39.30 35.82 -38.25
C THR JA 87 -38.89 37.17 -37.73
N ARG JA 88 -38.60 37.26 -36.43
CA ARG JA 88 -38.21 38.53 -35.80
C ARG JA 88 -37.01 39.18 -36.50
N ALA JA 89 -36.01 38.38 -36.88
CA ALA JA 89 -34.83 38.92 -37.55
C ALA JA 89 -35.17 39.39 -38.96
N MET JA 90 -36.04 38.66 -39.65
CA MET JA 90 -36.45 39.07 -40.98
C MET JA 90 -37.31 40.32 -40.93
N ARG JA 91 -38.06 40.52 -39.84
CA ARG JA 91 -38.76 41.78 -39.67
C ARG JA 91 -37.80 42.91 -39.33
N ARG JA 92 -36.71 42.62 -38.62
CA ARG JA 92 -35.72 43.65 -38.31
C ARG JA 92 -34.92 44.09 -39.53
N ARG JA 93 -34.74 43.21 -40.51
CA ARG JA 93 -33.86 43.55 -41.62
C ARG JA 93 -34.54 44.58 -42.54
N LEU JA 94 -33.73 45.17 -43.42
CA LEU JA 94 -34.15 46.24 -44.31
C LEU JA 94 -35.15 45.74 -45.37
N ASN JA 95 -35.86 46.69 -45.96
CA ASN JA 95 -36.75 46.38 -47.08
C ASN JA 95 -36.00 46.65 -48.39
N LYS JA 96 -36.57 46.13 -49.48
CA LYS JA 96 -35.88 46.08 -50.77
C LYS JA 96 -35.56 47.47 -51.33
N HIS JA 97 -36.41 48.46 -51.06
CA HIS JA 97 -36.15 49.81 -51.59
C HIS JA 97 -34.91 50.43 -50.95
N GLU JA 98 -34.86 50.45 -49.62
CA GLU JA 98 -33.67 50.98 -48.96
C GLU JA 98 -32.48 50.03 -49.00
N GLU JA 99 -32.68 48.79 -49.43
CA GLU JA 99 -31.55 47.96 -49.82
C GLU JA 99 -30.97 48.43 -51.15
N ASN JA 100 -31.82 48.65 -52.14
CA ASN JA 100 -31.34 48.97 -53.48
C ASN JA 100 -31.02 50.45 -53.65
N LEU JA 101 -31.21 51.26 -52.61
CA LEU JA 101 -30.69 52.62 -52.59
C LEU JA 101 -29.18 52.62 -52.83
N LYS JA 102 -28.72 53.61 -53.59
CA LYS JA 102 -27.31 53.74 -53.92
C LYS JA 102 -26.93 55.22 -53.94
N THR JA 103 -25.64 55.50 -53.79
CA THR JA 103 -25.24 56.90 -53.79
C THR JA 103 -25.06 57.38 -55.21
N LYS JA 104 -25.05 58.71 -55.38
CA LYS JA 104 -24.87 59.27 -56.71
C LYS JA 104 -23.45 58.97 -57.19
N LYS JA 105 -22.47 59.03 -56.28
CA LYS JA 105 -21.09 58.68 -56.61
C LYS JA 105 -20.98 57.26 -57.10
N GLN JA 106 -21.62 56.32 -56.40
CA GLN JA 106 -21.43 54.93 -56.78
C GLN JA 106 -22.20 54.59 -58.05
N GLN JA 107 -23.37 55.19 -58.25
CA GLN JA 107 -24.06 54.96 -59.52
C GLN JA 107 -23.39 55.70 -60.68
N ARG JA 108 -22.70 56.82 -60.41
CA ARG JA 108 -21.91 57.49 -61.42
C ARG JA 108 -20.72 56.64 -61.84
N LYS JA 109 -20.10 55.99 -60.85
CA LYS JA 109 -19.05 55.01 -61.12
C LYS JA 109 -19.58 53.87 -61.97
N GLU JA 110 -20.78 53.39 -61.65
CA GLU JA 110 -21.40 52.29 -62.40
C GLU JA 110 -21.71 52.69 -63.84
N ARG JA 111 -22.09 53.95 -64.05
CA ARG JA 111 -22.35 54.43 -65.39
C ARG JA 111 -21.06 54.62 -66.17
N LEU JA 112 -20.02 55.12 -65.50
CA LEU JA 112 -18.78 55.46 -66.20
C LEU JA 112 -17.94 54.24 -66.52
N TYR JA 113 -17.84 53.29 -65.61
CA TYR JA 113 -16.96 52.12 -65.78
C TYR JA 113 -17.76 50.85 -65.58
N PRO JA 114 -18.50 50.41 -66.60
CA PRO JA 114 -19.20 49.13 -66.47
C PRO JA 114 -18.26 47.97 -66.71
N LEU JA 115 -18.53 46.87 -66.01
CA LEU JA 115 -17.76 45.64 -66.14
C LEU JA 115 -18.02 45.01 -67.49
N ARG JA 116 -16.97 44.89 -68.31
CA ARG JA 116 -17.17 44.44 -69.66
C ARG JA 116 -17.20 42.91 -69.72
N LYS JA 117 -17.61 42.39 -70.87
CA LYS JA 117 -17.58 40.98 -71.18
C LYS JA 117 -16.50 40.74 -72.24
N TYR JA 118 -15.70 39.70 -72.05
CA TYR JA 118 -14.53 39.56 -72.90
C TYR JA 118 -14.00 38.13 -72.86
N ALA JA 119 -13.33 37.74 -73.94
CA ALA JA 119 -12.55 36.51 -73.99
C ALA JA 119 -11.14 36.85 -74.46
N VAL JA 120 -10.18 36.04 -74.05
CA VAL JA 120 -8.79 36.15 -74.47
C VAL JA 120 -8.48 34.99 -75.42
N LYS JA 121 -8.19 35.32 -76.68
CA LYS JA 121 -7.83 34.29 -77.65
C LYS JA 121 -6.46 33.73 -77.33
N ALA JA 122 -6.24 32.48 -77.73
CA ALA JA 122 -4.97 31.83 -77.47
C ALA JA 122 -3.97 32.26 -78.54
N ALA KA 1 35.95 40.51 -68.48
CA ALA KA 1 37.22 41.22 -68.58
C ALA KA 1 37.61 41.84 -67.24
N LEU KA 2 37.64 43.15 -67.19
CA LEU KA 2 37.89 43.91 -65.97
C LEU KA 2 36.57 44.36 -65.36
N ARG KA 3 36.51 44.32 -64.03
CA ARG KA 3 35.38 44.78 -63.21
C ARG KA 3 34.09 44.02 -63.56
N TYR KA 4 34.12 42.72 -63.25
CA TYR KA 4 32.87 41.98 -63.18
C TYR KA 4 31.98 42.51 -62.07
N PRO KA 5 30.66 42.45 -62.24
CA PRO KA 5 29.76 42.80 -61.14
C PRO KA 5 29.73 41.69 -60.10
N MET KA 6 29.96 42.06 -58.84
CA MET KA 6 30.14 41.10 -57.76
C MET KA 6 28.94 41.12 -56.83
N ALA KA 7 28.96 40.16 -55.90
CA ALA KA 7 27.93 40.01 -54.89
C ALA KA 7 28.36 40.56 -53.53
N VAL KA 8 29.59 41.07 -53.45
CA VAL KA 8 30.11 41.73 -52.27
C VAL KA 8 30.79 43.02 -52.74
N GLY KA 9 31.15 43.84 -51.77
CA GLY KA 9 31.92 45.03 -52.04
C GLY KA 9 31.05 46.27 -51.93
N LEU KA 10 31.61 47.38 -52.41
CA LEU KA 10 30.91 48.66 -52.30
C LEU KA 10 29.86 48.84 -53.37
N ASN KA 11 30.04 48.22 -54.53
CA ASN KA 11 29.10 48.30 -55.64
C ASN KA 11 28.69 46.90 -56.06
N LYS KA 12 27.73 46.34 -55.34
CA LYS KA 12 27.27 44.98 -55.57
C LYS KA 12 25.84 45.01 -56.09
N GLY KA 13 25.43 43.90 -56.69
CA GLY KA 13 24.10 43.76 -57.23
C GLY KA 13 24.11 43.67 -58.74
N HIS KA 14 22.94 43.34 -59.27
CA HIS KA 14 22.77 42.99 -60.69
C HIS KA 14 22.90 44.18 -61.64
N LYS KA 15 22.91 45.42 -61.14
CA LYS KA 15 23.10 46.63 -61.94
C LYS KA 15 22.00 46.77 -63.00
N VAL KA 16 20.80 47.04 -62.52
CA VAL KA 16 19.70 47.46 -63.38
C VAL KA 16 19.81 48.97 -63.59
N THR KA 17 19.04 49.49 -64.54
CA THR KA 17 18.94 50.93 -64.74
C THR KA 17 17.75 51.50 -63.99
N LYS KA 18 17.92 52.70 -63.46
CA LYS KA 18 16.98 53.28 -62.51
C LYS KA 18 15.81 53.88 -63.26
N ASN KA 19 14.61 53.60 -62.76
CA ASN KA 19 13.41 54.26 -63.22
C ASN KA 19 13.26 55.55 -62.43
N VAL KA 20 13.00 56.65 -63.12
CA VAL KA 20 12.90 57.97 -62.52
C VAL KA 20 11.47 58.45 -62.69
N SER KA 21 10.80 58.73 -61.57
CA SER KA 21 9.43 59.19 -61.57
C SER KA 21 9.25 60.17 -60.42
N LYS KA 22 8.24 61.03 -60.55
CA LYS KA 22 7.86 61.89 -59.43
C LYS KA 22 7.35 61.01 -58.30
N PRO KA 23 7.73 61.28 -57.05
CA PRO KA 23 7.42 60.36 -55.94
C PRO KA 23 5.92 60.26 -55.66
N ARG KA 24 5.59 59.34 -54.76
CA ARG KA 24 4.21 59.14 -54.36
C ARG KA 24 3.72 60.34 -53.57
N HIS KA 25 2.40 60.52 -53.59
CA HIS KA 25 1.83 61.64 -52.87
C HIS KA 25 1.79 61.43 -51.37
N SER KA 26 1.88 60.19 -50.90
CA SER KA 26 1.94 59.96 -49.46
C SER KA 26 3.24 60.42 -48.83
N ARG KA 27 4.26 60.73 -49.63
CA ARG KA 27 5.56 61.12 -49.10
C ARG KA 27 5.59 62.56 -48.61
N ARG KA 28 4.68 63.40 -49.09
CA ARG KA 28 4.63 64.79 -48.68
C ARG KA 28 3.75 65.00 -47.46
N ARG KA 29 3.33 63.92 -46.79
CA ARG KA 29 2.59 64.03 -45.55
C ARG KA 29 3.45 64.69 -44.49
N GLY KA 30 2.84 65.59 -43.72
CA GLY KA 30 3.59 66.30 -42.70
C GLY KA 30 4.46 67.40 -43.24
N ARG KA 31 4.04 68.09 -44.29
CA ARG KA 31 4.79 69.19 -44.87
C ARG KA 31 4.00 70.48 -44.73
N LEU KA 32 4.70 71.55 -44.35
CA LEU KA 32 4.06 72.80 -44.00
C LEU KA 32 3.58 73.55 -45.25
N THR KA 33 2.41 74.17 -45.13
CA THR KA 33 1.84 74.97 -46.21
C THR KA 33 1.58 76.38 -45.69
N LYS KA 34 1.21 77.26 -46.63
CA LYS KA 34 0.94 78.66 -46.33
C LYS KA 34 -0.20 78.77 -45.32
N HIS KA 35 -1.32 78.15 -45.65
CA HIS KA 35 -2.52 78.24 -44.83
C HIS KA 35 -2.32 77.53 -43.50
N THR KA 36 -1.60 76.41 -43.50
CA THR KA 36 -1.35 75.67 -42.27
C THR KA 36 -0.46 76.48 -41.35
N LYS KA 37 0.58 77.12 -41.90
CA LYS KA 37 1.41 77.99 -41.08
C LYS KA 37 0.62 79.20 -40.58
N PHE KA 38 -0.33 79.67 -41.37
CA PHE KA 38 -1.17 80.79 -40.95
C PHE KA 38 -2.07 80.42 -39.77
N VAL KA 39 -2.77 79.27 -39.86
CA VAL KA 39 -3.65 78.83 -38.77
C VAL KA 39 -2.82 78.56 -37.51
N ARG KA 40 -1.62 77.98 -37.68
CA ARG KA 40 -0.82 77.65 -36.51
C ARG KA 40 -0.26 78.90 -35.83
N ASP KA 41 0.18 79.90 -36.61
CA ASP KA 41 0.65 81.13 -35.99
C ASP KA 41 -0.50 81.93 -35.39
N MET KA 42 -1.69 81.84 -35.99
CA MET KA 42 -2.87 82.51 -35.42
C MET KA 42 -3.26 81.88 -34.10
N ILE KA 43 -3.27 80.55 -34.02
CA ILE KA 43 -3.62 79.87 -32.80
C ILE KA 43 -2.56 80.10 -31.73
N ARG KA 44 -1.29 80.17 -32.13
CA ARG KA 44 -0.24 80.52 -31.18
C ARG KA 44 -0.43 81.94 -30.65
N GLU KA 45 -0.79 82.90 -31.52
CA GLU KA 45 -1.03 84.27 -31.08
C GLU KA 45 -2.23 84.37 -30.15
N VAL KA 46 -3.28 83.59 -30.38
CA VAL KA 46 -4.43 83.65 -29.49
C VAL KA 46 -4.11 82.99 -28.14
N CYS KA 47 -3.54 81.77 -28.15
CA CYS KA 47 -3.54 80.92 -26.98
C CYS KA 47 -2.24 80.98 -26.18
N GLY KA 48 -1.14 81.43 -26.76
CA GLY KA 48 0.07 81.55 -25.96
C GLY KA 48 0.93 80.31 -25.92
N PHE KA 49 1.66 80.11 -24.81
CA PHE KA 49 2.60 79.01 -24.66
C PHE KA 49 2.27 78.15 -23.46
N ALA KA 50 2.80 76.93 -23.46
CA ALA KA 50 2.67 76.03 -22.33
C ALA KA 50 3.61 76.49 -21.21
N PRO KA 51 3.33 76.07 -19.95
CA PRO KA 51 4.20 76.49 -18.84
C PRO KA 51 5.62 75.98 -18.93
N TYR KA 52 5.82 74.73 -19.37
CA TYR KA 52 7.18 74.22 -19.54
C TYR KA 52 7.90 74.95 -20.66
N GLU KA 53 7.17 75.36 -21.71
CA GLU KA 53 7.76 76.17 -22.77
C GLU KA 53 8.19 77.52 -22.23
N ARG KA 54 7.40 78.12 -21.35
CA ARG KA 54 7.75 79.44 -20.82
C ARG KA 54 8.91 79.35 -19.84
N ARG KA 55 9.01 78.27 -19.08
CA ARG KA 55 10.14 78.09 -18.18
C ARG KA 55 11.43 77.85 -18.98
N ALA KA 56 11.32 77.08 -20.07
CA ALA KA 56 12.46 76.92 -20.96
C ALA KA 56 12.83 78.23 -21.64
N MET KA 57 11.86 79.09 -21.94
CA MET KA 57 12.16 80.39 -22.51
C MET KA 57 12.88 81.29 -21.50
N GLU KA 58 12.54 81.16 -20.21
CA GLU KA 58 13.29 81.88 -19.18
C GLU KA 58 14.72 81.37 -19.11
N LEU KA 59 14.90 80.05 -19.19
CA LEU KA 59 16.25 79.47 -19.21
C LEU KA 59 17.04 79.93 -20.44
N LEU KA 60 16.37 80.08 -21.57
CA LEU KA 60 17.08 80.58 -22.74
C LEU KA 60 17.36 82.07 -22.66
N LYS KA 61 16.52 82.85 -21.96
CA LYS KA 61 16.84 84.26 -21.75
C LYS KA 61 18.06 84.43 -20.85
N VAL KA 62 18.14 83.65 -19.77
CA VAL KA 62 19.34 83.62 -18.94
C VAL KA 62 20.51 82.93 -19.65
N SER KA 63 20.23 82.22 -20.75
CA SER KA 63 21.18 81.53 -21.64
C SER KA 63 21.92 80.37 -20.95
N LYS KA 64 21.14 79.53 -20.27
CA LYS KA 64 21.65 78.24 -19.77
C LYS KA 64 21.12 77.13 -20.68
N ASP KA 65 21.72 77.03 -21.88
CA ASP KA 65 21.12 76.26 -22.97
C ASP KA 65 21.23 74.75 -22.73
N LYS KA 66 22.30 74.28 -22.10
CA LYS KA 66 22.40 72.86 -21.77
C LYS KA 66 21.35 72.44 -20.74
N ARG KA 67 21.13 73.29 -19.74
CA ARG KA 67 20.09 73.03 -18.75
C ARG KA 67 18.71 73.09 -19.40
N ALA KA 68 18.52 74.03 -20.33
CA ALA KA 68 17.25 74.14 -21.03
C ALA KA 68 16.97 72.92 -21.90
N LEU KA 69 18.01 72.39 -22.54
CA LEU KA 69 17.84 71.18 -23.33
C LEU KA 69 17.53 69.97 -22.47
N LYS KA 70 18.21 69.86 -21.32
CA LYS KA 70 17.95 68.75 -20.40
C LYS KA 70 16.54 68.84 -19.83
N PHE KA 71 16.06 70.06 -19.57
CA PHE KA 71 14.71 70.25 -19.06
C PHE KA 71 13.67 69.87 -20.10
N ILE KA 72 13.83 70.37 -21.33
CA ILE KA 72 12.87 70.07 -22.41
C ILE KA 72 12.90 68.57 -22.73
N LYS KA 73 14.07 67.94 -22.64
CA LYS KA 73 14.16 66.49 -22.84
C LYS KA 73 13.44 65.74 -21.74
N LYS KA 74 13.50 66.24 -20.50
CA LYS KA 74 12.75 65.61 -19.42
C LYS KA 74 11.25 65.76 -19.63
N ARG KA 75 10.79 66.87 -20.20
CA ARG KA 75 9.35 67.07 -20.35
C ARG KA 75 8.78 66.34 -21.55
N VAL KA 76 9.45 66.35 -22.69
CA VAL KA 76 8.87 65.76 -23.90
C VAL KA 76 9.40 64.34 -24.18
N GLY KA 77 10.56 63.95 -23.65
CA GLY KA 77 10.97 62.57 -23.59
C GLY KA 77 12.12 62.21 -24.51
N THR KA 78 12.23 62.86 -25.66
CA THR KA 78 13.12 62.44 -26.73
C THR KA 78 14.10 63.56 -27.06
N HIS KA 79 15.35 63.17 -27.36
CA HIS KA 79 16.41 64.12 -27.67
C HIS KA 79 16.16 64.89 -28.97
N ILE KA 80 15.59 64.23 -29.98
CA ILE KA 80 15.33 64.88 -31.27
C ILE KA 80 14.25 65.95 -31.13
N ARG KA 81 13.12 65.55 -30.53
CA ARG KA 81 12.02 66.47 -30.26
C ARG KA 81 12.45 67.60 -29.35
N ALA KA 82 13.35 67.31 -28.41
CA ALA KA 82 13.83 68.35 -27.49
C ALA KA 82 14.71 69.35 -28.21
N LYS KA 83 15.57 68.87 -29.11
CA LYS KA 83 16.41 69.77 -29.89
C LYS KA 83 15.60 70.67 -30.79
N ARG KA 84 14.57 70.14 -31.45
CA ARG KA 84 13.80 71.01 -32.34
C ARG KA 84 12.90 71.95 -31.56
N LYS KA 85 12.41 71.53 -30.39
CA LYS KA 85 11.63 72.45 -29.55
C LYS KA 85 12.52 73.58 -29.02
N ARG KA 86 13.76 73.25 -28.66
CA ARG KA 86 14.69 74.29 -28.19
C ARG KA 86 15.02 75.27 -29.31
N GLU KA 87 15.23 74.79 -30.55
CA GLU KA 87 15.51 75.73 -31.63
C GLU KA 87 14.30 76.58 -31.98
N GLU KA 88 13.07 76.05 -31.84
CA GLU KA 88 11.91 76.87 -32.15
C GLU KA 88 11.69 77.92 -31.08
N LEU KA 89 11.88 77.56 -29.79
CA LEU KA 89 11.75 78.55 -28.72
C LEU KA 89 12.84 79.61 -28.80
N SER KA 90 14.04 79.23 -29.25
CA SER KA 90 15.10 80.21 -29.44
C SER KA 90 14.77 81.16 -30.58
N ASN KA 91 14.12 80.64 -31.64
CA ASN KA 91 13.66 81.49 -32.73
C ASN KA 91 12.60 82.48 -32.24
N VAL KA 92 11.70 82.02 -31.37
CA VAL KA 92 10.67 82.89 -30.80
C VAL KA 92 11.30 84.00 -29.97
N LEU KA 93 12.29 83.65 -29.15
CA LEU KA 93 12.99 84.64 -28.33
C LEU KA 93 13.74 85.65 -29.17
N ALA KA 94 14.41 85.20 -30.23
CA ALA KA 94 15.14 86.13 -31.10
C ALA KA 94 14.18 87.07 -31.82
N ALA KA 95 13.03 86.56 -32.24
CA ALA KA 95 12.03 87.36 -32.95
C ALA KA 95 11.46 88.46 -32.04
N MET KA 96 11.09 88.10 -30.81
CA MET KA 96 10.54 89.09 -29.89
C MET KA 96 11.63 90.07 -29.43
N ARG KA 97 12.89 89.61 -29.37
CA ARG KA 97 13.99 90.49 -29.00
C ARG KA 97 14.23 91.57 -30.05
N LYS KA 98 14.31 91.18 -31.34
CA LYS KA 98 14.49 92.18 -32.38
C LYS KA 98 13.23 93.05 -32.55
N ALA KA 99 12.05 92.54 -32.19
CA ALA KA 99 10.86 93.37 -32.25
C ALA KA 99 10.87 94.44 -31.16
N ALA KA 100 11.21 94.07 -29.93
CA ALA KA 100 11.38 95.05 -28.86
C ALA KA 100 12.57 95.97 -29.10
N ALA KA 101 13.56 95.53 -29.87
CA ALA KA 101 14.65 96.43 -30.23
C ALA KA 101 14.22 97.45 -31.28
N LYS KA 102 13.38 97.05 -32.23
CA LYS KA 102 12.94 98.00 -33.24
C LYS KA 102 11.42 98.19 -33.19
N THR LA 1 -29.42 15.28 20.23
CA THR LA 1 -28.87 14.02 19.71
C THR LA 1 -29.03 13.94 18.21
N LYS LA 2 -27.89 13.89 17.52
CA LYS LA 2 -27.76 14.33 16.14
C LYS LA 2 -28.44 13.44 15.11
N GLY LA 3 -28.88 12.23 15.48
CA GLY LA 3 -29.45 11.35 14.48
C GLY LA 3 -30.96 11.34 14.43
N THR LA 4 -31.56 10.30 15.03
CA THR LA 4 -32.96 9.94 14.80
C THR LA 4 -33.92 10.97 15.37
N SER LA 5 -33.63 11.50 16.57
CA SER LA 5 -34.47 12.53 17.16
C SER LA 5 -34.43 13.82 16.36
N SER LA 6 -33.24 14.20 15.90
CA SER LA 6 -33.09 15.37 15.06
C SER LA 6 -33.82 15.21 13.72
N PHE LA 7 -33.93 13.98 13.23
CA PHE LA 7 -34.86 13.71 12.13
C PHE LA 7 -36.30 13.90 12.57
N GLY LA 8 -36.58 13.60 13.85
CA GLY LA 8 -37.92 13.82 14.37
C GLY LA 8 -38.36 15.26 14.27
N LYS LA 9 -37.44 16.19 14.42
CA LYS LA 9 -37.83 17.58 14.52
C LYS LA 9 -38.04 18.29 13.16
N ARG LA 10 -38.24 17.59 12.04
CA ARG LA 10 -38.21 18.22 10.71
C ARG LA 10 -39.62 18.46 10.19
N ARG LA 11 -40.13 19.71 10.31
CA ARG LA 11 -41.48 20.00 9.85
C ARG LA 11 -41.66 21.39 9.22
N ASN LA 12 -40.62 22.02 8.71
CA ASN LA 12 -40.71 23.36 8.09
C ASN LA 12 -39.95 23.31 6.79
N LYS LA 13 -40.61 23.57 5.67
CA LYS LA 13 -39.96 23.39 4.39
C LYS LA 13 -39.06 24.58 4.07
N THR LA 14 -37.92 24.28 3.45
CA THR LA 14 -37.00 25.30 2.98
C THR LA 14 -37.34 25.75 1.57
N HIS LA 15 -37.78 24.81 0.74
CA HIS LA 15 -38.04 25.08 -0.65
C HIS LA 15 -39.50 24.83 -0.97
N THR LA 16 -40.03 25.57 -1.93
CA THR LA 16 -41.32 25.26 -2.53
C THR LA 16 -41.18 25.27 -4.05
N LEU LA 17 -42.30 25.12 -4.75
CA LEU LA 17 -42.26 25.09 -6.19
C LEU LA 17 -41.95 26.47 -6.76
N CYS LA 18 -41.28 26.50 -7.89
CA CYS LA 18 -40.88 27.73 -8.54
C CYS LA 18 -41.80 28.01 -9.72
N ARG LA 19 -42.09 29.29 -9.94
CA ARG LA 19 -42.97 29.69 -11.03
C ARG LA 19 -42.32 29.46 -12.39
N ARG LA 20 -41.04 29.84 -12.51
CA ARG LA 20 -40.22 29.42 -13.63
C ARG LA 20 -39.69 28.02 -13.32
N CYS LA 21 -39.59 27.18 -14.35
CA CYS LA 21 -38.88 25.89 -14.34
C CYS LA 21 -39.49 24.81 -13.46
N GLY LA 22 -40.45 25.15 -12.61
CA GLY LA 22 -41.28 24.18 -11.91
C GLY LA 22 -40.63 23.25 -10.89
N SER LA 23 -39.35 23.42 -10.62
CA SER LA 23 -38.70 22.52 -9.68
C SER LA 23 -38.94 23.00 -8.26
N LYS LA 24 -38.73 22.10 -7.30
CA LYS LA 24 -38.94 22.43 -5.89
C LYS LA 24 -37.64 22.98 -5.29
N ALA LA 25 -37.23 24.13 -5.79
CA ALA LA 25 -35.95 24.67 -5.36
C ALA LA 25 -36.04 26.17 -5.13
N TYR LA 26 -37.24 26.65 -4.84
CA TYR LA 26 -37.45 28.06 -4.57
C TYR LA 26 -37.28 28.27 -3.08
N HIS LA 27 -36.17 28.89 -2.69
CA HIS LA 27 -35.87 29.11 -1.28
C HIS LA 27 -36.80 30.19 -0.74
N LEU LA 28 -37.59 29.83 0.27
CA LEU LA 28 -38.71 30.68 0.69
C LEU LA 28 -38.23 31.95 1.38
N GLN LA 29 -37.19 31.86 2.21
CA GLN LA 29 -36.69 33.05 2.89
C GLN LA 29 -35.83 33.90 1.97
N LYS LA 30 -34.93 33.26 1.22
CA LYS LA 30 -34.06 33.95 0.28
C LYS LA 30 -34.78 34.49 -0.95
N SER LA 31 -35.97 33.95 -1.27
CA SER LA 31 -36.79 34.33 -2.44
C SER LA 31 -36.02 34.16 -3.75
N THR LA 32 -35.45 32.98 -3.94
CA THR LA 32 -34.61 32.72 -5.10
C THR LA 32 -34.68 31.24 -5.42
N CYS LA 33 -34.74 30.91 -6.70
CA CYS LA 33 -34.71 29.52 -7.11
C CYS LA 33 -33.28 29.03 -7.13
N GLY LA 34 -33.05 27.86 -6.52
CA GLY LA 34 -31.73 27.27 -6.59
C GLY LA 34 -31.45 26.58 -7.91
N LYS LA 35 -32.50 26.18 -8.63
CA LYS LA 35 -32.34 25.55 -9.94
C LYS LA 35 -32.12 26.58 -11.05
N CYS LA 36 -33.07 27.49 -11.24
CA CYS LA 36 -33.05 28.37 -12.40
C CYS LA 36 -32.66 29.80 -12.06
N GLY LA 37 -32.54 30.15 -10.79
CA GLY LA 37 -32.12 31.49 -10.42
C GLY LA 37 -33.19 32.53 -10.40
N TYR LA 38 -34.44 32.16 -10.22
CA TYR LA 38 -35.50 33.13 -10.40
C TYR LA 38 -35.86 33.92 -9.15
N PRO LA 39 -35.38 35.12 -8.99
CA PRO LA 39 -36.21 36.28 -9.39
C PRO LA 39 -35.57 36.95 -10.60
N ALA LA 40 -34.37 36.50 -10.93
CA ALA LA 40 -33.48 37.13 -11.90
C ALA LA 40 -33.90 36.81 -13.32
N LYS LA 41 -33.50 37.69 -14.25
CA LYS LA 41 -34.00 37.62 -15.61
C LYS LA 41 -33.29 36.53 -16.39
N ARG LA 42 -31.98 36.39 -16.19
CA ARG LA 42 -31.19 35.38 -16.88
C ARG LA 42 -31.24 34.07 -16.13
N LYS LA 43 -31.40 32.99 -16.87
CA LYS LA 43 -31.51 31.66 -16.30
C LYS LA 43 -30.17 31.20 -15.74
N ARG LA 44 -30.22 30.49 -14.62
CA ARG LA 44 -29.02 29.95 -14.01
C ARG LA 44 -28.51 28.77 -14.82
N LYS LA 45 -27.24 28.80 -15.18
CA LYS LA 45 -26.67 27.83 -16.10
C LYS LA 45 -25.17 27.84 -15.88
N TYR LA 46 -24.59 26.65 -15.80
CA TYR LA 46 -23.15 26.56 -15.53
C TYR LA 46 -22.54 25.48 -16.39
N ASN LA 47 -21.36 25.77 -16.94
CA ASN LA 47 -20.65 24.79 -17.76
C ASN LA 47 -20.10 23.63 -16.95
N TRP LA 48 -20.05 23.73 -15.63
CA TRP LA 48 -19.53 22.63 -14.84
C TRP LA 48 -20.57 21.54 -14.57
N SER LA 49 -21.76 21.65 -15.15
CA SER LA 49 -22.75 20.58 -15.04
C SER LA 49 -23.40 20.41 -16.41
N ALA LA 50 -22.77 19.56 -17.22
CA ALA LA 50 -23.28 19.27 -18.55
C ALA LA 50 -24.54 18.42 -18.46
N LYS LA 51 -24.64 17.61 -17.40
CA LYS LA 51 -25.85 16.84 -17.15
C LYS LA 51 -27.02 17.76 -16.85
N ALA LA 52 -26.79 18.85 -16.12
CA ALA LA 52 -27.87 19.79 -15.84
C ALA LA 52 -28.26 20.56 -17.09
N LYS LA 53 -27.25 20.98 -17.87
CA LYS LA 53 -27.53 21.67 -19.13
C LYS LA 53 -28.33 20.81 -20.10
N ARG LA 54 -28.03 19.51 -20.17
CA ARG LA 54 -28.82 18.65 -21.04
C ARG LA 54 -30.12 18.20 -20.39
N ARG LA 55 -30.25 18.32 -19.07
CA ARG LA 55 -31.53 18.06 -18.43
C ARG LA 55 -32.52 19.16 -18.69
N ASN LA 56 -32.08 20.40 -18.93
CA ASN LA 56 -33.08 21.41 -19.25
C ASN LA 56 -32.76 22.27 -20.46
N THR LA 57 -32.08 21.75 -21.47
CA THR LA 57 -31.81 22.56 -22.64
C THR LA 57 -33.01 22.56 -23.59
N THR LA 58 -32.90 23.30 -24.69
CA THR LA 58 -33.95 23.34 -25.70
C THR LA 58 -34.09 21.98 -26.38
N GLY LA 59 -35.29 21.43 -26.36
CA GLY LA 59 -35.57 20.13 -26.92
C GLY LA 59 -36.00 19.12 -25.89
N THR LA 60 -35.77 19.39 -24.61
CA THR LA 60 -36.28 18.53 -23.56
C THR LA 60 -37.73 18.83 -23.24
N GLY LA 61 -38.29 19.90 -23.79
CA GLY LA 61 -39.68 20.21 -23.60
C GLY LA 61 -40.50 20.04 -24.86
N ARG LA 62 -41.47 20.93 -25.03
CA ARG LA 62 -42.53 20.77 -26.01
C ARG LA 62 -42.18 21.38 -27.37
N MET LA 63 -41.53 22.55 -27.35
CA MET LA 63 -40.96 23.24 -28.53
C MET LA 63 -42.03 23.52 -29.57
N ARG LA 64 -43.14 24.12 -29.12
CA ARG LA 64 -44.29 24.39 -29.99
C ARG LA 64 -43.93 25.36 -31.12
N HIS LA 65 -43.54 26.57 -30.72
CA HIS LA 65 -43.11 27.58 -31.67
C HIS LA 65 -41.94 27.11 -32.52
N LEU LA 66 -41.00 26.38 -31.93
CA LEU LA 66 -39.80 26.00 -32.68
C LEU LA 66 -40.09 24.95 -33.75
N LYS LA 67 -40.97 23.98 -33.46
CA LYS LA 67 -41.30 23.02 -34.51
C LYS LA 67 -42.08 23.68 -35.65
N ILE LA 68 -42.91 24.68 -35.31
CA ILE LA 68 -43.55 25.43 -36.40
C ILE LA 68 -42.52 26.24 -37.20
N VAL LA 69 -41.49 26.77 -36.52
CA VAL LA 69 -40.42 27.51 -37.20
C VAL LA 69 -39.65 26.60 -38.15
N TYR LA 70 -39.38 25.37 -37.72
CA TYR LA 70 -38.65 24.41 -38.57
C TYR LA 70 -39.44 24.10 -39.84
N ARG LA 71 -40.74 23.84 -39.70
CA ARG LA 71 -41.60 23.63 -40.86
C ARG LA 71 -41.62 24.85 -41.79
N ARG LA 72 -41.85 26.03 -41.22
CA ARG LA 72 -41.95 27.25 -42.02
C ARG LA 72 -40.62 27.62 -42.66
N PHE LA 73 -39.50 27.26 -42.03
CA PHE LA 73 -38.20 27.48 -42.67
C PHE LA 73 -38.04 26.59 -43.87
N ARG LA 74 -38.42 25.33 -43.74
CA ARG LA 74 -38.38 24.41 -44.87
C ARG LA 74 -39.22 24.90 -46.05
N HIS LA 75 -40.29 25.65 -45.77
CA HIS LA 75 -41.05 26.21 -46.90
C HIS LA 75 -40.79 27.69 -47.19
N GLY LA 76 -39.88 28.35 -46.48
CA GLY LA 76 -39.47 29.69 -46.83
C GLY LA 76 -40.14 30.86 -46.11
N PHE LA 77 -40.90 30.60 -45.04
CA PHE LA 77 -41.64 31.60 -44.26
C PHE LA 77 -42.62 32.42 -45.12
N ARG LA 78 -43.50 31.71 -45.81
CA ARG LA 78 -44.53 32.35 -46.63
C ARG LA 78 -45.79 32.64 -45.81
N GLU LA 79 -46.54 33.65 -46.25
CA GLU LA 79 -47.70 34.12 -45.49
C GLU LA 79 -48.73 34.63 -46.49
N GLY LA 80 -49.98 34.69 -46.04
CA GLY LA 80 -51.07 35.32 -46.77
C GLY LA 80 -51.44 34.70 -48.09
N THR LA 81 -51.16 33.41 -48.29
CA THR LA 81 -51.44 32.76 -49.55
C THR LA 81 -52.13 31.43 -49.27
N THR LA 82 -52.68 30.85 -50.34
CA THR LA 82 -53.63 29.77 -50.24
C THR LA 82 -53.23 28.73 -51.27
N PRO LA 83 -53.50 27.44 -51.02
CA PRO LA 83 -53.07 26.41 -51.98
C PRO LA 83 -53.89 26.30 -53.27
N LYS LA 84 -54.60 27.37 -53.67
CA LYS LA 84 -55.31 27.51 -54.95
C LYS LA 84 -56.44 26.49 -55.03
N PRO LA 85 -57.59 26.81 -54.43
CA PRO LA 85 -58.66 25.82 -54.21
C PRO LA 85 -59.19 25.20 -55.49
N LYS LA 86 -59.75 24.00 -55.34
CA LYS LA 86 -60.28 23.26 -56.47
C LYS LA 86 -61.67 23.77 -56.83
N PRO MA 1 -85.52 40.15 18.52
CA PRO MA 1 -86.85 40.11 19.12
C PRO MA 1 -87.13 41.35 19.96
N ARG MA 2 -88.29 41.97 19.75
CA ARG MA 2 -88.73 43.08 20.58
C ARG MA 2 -90.03 42.72 21.30
N LYS MA 3 -90.24 43.29 22.48
CA LYS MA 3 -91.44 43.03 23.28
C LYS MA 3 -92.26 44.32 23.35
N ILE MA 4 -93.50 44.25 22.88
CA ILE MA 4 -94.40 45.40 22.82
C ILE MA 4 -95.34 45.40 24.01
N GLU MA 5 -95.55 46.59 24.60
CA GLU MA 5 -96.40 46.78 25.77
C GLU MA 5 -97.87 47.02 25.46
N GLU MA 6 -98.20 47.78 24.41
CA GLU MA 6 -99.57 48.25 24.26
C GLU MA 6 -100.22 47.75 22.98
N ILE MA 7 -101.55 47.61 23.06
CA ILE MA 7 -102.35 47.06 21.98
C ILE MA 7 -102.33 47.97 20.76
N LYS MA 8 -102.34 49.29 20.98
CA LYS MA 8 -102.29 50.26 19.88
C LYS MA 8 -100.97 50.21 19.12
N ASP MA 9 -99.86 50.09 19.84
CA ASP MA 9 -98.56 49.92 19.22
C ASP MA 9 -98.47 48.59 18.46
N PHE MA 10 -99.01 47.52 19.07
CA PHE MA 10 -99.08 46.24 18.37
C PHE MA 10 -99.92 46.33 17.11
N LEU MA 11 -101.01 47.08 17.15
CA LEU MA 11 -101.88 47.19 15.99
C LEU MA 11 -101.23 47.98 14.87
N LEU MA 12 -100.52 49.06 15.21
CA LEU MA 12 -99.86 49.81 14.13
C LEU MA 12 -98.66 49.05 13.55
N THR MA 13 -97.90 48.31 14.35
CA THR MA 13 -96.89 47.44 13.73
C THR MA 13 -97.50 46.24 13.03
N ALA MA 14 -98.72 45.82 13.38
CA ALA MA 14 -99.38 44.75 12.64
C ALA MA 14 -99.86 45.24 11.29
N ARG MA 15 -100.36 46.48 11.22
CA ARG MA 15 -100.79 47.05 9.96
C ARG MA 15 -99.67 47.76 9.23
N ARG MA 16 -98.42 47.64 9.72
CA ARG MA 16 -97.27 48.08 8.95
C ARG MA 16 -97.14 47.27 7.65
N LYS MA 17 -96.35 47.82 6.72
CA LYS MA 17 -96.24 47.24 5.38
C LYS MA 17 -95.42 45.94 5.42
N ASP MA 18 -94.28 45.94 6.11
CA ASP MA 18 -93.39 44.80 6.13
C ASP MA 18 -93.84 43.67 7.05
N ALA MA 19 -95.02 43.76 7.67
CA ALA MA 19 -95.49 42.76 8.63
C ALA MA 19 -95.81 41.48 7.87
N LYS MA 20 -94.90 40.50 7.94
CA LYS MA 20 -95.06 39.29 7.15
C LYS MA 20 -96.10 38.36 7.75
N SER MA 21 -96.11 38.15 9.07
CA SER MA 21 -97.04 37.18 9.63
C SER MA 21 -97.40 37.54 11.06
N VAL MA 22 -98.41 36.86 11.59
CA VAL MA 22 -98.75 36.88 13.01
C VAL MA 22 -99.02 35.45 13.44
N LYS MA 23 -98.36 35.02 14.50
CA LYS MA 23 -98.57 33.73 15.13
C LYS MA 23 -99.14 33.95 16.53
N ILE MA 24 -100.15 33.16 16.89
CA ILE MA 24 -100.76 33.23 18.21
C ILE MA 24 -100.38 31.96 18.96
N LYS MA 25 -99.74 32.14 20.11
CA LYS MA 25 -99.28 31.03 20.94
C LYS MA 25 -100.04 31.08 22.25
N LYS MA 26 -100.89 30.09 22.49
CA LYS MA 26 -101.70 30.02 23.70
C LYS MA 26 -100.91 29.30 24.79
N ASN MA 27 -100.41 30.05 25.76
CA ASN MA 27 -99.73 29.47 26.90
C ASN MA 27 -100.74 29.27 28.03
N LYS MA 28 -100.29 28.63 29.11
CA LYS MA 28 -101.18 28.34 30.23
C LYS MA 28 -101.60 29.60 30.97
N ASP MA 29 -100.67 30.53 31.19
CA ASP MA 29 -100.96 31.72 31.97
C ASP MA 29 -101.28 32.94 31.11
N ASN MA 30 -100.91 32.93 29.84
CA ASN MA 30 -101.04 34.11 29.00
C ASN MA 30 -101.10 33.68 27.54
N VAL MA 31 -101.17 34.66 26.64
CA VAL MA 31 -101.20 34.43 25.20
C VAL MA 31 -100.17 35.35 24.55
N LYS MA 32 -99.37 34.81 23.64
CA LYS MA 32 -98.35 35.58 22.93
C LYS MA 32 -98.75 35.79 21.48
N PHE MA 33 -98.53 37.01 21.01
CA PHE MA 33 -98.84 37.44 19.65
C PHE MA 33 -97.51 37.83 19.03
N LYS MA 34 -97.02 37.03 18.10
CA LYS MA 34 -95.70 37.20 17.50
C LYS MA 34 -95.90 37.63 16.05
N VAL MA 35 -95.60 38.89 15.77
CA VAL MA 35 -95.65 39.40 14.41
C VAL MA 35 -94.25 39.39 13.82
N ARG MA 36 -94.13 38.67 12.72
CA ARG MA 36 -92.90 38.56 11.96
C ARG MA 36 -92.88 39.68 10.94
N CYS MA 37 -91.97 40.63 11.16
CA CYS MA 37 -91.61 41.74 10.28
C CYS MA 37 -90.27 41.46 9.64
N SER MA 38 -89.71 42.47 8.96
CA SER MA 38 -88.50 42.26 8.17
C SER MA 38 -87.29 41.99 9.06
N ARG MA 39 -87.02 42.88 10.00
CA ARG MA 39 -85.82 42.74 10.83
C ARG MA 39 -86.07 42.04 12.15
N TYR MA 40 -87.15 42.36 12.86
CA TYR MA 40 -87.40 41.79 14.17
C TYR MA 40 -88.67 40.95 14.21
N LEU MA 41 -88.69 40.04 15.18
CA LEU MA 41 -89.88 39.34 15.62
C LEU MA 41 -90.43 40.07 16.85
N TYR MA 42 -91.61 40.66 16.74
CA TYR MA 42 -92.22 41.45 17.81
C TYR MA 42 -93.25 40.61 18.55
N THR MA 43 -93.22 40.66 19.87
CA THR MA 43 -94.07 39.82 20.70
C THR MA 43 -94.90 40.68 21.65
N LEU MA 44 -96.21 40.47 21.66
CA LEU MA 44 -97.12 41.07 22.62
C LEU MA 44 -97.70 39.99 23.52
N VAL MA 45 -97.62 40.20 24.83
CA VAL MA 45 -98.10 39.25 25.84
C VAL MA 45 -99.36 39.76 26.50
N ILE MA 46 -100.45 38.98 26.48
CA ILE MA 46 -101.72 39.38 27.09
C ILE MA 46 -102.13 38.32 28.10
N THR MA 47 -102.50 38.74 29.32
CA THR MA 47 -102.97 37.81 30.34
C THR MA 47 -104.49 37.62 30.35
N ASP MA 48 -105.25 38.54 29.77
CA ASP MA 48 -106.70 38.46 29.82
C ASP MA 48 -107.21 37.76 28.57
N LYS MA 49 -108.01 36.71 28.79
CA LYS MA 49 -108.46 35.87 27.69
C LYS MA 49 -109.46 36.61 26.81
N GLU MA 50 -110.44 37.29 27.40
CA GLU MA 50 -111.40 38.04 26.60
C GLU MA 50 -110.75 39.21 25.88
N LYS MA 51 -109.73 39.83 26.49
CA LYS MA 51 -109.04 40.93 25.84
C LYS MA 51 -108.22 40.43 24.65
N ALA MA 52 -107.57 39.27 24.82
CA ALA MA 52 -106.87 38.63 23.71
C ALA MA 52 -107.84 38.24 22.60
N GLU MA 53 -109.04 37.80 22.96
CA GLU MA 53 -110.05 37.41 21.98
C GLU MA 53 -110.53 38.62 21.19
N LYS MA 54 -110.84 39.73 21.88
CA LYS MA 54 -111.31 40.90 21.15
C LYS MA 54 -110.19 41.52 20.34
N LEU MA 55 -108.92 41.33 20.75
CA LEU MA 55 -107.82 41.74 19.90
C LEU MA 55 -107.74 40.89 18.64
N LYS MA 56 -107.90 39.57 18.79
CA LYS MA 56 -108.00 38.67 17.65
C LYS MA 56 -109.13 39.07 16.70
N GLN MA 57 -110.25 39.56 17.25
CA GLN MA 57 -111.33 40.07 16.42
C GLN MA 57 -110.91 41.36 15.73
N SER MA 58 -110.23 42.25 16.44
CA SER MA 58 -109.92 43.58 15.93
C SER MA 58 -108.57 43.62 15.24
N LEU MA 59 -108.04 42.47 14.87
CA LEU MA 59 -106.81 42.38 14.10
C LEU MA 59 -107.11 42.75 12.64
N PRO MA 60 -106.19 43.48 11.98
CA PRO MA 60 -106.50 43.95 10.62
C PRO MA 60 -106.53 42.82 9.64
N PRO MA 61 -107.39 42.88 8.60
CA PRO MA 61 -107.45 41.84 7.59
C PRO MA 61 -106.27 41.91 6.63
N GLY MA 62 -106.13 40.87 5.81
CA GLY MA 62 -105.04 40.79 4.88
C GLY MA 62 -103.74 40.33 5.50
N LEU MA 63 -103.80 39.62 6.62
CA LEU MA 63 -102.60 39.14 7.31
C LEU MA 63 -102.79 37.65 7.61
N ALA MA 64 -101.66 36.96 7.74
CA ALA MA 64 -101.69 35.59 8.26
C ALA MA 64 -101.82 35.63 9.77
N VAL MA 65 -102.87 34.98 10.29
CA VAL MA 65 -103.28 35.09 11.70
C VAL MA 65 -103.10 33.72 12.32
N LYS MA 66 -102.01 33.06 11.96
CA LYS MA 66 -101.81 31.63 12.24
C LYS MA 66 -101.76 31.31 13.74
N GLU MA 67 -102.65 30.42 14.19
CA GLU MA 67 -102.51 29.88 15.54
C GLU MA 67 -101.47 28.77 15.57
N LEU MA 68 -100.71 28.70 16.65
CA LEU MA 68 -99.59 27.76 16.76
C LEU MA 68 -100.00 26.40 17.33
N LYS MA 69 -101.26 26.00 17.12
CA LYS MA 69 -101.77 24.70 17.56
C LYS MA 69 -102.35 23.95 16.38
N SER NA 1 -51.70 19.62 5.09
CA SER NA 1 -52.52 20.26 6.12
C SER NA 1 -53.86 20.63 5.54
N SER NA 2 -54.81 20.99 6.40
CA SER NA 2 -56.09 21.48 5.88
C SER NA 2 -55.97 22.88 5.31
N HIS NA 3 -55.02 23.67 5.80
CA HIS NA 3 -54.78 24.99 5.22
C HIS NA 3 -53.91 24.81 3.98
N LYS NA 4 -54.52 24.93 2.82
CA LYS NA 4 -53.81 24.78 1.57
C LYS NA 4 -53.88 26.08 0.79
N THR NA 5 -52.98 26.18 -0.19
CA THR NA 5 -53.11 27.17 -1.24
C THR NA 5 -53.70 26.48 -2.46
N PHE NA 6 -54.23 27.30 -3.37
CA PHE NA 6 -54.95 26.78 -4.52
C PHE NA 6 -54.03 25.95 -5.41
N ARG NA 7 -52.78 26.38 -5.57
CA ARG NA 7 -51.88 25.66 -6.49
C ARG NA 7 -51.29 24.39 -5.87
N ILE NA 8 -51.15 24.31 -4.55
CA ILE NA 8 -50.76 23.00 -4.00
C ILE NA 8 -51.95 22.06 -4.02
N LYS NA 9 -53.18 22.60 -3.95
CA LYS NA 9 -54.35 21.76 -4.13
C LYS NA 9 -54.45 21.23 -5.56
N ARG NA 10 -54.13 22.08 -6.55
CA ARG NA 10 -54.06 21.64 -7.95
C ARG NA 10 -53.02 20.55 -8.16
N PHE NA 11 -51.84 20.72 -7.56
CA PHE NA 11 -50.77 19.73 -7.68
C PHE NA 11 -51.25 18.38 -7.15
N LEU NA 12 -51.78 18.37 -5.92
CA LEU NA 12 -52.25 17.12 -5.32
C LEU NA 12 -53.42 16.53 -6.08
N ALA NA 13 -54.27 17.39 -6.67
CA ALA NA 13 -55.37 16.94 -7.51
C ALA NA 13 -54.87 16.17 -8.71
N LYS NA 14 -53.87 16.72 -9.42
CA LYS NA 14 -53.28 16.04 -10.57
C LYS NA 14 -52.65 14.71 -10.16
N LYS NA 15 -51.91 14.70 -9.04
CA LYS NA 15 -51.23 13.48 -8.60
C LYS NA 15 -52.23 12.37 -8.26
N GLN NA 16 -53.30 12.71 -7.54
CA GLN NA 16 -54.28 11.67 -7.22
C GLN NA 16 -55.16 11.33 -8.40
N LYS NA 17 -55.28 12.21 -9.40
CA LYS NA 17 -56.00 11.82 -10.61
C LYS NA 17 -55.20 10.83 -11.44
N GLN NA 18 -53.88 10.94 -11.42
CA GLN NA 18 -53.08 10.04 -12.24
C GLN NA 18 -52.54 8.85 -11.45
N ASN NA 19 -52.81 8.77 -10.15
CA ASN NA 19 -52.54 7.55 -9.40
C ASN NA 19 -53.72 6.60 -9.62
N ARG NA 20 -53.71 5.92 -10.77
CA ARG NA 20 -54.87 5.13 -11.17
C ARG NA 20 -54.39 3.95 -12.00
N PRO NA 21 -55.05 2.78 -11.90
CA PRO NA 21 -54.62 1.63 -12.69
C PRO NA 21 -54.85 1.83 -14.19
N ILE NA 22 -54.15 1.01 -14.97
CA ILE NA 22 -54.22 1.03 -16.42
C ILE NA 22 -55.52 0.37 -16.87
N PRO NA 23 -56.20 0.86 -17.91
CA PRO NA 23 -57.38 0.17 -18.43
C PRO NA 23 -57.01 -1.18 -19.03
N GLN NA 24 -58.03 -2.01 -19.21
CA GLN NA 24 -57.77 -3.38 -19.61
C GLN NA 24 -57.81 -3.60 -21.11
N TRP NA 25 -58.39 -2.66 -21.87
CA TRP NA 25 -58.36 -2.76 -23.32
C TRP NA 25 -57.02 -2.33 -23.90
N ILE NA 26 -56.23 -1.58 -23.12
CA ILE NA 26 -54.86 -1.25 -23.50
C ILE NA 26 -54.05 -2.51 -23.74
N ARG NA 27 -54.25 -3.54 -22.91
CA ARG NA 27 -53.52 -4.78 -23.09
C ARG NA 27 -53.93 -5.50 -24.36
N MET NA 28 -55.17 -5.33 -24.79
CA MET NA 28 -55.63 -5.95 -26.03
C MET NA 28 -55.25 -5.15 -27.27
N LYS NA 29 -54.86 -3.88 -27.12
CA LYS NA 29 -54.31 -3.08 -28.22
C LYS NA 29 -53.12 -3.79 -28.89
N THR NA 30 -52.98 -3.56 -30.20
CA THR NA 30 -51.94 -4.25 -30.96
C THR NA 30 -50.58 -3.62 -30.71
N GLY NA 31 -49.60 -4.45 -30.38
CA GLY NA 31 -48.27 -3.99 -30.05
C GLY NA 31 -48.25 -3.19 -28.77
N ASN NA 32 -48.54 -3.83 -27.64
CA ASN NA 32 -48.78 -3.08 -26.41
C ASN NA 32 -47.53 -2.95 -25.57
N LYS NA 33 -46.97 -4.08 -25.15
CA LYS NA 33 -45.81 -4.23 -24.25
C LYS NA 33 -45.87 -3.30 -23.03
N ILE NA 34 -47.05 -3.28 -22.39
CA ILE NA 34 -47.26 -2.64 -21.09
C ILE NA 34 -48.32 -3.44 -20.36
N ARG NA 35 -47.96 -3.93 -19.16
CA ARG NA 35 -48.78 -4.87 -18.40
C ARG NA 35 -49.53 -4.21 -17.26
N TYR NA 36 -48.91 -3.26 -16.58
CA TYR NA 36 -49.53 -2.53 -15.49
C TYR NA 36 -48.93 -1.15 -15.44
N ASN NA 37 -49.63 -0.24 -14.75
CA ASN NA 37 -49.08 1.09 -14.48
C ASN NA 37 -47.88 0.94 -13.56
N SER NA 38 -46.69 1.24 -14.07
CA SER NA 38 -45.46 1.02 -13.34
C SER NA 38 -45.06 2.21 -12.49
N LYS NA 39 -45.80 3.31 -12.54
CA LYS NA 39 -45.42 4.48 -11.76
C LYS NA 39 -46.58 4.90 -10.88
N ARG NA 40 -47.14 3.92 -10.16
CA ARG NA 40 -48.18 4.19 -9.19
C ARG NA 40 -47.55 4.48 -7.85
N ARG NA 41 -48.11 5.45 -7.15
CA ARG NA 41 -47.55 5.98 -5.92
C ARG NA 41 -48.44 5.53 -4.78
N HIS NA 42 -47.83 5.08 -3.70
CA HIS NA 42 -48.55 4.79 -2.48
C HIS NA 42 -48.16 5.83 -1.44
N TRP NA 43 -49.16 6.38 -0.77
CA TRP NA 43 -48.95 7.50 0.14
C TRP NA 43 -48.07 7.15 1.32
N ARG NA 44 -48.03 5.88 1.72
CA ARG NA 44 -47.21 5.50 2.86
C ARG NA 44 -45.78 5.18 2.47
N ARG NA 45 -45.57 4.65 1.26
CA ARG NA 45 -44.24 4.20 0.85
C ARG NA 45 -43.40 5.30 0.23
N THR NA 46 -43.86 5.89 -0.87
CA THR NA 46 -43.08 6.91 -1.56
C THR NA 46 -43.83 8.23 -1.41
N LYS NA 47 -43.12 9.25 -0.92
CA LYS NA 47 -43.72 10.53 -0.64
C LYS NA 47 -43.52 11.49 -1.80
N LEU NA 48 -44.50 12.36 -2.00
CA LEU NA 48 -44.32 13.48 -2.92
C LEU NA 48 -43.24 14.39 -2.36
N GLY NA 49 -42.39 14.91 -3.26
CA GLY NA 49 -41.34 15.82 -2.84
C GLY NA 49 -41.90 17.10 -2.27
N LEU NA 50 -43.04 17.54 -2.80
CA LEU NA 50 -43.87 18.58 -2.22
C LEU NA 50 -44.17 18.31 -0.75
N ILE OA 1 25.61 -47.37 84.00
CA ILE OA 1 25.91 -48.57 84.78
C ILE OA 1 25.93 -49.72 83.77
N ILE OA 2 25.78 -49.33 82.50
CA ILE OA 2 25.83 -50.27 81.40
C ILE OA 2 27.25 -50.84 81.25
N GLU OA 3 27.34 -52.16 81.22
CA GLU OA 3 28.61 -52.89 81.27
C GLU OA 3 29.48 -52.52 80.07
N PRO OA 4 30.81 -52.39 80.27
CA PRO OA 4 31.66 -51.96 79.14
C PRO OA 4 31.72 -52.94 77.99
N SER OA 5 31.58 -54.24 78.25
CA SER OA 5 31.60 -55.22 77.17
C SER OA 5 30.38 -55.07 76.27
N LEU OA 6 29.19 -54.96 76.88
CA LEU OA 6 27.98 -54.71 76.12
C LEU OA 6 27.99 -53.34 75.47
N ARG OA 7 28.68 -52.38 76.11
CA ARG OA 7 28.77 -51.04 75.54
C ARG OA 7 29.62 -51.06 74.27
N GLN OA 8 30.72 -51.81 74.29
CA GLN OA 8 31.53 -51.92 73.08
C GLN OA 8 30.89 -52.81 72.03
N LEU OA 9 29.99 -53.72 72.42
CA LEU OA 9 29.19 -54.43 71.44
C LEU OA 9 28.25 -53.48 70.69
N ALA OA 10 27.45 -52.72 71.45
CA ALA OA 10 26.57 -51.73 70.84
C ALA OA 10 27.34 -50.66 70.07
N GLN OA 11 28.55 -50.31 70.52
CA GLN OA 11 29.35 -49.37 69.77
C GLN OA 11 29.91 -49.98 68.49
N LYS OA 12 30.21 -51.28 68.51
CA LYS OA 12 30.61 -51.97 67.28
C LYS OA 12 29.49 -51.97 66.26
N TYR OA 13 28.24 -52.03 66.71
CA TYR OA 13 27.14 -52.02 65.75
C TYR OA 13 26.61 -50.63 65.43
N ASN OA 14 26.92 -49.61 66.22
CA ASN OA 14 26.32 -48.30 66.03
C ASN OA 14 27.29 -47.14 65.88
N CYS OA 15 28.54 -47.26 66.29
CA CYS OA 15 29.42 -46.11 66.41
C CYS OA 15 30.72 -46.25 65.66
N ASP OA 16 31.23 -47.45 65.45
CA ASP OA 16 32.54 -47.62 64.81
C ASP OA 16 32.31 -47.81 63.34
N LYS OA 17 32.26 -46.69 62.61
CA LYS OA 17 31.94 -46.73 61.20
C LYS OA 17 32.58 -45.54 60.50
N MET OA 18 32.55 -45.59 59.19
CA MET OA 18 32.93 -44.47 58.36
C MET OA 18 31.70 -43.87 57.69
N ILE OA 19 31.75 -42.56 57.48
CA ILE OA 19 30.71 -41.84 56.78
C ILE OA 19 31.30 -41.32 55.48
N CYS OA 20 30.54 -41.45 54.41
CA CYS OA 20 30.94 -40.92 53.12
C CYS OA 20 30.69 -39.43 53.10
N ARG OA 21 31.73 -38.64 52.80
CA ARG OA 21 31.57 -37.19 52.84
C ARG OA 21 30.61 -36.67 51.77
N LYS OA 22 30.43 -37.40 50.67
CA LYS OA 22 29.57 -37.01 49.56
C LYS OA 22 28.11 -37.41 49.71
N CYS OA 23 27.80 -38.55 50.30
CA CYS OA 23 26.41 -38.95 50.39
C CYS OA 23 25.88 -39.13 51.80
N TYR OA 24 26.75 -39.45 52.77
CA TYR OA 24 26.54 -39.65 54.22
C TYR OA 24 26.25 -41.10 54.57
N ALA OA 25 26.65 -42.04 53.71
CA ALA OA 25 26.37 -43.43 53.97
C ALA OA 25 27.23 -43.99 55.10
N ARG OA 26 26.66 -44.93 55.83
CA ARG OA 26 27.26 -45.54 57.00
C ARG OA 26 28.01 -46.78 56.58
N LEU OA 27 29.34 -46.70 56.57
CA LEU OA 27 30.19 -47.74 56.01
C LEU OA 27 31.02 -48.38 57.10
N HIS OA 28 31.34 -49.66 56.89
CA HIS OA 28 32.17 -50.46 57.79
C HIS OA 28 33.54 -49.82 58.02
N PRO OA 29 34.12 -49.98 59.23
CA PRO OA 29 35.22 -49.09 59.64
C PRO OA 29 36.50 -49.22 58.82
N ARG OA 30 36.66 -50.29 58.04
CA ARG OA 30 37.84 -50.45 57.20
C ARG OA 30 37.56 -50.06 55.75
N ALA OA 31 36.52 -49.27 55.50
CA ALA OA 31 36.15 -48.89 54.15
C ALA OA 31 37.13 -47.90 53.57
N VAL OA 32 37.35 -48.01 52.27
CA VAL OA 32 38.16 -47.06 51.53
C VAL OA 32 37.34 -46.31 50.49
N ASN OA 33 36.40 -46.99 49.83
CA ASN OA 33 35.45 -46.40 48.91
C ASN OA 33 34.03 -46.65 49.41
N CYS OA 34 33.16 -45.68 49.15
CA CYS OA 34 31.75 -45.84 49.50
C CYS OA 34 31.06 -46.82 48.57
N ARG OA 35 30.08 -47.54 49.11
CA ARG OA 35 29.35 -48.56 48.37
C ARG OA 35 28.25 -48.02 47.46
N LYS OA 36 27.84 -46.76 47.63
CA LYS OA 36 26.66 -46.23 46.97
C LYS OA 36 26.97 -45.74 45.55
N LYS OA 37 26.13 -46.17 44.61
CA LYS OA 37 26.19 -45.70 43.23
C LYS OA 37 25.81 -44.21 43.13
N LYS OA 38 25.13 -43.68 44.16
CA LYS OA 38 24.71 -42.28 44.21
C LYS OA 38 25.90 -41.32 44.20
N CYS OA 39 26.90 -41.60 45.02
CA CYS OA 39 28.11 -40.80 45.08
C CYS OA 39 29.17 -41.24 44.08
N GLY OA 40 28.96 -42.30 43.31
CA GLY OA 40 29.97 -42.73 42.36
C GLY OA 40 31.10 -43.52 42.96
N HIS OA 41 30.85 -44.14 44.13
CA HIS OA 41 31.82 -44.95 44.87
C HIS OA 41 33.08 -44.16 45.19
N THR OA 42 32.90 -42.96 45.74
CA THR OA 42 34.01 -42.08 46.05
C THR OA 42 34.85 -42.61 47.22
N ASN OA 43 36.12 -42.23 47.23
CA ASN OA 43 37.01 -42.56 48.32
C ASN OA 43 37.19 -41.42 49.31
N ASN OA 44 36.24 -40.50 49.35
CA ASN OA 44 36.29 -39.34 50.23
C ASN OA 44 35.44 -39.66 51.44
N LEU OA 45 36.06 -40.26 52.46
CA LEU OA 45 35.37 -40.70 53.65
C LEU OA 45 36.00 -40.08 54.88
N ARG OA 46 35.23 -40.06 55.95
CA ARG OA 46 35.68 -39.59 57.26
C ARG OA 46 35.15 -40.58 58.26
N PRO OA 47 35.71 -40.64 59.46
CA PRO OA 47 35.12 -41.49 60.48
C PRO OA 47 33.83 -40.91 61.00
N LYS OA 48 33.07 -41.74 61.69
CA LYS OA 48 31.85 -41.29 62.34
C LYS OA 48 32.26 -40.68 63.67
N LYS OA 49 31.76 -39.48 63.94
CA LYS OA 49 32.13 -38.76 65.15
C LYS OA 49 31.59 -39.50 66.37
N LYS OA 50 32.24 -39.27 67.49
CA LYS OA 50 31.98 -40.00 68.71
C LYS OA 50 31.50 -39.03 69.79
N VAL OA 51 30.56 -39.50 70.62
CA VAL OA 51 30.07 -38.68 71.73
C VAL OA 51 31.10 -38.44 72.81
N LYS OA 52 32.23 -39.17 72.78
CA LYS OA 52 33.29 -39.11 73.79
C LYS OA 52 33.97 -37.75 73.89
N MET PA 1 14.99 48.06 76.53
CA MET PA 1 14.27 48.48 75.34
C MET PA 1 13.25 49.57 75.67
N ARG PA 2 13.03 50.44 74.69
CA ARG PA 2 11.97 51.44 74.78
C ARG PA 2 10.59 50.76 74.83
N ALA PA 3 9.74 51.27 75.73
CA ALA PA 3 8.46 50.64 76.03
C ALA PA 3 7.53 50.71 74.82
N LYS PA 4 7.70 51.74 73.98
CA LYS PA 4 6.93 51.84 72.74
C LYS PA 4 7.28 50.68 71.80
N TRP PA 5 8.57 50.35 71.68
CA TRP PA 5 8.93 49.18 70.89
C TRP PA 5 8.53 47.89 71.59
N ARG PA 6 8.44 47.88 72.92
CA ARG PA 6 7.88 46.69 73.57
C ARG PA 6 6.41 46.51 73.24
N LYS PA 7 5.64 47.60 73.20
CA LYS PA 7 4.25 47.54 72.77
C LYS PA 7 4.12 47.10 71.32
N LYS PA 8 5.01 47.57 70.43
CA LYS PA 8 4.99 47.16 69.03
C LYS PA 8 5.32 45.68 68.86
N ARG PA 9 6.38 45.22 69.54
CA ARG PA 9 6.77 43.82 69.55
C ARG PA 9 5.64 42.93 70.09
N MET PA 10 4.95 43.42 71.12
CA MET PA 10 3.85 42.67 71.73
C MET PA 10 2.68 42.58 70.76
N ARG PA 11 2.40 43.66 70.03
CA ARG PA 11 1.25 43.65 69.12
C ARG PA 11 1.53 42.75 67.90
N ARG PA 12 2.78 42.74 67.40
CA ARG PA 12 3.15 41.79 66.36
C ARG PA 12 3.04 40.35 66.84
N LEU PA 13 3.55 40.07 68.03
CA LEU PA 13 3.47 38.73 68.59
C LEU PA 13 2.04 38.30 68.81
N LYS PA 14 1.17 39.24 69.19
CA LYS PA 14 -0.22 38.94 69.48
C LYS PA 14 -0.97 38.64 68.20
N ARG PA 15 -0.73 39.40 67.13
CA ARG PA 15 -1.40 39.10 65.87
C ARG PA 15 -0.86 37.81 65.26
N LYS PA 16 0.42 37.48 65.51
CA LYS PA 16 0.94 36.20 65.04
C LYS PA 16 0.30 35.04 65.79
N ARG PA 17 0.12 35.19 67.11
CA ARG PA 17 -0.61 34.19 67.89
C ARG PA 17 -2.05 34.04 67.42
N ARG PA 18 -2.68 35.16 67.04
CA ARG PA 18 -4.04 35.11 66.52
C ARG PA 18 -4.10 34.35 65.21
N LYS PA 19 -3.11 34.56 64.34
CA LYS PA 19 -3.07 33.80 63.09
C LYS PA 19 -2.82 32.31 63.32
N MET PA 20 -2.00 31.98 64.33
CA MET PA 20 -1.76 30.60 64.70
C MET PA 20 -3.03 29.91 65.17
N ARG PA 21 -3.72 30.53 66.13
CA ARG PA 21 -4.98 29.97 66.62
C ARG PA 21 -6.07 29.99 65.57
N GLN PA 22 -6.00 30.89 64.59
CA GLN PA 22 -6.95 30.90 63.48
C GLN PA 22 -6.76 29.69 62.60
N ARG PA 23 -5.52 29.44 62.16
CA ARG PA 23 -5.30 28.29 61.29
C ARG PA 23 -5.43 26.97 62.04
N SER PA 24 -5.28 26.98 63.36
CA SER PA 24 -5.59 25.80 64.16
C SER PA 24 -7.08 25.67 64.45
N VAL QA 1 50.79 34.56 3.96
CA VAL QA 1 51.96 34.64 3.11
C VAL QA 1 52.36 36.07 2.87
N ASN QA 2 53.55 36.26 2.31
CA ASN QA 2 54.12 37.59 2.10
C ASN QA 2 54.80 37.57 0.74
N VAL QA 3 54.24 38.25 -0.24
CA VAL QA 3 54.90 38.27 -1.56
C VAL QA 3 55.41 39.69 -1.81
N PRO QA 4 56.55 39.85 -2.47
CA PRO QA 4 57.13 41.18 -2.66
C PRO QA 4 56.38 41.96 -3.73
N LYS QA 5 56.48 43.29 -3.63
CA LYS QA 5 55.73 44.18 -4.51
C LYS QA 5 56.25 44.20 -5.93
N THR QA 6 57.35 43.50 -6.24
CA THR QA 6 57.83 43.43 -7.60
C THR QA 6 58.45 42.06 -7.79
N ARG QA 7 58.37 41.56 -9.01
CA ARG QA 7 59.06 40.34 -9.37
C ARG QA 7 59.41 40.42 -10.85
N ARG QA 8 59.96 39.33 -11.40
CA ARG QA 8 60.44 39.32 -12.77
C ARG QA 8 59.93 38.04 -13.43
N THR QA 9 58.87 38.16 -14.21
CA THR QA 9 58.29 36.98 -14.86
C THR QA 9 58.02 37.26 -16.33
N PHE QA 10 57.42 36.26 -16.97
CA PHE QA 10 57.12 36.33 -18.39
C PHE QA 10 56.04 37.37 -18.66
N CYS QA 11 56.29 38.22 -19.65
CA CYS QA 11 55.30 39.15 -20.16
C CYS QA 11 54.94 38.69 -21.57
N LYS QA 12 53.67 38.34 -21.77
CA LYS QA 12 53.25 37.73 -23.03
C LYS QA 12 53.30 38.71 -24.19
N LYS QA 13 53.20 40.01 -23.94
CA LYS QA 13 53.20 40.98 -25.02
C LYS QA 13 54.56 41.07 -25.70
N CYS QA 14 55.64 41.13 -24.90
CA CYS QA 14 56.98 41.15 -25.47
C CYS QA 14 57.66 39.80 -25.50
N GLY QA 15 57.07 38.76 -24.90
CA GLY QA 15 57.57 37.40 -25.01
C GLY QA 15 58.92 37.19 -24.36
N LYS QA 16 59.04 37.62 -23.11
CA LYS QA 16 60.35 37.86 -22.51
C LYS QA 16 60.13 38.09 -21.03
N HIS QA 17 61.03 37.56 -20.20
CA HIS QA 17 60.99 37.91 -18.79
C HIS QA 17 61.28 39.39 -18.60
N GLN QA 18 60.47 40.00 -17.74
CA GLN QA 18 60.44 41.44 -17.53
C GLN QA 18 60.07 41.66 -16.07
N PRO QA 19 60.41 42.82 -15.52
CA PRO QA 19 59.89 43.17 -14.19
C PRO QA 19 58.44 43.57 -14.23
N HIS QA 20 57.71 43.06 -13.26
CA HIS QA 20 56.31 43.39 -13.05
C HIS QA 20 56.17 43.91 -11.64
N LYS QA 21 55.34 44.92 -11.48
CA LYS QA 21 54.91 45.37 -10.17
C LYS QA 21 53.62 44.63 -9.82
N VAL QA 22 53.48 44.29 -8.54
CA VAL QA 22 52.52 43.31 -8.08
C VAL QA 22 51.57 44.02 -7.14
N THR QA 23 50.30 44.03 -7.47
CA THR QA 23 49.25 44.50 -6.60
C THR QA 23 48.28 43.35 -6.36
N GLN QA 24 47.32 43.57 -5.49
CA GLN QA 24 46.32 42.55 -5.18
C GLN QA 24 45.03 42.87 -5.91
N TYR QA 25 44.48 41.86 -6.58
CA TYR QA 25 43.30 42.08 -7.40
C TYR QA 25 42.09 42.24 -6.49
N LYS QA 26 41.26 43.22 -6.81
CA LYS QA 26 40.02 43.45 -6.10
C LYS QA 26 38.90 43.30 -7.10
N LYS QA 27 37.85 42.58 -6.69
CA LYS QA 27 36.67 42.42 -7.53
C LYS QA 27 36.00 43.77 -7.78
N GLY QA 28 35.74 44.06 -9.06
CA GLY QA 28 35.08 45.27 -9.45
C GLY QA 28 33.61 45.29 -9.09
N LYS QA 29 33.00 46.46 -9.29
CA LYS QA 29 31.58 46.64 -8.98
C LYS QA 29 30.73 46.28 -10.19
N ASP QA 30 29.51 45.84 -9.91
CA ASP QA 30 28.65 45.25 -10.92
C ASP QA 30 28.14 46.32 -11.89
N SER QA 31 27.79 45.87 -13.09
CA SER QA 31 27.64 46.77 -14.23
C SER QA 31 26.24 47.34 -14.34
N LEU QA 32 25.24 46.58 -13.87
CA LEU QA 32 23.79 46.84 -13.86
C LEU QA 32 23.20 46.71 -15.26
N TYR QA 33 24.03 46.60 -16.27
CA TYR QA 33 23.62 46.38 -17.64
C TYR QA 33 24.26 45.15 -18.24
N ALA QA 34 25.02 44.40 -17.44
CA ALA QA 34 25.39 43.05 -17.80
C ALA QA 34 24.13 42.21 -18.03
N GLN QA 35 24.23 41.25 -18.96
CA GLN QA 35 23.04 40.54 -19.43
C GLN QA 35 22.38 39.70 -18.35
N GLY QA 36 23.17 39.12 -17.44
CA GLY QA 36 22.58 38.37 -16.35
C GLY QA 36 21.88 39.26 -15.35
N LYS QA 37 22.43 40.45 -15.11
CA LYS QA 37 21.77 41.40 -14.23
C LYS QA 37 20.49 41.93 -14.85
N ARG QA 38 20.51 42.16 -16.16
CA ARG QA 38 19.32 42.57 -16.89
C ARG QA 38 18.24 41.50 -16.82
N ARG QA 39 18.62 40.25 -17.06
CA ARG QA 39 17.70 39.12 -16.95
C ARG QA 39 17.19 38.96 -15.53
N TYR QA 40 18.06 39.21 -14.55
CA TYR QA 40 17.66 39.05 -13.16
C TYR QA 40 16.65 40.11 -12.74
N ASP QA 41 16.87 41.37 -13.17
CA ASP QA 41 15.89 42.43 -12.91
C ASP QA 41 14.58 42.16 -13.62
N ARG QA 42 14.66 41.70 -14.87
CA ARG QA 42 13.47 41.36 -15.65
C ARG QA 42 12.67 40.25 -14.95
N LYS QA 43 13.36 39.25 -14.43
CA LYS QA 43 12.72 38.15 -13.72
C LYS QA 43 12.18 38.61 -12.36
N GLN QA 44 12.87 39.54 -11.70
CA GLN QA 44 12.48 39.93 -10.36
C GLN QA 44 11.36 40.94 -10.36
N SER QA 45 11.08 41.58 -11.50
CA SER QA 45 10.01 42.55 -11.55
C SER QA 45 8.64 41.89 -11.39
N GLY QA 46 7.71 42.63 -10.82
CA GLY QA 46 6.38 42.12 -10.63
C GLY QA 46 6.27 41.24 -9.39
N TYR QA 47 5.24 40.42 -9.39
CA TYR QA 47 4.99 39.50 -8.29
C TYR QA 47 5.67 38.16 -8.56
N GLY QA 48 5.89 37.42 -7.48
CA GLY QA 48 6.53 36.13 -7.60
C GLY QA 48 7.60 35.91 -6.58
N GLY QA 49 8.03 36.97 -5.94
CA GLY QA 49 9.05 36.83 -4.93
C GLY QA 49 10.43 36.61 -5.51
N GLN QA 50 11.27 35.98 -4.71
CA GLN QA 50 12.63 35.67 -5.14
C GLN QA 50 12.60 34.54 -6.15
N THR QA 51 13.28 34.74 -7.28
CA THR QA 51 13.17 33.85 -8.41
C THR QA 51 14.46 33.11 -8.73
N LYS QA 52 15.56 33.47 -8.08
CA LYS QA 52 16.85 32.82 -8.18
C LYS QA 52 17.26 32.34 -6.80
N PRO QA 53 18.14 31.35 -6.69
CA PRO QA 53 18.64 30.97 -5.37
C PRO QA 53 19.46 32.07 -4.71
N ILE QA 54 19.43 32.08 -3.39
CA ILE QA 54 20.32 32.88 -2.56
C ILE QA 54 21.07 31.92 -1.67
N PHE QA 55 22.40 31.92 -1.77
CA PHE QA 55 23.23 30.80 -1.34
C PHE QA 55 23.14 30.48 0.15
N ARG QA 56 23.66 31.35 1.03
CA ARG QA 56 23.41 31.30 2.48
C ARG QA 56 23.91 30.02 3.14
N LYS QA 57 25.05 29.49 2.68
CA LYS QA 57 25.67 28.37 3.40
C LYS QA 57 27.08 28.70 3.87
N LYS QA 58 27.96 29.11 2.96
CA LYS QA 58 29.28 29.70 3.25
C LYS QA 58 30.16 28.76 4.08
N ALA QA 59 30.65 27.73 3.42
CA ALA QA 59 31.52 26.76 4.07
C ALA QA 59 32.97 27.18 4.11
N LYS QA 60 33.43 27.89 3.08
CA LYS QA 60 34.83 28.29 3.00
C LYS QA 60 35.11 29.41 4.00
N THR QA 61 36.38 29.54 4.38
CA THR QA 61 36.79 30.61 5.27
C THR QA 61 37.85 31.52 4.68
N THR QA 62 38.50 31.11 3.60
CA THR QA 62 39.51 31.91 2.91
C THR QA 62 39.08 32.10 1.46
N LYS QA 63 39.94 32.78 0.70
CA LYS QA 63 39.80 32.92 -0.74
C LYS QA 63 41.15 32.69 -1.38
N LYS QA 64 41.15 32.20 -2.62
CA LYS QA 64 42.36 32.24 -3.42
C LYS QA 64 42.71 33.69 -3.73
N ILE QA 65 43.98 34.02 -3.59
CA ILE QA 65 44.45 35.39 -3.69
C ILE QA 65 45.02 35.59 -5.09
N VAL QA 66 44.55 36.63 -5.77
CA VAL QA 66 44.93 36.93 -7.15
C VAL QA 66 45.87 38.13 -7.12
N LEU QA 67 47.00 38.00 -7.79
CA LEU QA 67 47.94 39.10 -7.95
C LEU QA 67 47.79 39.68 -9.35
N ARG QA 68 47.66 40.99 -9.41
CA ARG QA 68 47.73 41.73 -10.68
C ARG QA 68 49.19 42.12 -10.92
N LEU QA 69 49.78 41.56 -11.97
CA LEU QA 69 51.14 41.87 -12.37
C LEU QA 69 51.09 42.87 -13.52
N GLU QA 70 51.80 43.99 -13.38
CA GLU QA 70 51.88 44.94 -14.47
C GLU QA 70 53.32 45.04 -14.95
N CYS QA 71 53.52 44.88 -16.26
CA CYS QA 71 54.86 45.00 -16.83
C CYS QA 71 55.33 46.44 -16.73
N VAL QA 72 56.57 46.64 -16.24
CA VAL QA 72 57.05 48.00 -16.03
C VAL QA 72 57.53 48.70 -17.27
N GLU QA 73 57.49 48.06 -18.44
CA GLU QA 73 57.90 48.71 -19.68
C GLU QA 73 56.96 49.86 -20.05
N PRO QA 74 57.47 51.04 -20.39
CA PRO QA 74 56.59 52.20 -20.59
C PRO QA 74 55.73 52.11 -21.84
N ASN QA 75 56.13 51.34 -22.84
CA ASN QA 75 55.31 51.15 -24.03
C ASN QA 75 54.27 50.05 -23.81
N CYS QA 76 54.72 48.82 -23.54
CA CYS QA 76 53.85 47.70 -23.22
C CYS QA 76 53.71 47.60 -21.70
N ARG QA 77 52.57 48.04 -21.18
CA ARG QA 77 52.26 47.90 -19.76
C ARG QA 77 51.04 47.02 -19.56
N SER QA 78 51.03 45.86 -20.21
CA SER QA 78 49.94 44.90 -20.08
C SER QA 78 49.89 44.30 -18.67
N LYS QA 79 48.71 43.81 -18.32
CA LYS QA 79 48.45 43.25 -17.02
C LYS QA 79 48.22 41.75 -17.14
N ARG QA 80 48.26 41.07 -16.00
CA ARG QA 80 48.03 39.63 -15.99
C ARG QA 80 47.63 39.19 -14.59
N MET QA 81 46.55 38.43 -14.50
CA MET QA 81 46.15 37.82 -13.24
C MET QA 81 46.95 36.56 -12.95
N LEU QA 82 47.30 36.37 -11.69
CA LEU QA 82 48.06 35.19 -11.28
C LEU QA 82 47.62 34.83 -9.88
N ALA QA 83 47.23 33.57 -9.69
CA ALA QA 83 46.61 33.14 -8.45
C ALA QA 83 47.51 32.19 -7.68
N ILE QA 84 47.49 32.32 -6.35
CA ILE QA 84 48.19 31.41 -5.46
C ILE QA 84 47.17 30.68 -4.60
N LYS QA 85 47.66 29.84 -3.69
CA LYS QA 85 46.78 29.00 -2.89
C LYS QA 85 46.02 29.82 -1.84
N ARG QA 86 45.19 29.14 -1.06
CA ARG QA 86 44.45 29.79 0.01
C ARG QA 86 45.40 30.34 1.07
N CYS QA 87 45.00 31.45 1.67
CA CYS QA 87 45.73 32.02 2.79
C CYS QA 87 44.79 32.85 3.63
N LYS QA 88 44.92 32.72 4.96
CA LYS QA 88 44.14 33.56 5.85
C LYS QA 88 44.68 34.99 5.90
N HIS QA 89 45.98 35.14 6.13
CA HIS QA 89 46.62 36.46 6.24
C HIS QA 89 47.57 36.66 5.07
N PHE QA 90 47.24 37.59 4.18
CA PHE QA 90 48.05 37.92 3.03
C PHE QA 90 48.75 39.25 3.26
N GLU QA 91 50.03 39.30 2.86
CA GLU QA 91 50.88 40.48 2.97
C GLU QA 91 51.49 40.80 1.62
N LEU QA 92 51.51 42.07 1.25
CA LEU QA 92 52.06 42.49 -0.03
C LEU QA 92 53.33 43.29 0.20
N GLY QA 93 54.48 42.63 0.11
CA GLY QA 93 55.74 43.32 0.25
C GLY QA 93 56.10 43.69 1.68
N GLY QA 94 55.96 42.74 2.60
CA GLY QA 94 56.34 42.99 3.97
C GLY QA 94 57.86 42.98 4.15
N ASP QA 95 58.25 42.89 5.43
CA ASP QA 95 59.66 42.83 5.78
C ASP QA 95 60.16 41.40 5.68
N LYS QA 96 61.33 41.22 5.07
CA LYS QA 96 61.89 39.90 4.91
C LYS QA 96 62.40 39.37 6.25
N LYS QA 97 62.18 38.09 6.49
CA LYS QA 97 62.60 37.46 7.73
C LYS QA 97 64.07 37.08 7.64
N ARG QA 98 64.77 37.19 8.77
CA ARG QA 98 66.18 36.81 8.83
C ARG QA 98 66.40 35.78 9.92
N LYS QA 99 67.52 35.09 9.83
CA LYS QA 99 67.69 33.84 10.55
C LYS QA 99 68.55 33.98 11.80
N GLY QA 100 69.31 35.06 11.92
CA GLY QA 100 70.28 35.11 12.99
C GLY QA 100 69.92 36.02 14.13
N GLN QA 101 68.87 36.82 13.96
CA GLN QA 101 68.59 37.89 14.91
C GLN QA 101 68.01 37.32 16.20
N VAL QA 102 68.17 38.08 17.28
CA VAL QA 102 67.84 37.64 18.63
C VAL QA 102 66.32 37.68 18.79
N ILE QA 103 65.68 36.52 18.65
CA ILE QA 103 64.24 36.42 18.77
C ILE QA 103 63.91 35.29 19.74
N GLN QA 104 63.26 35.61 20.86
CA GLN QA 104 62.80 36.95 21.27
C GLN QA 104 63.02 37.00 22.79
N PHE QA 105 63.11 38.19 23.39
CA PHE QA 105 63.12 38.36 24.85
C PHE QA 105 61.85 37.77 25.48
N ALA RA 1 -41.17 41.62 66.19
CA ALA RA 1 -39.85 41.65 66.80
C ALA RA 1 -38.83 42.24 65.85
N LYS RA 2 -37.56 42.04 66.16
CA LYS RA 2 -36.45 42.49 65.31
C LYS RA 2 -35.82 41.25 64.70
N ARG RA 3 -35.94 41.13 63.37
CA ARG RA 3 -35.73 39.85 62.72
C ARG RA 3 -34.28 39.59 62.36
N THR RA 4 -33.56 40.61 61.90
CA THR RA 4 -32.12 40.49 61.65
C THR RA 4 -31.38 41.46 62.56
N LYS RA 5 -30.17 41.08 62.95
CA LYS RA 5 -29.36 41.95 63.78
C LYS RA 5 -28.75 43.10 62.98
N LYS RA 6 -28.17 42.80 61.82
CA LYS RA 6 -27.47 43.84 61.07
C LYS RA 6 -27.67 43.85 59.57
N VAL RA 7 -28.24 42.81 58.95
CA VAL RA 7 -28.29 42.77 57.49
C VAL RA 7 -29.39 43.68 56.95
N GLY RA 8 -30.59 43.62 57.52
CA GLY RA 8 -31.66 44.47 57.05
C GLY RA 8 -32.23 44.04 55.70
N ILE RA 9 -32.24 45.02 54.79
CA ILE RA 9 -32.91 44.90 53.49
C ILE RA 9 -32.28 43.83 52.61
N VAL RA 10 -30.98 43.60 52.74
CA VAL RA 10 -30.27 42.70 51.83
C VAL RA 10 -30.24 41.29 52.39
N GLY RA 11 -31.10 41.00 53.36
CA GLY RA 11 -31.33 39.62 53.75
C GLY RA 11 -31.99 38.77 52.69
N LYS RA 12 -32.50 39.38 51.63
CA LYS RA 12 -33.03 38.66 50.48
C LYS RA 12 -31.95 38.02 49.63
N TYR RA 13 -30.68 38.35 49.87
CA TYR RA 13 -29.59 37.83 49.08
C TYR RA 13 -28.93 36.63 49.73
N GLY RA 14 -29.45 36.15 50.86
CA GLY RA 14 -28.96 34.94 51.48
C GLY RA 14 -27.55 35.11 52.00
N THR RA 15 -26.69 34.14 51.69
CA THR RA 15 -25.28 34.21 52.04
C THR RA 15 -24.43 34.55 50.84
N ARG RA 16 -25.05 34.96 49.73
CA ARG RA 16 -24.35 35.16 48.48
C ARG RA 16 -23.73 36.55 48.41
N TYR RA 17 -22.77 36.67 47.50
CA TYR RA 17 -22.15 37.86 46.92
C TYR RA 17 -21.16 38.59 47.81
N GLY RA 18 -21.05 38.24 49.09
CA GLY RA 18 -20.03 38.90 49.89
C GLY RA 18 -20.53 40.07 50.71
N ALA RA 19 -20.00 40.16 51.94
CA ALA RA 19 -20.59 41.03 52.97
C ALA RA 19 -20.45 42.51 52.62
N SER RA 20 -19.30 42.91 52.07
CA SER RA 20 -19.09 44.33 51.79
C SER RA 20 -19.92 44.78 50.60
N LEU RA 21 -20.02 43.93 49.57
CA LEU RA 21 -20.91 44.20 48.45
C LEU RA 21 -22.36 44.28 48.92
N ARG RA 22 -22.74 43.43 49.87
CA ARG RA 22 -24.08 43.50 50.44
C ARG RA 22 -24.32 44.79 51.20
N LYS RA 23 -23.29 45.30 51.90
CA LYS RA 23 -23.46 46.56 52.64
C LYS RA 23 -23.64 47.75 51.69
N MET RA 24 -22.84 47.79 50.61
CA MET RA 24 -22.97 48.86 49.64
C MET RA 24 -24.33 48.82 48.94
N VAL RA 25 -24.75 47.62 48.53
CA VAL RA 25 -26.08 47.41 47.97
C VAL RA 25 -27.16 47.81 48.97
N LYS RA 26 -26.92 47.58 50.27
CA LYS RA 26 -27.92 47.88 51.30
C LYS RA 26 -28.19 49.37 51.39
N LYS RA 27 -27.12 50.17 51.46
CA LYS RA 27 -27.27 51.63 51.52
C LYS RA 27 -27.98 52.16 50.27
N ILE RA 28 -27.51 51.73 49.09
CA ILE RA 28 -28.09 52.19 47.82
C ILE RA 28 -29.52 51.73 47.67
N GLU RA 29 -29.87 50.59 48.25
CA GLU RA 29 -31.19 50.02 48.05
C GLU RA 29 -32.21 50.67 48.98
N ILE RA 30 -31.80 50.99 50.21
CA ILE RA 30 -32.63 51.81 51.10
C ILE RA 30 -32.95 53.15 50.44
N SER RA 31 -31.94 53.80 49.88
CA SER RA 31 -32.15 55.05 49.15
C SER RA 31 -33.11 54.88 47.96
N GLN RA 32 -32.85 53.85 47.14
CA GLN RA 32 -33.61 53.59 45.93
C GLN RA 32 -35.09 53.31 46.20
N HIS RA 33 -35.39 52.60 47.27
CA HIS RA 33 -36.77 52.26 47.55
C HIS RA 33 -37.42 53.16 48.59
N ALA RA 34 -36.72 54.17 49.07
CA ALA RA 34 -37.33 55.12 49.99
C ALA RA 34 -38.42 55.94 49.29
N LYS RA 35 -39.33 56.46 50.09
CA LYS RA 35 -40.33 57.41 49.63
C LYS RA 35 -39.96 58.80 50.11
N TYR RA 36 -39.88 59.73 49.18
CA TYR RA 36 -39.43 61.09 49.48
C TYR RA 36 -40.63 62.01 49.52
N THR RA 37 -40.48 63.13 50.20
CA THR RA 37 -41.55 64.12 50.22
C THR RA 37 -41.53 64.91 48.93
N CYS RA 38 -42.69 65.02 48.31
CA CYS RA 38 -42.81 65.76 47.06
C CYS RA 38 -42.71 67.25 47.34
N SER RA 39 -41.76 67.92 46.70
CA SER RA 39 -41.61 69.35 46.89
C SER RA 39 -42.78 70.13 46.29
N PHE RA 40 -43.49 69.55 45.34
CA PHE RA 40 -44.59 70.24 44.69
C PHE RA 40 -45.89 70.13 45.46
N CYS RA 41 -46.16 69.01 46.12
CA CYS RA 41 -47.43 68.82 46.80
C CYS RA 41 -47.32 68.61 48.30
N GLY RA 42 -46.15 68.21 48.81
CA GLY RA 42 -45.93 68.08 50.24
C GLY RA 42 -46.09 66.68 50.79
N LYS RA 43 -46.78 65.79 50.07
CA LYS RA 43 -46.96 64.43 50.56
C LYS RA 43 -45.74 63.57 50.22
N THR RA 44 -45.49 62.59 51.09
CA THR RA 44 -44.35 61.68 50.90
C THR RA 44 -44.76 60.51 50.01
N LYS RA 45 -44.93 60.84 48.71
CA LYS RA 45 -45.34 59.85 47.72
C LYS RA 45 -44.45 59.86 46.49
N MET RA 46 -43.26 60.45 46.58
CA MET RA 46 -42.31 60.49 45.47
C MET RA 46 -41.48 59.21 45.49
N LYS RA 47 -41.68 58.34 44.50
CA LYS RA 47 -40.95 57.09 44.41
C LYS RA 47 -40.41 56.90 43.00
N ARG RA 48 -39.47 55.98 42.87
CA ARG RA 48 -38.74 55.80 41.63
C ARG RA 48 -39.51 54.93 40.64
N ARG RA 49 -39.67 55.43 39.42
CA ARG RA 49 -40.20 54.57 38.35
C ARG RA 49 -39.10 53.72 37.73
N ALA RA 50 -38.16 54.36 37.06
CA ALA RA 50 -36.99 53.72 36.47
C ALA RA 50 -35.77 54.51 36.92
N VAL RA 51 -34.60 54.10 36.46
CA VAL RA 51 -33.36 54.77 36.87
C VAL RA 51 -33.34 56.19 36.31
N GLY RA 52 -33.32 57.17 37.21
CA GLY RA 52 -33.32 58.55 36.82
C GLY RA 52 -34.67 59.22 36.86
N ILE RA 53 -35.75 58.45 37.03
CA ILE RA 53 -37.11 58.98 36.93
C ILE RA 53 -37.80 58.79 38.27
N TRP RA 54 -38.29 59.89 38.82
CA TRP RA 54 -39.00 59.88 40.09
C TRP RA 54 -40.40 60.40 39.84
N HIS RA 55 -41.37 59.93 40.61
CA HIS RA 55 -42.75 60.24 40.31
C HIS RA 55 -43.54 60.34 41.60
N CYS RA 56 -44.33 61.39 41.69
CA CYS RA 56 -45.26 61.57 42.79
C CYS RA 56 -46.64 61.28 42.23
N GLY RA 57 -47.28 60.24 42.76
CA GLY RA 57 -48.61 59.84 42.36
C GLY RA 57 -49.73 60.69 42.89
N SER RA 58 -49.42 61.58 43.84
CA SER RA 58 -50.42 62.55 44.28
C SER RA 58 -50.65 63.62 43.22
N CYS RA 59 -49.64 64.43 42.94
CA CYS RA 59 -49.77 65.46 41.92
C CYS RA 59 -49.46 64.94 40.53
N MET RA 60 -49.17 63.64 40.42
CA MET RA 60 -48.90 62.93 39.16
C MET RA 60 -47.77 63.57 38.39
N LYS RA 61 -46.76 64.00 39.12
CA LYS RA 61 -45.66 64.77 38.56
C LYS RA 61 -44.38 63.96 38.61
N THR RA 62 -43.66 63.90 37.48
CA THR RA 62 -42.42 63.14 37.42
C THR RA 62 -41.24 64.07 37.15
N VAL RA 63 -40.12 63.73 37.78
CA VAL RA 63 -38.93 64.56 37.89
C VAL RA 63 -37.77 63.73 37.39
N ALA RA 64 -36.82 64.39 36.71
CA ALA RA 64 -35.56 63.76 36.36
C ALA RA 64 -34.59 63.94 37.50
N GLY RA 65 -34.30 62.86 38.22
CA GLY RA 65 -33.42 62.88 39.35
C GLY RA 65 -32.20 61.99 39.18
N GLY RA 66 -31.65 61.50 40.28
CA GLY RA 66 -30.50 60.63 40.25
C GLY RA 66 -30.89 59.18 40.07
N ALA RA 67 -29.89 58.31 40.17
CA ALA RA 67 -30.13 56.89 39.96
C ALA RA 67 -30.81 56.28 41.17
N TRP RA 68 -30.25 56.47 42.35
CA TRP RA 68 -30.75 55.85 43.56
C TRP RA 68 -31.32 56.84 44.55
N THR RA 69 -30.97 58.11 44.43
CA THR RA 69 -31.53 59.15 45.28
C THR RA 69 -32.33 60.11 44.42
N TYR RA 70 -33.28 60.79 45.04
CA TYR RA 70 -34.05 61.80 44.33
C TYR RA 70 -33.18 62.99 43.95
N ASN RA 71 -32.24 63.33 44.83
CA ASN RA 71 -31.31 64.43 44.61
C ASN RA 71 -29.89 63.89 44.69
N THR RA 72 -29.04 64.41 43.84
CA THR RA 72 -27.60 64.20 43.94
C THR RA 72 -26.94 65.48 44.41
N THR RA 73 -25.97 65.33 45.32
CA THR RA 73 -25.25 66.47 45.88
C THR RA 73 -24.57 67.29 44.80
N SER RA 74 -24.13 66.63 43.72
CA SER RA 74 -23.56 67.32 42.56
C SER RA 74 -24.61 68.22 41.93
N ALA RA 75 -25.85 67.73 41.79
CA ALA RA 75 -26.91 68.53 41.19
C ALA RA 75 -27.30 69.70 42.07
N VAL RA 76 -27.31 69.51 43.40
CA VAL RA 76 -27.53 70.63 44.32
C VAL RA 76 -26.47 71.70 44.15
N THR RA 77 -25.20 71.28 44.09
CA THR RA 77 -24.09 72.23 43.91
C THR RA 77 -24.21 72.97 42.58
N VAL RA 78 -24.61 72.27 41.52
CA VAL RA 78 -24.74 72.90 40.21
C VAL RA 78 -25.91 73.90 40.22
N LYS RA 79 -27.00 73.59 40.94
CA LYS RA 79 -28.11 74.53 41.05
C LYS RA 79 -27.71 75.80 41.78
N SER RA 80 -26.96 75.64 42.87
CA SER RA 80 -26.49 76.82 43.62
C SER RA 80 -25.49 77.63 42.80
N ALA RA 81 -24.62 76.94 42.05
CA ALA RA 81 -23.65 77.63 41.22
C ALA RA 81 -24.31 78.41 40.09
N ILE RA 82 -25.33 77.83 39.45
CA ILE RA 82 -26.04 78.52 38.38
C ILE RA 82 -26.80 79.72 38.93
N ARG RA 83 -27.38 79.57 40.12
CA ARG RA 83 -28.07 80.69 40.73
C ARG RA 83 -27.09 81.82 41.03
N ARG RA 84 -25.92 81.49 41.58
CA ARG RA 84 -24.93 82.52 41.86
C ARG RA 84 -24.43 83.19 40.59
N LEU RA 85 -24.24 82.41 39.51
CA LEU RA 85 -23.74 82.99 38.26
C LEU RA 85 -24.76 83.90 37.61
N LYS RA 86 -26.05 83.60 37.75
CA LYS RA 86 -27.04 84.53 37.21
C LYS RA 86 -27.16 85.79 38.07
N GLU RA 87 -27.15 85.64 39.41
CA GLU RA 87 -27.23 86.82 40.26
C GLU RA 87 -25.97 87.67 40.21
N LEU RA 88 -24.87 87.03 39.82
CA LEU RA 88 -23.60 87.68 39.51
C LEU RA 88 -23.63 88.45 38.18
N LYS RA 89 -24.21 87.81 37.16
CA LYS RA 89 -24.30 88.34 35.80
C LYS RA 89 -25.19 89.57 35.74
N ASP RA 90 -26.23 89.59 36.57
CA ASP RA 90 -26.90 90.87 36.78
C ASP RA 90 -26.29 91.60 37.97
N GLN RA 91 -26.56 92.90 38.03
CA GLN RA 91 -25.94 93.76 39.04
C GLN RA 91 -26.97 94.35 40.00
N SER SA 1 6.81 -19.64 -67.09
CA SER SA 1 7.79 -20.62 -66.63
C SER SA 1 7.26 -21.47 -65.50
N ALA SA 2 7.64 -22.75 -65.51
CA ALA SA 2 7.15 -23.70 -64.52
C ALA SA 2 7.62 -23.36 -63.10
N HIS SA 3 8.89 -23.01 -62.95
CA HIS SA 3 9.43 -22.73 -61.62
C HIS SA 3 8.88 -21.42 -61.07
N LEU SA 4 8.71 -20.42 -61.93
CA LEU SA 4 8.14 -19.15 -61.49
C LEU SA 4 6.67 -19.31 -61.12
N GLN SA 5 5.91 -20.02 -61.96
CA GLN SA 5 4.50 -20.23 -61.67
C GLN SA 5 4.32 -21.10 -60.45
N TRP SA 6 5.26 -22.01 -60.17
CA TRP SA 6 5.19 -22.80 -58.95
C TRP SA 6 5.48 -21.95 -57.72
N MET SA 7 6.47 -21.06 -57.82
CA MET SA 7 6.74 -20.13 -56.73
C MET SA 7 5.57 -19.18 -56.49
N VAL SA 8 4.71 -18.98 -57.49
CA VAL SA 8 3.49 -18.20 -57.27
C VAL SA 8 2.42 -19.06 -56.59
N VAL SA 9 2.03 -20.18 -57.20
CA VAL SA 9 0.86 -20.92 -56.73
C VAL SA 9 1.17 -21.97 -55.69
N ARG SA 10 2.40 -21.96 -55.16
CA ARG SA 10 2.89 -22.98 -54.24
C ARG SA 10 2.08 -23.03 -52.95
N ASN SA 11 1.59 -21.88 -52.48
CA ASN SA 11 0.82 -21.82 -51.26
C ASN SA 11 -0.51 -21.10 -51.42
N CYS SA 12 -0.75 -20.43 -52.55
CA CYS SA 12 -1.97 -19.67 -52.77
C CYS SA 12 -2.57 -20.16 -54.07
N SER SA 13 -3.58 -21.01 -53.98
CA SER SA 13 -4.27 -21.52 -55.17
C SER SA 13 -5.67 -21.97 -54.77
N SER SA 14 -6.60 -21.82 -55.71
CA SER SA 14 -7.96 -22.25 -55.44
C SER SA 14 -8.14 -23.76 -55.50
N PHE SA 15 -7.11 -24.49 -55.90
CA PHE SA 15 -7.14 -25.93 -55.88
C PHE SA 15 -6.51 -26.53 -54.63
N LEU SA 16 -5.94 -25.70 -53.78
CA LEU SA 16 -5.22 -26.19 -52.62
C LEU SA 16 -6.20 -26.55 -51.52
N ILE SA 17 -6.03 -27.74 -50.93
CA ILE SA 17 -6.81 -28.18 -49.79
C ILE SA 17 -5.83 -28.52 -48.68
N LYS SA 18 -5.75 -27.66 -47.67
CA LYS SA 18 -5.02 -27.97 -46.45
C LYS SA 18 -6.03 -28.28 -45.36
N ARG SA 19 -6.08 -29.54 -44.98
CA ARG SA 19 -6.87 -29.99 -43.85
C ARG SA 19 -5.88 -30.88 -43.11
N ASN SA 20 -6.40 -31.73 -42.23
CA ASN SA 20 -5.67 -32.15 -41.04
C ASN SA 20 -4.39 -32.93 -41.35
N LYS SA 21 -3.29 -32.16 -41.37
CA LYS SA 21 -1.88 -32.49 -41.59
C LYS SA 21 -1.56 -32.87 -43.02
N GLN SA 22 -2.52 -32.82 -43.94
CA GLN SA 22 -2.33 -33.26 -45.32
C GLN SA 22 -2.61 -32.10 -46.27
N THR SA 23 -2.09 -32.22 -47.50
CA THR SA 23 -2.20 -31.19 -48.55
C THR SA 23 -2.52 -31.88 -49.87
N TYR SA 24 -3.55 -31.37 -50.54
CA TYR SA 24 -4.03 -31.94 -51.78
C TYR SA 24 -4.25 -30.84 -52.80
N SER SA 25 -4.41 -31.26 -54.04
CA SER SA 25 -4.72 -30.37 -55.14
C SER SA 25 -5.86 -30.95 -55.95
N THR SA 26 -6.67 -30.07 -56.55
CA THR SA 26 -7.85 -30.50 -57.28
C THR SA 26 -7.89 -29.95 -58.70
N GLU SA 27 -6.75 -29.59 -59.28
CA GLU SA 27 -6.76 -29.16 -60.67
C GLU SA 27 -7.00 -30.37 -61.57
N PRO SA 28 -7.61 -30.18 -62.76
CA PRO SA 28 -8.16 -31.35 -63.48
C PRO SA 28 -7.13 -32.25 -64.15
N ASN SA 29 -5.84 -31.95 -64.10
CA ASN SA 29 -4.83 -32.79 -64.74
C ASN SA 29 -3.74 -33.17 -63.78
N ASN SA 30 -4.14 -33.65 -62.60
CA ASN SA 30 -3.25 -33.90 -61.47
C ASN SA 30 -3.37 -35.37 -61.09
N LEU SA 31 -2.51 -36.20 -61.66
CA LEU SA 31 -2.30 -37.53 -61.11
C LEU SA 31 -1.76 -37.40 -59.71
N LYS SA 32 -2.22 -38.32 -58.83
CA LYS SA 32 -1.88 -38.44 -57.39
C LYS SA 32 -2.47 -37.35 -56.52
N ALA SA 33 -2.98 -36.27 -57.13
CA ALA SA 33 -3.72 -35.17 -56.50
C ALA SA 33 -3.01 -34.59 -55.27
N ARG SA 34 -1.75 -34.22 -55.45
CA ARG SA 34 -0.96 -33.67 -54.37
C ARG SA 34 -0.31 -32.36 -54.78
N ASN SA 35 0.01 -31.55 -53.78
CA ASN SA 35 0.59 -30.23 -53.98
C ASN SA 35 2.08 -30.45 -54.16
N SER SA 36 2.50 -30.58 -55.41
CA SER SA 36 3.90 -30.83 -55.71
C SER SA 36 4.26 -30.13 -57.01
N PHE SA 37 5.56 -29.93 -57.21
CA PHE SA 37 6.01 -29.35 -58.47
C PHE SA 37 5.92 -30.38 -59.59
N ARG SA 38 6.16 -31.65 -59.28
CA ARG SA 38 6.12 -32.69 -60.27
C ARG SA 38 4.69 -32.97 -60.73
N TYR SA 39 3.78 -33.12 -59.79
CA TYR SA 39 2.38 -33.42 -60.07
C TYR SA 39 1.50 -32.18 -60.10
N ASN SA 40 1.86 -31.16 -60.85
CA ASN SA 40 1.02 -29.99 -60.99
C ASN SA 40 0.50 -29.97 -62.43
N GLY SA 41 -0.80 -29.77 -62.58
CA GLY SA 41 -1.40 -29.94 -63.88
C GLY SA 41 -1.48 -28.69 -64.72
N LEU SA 42 -1.00 -27.56 -64.21
CA LEU SA 42 -1.16 -26.29 -64.90
C LEU SA 42 0.14 -25.62 -65.28
N ILE SA 43 1.24 -25.91 -64.59
CA ILE SA 43 2.44 -25.09 -64.73
C ILE SA 43 3.46 -25.68 -65.67
N HIS SA 44 3.24 -26.87 -66.19
CA HIS SA 44 4.25 -27.53 -66.99
C HIS SA 44 3.96 -27.38 -68.48
N ARG SA 45 5.01 -27.51 -69.28
CA ARG SA 45 4.88 -27.48 -70.73
C ARG SA 45 4.17 -28.72 -71.23
N LYS SA 46 4.37 -29.86 -70.57
CA LYS SA 46 3.76 -31.13 -70.93
C LYS SA 46 3.06 -31.69 -69.71
N THR SA 47 1.79 -32.05 -69.85
CA THR SA 47 1.04 -32.67 -68.76
C THR SA 47 0.22 -33.83 -69.30
N VAL SA 48 0.13 -34.91 -68.53
CA VAL SA 48 -0.78 -36.02 -68.82
C VAL SA 48 -1.73 -36.22 -67.63
N GLY SA 49 -3.03 -36.33 -67.94
CA GLY SA 49 -4.02 -36.66 -66.94
C GLY SA 49 -4.95 -37.75 -67.45
N VAL SA 50 -5.56 -38.48 -66.53
CA VAL SA 50 -6.56 -39.50 -66.88
C VAL SA 50 -7.81 -39.30 -66.02
N GLU SA 51 -8.97 -39.51 -66.63
CA GLU SA 51 -10.27 -39.36 -65.98
C GLU SA 51 -11.14 -40.55 -66.36
N PRO SA 52 -12.25 -40.79 -65.66
CA PRO SA 52 -13.29 -41.66 -66.22
C PRO SA 52 -13.94 -41.03 -67.44
N ALA SA 53 -14.53 -41.86 -68.27
CA ALA SA 53 -15.17 -41.41 -69.50
C ALA SA 53 -16.51 -40.75 -69.20
N ALA SA 54 -17.12 -40.19 -70.26
CA ALA SA 54 -18.41 -39.51 -70.14
C ALA SA 54 -19.51 -40.48 -69.74
N ASP SA 55 -19.73 -41.49 -70.57
CA ASP SA 55 -20.45 -42.65 -70.09
C ASP SA 55 -19.58 -43.41 -69.09
N GLY SA 56 -20.19 -44.28 -68.31
CA GLY SA 56 -19.43 -44.92 -67.25
C GLY SA 56 -18.47 -46.02 -67.66
N LYS SA 57 -18.11 -46.08 -68.95
CA LYS SA 57 -17.25 -47.14 -69.48
C LYS SA 57 -16.04 -46.51 -70.13
N GLY SA 58 -14.86 -46.81 -69.62
CA GLY SA 58 -13.61 -46.43 -70.25
C GLY SA 58 -12.90 -45.31 -69.51
N VAL SA 59 -11.74 -44.93 -70.06
CA VAL SA 59 -10.84 -43.96 -69.44
C VAL SA 59 -10.42 -42.95 -70.50
N VAL SA 60 -10.56 -41.67 -70.19
CA VAL SA 60 -10.13 -40.61 -71.10
C VAL SA 60 -8.74 -40.14 -70.66
N VAL SA 61 -7.78 -40.22 -71.58
CA VAL SA 61 -6.43 -39.72 -71.36
C VAL SA 61 -6.28 -38.41 -72.09
N VAL SA 62 -5.92 -37.36 -71.35
CA VAL SA 62 -5.78 -36.03 -71.91
C VAL SA 62 -4.32 -35.59 -71.75
N ILE SA 63 -3.70 -35.24 -72.87
CA ILE SA 63 -2.32 -34.78 -72.87
C ILE SA 63 -2.32 -33.36 -73.40
N LYS SA 64 -1.31 -32.59 -72.99
CA LYS SA 64 -1.23 -31.19 -73.38
C LYS SA 64 -0.46 -31.05 -74.69
N ARG SA 65 -1.05 -30.34 -75.64
CA ARG SA 65 -0.42 -30.05 -76.92
C ARG SA 65 0.78 -29.13 -76.70
N ARG SA 66 1.75 -29.21 -77.60
CA ARG SA 66 2.96 -28.41 -77.50
C ARG SA 66 2.72 -26.97 -77.93
N SER SA 67 2.04 -26.77 -79.07
CA SER SA 67 2.04 -25.49 -79.76
C SER SA 67 1.17 -24.47 -79.04
N GLY SA 68 -0.14 -24.70 -78.97
CA GLY SA 68 -1.03 -23.67 -78.49
C GLY SA 68 -0.96 -23.49 -76.98
N GLN SA 69 0.15 -22.92 -76.50
CA GLN SA 69 0.44 -22.93 -75.08
C GLN SA 69 -0.28 -21.82 -74.34
N ARG SA 70 -0.73 -20.80 -75.06
CA ARG SA 70 -1.45 -19.69 -74.48
C ARG SA 70 -2.91 -19.69 -74.89
N LYS SA 71 -3.35 -20.70 -75.66
CA LYS SA 71 -4.73 -20.81 -76.11
C LYS SA 71 -5.35 -22.02 -75.45
N PRO SA 72 -6.02 -21.87 -74.30
CA PRO SA 72 -6.49 -23.04 -73.54
C PRO SA 72 -7.64 -23.81 -74.17
N ALA SA 73 -8.27 -23.29 -75.22
CA ALA SA 73 -9.34 -24.04 -75.89
C ALA SA 73 -8.79 -25.23 -76.64
N THR SA 74 -7.68 -25.06 -77.37
CA THR SA 74 -7.13 -26.08 -78.24
C THR SA 74 -5.95 -26.80 -77.61
N SER SA 75 -5.56 -26.40 -76.40
CA SER SA 75 -4.29 -26.81 -75.80
C SER SA 75 -4.31 -28.22 -75.25
N TYR SA 76 -5.46 -28.89 -75.22
CA TYR SA 76 -5.54 -30.24 -74.66
C TYR SA 76 -6.14 -31.17 -75.70
N VAL SA 77 -5.51 -32.33 -75.89
CA VAL SA 77 -6.07 -33.36 -76.76
C VAL SA 77 -6.35 -34.58 -75.91
N ARG SA 78 -7.61 -35.00 -75.93
CA ARG SA 78 -8.09 -36.08 -75.09
C ARG SA 78 -8.67 -37.19 -75.95
N THR SA 79 -8.43 -38.42 -75.51
CA THR SA 79 -8.90 -39.59 -76.24
C THR SA 79 -9.52 -40.55 -75.25
N THR SA 80 -10.67 -41.10 -75.60
CA THR SA 80 -11.29 -42.07 -74.73
C THR SA 80 -10.84 -43.45 -75.18
N ILE SA 81 -10.64 -44.33 -74.19
CA ILE SA 81 -10.20 -45.69 -74.42
C ILE SA 81 -11.19 -46.59 -73.68
N ASN SA 82 -11.87 -47.46 -74.40
CA ASN SA 82 -12.87 -48.33 -73.81
C ASN SA 82 -12.52 -49.78 -74.11
N LYS SA 83 -11.23 -50.10 -74.03
CA LYS SA 83 -10.78 -51.47 -74.21
C LYS SA 83 -10.92 -52.22 -72.88
N ASN SA 84 -10.33 -53.41 -72.82
CA ASN SA 84 -10.09 -54.10 -71.56
C ASN SA 84 -8.86 -53.56 -70.83
N ALA SA 85 -8.61 -54.13 -69.65
CA ALA SA 85 -7.74 -53.49 -68.66
C ALA SA 85 -6.28 -53.55 -69.08
N ARG SA 86 -5.80 -54.73 -69.48
CA ARG SA 86 -4.39 -54.90 -69.82
C ARG SA 86 -4.03 -54.09 -71.05
N ALA SA 87 -4.95 -54.00 -72.01
CA ALA SA 87 -4.67 -53.24 -73.22
C ALA SA 87 -4.71 -51.74 -72.94
N THR SA 88 -5.60 -51.29 -72.03
CA THR SA 88 -5.58 -49.85 -71.76
C THR SA 88 -4.36 -49.43 -70.97
N LEU SA 89 -3.88 -50.30 -70.07
CA LEU SA 89 -2.62 -49.99 -69.39
C LEU SA 89 -1.44 -50.03 -70.35
N SER SA 90 -1.43 -51.00 -71.27
CA SER SA 90 -0.38 -51.08 -72.27
C SER SA 90 -0.41 -49.91 -73.23
N SER SA 91 -1.60 -49.42 -73.57
CA SER SA 91 -1.71 -48.31 -74.52
C SER SA 91 -1.26 -47.01 -73.90
N ILE SA 92 -1.64 -46.73 -72.65
CA ILE SA 92 -1.18 -45.48 -72.06
C ILE SA 92 0.31 -45.56 -71.73
N ARG SA 93 0.82 -46.76 -71.41
CA ARG SA 93 2.25 -46.91 -71.20
C ARG SA 93 3.02 -46.69 -72.50
N HIS SA 94 2.52 -47.25 -73.61
CA HIS SA 94 3.13 -47.04 -74.92
C HIS SA 94 3.07 -45.58 -75.32
N MET SA 95 1.95 -44.91 -75.04
CA MET SA 95 1.78 -43.50 -75.34
C MET SA 95 2.84 -42.65 -74.65
N ILE SA 96 2.92 -42.76 -73.32
CA ILE SA 96 3.89 -41.99 -72.54
C ILE SA 96 5.32 -42.35 -72.92
N ARG SA 97 5.68 -43.64 -72.87
CA ARG SA 97 7.07 -44.04 -73.06
C ARG SA 97 7.55 -43.84 -74.49
N LYS SA 98 6.75 -44.25 -75.48
CA LYS SA 98 7.18 -44.15 -76.86
C LYS SA 98 7.09 -42.72 -77.39
N ASN SA 99 6.19 -41.88 -76.83
CA ASN SA 99 6.25 -40.49 -77.22
C ASN SA 99 7.33 -39.74 -76.46
N LYS SA 100 7.85 -40.34 -75.38
CA LYS SA 100 8.77 -39.71 -74.42
C LYS SA 100 8.15 -38.43 -73.87
N TYR SA 101 6.85 -38.47 -73.62
CA TYR SA 101 6.09 -37.33 -73.16
C TYR SA 101 6.03 -37.39 -71.65
N ARG SA 102 7.01 -36.74 -71.01
CA ARG SA 102 7.17 -36.61 -69.57
C ARG SA 102 7.18 -37.97 -68.87
N PRO SA 103 8.26 -38.75 -69.02
CA PRO SA 103 8.19 -40.16 -68.63
C PRO SA 103 8.54 -40.42 -67.18
N ASP SA 104 8.11 -39.53 -66.28
CA ASP SA 104 8.20 -39.76 -64.85
C ASP SA 104 6.83 -39.84 -64.20
N LEU SA 105 5.79 -39.45 -64.91
CA LEU SA 105 4.42 -39.66 -64.47
C LEU SA 105 3.83 -40.94 -65.00
N ARG SA 106 4.67 -41.82 -65.56
CA ARG SA 106 4.19 -43.04 -66.21
C ARG SA 106 3.52 -43.98 -65.22
N MET SA 107 4.22 -44.30 -64.13
CA MET SA 107 3.67 -45.23 -63.16
C MET SA 107 2.52 -44.62 -62.39
N ALA SA 108 2.54 -43.30 -62.19
CA ALA SA 108 1.42 -42.65 -61.51
C ALA SA 108 0.17 -42.68 -62.36
N ALA SA 109 0.31 -42.46 -63.67
CA ALA SA 109 -0.81 -42.61 -64.59
C ALA SA 109 -1.29 -44.05 -64.65
N ILE SA 110 -0.37 -45.01 -64.50
CA ILE SA 110 -0.74 -46.42 -64.47
C ILE SA 110 -1.61 -46.74 -63.26
N ARG SA 111 -1.18 -46.26 -62.07
CA ARG SA 111 -1.97 -46.48 -60.85
C ARG SA 111 -3.33 -45.83 -60.94
N ARG SA 112 -3.38 -44.62 -61.52
CA ARG SA 112 -4.64 -43.89 -61.60
C ARG SA 112 -5.59 -44.56 -62.58
N ALA SA 113 -5.06 -45.06 -63.71
CA ALA SA 113 -5.89 -45.75 -64.68
C ALA SA 113 -6.44 -47.05 -64.10
N SER SA 114 -5.62 -47.79 -63.35
CA SER SA 114 -6.12 -49.03 -62.78
C SER SA 114 -7.15 -48.77 -61.68
N ALA SA 115 -7.01 -47.68 -60.93
CA ALA SA 115 -8.01 -47.33 -59.93
C ALA SA 115 -9.34 -46.91 -60.58
N ILE SA 116 -9.26 -46.13 -61.66
CA ILE SA 116 -10.47 -45.70 -62.38
C ILE SA 116 -11.17 -46.90 -63.01
N LEU SA 117 -10.40 -47.84 -63.57
CA LEU SA 117 -11.00 -49.03 -64.17
C LEU SA 117 -11.68 -49.91 -63.13
N ARG SA 118 -11.01 -50.13 -61.99
CA ARG SA 118 -11.57 -50.96 -60.95
C ARG SA 118 -12.82 -50.32 -60.35
N SER SA 119 -12.86 -48.99 -60.29
CA SER SA 119 -14.08 -48.33 -59.84
C SER SA 119 -15.19 -48.38 -60.88
N GLN SA 120 -14.81 -48.39 -62.17
CA GLN SA 120 -15.82 -48.44 -63.21
C GLN SA 120 -16.48 -49.80 -63.34
N LYS SA 121 -15.73 -50.87 -63.04
CA LYS SA 121 -16.27 -52.20 -63.22
C LYS SA 121 -17.35 -52.46 -62.16
N PRO SA 122 -18.35 -53.30 -62.47
CA PRO SA 122 -19.53 -53.40 -61.60
C PRO SA 122 -19.22 -54.02 -60.25
N VAL SA 123 -20.00 -53.61 -59.25
CA VAL SA 123 -19.75 -54.01 -57.87
C VAL SA 123 -20.36 -55.37 -57.62
N MET SA 124 -19.64 -56.22 -56.91
CA MET SA 124 -20.12 -57.53 -56.50
C MET SA 124 -20.65 -57.49 -55.08
N VAL SA 125 -21.59 -58.39 -54.79
CA VAL SA 125 -22.27 -58.40 -53.51
C VAL SA 125 -21.61 -59.38 -52.56
N MET TA 1 42.98 92.98 -10.90
CA MET TA 1 41.94 92.32 -11.67
C MET TA 1 42.30 92.28 -13.16
N SER TA 2 42.13 93.42 -13.81
CA SER TA 2 42.31 93.56 -15.24
C SER TA 2 42.80 94.99 -15.50
N SER TA 3 42.63 95.47 -16.73
CA SER TA 3 42.99 96.84 -17.04
C SER TA 3 41.87 97.79 -16.57
N LYS TA 4 41.93 99.04 -17.06
CA LYS TA 4 40.99 100.08 -16.64
C LYS TA 4 39.70 100.02 -17.44
N VAL TA 5 39.78 99.69 -18.73
CA VAL TA 5 38.59 99.72 -19.57
C VAL TA 5 37.68 98.52 -19.30
N SER TA 6 38.27 97.31 -19.23
CA SER TA 6 37.62 96.07 -18.79
C SER TA 6 36.39 95.73 -19.63
N ARG TA 7 36.52 95.85 -20.95
CA ARG TA 7 35.42 95.47 -21.84
C ARG TA 7 35.99 94.76 -23.05
N ASP TA 8 35.17 93.87 -23.61
CA ASP TA 8 35.41 93.09 -24.81
C ASP TA 8 34.06 92.72 -25.41
N THR TA 9 33.94 92.88 -26.73
CA THR TA 9 32.75 92.50 -27.47
C THR TA 9 33.03 91.37 -28.45
N LEU TA 10 34.25 90.84 -28.48
CA LEU TA 10 34.61 89.77 -29.41
C LEU TA 10 34.69 88.43 -28.70
N TYR TA 11 34.69 87.35 -29.47
CA TYR TA 11 34.87 86.01 -28.91
C TYR TA 11 36.35 85.63 -28.82
N GLU TA 12 37.17 86.20 -29.72
CA GLU TA 12 38.63 86.03 -29.79
C GLU TA 12 39.05 84.56 -29.90
N ALA TA 13 38.61 83.92 -30.98
CA ALA TA 13 38.67 82.46 -31.08
C ALA TA 13 40.11 81.97 -31.31
N VAL TA 14 40.25 80.66 -31.49
CA VAL TA 14 41.53 80.09 -31.86
C VAL TA 14 41.83 80.32 -33.34
N ARG TA 15 40.83 80.65 -34.16
CA ARG TA 15 41.04 81.10 -35.53
C ARG TA 15 41.03 82.63 -35.54
N GLU TA 16 41.94 83.17 -34.73
CA GLU TA 16 42.10 84.60 -34.49
C GLU TA 16 43.43 84.83 -33.80
N VAL TA 17 44.24 85.79 -34.26
CA VAL TA 17 45.28 86.34 -33.41
C VAL TA 17 45.05 87.83 -33.23
N LEU TA 18 45.17 88.62 -34.32
CA LEU TA 18 44.57 89.94 -34.59
C LEU TA 18 44.41 90.88 -33.39
N HIS TA 19 45.39 90.92 -32.51
CA HIS TA 19 45.29 91.71 -31.29
C HIS TA 19 46.69 92.08 -30.82
N GLY TA 20 46.88 93.36 -30.57
CA GLY TA 20 48.15 93.90 -30.14
C GLY TA 20 48.74 94.81 -31.20
N ASN TA 21 48.47 96.10 -31.04
CA ASN TA 21 49.09 97.15 -31.85
C ASN TA 21 49.51 98.36 -31.04
N GLN TA 22 49.04 98.50 -29.80
CA GLN TA 22 49.41 99.58 -28.90
C GLN TA 22 49.73 99.02 -27.53
N ARG TA 23 50.32 97.82 -27.48
CA ARG TA 23 50.68 97.21 -26.21
C ARG TA 23 51.74 98.02 -25.48
N LYS TA 24 52.59 98.73 -26.21
CA LYS TA 24 53.52 99.69 -25.63
C LYS TA 24 52.76 100.97 -25.30
N ARG TA 25 52.00 100.91 -24.20
CA ARG TA 25 51.13 102.01 -23.84
C ARG TA 25 51.93 103.16 -23.25
N ARG TA 26 52.78 102.87 -22.27
CA ARG TA 26 53.64 103.87 -21.68
C ARG TA 26 54.99 103.88 -22.40
N LYS TA 27 55.96 104.60 -21.82
CA LYS TA 27 57.28 104.74 -22.43
C LYS TA 27 58.15 103.49 -22.28
N PHE TA 28 57.89 102.65 -21.28
CA PHE TA 28 58.75 101.50 -21.03
C PHE TA 28 58.37 100.34 -21.93
N LEU TA 29 59.07 99.22 -21.80
CA LEU TA 29 58.81 98.01 -22.57
C LEU TA 29 58.06 97.00 -21.71
N GLU TA 30 56.85 96.62 -22.16
CA GLU TA 30 55.94 95.82 -21.34
C GLU TA 30 56.41 94.37 -21.23
N THR TA 31 56.39 93.84 -20.01
CA THR TA 31 56.78 92.45 -19.74
C THR TA 31 55.62 91.54 -20.13
N VAL TA 32 55.55 91.22 -21.43
CA VAL TA 32 54.46 90.40 -21.95
C VAL TA 32 54.55 88.98 -21.37
N GLU TA 33 53.41 88.43 -21.00
CA GLU TA 33 53.32 87.14 -20.35
C GLU TA 33 52.58 86.14 -21.24
N LEU TA 34 52.74 84.87 -20.89
CA LEU TA 34 51.96 83.79 -21.46
C LEU TA 34 51.66 82.78 -20.36
N GLN TA 35 50.42 82.28 -20.33
CA GLN TA 35 49.94 81.44 -19.25
C GLN TA 35 49.20 80.25 -19.84
N ILE TA 36 48.78 79.35 -18.97
CA ILE TA 36 47.89 78.26 -19.29
C ILE TA 36 46.68 78.32 -18.35
N SER TA 37 45.57 77.76 -18.82
CA SER TA 37 44.27 77.92 -18.14
C SER TA 37 43.64 76.57 -17.86
N LEU TA 38 44.43 75.67 -17.29
CA LEU TA 38 43.98 74.32 -16.97
C LEU TA 38 42.97 74.38 -15.81
N LYS TA 39 41.70 74.12 -16.11
CA LYS TA 39 40.66 74.21 -15.09
C LYS TA 39 40.45 72.84 -14.46
N ASN TA 40 39.35 72.69 -13.71
CA ASN TA 40 38.77 71.39 -13.28
C ASN TA 40 39.75 70.50 -12.51
N TYR TA 41 40.73 71.07 -11.81
CA TYR TA 41 41.79 70.29 -11.18
C TYR TA 41 41.38 69.86 -9.79
N ASP TA 42 41.73 68.63 -9.43
CA ASP TA 42 41.55 68.12 -8.08
C ASP TA 42 42.83 68.35 -7.28
N PRO TA 43 42.79 69.10 -6.19
CA PRO TA 43 44.02 69.36 -5.43
C PRO TA 43 44.65 68.13 -4.77
N GLN TA 44 43.87 67.10 -4.43
CA GLN TA 44 44.43 65.90 -3.82
C GLN TA 44 44.75 64.81 -4.86
N LYS TA 45 45.48 65.18 -5.91
CA LYS TA 45 46.04 64.21 -6.84
C LYS TA 45 47.31 64.78 -7.44
N ASP TA 46 48.06 63.92 -8.15
CA ASP TA 46 49.35 64.24 -8.75
C ASP TA 46 49.26 64.18 -10.28
N LYS TA 47 49.91 65.15 -10.93
CA LYS TA 47 49.94 65.22 -12.39
C LYS TA 47 51.36 65.60 -12.84
N ARG TA 48 51.66 65.27 -14.08
CA ARG TA 48 53.02 65.16 -14.60
C ARG TA 48 53.05 65.82 -15.98
N PHE TA 49 54.08 65.46 -16.77
CA PHE TA 49 54.33 65.95 -18.13
C PHE TA 49 54.52 67.47 -18.13
N SER TA 50 55.64 67.87 -17.51
CA SER TA 50 56.11 69.27 -17.59
C SER TA 50 56.30 69.70 -19.04
N GLY TA 51 55.94 70.96 -19.32
CA GLY TA 51 56.09 71.53 -20.64
C GLY TA 51 57.34 72.37 -20.75
N THR TA 52 58.11 72.13 -21.81
CA THR TA 52 59.33 72.89 -22.08
C THR TA 52 59.46 73.04 -23.60
N VAL TA 53 59.08 74.21 -24.11
CA VAL TA 53 59.05 74.48 -25.54
C VAL TA 53 60.04 75.58 -25.85
N ARG TA 54 60.34 75.74 -27.14
CA ARG TA 54 61.09 76.89 -27.65
C ARG TA 54 60.12 77.95 -28.13
N LEU TA 55 60.04 79.05 -27.40
CA LEU TA 55 59.08 80.12 -27.66
C LEU TA 55 59.84 81.31 -28.25
N LYS TA 56 59.76 81.47 -29.57
CA LYS TA 56 60.57 82.44 -30.30
C LYS TA 56 60.05 83.86 -30.04
N SER TA 57 60.73 84.60 -29.18
CA SER TA 57 60.32 85.96 -28.87
C SER TA 57 61.44 87.00 -28.94
N THR TA 58 62.71 86.59 -28.79
CA THR TA 58 63.92 87.40 -28.66
C THR TA 58 63.76 88.51 -27.62
N PRO TA 59 63.68 88.17 -26.34
CA PRO TA 59 63.32 89.14 -25.31
C PRO TA 59 64.52 89.83 -24.66
N ARG TA 60 64.22 90.91 -23.93
CA ARG TA 60 65.19 91.62 -23.11
C ARG TA 60 65.48 90.97 -21.74
N PRO TA 61 64.44 90.53 -20.92
CA PRO TA 61 64.79 89.77 -19.71
C PRO TA 61 65.28 88.37 -20.04
N LYS TA 62 66.58 88.12 -19.93
CA LYS TA 62 67.18 86.91 -20.48
C LYS TA 62 68.28 86.36 -19.60
N PHE TA 63 68.12 85.09 -19.25
CA PHE TA 63 69.15 84.35 -18.57
C PHE TA 63 69.90 83.52 -19.62
N SER TA 64 70.79 82.65 -19.17
CA SER TA 64 71.58 81.83 -20.07
C SER TA 64 71.82 80.46 -19.45
N VAL TA 65 72.33 79.54 -20.26
CA VAL TA 65 72.63 78.17 -19.83
C VAL TA 65 74.09 77.95 -20.23
N CYS TA 66 75.00 78.22 -19.29
CA CYS TA 66 76.43 78.25 -19.60
C CYS TA 66 77.27 77.43 -18.64
N VAL TA 67 76.72 77.13 -17.46
CA VAL TA 67 77.43 76.34 -16.46
C VAL TA 67 77.05 74.86 -16.56
N LEU TA 68 78.05 73.97 -16.50
CA LEU TA 68 79.45 74.34 -16.69
C LEU TA 68 80.13 73.71 -17.91
N GLY TA 69 79.56 72.62 -18.44
CA GLY TA 69 80.17 71.97 -19.58
C GLY TA 69 81.68 71.79 -19.46
N ASP TA 70 82.12 70.94 -18.51
CA ASP TA 70 83.51 70.88 -18.06
C ASP TA 70 84.39 70.16 -19.08
N GLN TA 71 84.95 70.97 -19.99
CA GLN TA 71 85.93 70.53 -21.00
C GLN TA 71 85.43 69.39 -21.88
N GLN TA 72 84.15 69.43 -22.31
CA GLN TA 72 83.69 68.43 -23.27
C GLN TA 72 83.22 69.03 -24.60
N HIS TA 73 82.27 69.97 -24.60
CA HIS TA 73 81.85 70.69 -25.81
C HIS TA 73 82.48 72.08 -25.88
N CYS TA 74 83.80 72.07 -26.05
CA CYS TA 74 84.54 73.33 -26.18
C CYS TA 74 84.22 74.03 -27.50
N ASP TA 75 84.03 73.25 -28.57
CA ASP TA 75 83.67 73.81 -29.88
C ASP TA 75 82.29 74.45 -29.87
N GLU TA 76 81.37 73.95 -29.05
CA GLU TA 76 80.05 74.54 -28.89
C GLU TA 76 80.06 75.67 -27.87
N ALA TA 77 81.01 75.64 -26.92
CA ALA TA 77 81.09 76.64 -25.85
C ALA TA 77 81.84 77.90 -26.27
N LYS TA 78 82.84 77.81 -27.15
CA LYS TA 78 83.58 79.01 -27.54
C LYS TA 78 82.94 79.79 -28.68
N ALA TA 79 81.86 79.29 -29.28
CA ALA TA 79 81.09 80.11 -30.20
C ALA TA 79 80.36 81.23 -29.46
N VAL TA 80 79.76 80.91 -28.32
CA VAL TA 80 79.16 81.91 -27.44
C VAL TA 80 80.14 82.47 -26.41
N ASP TA 81 81.33 81.86 -26.24
CA ASP TA 81 82.44 82.36 -25.41
C ASP TA 81 82.02 82.48 -23.94
N ILE TA 82 81.76 81.33 -23.34
CA ILE TA 82 81.39 81.25 -21.92
C ILE TA 82 82.59 81.56 -21.02
N PRO TA 83 82.38 81.97 -19.78
CA PRO TA 83 83.44 81.84 -18.78
C PRO TA 83 83.63 80.36 -18.48
N HIS TA 84 84.73 79.78 -18.94
CA HIS TA 84 84.97 78.35 -18.79
C HIS TA 84 85.85 78.13 -17.57
N MET TA 85 85.28 77.50 -16.52
CA MET TA 85 85.97 77.38 -15.25
C MET TA 85 85.97 75.94 -14.74
N ASP TA 86 86.37 75.73 -13.48
CA ASP TA 86 86.56 74.40 -12.90
C ASP TA 86 85.61 74.26 -11.69
N ILE TA 87 85.76 73.15 -10.95
CA ILE TA 87 84.83 72.82 -9.88
C ILE TA 87 85.08 73.72 -8.66
N GLU TA 88 86.33 74.13 -8.45
CA GLU TA 88 86.65 75.07 -7.37
C GLU TA 88 86.11 76.46 -7.67
N ALA TA 89 86.15 76.86 -8.94
CA ALA TA 89 85.50 78.10 -9.32
C ALA TA 89 83.98 77.96 -9.33
N LEU TA 90 83.44 76.74 -9.38
CA LEU TA 90 82.00 76.59 -9.15
C LEU TA 90 81.65 76.71 -7.68
N LYS TA 91 82.53 76.25 -6.80
CA LYS TA 91 82.42 76.62 -5.39
C LYS TA 91 82.44 78.13 -5.20
N LYS TA 92 83.29 78.86 -5.95
CA LYS TA 92 83.24 80.32 -5.89
C LYS TA 92 81.90 80.86 -6.39
N LEU TA 93 81.46 80.36 -7.55
CA LEU TA 93 80.24 80.82 -8.19
C LEU TA 93 78.99 80.60 -7.38
N ASN TA 94 78.91 79.45 -6.72
CA ASN TA 94 77.74 79.14 -5.92
C ASN TA 94 77.67 80.05 -4.69
N LYS TA 95 76.58 79.95 -3.94
CA LYS TA 95 76.36 80.89 -2.85
C LYS TA 95 76.88 80.40 -1.50
N ASN TA 96 77.94 79.58 -1.49
CA ASN TA 96 78.62 79.29 -0.24
C ASN TA 96 79.54 80.43 0.18
N LYS TA 97 80.11 81.15 -0.78
CA LYS TA 97 81.02 82.25 -0.49
C LYS TA 97 80.27 83.56 -0.27
N LYS TA 98 81.03 84.59 0.08
CA LYS TA 98 80.52 85.94 0.36
C LYS TA 98 81.42 87.00 -0.28
N LEU TA 99 81.70 86.85 -1.58
CA LEU TA 99 82.70 87.68 -2.24
C LEU TA 99 82.14 89.01 -2.76
N VAL TA 100 81.21 88.98 -3.69
CA VAL TA 100 80.83 90.16 -4.47
C VAL TA 100 79.31 90.17 -4.60
N LYS TA 101 78.76 91.32 -5.03
CA LYS TA 101 77.34 91.51 -5.24
C LYS TA 101 76.90 90.72 -6.47
N LYS TA 102 76.81 89.40 -6.33
CA LYS TA 102 76.47 88.50 -7.42
C LYS TA 102 75.11 87.85 -7.13
N LEU TA 103 74.30 87.73 -8.18
CA LEU TA 103 72.99 87.08 -8.07
C LEU TA 103 73.17 85.58 -7.83
N ALA TA 104 72.93 85.15 -6.60
CA ALA TA 104 72.98 83.74 -6.24
C ALA TA 104 71.93 82.89 -6.95
N LYS TA 105 70.83 83.49 -7.41
CA LYS TA 105 69.79 82.79 -8.15
C LYS TA 105 69.85 83.11 -9.64
N LYS TA 106 71.06 83.22 -10.19
CA LYS TA 106 71.26 83.68 -11.57
C LYS TA 106 70.63 82.79 -12.63
N TYR TA 107 71.11 81.55 -12.77
CA TYR TA 107 70.60 80.66 -13.79
C TYR TA 107 70.01 79.42 -13.11
N ASP TA 108 68.72 79.19 -13.30
CA ASP TA 108 68.07 78.02 -12.74
C ASP TA 108 68.21 76.79 -13.62
N ALA TA 109 68.03 76.96 -14.93
CA ALA TA 109 68.25 75.88 -15.89
C ALA TA 109 69.74 75.85 -16.21
N PHE TA 110 70.50 75.07 -15.43
CA PHE TA 110 71.92 74.93 -15.71
C PHE TA 110 72.18 73.88 -16.79
N LEU TA 111 73.44 73.71 -17.15
CA LEU TA 111 73.80 72.90 -18.31
C LEU TA 111 73.77 71.41 -17.98
N ALA TA 112 73.04 70.64 -18.80
CA ALA TA 112 72.90 69.20 -18.65
C ALA TA 112 74.18 68.49 -19.06
N SER TA 113 75.04 68.20 -18.09
CA SER TA 113 76.26 67.45 -18.34
C SER TA 113 76.19 66.10 -17.63
N GLU TA 114 77.20 65.25 -17.86
CA GLU TA 114 77.17 63.88 -17.36
C GLU TA 114 78.31 63.61 -16.39
N SER TA 115 79.10 64.62 -16.03
CA SER TA 115 80.26 64.42 -15.18
C SER TA 115 80.11 65.13 -13.84
N LEU TA 116 79.90 66.44 -13.86
CA LEU TA 116 79.91 67.26 -12.65
C LEU TA 116 78.67 67.09 -11.79
N ILE TA 117 77.55 66.65 -12.37
CA ILE TA 117 76.29 66.56 -11.63
C ILE TA 117 76.35 65.48 -10.55
N LYS TA 118 77.23 64.48 -10.72
CA LYS TA 118 77.43 63.44 -9.70
C LYS TA 118 78.07 63.97 -8.44
N GLN TA 119 78.79 65.09 -8.49
CA GLN TA 119 79.47 65.59 -7.31
C GLN TA 119 79.07 67.02 -6.94
N ILE TA 120 78.08 67.60 -7.62
CA ILE TA 120 77.54 68.89 -7.19
C ILE TA 120 76.93 68.81 -5.78
N PRO TA 121 75.88 67.99 -5.48
CA PRO TA 121 75.19 68.22 -4.21
C PRO TA 121 75.83 67.50 -3.02
N ARG TA 122 77.16 67.52 -2.90
CA ARG TA 122 77.78 66.86 -1.76
C ARG TA 122 78.78 67.75 -1.05
N ILE TA 123 79.56 68.55 -1.79
CA ILE TA 123 80.58 69.40 -1.19
C ILE TA 123 80.26 70.87 -1.40
N LEU TA 124 79.39 71.21 -2.34
CA LEU TA 124 78.98 72.58 -2.62
C LEU TA 124 77.92 73.04 -1.62
N GLY TA 125 77.62 74.33 -1.69
CA GLY TA 125 76.57 74.91 -0.90
C GLY TA 125 75.20 74.44 -1.36
N PRO TA 126 74.33 74.16 -0.39
CA PRO TA 126 72.98 73.68 -0.72
C PRO TA 126 72.03 74.75 -1.23
N GLY TA 127 72.54 75.94 -1.58
CA GLY TA 127 71.70 76.96 -2.18
C GLY TA 127 71.07 76.59 -3.50
N LEU TA 128 71.67 75.64 -4.23
CA LEU TA 128 71.05 75.06 -5.42
C LEU TA 128 69.70 74.41 -5.11
N ASN TA 129 69.64 73.53 -4.12
CA ASN TA 129 68.39 72.86 -3.79
C ASN TA 129 67.46 73.66 -2.88
N LYS TA 130 67.92 74.66 -2.14
CA LYS TA 130 66.96 75.56 -1.50
C LYS TA 130 66.32 76.49 -2.53
N ALA TA 131 67.09 76.95 -3.52
CA ALA TA 131 66.53 77.77 -4.58
C ALA TA 131 65.72 76.95 -5.57
N GLY TA 132 65.89 75.63 -5.56
CA GLY TA 132 65.14 74.75 -6.45
C GLY TA 132 65.57 74.78 -7.89
N LYS TA 133 66.87 74.60 -8.12
CA LYS TA 133 67.43 74.53 -9.46
C LYS TA 133 68.31 73.30 -9.55
N PHE TA 134 68.29 72.66 -10.72
CA PHE TA 134 69.01 71.42 -10.98
C PHE TA 134 69.34 71.35 -12.46
N PRO TA 135 70.59 71.02 -12.82
CA PRO TA 135 70.92 70.82 -14.23
C PRO TA 135 70.37 69.49 -14.73
N SER TA 136 69.06 69.42 -14.94
CA SER TA 136 68.40 68.19 -15.30
C SER TA 136 68.25 68.09 -16.82
N LEU TA 137 67.47 67.12 -17.26
CA LEU TA 137 67.23 66.87 -18.68
C LEU TA 137 65.91 67.45 -19.16
N LEU TA 138 65.18 68.10 -18.27
CA LEU TA 138 63.93 68.74 -18.65
C LEU TA 138 64.21 69.86 -19.65
N THR TA 139 65.32 70.54 -19.42
CA THR TA 139 65.72 71.71 -20.20
C THR TA 139 66.18 71.38 -21.62
N HIS TA 140 66.47 70.10 -21.89
CA HIS TA 140 66.99 69.56 -23.16
C HIS TA 140 68.15 70.41 -23.72
N ASN TA 141 69.22 70.48 -22.91
CA ASN TA 141 70.33 71.38 -23.17
C ASN TA 141 71.65 70.60 -23.28
N GLU TA 142 71.65 69.54 -24.09
CA GLU TA 142 72.84 68.69 -24.27
C GLU TA 142 74.05 69.47 -24.81
N ASN TA 143 73.83 70.28 -25.85
CA ASN TA 143 74.78 71.30 -26.32
C ASN TA 143 76.12 70.71 -26.77
N MET TA 144 76.05 69.55 -27.45
CA MET TA 144 77.25 68.88 -27.92
C MET TA 144 77.32 68.60 -29.40
N VAL TA 145 76.22 68.61 -30.14
CA VAL TA 145 76.29 68.16 -31.52
C VAL TA 145 76.57 69.30 -32.51
N ALA TA 146 75.61 70.22 -32.66
CA ALA TA 146 75.93 71.50 -33.27
C ALA TA 146 75.49 72.72 -32.48
N LYS TA 147 74.18 72.83 -32.23
CA LYS TA 147 73.53 73.95 -31.53
C LYS TA 147 72.11 73.52 -31.18
N VAL TA 148 71.76 73.47 -29.90
CA VAL TA 148 70.37 73.16 -29.58
C VAL TA 148 69.74 74.25 -28.70
N ASP TA 149 70.29 74.48 -27.51
CA ASP TA 149 69.63 75.36 -26.55
C ASP TA 149 70.68 76.28 -25.91
N GLU TA 150 71.52 76.89 -26.74
CA GLU TA 150 72.56 77.76 -26.22
C GLU TA 150 72.36 79.23 -26.56
N VAL TA 151 72.07 79.55 -27.82
CA VAL TA 151 72.08 80.97 -28.20
C VAL TA 151 70.82 81.69 -27.75
N LYS TA 152 69.66 81.04 -27.83
CA LYS TA 152 68.42 81.78 -27.54
C LYS TA 152 68.16 81.66 -26.02
N SER TA 153 68.12 80.41 -25.49
CA SER TA 153 67.86 80.11 -24.07
C SER TA 153 66.51 80.62 -23.55
N THR TA 154 65.43 80.04 -24.10
CA THR TA 154 64.06 80.43 -23.75
C THR TA 154 63.75 80.19 -22.27
N ILE TA 155 62.99 81.13 -21.69
CA ILE TA 155 62.57 81.05 -20.30
C ILE TA 155 61.59 79.88 -20.14
N LYS TA 156 61.92 78.93 -19.29
CA LYS TA 156 61.17 77.69 -19.19
C LYS TA 156 60.13 77.74 -18.06
N PHE TA 157 59.14 76.88 -18.17
CA PHE TA 157 58.05 76.73 -17.22
C PHE TA 157 57.89 75.25 -16.89
N GLN TA 158 56.92 74.94 -16.04
CA GLN TA 158 56.72 73.57 -15.57
C GLN TA 158 55.26 73.35 -15.20
N MET TA 159 54.81 72.10 -15.34
CA MET TA 159 53.45 71.71 -14.97
C MET TA 159 53.57 70.97 -13.64
N LYS TA 160 53.44 71.73 -12.56
CA LYS TA 160 53.49 71.17 -11.21
C LYS TA 160 52.11 70.61 -10.84
N LYS TA 161 51.87 70.35 -9.56
CA LYS TA 161 50.55 70.07 -9.03
C LYS TA 161 49.74 71.33 -8.70
N VAL TA 162 50.15 72.49 -9.20
CA VAL TA 162 49.51 73.76 -8.89
C VAL TA 162 48.51 74.05 -10.01
N LEU TA 163 47.55 74.95 -9.75
CA LEU TA 163 46.49 75.23 -10.71
C LEU TA 163 46.96 76.28 -11.72
N CYS TA 164 47.26 77.50 -11.24
CA CYS TA 164 47.58 78.62 -12.10
C CYS TA 164 49.06 78.99 -11.98
N LEU TA 165 49.66 79.30 -13.12
CA LEU TA 165 51.06 79.68 -13.23
C LEU TA 165 51.13 81.07 -13.87
N ALA TA 166 52.27 81.74 -13.68
CA ALA TA 166 52.52 83.00 -14.37
C ALA TA 166 54.02 83.09 -14.66
N VAL TA 167 54.42 82.68 -15.87
CA VAL TA 167 55.80 82.74 -16.31
C VAL TA 167 55.86 83.68 -17.52
N ALA TA 168 56.80 84.62 -17.50
CA ALA TA 168 56.92 85.64 -18.53
C ALA TA 168 57.76 85.14 -19.69
N VAL TA 169 57.21 85.26 -20.90
CA VAL TA 169 57.99 84.99 -22.11
C VAL TA 169 59.06 86.06 -22.32
N GLY TA 170 58.85 87.25 -21.75
CA GLY TA 170 59.82 88.33 -21.79
C GLY TA 170 59.25 89.60 -22.39
N HIS TA 171 59.92 90.13 -23.41
CA HIS TA 171 59.57 91.40 -24.02
C HIS TA 171 59.39 91.21 -25.53
N VAL TA 172 58.80 92.21 -26.18
CA VAL TA 172 58.55 92.16 -27.63
C VAL TA 172 59.20 93.31 -28.40
N LYS TA 173 58.81 94.57 -28.10
CA LYS TA 173 59.15 95.76 -28.93
C LYS TA 173 58.89 95.57 -30.42
N MET TA 174 57.77 94.92 -30.74
CA MET TA 174 57.47 94.55 -32.11
C MET TA 174 55.99 94.20 -32.20
N THR TA 175 55.57 93.77 -33.39
CA THR TA 175 54.20 93.36 -33.64
C THR TA 175 54.09 91.84 -33.41
N ASP TA 176 52.90 91.28 -33.65
CA ASP TA 176 52.64 89.87 -33.44
C ASP TA 176 52.71 89.03 -34.70
N ASP TA 177 53.23 89.58 -35.81
CA ASP TA 177 53.31 88.83 -37.07
C ASP TA 177 54.38 87.73 -37.08
N GLU TA 178 55.15 87.59 -36.02
CA GLU TA 178 55.92 86.38 -35.77
C GLU TA 178 55.26 85.51 -34.71
N LEU TA 179 54.50 86.15 -33.80
CA LEU TA 179 53.72 85.42 -32.80
C LEU TA 179 52.63 84.55 -33.41
N VAL TA 180 52.16 84.86 -34.63
CA VAL TA 180 51.07 84.10 -35.28
C VAL TA 180 51.51 82.66 -35.55
N TYR TA 181 52.80 82.42 -35.73
CA TYR TA 181 53.30 81.06 -35.81
C TYR TA 181 54.18 80.69 -34.63
N ASN TA 182 54.55 81.65 -33.78
CA ASN TA 182 55.26 81.30 -32.55
C ASN TA 182 54.33 80.63 -31.55
N ILE TA 183 53.22 81.27 -31.21
CA ILE TA 183 52.39 80.73 -30.14
C ILE TA 183 51.07 80.16 -30.64
N HIS TA 184 51.09 78.86 -31.01
CA HIS TA 184 49.95 77.96 -30.92
C HIS TA 184 50.54 76.63 -30.44
N LEU TA 185 50.73 76.51 -29.13
CA LEU TA 185 51.32 75.30 -28.56
C LEU TA 185 50.65 74.84 -27.26
N ALA TA 186 50.01 75.72 -26.49
CA ALA TA 186 49.64 75.40 -25.12
C ALA TA 186 48.49 74.40 -25.07
N VAL TA 187 47.43 74.67 -25.85
CA VAL TA 187 46.25 73.80 -25.86
C VAL TA 187 46.59 72.41 -26.39
N ASN TA 188 47.33 72.32 -27.49
CA ASN TA 188 47.70 71.02 -28.05
C ASN TA 188 48.61 70.23 -27.12
N PHE TA 189 49.67 70.86 -26.58
CA PHE TA 189 50.54 70.12 -25.65
C PHE TA 189 49.84 69.78 -24.34
N LEU TA 190 48.72 70.43 -24.01
CA LEU TA 190 48.00 69.98 -22.82
C LEU TA 190 46.99 68.88 -23.14
N VAL TA 191 46.26 68.97 -24.26
CA VAL TA 191 45.23 67.98 -24.59
C VAL TA 191 45.80 66.77 -25.30
N SER TA 192 47.11 66.72 -25.54
CA SER TA 192 47.71 65.54 -26.15
C SER TA 192 47.59 64.31 -25.24
N LEU TA 193 47.58 64.51 -23.93
CA LEU TA 193 47.43 63.39 -23.00
C LEU TA 193 46.77 63.90 -21.72
N LEU TA 194 46.65 62.99 -20.74
CA LEU TA 194 46.01 63.19 -19.43
C LEU TA 194 44.58 63.73 -19.55
N LYS TA 195 43.73 62.92 -20.20
CA LYS TA 195 42.34 63.26 -20.47
C LYS TA 195 41.42 63.07 -19.26
N LYS TA 196 41.96 62.72 -18.09
CA LYS TA 196 41.24 62.79 -16.81
C LYS TA 196 41.52 64.16 -16.19
N ASN TA 197 41.07 65.17 -16.92
CA ASN TA 197 41.26 66.59 -16.64
C ASN TA 197 40.24 67.41 -17.44
N TRP TA 198 40.47 68.72 -17.49
CA TRP TA 198 39.66 69.70 -18.19
C TRP TA 198 39.75 69.50 -19.71
N GLN TA 199 38.78 70.11 -20.43
CA GLN TA 199 38.62 70.02 -21.88
C GLN TA 199 39.60 70.91 -22.65
N ASN TA 200 39.32 71.17 -23.92
CA ASN TA 200 40.33 71.77 -24.80
C ASN TA 200 40.42 73.29 -24.64
N VAL TA 201 39.31 74.00 -24.79
CA VAL TA 201 39.35 75.42 -25.14
C VAL TA 201 38.98 76.29 -23.94
N ARG TA 202 39.64 77.44 -23.82
CA ARG TA 202 39.39 78.48 -22.84
C ARG TA 202 40.18 79.71 -23.26
N ALA TA 203 39.98 80.81 -22.53
CA ALA TA 203 40.75 82.04 -22.69
C ALA TA 203 42.08 81.96 -21.94
N LEU TA 204 42.92 82.98 -22.13
CA LEU TA 204 44.22 83.05 -21.48
C LEU TA 204 44.45 84.47 -20.97
N TYR TA 205 45.15 84.59 -19.85
CA TYR TA 205 45.41 85.88 -19.22
C TYR TA 205 46.89 86.28 -19.42
N ILE TA 206 47.13 87.59 -19.57
CA ILE TA 206 48.44 88.09 -19.99
C ILE TA 206 48.89 89.25 -19.11
N LYS TA 207 48.27 89.40 -17.93
CA LYS TA 207 48.45 90.61 -17.13
C LYS TA 207 49.85 90.71 -16.52
N SER TA 208 50.28 91.96 -16.40
CA SER TA 208 51.68 92.34 -16.19
C SER TA 208 51.67 93.65 -15.40
N THR TA 209 52.77 94.42 -15.52
CA THR TA 209 52.80 95.82 -15.12
C THR TA 209 51.54 96.57 -15.56
N MET TA 210 51.21 96.50 -16.84
CA MET TA 210 49.88 96.85 -17.33
C MET TA 210 49.40 95.75 -18.27
N GLY TA 211 48.34 95.05 -17.88
CA GLY TA 211 47.86 93.94 -18.67
C GLY TA 211 46.68 94.32 -19.54
N LYS TA 212 46.92 94.57 -20.83
CA LYS TA 212 45.84 94.92 -21.74
C LYS TA 212 44.88 93.76 -21.94
N PRO TA 213 43.57 94.01 -22.07
CA PRO TA 213 42.61 92.90 -22.23
C PRO TA 213 42.69 92.27 -23.61
N GLN TA 214 43.35 91.11 -23.67
CA GLN TA 214 43.61 90.35 -24.88
C GLN TA 214 43.36 88.88 -24.59
N ARG TA 215 42.20 88.59 -24.01
CA ARG TA 215 41.83 87.26 -23.54
C ARG TA 215 41.56 86.39 -24.76
N LEU TA 216 42.65 85.90 -25.34
CA LEU TA 216 42.56 85.00 -26.49
C LEU TA 216 41.95 83.68 -26.08
N TYR TA 217 40.78 83.37 -26.64
CA TYR TA 217 40.09 82.12 -26.40
C TYR TA 217 40.68 81.00 -27.26
#